data_9ATB
#
_entry.id   9ATB
#
_cell.length_a   1.00
_cell.length_b   1.00
_cell.length_c   1.00
_cell.angle_alpha   90.00
_cell.angle_beta   90.00
_cell.angle_gamma   90.00
#
_symmetry.space_group_name_H-M   'P 1'
#
_entity_poly.entity_id   1
_entity_poly.type   'polypeptide(L)'
_entity_poly.pdbx_seq_one_letter_code
;MAQVINTNSLSLMTQNNLNTSQSALNTAIQRLSSGLRINSAKDDAAGQAIANRFTANIKGLTQAQRNANDGISLAQTTEG
ALTEVNNNLQRIRELSVQAATGSNSASDLQSIQDEIKQRLEEINRVSEQTQFNGVKVLAKDTKMNIQVGANDGEIIAIDL
KEITAKTLGLDGFNVSGPKGTPAALVAADYQAAYGTTTNVTTTAVTESSANALAGRLGVANGSVALAATAEKDDNGNWYA
TVTITAGSATEVSTLKAKGFEVENGVAKEFYIALDPQSADVTTTAGTAAFALDTANIQLSSITSGASSNPLAKLDAALAD
VDTLRSSLGAVQNRFDSVISNLGTTVTNLSASRSRIQDADYATEVSNMTRAQILQQAGTSVLAQANQTTQNVLSLLR
;
_entity_poly.pdbx_strand_id   A,a,B,b,C,c,D,d,E,e,F,f,G,g,H,h,I,i,J,j,K,k
#
# COMPACT_ATOMS: atom_id res chain seq x y z
N ALA A 2 69.70 78.15 -26.36
CA ALA A 2 70.81 77.21 -26.38
C ALA A 2 70.92 76.51 -25.05
N GLN A 3 72.13 76.07 -24.72
CA GLN A 3 72.38 75.33 -23.49
C GLN A 3 72.35 76.27 -22.31
N VAL A 4 71.30 76.15 -21.49
CA VAL A 4 71.16 76.91 -20.27
C VAL A 4 70.88 75.94 -19.14
N ILE A 5 71.41 76.23 -17.96
CA ILE A 5 71.20 75.38 -16.80
C ILE A 5 70.50 76.07 -15.65
N ASN A 6 70.42 77.41 -15.67
CA ASN A 6 69.86 78.10 -14.53
C ASN A 6 68.37 77.85 -14.40
N THR A 7 67.72 77.50 -15.51
CA THR A 7 66.33 77.06 -15.48
C THR A 7 66.07 76.09 -16.62
N ASN A 8 65.23 75.10 -16.34
CA ASN A 8 64.90 74.05 -17.29
C ASN A 8 63.41 74.09 -17.55
N SER A 9 63.01 74.12 -18.82
CA SER A 9 61.63 74.37 -19.18
C SER A 9 60.85 73.12 -19.60
N LEU A 10 61.52 72.01 -19.85
CA LEU A 10 60.78 70.79 -20.15
C LEU A 10 60.16 70.19 -18.91
N SER A 11 60.92 70.16 -17.81
CA SER A 11 60.42 69.52 -16.61
C SER A 11 59.19 70.24 -16.09
N LEU A 12 59.16 71.56 -16.19
CA LEU A 12 57.97 72.29 -15.77
C LEU A 12 56.76 71.86 -16.58
N MET A 13 56.93 71.70 -17.90
CA MET A 13 55.80 71.30 -18.74
C MET A 13 55.30 69.92 -18.36
N THR A 14 56.20 68.98 -18.12
CA THR A 14 55.73 67.63 -17.76
C THR A 14 55.06 67.63 -16.38
N GLN A 15 55.63 68.35 -15.42
CA GLN A 15 55.00 68.44 -14.11
C GLN A 15 53.59 68.99 -14.24
N ASN A 16 53.43 70.02 -15.06
CA ASN A 16 52.12 70.57 -15.31
C ASN A 16 51.21 69.53 -15.96
N ASN A 17 51.78 68.70 -16.82
CA ASN A 17 50.98 67.79 -17.63
C ASN A 17 50.60 66.52 -16.91
N LEU A 18 51.10 66.33 -15.69
CA LEU A 18 50.83 65.08 -14.97
C LEU A 18 49.56 65.16 -14.11
N ASN A 19 49.22 66.36 -13.62
CA ASN A 19 48.06 66.50 -12.75
C ASN A 19 46.77 66.17 -13.48
N THR A 20 46.73 66.45 -14.78
CA THR A 20 45.54 66.19 -15.56
C THR A 20 45.15 64.73 -15.51
N SER A 21 46.14 63.85 -15.54
CA SER A 21 45.85 62.42 -15.40
C SER A 21 45.55 62.06 -13.97
N GLN A 22 46.23 62.70 -13.01
CA GLN A 22 45.96 62.36 -11.62
C GLN A 22 44.49 62.54 -11.26
N SER A 23 43.88 63.63 -11.75
CA SER A 23 42.49 63.89 -11.37
C SER A 23 41.55 62.80 -11.86
N ALA A 24 41.71 62.37 -13.11
CA ALA A 24 40.84 61.33 -13.64
C ALA A 24 41.03 60.02 -12.89
N LEU A 25 42.28 59.70 -12.54
CA LEU A 25 42.49 58.51 -11.73
C LEU A 25 41.70 58.58 -10.44
N ASN A 26 41.76 59.73 -9.76
CA ASN A 26 41.04 59.84 -8.49
C ASN A 26 39.55 59.65 -8.67
N THR A 27 38.97 60.29 -9.67
CA THR A 27 37.52 60.17 -9.85
C THR A 27 37.11 58.74 -10.10
N ALA A 28 37.83 58.05 -10.99
CA ALA A 28 37.46 56.68 -11.31
C ALA A 28 37.63 55.76 -10.11
N ILE A 29 38.61 56.05 -9.25
CA ILE A 29 38.75 55.24 -8.04
C ILE A 29 37.55 55.44 -7.13
N GLN A 30 37.11 56.69 -6.97
CA GLN A 30 36.03 56.94 -6.03
C GLN A 30 34.74 56.26 -6.45
N ARG A 31 34.39 56.36 -7.73
CA ARG A 31 33.12 55.80 -8.19
C ARG A 31 33.03 54.32 -7.91
N LEU A 32 34.14 53.59 -8.09
CA LEU A 32 34.11 52.15 -7.92
C LEU A 32 33.75 51.77 -6.48
N SER A 33 34.38 52.42 -5.51
CA SER A 33 34.15 52.06 -4.12
C SER A 33 32.77 52.48 -3.65
N SER A 34 32.36 53.72 -3.97
CA SER A 34 31.06 54.17 -3.47
C SER A 34 29.95 53.31 -4.02
N GLY A 35 29.89 53.16 -5.34
CA GLY A 35 28.86 52.36 -5.97
C GLY A 35 27.89 53.12 -6.82
N LEU A 36 28.12 54.40 -7.08
CA LEU A 36 27.13 55.23 -7.75
C LEU A 36 27.80 56.48 -8.33
N ARG A 37 27.06 57.20 -9.16
CA ARG A 37 27.67 58.17 -10.06
C ARG A 37 27.69 59.57 -9.45
N ILE A 38 26.66 59.95 -8.71
CA ILE A 38 26.53 61.30 -8.18
C ILE A 38 26.95 61.26 -6.71
N ASN A 39 28.22 61.53 -6.44
CA ASN A 39 28.68 61.56 -5.06
C ASN A 39 28.60 62.95 -4.45
N SER A 40 28.42 63.99 -5.25
CA SER A 40 28.31 65.35 -4.73
C SER A 40 27.74 66.24 -5.82
N ALA A 41 27.22 67.39 -5.40
CA ALA A 41 26.58 68.30 -6.34
C ALA A 41 27.55 68.85 -7.35
N LYS A 42 28.85 68.68 -7.10
CA LYS A 42 29.86 69.11 -8.08
C LYS A 42 29.72 68.31 -9.37
N ASP A 43 29.23 67.08 -9.29
CA ASP A 43 29.10 66.24 -10.47
C ASP A 43 28.01 66.76 -11.40
N ASP A 44 26.77 66.79 -10.93
CA ASP A 44 25.72 67.54 -11.62
C ASP A 44 24.61 67.87 -10.62
N ALA A 45 24.32 69.15 -10.45
CA ALA A 45 23.39 69.56 -9.41
C ALA A 45 21.95 69.23 -9.80
N ALA A 46 21.64 69.28 -11.09
CA ALA A 46 20.25 69.14 -11.53
C ALA A 46 19.72 67.74 -11.28
N GLY A 47 20.57 66.72 -11.40
CA GLY A 47 20.11 65.36 -11.18
C GLY A 47 19.98 65.00 -9.71
N GLN A 48 20.77 65.66 -8.87
CA GLN A 48 20.73 65.34 -7.44
C GLN A 48 19.37 65.63 -6.85
N ALA A 49 18.81 66.79 -7.17
CA ALA A 49 17.50 67.14 -6.65
C ALA A 49 16.44 66.16 -7.13
N ILE A 50 16.49 65.79 -8.40
CA ILE A 50 15.50 64.87 -8.94
C ILE A 50 15.57 63.54 -8.21
N ALA A 51 16.79 63.04 -7.99
CA ALA A 51 16.93 61.77 -7.28
C ALA A 51 16.41 61.86 -5.86
N ASN A 52 16.68 62.98 -5.19
CA ASN A 52 16.16 63.15 -3.83
C ASN A 52 14.64 63.12 -3.81
N ARG A 53 14.02 63.79 -4.77
CA ARG A 53 12.56 63.81 -4.81
C ARG A 53 11.99 62.44 -5.09
N PHE A 54 12.65 61.65 -5.93
CA PHE A 54 12.24 60.26 -6.11
C PHE A 54 12.31 59.49 -4.81
N THR A 55 13.39 59.69 -4.06
CA THR A 55 13.59 58.94 -2.83
C THR A 55 12.48 59.22 -1.83
N ALA A 56 12.06 60.48 -1.73
CA ALA A 56 11.00 60.82 -0.78
C ALA A 56 9.73 60.06 -1.08
N ASN A 57 9.36 59.97 -2.35
CA ASN A 57 8.14 59.27 -2.73
C ASN A 57 8.23 57.78 -2.45
N ILE A 58 9.36 57.16 -2.79
CA ILE A 58 9.48 55.73 -2.51
C ILE A 58 9.36 55.47 -1.03
N LYS A 59 10.07 56.25 -0.22
CA LYS A 59 10.07 56.05 1.22
C LYS A 59 8.69 56.22 1.81
N GLY A 60 7.95 57.25 1.36
CA GLY A 60 6.59 57.43 1.86
C GLY A 60 5.64 56.34 1.42
N LEU A 61 5.69 55.94 0.16
CA LEU A 61 4.72 54.97 -0.34
C LEU A 61 4.92 53.62 0.34
N THR A 62 6.16 53.30 0.71
CA THR A 62 6.37 52.05 1.42
C THR A 62 5.56 51.99 2.72
N GLN A 63 5.48 53.10 3.44
CA GLN A 63 4.68 53.14 4.66
C GLN A 63 3.18 53.17 4.36
N ALA A 64 2.81 53.88 3.30
CA ALA A 64 1.42 53.88 2.87
C ALA A 64 0.94 52.46 2.62
N GLN A 65 1.85 51.58 2.21
CA GLN A 65 1.45 50.19 1.98
C GLN A 65 1.11 49.48 3.28
N ARG A 66 1.69 49.93 4.39
CA ARG A 66 1.44 49.29 5.69
C ARG A 66 0.11 49.74 6.29
N ASN A 67 -0.21 51.02 6.13
CA ASN A 67 -1.43 51.54 6.74
C ASN A 67 -2.66 50.79 6.25
N ALA A 68 -2.67 50.40 4.98
CA ALA A 68 -3.81 49.65 4.45
C ALA A 68 -3.90 48.28 5.09
N ASN A 69 -2.77 47.68 5.43
CA ASN A 69 -2.82 46.40 6.14
C ASN A 69 -3.50 46.55 7.49
N ASP A 70 -3.21 47.64 8.20
CA ASP A 70 -3.94 47.87 9.45
C ASP A 70 -5.44 48.02 9.21
N GLY A 71 -5.81 48.80 8.20
CA GLY A 71 -7.23 48.99 7.93
C GLY A 71 -7.95 47.70 7.59
N ILE A 72 -7.34 46.87 6.76
CA ILE A 72 -8.00 45.63 6.37
C ILE A 72 -8.11 44.70 7.55
N SER A 73 -7.13 44.70 8.45
CA SER A 73 -7.26 43.89 9.66
C SER A 73 -8.47 44.31 10.46
N LEU A 74 -8.68 45.61 10.64
CA LEU A 74 -9.84 46.07 11.40
C LEU A 74 -11.15 45.64 10.75
N ALA A 75 -11.27 45.89 9.45
CA ALA A 75 -12.51 45.58 8.76
C ALA A 75 -12.82 44.09 8.80
N GLN A 76 -11.77 43.27 8.82
CA GLN A 76 -12.01 41.83 8.92
C GLN A 76 -12.39 41.43 10.35
N THR A 77 -11.84 42.13 11.35
CA THR A 77 -12.14 41.77 12.73
C THR A 77 -13.61 41.97 13.05
N THR A 78 -14.21 43.05 12.56
CA THR A 78 -15.60 43.34 12.97
C THR A 78 -16.56 42.21 12.62
N GLU A 79 -16.41 41.62 11.43
CA GLU A 79 -17.39 40.65 10.96
C GLU A 79 -17.43 39.42 11.85
N GLY A 80 -16.30 39.07 12.45
CA GLY A 80 -16.28 37.93 13.34
C GLY A 80 -17.24 38.10 14.49
N ALA A 81 -17.30 39.30 15.06
CA ALA A 81 -18.25 39.54 16.13
C ALA A 81 -19.67 39.66 15.58
N LEU A 82 -19.82 40.06 14.32
CA LEU A 82 -21.17 40.24 13.80
C LEU A 82 -21.87 38.91 13.54
N THR A 83 -21.10 37.88 13.19
CA THR A 83 -21.70 36.60 12.84
C THR A 83 -22.52 36.01 13.99
N GLU A 84 -22.03 36.10 15.21
CA GLU A 84 -22.73 35.49 16.32
C GLU A 84 -24.05 36.21 16.62
N VAL A 85 -24.07 37.52 16.46
CA VAL A 85 -25.33 38.24 16.56
C VAL A 85 -26.33 37.63 15.58
N ASN A 86 -25.87 37.39 14.36
CA ASN A 86 -26.76 36.76 13.39
C ASN A 86 -27.30 35.43 13.91
N ASN A 87 -26.41 34.60 14.44
CA ASN A 87 -26.83 33.26 14.86
C ASN A 87 -27.81 33.32 16.03
N ASN A 88 -27.70 34.35 16.87
CA ASN A 88 -28.65 34.48 17.98
C ASN A 88 -30.04 34.88 17.48
N LEU A 89 -30.10 35.84 16.56
CA LEU A 89 -31.40 36.22 16.03
C LEU A 89 -32.07 35.05 15.32
N GLN A 90 -31.28 34.27 14.59
CA GLN A 90 -31.84 33.18 13.81
C GLN A 90 -32.54 32.17 14.71
N ARG A 91 -32.09 32.06 15.95
CA ARG A 91 -32.68 31.08 16.87
C ARG A 91 -33.85 31.67 17.61
N ILE A 92 -33.80 32.96 17.95
CA ILE A 92 -34.98 33.56 18.58
C ILE A 92 -36.18 33.46 17.66
N ARG A 93 -35.98 33.62 16.35
CA ARG A 93 -37.13 33.57 15.45
C ARG A 93 -37.81 32.20 15.48
N GLU A 94 -37.04 31.13 15.40
CA GLU A 94 -37.63 29.81 15.49
C GLU A 94 -38.27 29.57 16.83
N LEU A 95 -37.62 30.00 17.92
CA LEU A 95 -38.23 29.83 19.24
C LEU A 95 -39.56 30.55 19.32
N SER A 96 -39.71 31.65 18.58
CA SER A 96 -40.96 32.40 18.61
C SER A 96 -42.03 31.73 17.78
N VAL A 97 -41.66 31.03 16.71
CA VAL A 97 -42.68 30.34 15.92
C VAL A 97 -43.37 29.27 16.76
N GLN A 98 -42.68 28.72 17.75
CA GLN A 98 -43.23 27.64 18.55
C GLN A 98 -44.35 28.12 19.47
N ALA A 99 -44.21 29.32 20.03
CA ALA A 99 -45.12 29.79 21.05
C ALA A 99 -46.35 30.50 20.51
N ALA A 100 -46.64 30.39 19.22
CA ALA A 100 -47.87 30.93 18.66
C ALA A 100 -48.97 29.90 18.54
N THR A 101 -48.68 28.62 18.79
CA THR A 101 -49.70 27.58 18.78
C THR A 101 -50.58 27.70 20.01
N GLY A 102 -51.86 27.36 19.84
CA GLY A 102 -52.78 27.47 20.96
C GLY A 102 -52.70 26.32 21.93
N SER A 103 -51.87 25.32 21.64
CA SER A 103 -51.88 24.09 22.42
C SER A 103 -51.11 24.22 23.74
N ASN A 104 -50.36 25.32 23.90
CA ASN A 104 -49.47 25.42 25.04
C ASN A 104 -50.19 25.97 26.28
N SER A 105 -49.60 25.73 27.45
CA SER A 105 -50.09 26.27 28.70
C SER A 105 -49.22 27.42 29.16
N ALA A 106 -49.49 27.92 30.38
CA ALA A 106 -48.78 29.11 30.86
C ALA A 106 -47.35 28.80 31.23
N SER A 107 -47.12 27.71 31.96
CA SER A 107 -45.77 27.36 32.37
C SER A 107 -44.85 27.19 31.17
N ASP A 108 -45.38 26.63 30.08
CA ASP A 108 -44.56 26.42 28.89
C ASP A 108 -44.12 27.75 28.29
N LEU A 109 -45.03 28.73 28.24
CA LEU A 109 -44.65 30.05 27.78
C LEU A 109 -43.56 30.63 28.65
N GLN A 110 -43.66 30.44 29.97
CA GLN A 110 -42.61 30.93 30.86
C GLN A 110 -41.27 30.28 30.54
N SER A 111 -41.30 28.96 30.33
CA SER A 111 -40.09 28.21 30.03
C SER A 111 -39.41 28.73 28.78
N ILE A 112 -40.19 28.99 27.73
CA ILE A 112 -39.61 29.50 26.49
C ILE A 112 -39.08 30.91 26.70
N GLN A 113 -39.81 31.74 27.43
CA GLN A 113 -39.43 33.14 27.57
C GLN A 113 -38.10 33.30 28.28
N ASP A 114 -37.78 32.42 29.22
CA ASP A 114 -36.49 32.57 29.89
C ASP A 114 -35.31 32.38 28.93
N GLU A 115 -35.37 31.34 28.09
CA GLU A 115 -34.29 31.13 27.13
C GLU A 115 -34.23 32.25 26.12
N ILE A 116 -35.38 32.86 25.80
CA ILE A 116 -35.33 34.05 24.97
C ILE A 116 -34.56 35.16 25.68
N LYS A 117 -34.79 35.29 26.99
CA LYS A 117 -34.17 36.38 27.74
C LYS A 117 -32.66 36.28 27.73
N GLN A 118 -32.12 35.07 27.84
CA GLN A 118 -30.66 34.95 27.84
C GLN A 118 -30.05 35.40 26.51
N ARG A 119 -30.64 34.95 25.40
CA ARG A 119 -30.12 35.33 24.09
C ARG A 119 -30.21 36.82 23.88
N LEU A 120 -31.19 37.49 24.50
CA LEU A 120 -31.25 38.94 24.36
C LEU A 120 -30.08 39.63 25.06
N GLU A 121 -29.57 39.05 26.15
CA GLU A 121 -28.45 39.65 26.85
C GLU A 121 -27.13 39.42 26.11
N GLU A 122 -27.04 38.30 25.41
CA GLU A 122 -25.81 38.00 24.68
C GLU A 122 -25.38 39.16 23.78
N ILE A 123 -26.32 39.72 23.00
CA ILE A 123 -25.99 40.74 22.03
C ILE A 123 -25.45 41.99 22.73
N ASN A 124 -26.10 42.40 23.80
CA ASN A 124 -25.65 43.58 24.53
C ASN A 124 -24.25 43.36 25.07
N ARG A 125 -23.95 42.13 25.48
CA ARG A 125 -22.59 41.85 25.92
C ARG A 125 -21.59 42.02 24.79
N VAL A 126 -21.84 41.34 23.67
CA VAL A 126 -20.90 41.33 22.56
C VAL A 126 -20.64 42.74 22.05
N SER A 127 -21.64 43.61 22.10
CA SER A 127 -21.41 44.97 21.64
C SER A 127 -20.45 45.71 22.57
N GLU A 128 -20.44 45.37 23.85
CA GLU A 128 -19.64 46.13 24.80
C GLU A 128 -18.20 45.64 24.87
N GLN A 129 -17.97 44.32 24.92
CA GLN A 129 -16.57 43.88 25.06
C GLN A 129 -15.76 44.04 23.78
N THR A 130 -16.30 43.68 22.63
CA THR A 130 -15.49 43.63 21.41
C THR A 130 -14.82 44.97 21.15
N GLN A 131 -13.51 44.94 20.90
CA GLN A 131 -12.73 46.15 20.70
C GLN A 131 -11.43 45.80 20.00
N PHE A 132 -10.87 46.77 19.29
CA PHE A 132 -9.67 46.57 18.48
C PHE A 132 -8.73 47.74 18.72
N ASN A 133 -7.61 47.47 19.39
CA ASN A 133 -6.62 48.49 19.66
C ASN A 133 -7.22 49.65 20.46
N GLY A 134 -8.14 49.32 21.36
CA GLY A 134 -8.72 50.33 22.22
C GLY A 134 -9.89 51.08 21.65
N VAL A 135 -10.46 50.63 20.54
CA VAL A 135 -11.57 51.31 19.89
C VAL A 135 -12.75 50.36 19.86
N LYS A 136 -13.90 50.82 20.34
CA LYS A 136 -15.11 50.01 20.36
C LYS A 136 -15.75 50.08 18.99
N VAL A 137 -15.62 49.02 18.22
CA VAL A 137 -16.11 49.05 16.84
C VAL A 137 -17.63 49.07 16.80
N LEU A 138 -18.27 48.26 17.63
CA LEU A 138 -19.71 48.06 17.52
C LEU A 138 -20.52 48.87 18.50
N ALA A 139 -20.01 50.01 18.98
CA ALA A 139 -20.81 50.79 19.93
C ALA A 139 -20.63 52.30 19.82
N LYS A 140 -20.41 52.86 18.62
CA LYS A 140 -20.19 54.30 18.56
C LYS A 140 -21.02 55.04 17.51
N ASP A 141 -21.21 54.49 16.32
CA ASP A 141 -21.88 55.20 15.21
C ASP A 141 -21.11 56.45 14.79
N THR A 142 -19.88 56.25 14.31
CA THR A 142 -19.03 57.32 13.81
C THR A 142 -18.18 56.79 12.67
N LYS A 143 -17.55 57.70 11.93
CA LYS A 143 -16.79 57.38 10.73
C LYS A 143 -15.30 57.58 10.96
N MET A 144 -14.51 56.56 10.66
CA MET A 144 -13.06 56.59 10.89
C MET A 144 -12.33 56.19 9.62
N ASN A 145 -11.33 56.97 9.25
CA ASN A 145 -10.77 56.95 7.90
C ASN A 145 -9.26 56.71 7.91
N ILE A 146 -8.82 55.76 7.08
CA ILE A 146 -7.42 55.42 6.92
C ILE A 146 -6.77 56.42 5.96
N GLN A 147 -5.44 56.39 5.88
CA GLN A 147 -4.71 57.15 4.87
C GLN A 147 -3.85 56.23 4.01
N VAL A 148 -4.18 56.16 2.73
CA VAL A 148 -3.35 55.49 1.72
C VAL A 148 -2.93 56.54 0.72
N GLY A 149 -1.62 56.71 0.57
CA GLY A 149 -1.10 57.75 -0.29
C GLY A 149 -0.20 58.70 0.45
N ALA A 150 0.64 59.45 -0.25
CA ALA A 150 1.74 60.15 0.38
C ALA A 150 1.62 61.67 0.33
N ASN A 151 0.43 62.22 0.45
CA ASN A 151 0.27 63.67 0.54
C ASN A 151 -0.90 63.99 1.44
N ASP A 152 -1.17 65.29 1.61
CA ASP A 152 -2.24 65.71 2.50
C ASP A 152 -3.60 65.39 1.92
N GLY A 153 -4.46 64.77 2.73
CA GLY A 153 -5.80 64.46 2.28
C GLY A 153 -5.89 63.32 1.30
N GLU A 154 -5.57 62.11 1.74
CA GLU A 154 -5.59 60.93 0.89
C GLU A 154 -6.41 59.80 1.49
N ILE A 155 -7.51 60.12 2.18
CA ILE A 155 -8.11 59.17 3.07
C ILE A 155 -9.04 58.21 2.33
N ILE A 156 -9.42 57.15 3.03
CA ILE A 156 -10.52 56.27 2.66
C ILE A 156 -11.34 56.04 3.92
N ALA A 157 -12.67 56.06 3.79
CA ALA A 157 -13.54 56.08 4.96
C ALA A 157 -14.25 54.75 5.16
N ILE A 158 -14.47 54.38 6.43
CA ILE A 158 -15.23 53.18 6.80
C ILE A 158 -16.34 53.63 7.75
N ASP A 159 -17.52 53.02 7.64
CA ASP A 159 -18.73 53.69 8.14
C ASP A 159 -18.95 53.45 9.64
N LEU A 160 -19.01 52.20 10.08
CA LEU A 160 -19.08 51.87 11.51
C LEU A 160 -20.32 52.45 12.19
N LYS A 161 -21.49 51.89 11.87
CA LYS A 161 -22.68 52.17 12.66
C LYS A 161 -22.67 51.37 13.97
N GLU A 162 -23.73 51.57 14.76
CA GLU A 162 -23.76 51.15 16.15
C GLU A 162 -24.95 50.23 16.42
N ILE A 163 -24.71 49.15 17.17
CA ILE A 163 -25.66 48.05 17.29
C ILE A 163 -25.83 47.66 18.75
N THR A 164 -27.06 47.70 19.24
CA THR A 164 -27.44 47.11 20.52
C THR A 164 -28.86 46.58 20.37
N ALA A 165 -29.38 46.02 21.46
CA ALA A 165 -30.75 45.51 21.43
C ALA A 165 -31.75 46.62 21.69
N LYS A 166 -31.28 47.85 21.89
CA LYS A 166 -32.18 49.00 21.94
C LYS A 166 -32.26 49.67 20.58
N THR A 167 -31.24 49.51 19.75
CA THR A 167 -31.25 50.12 18.45
C THR A 167 -32.04 49.29 17.44
N LEU A 168 -32.05 47.97 17.59
CA LEU A 168 -32.80 47.13 16.68
C LEU A 168 -34.27 47.04 17.01
N GLY A 169 -34.76 47.86 17.94
CA GLY A 169 -36.16 47.86 18.27
C GLY A 169 -36.63 46.72 19.13
N LEU A 170 -35.72 45.93 19.69
CA LEU A 170 -36.07 44.74 20.44
C LEU A 170 -36.06 44.95 21.94
N ASP A 171 -36.18 46.18 22.41
CA ASP A 171 -36.27 46.39 23.84
C ASP A 171 -37.62 45.90 24.36
N GLY A 172 -37.60 45.34 25.57
CA GLY A 172 -38.83 44.94 26.22
C GLY A 172 -39.64 43.94 25.43
N PHE A 173 -38.99 43.15 24.60
CA PHE A 173 -39.65 42.17 23.75
C PHE A 173 -39.91 40.93 24.56
N ASN A 174 -41.15 40.44 24.52
CA ASN A 174 -41.50 39.25 25.28
C ASN A 174 -42.71 38.58 24.66
N VAL A 175 -42.86 37.31 24.99
CA VAL A 175 -44.13 36.62 24.84
C VAL A 175 -44.58 36.24 26.24
N SER A 176 -45.81 35.76 26.34
CA SER A 176 -46.47 35.29 27.57
C SER A 176 -46.98 36.41 28.45
N GLY A 177 -46.66 37.67 28.16
CA GLY A 177 -47.24 38.76 28.90
C GLY A 177 -46.77 38.85 30.33
N PRO A 178 -47.57 39.50 31.18
CA PRO A 178 -47.10 39.80 32.54
C PRO A 178 -47.07 38.55 33.42
N LYS A 179 -46.37 38.66 34.54
CA LYS A 179 -46.34 37.56 35.50
C LYS A 179 -47.12 37.85 36.78
N GLY A 180 -46.93 39.03 37.37
CA GLY A 180 -47.67 39.38 38.57
C GLY A 180 -48.57 40.56 38.30
N THR A 181 -49.21 41.04 39.37
CA THR A 181 -50.01 42.24 39.25
C THR A 181 -49.10 43.45 39.10
N PRO A 182 -49.31 44.29 38.09
CA PRO A 182 -48.42 45.41 37.87
C PRO A 182 -48.49 46.45 38.99
N ALA A 183 -47.40 47.20 39.14
CA ALA A 183 -47.27 48.24 40.14
C ALA A 183 -46.78 49.52 39.50
N ALA A 184 -46.51 50.53 40.34
CA ALA A 184 -46.12 51.83 39.83
C ALA A 184 -44.64 51.88 39.49
N LEU A 185 -44.19 53.05 39.03
CA LEU A 185 -42.81 53.26 38.61
C LEU A 185 -42.10 54.16 39.62
N VAL A 186 -41.07 53.64 40.27
CA VAL A 186 -40.19 54.42 41.11
C VAL A 186 -39.13 55.07 40.24
N ALA A 187 -38.37 56.00 40.81
CA ALA A 187 -37.44 56.79 40.00
C ALA A 187 -36.29 55.96 39.48
N ALA A 188 -36.11 54.74 39.96
CA ALA A 188 -34.99 53.92 39.49
C ALA A 188 -35.20 53.52 38.04
N ASP A 189 -36.43 53.20 37.64
CA ASP A 189 -36.66 52.63 36.32
C ASP A 189 -36.42 53.65 35.21
N TYR A 190 -36.76 54.91 35.46
CA TYR A 190 -36.40 55.95 34.51
C TYR A 190 -34.91 55.97 34.26
N GLN A 191 -34.12 55.78 35.30
CA GLN A 191 -32.67 55.79 35.12
C GLN A 191 -32.20 54.64 34.26
N ALA A 192 -32.79 53.45 34.46
CA ALA A 192 -32.39 52.30 33.67
C ALA A 192 -32.81 52.47 32.22
N ALA A 193 -33.93 53.14 31.98
CA ALA A 193 -34.42 53.23 30.60
C ALA A 193 -33.71 54.34 29.84
N TYR A 194 -33.66 55.55 30.39
CA TYR A 194 -33.23 56.72 29.63
C TYR A 194 -31.88 57.27 30.07
N GLY A 195 -31.13 56.54 30.88
CA GLY A 195 -29.84 57.02 31.33
C GLY A 195 -29.86 57.36 32.82
N THR A 196 -28.67 57.38 33.42
CA THR A 196 -28.58 57.55 34.86
C THR A 196 -28.83 58.99 35.28
N THR A 197 -28.53 59.94 34.40
CA THR A 197 -28.72 61.35 34.70
C THR A 197 -29.98 61.91 34.07
N THR A 198 -30.99 61.08 33.90
CA THR A 198 -32.18 61.48 33.15
C THR A 198 -32.97 62.51 33.93
N ASN A 199 -33.80 63.27 33.22
CA ASN A 199 -34.62 64.29 33.82
C ASN A 199 -36.10 64.04 33.66
N VAL A 200 -36.50 62.92 33.04
CA VAL A 200 -37.92 62.59 32.95
C VAL A 200 -38.40 62.12 34.31
N THR A 201 -39.67 62.41 34.62
CA THR A 201 -40.19 62.11 35.95
C THR A 201 -41.55 61.43 35.98
N THR A 202 -42.38 61.55 34.93
CA THR A 202 -43.69 60.92 34.95
C THR A 202 -44.16 60.70 33.54
N THR A 203 -45.18 59.86 33.38
CA THR A 203 -45.61 59.40 32.08
C THR A 203 -47.11 59.53 31.91
N ALA A 204 -47.55 59.70 30.67
CA ALA A 204 -48.96 59.90 30.33
C ALA A 204 -49.23 59.34 28.95
N VAL A 205 -50.32 58.60 28.81
CA VAL A 205 -50.54 57.75 27.64
C VAL A 205 -51.95 57.96 27.07
N THR A 206 -52.03 58.13 25.76
CA THR A 206 -53.30 58.24 25.03
C THR A 206 -53.13 57.63 23.65
N GLU A 207 -54.25 57.26 23.03
CA GLU A 207 -54.20 56.71 21.68
C GLU A 207 -54.35 57.82 20.64
N SER A 208 -53.94 57.52 19.41
CA SER A 208 -53.71 58.58 18.44
C SER A 208 -55.02 59.12 17.90
N SER A 209 -55.78 58.30 17.20
CA SER A 209 -57.03 58.73 16.58
C SER A 209 -58.18 58.45 17.53
N ALA A 210 -59.20 59.30 17.48
CA ALA A 210 -60.31 59.19 18.42
C ALA A 210 -60.99 57.84 18.31
N ASN A 211 -61.02 57.12 19.44
CA ASN A 211 -61.80 55.89 19.65
C ASN A 211 -61.87 55.01 18.38
N ALA A 212 -60.72 54.78 17.77
CA ALA A 212 -60.66 53.83 16.68
C ALA A 212 -60.88 52.41 17.17
N LEU A 213 -60.44 52.14 18.39
CA LEU A 213 -60.52 50.77 18.92
C LEU A 213 -61.97 50.32 19.07
N ALA A 214 -62.83 51.20 19.57
CA ALA A 214 -64.23 50.84 19.72
C ALA A 214 -64.87 50.55 18.38
N GLY A 215 -64.60 51.38 17.38
CA GLY A 215 -65.16 51.14 16.06
C GLY A 215 -64.65 49.84 15.46
N ARG A 216 -63.37 49.54 15.64
CA ARG A 216 -62.82 48.30 15.10
C ARG A 216 -63.42 47.08 15.78
N LEU A 217 -63.66 47.15 17.09
CA LEU A 217 -64.36 46.07 17.78
C LEU A 217 -65.86 46.09 17.54
N GLY A 218 -66.41 47.17 17.01
CA GLY A 218 -67.82 47.23 16.74
C GLY A 218 -68.68 47.11 17.98
N VAL A 219 -68.56 48.08 18.88
CA VAL A 219 -69.39 48.15 20.07
C VAL A 219 -69.81 49.60 20.28
N ALA A 220 -70.57 49.82 21.34
CA ALA A 220 -70.95 51.17 21.70
C ALA A 220 -69.72 52.01 22.02
N ASN A 221 -69.79 53.29 21.67
CA ASN A 221 -68.62 54.14 21.70
C ASN A 221 -68.05 54.27 23.11
N GLY A 222 -68.90 54.17 24.14
CA GLY A 222 -68.44 54.34 25.49
C GLY A 222 -68.17 53.05 26.24
N SER A 223 -68.02 51.93 25.53
CA SER A 223 -67.91 50.64 26.21
C SER A 223 -66.48 50.32 26.61
N VAL A 224 -65.50 51.05 26.08
CA VAL A 224 -64.10 50.83 26.39
C VAL A 224 -63.57 52.05 27.13
N ALA A 225 -62.57 51.84 27.98
CA ALA A 225 -61.93 52.92 28.73
C ALA A 225 -60.43 52.68 28.75
N LEU A 226 -59.67 53.77 28.74
CA LEU A 226 -58.22 53.71 28.66
C LEU A 226 -57.61 54.25 29.94
N ALA A 227 -56.61 53.55 30.47
CA ALA A 227 -55.92 54.01 31.66
C ALA A 227 -55.22 55.34 31.39
N ALA A 228 -54.68 55.93 32.44
CA ALA A 228 -54.06 57.25 32.29
C ALA A 228 -52.55 57.15 32.18
N THR A 229 -51.93 56.25 32.93
CA THR A 229 -50.48 56.18 33.02
C THR A 229 -49.99 54.75 32.81
N ALA A 230 -48.70 54.63 32.55
CA ALA A 230 -48.09 53.33 32.35
C ALA A 230 -47.69 52.71 33.68
N GLU A 231 -47.60 51.39 33.71
CA GLU A 231 -47.20 50.66 34.91
C GLU A 231 -46.45 49.40 34.52
N LYS A 232 -45.72 48.85 35.49
CA LYS A 232 -44.72 47.82 35.24
C LYS A 232 -45.07 46.52 35.96
N ASP A 233 -44.62 45.40 35.40
CA ASP A 233 -44.79 44.11 36.03
C ASP A 233 -43.55 43.75 36.84
N ASP A 234 -43.47 42.48 37.24
CA ASP A 234 -42.42 42.07 38.18
C ASP A 234 -41.07 41.87 37.49
N ASN A 235 -41.07 41.58 36.19
CA ASN A 235 -39.82 41.32 35.48
C ASN A 235 -39.26 42.54 34.76
N GLY A 236 -39.86 43.71 34.94
CA GLY A 236 -39.34 44.92 34.35
C GLY A 236 -39.89 45.29 33.00
N ASN A 237 -41.15 44.99 32.72
CA ASN A 237 -41.79 45.36 31.47
C ASN A 237 -42.91 46.35 31.74
N TRP A 238 -43.01 47.38 30.90
CA TRP A 238 -44.05 48.38 31.08
C TRP A 238 -45.32 47.93 30.38
N TYR A 239 -46.45 48.49 30.79
CA TYR A 239 -47.73 48.03 30.28
C TYR A 239 -48.75 49.16 30.33
N ALA A 240 -49.83 48.99 29.57
CA ALA A 240 -50.99 49.87 29.63
C ALA A 240 -52.24 48.99 29.74
N THR A 241 -53.33 49.59 30.22
CA THR A 241 -54.50 48.81 30.58
C THR A 241 -55.77 49.40 29.98
N VAL A 242 -56.61 48.53 29.40
CA VAL A 242 -57.92 48.91 28.90
C VAL A 242 -58.96 48.11 29.66
N THR A 243 -60.15 48.67 29.81
CA THR A 243 -61.22 48.06 30.59
C THR A 243 -62.48 48.00 29.75
N ILE A 244 -63.11 46.82 29.70
CA ILE A 244 -64.24 46.55 28.83
C ILE A 244 -65.46 46.27 29.68
N THR A 245 -66.57 46.94 29.38
CA THR A 245 -67.83 46.73 30.08
C THR A 245 -68.93 46.57 29.04
N ALA A 246 -69.42 45.33 28.89
CA ALA A 246 -70.37 45.03 27.83
C ALA A 246 -71.68 45.78 28.06
N GLY A 247 -72.36 46.14 26.97
CA GLY A 247 -73.60 46.87 27.11
C GLY A 247 -74.82 45.97 27.19
N SER A 248 -75.01 45.09 26.20
CA SER A 248 -76.23 44.32 26.07
C SER A 248 -75.91 42.96 25.49
N ALA A 249 -76.86 42.04 25.64
CA ALA A 249 -76.63 40.66 25.22
C ALA A 249 -76.37 40.57 23.72
N THR A 250 -76.85 41.55 22.96
CA THR A 250 -76.65 41.53 21.51
C THR A 250 -75.17 41.54 21.16
N GLU A 251 -74.39 42.37 21.84
CA GLU A 251 -73.02 42.61 21.44
C GLU A 251 -72.00 41.80 22.24
N VAL A 252 -72.43 41.10 23.28
CA VAL A 252 -71.55 40.10 23.88
C VAL A 252 -71.21 39.03 22.85
N SER A 253 -72.17 38.68 21.99
CA SER A 253 -71.88 37.77 20.90
C SER A 253 -70.86 38.37 19.94
N THR A 254 -70.93 39.67 19.70
CA THR A 254 -69.93 40.32 18.85
C THR A 254 -68.54 40.19 19.46
N LEU A 255 -68.42 40.50 20.76
CA LEU A 255 -67.12 40.39 21.41
C LEU A 255 -66.60 38.97 21.36
N LYS A 256 -67.48 37.98 21.57
CA LYS A 256 -67.05 36.59 21.50
C LYS A 256 -66.56 36.24 20.10
N ALA A 257 -67.28 36.68 19.07
CA ALA A 257 -66.84 36.44 17.70
C ALA A 257 -65.47 37.07 17.45
N LYS A 258 -65.18 38.17 18.13
CA LYS A 258 -63.84 38.75 18.02
C LYS A 258 -62.82 37.94 18.81
N GLY A 259 -63.25 37.32 19.91
CA GLY A 259 -62.40 36.43 20.69
C GLY A 259 -62.09 36.89 22.10
N PHE A 260 -62.99 37.61 22.78
CA PHE A 260 -62.59 38.23 24.03
C PHE A 260 -63.23 37.57 25.24
N GLU A 261 -64.32 36.85 25.07
CA GLU A 261 -64.87 36.00 26.13
C GLU A 261 -65.16 36.78 27.39
N VAL A 262 -66.10 37.70 27.31
CA VAL A 262 -66.42 38.58 28.42
C VAL A 262 -67.85 38.30 28.87
N GLU A 263 -68.22 38.89 30.00
CA GLU A 263 -69.54 38.73 30.57
C GLU A 263 -70.38 39.99 30.30
N ASN A 264 -71.64 39.95 30.74
CA ASN A 264 -72.57 41.05 30.52
C ASN A 264 -72.64 41.89 31.79
N GLY A 265 -72.38 43.19 31.66
CA GLY A 265 -72.44 44.10 32.78
C GLY A 265 -71.36 43.91 33.82
N VAL A 266 -70.23 43.30 33.47
CA VAL A 266 -69.17 43.00 34.42
C VAL A 266 -67.87 43.57 33.88
N ALA A 267 -67.16 44.33 34.71
CA ALA A 267 -65.91 44.94 34.29
C ALA A 267 -64.82 43.89 34.14
N LYS A 268 -63.92 44.12 33.19
CA LYS A 268 -62.76 43.27 32.99
C LYS A 268 -61.71 44.09 32.26
N GLU A 269 -60.48 43.59 32.23
CA GLU A 269 -59.38 44.36 31.69
C GLU A 269 -58.37 43.47 30.97
N PHE A 270 -57.68 44.08 30.01
CA PHE A 270 -56.63 43.44 29.25
C PHE A 270 -55.47 44.42 29.14
N TYR A 271 -54.27 43.90 28.92
CA TYR A 271 -53.06 44.71 28.93
C TYR A 271 -52.51 44.89 27.53
N ILE A 272 -51.66 45.90 27.38
CA ILE A 272 -50.97 46.20 26.12
C ILE A 272 -49.50 46.45 26.44
N ALA A 273 -48.61 45.83 25.67
CA ALA A 273 -47.19 46.03 25.91
C ALA A 273 -46.76 47.40 25.42
N LEU A 274 -45.56 47.82 25.83
CA LEU A 274 -45.00 49.10 25.47
C LEU A 274 -43.51 48.95 25.19
N ASP A 275 -42.97 49.86 24.39
CA ASP A 275 -41.55 49.91 24.11
C ASP A 275 -41.00 51.24 24.61
N PRO A 276 -40.14 51.25 25.62
CA PRO A 276 -39.71 52.52 26.20
C PRO A 276 -39.05 53.46 25.22
N GLN A 277 -38.30 52.95 24.25
CA GLN A 277 -37.55 53.83 23.37
C GLN A 277 -38.46 54.51 22.35
N SER A 278 -39.65 53.96 22.14
CA SER A 278 -40.49 54.46 21.05
C SER A 278 -41.13 55.80 21.40
N ALA A 279 -41.33 56.06 22.68
CA ALA A 279 -42.00 57.28 23.11
C ALA A 279 -41.23 58.51 22.64
N ASP A 280 -41.86 59.67 22.71
CA ASP A 280 -41.20 60.93 22.44
C ASP A 280 -41.17 61.77 23.70
N VAL A 281 -40.04 62.43 23.95
CA VAL A 281 -39.84 63.19 25.17
C VAL A 281 -39.33 64.60 24.92
N THR A 282 -39.29 65.04 23.66
CA THR A 282 -38.70 66.35 23.39
C THR A 282 -39.72 67.47 23.56
N THR A 283 -40.98 67.21 23.25
CA THR A 283 -41.95 68.31 23.18
C THR A 283 -42.24 68.91 24.55
N THR A 284 -42.29 68.08 25.59
CA THR A 284 -42.65 68.53 26.92
C THR A 284 -41.68 67.94 27.94
N ALA A 285 -41.03 68.81 28.69
CA ALA A 285 -40.03 68.34 29.64
C ALA A 285 -40.67 67.52 30.75
N GLY A 286 -39.98 66.47 31.17
CA GLY A 286 -40.38 65.70 32.32
C GLY A 286 -41.47 64.68 32.08
N THR A 287 -42.01 64.59 30.86
CA THR A 287 -43.12 63.71 30.58
C THR A 287 -42.80 62.85 29.36
N ALA A 288 -42.89 61.53 29.54
CA ALA A 288 -42.70 60.59 28.44
C ALA A 288 -44.07 60.17 27.95
N ALA A 289 -44.50 60.74 26.83
CA ALA A 289 -45.86 60.56 26.33
C ALA A 289 -45.86 59.54 25.21
N PHE A 290 -46.62 58.47 25.39
CA PHE A 290 -46.84 57.46 24.37
C PHE A 290 -48.12 57.77 23.63
N ALA A 291 -48.11 57.60 22.32
CA ALA A 291 -49.29 57.79 21.49
C ALA A 291 -49.61 56.46 20.81
N LEU A 292 -50.39 55.63 21.48
CA LEU A 292 -50.68 54.30 20.95
C LEU A 292 -51.35 54.38 19.59
N ASP A 293 -51.04 53.41 18.74
CA ASP A 293 -51.62 53.31 17.42
C ASP A 293 -52.54 52.10 17.40
N THR A 294 -53.79 52.31 17.80
CA THR A 294 -54.76 51.23 17.86
C THR A 294 -55.44 50.97 16.52
N ALA A 295 -55.09 51.73 15.50
CA ALA A 295 -55.71 51.53 14.19
C ALA A 295 -55.39 50.15 13.63
N ASN A 296 -54.15 49.71 13.77
CA ASN A 296 -53.72 48.41 13.25
C ASN A 296 -52.81 47.73 14.25
N ILE A 297 -53.40 46.97 15.15
CA ILE A 297 -52.68 46.15 16.12
C ILE A 297 -53.28 44.75 16.08
N GLN A 298 -52.43 43.74 16.04
CA GLN A 298 -52.90 42.36 16.03
C GLN A 298 -53.84 42.13 17.19
N LEU A 299 -55.09 41.77 16.89
CA LEU A 299 -56.09 41.66 17.95
C LEU A 299 -55.86 40.43 18.82
N SER A 300 -55.16 39.42 18.29
CA SER A 300 -54.94 38.22 19.08
C SER A 300 -54.00 38.46 20.24
N SER A 301 -53.23 39.56 20.19
CA SER A 301 -52.30 39.83 21.28
C SER A 301 -53.03 40.40 22.48
N ILE A 302 -54.03 41.25 22.25
CA ILE A 302 -54.64 41.99 23.36
C ILE A 302 -55.23 41.02 24.36
N THR A 303 -55.63 39.83 23.93
CA THR A 303 -56.10 38.83 24.88
C THR A 303 -55.00 38.45 25.85
N SER A 304 -53.78 38.25 25.35
CA SER A 304 -52.67 37.78 26.16
C SER A 304 -51.62 38.83 26.43
N GLY A 305 -51.62 39.93 25.68
CA GLY A 305 -50.69 41.02 25.93
C GLY A 305 -49.24 40.66 25.72
N ALA A 306 -48.87 40.26 24.50
CA ALA A 306 -47.50 39.88 24.21
C ALA A 306 -47.06 40.45 22.86
N SER A 307 -46.59 41.68 22.86
CA SER A 307 -45.70 42.16 21.80
C SER A 307 -46.22 41.92 20.38
N SER A 308 -47.26 42.65 19.96
CA SER A 308 -47.92 42.40 18.69
C SER A 308 -46.95 42.24 17.53
N ASN A 309 -47.21 41.22 16.71
CA ASN A 309 -46.55 40.97 15.43
C ASN A 309 -45.06 40.73 15.58
N PRO A 310 -44.63 39.69 16.27
CA PRO A 310 -43.20 39.50 16.45
C PRO A 310 -42.49 39.00 15.20
N LEU A 311 -43.11 38.07 14.49
CA LEU A 311 -42.47 37.45 13.34
C LEU A 311 -42.25 38.46 12.23
N ALA A 312 -42.91 39.61 12.31
CA ALA A 312 -42.60 40.71 11.41
C ALA A 312 -41.66 41.70 12.07
N LYS A 313 -41.36 41.50 13.35
CA LYS A 313 -40.46 42.41 14.04
C LYS A 313 -39.02 41.95 13.96
N LEU A 314 -38.81 40.63 13.88
CA LEU A 314 -37.44 40.12 13.80
C LEU A 314 -36.81 40.41 12.44
N ASP A 315 -37.63 40.50 11.40
CA ASP A 315 -37.10 40.67 10.05
C ASP A 315 -36.41 42.01 9.90
N ALA A 316 -36.92 43.04 10.57
CA ALA A 316 -36.25 44.33 10.53
C ALA A 316 -34.83 44.23 11.07
N ALA A 317 -34.66 43.52 12.18
CA ALA A 317 -33.32 43.36 12.74
C ALA A 317 -32.42 42.60 11.79
N LEU A 318 -32.94 41.55 11.18
CA LEU A 318 -32.11 40.78 10.25
C LEU A 318 -31.64 41.65 9.09
N ALA A 319 -32.54 42.46 8.53
CA ALA A 319 -32.15 43.37 7.46
C ALA A 319 -31.11 44.37 7.95
N ASP A 320 -31.27 44.86 9.18
CA ASP A 320 -30.33 45.83 9.73
C ASP A 320 -28.93 45.26 9.80
N VAL A 321 -28.79 44.00 10.16
CA VAL A 321 -27.46 43.40 10.19
C VAL A 321 -26.93 43.20 8.78
N ASP A 322 -27.78 42.75 7.86
CA ASP A 322 -27.29 42.44 6.51
C ASP A 322 -26.76 43.68 5.81
N THR A 323 -27.40 44.82 6.01
CA THR A 323 -26.92 46.04 5.36
C THR A 323 -25.48 46.35 5.73
N LEU A 324 -25.16 46.28 7.03
CA LEU A 324 -23.80 46.53 7.48
C LEU A 324 -22.83 45.50 6.92
N ARG A 325 -23.22 44.22 6.90
CA ARG A 325 -22.30 43.21 6.40
C ARG A 325 -21.92 43.50 4.95
N SER A 326 -22.93 43.83 4.12
CA SER A 326 -22.63 44.13 2.74
C SER A 326 -21.73 45.34 2.61
N SER A 327 -21.97 46.38 3.42
CA SER A 327 -21.15 47.58 3.29
C SER A 327 -19.69 47.27 3.60
N LEU A 328 -19.44 46.47 4.63
CA LEU A 328 -18.05 46.18 4.98
C LEU A 328 -17.37 45.36 3.89
N GLY A 329 -18.08 44.40 3.29
CA GLY A 329 -17.47 43.66 2.19
C GLY A 329 -17.15 44.55 1.00
N ALA A 330 -18.07 45.45 0.65
CA ALA A 330 -17.83 46.38 -0.44
C ALA A 330 -16.63 47.26 -0.14
N VAL A 331 -16.41 47.58 1.12
CA VAL A 331 -15.20 48.34 1.46
C VAL A 331 -13.96 47.49 1.25
N GLN A 332 -13.99 46.26 1.75
CA GLN A 332 -12.79 45.42 1.75
C GLN A 332 -12.25 45.21 0.35
N ASN A 333 -13.13 44.98 -0.63
CA ASN A 333 -12.63 44.65 -1.96
C ASN A 333 -11.80 45.80 -2.56
N ARG A 334 -12.35 47.01 -2.52
CA ARG A 334 -11.61 48.20 -2.94
C ARG A 334 -10.33 48.38 -2.15
N PHE A 335 -10.43 48.20 -0.83
CA PHE A 335 -9.34 48.59 0.04
C PHE A 335 -8.24 47.54 -0.04
N ASP A 336 -8.53 46.45 -0.77
CA ASP A 336 -7.50 45.51 -1.22
C ASP A 336 -6.91 45.90 -2.56
N SER A 337 -7.74 46.29 -3.53
CA SER A 337 -7.20 46.67 -4.85
C SER A 337 -6.15 47.77 -4.73
N VAL A 338 -6.30 48.61 -3.71
CA VAL A 338 -5.33 49.67 -3.50
C VAL A 338 -3.92 49.09 -3.39
N ILE A 339 -3.76 48.01 -2.62
CA ILE A 339 -2.43 47.45 -2.39
C ILE A 339 -1.82 46.94 -3.67
N SER A 340 -2.61 46.26 -4.50
CA SER A 340 -2.05 45.69 -5.71
C SER A 340 -1.54 46.76 -6.65
N ASN A 341 -2.23 47.90 -6.72
CA ASN A 341 -1.65 49.01 -7.48
C ASN A 341 -0.37 49.53 -6.83
N LEU A 342 -0.43 49.69 -5.51
CA LEU A 342 0.61 50.41 -4.79
C LEU A 342 1.89 49.62 -4.78
N GLY A 343 1.80 48.32 -5.03
CA GLY A 343 3.01 47.51 -5.13
C GLY A 343 3.78 47.76 -6.41
N THR A 344 3.07 47.94 -7.53
CA THR A 344 3.74 48.14 -8.81
C THR A 344 4.35 49.53 -8.89
N THR A 345 3.67 50.52 -8.34
CA THR A 345 4.19 51.88 -8.47
C THR A 345 5.61 52.01 -7.91
N VAL A 346 5.88 51.36 -6.78
CA VAL A 346 7.18 51.49 -6.14
C VAL A 346 8.26 50.85 -6.98
N THR A 347 7.99 49.68 -7.56
CA THR A 347 8.98 49.04 -8.43
C THR A 347 9.34 49.95 -9.58
N ASN A 348 8.34 50.54 -10.23
CA ASN A 348 8.64 51.40 -11.36
C ASN A 348 9.46 52.61 -10.93
N LEU A 349 9.10 53.23 -9.80
CA LEU A 349 9.85 54.39 -9.35
C LEU A 349 11.28 54.03 -9.00
N SER A 350 11.49 52.85 -8.40
CA SER A 350 12.84 52.45 -8.05
C SER A 350 13.69 52.27 -9.29
N ALA A 351 13.15 51.65 -10.33
CA ALA A 351 13.91 51.51 -11.57
C ALA A 351 14.24 52.86 -12.18
N SER A 352 13.27 53.77 -12.19
CA SER A 352 13.50 55.09 -12.79
C SER A 352 14.56 55.88 -12.02
N ARG A 353 14.59 55.76 -10.70
CA ARG A 353 15.67 56.42 -9.95
C ARG A 353 16.99 55.73 -10.22
N SER A 354 16.99 54.40 -10.34
CA SER A 354 18.23 53.69 -10.58
C SER A 354 18.90 54.16 -11.85
N ARG A 355 18.13 54.47 -12.87
CA ARG A 355 18.74 54.87 -14.14
C ARG A 355 19.51 56.18 -14.01
N ILE A 356 19.21 56.98 -12.98
CA ILE A 356 19.74 58.34 -12.95
C ILE A 356 21.12 58.38 -12.30
N GLN A 357 21.31 57.69 -11.18
CA GLN A 357 22.44 57.94 -10.33
C GLN A 357 23.43 56.80 -10.15
N ASP A 358 23.18 55.61 -10.70
CA ASP A 358 24.06 54.49 -10.42
C ASP A 358 25.21 54.39 -11.42
N ALA A 359 26.26 53.68 -11.01
CA ALA A 359 27.48 53.59 -11.80
C ALA A 359 27.38 52.50 -12.85
N ASP A 360 28.50 52.24 -13.54
CA ASP A 360 28.46 51.35 -14.68
C ASP A 360 29.29 50.09 -14.47
N TYR A 361 30.45 50.21 -13.84
CA TYR A 361 31.33 49.08 -13.58
C TYR A 361 31.84 48.38 -14.83
N ALA A 362 31.51 48.90 -16.00
CA ALA A 362 32.21 48.47 -17.20
C ALA A 362 33.00 49.60 -17.82
N THR A 363 32.48 50.82 -17.73
CA THR A 363 33.24 51.99 -18.16
C THR A 363 34.34 52.31 -17.16
N GLU A 364 34.03 52.21 -15.87
CA GLU A 364 34.96 52.68 -14.86
C GLU A 364 36.24 51.86 -14.83
N VAL A 365 36.12 50.55 -15.02
CA VAL A 365 37.31 49.71 -15.02
C VAL A 365 38.24 50.12 -16.15
N SER A 366 37.68 50.38 -17.32
CA SER A 366 38.50 50.83 -18.45
C SER A 366 39.13 52.19 -18.17
N ASN A 367 38.37 53.13 -17.60
CA ASN A 367 38.95 54.43 -17.33
C ASN A 367 40.11 54.32 -16.35
N MET A 368 39.94 53.53 -15.30
CA MET A 368 41.01 53.30 -14.35
C MET A 368 42.24 52.72 -15.03
N THR A 369 42.05 51.72 -15.89
CA THR A 369 43.20 51.05 -16.51
C THR A 369 43.90 51.97 -17.50
N ARG A 370 43.17 52.88 -18.13
CA ARG A 370 43.81 53.86 -19.00
C ARG A 370 44.60 54.88 -18.20
N ALA A 371 43.99 55.43 -17.15
CA ALA A 371 44.65 56.46 -16.37
C ALA A 371 45.91 55.92 -15.70
N GLN A 372 45.87 54.67 -15.24
CA GLN A 372 47.04 54.11 -14.59
C GLN A 372 48.23 54.07 -15.53
N ILE A 373 48.02 53.58 -16.75
CA ILE A 373 49.12 53.49 -17.71
C ILE A 373 49.66 54.86 -18.05
N LEU A 374 48.77 55.83 -18.27
CA LEU A 374 49.29 57.13 -18.69
C LEU A 374 50.04 57.80 -17.53
N GLN A 375 49.50 57.67 -16.32
CA GLN A 375 50.19 58.15 -15.13
C GLN A 375 51.56 57.52 -14.97
N GLN A 376 51.67 56.23 -15.33
CA GLN A 376 52.94 55.54 -15.17
C GLN A 376 53.94 55.93 -16.25
N ALA A 377 53.45 56.23 -17.45
CA ALA A 377 54.37 56.60 -18.52
C ALA A 377 54.83 58.04 -18.39
N GLY A 378 54.10 58.87 -17.64
CA GLY A 378 54.55 60.23 -17.45
C GLY A 378 55.88 60.34 -16.74
N THR A 379 56.10 59.52 -15.71
CA THR A 379 57.24 59.72 -14.82
C THR A 379 58.55 59.36 -15.50
N SER A 380 58.55 58.34 -16.35
CA SER A 380 59.78 57.98 -17.05
C SER A 380 60.26 59.13 -17.93
N VAL A 381 59.33 59.76 -18.65
CA VAL A 381 59.69 60.92 -19.46
C VAL A 381 60.15 62.06 -18.59
N LEU A 382 59.53 62.23 -17.41
CA LEU A 382 60.01 63.25 -16.50
C LEU A 382 61.46 63.00 -16.13
N ALA A 383 61.80 61.74 -15.85
CA ALA A 383 63.18 61.40 -15.52
C ALA A 383 64.11 61.70 -16.69
N GLN A 384 63.66 61.42 -17.90
CA GLN A 384 64.48 61.71 -19.08
C GLN A 384 64.74 63.20 -19.20
N ALA A 385 63.74 64.02 -18.90
CA ALA A 385 63.84 65.45 -19.16
C ALA A 385 64.94 66.11 -18.33
N ASN A 386 65.13 65.66 -17.10
CA ASN A 386 66.10 66.31 -16.21
C ASN A 386 67.53 66.10 -16.68
N GLN A 387 67.80 64.97 -17.33
CA GLN A 387 69.17 64.61 -17.64
C GLN A 387 69.77 65.52 -18.71
N THR A 388 68.94 66.15 -19.53
CA THR A 388 69.44 66.88 -20.68
C THR A 388 70.28 68.08 -20.28
N THR A 389 70.25 68.49 -19.01
CA THR A 389 71.15 69.52 -18.54
C THR A 389 72.60 69.05 -18.55
N GLN A 390 72.82 67.77 -18.28
CA GLN A 390 74.17 67.30 -17.98
C GLN A 390 75.08 67.34 -19.20
N ASN A 391 74.53 67.60 -20.37
CA ASN A 391 75.36 67.73 -21.56
C ASN A 391 76.38 68.85 -21.39
N VAL A 392 75.94 70.00 -20.90
CA VAL A 392 76.80 71.18 -20.88
C VAL A 392 78.02 70.96 -20.01
N LEU A 393 77.86 70.18 -18.95
CA LEU A 393 78.96 69.99 -18.02
C LEU A 393 80.19 69.43 -18.70
N SER A 394 80.00 68.70 -19.80
CA SER A 394 81.13 68.11 -20.51
C SER A 394 81.97 69.15 -21.21
N LEU A 395 81.38 70.30 -21.56
CA LEU A 395 82.10 71.30 -22.32
C LEU A 395 83.32 71.81 -21.58
N LEU A 396 83.26 71.83 -20.25
CA LEU A 396 84.31 72.38 -19.42
C LEU A 396 85.54 71.48 -19.39
N ALA B 2 117.44 105.83 -35.96
CA ALA B 2 117.27 106.64 -34.77
C ALA B 2 117.18 105.77 -33.52
N GLN B 3 118.33 105.34 -33.01
CA GLN B 3 118.40 104.49 -31.83
C GLN B 3 118.38 105.36 -30.59
N VAL B 4 117.30 105.27 -29.82
CA VAL B 4 117.15 106.07 -28.62
C VAL B 4 117.30 105.14 -27.43
N ILE B 5 118.03 105.59 -26.41
CA ILE B 5 118.23 104.75 -25.24
C ILE B 5 117.39 105.24 -24.07
N ASN B 6 116.98 106.51 -24.11
CA ASN B 6 116.28 107.09 -22.97
C ASN B 6 114.92 106.44 -22.76
N THR B 7 114.11 106.37 -23.81
CA THR B 7 112.76 105.84 -23.70
C THR B 7 112.48 104.87 -24.83
N ASN B 8 111.65 103.86 -24.54
CA ASN B 8 111.31 102.82 -25.49
C ASN B 8 109.85 102.96 -25.87
N SER B 9 109.59 103.31 -27.13
CA SER B 9 108.24 103.64 -27.58
C SER B 9 107.33 102.43 -27.69
N LEU B 10 107.88 101.29 -28.11
CA LEU B 10 107.05 100.11 -28.36
C LEU B 10 106.36 99.62 -27.10
N SER B 11 107.07 99.63 -25.97
CA SER B 11 106.58 98.95 -24.77
C SER B 11 105.22 99.49 -24.35
N LEU B 12 105.03 100.80 -24.44
CA LEU B 12 103.75 101.38 -24.09
C LEU B 12 102.63 100.85 -24.99
N MET B 13 102.90 100.81 -26.29
CA MET B 13 101.90 100.36 -27.24
C MET B 13 101.53 98.91 -26.99
N THR B 14 102.52 98.08 -26.65
CA THR B 14 102.21 96.69 -26.30
C THR B 14 101.46 96.60 -24.98
N GLN B 15 101.78 97.47 -24.02
CA GLN B 15 101.10 97.40 -22.73
C GLN B 15 99.62 97.73 -22.85
N ASN B 16 99.26 98.58 -23.81
CA ASN B 16 97.85 98.93 -23.96
C ASN B 16 96.99 97.71 -24.29
N ASN B 17 97.49 96.85 -25.19
CA ASN B 17 96.65 95.77 -25.68
C ASN B 17 96.33 94.74 -24.61
N LEU B 18 97.26 94.51 -23.68
CA LEU B 18 96.96 93.59 -22.58
C LEU B 18 95.79 94.11 -21.76
N ASN B 19 95.77 95.41 -21.47
CA ASN B 19 94.65 95.99 -20.78
C ASN B 19 93.38 95.94 -21.62
N THR B 20 93.53 95.89 -22.93
CA THR B 20 92.36 95.67 -23.78
C THR B 20 91.75 94.29 -23.55
N SER B 21 92.57 93.25 -23.61
CA SER B 21 92.05 91.88 -23.56
C SER B 21 91.69 91.41 -22.15
N GLN B 22 92.35 91.97 -21.13
CA GLN B 22 92.19 91.49 -19.78
C GLN B 22 90.80 91.79 -19.22
N SER B 23 90.01 92.59 -19.93
CA SER B 23 88.63 92.84 -19.54
C SER B 23 87.66 91.85 -20.16
N ALA B 24 87.88 91.47 -21.41
CA ALA B 24 87.06 90.42 -22.01
C ALA B 24 87.21 89.13 -21.24
N LEU B 25 88.44 88.84 -20.79
CA LEU B 25 88.62 87.62 -20.00
C LEU B 25 87.75 87.65 -18.74
N ASN B 26 87.75 88.78 -18.03
CA ASN B 26 86.99 88.86 -16.78
C ASN B 26 85.50 88.80 -17.04
N THR B 27 85.04 89.44 -18.11
CA THR B 27 83.62 89.35 -18.46
C THR B 27 83.20 87.90 -18.64
N ALA B 28 83.95 87.16 -19.46
CA ALA B 28 83.58 85.77 -19.71
C ALA B 28 83.61 84.96 -18.43
N ILE B 29 84.62 85.16 -17.59
CA ILE B 29 84.72 84.38 -16.35
C ILE B 29 83.52 84.64 -15.45
N GLN B 30 83.15 85.91 -15.28
CA GLN B 30 82.04 86.19 -14.38
C GLN B 30 80.75 85.62 -14.93
N ARG B 31 80.53 85.71 -16.24
CA ARG B 31 79.31 85.14 -16.80
C ARG B 31 79.27 83.64 -16.59
N LEU B 32 80.41 82.97 -16.74
CA LEU B 32 80.45 81.53 -16.52
C LEU B 32 80.12 81.19 -15.08
N SER B 33 80.64 81.97 -14.14
CA SER B 33 80.43 81.65 -12.73
C SER B 33 78.98 81.88 -12.31
N SER B 34 78.43 83.03 -12.67
CA SER B 34 77.12 83.42 -12.13
C SER B 34 76.01 82.58 -12.73
N GLY B 35 76.03 82.37 -14.04
CA GLY B 35 74.94 81.72 -14.74
C GLY B 35 73.97 82.65 -15.43
N LEU B 36 74.25 83.95 -15.47
CA LEU B 36 73.36 84.95 -16.03
C LEU B 36 74.16 85.86 -16.94
N ARG B 37 73.49 86.53 -17.87
CA ARG B 37 74.19 87.46 -18.73
C ARG B 37 74.05 88.91 -18.27
N ILE B 38 73.03 89.22 -17.49
CA ILE B 38 72.88 90.57 -16.96
C ILE B 38 73.14 90.55 -15.46
N ASN B 39 74.39 90.79 -15.08
CA ASN B 39 74.81 90.77 -13.68
C ASN B 39 74.71 92.12 -13.01
N SER B 40 74.63 93.20 -13.79
CA SER B 40 74.54 94.54 -13.22
C SER B 40 73.94 95.46 -14.27
N ALA B 41 73.42 96.60 -13.81
CA ALA B 41 72.78 97.54 -14.72
C ALA B 41 73.76 98.10 -15.73
N LYS B 42 75.05 97.96 -15.48
CA LYS B 42 76.06 98.38 -16.45
C LYS B 42 75.91 97.62 -17.76
N ASP B 43 75.35 96.41 -17.70
CA ASP B 43 75.37 95.54 -18.86
C ASP B 43 74.16 95.76 -19.76
N ASP B 44 72.98 95.91 -19.16
CA ASP B 44 71.75 96.14 -19.94
C ASP B 44 70.72 96.79 -19.05
N ALA B 45 70.39 98.06 -19.32
CA ALA B 45 69.61 98.85 -18.38
C ALA B 45 68.14 98.46 -18.39
N ALA B 46 67.59 98.15 -19.56
CA ALA B 46 66.14 97.93 -19.67
C ALA B 46 65.78 96.48 -19.39
N GLY B 47 66.62 95.56 -19.84
CA GLY B 47 66.33 94.15 -19.63
C GLY B 47 66.23 93.81 -18.15
N GLN B 48 67.10 94.41 -17.34
CA GLN B 48 67.06 94.13 -15.91
C GLN B 48 65.72 94.56 -15.31
N ALA B 49 65.24 95.74 -15.72
CA ALA B 49 63.96 96.22 -15.20
C ALA B 49 62.82 95.29 -15.61
N ILE B 50 62.77 94.92 -16.88
CA ILE B 50 61.61 94.13 -17.30
C ILE B 50 61.65 92.74 -16.69
N ALA B 51 62.86 92.18 -16.51
CA ALA B 51 62.98 90.90 -15.83
C ALA B 51 62.54 91.01 -14.38
N ASN B 52 62.89 92.11 -13.73
CA ASN B 52 62.41 92.35 -12.37
C ASN B 52 60.90 92.37 -12.31
N ARG B 53 60.26 93.02 -13.29
CA ARG B 53 58.80 93.03 -13.29
C ARG B 53 58.24 91.63 -13.48
N PHE B 54 58.83 90.84 -14.38
CA PHE B 54 58.35 89.48 -14.58
C PHE B 54 58.43 88.66 -13.29
N THR B 55 59.57 88.73 -12.60
CA THR B 55 59.70 87.94 -11.38
C THR B 55 58.78 88.47 -10.30
N ALA B 56 58.43 89.75 -10.35
CA ALA B 56 57.42 90.27 -9.44
C ALA B 56 56.05 89.64 -9.73
N ASN B 57 55.75 89.43 -11.00
CA ASN B 57 54.47 88.82 -11.35
C ASN B 57 54.37 87.37 -10.89
N ILE B 58 55.46 86.62 -11.00
CA ILE B 58 55.39 85.17 -10.79
C ILE B 58 54.98 84.77 -9.37
N LYS B 59 55.63 85.35 -8.37
CA LYS B 59 55.44 84.93 -6.99
C LYS B 59 54.00 85.15 -6.54
N GLY B 60 53.42 86.28 -6.93
CA GLY B 60 52.03 86.53 -6.62
C GLY B 60 51.12 85.44 -7.15
N LEU B 61 51.36 85.00 -8.38
CA LEU B 61 50.49 83.98 -8.94
C LEU B 61 50.60 82.67 -8.18
N THR B 62 51.81 82.32 -7.75
CA THR B 62 51.94 81.10 -6.94
C THR B 62 51.12 81.22 -5.65
N GLN B 63 51.26 82.34 -4.95
CA GLN B 63 50.48 82.53 -3.74
C GLN B 63 48.98 82.45 -4.03
N ALA B 64 48.56 82.94 -5.19
CA ALA B 64 47.16 82.87 -5.57
C ALA B 64 46.69 81.42 -5.67
N GLN B 65 47.53 80.56 -6.24
CA GLN B 65 47.22 79.13 -6.26
C GLN B 65 46.92 78.62 -4.86
N ARG B 66 47.79 78.96 -3.90
CA ARG B 66 47.57 78.46 -2.55
C ARG B 66 46.22 78.91 -1.98
N ASN B 67 45.90 80.20 -2.16
CA ASN B 67 44.65 80.70 -1.62
C ASN B 67 43.45 79.97 -2.23
N ALA B 68 43.49 79.71 -3.53
CA ALA B 68 42.38 79.01 -4.17
C ALA B 68 42.16 77.64 -3.55
N ASN B 69 43.26 76.92 -3.26
CA ASN B 69 43.11 75.61 -2.65
C ASN B 69 42.41 75.71 -1.29
N ASP B 70 42.78 76.71 -0.48
CA ASP B 70 42.08 76.87 0.79
C ASP B 70 40.58 77.07 0.59
N GLY B 71 40.20 77.87 -0.39
CA GLY B 71 38.78 78.08 -0.65
C GLY B 71 38.05 76.79 -0.96
N ILE B 72 38.65 75.95 -1.79
CA ILE B 72 38.00 74.69 -2.15
C ILE B 72 37.78 73.84 -0.90
N SER B 73 38.76 73.84 0.01
CA SER B 73 38.60 73.08 1.25
C SER B 73 37.37 73.55 2.03
N LEU B 74 37.20 74.86 2.14
CA LEU B 74 36.07 75.41 2.87
C LEU B 74 34.74 74.94 2.29
N ALA B 75 34.61 75.02 0.97
CA ALA B 75 33.37 74.61 0.34
C ALA B 75 33.04 73.14 0.64
N GLN B 76 34.05 72.27 0.55
CA GLN B 76 33.79 70.85 0.80
C GLN B 76 33.27 70.61 2.21
N THR B 77 33.88 71.27 3.21
CA THR B 77 33.42 71.06 4.58
C THR B 77 31.94 71.38 4.74
N THR B 78 31.56 72.57 4.27
CA THR B 78 30.15 72.94 4.40
C THR B 78 29.24 71.91 3.76
N GLU B 79 29.65 71.40 2.60
CA GLU B 79 28.74 70.49 1.88
C GLU B 79 28.52 69.20 2.66
N GLY B 80 29.55 68.68 3.31
CA GLY B 80 29.34 67.49 4.13
C GLY B 80 28.31 67.71 5.23
N ALA B 81 28.43 68.84 5.94
CA ALA B 81 27.44 69.08 6.99
C ALA B 81 26.02 69.11 6.42
N LEU B 82 25.85 69.76 5.27
CA LEU B 82 24.52 69.81 4.66
C LEU B 82 23.98 68.42 4.40
N THR B 83 24.82 67.51 3.92
CA THR B 83 24.36 66.16 3.65
C THR B 83 23.71 65.53 4.88
N GLU B 84 24.38 65.64 6.03
CA GLU B 84 23.81 64.97 7.19
C GLU B 84 22.45 65.56 7.57
N VAL B 85 22.33 66.89 7.47
CA VAL B 85 21.04 67.51 7.77
C VAL B 85 19.95 66.92 6.88
N ASN B 86 20.28 66.72 5.59
CA ASN B 86 19.29 66.18 4.67
C ASN B 86 18.76 64.84 5.13
N ASN B 87 19.65 63.95 5.56
CA ASN B 87 19.19 62.63 5.98
C ASN B 87 18.21 62.73 7.14
N ASN B 88 18.51 63.60 8.10
CA ASN B 88 17.58 63.76 9.23
C ASN B 88 16.20 64.20 8.74
N LEU B 89 16.15 65.13 7.80
CA LEU B 89 14.86 65.61 7.33
C LEU B 89 14.06 64.48 6.70
N GLN B 90 14.72 63.62 5.91
CA GLN B 90 13.98 62.53 5.28
C GLN B 90 13.32 61.62 6.33
N ARG B 91 14.06 61.31 7.38
CA ARG B 91 13.46 60.45 8.41
C ARG B 91 12.24 61.11 9.06
N ILE B 92 12.33 62.41 9.35
CA ILE B 92 11.17 63.08 9.96
C ILE B 92 9.97 63.01 9.04
N ARG B 93 10.19 63.19 7.74
CA ARG B 93 9.12 63.11 6.75
C ARG B 93 8.39 61.77 6.84
N GLU B 94 9.14 60.67 6.87
CA GLU B 94 8.49 59.37 6.95
C GLU B 94 7.68 59.22 8.25
N LEU B 95 8.25 59.65 9.38
CA LEU B 95 7.50 59.57 10.63
C LEU B 95 6.17 60.30 10.52
N SER B 96 6.19 61.47 9.89
CA SER B 96 4.99 62.26 9.80
C SER B 96 3.93 61.54 9.00
N VAL B 97 4.32 60.87 7.92
CA VAL B 97 3.32 60.09 7.18
C VAL B 97 2.81 58.93 8.03
N GLN B 98 3.66 58.35 8.87
CA GLN B 98 3.21 57.26 9.74
C GLN B 98 2.13 57.71 10.69
N ALA B 99 2.25 58.92 11.23
CA ALA B 99 1.38 59.35 12.32
C ALA B 99 0.04 59.92 11.89
N ALA B 100 -0.27 59.97 10.59
CA ALA B 100 -1.50 60.59 10.13
C ALA B 100 -2.65 59.60 9.93
N THR B 101 -2.45 58.33 10.21
CA THR B 101 -3.50 57.35 10.06
C THR B 101 -4.55 57.51 11.15
N GLY B 102 -5.77 57.12 10.85
CA GLY B 102 -6.86 57.25 11.79
C GLY B 102 -7.11 56.07 12.70
N SER B 103 -6.24 55.05 12.68
CA SER B 103 -6.42 53.88 13.53
C SER B 103 -5.39 53.81 14.64
N ASN B 104 -5.00 54.94 15.21
CA ASN B 104 -3.97 54.99 16.23
C ASN B 104 -4.57 55.44 17.56
N SER B 105 -3.88 55.09 18.63
CA SER B 105 -4.30 55.42 19.98
C SER B 105 -3.50 56.61 20.49
N ALA B 106 -4.11 57.40 21.38
CA ALA B 106 -3.53 58.66 21.78
C ALA B 106 -2.23 58.49 22.54
N SER B 107 -1.96 57.30 23.06
CA SER B 107 -0.70 57.08 23.74
C SER B 107 0.44 56.92 22.75
N ASP B 108 0.15 56.40 21.55
CA ASP B 108 1.19 56.15 20.57
C ASP B 108 1.89 57.43 20.15
N LEU B 109 1.11 58.47 19.89
CA LEU B 109 1.64 59.66 19.27
C LEU B 109 2.79 60.29 20.06
N GLN B 110 2.83 60.06 21.38
CA GLN B 110 3.95 60.57 22.14
C GLN B 110 5.28 59.96 21.71
N SER B 111 5.29 58.67 21.37
CA SER B 111 6.53 58.03 20.95
C SER B 111 7.08 58.69 19.70
N ILE B 112 6.25 58.82 18.69
CA ILE B 112 6.63 59.51 17.47
C ILE B 112 7.08 60.92 17.80
N GLN B 113 6.38 61.58 18.71
CA GLN B 113 6.70 62.97 18.99
C GLN B 113 8.07 63.13 19.64
N ASP B 114 8.43 62.22 20.54
CA ASP B 114 9.74 62.37 21.20
C ASP B 114 10.87 62.04 20.25
N GLU B 115 10.69 61.03 19.38
CA GLU B 115 11.72 60.80 18.37
C GLU B 115 11.87 62.04 17.48
N ILE B 116 10.76 62.64 17.09
CA ILE B 116 10.81 63.85 16.29
C ILE B 116 11.57 64.95 17.03
N LYS B 117 11.36 65.03 18.35
CA LYS B 117 12.05 66.03 19.14
C LYS B 117 13.56 65.86 19.07
N GLN B 118 14.03 64.62 19.24
CA GLN B 118 15.47 64.40 19.18
C GLN B 118 16.03 64.76 17.81
N ARG B 119 15.35 64.31 16.75
CA ARG B 119 15.84 64.61 15.41
C ARG B 119 15.87 66.12 15.17
N LEU B 120 14.89 66.85 15.69
CA LEU B 120 14.88 68.30 15.51
C LEU B 120 16.04 68.97 16.25
N GLU B 121 16.35 68.49 17.45
CA GLU B 121 17.47 69.07 18.19
C GLU B 121 18.79 68.88 17.44
N GLU B 122 18.90 67.75 16.75
CA GLU B 122 20.12 67.47 15.99
C GLU B 122 20.49 68.61 15.04
N ILE B 123 19.50 69.15 14.34
CA ILE B 123 19.78 70.15 13.31
C ILE B 123 20.39 71.38 13.93
N ASN B 124 19.81 71.85 15.04
CA ASN B 124 20.35 73.03 15.71
C ASN B 124 21.77 72.78 16.21
N ARG B 125 22.03 71.62 16.80
CA ARG B 125 23.37 71.42 17.33
C ARG B 125 24.39 71.38 16.20
N VAL B 126 24.08 70.69 15.10
CA VAL B 126 25.03 70.64 13.99
C VAL B 126 25.19 72.02 13.38
N SER B 127 24.14 72.84 13.42
CA SER B 127 24.26 74.20 12.93
C SER B 127 25.27 74.99 13.74
N GLU B 128 25.15 74.96 15.06
CA GLU B 128 25.95 75.86 15.87
C GLU B 128 27.27 75.26 16.32
N GLN B 129 27.62 74.05 15.91
CA GLN B 129 28.90 73.48 16.32
C GLN B 129 29.92 73.34 15.20
N THR B 130 29.49 73.32 13.93
CA THR B 130 30.43 73.18 12.82
C THR B 130 31.21 74.46 12.59
N GLN B 131 32.51 74.32 12.33
CA GLN B 131 33.35 75.48 12.08
C GLN B 131 34.53 75.09 11.19
N PHE B 132 35.17 76.10 10.62
CA PHE B 132 36.35 75.91 9.78
C PHE B 132 37.32 77.05 10.09
N ASN B 133 38.41 76.74 10.80
CA ASN B 133 39.41 77.74 11.15
C ASN B 133 38.79 78.94 11.86
N GLY B 134 37.90 78.66 12.80
CA GLY B 134 37.32 79.70 13.63
C GLY B 134 36.11 80.39 13.04
N VAL B 135 35.75 80.09 11.81
CA VAL B 135 34.65 80.76 11.13
C VAL B 135 33.44 79.84 11.19
N LYS B 136 32.37 80.29 11.83
CA LYS B 136 31.15 79.50 11.85
C LYS B 136 30.44 79.65 10.51
N VAL B 137 30.35 78.55 9.76
CA VAL B 137 29.91 78.62 8.37
C VAL B 137 28.42 78.41 8.17
N LEU B 138 27.68 78.02 9.22
CA LEU B 138 26.25 77.84 9.10
C LEU B 138 25.46 78.85 9.94
N ALA B 139 25.85 80.12 9.87
CA ALA B 139 25.06 81.20 10.44
C ALA B 139 25.45 82.51 9.75
N LYS B 140 24.66 83.54 9.99
CA LYS B 140 24.97 84.95 9.80
C LYS B 140 24.84 85.47 8.36
N ASP B 141 24.58 84.63 7.36
CA ASP B 141 24.21 85.12 6.02
C ASP B 141 25.19 86.14 5.47
N THR B 142 26.42 85.72 5.22
CA THR B 142 27.45 86.62 4.73
C THR B 142 28.04 86.03 3.45
N LYS B 143 28.77 86.84 2.70
CA LYS B 143 29.54 86.35 1.56
C LYS B 143 31.01 86.55 1.83
N MET B 144 31.84 85.65 1.28
CA MET B 144 33.18 85.39 1.78
C MET B 144 34.15 85.40 0.62
N ASN B 145 34.95 86.45 0.52
CA ASN B 145 35.72 86.71 -0.70
C ASN B 145 37.11 86.08 -0.65
N ILE B 146 37.56 85.60 -1.80
CA ILE B 146 38.87 84.96 -1.95
C ILE B 146 39.71 85.81 -2.90
N GLN B 147 40.97 86.05 -2.54
CA GLN B 147 41.93 86.70 -3.42
C GLN B 147 42.47 85.70 -4.42
N VAL B 148 42.23 85.93 -5.70
CA VAL B 148 42.49 84.90 -6.70
C VAL B 148 43.32 85.47 -7.85
N GLY B 149 44.02 86.56 -7.60
CA GLY B 149 44.84 87.17 -8.63
C GLY B 149 45.96 87.98 -8.03
N ALA B 150 46.87 88.41 -8.89
CA ALA B 150 48.07 89.10 -8.46
C ALA B 150 47.90 90.60 -8.32
N ASN B 151 46.69 91.13 -8.54
CA ASN B 151 46.43 92.54 -8.32
C ASN B 151 45.10 92.69 -7.62
N ASP B 152 45.00 93.73 -6.79
CA ASP B 152 43.84 93.89 -5.93
C ASP B 152 42.59 94.22 -6.73
N GLY B 153 41.44 93.88 -6.17
CA GLY B 153 40.20 93.95 -6.89
C GLY B 153 39.85 92.70 -7.67
N GLU B 154 40.70 91.68 -7.66
CA GLU B 154 40.44 90.43 -8.37
C GLU B 154 40.08 89.37 -7.35
N ILE B 155 38.80 89.32 -7.00
CA ILE B 155 38.32 88.41 -5.98
C ILE B 155 37.17 87.58 -6.53
N ILE B 156 36.88 86.49 -5.84
CA ILE B 156 35.75 85.64 -6.14
C ILE B 156 34.92 85.52 -4.87
N ALA B 157 33.60 85.54 -5.02
CA ALA B 157 32.72 85.52 -3.86
C ALA B 157 32.15 84.13 -3.65
N ILE B 158 32.13 83.70 -2.39
CA ILE B 158 31.39 82.53 -1.96
C ILE B 158 30.36 82.99 -0.95
N ASP B 159 29.08 82.80 -1.26
CA ASP B 159 28.00 83.30 -0.44
C ASP B 159 27.42 82.19 0.43
N LEU B 160 27.03 82.55 1.65
CA LEU B 160 26.62 81.61 2.67
C LEU B 160 25.25 82.00 3.21
N LYS B 161 24.57 81.05 3.83
CA LYS B 161 23.24 81.32 4.39
C LYS B 161 23.06 80.63 5.72
N GLU B 162 22.28 81.26 6.60
CA GLU B 162 21.99 80.72 7.91
C GLU B 162 20.98 79.59 7.82
N ILE B 163 21.21 78.53 8.57
CA ILE B 163 20.33 77.36 8.53
C ILE B 163 20.14 76.85 9.95
N THR B 164 18.92 76.97 10.47
CA THR B 164 18.53 76.40 11.75
C THR B 164 17.13 75.81 11.60
N ALA B 165 16.57 75.35 12.71
CA ALA B 165 15.21 74.84 12.67
C ALA B 165 14.18 75.94 12.79
N LYS B 166 14.59 77.20 12.74
CA LYS B 166 13.65 78.32 12.75
C LYS B 166 13.48 78.93 11.37
N THR B 167 14.59 79.26 10.70
CA THR B 167 14.47 79.81 9.36
C THR B 167 13.95 78.81 8.36
N LEU B 168 13.87 77.54 8.72
CA LEU B 168 13.18 76.57 7.90
C LEU B 168 11.69 76.53 8.17
N GLY B 169 11.21 77.34 9.12
CA GLY B 169 9.79 77.39 9.41
C GLY B 169 9.25 76.22 10.19
N LEU B 170 10.12 75.44 10.83
CA LEU B 170 9.71 74.28 11.60
C LEU B 170 9.68 74.57 13.10
N ASP B 171 9.73 75.83 13.51
CA ASP B 171 9.69 76.16 14.92
C ASP B 171 8.37 75.71 15.52
N GLY B 172 8.46 75.08 16.70
CA GLY B 172 7.26 74.62 17.36
C GLY B 172 6.55 73.49 16.67
N PHE B 173 7.23 72.79 15.76
CA PHE B 173 6.62 71.69 15.03
C PHE B 173 6.13 70.63 15.99
N ASN B 174 4.93 70.10 15.75
CA ASN B 174 4.38 69.08 16.61
C ASN B 174 3.29 68.34 15.84
N VAL B 175 3.04 67.10 16.24
CA VAL B 175 2.02 66.29 15.60
C VAL B 175 1.03 65.67 16.58
N SER B 176 1.24 65.83 17.88
CA SER B 176 0.27 65.37 18.86
C SER B 176 -0.49 66.54 19.47
N GLY B 177 -1.67 66.29 20.04
CA GLY B 177 -2.42 67.33 20.70
C GLY B 177 -3.66 67.75 19.94
N PRO B 178 -4.30 68.83 20.38
CA PRO B 178 -5.53 69.28 19.74
C PRO B 178 -5.28 69.85 18.36
N LYS B 179 -6.35 69.89 17.56
CA LYS B 179 -6.31 70.41 16.20
C LYS B 179 -7.29 71.57 16.08
N GLY B 180 -6.79 72.74 15.75
CA GLY B 180 -7.61 73.92 15.68
C GLY B 180 -7.81 74.57 17.04
N THR B 181 -8.31 75.78 17.01
CA THR B 181 -8.47 76.49 18.27
C THR B 181 -9.68 75.96 19.02
N PRO B 182 -9.55 75.61 20.28
CA PRO B 182 -10.69 75.06 21.02
C PRO B 182 -11.79 76.09 21.20
N ALA B 183 -13.02 75.60 21.36
CA ALA B 183 -14.19 76.45 21.50
C ALA B 183 -15.05 75.93 22.64
N ALA B 184 -16.03 76.73 23.02
CA ALA B 184 -16.86 76.40 24.18
C ALA B 184 -17.75 75.20 23.89
N LEU B 185 -18.42 74.73 24.93
CA LEU B 185 -19.32 73.59 24.82
C LEU B 185 -20.76 74.05 24.70
N VAL B 186 -21.57 73.27 24.00
CA VAL B 186 -22.97 73.60 23.74
C VAL B 186 -23.84 72.40 24.07
N ALA B 187 -25.15 72.55 23.84
CA ALA B 187 -26.10 71.53 24.26
C ALA B 187 -25.89 70.21 23.54
N ALA B 188 -25.52 70.27 22.26
CA ALA B 188 -25.35 69.05 21.48
C ALA B 188 -24.29 68.14 22.10
N ASP B 189 -23.21 68.72 22.60
CA ASP B 189 -22.13 67.92 23.15
C ASP B 189 -22.55 67.22 24.43
N TYR B 190 -23.17 67.96 25.35
CA TYR B 190 -23.64 67.35 26.57
C TYR B 190 -24.63 66.23 26.27
N GLN B 191 -25.54 66.48 25.33
CA GLN B 191 -26.52 65.46 24.97
C GLN B 191 -25.84 64.23 24.39
N ALA B 192 -24.85 64.44 23.52
CA ALA B 192 -24.19 63.30 22.89
C ALA B 192 -23.41 62.48 23.90
N ALA B 193 -22.84 63.13 24.91
CA ALA B 193 -22.00 62.38 25.84
C ALA B 193 -22.78 61.78 26.99
N TYR B 194 -23.91 62.36 27.38
CA TYR B 194 -24.62 61.92 28.57
C TYR B 194 -26.08 61.55 28.32
N GLY B 195 -26.52 61.50 27.08
CA GLY B 195 -27.90 61.15 26.78
C GLY B 195 -28.73 62.36 26.40
N THR B 196 -29.88 62.09 25.77
CA THR B 196 -30.68 63.18 25.21
C THR B 196 -31.43 63.95 26.29
N THR B 197 -31.71 63.32 27.42
CA THR B 197 -32.54 63.91 28.48
C THR B 197 -31.71 64.29 29.69
N THR B 198 -30.55 64.89 29.46
CA THR B 198 -29.57 65.09 30.50
C THR B 198 -29.77 66.40 31.25
N ASN B 199 -29.39 66.41 32.52
CA ASN B 199 -29.42 67.59 33.36
C ASN B 199 -28.22 68.50 33.17
N VAL B 200 -27.05 67.96 32.81
CA VAL B 200 -25.82 68.72 32.95
C VAL B 200 -25.82 69.89 31.98
N THR B 201 -25.31 71.03 32.44
CA THR B 201 -25.22 72.22 31.62
C THR B 201 -23.87 72.91 31.68
N THR B 202 -23.01 72.57 32.63
CA THR B 202 -21.70 73.21 32.73
C THR B 202 -20.76 72.32 33.53
N THR B 203 -19.47 72.62 33.43
CA THR B 203 -18.43 71.78 33.99
C THR B 203 -17.59 72.56 35.01
N ALA B 204 -16.62 71.85 35.60
CA ALA B 204 -15.72 72.46 36.57
C ALA B 204 -14.46 71.60 36.69
N VAL B 205 -13.31 72.24 36.72
CA VAL B 205 -12.01 71.57 36.75
C VAL B 205 -11.17 72.14 37.88
N THR B 206 -10.63 71.27 38.72
CA THR B 206 -9.79 71.67 39.84
C THR B 206 -8.70 70.62 40.05
N GLU B 207 -7.69 71.00 40.82
CA GLU B 207 -6.62 70.08 41.19
C GLU B 207 -6.97 69.33 42.46
N SER B 208 -6.42 68.12 42.58
CA SER B 208 -6.67 67.32 43.77
C SER B 208 -5.99 67.92 44.99
N SER B 209 -4.70 68.25 44.87
CA SER B 209 -3.95 68.91 45.93
C SER B 209 -3.42 70.23 45.42
N ALA B 210 -3.73 71.31 46.12
CA ALA B 210 -3.42 72.64 45.62
C ALA B 210 -1.91 72.81 45.46
N ASN B 211 -1.51 73.34 44.30
CA ASN B 211 -0.13 73.73 44.04
C ASN B 211 0.84 72.56 44.08
N ALA B 212 0.45 71.41 43.53
CA ALA B 212 1.42 70.34 43.37
C ALA B 212 2.22 70.51 42.10
N LEU B 213 1.59 71.02 41.04
CA LEU B 213 2.27 71.15 39.76
C LEU B 213 3.44 72.12 39.85
N ALA B 214 3.24 73.26 40.52
CA ALA B 214 4.35 74.19 40.71
C ALA B 214 5.46 73.56 41.51
N GLY B 215 5.12 72.62 42.39
CA GLY B 215 6.16 71.88 43.08
C GLY B 215 6.97 71.02 42.14
N ARG B 216 6.30 70.27 41.28
CA ARG B 216 7.04 69.37 40.39
C ARG B 216 7.87 70.13 39.38
N LEU B 217 7.36 71.24 38.84
CA LEU B 217 8.14 72.03 37.89
C LEU B 217 9.38 72.60 38.53
N GLY B 218 9.24 73.27 39.66
CA GLY B 218 10.34 73.90 40.32
C GLY B 218 10.34 75.41 40.31
N VAL B 219 9.18 76.04 40.05
CA VAL B 219 9.07 77.49 40.07
C VAL B 219 8.09 77.89 41.14
N ALA B 220 8.16 79.16 41.54
CA ALA B 220 7.36 79.65 42.65
C ALA B 220 5.89 79.70 42.29
N ASN B 221 5.03 79.50 43.30
CA ASN B 221 3.60 79.53 43.07
C ASN B 221 3.17 80.87 42.53
N GLY B 222 2.16 80.86 41.67
CA GLY B 222 1.72 82.06 40.98
C GLY B 222 2.18 82.17 39.56
N SER B 223 2.84 81.14 39.03
CA SER B 223 3.19 81.10 37.62
C SER B 223 2.45 80.01 36.86
N VAL B 224 1.53 79.31 37.51
CA VAL B 224 0.74 78.26 36.89
C VAL B 224 -0.70 78.41 37.35
N ALA B 225 -1.64 78.32 36.41
CA ALA B 225 -3.06 78.44 36.74
C ALA B 225 -3.89 77.62 35.77
N LEU B 226 -4.95 77.01 36.29
CA LEU B 226 -5.90 76.26 35.48
C LEU B 226 -7.19 77.04 35.33
N ALA B 227 -7.72 77.09 34.11
CA ALA B 227 -9.05 77.62 33.92
C ALA B 227 -10.07 76.71 34.57
N ALA B 228 -11.31 77.17 34.62
CA ALA B 228 -12.35 76.45 35.36
C ALA B 228 -13.25 75.59 34.47
N THR B 229 -13.01 75.53 33.16
CA THR B 229 -13.91 74.85 32.26
C THR B 229 -13.14 73.93 31.32
N ALA B 230 -13.88 73.13 30.56
CA ALA B 230 -13.34 72.26 29.55
C ALA B 230 -13.74 72.75 28.16
N GLU B 231 -12.87 72.54 27.19
CA GLU B 231 -13.09 73.03 25.83
C GLU B 231 -12.99 71.88 24.86
N LYS B 232 -13.51 72.08 23.65
CA LYS B 232 -13.58 71.03 22.64
C LYS B 232 -12.91 71.47 21.35
N ASP B 233 -12.19 70.55 20.72
CA ASP B 233 -11.44 70.80 19.50
C ASP B 233 -12.29 70.48 18.28
N ASP B 234 -11.66 70.35 17.11
CA ASP B 234 -12.38 70.14 15.87
C ASP B 234 -13.06 68.78 15.78
N ASN B 235 -12.67 67.81 16.60
CA ASN B 235 -13.23 66.47 16.50
C ASN B 235 -14.04 66.09 17.72
N GLY B 236 -14.47 67.06 18.52
CA GLY B 236 -15.24 66.74 19.71
C GLY B 236 -14.47 66.01 20.78
N ASN B 237 -13.22 66.38 21.03
CA ASN B 237 -12.52 65.88 22.20
C ASN B 237 -12.43 66.96 23.25
N TRP B 238 -12.28 66.54 24.50
CA TRP B 238 -12.37 67.44 25.65
C TRP B 238 -10.99 67.63 26.24
N TYR B 239 -10.63 68.88 26.52
CA TYR B 239 -9.31 69.21 27.00
C TYR B 239 -9.38 70.19 28.16
N ALA B 240 -8.28 70.29 28.89
CA ALA B 240 -8.08 71.30 29.91
C ALA B 240 -7.01 72.28 29.44
N THR B 241 -6.83 73.37 30.17
CA THR B 241 -5.89 74.41 29.76
C THR B 241 -5.05 74.89 30.95
N VAL B 242 -3.76 75.06 30.72
CA VAL B 242 -2.81 75.49 31.73
C VAL B 242 -1.98 76.63 31.17
N THR B 243 -1.84 77.70 31.94
CA THR B 243 -1.14 78.91 31.50
C THR B 243 0.10 79.15 32.34
N ILE B 244 1.23 79.37 31.68
CA ILE B 244 2.53 79.45 32.33
C ILE B 244 3.17 80.78 32.01
N THR B 245 3.65 81.48 33.04
CA THR B 245 4.36 82.75 32.86
C THR B 245 5.65 82.71 33.65
N ALA B 246 6.73 83.17 33.04
CA ALA B 246 8.04 83.16 33.68
C ALA B 246 8.30 84.49 34.35
N GLY B 247 9.16 84.48 35.38
CA GLY B 247 9.47 85.68 36.10
C GLY B 247 10.86 86.22 35.86
N SER B 248 11.81 85.34 35.62
CA SER B 248 13.18 85.74 35.37
C SER B 248 13.88 84.65 34.57
N ALA B 249 15.11 84.94 34.17
CA ALA B 249 15.82 84.04 33.25
C ALA B 249 15.98 82.65 33.86
N THR B 250 16.27 82.57 35.15
CA THR B 250 16.50 81.27 35.76
C THR B 250 15.28 80.38 35.62
N GLU B 251 14.08 80.95 35.76
CA GLU B 251 12.87 80.15 35.57
C GLU B 251 12.81 79.59 34.16
N VAL B 252 13.17 80.41 33.17
CA VAL B 252 13.19 79.95 31.79
C VAL B 252 14.16 78.78 31.64
N SER B 253 15.34 78.90 32.22
CA SER B 253 16.33 77.84 32.07
C SER B 253 15.88 76.55 32.72
N THR B 254 15.27 76.64 33.90
CA THR B 254 14.78 75.42 34.54
C THR B 254 13.67 74.79 33.71
N LEU B 255 12.73 75.60 33.22
CA LEU B 255 11.64 75.04 32.44
C LEU B 255 12.17 74.35 31.19
N LYS B 256 13.14 74.97 30.52
CA LYS B 256 13.74 74.35 29.35
C LYS B 256 14.43 73.05 29.71
N ALA B 257 15.16 73.04 30.83
CA ALA B 257 15.82 71.82 31.27
C ALA B 257 14.82 70.74 31.67
N LYS B 258 13.55 71.10 31.87
CA LYS B 258 12.55 70.09 32.18
C LYS B 258 11.63 69.79 31.00
N GLY B 259 11.80 70.47 29.87
CA GLY B 259 11.14 70.06 28.65
C GLY B 259 10.11 71.01 28.07
N PHE B 260 9.93 72.19 28.65
CA PHE B 260 8.97 73.17 28.18
C PHE B 260 9.69 74.42 27.70
N GLU B 261 9.23 75.00 26.61
CA GLU B 261 9.86 76.17 26.01
C GLU B 261 8.94 77.37 26.14
N VAL B 262 9.49 78.51 26.55
CA VAL B 262 8.70 79.71 26.77
C VAL B 262 9.66 80.88 26.87
N GLU B 263 9.14 82.09 26.67
CA GLU B 263 9.89 83.32 26.89
C GLU B 263 9.31 84.07 28.09
N ASN B 264 10.17 84.77 28.82
CA ASN B 264 9.76 85.40 30.06
C ASN B 264 8.78 86.54 29.79
N GLY B 265 7.81 86.69 30.70
CA GLY B 265 6.86 87.77 30.60
C GLY B 265 5.79 87.58 29.55
N VAL B 266 5.71 86.41 28.92
CA VAL B 266 4.73 86.12 27.89
C VAL B 266 4.02 84.82 28.24
N ALA B 267 2.70 84.86 28.30
CA ALA B 267 1.95 83.67 28.63
C ALA B 267 1.94 82.69 27.47
N LYS B 268 1.77 81.41 27.78
CA LYS B 268 1.64 80.37 26.78
C LYS B 268 0.72 79.29 27.33
N GLU B 269 0.11 78.53 26.42
CA GLU B 269 -0.92 77.57 26.80
C GLU B 269 -0.51 76.15 26.43
N PHE B 270 -0.83 75.22 27.31
CA PHE B 270 -0.65 73.80 27.08
C PHE B 270 -1.97 73.12 27.41
N TYR B 271 -2.14 71.88 26.94
CA TYR B 271 -3.41 71.20 27.06
C TYR B 271 -3.25 69.83 27.68
N ILE B 272 -4.29 69.35 28.33
CA ILE B 272 -4.33 68.03 28.92
C ILE B 272 -5.64 67.36 28.54
N ALA B 273 -5.58 66.10 28.14
CA ALA B 273 -6.77 65.40 27.67
C ALA B 273 -7.65 64.98 28.84
N LEU B 274 -8.91 64.68 28.54
CA LEU B 274 -9.89 64.27 29.53
C LEU B 274 -10.70 63.10 29.00
N ASP B 275 -11.59 62.59 29.85
CA ASP B 275 -12.52 61.53 29.49
C ASP B 275 -13.89 61.87 30.07
N PRO B 276 -14.93 62.03 29.26
CA PRO B 276 -16.23 62.42 29.81
C PRO B 276 -16.92 61.32 30.57
N GLN B 277 -16.39 60.11 30.55
CA GLN B 277 -17.03 59.00 31.25
C GLN B 277 -16.53 58.82 32.67
N SER B 278 -15.51 59.56 33.09
CA SER B 278 -14.99 59.46 34.44
C SER B 278 -15.36 60.66 35.29
N ALA B 279 -16.31 61.48 34.84
CA ALA B 279 -16.67 62.67 35.59
C ALA B 279 -17.42 62.31 36.85
N ASP B 280 -17.50 63.27 37.76
CA ASP B 280 -18.33 63.14 38.95
C ASP B 280 -19.61 63.93 38.73
N VAL B 281 -20.74 63.25 38.76
CA VAL B 281 -21.95 63.82 38.18
C VAL B 281 -23.12 63.75 39.15
N THR B 282 -22.96 63.03 40.26
CA THR B 282 -24.05 62.89 41.21
C THR B 282 -23.91 63.80 42.43
N THR B 283 -22.75 64.41 42.63
CA THR B 283 -22.56 65.28 43.79
C THR B 283 -23.44 66.52 43.69
N THR B 284 -23.40 67.19 42.55
CA THR B 284 -24.10 68.47 42.37
C THR B 284 -24.79 68.45 41.02
N ALA B 285 -26.09 68.22 41.02
CA ALA B 285 -26.83 68.09 39.77
C ALA B 285 -26.67 69.35 38.92
N GLY B 286 -26.38 69.14 37.64
CA GLY B 286 -26.12 70.25 36.74
C GLY B 286 -24.66 70.60 36.56
N THR B 287 -23.74 69.74 36.99
CA THR B 287 -22.32 70.03 36.88
C THR B 287 -21.54 68.73 36.86
N ALA B 288 -20.72 68.55 35.83
CA ALA B 288 -19.77 67.46 35.76
C ALA B 288 -18.41 67.99 36.16
N ALA B 289 -17.90 67.53 37.30
CA ALA B 289 -16.68 68.06 37.88
C ALA B 289 -15.55 67.06 37.73
N PHE B 290 -14.40 67.54 37.28
CA PHE B 290 -13.19 66.73 37.13
C PHE B 290 -12.19 67.17 38.17
N ALA B 291 -11.41 66.22 38.68
CA ALA B 291 -10.34 66.51 39.62
C ALA B 291 -9.08 65.82 39.11
N LEU B 292 -8.11 66.61 38.66
CA LEU B 292 -6.88 66.06 38.11
C LEU B 292 -5.94 65.64 39.23
N ASP B 293 -5.28 64.49 39.05
CA ASP B 293 -4.23 64.06 39.97
C ASP B 293 -2.89 64.53 39.42
N THR B 294 -2.69 65.84 39.50
CA THR B 294 -1.53 66.44 38.85
C THR B 294 -0.22 66.15 39.56
N ALA B 295 -0.27 65.57 40.76
CA ALA B 295 0.96 65.28 41.47
C ALA B 295 1.74 64.11 40.88
N ASN B 296 1.08 63.24 40.11
CA ASN B 296 1.72 62.04 39.60
C ASN B 296 1.63 61.87 38.09
N ILE B 297 0.89 62.73 37.38
CA ILE B 297 0.75 62.56 35.95
C ILE B 297 2.11 62.74 35.29
N GLN B 298 2.35 62.00 34.23
CA GLN B 298 3.64 62.04 33.57
C GLN B 298 3.84 63.35 32.82
N LEU B 299 5.01 63.96 33.00
CA LEU B 299 5.27 65.25 32.39
C LEU B 299 5.43 65.18 30.88
N SER B 300 5.20 64.03 30.27
CA SER B 300 5.22 63.96 28.81
C SER B 300 3.83 64.11 28.20
N SER B 301 2.79 64.26 29.02
CA SER B 301 1.44 64.34 28.52
C SER B 301 0.88 65.75 28.55
N ILE B 302 1.72 66.75 28.80
CA ILE B 302 1.28 68.15 28.76
C ILE B 302 1.82 68.73 27.46
N THR B 303 0.97 68.78 26.45
CA THR B 303 1.39 69.05 25.09
C THR B 303 0.87 70.40 24.60
N SER B 304 1.49 70.88 23.53
CA SER B 304 1.04 72.08 22.85
C SER B 304 0.09 71.73 21.71
N GLY B 305 -0.22 72.69 20.85
CA GLY B 305 -1.12 72.44 19.74
C GLY B 305 -0.44 71.85 18.53
N ALA B 306 -1.19 70.99 17.82
CA ALA B 306 -0.65 70.33 16.65
C ALA B 306 -0.60 71.28 15.46
N SER B 307 0.48 71.21 14.69
CA SER B 307 0.62 72.08 13.54
C SER B 307 -0.36 71.68 12.45
N SER B 308 -0.48 72.54 11.44
CA SER B 308 -1.39 72.28 10.34
C SER B 308 -0.63 72.23 9.02
N ASN B 309 -1.10 71.36 8.12
CA ASN B 309 -0.50 71.15 6.81
C ASN B 309 0.97 70.80 6.93
N PRO B 310 1.32 69.68 7.56
CA PRO B 310 2.74 69.43 7.83
C PRO B 310 3.57 69.10 6.59
N LEU B 311 3.05 68.21 5.73
CA LEU B 311 3.87 67.68 4.65
C LEU B 311 4.30 68.76 3.68
N ALA B 312 3.46 69.77 3.47
CA ALA B 312 3.89 70.91 2.67
C ALA B 312 5.10 71.61 3.27
N LYS B 313 5.09 71.78 4.59
CA LYS B 313 6.21 72.43 5.25
C LYS B 313 7.49 71.62 5.08
N LEU B 314 7.39 70.30 5.25
CA LEU B 314 8.59 69.48 5.09
C LEU B 314 9.14 69.58 3.67
N ASP B 315 8.27 69.55 2.67
CA ASP B 315 8.75 69.66 1.30
C ASP B 315 9.43 71.00 1.06
N ALA B 316 8.88 72.08 1.60
CA ALA B 316 9.54 73.37 1.43
C ALA B 316 10.94 73.37 2.03
N ALA B 317 11.10 72.76 3.21
CA ALA B 317 12.42 72.70 3.82
C ALA B 317 13.41 71.96 2.94
N LEU B 318 13.01 70.79 2.43
CA LEU B 318 13.90 70.03 1.55
C LEU B 318 14.30 70.87 0.34
N ALA B 319 13.36 71.65 -0.21
CA ALA B 319 13.69 72.48 -1.35
C ALA B 319 14.78 73.49 -1.01
N ASP B 320 14.69 74.12 0.16
CA ASP B 320 15.70 75.10 0.52
C ASP B 320 17.09 74.47 0.61
N VAL B 321 17.16 73.31 1.26
CA VAL B 321 18.45 72.63 1.37
C VAL B 321 19.04 72.36 -0.01
N ASP B 322 18.22 71.84 -0.92
CA ASP B 322 18.73 71.50 -2.25
C ASP B 322 19.25 72.73 -2.98
N THR B 323 18.55 73.85 -2.85
CA THR B 323 19.01 75.08 -3.50
C THR B 323 20.41 75.47 -3.04
N LEU B 324 20.64 75.42 -1.72
CA LEU B 324 21.97 75.78 -1.24
C LEU B 324 23.04 74.84 -1.79
N ARG B 325 22.76 73.53 -1.78
CA ARG B 325 23.77 72.59 -2.28
C ARG B 325 24.11 72.87 -3.73
N SER B 326 23.11 73.16 -4.55
CA SER B 326 23.39 73.46 -5.96
C SER B 326 24.32 74.65 -6.09
N SER B 327 24.08 75.71 -5.30
CA SER B 327 24.97 76.86 -5.41
C SER B 327 26.41 76.49 -5.10
N LEU B 328 26.61 75.70 -4.04
CA LEU B 328 27.99 75.34 -3.68
C LEU B 328 28.67 74.52 -4.76
N GLY B 329 27.94 73.60 -5.38
CA GLY B 329 28.52 72.83 -6.48
C GLY B 329 28.96 73.73 -7.62
N ALA B 330 28.12 74.70 -7.98
CA ALA B 330 28.52 75.64 -9.02
C ALA B 330 29.84 76.33 -8.67
N VAL B 331 29.99 76.74 -7.40
CA VAL B 331 31.21 77.43 -7.00
C VAL B 331 32.43 76.55 -7.21
N GLN B 332 32.36 75.29 -6.77
CA GLN B 332 33.54 74.43 -6.88
C GLN B 332 33.93 74.21 -8.34
N ASN B 333 32.93 73.94 -9.18
CA ASN B 333 33.23 73.77 -10.59
C ASN B 333 33.90 75.00 -11.17
N ARG B 334 33.50 76.19 -10.72
CA ARG B 334 34.21 77.39 -11.18
C ARG B 334 35.65 77.41 -10.69
N PHE B 335 35.89 77.02 -9.45
CA PHE B 335 37.24 77.14 -8.90
C PHE B 335 38.26 76.32 -9.64
N ASP B 336 37.88 75.11 -10.09
CA ASP B 336 38.90 74.22 -10.64
C ASP B 336 39.61 74.81 -11.88
N SER B 337 38.86 75.47 -12.76
CA SER B 337 39.45 76.07 -13.94
C SER B 337 40.49 77.10 -13.59
N VAL B 338 40.30 77.82 -12.48
CA VAL B 338 41.27 78.82 -12.07
C VAL B 338 42.62 78.17 -11.86
N ILE B 339 42.64 77.02 -11.20
CA ILE B 339 43.89 76.32 -10.93
C ILE B 339 44.57 75.95 -12.24
N SER B 340 43.81 75.39 -13.18
CA SER B 340 44.43 74.99 -14.45
C SER B 340 45.07 76.19 -15.15
N ASN B 341 44.32 77.29 -15.21
CA ASN B 341 44.81 78.49 -15.88
C ASN B 341 46.08 79.03 -15.23
N LEU B 342 46.09 79.07 -13.90
CA LEU B 342 47.26 79.61 -13.21
C LEU B 342 48.49 78.78 -13.50
N GLY B 343 48.35 77.46 -13.49
CA GLY B 343 49.51 76.63 -13.79
C GLY B 343 50.11 76.93 -15.15
N THR B 344 49.26 76.93 -16.19
CA THR B 344 49.81 77.18 -17.52
C THR B 344 50.46 78.56 -17.59
N THR B 345 49.80 79.56 -17.00
CA THR B 345 50.30 80.91 -17.13
C THR B 345 51.68 81.04 -16.50
N VAL B 346 51.87 80.48 -15.31
CA VAL B 346 53.15 80.65 -14.65
C VAL B 346 54.25 79.95 -15.43
N THR B 347 53.96 78.78 -16.03
CA THR B 347 54.98 78.15 -16.86
C THR B 347 55.40 79.06 -18.02
N ASN B 348 54.42 79.66 -18.69
CA ASN B 348 54.76 80.49 -19.84
C ASN B 348 55.60 81.70 -19.42
N LEU B 349 55.22 82.36 -18.32
CA LEU B 349 55.98 83.52 -17.89
C LEU B 349 57.40 83.13 -17.51
N SER B 350 57.56 81.98 -16.88
CA SER B 350 58.90 81.51 -16.55
C SER B 350 59.75 81.37 -17.79
N ALA B 351 59.18 80.76 -18.84
CA ALA B 351 59.96 80.57 -20.07
C ALA B 351 60.38 81.90 -20.67
N SER B 352 59.49 82.88 -20.68
CA SER B 352 59.83 84.18 -21.26
C SER B 352 60.92 84.88 -20.46
N ARG B 353 60.83 84.88 -19.13
CA ARG B 353 61.88 85.54 -18.35
C ARG B 353 63.21 84.83 -18.52
N SER B 354 63.19 83.50 -18.64
CA SER B 354 64.41 82.77 -18.93
C SER B 354 65.03 83.22 -20.23
N ARG B 355 64.22 83.38 -21.27
CA ARG B 355 64.77 83.83 -22.54
C ARG B 355 65.36 85.22 -22.41
N ILE B 356 64.80 86.06 -21.54
CA ILE B 356 65.35 87.40 -21.37
C ILE B 356 66.70 87.36 -20.67
N GLN B 357 66.80 86.62 -19.56
CA GLN B 357 67.83 86.88 -18.56
C GLN B 357 69.00 85.90 -18.56
N ASP B 358 68.80 84.63 -18.92
CA ASP B 358 69.78 83.59 -18.65
C ASP B 358 70.94 83.62 -19.62
N ALA B 359 71.99 82.87 -19.28
CA ALA B 359 73.28 82.91 -19.96
C ALA B 359 73.55 81.58 -20.65
N ASP B 360 74.08 81.65 -21.88
CA ASP B 360 74.54 80.47 -22.59
C ASP B 360 75.87 79.99 -22.01
N TYR B 361 76.33 78.83 -22.45
CA TYR B 361 77.71 78.42 -22.20
C TYR B 361 78.57 78.24 -23.45
N ALA B 362 78.01 77.82 -24.58
CA ALA B 362 78.87 77.58 -25.73
C ALA B 362 79.63 78.83 -26.14
N THR B 363 78.93 79.97 -26.23
CA THR B 363 79.60 81.21 -26.59
C THR B 363 80.59 81.64 -25.54
N GLU B 364 80.25 81.45 -24.27
CA GLU B 364 81.17 81.84 -23.21
C GLU B 364 82.45 81.04 -23.26
N VAL B 365 82.34 79.74 -23.49
CA VAL B 365 83.53 78.89 -23.56
C VAL B 365 84.41 79.34 -24.72
N SER B 366 83.81 79.59 -25.88
CA SER B 366 84.60 80.06 -27.00
C SER B 366 85.30 81.38 -26.68
N ASN B 367 84.57 82.31 -26.06
CA ASN B 367 85.17 83.60 -25.72
C ASN B 367 86.33 83.44 -24.76
N MET B 368 86.19 82.57 -23.77
CA MET B 368 87.25 82.38 -22.78
C MET B 368 88.51 81.85 -23.43
N THR B 369 88.38 80.83 -24.29
CA THR B 369 89.56 80.27 -24.93
C THR B 369 90.25 81.32 -25.80
N ARG B 370 89.47 82.00 -26.65
CA ARG B 370 90.04 83.01 -27.52
C ARG B 370 90.74 84.10 -26.72
N ALA B 371 90.14 84.50 -25.59
CA ALA B 371 90.75 85.55 -24.79
C ALA B 371 92.07 85.10 -24.18
N GLN B 372 92.13 83.86 -23.69
CA GLN B 372 93.36 83.41 -23.05
C GLN B 372 94.53 83.35 -24.04
N ILE B 373 94.26 82.91 -25.26
CA ILE B 373 95.36 82.77 -26.21
C ILE B 373 96.04 84.11 -26.47
N LEU B 374 95.25 85.17 -26.68
CA LEU B 374 95.83 86.48 -26.93
C LEU B 374 96.65 86.96 -25.74
N GLN B 375 96.19 86.65 -24.54
CA GLN B 375 96.95 87.02 -23.34
C GLN B 375 98.36 86.42 -23.40
N GLN B 376 98.44 85.13 -23.69
CA GLN B 376 99.76 84.50 -23.75
C GLN B 376 100.64 85.12 -24.83
N ALA B 377 100.10 85.25 -26.03
CA ALA B 377 100.91 85.79 -27.13
C ALA B 377 101.37 87.21 -26.81
N GLY B 378 100.51 88.01 -26.19
CA GLY B 378 100.88 89.36 -25.87
C GLY B 378 102.01 89.42 -24.87
N THR B 379 101.96 88.57 -23.84
CA THR B 379 103.05 88.60 -22.86
C THR B 379 104.38 88.20 -23.52
N SER B 380 104.36 87.18 -24.37
CA SER B 380 105.61 86.78 -25.02
C SER B 380 106.17 87.89 -25.89
N VAL B 381 105.33 88.54 -26.69
CA VAL B 381 105.85 89.59 -27.55
C VAL B 381 106.29 90.80 -26.71
N LEU B 382 105.66 91.02 -25.55
CA LEU B 382 106.10 92.13 -24.70
C LEU B 382 107.51 91.90 -24.19
N ALA B 383 107.81 90.66 -23.78
CA ALA B 383 109.20 90.37 -23.44
C ALA B 383 110.11 90.60 -24.63
N GLN B 384 109.68 90.15 -25.82
CA GLN B 384 110.50 90.31 -27.02
C GLN B 384 110.74 91.77 -27.35
N ALA B 385 109.82 92.65 -26.97
CA ALA B 385 109.97 94.06 -27.27
C ALA B 385 110.85 94.75 -26.24
N ASN B 386 110.69 94.42 -24.97
CA ASN B 386 111.54 95.01 -23.94
C ASN B 386 112.99 94.63 -24.16
N GLN B 387 113.24 93.42 -24.67
CA GLN B 387 114.62 92.99 -24.92
C GLN B 387 115.28 93.74 -26.07
N THR B 388 114.52 94.54 -26.83
CA THR B 388 115.01 95.04 -28.11
C THR B 388 116.23 95.93 -27.98
N THR B 389 116.22 96.87 -27.02
CA THR B 389 117.23 97.93 -27.01
C THR B 389 118.61 97.43 -26.60
N GLN B 390 118.78 96.15 -26.31
CA GLN B 390 120.09 95.61 -25.97
C GLN B 390 121.10 95.82 -27.09
N ASN B 391 120.62 95.93 -28.32
CA ASN B 391 121.53 96.00 -29.46
C ASN B 391 122.44 97.22 -29.36
N VAL B 392 121.94 98.32 -28.82
CA VAL B 392 122.65 99.59 -28.92
C VAL B 392 123.98 99.55 -28.18
N LEU B 393 124.08 98.70 -27.17
CA LEU B 393 125.29 98.71 -26.35
C LEU B 393 126.50 98.22 -27.12
N SER B 394 126.29 97.31 -28.07
CA SER B 394 127.41 96.77 -28.83
C SER B 394 128.08 97.83 -29.69
N LEU B 395 127.42 98.98 -29.87
CA LEU B 395 128.01 100.05 -30.67
C LEU B 395 129.29 100.58 -30.05
N LEU B 396 129.31 100.73 -28.73
CA LEU B 396 130.47 101.28 -28.05
C LEU B 396 131.03 100.28 -27.04
N ALA C 2 23.42 -19.60 1.50
CA ALA C 2 23.98 -18.58 0.65
C ALA C 2 22.91 -17.99 -0.26
N GLN C 3 22.89 -16.69 -0.40
CA GLN C 3 21.90 -16.00 -1.21
C GLN C 3 22.24 -16.22 -2.68
N VAL C 4 21.59 -17.21 -3.29
CA VAL C 4 21.69 -17.44 -4.72
C VAL C 4 20.31 -17.22 -5.33
N ILE C 5 20.28 -16.57 -6.48
CA ILE C 5 19.03 -16.33 -7.18
C ILE C 5 18.89 -17.17 -8.42
N ASN C 6 19.88 -17.99 -8.74
CA ASN C 6 19.78 -18.82 -9.93
C ASN C 6 18.74 -19.92 -9.76
N THR C 7 18.78 -20.65 -8.65
CA THR C 7 17.84 -21.73 -8.40
C THR C 7 17.25 -21.59 -7.02
N ASN C 8 15.96 -21.85 -6.90
CA ASN C 8 15.24 -21.78 -5.63
C ASN C 8 14.71 -23.15 -5.28
N SER C 9 15.34 -23.80 -4.30
CA SER C 9 15.02 -25.17 -3.98
C SER C 9 13.99 -25.33 -2.87
N LEU C 10 13.30 -24.25 -2.48
CA LEU C 10 12.17 -24.40 -1.57
C LEU C 10 10.86 -24.52 -2.33
N SER C 11 10.70 -23.70 -3.36
CA SER C 11 9.54 -23.85 -4.22
C SER C 11 9.50 -25.24 -4.83
N LEU C 12 10.66 -25.82 -5.14
CA LEU C 12 10.67 -27.17 -5.67
C LEU C 12 10.08 -28.16 -4.67
N MET C 13 10.47 -28.04 -3.41
CA MET C 13 9.93 -28.93 -2.39
C MET C 13 8.43 -28.76 -2.26
N THR C 14 7.96 -27.52 -2.21
CA THR C 14 6.54 -27.29 -2.03
C THR C 14 5.73 -27.82 -3.21
N GLN C 15 6.22 -27.59 -4.42
CA GLN C 15 5.54 -28.11 -5.61
C GLN C 15 5.46 -29.63 -5.55
N ASN C 16 6.59 -30.28 -5.29
CA ASN C 16 6.59 -31.74 -5.19
C ASN C 16 5.72 -32.21 -4.03
N ASN C 17 5.38 -31.31 -3.13
CA ASN C 17 4.65 -31.73 -1.95
C ASN C 17 3.14 -31.59 -2.14
N LEU C 18 2.68 -30.71 -3.03
CA LEU C 18 1.22 -30.54 -3.20
C LEU C 18 0.55 -31.78 -3.79
N ASN C 19 1.28 -32.54 -4.61
CA ASN C 19 0.67 -33.62 -5.36
C ASN C 19 0.07 -34.68 -4.45
N THR C 20 0.75 -34.97 -3.34
CA THR C 20 0.31 -36.05 -2.48
C THR C 20 -0.98 -35.68 -1.76
N SER C 21 -1.29 -34.39 -1.68
CA SER C 21 -2.60 -33.99 -1.19
C SER C 21 -3.65 -34.09 -2.27
N GLN C 22 -3.32 -33.63 -3.48
CA GLN C 22 -4.29 -33.70 -4.56
C GLN C 22 -4.79 -35.12 -4.76
N SER C 23 -3.89 -36.11 -4.66
CA SER C 23 -4.32 -37.48 -4.94
C SER C 23 -5.43 -37.92 -3.99
N ALA C 24 -5.25 -37.67 -2.70
CA ALA C 24 -6.27 -38.04 -1.73
C ALA C 24 -7.56 -37.28 -1.98
N LEU C 25 -7.44 -36.01 -2.37
CA LEU C 25 -8.65 -35.25 -2.69
C LEU C 25 -9.42 -35.92 -3.81
N ASN C 26 -8.69 -36.37 -4.84
CA ASN C 26 -9.33 -36.98 -5.99
C ASN C 26 -10.08 -38.24 -5.60
N THR C 27 -9.42 -39.13 -4.86
CA THR C 27 -10.11 -40.37 -4.48
C THR C 27 -11.32 -40.09 -3.61
N ALA C 28 -11.19 -39.15 -2.66
CA ALA C 28 -12.32 -38.85 -1.78
C ALA C 28 -13.52 -38.32 -2.56
N ILE C 29 -13.29 -37.39 -3.49
CA ILE C 29 -14.40 -36.87 -4.27
C ILE C 29 -15.02 -37.97 -5.12
N GLN C 30 -14.17 -38.83 -5.69
CA GLN C 30 -14.70 -39.90 -6.54
C GLN C 30 -15.65 -40.80 -5.77
N ARG C 31 -15.23 -41.28 -4.59
CA ARG C 31 -16.02 -42.28 -3.90
C ARG C 31 -17.38 -41.73 -3.51
N LEU C 32 -17.43 -40.49 -3.03
CA LEU C 32 -18.69 -39.94 -2.53
C LEU C 32 -19.74 -39.89 -3.64
N SER C 33 -19.38 -39.32 -4.79
CA SER C 33 -20.34 -39.21 -5.88
C SER C 33 -20.72 -40.58 -6.42
N SER C 34 -19.75 -41.47 -6.58
CA SER C 34 -20.07 -42.77 -7.18
C SER C 34 -21.11 -43.53 -6.35
N GLY C 35 -20.92 -43.56 -5.04
CA GLY C 35 -21.81 -44.31 -4.18
C GLY C 35 -21.25 -45.62 -3.68
N LEU C 36 -20.04 -46.01 -4.07
CA LEU C 36 -19.45 -47.24 -3.56
C LEU C 36 -17.93 -47.13 -3.54
N ARG C 37 -17.30 -48.20 -3.06
CA ARG C 37 -15.91 -48.12 -2.61
C ARG C 37 -14.94 -48.60 -3.68
N ILE C 38 -15.28 -49.65 -4.40
CA ILE C 38 -14.38 -50.30 -5.34
C ILE C 38 -14.79 -49.85 -6.74
N ASN C 39 -14.13 -48.81 -7.25
CA ASN C 39 -14.42 -48.31 -8.59
C ASN C 39 -13.51 -48.90 -9.66
N SER C 40 -12.56 -49.74 -9.31
CA SER C 40 -11.69 -50.35 -10.31
C SER C 40 -11.04 -51.58 -9.68
N ALA C 41 -10.17 -52.21 -10.44
CA ALA C 41 -9.38 -53.28 -9.86
C ALA C 41 -8.17 -52.74 -9.11
N LYS C 42 -7.93 -51.42 -9.20
CA LYS C 42 -6.79 -50.82 -8.54
C LYS C 42 -6.94 -50.85 -7.02
N ASP C 43 -8.16 -50.69 -6.53
CA ASP C 43 -8.36 -50.61 -5.08
C ASP C 43 -7.91 -51.90 -4.39
N ASP C 44 -8.39 -53.04 -4.85
CA ASP C 44 -7.81 -54.33 -4.47
C ASP C 44 -8.41 -55.40 -5.38
N ALA C 45 -7.59 -56.36 -5.78
CA ALA C 45 -8.03 -57.31 -6.80
C ALA C 45 -8.99 -58.34 -6.23
N ALA C 46 -8.69 -58.88 -5.06
CA ALA C 46 -9.42 -60.05 -4.58
C ALA C 46 -10.88 -59.72 -4.30
N GLY C 47 -11.15 -58.57 -3.71
CA GLY C 47 -12.52 -58.23 -3.34
C GLY C 47 -13.44 -58.14 -4.54
N GLN C 48 -12.93 -57.58 -5.65
CA GLN C 48 -13.75 -57.45 -6.85
C GLN C 48 -14.23 -58.81 -7.35
N ALA C 49 -13.33 -59.79 -7.39
CA ALA C 49 -13.71 -61.11 -7.87
C ALA C 49 -14.80 -61.73 -7.00
N ILE C 50 -14.64 -61.66 -5.68
CA ILE C 50 -15.60 -62.30 -4.78
C ILE C 50 -16.95 -61.62 -4.89
N ALA C 51 -16.96 -60.29 -4.96
CA ALA C 51 -18.22 -59.58 -5.13
C ALA C 51 -18.90 -59.99 -6.42
N ASN C 52 -18.10 -60.20 -7.47
CA ASN C 52 -18.66 -60.65 -8.74
C ASN C 52 -19.32 -62.00 -8.61
N ARG C 53 -18.69 -62.92 -7.88
CA ARG C 53 -19.28 -64.25 -7.76
C ARG C 53 -20.44 -64.27 -6.78
N PHE C 54 -20.55 -63.27 -5.89
CA PHE C 54 -21.79 -63.11 -5.14
C PHE C 54 -22.92 -62.66 -6.05
N THR C 55 -22.63 -61.69 -6.92
CA THR C 55 -23.63 -61.14 -7.82
C THR C 55 -24.18 -62.21 -8.75
N ALA C 56 -23.28 -63.05 -9.29
CA ALA C 56 -23.71 -64.08 -10.22
C ALA C 56 -24.78 -64.98 -9.59
N ASN C 57 -24.55 -65.43 -8.36
CA ASN C 57 -25.47 -66.36 -7.75
C ASN C 57 -26.75 -65.67 -7.31
N ILE C 58 -26.67 -64.40 -6.89
CA ILE C 58 -27.90 -63.69 -6.58
C ILE C 58 -28.82 -63.65 -7.80
N LYS C 59 -28.26 -63.25 -8.95
CA LYS C 59 -29.06 -63.15 -10.15
C LYS C 59 -29.63 -64.50 -10.56
N GLY C 60 -28.81 -65.56 -10.49
CA GLY C 60 -29.33 -66.87 -10.85
C GLY C 60 -30.47 -67.31 -9.95
N LEU C 61 -30.29 -67.16 -8.63
CA LEU C 61 -31.29 -67.62 -7.68
C LEU C 61 -32.61 -66.91 -7.89
N THR C 62 -32.57 -65.62 -8.23
CA THR C 62 -33.82 -64.88 -8.35
C THR C 62 -34.74 -65.51 -9.40
N GLN C 63 -34.18 -65.93 -10.53
CA GLN C 63 -35.01 -66.53 -11.58
C GLN C 63 -35.36 -67.98 -11.23
N ALA C 64 -34.44 -68.66 -10.54
CA ALA C 64 -34.78 -69.99 -10.03
C ALA C 64 -36.00 -69.91 -9.13
N GLN C 65 -36.21 -68.75 -8.49
CA GLN C 65 -37.36 -68.58 -7.62
C GLN C 65 -38.66 -68.53 -8.42
N ARG C 66 -38.62 -68.02 -9.65
CA ARG C 66 -39.81 -67.96 -10.48
C ARG C 66 -40.16 -69.34 -11.06
N ASN C 67 -39.14 -70.14 -11.37
CA ASN C 67 -39.44 -71.45 -11.93
C ASN C 67 -40.32 -72.28 -11.00
N ALA C 68 -40.10 -72.17 -9.70
CA ALA C 68 -40.93 -72.90 -8.76
C ALA C 68 -42.38 -72.45 -8.85
N ASN C 69 -42.61 -71.16 -9.03
CA ASN C 69 -43.98 -70.66 -9.15
C ASN C 69 -44.65 -71.26 -10.38
N ASP C 70 -43.90 -71.37 -11.47
CA ASP C 70 -44.44 -72.10 -12.62
C ASP C 70 -44.89 -73.51 -12.23
N GLY C 71 -44.04 -74.22 -11.49
CA GLY C 71 -44.40 -75.57 -11.10
C GLY C 71 -45.65 -75.64 -10.24
N ILE C 72 -45.76 -74.72 -9.27
CA ILE C 72 -46.95 -74.71 -8.41
C ILE C 72 -48.20 -74.48 -9.24
N SER C 73 -48.12 -73.56 -10.19
CA SER C 73 -49.27 -73.27 -11.02
C SER C 73 -49.71 -74.48 -11.81
N LEU C 74 -48.75 -75.20 -12.41
CA LEU C 74 -49.11 -76.40 -13.17
C LEU C 74 -49.82 -77.42 -12.28
N ALA C 75 -49.23 -77.68 -11.12
CA ALA C 75 -49.83 -78.65 -10.21
C ALA C 75 -51.23 -78.23 -9.83
N GLN C 76 -51.42 -76.94 -9.56
CA GLN C 76 -52.73 -76.46 -9.16
C GLN C 76 -53.76 -76.66 -10.26
N THR C 77 -53.36 -76.41 -11.51
CA THR C 77 -54.32 -76.50 -12.60
C THR C 77 -54.82 -77.93 -12.79
N THR C 78 -53.95 -78.93 -12.62
CA THR C 78 -54.40 -80.30 -12.87
C THR C 78 -55.52 -80.75 -11.91
N GLU C 79 -55.48 -80.30 -10.66
CA GLU C 79 -56.43 -80.74 -9.65
C GLU C 79 -57.87 -80.39 -10.02
N GLY C 80 -58.09 -79.18 -10.52
CA GLY C 80 -59.43 -78.78 -10.91
C GLY C 80 -59.98 -79.69 -11.98
N ALA C 81 -59.14 -80.15 -12.88
CA ALA C 81 -59.59 -81.11 -13.87
C ALA C 81 -60.01 -82.42 -13.22
N LEU C 82 -59.23 -82.90 -12.26
CA LEU C 82 -59.53 -84.23 -11.71
C LEU C 82 -60.81 -84.25 -10.87
N THR C 83 -61.16 -83.10 -10.28
CA THR C 83 -62.36 -83.07 -9.45
C THR C 83 -63.60 -83.58 -10.21
N GLU C 84 -63.79 -83.11 -11.44
CA GLU C 84 -65.01 -83.44 -12.18
C GLU C 84 -65.03 -84.91 -12.59
N VAL C 85 -63.86 -85.48 -12.90
CA VAL C 85 -63.78 -86.91 -13.14
C VAL C 85 -64.29 -87.67 -11.93
N ASN C 86 -63.85 -87.26 -10.75
CA ASN C 86 -64.32 -87.93 -9.55
C ASN C 86 -65.83 -87.79 -9.41
N ASN C 87 -66.34 -86.59 -9.64
CA ASN C 87 -67.77 -86.36 -9.45
C ASN C 87 -68.60 -87.19 -10.41
N ASN C 88 -68.08 -87.49 -11.59
CA ASN C 88 -68.83 -88.32 -12.54
C ASN C 88 -68.81 -89.79 -12.13
N LEU C 89 -67.65 -90.28 -11.68
CA LEU C 89 -67.59 -91.68 -11.25
C LEU C 89 -68.52 -91.93 -10.07
N GLN C 90 -68.59 -90.98 -9.15
CA GLN C 90 -69.49 -91.11 -8.00
C GLN C 90 -70.91 -91.42 -8.46
N ARG C 91 -71.37 -90.74 -9.52
CA ARG C 91 -72.75 -90.91 -9.95
C ARG C 91 -72.91 -92.20 -10.74
N ILE C 92 -71.88 -92.59 -11.51
CA ILE C 92 -72.01 -93.84 -12.26
C ILE C 92 -72.23 -95.01 -11.31
N ARG C 93 -71.45 -95.06 -10.22
CA ARG C 93 -71.59 -96.17 -9.30
C ARG C 93 -73.01 -96.25 -8.74
N GLU C 94 -73.55 -95.10 -8.35
CA GLU C 94 -74.86 -95.09 -7.74
C GLU C 94 -75.94 -95.49 -8.73
N LEU C 95 -75.83 -95.05 -9.99
CA LEU C 95 -76.79 -95.50 -11.00
C LEU C 95 -76.71 -97.00 -11.18
N SER C 96 -75.49 -97.55 -11.17
CA SER C 96 -75.36 -98.99 -11.33
C SER C 96 -75.97 -99.73 -10.15
N VAL C 97 -76.03 -99.10 -8.98
CA VAL C 97 -76.72 -99.73 -7.85
C VAL C 97 -78.21 -99.92 -8.18
N GLN C 98 -78.80 -98.97 -8.89
CA GLN C 98 -80.24 -99.02 -9.12
C GLN C 98 -80.61 -100.14 -10.07
N ALA C 99 -79.68 -100.54 -10.94
CA ALA C 99 -80.01 -101.48 -11.99
C ALA C 99 -79.91 -102.94 -11.55
N ALA C 100 -79.55 -103.21 -10.31
CA ALA C 100 -79.38 -104.59 -9.88
C ALA C 100 -80.64 -105.22 -9.31
N THR C 101 -81.63 -104.43 -8.95
CA THR C 101 -82.88 -104.98 -8.44
C THR C 101 -83.61 -105.74 -9.53
N GLY C 102 -84.32 -106.80 -9.15
CA GLY C 102 -85.01 -107.62 -10.12
C GLY C 102 -86.41 -107.16 -10.46
N SER C 103 -86.72 -105.90 -10.13
CA SER C 103 -88.08 -105.42 -10.37
C SER C 103 -88.20 -104.74 -11.73
N ASN C 104 -87.14 -104.13 -12.23
CA ASN C 104 -87.23 -103.25 -13.38
C ASN C 104 -87.66 -104.00 -14.64
N SER C 105 -88.25 -103.27 -15.58
CA SER C 105 -88.50 -103.80 -16.91
C SER C 105 -87.50 -103.24 -17.92
N ALA C 106 -87.56 -103.74 -19.15
CA ALA C 106 -86.49 -103.52 -20.10
C ALA C 106 -86.31 -102.04 -20.43
N SER C 107 -87.41 -101.33 -20.64
CA SER C 107 -87.33 -99.91 -20.99
C SER C 107 -86.57 -99.14 -19.93
N ASP C 108 -86.79 -99.48 -18.65
CA ASP C 108 -86.10 -98.81 -17.57
C ASP C 108 -84.60 -99.05 -17.66
N LEU C 109 -84.21 -100.29 -17.96
CA LEU C 109 -82.79 -100.58 -18.11
C LEU C 109 -82.19 -99.75 -19.22
N GLN C 110 -82.87 -99.65 -20.35
CA GLN C 110 -82.35 -98.86 -21.45
C GLN C 110 -82.17 -97.42 -21.04
N SER C 111 -83.15 -96.87 -20.32
CA SER C 111 -83.09 -95.49 -19.90
C SER C 111 -81.89 -95.23 -19.00
N ILE C 112 -81.62 -96.15 -18.08
CA ILE C 112 -80.47 -95.98 -17.19
C ILE C 112 -79.17 -96.04 -17.98
N GLN C 113 -79.08 -97.00 -18.90
CA GLN C 113 -77.86 -97.16 -19.67
C GLN C 113 -77.56 -95.93 -20.49
N ASP C 114 -78.60 -95.21 -20.90
CA ASP C 114 -78.37 -93.97 -21.66
C ASP C 114 -77.54 -92.96 -20.87
N GLU C 115 -77.96 -92.66 -19.65
CA GLU C 115 -77.22 -91.68 -18.87
C GLU C 115 -75.83 -92.20 -18.53
N ILE C 116 -75.69 -93.50 -18.33
CA ILE C 116 -74.34 -94.02 -18.11
C ILE C 116 -73.47 -93.72 -19.32
N LYS C 117 -74.04 -93.86 -20.52
CA LYS C 117 -73.29 -93.56 -21.73
C LYS C 117 -72.79 -92.13 -21.74
N GLN C 118 -73.67 -91.17 -21.43
CA GLN C 118 -73.23 -89.77 -21.49
C GLN C 118 -72.09 -89.49 -20.53
N ARG C 119 -72.20 -90.01 -19.31
CA ARG C 119 -71.16 -89.80 -18.30
C ARG C 119 -69.83 -90.34 -18.76
N LEU C 120 -69.83 -91.53 -19.38
CA LEU C 120 -68.56 -92.07 -19.84
C LEU C 120 -67.89 -91.15 -20.85
N GLU C 121 -68.66 -90.57 -21.76
CA GLU C 121 -68.08 -89.69 -22.78
C GLU C 121 -67.46 -88.45 -22.16
N GLU C 122 -68.08 -87.94 -21.10
CA GLU C 122 -67.56 -86.70 -20.52
C GLU C 122 -66.10 -86.86 -20.09
N ILE C 123 -65.76 -88.00 -19.49
CA ILE C 123 -64.38 -88.24 -19.05
C ILE C 123 -63.43 -88.20 -20.22
N ASN C 124 -63.76 -88.95 -21.28
CA ASN C 124 -62.90 -89.02 -22.45
C ASN C 124 -62.68 -87.65 -23.04
N ARG C 125 -63.70 -86.80 -23.00
CA ARG C 125 -63.52 -85.45 -23.53
C ARG C 125 -62.60 -84.62 -22.65
N VAL C 126 -62.86 -84.60 -21.35
CA VAL C 126 -62.11 -83.70 -20.48
C VAL C 126 -60.64 -84.10 -20.45
N SER C 127 -60.32 -85.36 -20.73
CA SER C 127 -58.92 -85.74 -20.77
C SER C 127 -58.24 -85.18 -22.01
N GLU C 128 -59.02 -84.84 -23.04
CA GLU C 128 -58.44 -84.37 -24.29
C GLU C 128 -58.36 -82.85 -24.34
N GLN C 129 -59.36 -82.16 -23.78
CA GLN C 129 -59.42 -80.72 -23.95
C GLN C 129 -58.43 -79.99 -23.05
N THR C 130 -58.27 -80.43 -21.81
CA THR C 130 -57.51 -79.66 -20.83
C THR C 130 -56.07 -79.49 -21.27
N GLN C 131 -55.50 -78.31 -21.02
CA GLN C 131 -54.11 -78.07 -21.36
C GLN C 131 -53.62 -76.81 -20.65
N PHE C 132 -52.34 -76.80 -20.32
CA PHE C 132 -51.69 -75.66 -19.68
C PHE C 132 -50.48 -75.27 -20.52
N ASN C 133 -50.57 -74.11 -21.16
CA ASN C 133 -49.48 -73.59 -21.99
C ASN C 133 -49.02 -74.61 -23.02
N GLY C 134 -49.97 -75.15 -23.78
CA GLY C 134 -49.64 -76.03 -24.88
C GLY C 134 -49.24 -77.43 -24.49
N VAL C 135 -49.61 -77.90 -23.30
CA VAL C 135 -49.27 -79.24 -22.85
C VAL C 135 -50.54 -79.91 -22.33
N LYS C 136 -50.92 -81.02 -22.94
CA LYS C 136 -52.02 -81.84 -22.41
C LYS C 136 -51.46 -82.66 -21.26
N VAL C 137 -51.76 -82.24 -20.03
CA VAL C 137 -51.15 -82.87 -18.87
C VAL C 137 -51.70 -84.28 -18.66
N LEU C 138 -52.98 -84.48 -18.91
CA LEU C 138 -53.65 -85.74 -18.56
C LEU C 138 -53.70 -86.76 -19.69
N ALA C 139 -52.73 -86.76 -20.61
CA ALA C 139 -52.89 -87.59 -21.80
C ALA C 139 -51.63 -88.31 -22.23
N LYS C 140 -50.52 -88.19 -21.52
CA LYS C 140 -49.26 -88.66 -22.06
C LYS C 140 -48.54 -89.71 -21.23
N ASP C 141 -48.65 -89.66 -19.91
CA ASP C 141 -47.94 -90.62 -19.03
C ASP C 141 -46.43 -90.48 -19.16
N THR C 142 -45.90 -89.32 -18.79
CA THR C 142 -44.46 -89.10 -18.77
C THR C 142 -44.12 -88.11 -17.68
N LYS C 143 -42.82 -87.93 -17.46
CA LYS C 143 -42.29 -87.18 -16.31
C LYS C 143 -41.49 -85.99 -16.78
N MET C 144 -41.85 -84.81 -16.29
CA MET C 144 -41.20 -83.55 -16.65
C MET C 144 -40.67 -82.87 -15.39
N ASN C 145 -39.49 -82.27 -15.49
CA ASN C 145 -38.72 -81.89 -14.32
C ASN C 145 -38.37 -80.41 -14.33
N ILE C 146 -38.98 -79.66 -13.42
CA ILE C 146 -38.61 -78.27 -13.20
C ILE C 146 -37.15 -78.18 -12.79
N GLN C 147 -36.55 -77.01 -12.98
CA GLN C 147 -35.23 -76.72 -12.44
C GLN C 147 -35.29 -75.55 -11.50
N VAL C 148 -34.89 -75.78 -10.25
CA VAL C 148 -34.75 -74.76 -9.23
C VAL C 148 -33.31 -74.79 -8.74
N GLY C 149 -32.62 -73.66 -8.83
CA GLY C 149 -31.23 -73.65 -8.44
C GLY C 149 -30.32 -73.00 -9.45
N ALA C 150 -29.08 -72.72 -9.06
CA ALA C 150 -28.19 -71.89 -9.85
C ALA C 150 -27.02 -72.65 -10.47
N ASN C 151 -27.04 -73.97 -10.44
CA ASN C 151 -26.01 -74.76 -11.11
C ASN C 151 -26.67 -75.85 -11.92
N ASP C 152 -25.86 -76.78 -12.42
CA ASP C 152 -26.40 -77.80 -13.31
C ASP C 152 -27.01 -78.95 -12.52
N GLY C 153 -28.04 -79.55 -13.09
CA GLY C 153 -28.66 -80.73 -12.50
C GLY C 153 -29.34 -80.50 -11.16
N GLU C 154 -30.27 -79.55 -11.10
CA GLU C 154 -31.00 -79.24 -9.87
C GLU C 154 -32.48 -79.54 -9.99
N ILE C 155 -32.83 -80.70 -10.53
CA ILE C 155 -34.17 -80.94 -11.02
C ILE C 155 -35.07 -81.53 -9.94
N ILE C 156 -36.37 -81.28 -10.09
CA ILE C 156 -37.42 -81.91 -9.30
C ILE C 156 -38.49 -82.40 -10.26
N ALA C 157 -38.81 -83.69 -10.19
CA ALA C 157 -39.60 -84.34 -11.22
C ALA C 157 -41.08 -84.33 -10.84
N ILE C 158 -41.94 -84.39 -11.85
CA ILE C 158 -43.38 -84.43 -11.67
C ILE C 158 -43.93 -85.57 -12.52
N ASP C 159 -44.89 -86.33 -11.99
CA ASP C 159 -45.15 -87.68 -12.50
C ASP C 159 -46.17 -87.70 -13.64
N LEU C 160 -47.39 -87.21 -13.41
CA LEU C 160 -48.35 -86.97 -14.48
C LEU C 160 -48.72 -88.24 -15.26
N LYS C 161 -49.45 -89.15 -14.60
CA LYS C 161 -49.99 -90.29 -15.33
C LYS C 161 -51.13 -89.88 -16.26
N GLU C 162 -51.71 -90.87 -16.92
CA GLU C 162 -52.61 -90.65 -18.06
C GLU C 162 -53.92 -91.38 -17.88
N ILE C 163 -55.03 -90.68 -18.13
CA ILE C 163 -56.36 -91.12 -17.70
C ILE C 163 -57.34 -91.03 -18.87
N THR C 164 -57.97 -92.15 -19.20
CA THR C 164 -59.05 -92.21 -20.18
C THR C 164 -60.05 -93.23 -19.69
N ALA C 165 -61.10 -93.43 -20.47
CA ALA C 165 -62.05 -94.49 -20.15
C ALA C 165 -61.40 -95.86 -20.30
N LYS C 166 -60.56 -96.03 -21.32
CA LYS C 166 -59.99 -97.35 -21.59
C LYS C 166 -58.96 -97.72 -20.53
N THR C 167 -58.19 -96.75 -20.06
CA THR C 167 -57.11 -97.06 -19.13
C THR C 167 -57.65 -97.60 -17.80
N LEU C 168 -58.74 -97.05 -17.29
CA LEU C 168 -59.31 -97.49 -16.03
C LEU C 168 -60.04 -98.82 -16.14
N GLY C 169 -60.22 -99.33 -17.35
CA GLY C 169 -60.89 -100.60 -17.54
C GLY C 169 -62.39 -100.52 -17.72
N LEU C 170 -62.91 -99.37 -18.14
CA LEU C 170 -64.34 -99.17 -18.22
C LEU C 170 -64.86 -99.16 -19.65
N ASP C 171 -64.03 -99.53 -20.63
CA ASP C 171 -64.47 -99.55 -22.01
C ASP C 171 -65.52 -100.63 -22.21
N GLY C 172 -66.51 -100.33 -23.04
CA GLY C 172 -67.53 -101.31 -23.33
C GLY C 172 -68.27 -101.77 -22.10
N PHE C 173 -68.62 -100.85 -21.22
CA PHE C 173 -69.25 -101.16 -19.95
C PHE C 173 -70.71 -100.76 -20.03
N ASN C 174 -71.61 -101.69 -19.70
CA ASN C 174 -73.02 -101.38 -19.76
C ASN C 174 -73.82 -102.40 -18.99
N VAL C 175 -75.07 -102.05 -18.75
CA VAL C 175 -76.09 -102.97 -18.28
C VAL C 175 -77.11 -103.12 -19.40
N SER C 176 -78.11 -103.97 -19.16
CA SER C 176 -79.26 -104.20 -20.02
C SER C 176 -78.94 -105.06 -21.24
N GLY C 177 -77.68 -105.40 -21.48
CA GLY C 177 -77.35 -106.23 -22.62
C GLY C 177 -77.56 -105.51 -23.94
N PRO C 178 -77.39 -106.22 -25.05
CA PRO C 178 -77.50 -105.56 -26.35
C PRO C 178 -78.95 -105.26 -26.70
N LYS C 179 -79.15 -104.56 -27.82
CA LYS C 179 -80.51 -104.19 -28.20
C LYS C 179 -81.14 -105.15 -29.20
N GLY C 180 -80.35 -105.99 -29.88
CA GLY C 180 -80.89 -106.97 -30.79
C GLY C 180 -79.96 -108.16 -30.95
N THR C 181 -80.25 -108.96 -31.97
CA THR C 181 -79.33 -110.02 -32.32
C THR C 181 -78.14 -109.44 -33.09
N PRO C 182 -76.93 -109.62 -32.59
CA PRO C 182 -75.77 -108.98 -33.21
C PRO C 182 -75.48 -109.54 -34.61
N ALA C 183 -74.52 -108.91 -35.27
CA ALA C 183 -74.09 -109.28 -36.61
C ALA C 183 -72.56 -109.19 -36.67
N ALA C 184 -72.01 -109.52 -37.84
CA ALA C 184 -70.57 -109.72 -37.97
C ALA C 184 -69.81 -108.41 -37.85
N LEU C 185 -68.49 -108.51 -38.01
CA LEU C 185 -67.57 -107.39 -37.83
C LEU C 185 -67.04 -106.94 -39.19
N VAL C 186 -67.09 -105.63 -39.43
CA VAL C 186 -66.41 -105.05 -40.58
C VAL C 186 -65.09 -104.46 -40.11
N ALA C 187 -64.19 -104.18 -41.06
CA ALA C 187 -62.86 -103.72 -40.69
C ALA C 187 -62.88 -102.34 -40.07
N ALA C 188 -64.00 -101.63 -40.16
CA ALA C 188 -64.07 -100.29 -39.59
C ALA C 188 -63.94 -100.33 -38.07
N ASP C 189 -64.60 -101.28 -37.42
CA ASP C 189 -64.60 -101.28 -35.95
C ASP C 189 -63.25 -101.70 -35.39
N TYR C 190 -62.50 -102.52 -36.13
CA TYR C 190 -61.13 -102.79 -35.72
C TYR C 190 -60.33 -101.50 -35.63
N GLN C 191 -60.54 -100.59 -36.58
CA GLN C 191 -59.89 -99.29 -36.51
C GLN C 191 -60.37 -98.51 -35.29
N ALA C 192 -61.66 -98.56 -34.99
CA ALA C 192 -62.18 -97.85 -33.83
C ALA C 192 -61.58 -98.42 -32.54
N ALA C 193 -61.20 -99.69 -32.57
CA ALA C 193 -60.71 -100.32 -31.35
C ALA C 193 -59.21 -100.13 -31.18
N TYR C 194 -58.42 -100.53 -32.17
CA TYR C 194 -56.96 -100.63 -32.01
C TYR C 194 -56.18 -99.61 -32.83
N GLY C 195 -56.83 -98.57 -33.34
CA GLY C 195 -56.11 -97.54 -34.06
C GLY C 195 -56.33 -97.63 -35.56
N THR C 196 -56.16 -96.48 -36.22
CA THR C 196 -56.52 -96.39 -37.63
C THR C 196 -55.55 -97.14 -38.52
N THR C 197 -54.35 -97.40 -38.04
CA THR C 197 -53.35 -98.12 -38.81
C THR C 197 -53.15 -99.54 -38.32
N THR C 198 -54.13 -100.10 -37.61
CA THR C 198 -53.95 -101.41 -37.02
C THR C 198 -53.94 -102.48 -38.09
N ASN C 199 -53.53 -103.68 -37.70
CA ASN C 199 -53.50 -104.81 -38.60
C ASN C 199 -54.34 -105.98 -38.13
N VAL C 200 -55.04 -105.84 -36.99
CA VAL C 200 -55.86 -106.94 -36.50
C VAL C 200 -57.21 -106.95 -37.20
N THR C 201 -57.57 -108.10 -37.76
CA THR C 201 -58.78 -108.22 -38.55
C THR C 201 -59.62 -109.46 -38.26
N THR C 202 -59.09 -110.46 -37.57
CA THR C 202 -59.85 -111.67 -37.28
C THR C 202 -59.72 -111.98 -35.79
N THR C 203 -60.83 -112.38 -35.19
CA THR C 203 -60.87 -112.68 -33.76
C THR C 203 -61.48 -114.05 -33.54
N ALA C 204 -60.89 -114.81 -32.61
CA ALA C 204 -61.37 -116.15 -32.27
C ALA C 204 -61.28 -116.33 -30.77
N VAL C 205 -62.32 -116.90 -30.17
CA VAL C 205 -62.45 -116.97 -28.71
C VAL C 205 -62.51 -118.43 -28.28
N THR C 206 -61.72 -118.78 -27.28
CA THR C 206 -61.72 -120.12 -26.70
C THR C 206 -61.59 -120.00 -25.19
N GLU C 207 -62.08 -121.01 -24.49
CA GLU C 207 -62.15 -120.95 -23.03
C GLU C 207 -60.83 -121.37 -22.41
N SER C 208 -60.59 -120.91 -21.17
CA SER C 208 -59.28 -121.08 -20.55
C SER C 208 -59.10 -122.48 -19.96
N SER C 209 -59.90 -122.84 -18.96
CA SER C 209 -59.74 -124.11 -18.25
C SER C 209 -60.83 -125.09 -18.67
N ALA C 210 -60.41 -126.22 -19.22
CA ALA C 210 -61.28 -127.05 -20.04
C ALA C 210 -62.58 -127.40 -19.33
N ASN C 211 -63.69 -127.17 -20.02
CA ASN C 211 -65.05 -127.56 -19.60
C ASN C 211 -65.30 -127.26 -18.13
N ALA C 212 -64.71 -126.17 -17.63
CA ALA C 212 -64.96 -125.76 -16.25
C ALA C 212 -66.41 -125.30 -16.08
N LEU C 213 -67.00 -124.74 -17.14
CA LEU C 213 -68.37 -124.25 -17.03
C LEU C 213 -69.35 -125.40 -16.77
N ALA C 214 -69.10 -126.56 -17.39
CA ALA C 214 -69.94 -127.71 -17.11
C ALA C 214 -69.84 -128.13 -15.65
N GLY C 215 -68.63 -128.09 -15.09
CA GLY C 215 -68.46 -128.43 -13.69
C GLY C 215 -69.15 -127.46 -12.76
N ARG C 216 -69.03 -126.16 -13.03
CA ARG C 216 -69.70 -125.17 -12.19
C ARG C 216 -71.21 -125.27 -12.32
N LEU C 217 -71.70 -125.59 -13.52
CA LEU C 217 -73.12 -125.78 -13.75
C LEU C 217 -73.63 -127.12 -13.27
N GLY C 218 -72.75 -128.11 -13.13
CA GLY C 218 -73.17 -129.42 -12.68
C GLY C 218 -74.07 -130.17 -13.64
N VAL C 219 -73.73 -130.16 -14.93
CA VAL C 219 -74.45 -130.93 -15.92
C VAL C 219 -73.45 -131.73 -16.74
N ALA C 220 -73.97 -132.46 -17.72
CA ALA C 220 -73.13 -133.28 -18.58
C ALA C 220 -72.19 -132.42 -19.41
N ASN C 221 -71.05 -132.99 -19.79
CA ASN C 221 -70.03 -132.21 -20.49
C ASN C 221 -70.51 -131.77 -21.87
N GLY C 222 -71.27 -132.62 -22.56
CA GLY C 222 -71.72 -132.30 -23.90
C GLY C 222 -72.92 -131.38 -23.97
N SER C 223 -73.41 -130.92 -22.81
CA SER C 223 -74.62 -130.10 -22.80
C SER C 223 -74.38 -128.73 -23.41
N VAL C 224 -73.22 -128.14 -23.14
CA VAL C 224 -72.94 -126.75 -23.50
C VAL C 224 -71.89 -126.71 -24.60
N ALA C 225 -71.92 -125.65 -25.41
CA ALA C 225 -70.94 -125.42 -26.47
C ALA C 225 -70.66 -123.93 -26.58
N LEU C 226 -69.42 -123.59 -26.93
CA LEU C 226 -68.98 -122.21 -26.99
C LEU C 226 -68.85 -121.77 -28.44
N ALA C 227 -69.35 -120.58 -28.75
CA ALA C 227 -69.26 -120.06 -30.10
C ALA C 227 -67.82 -119.75 -30.47
N ALA C 228 -67.52 -119.84 -31.77
CA ALA C 228 -66.14 -119.70 -32.22
C ALA C 228 -65.68 -118.25 -32.21
N THR C 229 -66.52 -117.32 -32.67
CA THR C 229 -66.09 -115.96 -32.95
C THR C 229 -67.06 -114.96 -32.33
N ALA C 230 -66.55 -113.75 -32.12
CA ALA C 230 -67.37 -112.68 -31.55
C ALA C 230 -68.33 -112.12 -32.58
N GLU C 231 -69.36 -111.44 -32.10
CA GLU C 231 -70.38 -110.84 -32.93
C GLU C 231 -70.77 -109.49 -32.34
N LYS C 232 -70.91 -108.50 -33.19
CA LYS C 232 -71.09 -107.12 -32.72
C LYS C 232 -72.56 -106.74 -32.72
N ASP C 233 -72.98 -106.05 -31.66
CA ASP C 233 -74.37 -105.69 -31.51
C ASP C 233 -74.68 -104.45 -32.35
N ASP C 234 -75.85 -103.85 -32.11
CA ASP C 234 -76.31 -102.75 -32.94
C ASP C 234 -75.85 -101.40 -32.40
N ASN C 235 -75.44 -101.33 -31.14
CA ASN C 235 -74.88 -100.11 -30.57
C ASN C 235 -73.36 -100.14 -30.46
N GLY C 236 -72.71 -101.17 -30.98
CA GLY C 236 -71.27 -101.16 -31.11
C GLY C 236 -70.48 -101.87 -30.04
N ASN C 237 -71.13 -102.63 -29.16
CA ASN C 237 -70.42 -103.43 -28.18
C ASN C 237 -70.30 -104.86 -28.69
N TRP C 238 -69.36 -105.62 -28.12
CA TRP C 238 -69.12 -106.97 -28.60
C TRP C 238 -69.66 -107.99 -27.60
N TYR C 239 -69.86 -109.21 -28.08
CA TYR C 239 -70.39 -110.28 -27.26
C TYR C 239 -69.93 -111.62 -27.80
N ALA C 240 -70.09 -112.66 -26.99
CA ALA C 240 -69.89 -114.03 -27.43
C ALA C 240 -71.19 -114.79 -27.21
N THR C 241 -71.22 -116.06 -27.59
CA THR C 241 -72.47 -116.81 -27.57
C THR C 241 -72.29 -118.17 -26.91
N VAL C 242 -73.22 -118.51 -26.02
CA VAL C 242 -73.32 -119.84 -25.44
C VAL C 242 -74.74 -120.35 -25.63
N THR C 243 -74.87 -121.62 -25.96
CA THR C 243 -76.17 -122.26 -26.15
C THR C 243 -76.23 -123.50 -25.28
N ILE C 244 -77.44 -123.83 -24.82
CA ILE C 244 -77.66 -124.92 -23.88
C ILE C 244 -78.82 -125.76 -24.39
N THR C 245 -78.71 -127.08 -24.25
CA THR C 245 -79.82 -127.98 -24.53
C THR C 245 -79.87 -129.03 -23.44
N ALA C 246 -80.98 -129.08 -22.71
CA ALA C 246 -81.10 -129.99 -21.58
C ALA C 246 -80.99 -131.44 -22.04
N GLY C 247 -80.19 -132.22 -21.33
CA GLY C 247 -80.01 -133.62 -21.70
C GLY C 247 -81.17 -134.50 -21.26
N SER C 248 -81.56 -134.40 -19.99
CA SER C 248 -82.59 -135.28 -19.45
C SER C 248 -83.36 -134.52 -18.37
N ALA C 249 -84.53 -135.07 -18.04
CA ALA C 249 -85.47 -134.34 -17.19
C ALA C 249 -84.93 -134.12 -15.79
N THR C 250 -83.95 -134.92 -15.38
CA THR C 250 -83.43 -134.77 -14.02
C THR C 250 -82.60 -133.51 -13.88
N GLU C 251 -81.92 -133.09 -14.96
CA GLU C 251 -80.98 -131.98 -14.87
C GLU C 251 -81.56 -130.66 -15.40
N VAL C 252 -82.68 -130.69 -16.10
CA VAL C 252 -83.36 -129.44 -16.41
C VAL C 252 -83.83 -128.76 -15.13
N SER C 253 -84.27 -129.56 -14.15
CA SER C 253 -84.60 -129.02 -12.85
C SER C 253 -83.35 -128.46 -12.17
N THR C 254 -82.21 -129.11 -12.36
CA THR C 254 -80.95 -128.57 -11.84
C THR C 254 -80.67 -127.19 -12.41
N LEU C 255 -80.76 -127.05 -13.73
CA LEU C 255 -80.51 -125.77 -14.35
C LEU C 255 -81.50 -124.72 -13.87
N LYS C 256 -82.78 -125.09 -13.75
CA LYS C 256 -83.78 -124.14 -13.29
C LYS C 256 -83.49 -123.69 -11.86
N ALA C 257 -83.01 -124.61 -11.02
CA ALA C 257 -82.57 -124.23 -9.69
C ALA C 257 -81.42 -123.23 -9.78
N LYS C 258 -80.50 -123.44 -10.71
CA LYS C 258 -79.41 -122.48 -10.89
C LYS C 258 -79.94 -121.14 -11.39
N GLY C 259 -81.08 -121.15 -12.07
CA GLY C 259 -81.72 -119.91 -12.50
C GLY C 259 -81.73 -119.66 -14.00
N PHE C 260 -81.63 -120.69 -14.84
CA PHE C 260 -81.49 -120.46 -16.27
C PHE C 260 -82.78 -120.74 -17.03
N GLU C 261 -83.57 -121.72 -16.59
CA GLU C 261 -84.91 -121.97 -17.12
C GLU C 261 -84.88 -122.28 -18.62
N VAL C 262 -84.27 -123.41 -18.97
CA VAL C 262 -84.20 -123.85 -20.34
C VAL C 262 -85.28 -124.90 -20.58
N GLU C 263 -85.74 -125.00 -21.83
CA GLU C 263 -86.66 -126.05 -22.23
C GLU C 263 -85.91 -127.38 -22.38
N ASN C 264 -86.65 -128.46 -22.28
CA ASN C 264 -86.09 -129.80 -22.43
C ASN C 264 -85.90 -130.09 -23.91
N GLY C 265 -84.66 -130.36 -24.31
CA GLY C 265 -84.38 -130.83 -25.65
C GLY C 265 -84.37 -129.78 -26.73
N VAL C 266 -84.58 -128.51 -26.38
CA VAL C 266 -84.59 -127.42 -27.35
C VAL C 266 -83.51 -126.42 -26.92
N ALA C 267 -82.67 -126.01 -27.87
CA ALA C 267 -81.58 -125.13 -27.54
C ALA C 267 -82.07 -123.71 -27.26
N LYS C 268 -81.43 -123.07 -26.28
CA LYS C 268 -81.58 -121.65 -26.04
C LYS C 268 -80.18 -121.07 -25.96
N GLU C 269 -80.04 -119.82 -26.40
CA GLU C 269 -78.71 -119.23 -26.51
C GLU C 269 -78.60 -118.02 -25.59
N PHE C 270 -77.40 -117.84 -25.05
CA PHE C 270 -77.09 -116.75 -24.14
C PHE C 270 -75.75 -116.14 -24.50
N TYR C 271 -75.55 -114.90 -24.06
CA TYR C 271 -74.41 -114.10 -24.46
C TYR C 271 -73.56 -113.71 -23.27
N ILE C 272 -72.30 -113.39 -23.55
CA ILE C 272 -71.32 -113.02 -22.54
C ILE C 272 -70.61 -111.75 -23.00
N ALA C 273 -70.53 -110.76 -22.11
CA ALA C 273 -69.91 -109.50 -22.49
C ALA C 273 -68.41 -109.69 -22.69
N LEU C 274 -67.79 -108.68 -23.30
CA LEU C 274 -66.36 -108.70 -23.57
C LEU C 274 -65.79 -107.28 -23.48
N ASP C 275 -64.47 -107.21 -23.30
CA ASP C 275 -63.77 -105.94 -23.27
C ASP C 275 -62.64 -105.96 -24.29
N PRO C 276 -62.65 -105.07 -25.29
CA PRO C 276 -61.66 -105.17 -26.36
C PRO C 276 -60.22 -105.06 -25.89
N GLN C 277 -59.96 -104.27 -24.85
CA GLN C 277 -58.59 -103.99 -24.47
C GLN C 277 -57.86 -105.23 -23.97
N SER C 278 -58.59 -106.13 -23.30
CA SER C 278 -57.93 -107.24 -22.62
C SER C 278 -57.36 -108.26 -23.60
N ALA C 279 -57.77 -108.19 -24.87
CA ALA C 279 -57.34 -109.18 -25.84
C ALA C 279 -55.83 -109.12 -26.04
N ASP C 280 -55.21 -110.29 -26.21
CA ASP C 280 -53.78 -110.39 -26.42
C ASP C 280 -53.48 -110.59 -27.90
N VAL C 281 -52.66 -109.70 -28.46
CA VAL C 281 -52.44 -109.65 -29.89
C VAL C 281 -51.01 -109.95 -30.28
N THR C 282 -50.07 -109.94 -29.33
CA THR C 282 -48.67 -110.14 -29.69
C THR C 282 -48.38 -111.59 -29.99
N THR C 283 -49.25 -112.50 -29.55
CA THR C 283 -48.98 -113.93 -29.72
C THR C 283 -49.00 -114.34 -31.19
N THR C 284 -49.92 -113.77 -31.97
CA THR C 284 -50.07 -114.10 -33.38
C THR C 284 -50.45 -112.84 -34.14
N ALA C 285 -49.80 -112.61 -35.28
CA ALA C 285 -50.08 -111.42 -36.06
C ALA C 285 -51.48 -111.48 -36.64
N GLY C 286 -52.21 -110.38 -36.55
CA GLY C 286 -53.53 -110.29 -37.12
C GLY C 286 -54.60 -111.06 -36.38
N THR C 287 -54.35 -111.45 -35.13
CA THR C 287 -55.31 -112.21 -34.34
C THR C 287 -55.45 -111.57 -32.97
N ALA C 288 -56.69 -111.31 -32.56
CA ALA C 288 -57.00 -110.87 -31.20
C ALA C 288 -57.91 -111.92 -30.59
N ALA C 289 -57.33 -112.84 -29.84
CA ALA C 289 -58.05 -113.98 -29.30
C ALA C 289 -58.42 -113.70 -27.85
N PHE C 290 -59.70 -113.88 -27.53
CA PHE C 290 -60.17 -113.72 -26.16
C PHE C 290 -60.20 -115.08 -25.48
N ALA C 291 -59.68 -115.14 -24.26
CA ALA C 291 -59.67 -116.36 -23.46
C ALA C 291 -60.59 -116.14 -22.26
N LEU C 292 -61.84 -116.59 -22.39
CA LEU C 292 -62.80 -116.41 -21.32
C LEU C 292 -62.35 -117.13 -20.07
N ASP C 293 -62.61 -116.50 -18.92
CA ASP C 293 -62.31 -117.08 -17.61
C ASP C 293 -63.64 -117.42 -16.94
N THR C 294 -64.03 -118.67 -17.02
CA THR C 294 -65.31 -119.11 -16.47
C THR C 294 -65.16 -119.63 -15.04
N ALA C 295 -63.96 -119.57 -14.47
CA ALA C 295 -63.78 -120.04 -13.10
C ALA C 295 -64.59 -119.22 -12.12
N ASN C 296 -64.60 -117.90 -12.29
CA ASN C 296 -65.29 -117.00 -11.37
C ASN C 296 -65.99 -115.90 -12.15
N ILE C 297 -67.23 -116.16 -12.55
CA ILE C 297 -68.08 -115.19 -13.22
C ILE C 297 -69.45 -115.22 -12.56
N GLN C 298 -69.98 -114.04 -12.27
CA GLN C 298 -71.31 -113.95 -11.69
C GLN C 298 -72.35 -114.55 -12.63
N LEU C 299 -72.91 -115.69 -12.24
CA LEU C 299 -73.79 -116.42 -13.14
C LEU C 299 -75.06 -115.65 -13.45
N SER C 300 -75.41 -114.67 -12.62
CA SER C 300 -76.63 -113.91 -12.86
C SER C 300 -76.54 -113.14 -14.16
N SER C 301 -75.38 -112.57 -14.44
CA SER C 301 -75.22 -111.76 -15.65
C SER C 301 -75.36 -112.61 -16.91
N ILE C 302 -74.78 -113.81 -16.91
CA ILE C 302 -74.67 -114.60 -18.14
C ILE C 302 -76.04 -114.88 -18.75
N THR C 303 -77.06 -115.08 -17.91
CA THR C 303 -78.40 -115.23 -18.46
C THR C 303 -78.79 -114.02 -19.29
N SER C 304 -78.32 -112.84 -18.92
CA SER C 304 -78.63 -111.62 -19.67
C SER C 304 -77.43 -111.05 -20.41
N GLY C 305 -76.22 -111.23 -19.87
CA GLY C 305 -75.02 -110.77 -20.53
C GLY C 305 -74.77 -109.28 -20.41
N ALA C 306 -74.56 -108.78 -19.19
CA ALA C 306 -74.30 -107.37 -18.96
C ALA C 306 -73.15 -107.22 -17.95
N SER C 307 -71.91 -107.23 -18.47
CA SER C 307 -70.77 -106.72 -17.73
C SER C 307 -70.66 -107.30 -16.32
N SER C 308 -70.34 -108.58 -16.21
CA SER C 308 -70.36 -109.27 -14.93
C SER C 308 -69.50 -108.54 -13.89
N ASN C 309 -70.05 -108.41 -12.69
CA ASN C 309 -69.41 -107.84 -11.52
C ASN C 309 -69.01 -106.39 -11.73
N PRO C 310 -69.95 -105.47 -11.85
CA PRO C 310 -69.56 -104.06 -12.08
C PRO C 310 -69.16 -103.34 -10.81
N LEU C 311 -69.82 -103.65 -9.69
CA LEU C 311 -69.61 -102.87 -8.48
C LEU C 311 -68.19 -102.99 -7.98
N ALA C 312 -67.57 -104.15 -8.19
CA ALA C 312 -66.15 -104.27 -7.88
C ALA C 312 -65.30 -103.59 -8.94
N LYS C 313 -65.85 -103.40 -10.14
CA LYS C 313 -65.06 -102.88 -11.24
C LYS C 313 -64.89 -101.37 -11.15
N LEU C 314 -65.84 -100.68 -10.52
CA LEU C 314 -65.73 -99.23 -10.38
C LEU C 314 -64.64 -98.84 -9.37
N ASP C 315 -64.43 -99.70 -8.38
CA ASP C 315 -63.62 -99.31 -7.22
C ASP C 315 -62.16 -99.13 -7.61
N ALA C 316 -61.67 -99.96 -8.54
CA ALA C 316 -60.30 -99.81 -8.99
C ALA C 316 -60.07 -98.44 -9.60
N ALA C 317 -61.02 -97.97 -10.42
CA ALA C 317 -60.89 -96.66 -11.04
C ALA C 317 -60.90 -95.56 -9.99
N LEU C 318 -61.81 -95.66 -9.02
CA LEU C 318 -61.85 -94.64 -7.98
C LEU C 318 -60.52 -94.56 -7.24
N ALA C 319 -59.97 -95.70 -6.85
CA ALA C 319 -58.69 -95.71 -6.17
C ALA C 319 -57.60 -95.12 -7.04
N ASP C 320 -57.61 -95.45 -8.33
CA ASP C 320 -56.56 -94.97 -9.22
C ASP C 320 -56.59 -93.46 -9.35
N VAL C 321 -57.77 -92.85 -9.33
CA VAL C 321 -57.84 -91.39 -9.30
C VAL C 321 -57.24 -90.84 -8.01
N ASP C 322 -57.62 -91.43 -6.87
CA ASP C 322 -57.17 -90.90 -5.59
C ASP C 322 -55.65 -90.92 -5.47
N THR C 323 -55.03 -91.98 -5.99
CA THR C 323 -53.57 -92.09 -5.90
C THR C 323 -52.88 -90.88 -6.53
N LEU C 324 -53.24 -90.57 -7.77
CA LEU C 324 -52.61 -89.47 -8.47
C LEU C 324 -52.85 -88.15 -7.75
N ARG C 325 -54.07 -87.94 -7.23
CA ARG C 325 -54.33 -86.68 -6.54
C ARG C 325 -53.42 -86.53 -5.32
N SER C 326 -53.25 -87.61 -4.56
CA SER C 326 -52.39 -87.55 -3.39
C SER C 326 -50.96 -87.21 -3.77
N SER C 327 -50.46 -87.83 -4.85
CA SER C 327 -49.09 -87.54 -5.29
C SER C 327 -48.92 -86.06 -5.62
N LEU C 328 -49.92 -85.49 -6.32
CA LEU C 328 -49.81 -84.08 -6.70
C LEU C 328 -49.76 -83.17 -5.47
N GLY C 329 -50.60 -83.44 -4.48
CA GLY C 329 -50.55 -82.65 -3.25
C GLY C 329 -49.20 -82.74 -2.57
N ALA C 330 -48.64 -83.96 -2.52
CA ALA C 330 -47.32 -84.12 -1.93
C ALA C 330 -46.28 -83.24 -2.60
N VAL C 331 -46.25 -83.24 -3.93
CA VAL C 331 -45.25 -82.44 -4.64
C VAL C 331 -45.46 -80.95 -4.40
N GLN C 332 -46.72 -80.53 -4.32
CA GLN C 332 -47.01 -79.12 -4.04
C GLN C 332 -46.37 -78.68 -2.74
N ASN C 333 -46.43 -79.52 -1.70
CA ASN C 333 -45.83 -79.15 -0.43
C ASN C 333 -44.33 -78.86 -0.56
N ARG C 334 -43.63 -79.71 -1.29
CA ARG C 334 -42.19 -79.56 -1.46
C ARG C 334 -41.85 -78.26 -2.18
N PHE C 335 -42.60 -77.95 -3.24
CA PHE C 335 -42.40 -76.65 -3.88
C PHE C 335 -42.67 -75.51 -2.90
N ASP C 336 -43.58 -75.72 -1.97
CA ASP C 336 -43.84 -74.70 -0.96
C ASP C 336 -42.60 -74.44 -0.13
N SER C 337 -41.91 -75.50 0.27
CA SER C 337 -40.72 -75.34 1.11
C SER C 337 -39.59 -74.61 0.38
N VAL C 338 -39.37 -74.96 -0.89
CA VAL C 338 -38.18 -74.47 -1.60
C VAL C 338 -38.14 -72.94 -1.64
N ILE C 339 -39.29 -72.31 -1.89
CA ILE C 339 -39.35 -70.87 -2.04
C ILE C 339 -38.92 -70.18 -0.76
N SER C 340 -39.44 -70.65 0.38
CA SER C 340 -39.08 -70.08 1.65
C SER C 340 -37.59 -70.21 1.90
N ASN C 341 -37.01 -71.35 1.52
CA ASN C 341 -35.55 -71.48 1.65
C ASN C 341 -34.82 -70.40 0.85
N LEU C 342 -35.15 -70.31 -0.44
CA LEU C 342 -34.40 -69.43 -1.33
C LEU C 342 -34.53 -67.99 -0.88
N GLY C 343 -35.71 -67.59 -0.42
CA GLY C 343 -35.92 -66.20 -0.04
C GLY C 343 -34.96 -65.74 1.04
N THR C 344 -34.72 -66.57 2.04
CA THR C 344 -33.80 -66.19 3.10
C THR C 344 -32.37 -66.17 2.61
N THR C 345 -32.00 -67.16 1.80
CA THR C 345 -30.61 -67.19 1.33
C THR C 345 -30.24 -65.92 0.56
N VAL C 346 -31.18 -65.39 -0.23
CA VAL C 346 -30.88 -64.23 -1.05
C VAL C 346 -30.54 -63.02 -0.19
N THR C 347 -31.35 -62.78 0.85
CA THR C 347 -31.07 -61.67 1.74
C THR C 347 -29.71 -61.81 2.39
N ASN C 348 -29.39 -63.03 2.84
CA ASN C 348 -28.10 -63.23 3.49
C ASN C 348 -26.95 -62.90 2.55
N LEU C 349 -27.03 -63.38 1.32
CA LEU C 349 -25.96 -63.13 0.36
C LEU C 349 -25.86 -61.66 0.00
N SER C 350 -26.99 -60.96 -0.12
CA SER C 350 -26.95 -59.53 -0.44
C SER C 350 -26.24 -58.74 0.65
N ALA C 351 -26.59 -59.00 1.91
CA ALA C 351 -25.91 -58.29 2.99
C ALA C 351 -24.42 -58.59 2.99
N SER C 352 -24.06 -59.86 2.83
CA SER C 352 -22.66 -60.24 2.86
C SER C 352 -21.88 -59.57 1.73
N ARG C 353 -22.47 -59.48 0.55
CA ARG C 353 -21.81 -58.77 -0.54
C ARG C 353 -21.63 -57.31 -0.19
N SER C 354 -22.68 -56.67 0.31
CA SER C 354 -22.60 -55.24 0.56
C SER C 354 -21.48 -54.90 1.53
N ARG C 355 -21.20 -55.81 2.46
CA ARG C 355 -20.15 -55.51 3.43
C ARG C 355 -18.80 -55.25 2.76
N ILE C 356 -18.61 -55.74 1.53
CA ILE C 356 -17.28 -55.70 0.92
C ILE C 356 -17.07 -54.42 0.12
N GLN C 357 -18.12 -53.90 -0.53
CA GLN C 357 -17.94 -52.90 -1.55
C GLN C 357 -18.70 -51.60 -1.37
N ASP C 358 -18.84 -51.07 -0.16
CA ASP C 358 -19.68 -49.90 0.00
C ASP C 358 -18.90 -48.70 0.52
N ALA C 359 -19.53 -47.53 0.42
CA ALA C 359 -18.92 -46.31 0.95
C ALA C 359 -19.17 -46.21 2.44
N ASP C 360 -18.79 -45.07 3.02
CA ASP C 360 -19.03 -44.90 4.45
C ASP C 360 -19.84 -43.63 4.74
N TYR C 361 -19.51 -42.53 4.06
CA TYR C 361 -20.21 -41.26 4.22
C TYR C 361 -19.99 -40.63 5.59
N ALA C 362 -19.31 -41.34 6.47
CA ALA C 362 -18.81 -40.74 7.69
C ALA C 362 -17.30 -40.58 7.65
N THR C 363 -16.59 -41.55 7.09
CA THR C 363 -15.15 -41.43 6.91
C THR C 363 -14.82 -40.45 5.79
N GLU C 364 -15.52 -40.58 4.67
CA GLU C 364 -15.08 -39.93 3.44
C GLU C 364 -15.14 -38.43 3.54
N VAL C 365 -16.19 -37.90 4.16
CA VAL C 365 -16.30 -36.46 4.33
C VAL C 365 -15.14 -35.94 5.15
N SER C 366 -14.76 -36.66 6.19
CA SER C 366 -13.63 -36.27 7.01
C SER C 366 -12.35 -36.22 6.19
N ASN C 367 -12.11 -37.26 5.38
CA ASN C 367 -10.90 -37.28 4.58
C ASN C 367 -10.87 -36.13 3.59
N MET C 368 -12.01 -35.87 2.93
CA MET C 368 -12.08 -34.80 1.96
C MET C 368 -11.85 -33.44 2.62
N THR C 369 -12.46 -33.22 3.78
CA THR C 369 -12.28 -31.95 4.48
C THR C 369 -10.82 -31.74 4.82
N ARG C 370 -10.16 -32.79 5.31
CA ARG C 370 -8.77 -32.66 5.68
C ARG C 370 -7.92 -32.32 4.47
N ALA C 371 -8.16 -32.99 3.33
CA ALA C 371 -7.35 -32.74 2.15
C ALA C 371 -7.55 -31.33 1.61
N GLN C 372 -8.78 -30.81 1.64
CA GLN C 372 -9.00 -29.45 1.17
C GLN C 372 -8.23 -28.43 2.00
N ILE C 373 -8.28 -28.59 3.32
CA ILE C 373 -7.58 -27.67 4.21
C ILE C 373 -6.08 -27.71 3.92
N LEU C 374 -5.54 -28.93 3.81
CA LEU C 374 -4.11 -29.06 3.56
C LEU C 374 -3.74 -28.41 2.23
N GLN C 375 -4.53 -28.67 1.20
CA GLN C 375 -4.26 -28.09 -0.12
C GLN C 375 -4.25 -26.58 -0.06
N GLN C 376 -5.25 -25.99 0.59
CA GLN C 376 -5.36 -24.55 0.55
C GLN C 376 -4.27 -23.92 1.41
N ALA C 377 -3.83 -24.62 2.45
CA ALA C 377 -2.70 -24.14 3.24
C ALA C 377 -1.41 -24.13 2.43
N GLY C 378 -1.26 -25.10 1.52
CA GLY C 378 -0.04 -25.16 0.74
C GLY C 378 0.24 -23.93 -0.10
N THR C 379 -0.81 -23.40 -0.76
CA THR C 379 -0.59 -22.32 -1.72
C THR C 379 -0.08 -21.06 -1.05
N SER C 380 -0.58 -20.76 0.15
CA SER C 380 -0.09 -19.58 0.87
C SER C 380 1.39 -19.70 1.15
N VAL C 381 1.84 -20.87 1.61
CA VAL C 381 3.25 -21.08 1.86
C VAL C 381 4.04 -20.91 0.58
N LEU C 382 3.55 -21.48 -0.51
CA LEU C 382 4.31 -21.39 -1.76
C LEU C 382 4.44 -19.95 -2.23
N ALA C 383 3.38 -19.16 -2.08
CA ALA C 383 3.46 -17.76 -2.44
C ALA C 383 4.40 -17.01 -1.51
N GLN C 384 4.49 -17.44 -0.26
CA GLN C 384 5.41 -16.80 0.68
C GLN C 384 6.86 -17.13 0.35
N ALA C 385 7.11 -18.31 -0.20
CA ALA C 385 8.48 -18.73 -0.44
C ALA C 385 9.14 -17.92 -1.56
N ASN C 386 8.36 -17.49 -2.55
CA ASN C 386 8.96 -16.83 -3.71
C ASN C 386 9.61 -15.51 -3.34
N GLN C 387 9.04 -14.79 -2.36
CA GLN C 387 9.46 -13.42 -2.14
C GLN C 387 10.82 -13.31 -1.46
N THR C 388 11.39 -14.43 -1.01
CA THR C 388 12.64 -14.35 -0.27
C THR C 388 13.77 -13.77 -1.09
N THR C 389 13.84 -14.09 -2.38
CA THR C 389 14.95 -13.65 -3.19
C THR C 389 14.91 -12.15 -3.44
N GLN C 390 13.81 -11.48 -3.13
CA GLN C 390 13.74 -10.04 -3.30
C GLN C 390 14.79 -9.32 -2.48
N ASN C 391 15.13 -9.87 -1.31
CA ASN C 391 16.02 -9.19 -0.38
C ASN C 391 17.40 -8.96 -0.98
N VAL C 392 17.88 -9.93 -1.75
CA VAL C 392 19.20 -9.82 -2.37
C VAL C 392 19.28 -8.54 -3.19
N LEU C 393 18.19 -8.18 -3.86
CA LEU C 393 18.18 -7.02 -4.73
C LEU C 393 18.56 -5.75 -3.99
N SER C 394 18.32 -5.70 -2.68
CA SER C 394 18.56 -4.47 -1.93
C SER C 394 20.03 -4.12 -1.86
N LEU C 395 20.91 -5.11 -2.01
CA LEU C 395 22.33 -4.85 -1.81
C LEU C 395 22.85 -3.84 -2.81
N LEU C 396 22.45 -3.96 -4.06
CA LEU C 396 22.92 -3.07 -5.11
C LEU C 396 22.52 -1.62 -4.83
N ALA D 2 71.02 11.43 -7.82
CA ALA D 2 69.90 10.51 -7.89
C ALA D 2 68.68 11.20 -8.50
N GLN D 3 68.83 12.46 -8.87
CA GLN D 3 67.78 13.19 -9.56
C GLN D 3 67.86 12.89 -11.05
N VAL D 4 67.62 11.65 -11.43
CA VAL D 4 67.62 11.24 -12.82
C VAL D 4 66.42 11.89 -13.48
N ILE D 5 66.58 12.23 -14.76
CA ILE D 5 65.54 13.01 -15.42
C ILE D 5 64.84 12.17 -16.48
N ASN D 6 65.54 11.22 -17.11
CA ASN D 6 64.99 10.61 -18.30
C ASN D 6 64.42 9.22 -18.03
N THR D 7 64.49 8.76 -16.79
CA THR D 7 63.74 7.56 -16.37
C THR D 7 63.10 7.83 -15.02
N ASN D 8 61.89 7.36 -14.84
CA ASN D 8 61.13 7.57 -13.62
C ASN D 8 60.50 6.26 -13.19
N SER D 9 61.22 5.51 -12.37
CA SER D 9 60.84 4.14 -12.09
C SER D 9 59.89 4.02 -10.91
N LEU D 10 59.40 5.13 -10.37
CA LEU D 10 58.21 5.05 -9.53
C LEU D 10 56.96 4.91 -10.38
N SER D 11 56.93 5.58 -11.53
CA SER D 11 55.70 5.63 -12.31
C SER D 11 55.31 4.25 -12.80
N LEU D 12 56.25 3.50 -13.37
CA LEU D 12 55.88 2.24 -14.00
C LEU D 12 55.63 1.15 -12.96
N MET D 13 56.44 1.13 -11.91
CA MET D 13 56.11 0.29 -10.77
C MET D 13 54.72 0.57 -10.27
N THR D 14 54.34 1.85 -10.21
CA THR D 14 52.99 2.19 -9.79
C THR D 14 51.95 1.65 -10.76
N GLN D 15 52.19 1.81 -12.05
CA GLN D 15 51.15 1.51 -13.01
C GLN D 15 50.92 0.01 -13.16
N ASN D 16 51.88 -0.82 -12.77
CA ASN D 16 51.62 -2.27 -12.77
C ASN D 16 50.48 -2.64 -11.81
N ASN D 17 50.47 -2.04 -10.62
CA ASN D 17 49.47 -2.39 -9.62
C ASN D 17 48.06 -2.09 -10.11
N LEU D 18 47.92 -1.07 -10.96
CA LEU D 18 46.64 -0.82 -11.59
C LEU D 18 46.20 -2.03 -12.40
N ASN D 19 47.11 -2.59 -13.20
CA ASN D 19 46.78 -3.78 -13.95
C ASN D 19 46.39 -4.93 -13.05
N THR D 20 47.04 -5.05 -11.90
CA THR D 20 46.66 -6.13 -10.99
C THR D 20 45.23 -5.98 -10.49
N SER D 21 44.84 -4.75 -10.12
CA SER D 21 43.49 -4.53 -9.59
C SER D 21 42.40 -4.65 -10.64
N GLN D 22 42.68 -4.18 -11.86
CA GLN D 22 41.65 -4.08 -12.88
C GLN D 22 41.15 -5.45 -13.34
N SER D 23 41.85 -6.53 -12.97
CA SER D 23 41.43 -7.88 -13.30
C SER D 23 40.40 -8.42 -12.32
N ALA D 24 40.63 -8.22 -11.02
CA ALA D 24 39.62 -8.56 -10.04
C ALA D 24 38.34 -7.80 -10.30
N LEU D 25 38.46 -6.52 -10.69
CA LEU D 25 37.26 -5.78 -11.03
C LEU D 25 36.47 -6.49 -12.12
N ASN D 26 37.15 -6.89 -13.18
CA ASN D 26 36.47 -7.53 -14.31
C ASN D 26 35.77 -8.80 -13.88
N THR D 27 36.48 -9.68 -13.17
CA THR D 27 35.89 -10.96 -12.83
C THR D 27 34.67 -10.77 -11.94
N ALA D 28 34.74 -9.84 -10.99
CA ALA D 28 33.59 -9.60 -10.13
C ALA D 28 32.38 -9.14 -10.93
N ILE D 29 32.56 -8.14 -11.81
CA ILE D 29 31.43 -7.62 -12.57
C ILE D 29 30.85 -8.72 -13.44
N GLN D 30 31.72 -9.50 -14.06
CA GLN D 30 31.27 -10.53 -14.99
C GLN D 30 30.42 -11.58 -14.28
N ARG D 31 30.87 -12.05 -13.13
CA ARG D 31 30.09 -13.05 -12.39
C ARG D 31 28.78 -12.46 -11.89
N LEU D 32 28.79 -11.18 -11.50
CA LEU D 32 27.53 -10.57 -11.06
C LEU D 32 26.52 -10.50 -12.19
N SER D 33 26.97 -10.14 -13.38
CA SER D 33 26.05 -10.02 -14.52
C SER D 33 25.52 -11.37 -14.95
N SER D 34 26.38 -12.38 -15.02
CA SER D 34 25.95 -13.68 -15.52
C SER D 34 25.01 -14.39 -14.56
N GLY D 35 25.38 -14.48 -13.30
CA GLY D 35 24.67 -15.31 -12.34
C GLY D 35 25.35 -16.60 -11.98
N LEU D 36 26.41 -17.00 -12.69
CA LEU D 36 27.13 -18.23 -12.40
C LEU D 36 28.59 -17.91 -12.09
N ARG D 37 29.17 -18.70 -11.19
CA ARG D 37 30.57 -18.52 -10.85
C ARG D 37 31.51 -19.24 -11.81
N ILE D 38 31.05 -20.30 -12.47
CA ILE D 38 31.87 -21.01 -13.44
C ILE D 38 31.39 -20.71 -14.85
N ASN D 39 31.97 -19.68 -15.47
CA ASN D 39 31.58 -19.24 -16.80
C ASN D 39 32.49 -19.78 -17.89
N SER D 40 33.49 -20.57 -17.56
CA SER D 40 34.43 -21.06 -18.56
C SER D 40 35.14 -22.26 -17.98
N ALA D 41 35.86 -22.97 -18.85
CA ALA D 41 36.72 -24.04 -18.36
C ALA D 41 37.88 -23.49 -17.56
N LYS D 42 38.22 -22.22 -17.79
CA LYS D 42 39.37 -21.62 -17.12
C LYS D 42 39.17 -21.56 -15.61
N ASP D 43 37.96 -21.25 -15.17
CA ASP D 43 37.76 -20.92 -13.77
C ASP D 43 37.78 -22.15 -12.88
N ASP D 44 37.27 -23.28 -13.36
CA ASP D 44 37.23 -24.51 -12.57
C ASP D 44 36.96 -25.66 -13.53
N ALA D 45 37.92 -26.57 -13.68
CA ALA D 45 37.81 -27.56 -14.75
C ALA D 45 36.83 -28.66 -14.42
N ALA D 46 37.11 -29.45 -13.38
CA ALA D 46 36.36 -30.69 -13.15
C ALA D 46 34.93 -30.42 -12.74
N GLY D 47 34.71 -29.30 -12.04
CA GLY D 47 33.36 -28.94 -11.66
C GLY D 47 32.45 -28.74 -12.85
N GLN D 48 32.99 -28.14 -13.91
CA GLN D 48 32.21 -27.96 -15.12
C GLN D 48 31.76 -29.30 -15.69
N ALA D 49 32.68 -30.27 -15.74
CA ALA D 49 32.32 -31.56 -16.31
C ALA D 49 31.26 -32.27 -15.48
N ILE D 50 31.43 -32.28 -14.15
CA ILE D 50 30.46 -33.01 -13.34
C ILE D 50 29.11 -32.32 -13.38
N ALA D 51 29.08 -30.98 -13.41
CA ALA D 51 27.81 -30.28 -13.54
C ALA D 51 27.16 -30.59 -14.88
N ASN D 52 27.97 -30.67 -15.94
CA ASN D 52 27.46 -31.08 -17.23
C ASN D 52 26.77 -32.44 -17.14
N ARG D 53 27.35 -33.35 -16.38
CA ARG D 53 26.76 -34.69 -16.33
C ARG D 53 25.48 -34.68 -15.49
N PHE D 54 25.42 -33.88 -14.43
CA PHE D 54 24.17 -33.72 -13.69
C PHE D 54 23.05 -33.22 -14.59
N THR D 55 23.32 -32.14 -15.34
CA THR D 55 22.27 -31.57 -16.18
C THR D 55 21.98 -32.47 -17.36
N ALA D 56 22.91 -33.35 -17.70
CA ALA D 56 22.61 -34.34 -18.73
C ALA D 56 21.69 -35.42 -18.18
N ASN D 57 21.74 -35.65 -16.88
CA ASN D 57 20.93 -36.73 -16.32
C ASN D 57 19.51 -36.29 -16.01
N ILE D 58 19.30 -35.02 -15.69
CA ILE D 58 17.98 -34.58 -15.24
C ILE D 58 16.86 -34.77 -16.26
N LYS D 59 17.11 -34.33 -17.49
CA LYS D 59 16.07 -34.25 -18.50
C LYS D 59 15.53 -35.62 -18.87
N GLY D 60 16.40 -36.62 -18.87
CA GLY D 60 15.94 -37.98 -19.12
C GLY D 60 14.88 -38.40 -18.12
N LEU D 61 15.11 -38.12 -16.83
CA LEU D 61 14.13 -38.50 -15.82
C LEU D 61 12.81 -37.77 -16.04
N THR D 62 12.90 -36.49 -16.43
CA THR D 62 11.66 -35.78 -16.74
C THR D 62 10.85 -36.52 -17.81
N GLN D 63 11.51 -36.84 -18.91
CA GLN D 63 10.79 -37.52 -19.98
C GLN D 63 10.25 -38.87 -19.53
N ALA D 64 10.97 -39.54 -18.63
CA ALA D 64 10.49 -40.83 -18.13
C ALA D 64 9.19 -40.66 -17.36
N GLN D 65 9.09 -39.59 -16.57
CA GLN D 65 7.81 -39.31 -15.92
C GLN D 65 6.69 -39.19 -16.95
N ARG D 66 6.97 -38.50 -18.05
CA ARG D 66 5.97 -38.41 -19.11
C ARG D 66 5.53 -39.80 -19.59
N ASN D 67 6.50 -40.66 -19.89
CA ASN D 67 6.16 -41.99 -20.42
C ASN D 67 5.32 -42.78 -19.44
N ALA D 68 5.62 -42.67 -18.15
CA ALA D 68 4.81 -43.35 -17.15
C ALA D 68 3.37 -42.88 -17.20
N ASN D 69 3.15 -41.57 -17.35
CA ASN D 69 1.78 -41.09 -17.44
C ASN D 69 1.05 -41.73 -18.61
N ASP D 70 1.72 -41.83 -19.75
CA ASP D 70 1.09 -42.45 -20.90
C ASP D 70 0.65 -43.89 -20.59
N GLY D 71 1.54 -44.65 -19.96
CA GLY D 71 1.18 -46.02 -19.61
C GLY D 71 -0.03 -46.11 -18.70
N ILE D 72 -0.12 -45.19 -17.73
CA ILE D 72 -1.29 -45.15 -16.86
C ILE D 72 -2.57 -45.06 -17.70
N SER D 73 -2.57 -44.12 -18.64
CA SER D 73 -3.78 -43.91 -19.43
C SER D 73 -4.17 -45.15 -20.22
N LEU D 74 -3.17 -45.80 -20.80
CA LEU D 74 -3.43 -47.01 -21.57
C LEU D 74 -4.17 -48.05 -20.72
N ALA D 75 -3.65 -48.29 -19.52
CA ALA D 75 -4.28 -49.29 -18.65
C ALA D 75 -5.73 -48.92 -18.37
N GLN D 76 -5.99 -47.63 -18.11
CA GLN D 76 -7.36 -47.25 -17.77
C GLN D 76 -8.34 -47.60 -18.89
N THR D 77 -7.98 -47.24 -20.13
CA THR D 77 -8.90 -47.48 -21.24
C THR D 77 -9.22 -48.97 -21.39
N THR D 78 -8.18 -49.81 -21.32
CA THR D 78 -8.44 -51.24 -21.46
C THR D 78 -9.37 -51.74 -20.35
N GLU D 79 -9.18 -51.23 -19.13
CA GLU D 79 -10.05 -51.63 -18.02
C GLU D 79 -11.51 -51.37 -18.33
N GLY D 80 -11.83 -50.17 -18.82
CA GLY D 80 -13.24 -49.87 -19.12
C GLY D 80 -13.86 -50.85 -20.11
N ALA D 81 -13.11 -51.14 -21.17
CA ALA D 81 -13.65 -52.10 -22.15
C ALA D 81 -14.00 -53.43 -21.48
N LEU D 82 -13.08 -53.97 -20.68
CA LEU D 82 -13.38 -55.25 -20.05
C LEU D 82 -14.60 -55.16 -19.15
N THR D 83 -14.83 -54.00 -18.54
CA THR D 83 -16.04 -53.85 -17.73
C THR D 83 -17.29 -54.17 -18.54
N GLU D 84 -17.37 -53.61 -19.74
CA GLU D 84 -18.57 -53.84 -20.54
C GLU D 84 -18.73 -55.31 -20.90
N VAL D 85 -17.62 -55.95 -21.29
CA VAL D 85 -17.70 -57.38 -21.61
C VAL D 85 -18.28 -58.16 -20.43
N ASN D 86 -17.80 -57.86 -19.23
CA ASN D 86 -18.29 -58.54 -18.03
C ASN D 86 -19.81 -58.45 -17.92
N ASN D 87 -20.34 -57.24 -18.06
CA ASN D 87 -21.79 -57.10 -17.87
C ASN D 87 -22.55 -57.99 -18.84
N ASN D 88 -22.10 -58.04 -20.10
CA ASN D 88 -22.84 -58.87 -21.05
C ASN D 88 -22.82 -60.34 -20.66
N LEU D 89 -21.67 -60.85 -20.18
CA LEU D 89 -21.65 -62.25 -19.75
C LEU D 89 -22.60 -62.53 -18.60
N GLN D 90 -22.74 -61.58 -17.66
CA GLN D 90 -23.73 -61.76 -16.59
C GLN D 90 -25.12 -61.96 -17.17
N ARG D 91 -25.49 -61.13 -18.14
CA ARG D 91 -26.81 -61.26 -18.74
C ARG D 91 -26.98 -62.63 -19.38
N ILE D 92 -25.94 -63.12 -20.06
CA ILE D 92 -26.05 -64.43 -20.71
C ILE D 92 -26.32 -65.52 -19.68
N ARG D 93 -25.61 -65.46 -18.54
CA ARG D 93 -25.81 -66.42 -17.46
C ARG D 93 -27.28 -66.48 -17.04
N GLU D 94 -27.86 -65.31 -16.79
CA GLU D 94 -29.24 -65.28 -16.31
C GLU D 94 -30.21 -65.83 -17.37
N LEU D 95 -30.01 -65.48 -18.64
CA LEU D 95 -30.90 -66.02 -19.67
C LEU D 95 -30.77 -67.53 -19.78
N SER D 96 -29.57 -68.06 -19.58
CA SER D 96 -29.41 -69.50 -19.70
C SER D 96 -30.12 -70.23 -18.56
N VAL D 97 -30.18 -69.61 -17.37
CA VAL D 97 -30.99 -70.28 -16.33
C VAL D 97 -32.49 -70.07 -16.59
N GLN D 98 -32.87 -68.95 -17.22
CA GLN D 98 -34.24 -68.81 -17.74
C GLN D 98 -34.64 -69.99 -18.60
N ALA D 99 -33.79 -70.36 -19.55
CA ALA D 99 -34.13 -71.35 -20.56
C ALA D 99 -33.92 -72.78 -20.08
N ALA D 100 -33.90 -73.03 -18.78
CA ALA D 100 -33.48 -74.33 -18.28
C ALA D 100 -34.64 -75.26 -17.93
N THR D 101 -35.78 -74.73 -17.52
CA THR D 101 -36.84 -75.56 -16.98
C THR D 101 -37.48 -76.41 -18.06
N GLY D 102 -38.52 -77.14 -17.67
CA GLY D 102 -39.22 -78.03 -18.58
C GLY D 102 -40.66 -77.68 -18.86
N SER D 103 -41.12 -76.50 -18.44
CA SER D 103 -42.47 -76.06 -18.73
C SER D 103 -42.51 -75.05 -19.87
N ASN D 104 -41.60 -75.16 -20.83
CA ASN D 104 -41.49 -74.22 -21.92
C ASN D 104 -41.99 -74.84 -23.21
N SER D 105 -42.11 -74.01 -24.24
CA SER D 105 -42.54 -74.45 -25.56
C SER D 105 -41.39 -74.27 -26.55
N ALA D 106 -41.48 -75.00 -27.67
CA ALA D 106 -40.43 -74.90 -28.67
C ALA D 106 -40.41 -73.53 -29.33
N SER D 107 -41.53 -72.82 -29.32
CA SER D 107 -41.57 -71.49 -29.90
C SER D 107 -40.92 -70.45 -29.00
N ASP D 108 -41.03 -70.62 -27.69
CA ASP D 108 -40.46 -69.65 -26.76
C ASP D 108 -38.95 -69.57 -26.91
N LEU D 109 -38.29 -70.72 -27.05
CA LEU D 109 -36.85 -70.75 -26.97
C LEU D 109 -36.18 -69.92 -28.06
N GLN D 110 -36.89 -69.61 -29.15
CA GLN D 110 -36.27 -68.76 -30.16
C GLN D 110 -36.04 -67.35 -29.65
N SER D 111 -36.90 -66.86 -28.77
CA SER D 111 -36.69 -65.53 -28.21
C SER D 111 -35.38 -65.46 -27.45
N ILE D 112 -35.18 -66.42 -26.54
CA ILE D 112 -33.93 -66.50 -25.81
C ILE D 112 -32.77 -66.64 -26.78
N GLN D 113 -32.92 -67.47 -27.79
CA GLN D 113 -31.82 -67.70 -28.72
C GLN D 113 -31.41 -66.42 -29.44
N ASP D 114 -32.37 -65.62 -29.89
CA ASP D 114 -31.99 -64.43 -30.65
C ASP D 114 -31.40 -63.37 -29.74
N GLU D 115 -31.92 -63.21 -28.53
CA GLU D 115 -31.28 -62.27 -27.62
C GLU D 115 -29.84 -62.69 -27.34
N ILE D 116 -29.61 -63.99 -27.18
CA ILE D 116 -28.26 -64.48 -26.97
C ILE D 116 -27.38 -64.18 -28.18
N LYS D 117 -27.93 -64.30 -29.38
CA LYS D 117 -27.15 -63.97 -30.56
C LYS D 117 -26.70 -62.51 -30.55
N GLN D 118 -27.63 -61.61 -30.20
CA GLN D 118 -27.28 -60.20 -30.14
C GLN D 118 -26.16 -59.96 -29.13
N ARG D 119 -26.32 -60.50 -27.93
CA ARG D 119 -25.31 -60.30 -26.90
C ARG D 119 -23.95 -60.80 -27.36
N LEU D 120 -23.91 -61.98 -27.98
CA LEU D 120 -22.62 -62.51 -28.41
C LEU D 120 -22.00 -61.64 -29.48
N GLU D 121 -22.81 -61.07 -30.37
CA GLU D 121 -22.25 -60.19 -31.39
C GLU D 121 -21.60 -58.97 -30.78
N GLU D 122 -22.21 -58.42 -29.73
CA GLU D 122 -21.68 -57.21 -29.12
C GLU D 122 -20.25 -57.42 -28.63
N ILE D 123 -19.94 -58.61 -28.13
CA ILE D 123 -18.60 -58.88 -27.60
C ILE D 123 -17.56 -58.75 -28.68
N ASN D 124 -17.80 -59.36 -29.83
CA ASN D 124 -16.84 -59.26 -30.92
C ASN D 124 -16.71 -57.83 -31.42
N ARG D 125 -17.82 -57.10 -31.50
CA ARG D 125 -17.72 -55.70 -31.94
C ARG D 125 -16.81 -54.91 -31.02
N VAL D 126 -17.03 -55.02 -29.71
CA VAL D 126 -16.23 -54.26 -28.75
C VAL D 126 -14.77 -54.70 -28.84
N SER D 127 -14.54 -55.99 -29.05
CA SER D 127 -13.17 -56.45 -29.19
C SER D 127 -12.49 -55.79 -30.37
N GLU D 128 -13.23 -55.61 -31.45
CA GLU D 128 -12.59 -55.15 -32.67
C GLU D 128 -12.38 -53.64 -32.73
N GLN D 129 -13.33 -52.83 -32.26
CA GLN D 129 -13.29 -51.42 -32.55
C GLN D 129 -12.56 -50.56 -31.52
N THR D 130 -12.29 -51.08 -30.33
CA THR D 130 -11.60 -50.30 -29.31
C THR D 130 -10.14 -50.08 -29.68
N GLN D 131 -9.66 -48.85 -29.55
CA GLN D 131 -8.27 -48.55 -29.86
C GLN D 131 -7.78 -47.38 -29.01
N PHE D 132 -6.46 -47.30 -28.88
CA PHE D 132 -5.79 -46.20 -28.18
C PHE D 132 -4.57 -45.83 -29.00
N ASN D 133 -4.60 -44.68 -29.66
CA ASN D 133 -3.48 -44.17 -30.45
C ASN D 133 -3.03 -45.19 -31.49
N GLY D 134 -3.95 -45.58 -32.37
CA GLY D 134 -3.60 -46.41 -33.50
C GLY D 134 -3.22 -47.83 -33.17
N VAL D 135 -3.46 -48.29 -31.95
CA VAL D 135 -3.13 -49.66 -31.56
C VAL D 135 -4.40 -50.35 -31.11
N LYS D 136 -4.74 -51.45 -31.75
CA LYS D 136 -5.72 -52.37 -31.19
C LYS D 136 -5.13 -52.95 -29.92
N VAL D 137 -5.85 -52.86 -28.81
CA VAL D 137 -5.30 -53.34 -27.55
C VAL D 137 -5.84 -54.71 -27.15
N LEU D 138 -7.04 -55.07 -27.57
CA LEU D 138 -7.66 -56.32 -27.15
C LEU D 138 -7.44 -57.45 -28.14
N ALA D 139 -6.30 -57.47 -28.83
CA ALA D 139 -6.00 -58.53 -29.79
C ALA D 139 -4.49 -58.74 -29.87
N LYS D 140 -4.12 -59.81 -30.58
CA LYS D 140 -2.78 -60.15 -31.04
C LYS D 140 -1.90 -60.72 -29.94
N ASP D 141 -2.30 -60.68 -28.67
CA ASP D 141 -1.63 -61.42 -27.59
C ASP D 141 -0.12 -61.15 -27.54
N THR D 142 0.25 -59.91 -27.22
CA THR D 142 1.65 -59.55 -27.14
C THR D 142 1.94 -58.84 -25.83
N LYS D 143 3.19 -58.42 -25.67
CA LYS D 143 3.65 -57.64 -24.54
C LYS D 143 4.35 -56.39 -25.03
N MET D 144 4.03 -55.25 -24.42
CA MET D 144 4.48 -53.96 -24.88
C MET D 144 5.25 -53.27 -23.77
N ASN D 145 6.50 -52.88 -24.04
CA ASN D 145 7.36 -52.30 -23.03
C ASN D 145 7.05 -50.84 -22.81
N ILE D 146 7.60 -50.27 -21.75
CA ILE D 146 7.55 -48.85 -21.47
C ILE D 146 8.96 -48.43 -21.11
N GLN D 147 9.43 -47.32 -21.67
CA GLN D 147 10.75 -46.83 -21.32
C GLN D 147 10.60 -45.82 -20.18
N VAL D 148 11.24 -46.11 -19.05
CA VAL D 148 10.93 -45.40 -17.82
C VAL D 148 12.21 -44.95 -17.12
N GLY D 149 13.31 -44.85 -17.85
CA GLY D 149 14.57 -44.52 -17.22
C GLY D 149 15.51 -43.81 -18.17
N ALA D 150 16.62 -43.33 -17.61
CA ALA D 150 17.57 -42.52 -18.34
C ALA D 150 18.70 -43.32 -18.96
N ASN D 151 18.68 -44.64 -18.87
CA ASN D 151 19.67 -45.49 -19.51
C ASN D 151 18.98 -46.68 -20.13
N ASP D 152 19.61 -47.27 -21.13
CA ASP D 152 18.97 -48.31 -21.91
C ASP D 152 18.83 -49.60 -21.12
N GLY D 153 17.74 -50.32 -21.40
CA GLY D 153 17.47 -51.58 -20.73
C GLY D 153 16.59 -51.50 -19.52
N GLU D 154 15.93 -50.36 -19.29
CA GLU D 154 15.16 -50.11 -18.07
C GLU D 154 13.69 -49.96 -18.44
N ILE D 155 12.94 -51.05 -18.35
CA ILE D 155 11.62 -51.15 -18.93
C ILE D 155 10.68 -51.94 -18.02
N ILE D 156 9.39 -51.72 -18.22
CA ILE D 156 8.34 -52.43 -17.50
C ILE D 156 7.37 -52.98 -18.53
N ALA D 157 7.19 -54.30 -18.54
CA ALA D 157 6.45 -54.97 -19.59
C ALA D 157 4.99 -55.12 -19.23
N ILE D 158 4.12 -54.71 -20.15
CA ILE D 158 2.68 -54.84 -20.01
C ILE D 158 2.26 -56.04 -20.84
N ASP D 159 1.21 -56.74 -20.41
CA ASP D 159 0.71 -57.91 -21.13
C ASP D 159 -0.76 -57.74 -21.47
N LEU D 160 -1.12 -58.17 -22.68
CA LEU D 160 -2.50 -58.08 -23.16
C LEU D 160 -2.90 -59.38 -23.85
N LYS D 161 -4.20 -59.64 -23.86
CA LYS D 161 -4.75 -60.92 -24.30
C LYS D 161 -5.91 -60.69 -25.26
N GLU D 162 -6.09 -61.61 -26.20
CA GLU D 162 -7.24 -61.56 -27.08
C GLU D 162 -8.50 -62.01 -26.36
N ILE D 163 -9.61 -61.33 -26.65
CA ILE D 163 -10.90 -61.67 -26.05
C ILE D 163 -11.97 -61.57 -27.13
N THR D 164 -12.47 -62.71 -27.58
CA THR D 164 -13.53 -62.81 -28.56
C THR D 164 -14.55 -63.83 -28.07
N ALA D 165 -15.54 -64.12 -28.89
CA ALA D 165 -16.41 -65.24 -28.59
C ALA D 165 -15.76 -66.56 -28.92
N LYS D 166 -14.62 -66.56 -29.60
CA LYS D 166 -13.96 -67.78 -30.02
C LYS D 166 -13.03 -68.32 -28.94
N THR D 167 -12.16 -67.47 -28.42
CA THR D 167 -11.16 -67.94 -27.46
C THR D 167 -11.75 -68.27 -26.10
N LEU D 168 -12.78 -67.56 -25.67
CA LEU D 168 -13.38 -67.85 -24.38
C LEU D 168 -14.12 -69.18 -24.37
N GLY D 169 -14.29 -69.82 -25.52
CA GLY D 169 -14.97 -71.10 -25.59
C GLY D 169 -16.46 -71.04 -25.81
N LEU D 170 -16.97 -69.93 -26.31
CA LEU D 170 -18.41 -69.74 -26.46
C LEU D 170 -18.85 -69.79 -27.92
N ASP D 171 -18.08 -70.40 -28.81
CA ASP D 171 -18.45 -70.41 -30.21
C ASP D 171 -19.65 -71.32 -30.44
N GLY D 172 -20.54 -70.89 -31.33
CA GLY D 172 -21.68 -71.71 -31.68
C GLY D 172 -22.59 -72.04 -30.52
N PHE D 173 -22.75 -71.11 -29.60
CA PHE D 173 -23.63 -71.34 -28.45
C PHE D 173 -25.08 -71.38 -28.92
N ASN D 174 -25.85 -72.33 -28.40
CA ASN D 174 -27.20 -72.50 -28.89
C ASN D 174 -28.04 -73.24 -27.85
N VAL D 175 -29.19 -72.68 -27.53
CA VAL D 175 -30.05 -73.20 -26.47
C VAL D 175 -31.31 -73.85 -26.99
N SER D 176 -31.71 -73.60 -28.24
CA SER D 176 -32.81 -74.34 -28.83
C SER D 176 -32.27 -75.38 -29.82
N GLY D 177 -33.12 -76.22 -30.35
CA GLY D 177 -32.68 -77.26 -31.23
C GLY D 177 -32.46 -78.55 -30.49
N PRO D 178 -32.00 -79.58 -31.19
CA PRO D 178 -31.94 -80.91 -30.61
C PRO D 178 -30.83 -81.02 -29.59
N LYS D 179 -30.88 -82.09 -28.80
CA LYS D 179 -29.88 -82.39 -27.78
C LYS D 179 -29.19 -83.69 -28.14
N GLY D 180 -27.88 -83.64 -28.33
CA GLY D 180 -27.12 -84.79 -28.78
C GLY D 180 -27.16 -84.92 -30.29
N THR D 181 -26.33 -85.80 -30.78
CA THR D 181 -26.36 -85.99 -32.23
C THR D 181 -27.31 -87.13 -32.57
N PRO D 182 -28.42 -86.85 -33.27
CA PRO D 182 -29.47 -87.85 -33.41
C PRO D 182 -29.02 -89.13 -34.11
N ALA D 183 -29.74 -90.21 -33.84
CA ALA D 183 -29.50 -91.52 -34.43
C ALA D 183 -30.80 -92.06 -35.03
N ALA D 184 -30.74 -93.31 -35.50
CA ALA D 184 -31.79 -93.87 -36.34
C ALA D 184 -33.02 -94.27 -35.53
N LEU D 185 -34.04 -94.75 -36.25
CA LEU D 185 -35.32 -95.13 -35.66
C LEU D 185 -35.47 -96.65 -35.59
N VAL D 186 -36.28 -97.11 -34.65
CA VAL D 186 -36.56 -98.53 -34.46
C VAL D 186 -38.05 -98.73 -34.21
N ALA D 187 -38.43 -99.98 -33.96
CA ALA D 187 -39.83 -100.35 -33.95
C ALA D 187 -40.58 -99.78 -32.74
N ALA D 188 -39.90 -99.69 -31.59
CA ALA D 188 -40.58 -99.29 -30.37
C ALA D 188 -41.15 -97.88 -30.50
N ASP D 189 -40.46 -96.99 -31.20
CA ASP D 189 -40.93 -95.62 -31.31
C ASP D 189 -42.10 -95.51 -32.27
N TYR D 190 -42.08 -96.29 -33.35
CA TYR D 190 -43.29 -96.40 -34.17
C TYR D 190 -44.47 -96.87 -33.31
N GLN D 191 -44.22 -97.88 -32.49
CA GLN D 191 -45.30 -98.42 -31.67
C GLN D 191 -45.84 -97.38 -30.70
N ALA D 192 -44.95 -96.60 -30.09
CA ALA D 192 -45.40 -95.54 -29.19
C ALA D 192 -46.16 -94.46 -29.93
N ALA D 193 -45.72 -94.13 -31.15
CA ALA D 193 -46.32 -93.00 -31.86
C ALA D 193 -47.67 -93.33 -32.47
N TYR D 194 -47.87 -94.55 -32.96
CA TYR D 194 -49.11 -94.86 -33.69
C TYR D 194 -49.89 -96.04 -33.09
N GLY D 195 -49.40 -96.65 -32.02
CA GLY D 195 -50.13 -97.76 -31.45
C GLY D 195 -49.33 -99.05 -31.48
N THR D 196 -49.80 -100.03 -30.71
CA THR D 196 -49.03 -101.25 -30.51
C THR D 196 -49.04 -102.16 -31.72
N THR D 197 -50.10 -102.13 -32.51
CA THR D 197 -50.25 -103.00 -33.67
C THR D 197 -50.12 -102.24 -34.98
N THR D 198 -49.23 -101.26 -35.01
CA THR D 198 -49.11 -100.35 -36.14
C THR D 198 -48.45 -101.05 -37.32
N ASN D 199 -48.82 -100.61 -38.53
CA ASN D 199 -48.25 -101.12 -39.77
C ASN D 199 -46.91 -100.47 -40.12
N VAL D 200 -46.66 -99.24 -39.68
CA VAL D 200 -45.57 -98.46 -40.25
C VAL D 200 -44.24 -99.14 -40.00
N THR D 201 -43.32 -99.02 -40.96
CA THR D 201 -41.96 -99.51 -40.82
C THR D 201 -40.90 -98.53 -41.29
N THR D 202 -41.26 -97.50 -42.05
CA THR D 202 -40.28 -96.55 -42.55
C THR D 202 -40.99 -95.25 -42.87
N THR D 203 -40.20 -94.20 -43.07
CA THR D 203 -40.72 -92.87 -43.32
C THR D 203 -40.20 -92.34 -44.65
N ALA D 204 -40.71 -91.18 -45.05
CA ALA D 204 -40.27 -90.53 -46.29
C ALA D 204 -40.53 -89.03 -46.18
N VAL D 205 -39.54 -88.24 -46.56
CA VAL D 205 -39.61 -86.79 -46.44
C VAL D 205 -39.21 -86.16 -47.77
N THR D 206 -40.05 -85.25 -48.25
CA THR D 206 -39.79 -84.51 -49.48
C THR D 206 -40.34 -83.09 -49.33
N GLU D 207 -39.88 -82.21 -50.21
CA GLU D 207 -40.32 -80.82 -50.21
C GLU D 207 -41.56 -80.65 -51.07
N SER D 208 -42.37 -79.64 -50.72
CA SER D 208 -43.61 -79.40 -51.46
C SER D 208 -43.32 -78.87 -52.86
N SER D 209 -42.47 -77.86 -52.97
CA SER D 209 -42.13 -77.24 -54.25
C SER D 209 -40.63 -77.35 -54.46
N ALA D 210 -40.24 -77.80 -55.65
CA ALA D 210 -38.85 -78.14 -55.90
C ALA D 210 -37.95 -76.92 -55.76
N ASN D 211 -37.00 -77.00 -54.83
CA ASN D 211 -35.90 -76.03 -54.71
C ASN D 211 -36.39 -74.63 -54.37
N ALA D 212 -37.51 -74.52 -53.66
CA ALA D 212 -37.96 -73.20 -53.21
C ALA D 212 -36.99 -72.59 -52.23
N LEU D 213 -36.45 -73.39 -51.31
CA LEU D 213 -35.50 -72.87 -50.34
C LEU D 213 -34.23 -72.40 -51.02
N ALA D 214 -33.74 -73.15 -52.01
CA ALA D 214 -32.54 -72.75 -52.71
C ALA D 214 -32.74 -71.41 -53.42
N GLY D 215 -33.98 -71.13 -53.84
CA GLY D 215 -34.26 -69.81 -54.36
C GLY D 215 -34.29 -68.75 -53.27
N ARG D 216 -34.92 -69.05 -52.14
CA ARG D 216 -35.04 -68.06 -51.07
C ARG D 216 -33.69 -67.66 -50.51
N LEU D 217 -32.77 -68.61 -50.38
CA LEU D 217 -31.43 -68.29 -49.92
C LEU D 217 -30.71 -67.40 -50.92
N GLY D 218 -31.12 -67.46 -52.18
CA GLY D 218 -30.48 -66.70 -53.23
C GLY D 218 -29.15 -67.25 -53.67
N VAL D 219 -28.83 -68.50 -53.35
CA VAL D 219 -27.55 -69.12 -53.66
C VAL D 219 -27.80 -70.23 -54.67
N ALA D 220 -26.74 -70.60 -55.38
CA ALA D 220 -26.85 -71.54 -56.48
C ALA D 220 -27.45 -72.87 -56.03
N ASN D 221 -28.33 -73.40 -56.87
CA ASN D 221 -28.93 -74.70 -56.60
C ASN D 221 -27.86 -75.79 -56.70
N GLY D 222 -28.16 -76.95 -56.13
CA GLY D 222 -27.18 -78.01 -56.00
C GLY D 222 -26.34 -77.92 -54.74
N SER D 223 -26.49 -76.84 -53.98
CA SER D 223 -25.79 -76.68 -52.71
C SER D 223 -26.68 -76.97 -51.51
N VAL D 224 -27.88 -77.48 -51.72
CA VAL D 224 -28.81 -77.82 -50.64
C VAL D 224 -29.48 -79.14 -51.00
N ALA D 225 -29.59 -80.03 -50.02
CA ALA D 225 -30.21 -81.33 -50.23
C ALA D 225 -30.90 -81.80 -48.96
N LEU D 226 -31.86 -82.71 -49.11
CA LEU D 226 -32.57 -83.31 -47.99
C LEU D 226 -32.34 -84.82 -47.97
N ALA D 227 -32.29 -85.38 -46.78
CA ALA D 227 -32.30 -86.82 -46.63
C ALA D 227 -33.73 -87.34 -46.64
N ALA D 228 -33.88 -88.63 -46.91
CA ALA D 228 -35.19 -89.22 -47.08
C ALA D 228 -35.77 -89.80 -45.79
N THR D 229 -35.02 -89.79 -44.70
CA THR D 229 -35.48 -90.38 -43.45
C THR D 229 -35.33 -89.38 -42.31
N ALA D 230 -36.25 -89.48 -41.36
CA ALA D 230 -36.23 -88.64 -40.16
C ALA D 230 -35.41 -89.32 -39.07
N GLU D 231 -34.86 -88.52 -38.18
CA GLU D 231 -33.98 -89.02 -37.13
C GLU D 231 -34.46 -88.51 -35.78
N LYS D 232 -34.11 -89.24 -34.73
CA LYS D 232 -34.56 -88.93 -33.38
C LYS D 232 -33.36 -88.60 -32.49
N ASP D 233 -33.57 -87.68 -31.55
CA ASP D 233 -32.50 -87.17 -30.70
C ASP D 233 -32.42 -87.98 -29.41
N ASP D 234 -31.73 -87.44 -28.41
CA ASP D 234 -31.63 -88.07 -27.10
C ASP D 234 -32.98 -88.22 -26.41
N ASN D 235 -33.80 -87.15 -26.39
CA ASN D 235 -34.93 -87.05 -25.48
C ASN D 235 -36.25 -87.50 -26.08
N GLY D 236 -36.26 -88.02 -27.30
CA GLY D 236 -37.47 -88.58 -27.86
C GLY D 236 -38.28 -87.68 -28.76
N ASN D 237 -37.65 -86.75 -29.48
CA ASN D 237 -38.34 -85.95 -30.47
C ASN D 237 -37.82 -86.27 -31.86
N TRP D 238 -38.62 -85.95 -32.87
CA TRP D 238 -38.34 -86.29 -34.26
C TRP D 238 -37.86 -85.06 -35.00
N TYR D 239 -36.89 -85.24 -35.89
CA TYR D 239 -36.24 -84.13 -36.57
C TYR D 239 -35.87 -84.53 -38.00
N ALA D 240 -35.77 -83.52 -38.86
CA ALA D 240 -35.32 -83.68 -40.24
C ALA D 240 -34.08 -82.83 -40.45
N THR D 241 -33.20 -83.29 -41.32
CA THR D 241 -31.88 -82.69 -41.48
C THR D 241 -31.73 -82.04 -42.84
N VAL D 242 -30.87 -81.03 -42.91
CA VAL D 242 -30.55 -80.31 -44.13
C VAL D 242 -29.04 -80.17 -44.21
N THR D 243 -28.49 -80.29 -45.41
CA THR D 243 -27.05 -80.18 -45.62
C THR D 243 -26.76 -78.97 -46.50
N ILE D 244 -25.62 -78.32 -46.28
CA ILE D 244 -25.23 -77.11 -46.98
C ILE D 244 -23.76 -77.18 -47.34
N THR D 245 -23.39 -76.63 -48.50
CA THR D 245 -22.01 -76.51 -48.89
C THR D 245 -21.84 -75.29 -49.78
N ALA D 246 -21.01 -74.34 -49.36
CA ALA D 246 -20.75 -73.14 -50.12
C ALA D 246 -19.77 -73.44 -51.25
N GLY D 247 -19.78 -72.59 -52.27
CA GLY D 247 -18.90 -72.79 -53.40
C GLY D 247 -18.01 -71.61 -53.72
N SER D 248 -18.25 -70.47 -53.08
CA SER D 248 -17.49 -69.26 -53.36
C SER D 248 -17.57 -68.33 -52.17
N ALA D 249 -16.72 -67.30 -52.20
CA ALA D 249 -16.76 -66.29 -51.15
C ALA D 249 -18.08 -65.53 -51.16
N THR D 250 -18.62 -65.24 -52.35
CA THR D 250 -19.88 -64.53 -52.43
C THR D 250 -21.02 -65.32 -51.82
N GLU D 251 -21.05 -66.63 -52.06
CA GLU D 251 -22.07 -67.47 -51.42
C GLU D 251 -21.94 -67.39 -49.91
N VAL D 252 -20.71 -67.45 -49.40
CA VAL D 252 -20.50 -67.38 -47.97
C VAL D 252 -20.99 -66.05 -47.42
N SER D 253 -20.71 -64.96 -48.13
CA SER D 253 -21.13 -63.65 -47.65
C SER D 253 -22.64 -63.54 -47.65
N THR D 254 -23.31 -64.04 -48.68
CA THR D 254 -24.77 -64.02 -48.69
C THR D 254 -25.33 -64.83 -47.53
N LEU D 255 -24.81 -66.04 -47.31
CA LEU D 255 -25.33 -66.87 -46.22
C LEU D 255 -25.11 -66.18 -44.88
N LYS D 256 -23.95 -65.54 -44.70
CA LYS D 256 -23.70 -64.81 -43.47
C LYS D 256 -24.69 -63.65 -43.32
N ALA D 257 -24.99 -62.95 -44.42
CA ALA D 257 -25.93 -61.85 -44.34
C ALA D 257 -27.36 -62.31 -44.08
N LYS D 258 -27.66 -63.58 -44.37
CA LYS D 258 -29.01 -64.10 -44.14
C LYS D 258 -29.12 -64.87 -42.84
N GLY D 259 -28.01 -65.14 -42.15
CA GLY D 259 -28.06 -65.77 -40.85
C GLY D 259 -27.56 -67.19 -40.76
N PHE D 260 -26.70 -67.63 -41.67
CA PHE D 260 -26.10 -68.96 -41.60
C PHE D 260 -24.59 -68.84 -41.74
N GLU D 261 -23.85 -69.62 -40.96
CA GLU D 261 -22.39 -69.68 -41.04
C GLU D 261 -21.97 -71.02 -41.62
N VAL D 262 -20.96 -70.98 -42.50
CA VAL D 262 -20.40 -72.19 -43.08
C VAL D 262 -19.09 -71.80 -43.73
N GLU D 263 -18.21 -72.77 -43.93
CA GLU D 263 -16.97 -72.54 -44.65
C GLU D 263 -17.01 -73.25 -45.99
N ASN D 264 -16.67 -72.51 -47.04
CA ASN D 264 -16.71 -73.05 -48.39
C ASN D 264 -15.79 -74.26 -48.51
N GLY D 265 -16.31 -75.31 -49.15
CA GLY D 265 -15.62 -76.58 -49.18
C GLY D 265 -15.82 -77.44 -47.95
N VAL D 266 -16.60 -76.97 -46.98
CA VAL D 266 -16.88 -77.71 -45.75
C VAL D 266 -18.38 -77.94 -45.68
N ALA D 267 -18.76 -79.20 -45.49
CA ALA D 267 -20.18 -79.52 -45.32
C ALA D 267 -20.62 -79.27 -43.90
N LYS D 268 -21.82 -78.72 -43.76
CA LYS D 268 -22.39 -78.48 -42.44
C LYS D 268 -23.90 -78.69 -42.52
N GLU D 269 -24.51 -79.00 -41.38
CA GLU D 269 -25.87 -79.50 -41.36
C GLU D 269 -26.75 -78.60 -40.49
N PHE D 270 -28.06 -78.70 -40.72
CA PHE D 270 -29.04 -78.02 -39.91
C PHE D 270 -30.27 -78.93 -39.80
N TYR D 271 -31.10 -78.68 -38.79
CA TYR D 271 -32.22 -79.56 -38.52
C TYR D 271 -33.52 -78.77 -38.41
N ILE D 272 -34.63 -79.44 -38.73
CA ILE D 272 -35.96 -78.86 -38.69
C ILE D 272 -36.87 -79.80 -37.91
N ALA D 273 -37.73 -79.23 -37.08
CA ALA D 273 -38.62 -80.02 -36.24
C ALA D 273 -39.72 -80.68 -37.06
N LEU D 274 -40.30 -81.73 -36.50
CA LEU D 274 -41.39 -82.47 -37.10
C LEU D 274 -42.49 -82.72 -36.07
N ASP D 275 -43.59 -83.28 -36.54
CA ASP D 275 -44.71 -83.65 -35.69
C ASP D 275 -45.33 -84.95 -36.19
N PRO D 276 -45.23 -86.05 -35.44
CA PRO D 276 -45.69 -87.34 -35.98
C PRO D 276 -47.20 -87.46 -36.09
N GLN D 277 -47.97 -86.51 -35.56
CA GLN D 277 -49.42 -86.59 -35.68
C GLN D 277 -49.97 -85.88 -36.90
N SER D 278 -49.14 -85.17 -37.65
CA SER D 278 -49.58 -84.55 -38.90
C SER D 278 -49.10 -85.31 -40.12
N ALA D 279 -48.53 -86.49 -39.94
CA ALA D 279 -48.04 -87.27 -41.07
C ALA D 279 -49.19 -87.80 -41.91
N ASP D 280 -48.88 -88.15 -43.15
CA ASP D 280 -49.85 -88.77 -44.04
C ASP D 280 -49.53 -90.25 -44.16
N VAL D 281 -50.47 -91.09 -43.74
CA VAL D 281 -50.20 -92.51 -43.60
C VAL D 281 -51.21 -93.34 -44.38
N THR D 282 -52.37 -92.74 -44.68
CA THR D 282 -53.44 -93.45 -45.36
C THR D 282 -53.17 -93.69 -46.83
N THR D 283 -52.26 -92.94 -47.45
CA THR D 283 -52.05 -93.06 -48.89
C THR D 283 -51.44 -94.41 -49.25
N THR D 284 -50.37 -94.80 -48.57
CA THR D 284 -49.62 -96.01 -48.90
C THR D 284 -49.44 -96.83 -47.63
N ALA D 285 -49.61 -98.15 -47.74
CA ALA D 285 -49.50 -99.00 -46.57
C ALA D 285 -48.05 -99.18 -46.15
N GLY D 286 -47.77 -98.85 -44.89
CA GLY D 286 -46.47 -99.14 -44.31
C GLY D 286 -45.45 -98.04 -44.38
N THR D 287 -45.83 -96.80 -44.64
CA THR D 287 -44.88 -95.71 -44.72
C THR D 287 -45.56 -94.39 -44.38
N ALA D 288 -44.98 -93.66 -43.45
CA ALA D 288 -45.45 -92.32 -43.12
C ALA D 288 -44.70 -91.32 -43.99
N ALA D 289 -45.43 -90.39 -44.59
CA ALA D 289 -44.86 -89.43 -45.53
C ALA D 289 -45.12 -88.01 -45.04
N PHE D 290 -44.11 -87.16 -45.14
CA PHE D 290 -44.19 -85.76 -44.74
C PHE D 290 -43.93 -84.88 -45.95
N ALA D 291 -44.57 -83.71 -45.98
CA ALA D 291 -44.37 -82.73 -47.03
C ALA D 291 -44.17 -81.37 -46.39
N LEU D 292 -42.98 -80.80 -46.58
CA LEU D 292 -42.64 -79.52 -45.96
C LEU D 292 -43.00 -78.37 -46.88
N ASP D 293 -43.71 -77.38 -46.35
CA ASP D 293 -43.97 -76.14 -47.07
C ASP D 293 -42.76 -75.22 -46.92
N THR D 294 -41.69 -75.57 -47.63
CA THR D 294 -40.44 -74.84 -47.50
C THR D 294 -40.52 -73.41 -48.02
N ALA D 295 -41.59 -73.06 -48.73
CA ALA D 295 -41.69 -71.72 -49.30
C ALA D 295 -41.87 -70.65 -48.23
N ASN D 296 -42.74 -70.87 -47.25
CA ASN D 296 -43.14 -69.81 -46.33
C ASN D 296 -42.71 -70.04 -44.89
N ILE D 297 -41.96 -71.10 -44.60
CA ILE D 297 -41.51 -71.32 -43.23
C ILE D 297 -40.57 -70.20 -42.82
N GLN D 298 -40.66 -69.79 -41.56
CA GLN D 298 -39.80 -68.72 -41.08
C GLN D 298 -38.37 -69.21 -40.95
N LEU D 299 -37.43 -68.39 -41.41
CA LEU D 299 -36.03 -68.77 -41.44
C LEU D 299 -35.46 -69.05 -40.06
N SER D 300 -36.04 -68.51 -39.00
CA SER D 300 -35.49 -68.72 -37.68
C SER D 300 -35.68 -70.14 -37.17
N SER D 301 -36.45 -70.97 -37.87
CA SER D 301 -36.69 -72.34 -37.44
C SER D 301 -35.67 -73.33 -37.97
N ILE D 302 -34.66 -72.86 -38.70
CA ILE D 302 -33.59 -73.73 -39.19
C ILE D 302 -32.44 -73.56 -38.20
N THR D 303 -32.10 -74.64 -37.51
CA THR D 303 -31.14 -74.57 -36.42
C THR D 303 -30.27 -75.82 -36.36
N SER D 304 -29.13 -75.68 -35.67
CA SER D 304 -28.23 -76.78 -35.40
C SER D 304 -28.46 -77.34 -33.99
N GLY D 305 -27.59 -78.24 -33.53
CA GLY D 305 -27.77 -78.87 -32.24
C GLY D 305 -27.57 -77.92 -31.07
N ALA D 306 -28.15 -78.28 -29.92
CA ALA D 306 -28.03 -77.48 -28.72
C ALA D 306 -26.83 -77.90 -27.91
N SER D 307 -26.12 -76.91 -27.35
CA SER D 307 -24.93 -77.22 -26.57
C SER D 307 -25.32 -77.91 -25.27
N SER D 308 -24.33 -78.58 -24.66
CA SER D 308 -24.54 -79.28 -23.40
C SER D 308 -23.63 -78.71 -22.33
N ASN D 309 -24.14 -78.63 -21.11
CA ASN D 309 -23.44 -78.03 -19.99
C ASN D 309 -23.01 -76.62 -20.33
N PRO D 310 -23.94 -75.68 -20.43
CA PRO D 310 -23.53 -74.29 -20.69
C PRO D 310 -22.94 -73.60 -19.48
N LEU D 311 -23.52 -73.83 -18.29
CA LEU D 311 -23.22 -73.00 -17.14
C LEU D 311 -21.76 -73.09 -16.73
N ALA D 312 -21.16 -74.29 -16.81
CA ALA D 312 -19.73 -74.40 -16.57
C ALA D 312 -18.94 -73.53 -17.52
N LYS D 313 -19.33 -73.53 -18.80
CA LYS D 313 -18.59 -72.75 -19.78
C LYS D 313 -18.66 -71.26 -19.48
N LEU D 314 -19.85 -70.78 -19.09
CA LEU D 314 -19.97 -69.38 -18.75
C LEU D 314 -19.09 -69.02 -17.56
N ASP D 315 -19.02 -69.91 -16.56
CA ASP D 315 -18.15 -69.65 -15.43
C ASP D 315 -16.69 -69.55 -15.85
N ALA D 316 -16.24 -70.47 -16.73
CA ALA D 316 -14.85 -70.42 -17.17
C ALA D 316 -14.53 -69.11 -17.89
N ALA D 317 -15.45 -68.66 -18.74
CA ALA D 317 -15.25 -67.39 -19.42
C ALA D 317 -15.08 -66.26 -18.43
N LEU D 318 -15.98 -66.20 -17.44
CA LEU D 318 -15.88 -65.17 -16.43
C LEU D 318 -14.51 -65.19 -15.75
N ALA D 319 -14.00 -66.40 -15.50
CA ALA D 319 -12.69 -66.51 -14.85
C ALA D 319 -11.59 -65.90 -15.70
N ASP D 320 -11.58 -66.17 -17.00
CA ASP D 320 -10.51 -65.58 -17.81
C ASP D 320 -10.58 -64.06 -17.80
N VAL D 321 -11.80 -63.51 -17.87
CA VAL D 321 -11.93 -62.06 -17.88
C VAL D 321 -11.37 -61.46 -16.58
N ASP D 322 -11.73 -62.05 -15.43
CA ASP D 322 -11.31 -61.40 -14.20
C ASP D 322 -9.82 -61.56 -13.96
N THR D 323 -9.23 -62.65 -14.46
CA THR D 323 -7.78 -62.78 -14.42
C THR D 323 -7.11 -61.61 -15.13
N LEU D 324 -7.57 -61.31 -16.34
CA LEU D 324 -6.97 -60.19 -17.07
C LEU D 324 -7.11 -58.89 -16.28
N ARG D 325 -8.30 -58.62 -15.75
CA ARG D 325 -8.49 -57.36 -15.03
C ARG D 325 -7.55 -57.26 -13.84
N SER D 326 -7.33 -58.38 -13.15
CA SER D 326 -6.41 -58.40 -12.03
C SER D 326 -5.01 -57.96 -12.44
N SER D 327 -4.48 -58.54 -13.52
CA SER D 327 -3.13 -58.16 -13.91
C SER D 327 -3.05 -56.69 -14.24
N LEU D 328 -4.09 -56.15 -14.88
CA LEU D 328 -4.07 -54.74 -15.23
C LEU D 328 -4.00 -53.86 -13.99
N GLY D 329 -4.80 -54.17 -12.98
CA GLY D 329 -4.76 -53.39 -11.75
C GLY D 329 -3.40 -53.43 -11.08
N ALA D 330 -2.78 -54.61 -11.06
CA ALA D 330 -1.44 -54.72 -10.50
C ALA D 330 -0.46 -53.79 -11.20
N VAL D 331 -0.50 -53.75 -12.53
CA VAL D 331 0.46 -52.92 -13.26
C VAL D 331 0.26 -51.44 -12.92
N GLN D 332 -1.00 -51.00 -12.83
CA GLN D 332 -1.21 -49.58 -12.48
C GLN D 332 -0.62 -49.26 -11.11
N ASN D 333 -0.88 -50.14 -10.13
CA ASN D 333 -0.27 -49.95 -8.81
C ASN D 333 1.24 -49.85 -8.91
N ARG D 334 1.86 -50.67 -9.75
CA ARG D 334 3.32 -50.59 -9.86
C ARG D 334 3.75 -49.27 -10.49
N PHE D 335 2.96 -48.72 -11.40
CA PHE D 335 3.39 -47.49 -12.07
C PHE D 335 3.42 -46.29 -11.13
N ASP D 336 2.48 -46.19 -10.19
CA ASP D 336 2.43 -44.95 -9.37
C ASP D 336 3.78 -44.65 -8.69
N SER D 337 4.43 -45.70 -8.18
CA SER D 337 5.62 -45.52 -7.37
C SER D 337 6.76 -44.89 -8.15
N VAL D 338 6.87 -45.22 -9.43
CA VAL D 338 7.96 -44.69 -10.24
C VAL D 338 7.85 -43.17 -10.32
N ILE D 339 6.64 -42.64 -10.49
CA ILE D 339 6.49 -41.19 -10.54
C ILE D 339 6.92 -40.58 -9.21
N SER D 340 6.47 -41.16 -8.10
CA SER D 340 6.89 -40.60 -6.81
C SER D 340 8.42 -40.57 -6.71
N ASN D 341 9.03 -41.71 -6.98
CA ASN D 341 10.48 -41.85 -6.87
C ASN D 341 11.19 -40.82 -7.73
N LEU D 342 10.76 -40.68 -8.98
CA LEU D 342 11.44 -39.76 -9.88
C LEU D 342 11.34 -38.33 -9.40
N GLY D 343 10.18 -37.93 -8.89
CA GLY D 343 10.05 -36.57 -8.41
C GLY D 343 11.06 -36.26 -7.32
N THR D 344 11.16 -37.16 -6.33
CA THR D 344 12.10 -36.91 -5.25
C THR D 344 13.54 -36.85 -5.77
N THR D 345 13.91 -37.80 -6.63
CA THR D 345 15.28 -37.85 -7.13
C THR D 345 15.62 -36.59 -7.92
N VAL D 346 14.70 -36.11 -8.74
CA VAL D 346 14.96 -34.91 -9.54
C VAL D 346 15.20 -33.72 -8.63
N THR D 347 14.40 -33.56 -7.58
CA THR D 347 14.64 -32.46 -6.67
C THR D 347 16.04 -32.52 -6.09
N ASN D 348 16.45 -33.70 -5.62
CA ASN D 348 17.74 -33.80 -4.94
C ASN D 348 18.91 -33.53 -5.90
N LEU D 349 18.82 -34.07 -7.12
CA LEU D 349 19.89 -33.85 -8.08
C LEU D 349 20.01 -32.38 -8.47
N SER D 350 18.86 -31.70 -8.65
CA SER D 350 18.91 -30.28 -8.96
C SER D 350 19.57 -29.50 -7.83
N ALA D 351 19.24 -29.84 -6.59
CA ALA D 351 19.84 -29.14 -5.46
C ALA D 351 21.36 -29.31 -5.44
N SER D 352 21.84 -30.53 -5.69
CA SER D 352 23.29 -30.73 -5.69
C SER D 352 23.97 -29.97 -6.82
N ARG D 353 23.33 -29.93 -8.00
CA ARG D 353 23.94 -29.13 -9.07
C ARG D 353 24.04 -27.68 -8.65
N SER D 354 22.98 -27.16 -8.03
CA SER D 354 23.01 -25.77 -7.59
C SER D 354 24.16 -25.53 -6.64
N ARG D 355 24.39 -26.46 -5.72
CA ARG D 355 25.51 -26.28 -4.79
C ARG D 355 26.84 -26.20 -5.53
N ILE D 356 27.05 -27.06 -6.52
CA ILE D 356 28.35 -27.07 -7.20
C ILE D 356 28.51 -25.84 -8.08
N GLN D 357 27.41 -25.31 -8.62
CA GLN D 357 27.47 -24.44 -9.78
C GLN D 357 27.24 -22.96 -9.51
N ASP D 358 26.29 -22.60 -8.66
CA ASP D 358 25.79 -21.24 -8.57
C ASP D 358 26.80 -20.30 -7.91
N ALA D 359 26.43 -19.03 -7.86
CA ALA D 359 27.28 -17.96 -7.36
C ALA D 359 26.58 -17.25 -6.21
N ASP D 360 27.34 -16.93 -5.16
CA ASP D 360 26.77 -16.18 -4.05
C ASP D 360 26.99 -14.70 -4.25
N TYR D 361 26.08 -13.89 -3.70
CA TYR D 361 26.08 -12.46 -3.98
C TYR D 361 26.95 -11.64 -3.04
N ALA D 362 26.71 -11.73 -1.73
CA ALA D 362 27.40 -10.86 -0.79
C ALA D 362 28.90 -10.90 -1.01
N THR D 363 29.44 -12.08 -1.29
CA THR D 363 30.86 -12.22 -1.55
C THR D 363 31.31 -11.33 -2.69
N GLU D 364 30.62 -11.42 -3.83
CA GLU D 364 31.09 -10.71 -5.00
C GLU D 364 30.85 -9.22 -4.87
N VAL D 365 29.77 -8.81 -4.20
CA VAL D 365 29.54 -7.39 -4.00
C VAL D 365 30.68 -6.79 -3.19
N SER D 366 31.06 -7.48 -2.11
CA SER D 366 32.17 -6.98 -1.31
C SER D 366 33.46 -6.91 -2.11
N ASN D 367 33.74 -7.95 -2.90
CA ASN D 367 34.96 -7.93 -3.70
C ASN D 367 34.94 -6.79 -4.70
N MET D 368 33.79 -6.51 -5.31
CA MET D 368 33.70 -5.44 -6.29
C MET D 368 34.01 -4.09 -5.66
N THR D 369 33.41 -3.82 -4.50
CA THR D 369 33.68 -2.54 -3.85
C THR D 369 35.16 -2.41 -3.52
N ARG D 370 35.74 -3.49 -3.00
CA ARG D 370 37.14 -3.48 -2.65
C ARG D 370 37.99 -3.19 -3.87
N ALA D 371 37.61 -3.73 -5.02
CA ALA D 371 38.38 -3.49 -6.23
C ALA D 371 38.29 -2.03 -6.68
N GLN D 372 37.12 -1.41 -6.57
CA GLN D 372 36.97 -0.03 -7.02
C GLN D 372 37.81 0.94 -6.21
N ILE D 373 37.85 0.76 -4.90
CA ILE D 373 38.59 1.72 -4.08
C ILE D 373 40.08 1.73 -4.45
N LEU D 374 40.66 0.56 -4.71
CA LEU D 374 42.06 0.52 -5.10
C LEU D 374 42.31 1.20 -6.43
N GLN D 375 41.34 1.10 -7.35
CA GLN D 375 41.47 1.84 -8.61
C GLN D 375 41.62 3.33 -8.36
N GLN D 376 40.71 3.90 -7.58
CA GLN D 376 40.79 5.35 -7.36
C GLN D 376 42.09 5.72 -6.66
N ALA D 377 42.49 4.93 -5.65
CA ALA D 377 43.72 5.23 -4.93
C ALA D 377 44.93 5.17 -5.85
N GLY D 378 44.98 4.17 -6.73
CA GLY D 378 46.09 4.07 -7.65
C GLY D 378 46.17 5.24 -8.61
N THR D 379 45.02 5.69 -9.13
CA THR D 379 45.06 6.83 -10.04
C THR D 379 45.59 8.08 -9.35
N SER D 380 45.10 8.36 -8.14
CA SER D 380 45.59 9.53 -7.41
C SER D 380 47.09 9.42 -7.16
N VAL D 381 47.54 8.27 -6.68
CA VAL D 381 48.95 8.10 -6.37
C VAL D 381 49.79 8.24 -7.62
N LEU D 382 49.32 7.73 -8.75
CA LEU D 382 50.11 7.83 -9.97
C LEU D 382 50.31 9.28 -10.36
N ALA D 383 49.26 10.09 -10.28
CA ALA D 383 49.44 11.50 -10.59
C ALA D 383 50.45 12.14 -9.65
N GLN D 384 50.33 11.82 -8.36
CA GLN D 384 51.23 12.42 -7.37
C GLN D 384 52.69 12.04 -7.63
N ALA D 385 52.94 10.76 -7.91
CA ALA D 385 54.30 10.32 -8.19
C ALA D 385 54.79 10.87 -9.52
N ASN D 386 53.86 11.12 -10.43
CA ASN D 386 54.25 11.57 -11.77
C ASN D 386 54.74 13.00 -11.74
N GLN D 387 54.17 13.83 -10.88
CA GLN D 387 54.59 15.23 -10.88
C GLN D 387 55.93 15.46 -10.19
N THR D 388 56.70 14.42 -9.91
CA THR D 388 57.86 14.54 -9.02
C THR D 388 58.99 15.35 -9.62
N THR D 389 59.41 15.06 -10.85
CA THR D 389 60.67 15.61 -11.35
C THR D 389 60.58 17.07 -11.76
N GLN D 390 59.41 17.71 -11.63
CA GLN D 390 59.35 19.15 -11.84
C GLN D 390 60.37 19.88 -11.00
N ASN D 391 60.64 19.36 -9.80
CA ASN D 391 61.37 20.14 -8.81
C ASN D 391 62.82 20.37 -9.23
N VAL D 392 63.33 19.55 -10.14
CA VAL D 392 64.71 19.70 -10.57
C VAL D 392 64.91 21.01 -11.31
N LEU D 393 63.94 21.39 -12.15
CA LEU D 393 64.08 22.59 -12.98
C LEU D 393 64.44 23.81 -12.15
N SER D 394 63.92 23.88 -10.92
CA SER D 394 64.22 25.03 -10.08
C SER D 394 65.70 25.17 -9.84
N LEU D 395 66.45 24.09 -10.02
CA LEU D 395 67.86 24.09 -9.65
C LEU D 395 68.67 25.02 -10.56
N LEU D 396 68.35 25.04 -11.84
CA LEU D 396 69.08 25.88 -12.78
C LEU D 396 68.73 27.34 -12.60
N ALA E 2 -0.82 -31.77 -11.61
CA ALA E 2 -0.56 -30.34 -11.56
C ALA E 2 -1.85 -29.55 -11.47
N GLN E 3 -1.75 -28.23 -11.57
CA GLN E 3 -2.91 -27.35 -11.58
C GLN E 3 -3.17 -26.90 -13.01
N VAL E 4 -4.16 -27.49 -13.65
CA VAL E 4 -4.56 -27.13 -15.01
C VAL E 4 -5.95 -26.51 -14.95
N ILE E 5 -6.16 -25.43 -15.71
CA ILE E 5 -7.47 -24.77 -15.73
C ILE E 5 -8.14 -24.82 -17.08
N ASN E 6 -7.51 -25.42 -18.08
CA ASN E 6 -8.19 -25.56 -19.37
C ASN E 6 -9.06 -26.79 -19.41
N THR E 7 -8.99 -27.63 -18.38
CA THR E 7 -9.93 -28.72 -18.24
C THR E 7 -10.06 -29.08 -16.78
N ASN E 8 -11.12 -29.77 -16.43
CA ASN E 8 -11.39 -30.16 -15.06
C ASN E 8 -12.00 -31.55 -15.07
N SER E 9 -11.14 -32.56 -14.96
CA SER E 9 -11.56 -33.92 -15.23
C SER E 9 -12.23 -34.61 -14.06
N LEU E 10 -12.46 -33.91 -12.94
CA LEU E 10 -13.41 -34.42 -11.96
C LEU E 10 -14.84 -34.26 -12.44
N SER E 11 -15.17 -33.10 -12.96
CA SER E 11 -16.54 -32.82 -13.33
C SER E 11 -16.99 -33.73 -14.44
N LEU E 12 -16.08 -34.11 -15.34
CA LEU E 12 -16.47 -35.05 -16.39
C LEU E 12 -16.93 -36.36 -15.81
N MET E 13 -16.18 -36.90 -14.84
CA MET E 13 -16.57 -38.14 -14.21
C MET E 13 -17.91 -38.00 -13.50
N THR E 14 -18.11 -36.90 -12.77
CA THR E 14 -19.37 -36.74 -12.03
C THR E 14 -20.57 -36.67 -12.98
N GLN E 15 -20.47 -35.84 -14.02
CA GLN E 15 -21.53 -35.74 -15.00
C GLN E 15 -21.81 -37.09 -15.62
N ASN E 16 -20.76 -37.80 -16.03
CA ASN E 16 -20.92 -39.15 -16.53
C ASN E 16 -21.72 -40.00 -15.57
N ASN E 17 -21.46 -39.85 -14.28
CA ASN E 17 -21.96 -40.84 -13.36
C ASN E 17 -23.41 -40.58 -12.96
N LEU E 18 -23.87 -39.34 -13.07
CA LEU E 18 -25.22 -38.99 -12.62
C LEU E 18 -26.31 -39.71 -13.43
N ASN E 19 -26.02 -40.01 -14.70
CA ASN E 19 -27.06 -40.53 -15.59
C ASN E 19 -27.53 -41.91 -15.15
N THR E 20 -26.65 -42.68 -14.53
CA THR E 20 -27.05 -44.01 -14.08
C THR E 20 -28.14 -43.94 -13.02
N SER E 21 -28.02 -42.98 -12.09
CA SER E 21 -29.10 -42.76 -11.14
C SER E 21 -30.37 -42.34 -11.85
N GLN E 22 -30.24 -41.43 -12.81
CA GLN E 22 -31.42 -40.93 -13.51
C GLN E 22 -32.21 -42.08 -14.15
N SER E 23 -31.52 -43.03 -14.76
CA SER E 23 -32.23 -44.10 -15.46
C SER E 23 -33.09 -44.93 -14.51
N ALA E 24 -32.53 -45.30 -13.36
CA ALA E 24 -33.28 -46.11 -12.41
C ALA E 24 -34.45 -45.35 -11.84
N LEU E 25 -34.27 -44.05 -11.60
CA LEU E 25 -35.41 -43.24 -11.15
C LEU E 25 -36.54 -43.27 -12.18
N ASN E 26 -36.21 -43.11 -13.46
CA ASN E 26 -37.23 -43.15 -14.50
C ASN E 26 -37.99 -44.46 -14.48
N THR E 27 -37.27 -45.59 -14.47
CA THR E 27 -37.95 -46.88 -14.51
C THR E 27 -38.87 -47.05 -13.31
N ALA E 28 -38.39 -46.67 -12.12
CA ALA E 28 -39.20 -46.81 -10.93
C ALA E 28 -40.49 -46.01 -11.04
N ILE E 29 -40.39 -44.74 -11.44
CA ILE E 29 -41.61 -43.94 -11.58
C ILE E 29 -42.55 -44.59 -12.56
N GLN E 30 -42.02 -45.14 -13.67
CA GLN E 30 -42.88 -45.70 -14.69
C GLN E 30 -43.72 -46.85 -14.16
N ARG E 31 -43.09 -47.80 -13.48
CA ARG E 31 -43.85 -48.97 -13.01
C ARG E 31 -44.87 -48.58 -11.95
N LEU E 32 -44.60 -47.52 -11.18
CA LEU E 32 -45.50 -47.16 -10.09
C LEU E 32 -46.85 -46.68 -10.62
N SER E 33 -46.82 -45.83 -11.66
CA SER E 33 -48.08 -45.38 -12.25
C SER E 33 -48.73 -46.48 -13.06
N SER E 34 -47.96 -47.17 -13.90
CA SER E 34 -48.59 -48.11 -14.81
C SER E 34 -49.28 -49.23 -14.04
N GLY E 35 -48.63 -49.74 -13.00
CA GLY E 35 -49.20 -50.79 -12.19
C GLY E 35 -48.96 -52.19 -12.69
N LEU E 36 -48.07 -52.40 -13.64
CA LEU E 36 -47.79 -53.74 -14.13
C LEU E 36 -46.33 -53.83 -14.57
N ARG E 37 -45.79 -55.04 -14.49
CA ARG E 37 -44.33 -55.22 -14.52
C ARG E 37 -43.77 -55.02 -15.91
N ILE E 38 -44.42 -55.58 -16.93
CA ILE E 38 -43.87 -55.62 -18.27
C ILE E 38 -44.57 -54.52 -19.08
N ASN E 39 -43.90 -53.39 -19.26
CA ASN E 39 -44.43 -52.31 -20.08
C ASN E 39 -43.98 -52.40 -21.52
N SER E 40 -42.99 -53.22 -21.84
CA SER E 40 -42.51 -53.32 -23.21
C SER E 40 -41.84 -54.67 -23.40
N ALA E 41 -41.63 -55.02 -24.66
CA ALA E 41 -40.94 -56.26 -24.97
C ALA E 41 -39.50 -56.23 -24.54
N LYS E 42 -38.99 -55.04 -24.21
CA LYS E 42 -37.59 -54.92 -23.81
C LYS E 42 -37.33 -55.66 -22.50
N ASP E 43 -38.24 -55.57 -21.54
CA ASP E 43 -37.95 -55.98 -20.17
C ASP E 43 -37.87 -57.50 -20.04
N ASP E 44 -38.69 -58.23 -20.78
CA ASP E 44 -38.47 -59.66 -20.91
C ASP E 44 -39.11 -60.13 -22.21
N ALA E 45 -38.55 -61.18 -22.81
CA ALA E 45 -39.04 -61.60 -24.12
C ALA E 45 -40.03 -62.76 -23.99
N ALA E 46 -39.59 -63.89 -23.43
CA ALA E 46 -40.39 -65.10 -23.52
C ALA E 46 -41.57 -65.08 -22.57
N GLY E 47 -41.59 -64.13 -21.64
CA GLY E 47 -42.75 -64.01 -20.76
C GLY E 47 -43.91 -63.33 -21.43
N GLN E 48 -43.64 -62.31 -22.24
CA GLN E 48 -44.71 -61.54 -22.87
C GLN E 48 -45.54 -62.42 -23.77
N ALA E 49 -44.88 -63.29 -24.54
CA ALA E 49 -45.61 -64.19 -25.42
C ALA E 49 -46.57 -65.06 -24.63
N ILE E 50 -46.10 -65.66 -23.55
CA ILE E 50 -46.93 -66.61 -22.82
C ILE E 50 -48.07 -65.87 -22.12
N ALA E 51 -47.81 -64.67 -21.61
CA ALA E 51 -48.89 -63.89 -21.00
C ALA E 51 -49.96 -63.57 -22.03
N ASN E 52 -49.56 -63.21 -23.24
CA ASN E 52 -50.53 -62.94 -24.28
C ASN E 52 -51.35 -64.18 -24.61
N ARG E 53 -50.69 -65.33 -24.67
CA ARG E 53 -51.43 -66.57 -24.94
C ARG E 53 -52.39 -66.90 -23.81
N PHE E 54 -52.03 -66.54 -22.57
CA PHE E 54 -52.97 -66.73 -21.46
C PHE E 54 -54.20 -65.85 -21.64
N THR E 55 -53.99 -64.60 -22.06
CA THR E 55 -55.12 -63.71 -22.26
C THR E 55 -56.07 -64.25 -23.31
N ALA E 56 -55.51 -64.78 -24.40
CA ALA E 56 -56.36 -65.36 -25.44
C ALA E 56 -57.29 -66.42 -24.87
N ASN E 57 -56.75 -67.34 -24.08
CA ASN E 57 -57.57 -68.44 -23.55
C ASN E 57 -58.59 -67.94 -22.54
N ILE E 58 -58.22 -66.96 -21.70
CA ILE E 58 -59.20 -66.45 -20.76
C ILE E 58 -60.39 -65.85 -21.50
N LYS E 59 -60.12 -64.98 -22.47
CA LYS E 59 -61.20 -64.32 -23.19
C LYS E 59 -62.03 -65.34 -23.95
N GLY E 60 -61.40 -66.36 -24.51
CA GLY E 60 -62.15 -67.38 -25.22
C GLY E 60 -63.05 -68.20 -24.31
N LEU E 61 -62.52 -68.66 -23.19
CA LEU E 61 -63.29 -69.55 -22.34
C LEU E 61 -64.46 -68.83 -21.69
N THR E 62 -64.28 -67.54 -21.37
CA THR E 62 -65.40 -66.80 -20.78
C THR E 62 -66.61 -66.81 -21.71
N GLN E 63 -66.40 -66.63 -23.01
CA GLN E 63 -67.51 -66.65 -23.95
C GLN E 63 -68.04 -68.06 -24.17
N ALA E 64 -67.15 -69.04 -24.19
CA ALA E 64 -67.60 -70.41 -24.27
C ALA E 64 -68.53 -70.74 -23.11
N GLN E 65 -68.40 -70.00 -22.01
CA GLN E 65 -69.32 -70.20 -20.90
C GLN E 65 -70.74 -69.78 -21.28
N ARG E 66 -70.90 -68.71 -22.05
CA ARG E 66 -72.23 -68.25 -22.40
C ARG E 66 -72.89 -69.15 -23.43
N ASN E 67 -72.09 -69.73 -24.32
CA ASN E 67 -72.67 -70.66 -25.28
C ASN E 67 -73.46 -71.76 -24.56
N ALA E 68 -72.92 -72.26 -23.45
CA ALA E 68 -73.61 -73.31 -22.71
C ALA E 68 -74.90 -72.83 -22.08
N ASN E 69 -74.94 -71.60 -21.57
CA ASN E 69 -76.19 -71.08 -21.02
C ASN E 69 -77.27 -71.06 -22.08
N ASP E 70 -76.92 -70.62 -23.29
CA ASP E 70 -77.90 -70.65 -24.36
C ASP E 70 -78.40 -72.06 -24.63
N GLY E 71 -77.48 -73.03 -24.67
CA GLY E 71 -77.91 -74.41 -24.88
C GLY E 71 -78.86 -74.89 -23.80
N ILE E 72 -78.57 -74.54 -22.55
CA ILE E 72 -79.44 -74.94 -21.45
C ILE E 72 -80.84 -74.39 -21.66
N SER E 73 -80.92 -73.12 -22.04
CA SER E 73 -82.23 -72.50 -22.22
C SER E 73 -83.03 -73.23 -23.28
N LEU E 74 -82.39 -73.59 -24.40
CA LEU E 74 -83.11 -74.30 -25.45
C LEU E 74 -83.66 -75.63 -24.96
N ALA E 75 -82.80 -76.45 -24.35
CA ALA E 75 -83.24 -77.77 -23.92
C ALA E 75 -84.23 -77.68 -22.78
N GLN E 76 -84.24 -76.57 -22.06
CA GLN E 76 -85.20 -76.37 -20.98
C GLN E 76 -86.56 -75.97 -21.53
N THR E 77 -86.58 -75.19 -22.60
CA THR E 77 -87.86 -74.80 -23.21
C THR E 77 -88.57 -76.00 -23.82
N THR E 78 -87.83 -76.92 -24.45
CA THR E 78 -88.50 -78.00 -25.17
C THR E 78 -89.44 -78.82 -24.29
N GLU E 79 -88.97 -79.27 -23.13
CA GLU E 79 -89.74 -80.22 -22.33
C GLU E 79 -91.05 -79.61 -21.82
N GLY E 80 -91.03 -78.31 -21.55
CA GLY E 80 -92.25 -77.65 -21.13
C GLY E 80 -93.33 -77.70 -22.18
N ALA E 81 -92.94 -77.72 -23.45
CA ALA E 81 -93.91 -77.93 -24.51
C ALA E 81 -94.35 -79.39 -24.57
N LEU E 82 -93.45 -80.31 -24.24
CA LEU E 82 -93.80 -81.73 -24.34
C LEU E 82 -94.82 -82.14 -23.28
N THR E 83 -94.83 -81.43 -22.15
CA THR E 83 -95.70 -81.81 -21.04
C THR E 83 -97.17 -81.89 -21.45
N GLU E 84 -97.64 -80.90 -22.21
CA GLU E 84 -99.06 -80.87 -22.54
C GLU E 84 -99.42 -81.98 -23.53
N VAL E 85 -98.49 -82.34 -24.40
CA VAL E 85 -98.72 -83.50 -25.27
C VAL E 85 -98.96 -84.74 -24.43
N ASN E 86 -98.13 -84.94 -23.42
CA ASN E 86 -98.34 -86.06 -22.51
C ASN E 86 -99.74 -86.01 -21.89
N ASN E 87 -100.12 -84.85 -21.37
CA ASN E 87 -101.40 -84.75 -20.67
C ASN E 87 -102.57 -85.00 -21.60
N ASN E 88 -102.42 -84.69 -22.89
CA ASN E 88 -103.51 -84.94 -23.82
C ASN E 88 -103.65 -86.43 -24.14
N LEU E 89 -102.52 -87.10 -24.34
CA LEU E 89 -102.60 -88.54 -24.64
C LEU E 89 -103.17 -89.32 -23.47
N GLN E 90 -102.82 -88.92 -22.24
CA GLN E 90 -103.40 -89.61 -21.09
C GLN E 90 -104.91 -89.57 -21.13
N ARG E 91 -105.50 -88.41 -21.39
CA ARG E 91 -106.95 -88.29 -21.38
C ARG E 91 -107.57 -89.03 -22.55
N ILE E 92 -106.89 -89.07 -23.70
CA ILE E 92 -107.46 -89.80 -24.83
C ILE E 92 -107.57 -91.29 -24.52
N ARG E 93 -106.55 -91.88 -23.90
CA ARG E 93 -106.63 -93.31 -23.61
C ARG E 93 -107.73 -93.60 -22.58
N GLU E 94 -107.86 -92.75 -21.57
CA GLU E 94 -108.92 -92.92 -20.59
C GLU E 94 -110.30 -92.84 -21.24
N LEU E 95 -110.48 -91.90 -22.17
CA LEU E 95 -111.72 -91.85 -22.92
C LEU E 95 -111.97 -93.14 -23.66
N SER E 96 -110.95 -93.62 -24.39
CA SER E 96 -111.14 -94.81 -25.22
C SER E 96 -111.51 -96.02 -24.41
N VAL E 97 -111.10 -96.08 -23.15
CA VAL E 97 -111.52 -97.21 -22.31
C VAL E 97 -113.03 -97.23 -22.17
N GLN E 98 -113.66 -96.05 -22.17
CA GLN E 98 -115.10 -95.99 -21.91
C GLN E 98 -115.90 -96.50 -23.10
N ALA E 99 -115.41 -96.28 -24.31
CA ALA E 99 -116.16 -96.61 -25.52
C ALA E 99 -116.28 -98.09 -25.76
N ALA E 100 -115.51 -98.93 -25.08
CA ALA E 100 -115.52 -100.35 -25.35
C ALA E 100 -116.67 -101.08 -24.67
N THR E 101 -117.46 -100.41 -23.84
CA THR E 101 -118.64 -101.04 -23.26
C THR E 101 -119.69 -101.30 -24.32
N GLY E 102 -120.35 -102.45 -24.21
CA GLY E 102 -121.40 -102.76 -25.17
C GLY E 102 -122.72 -102.09 -24.83
N SER E 103 -122.79 -101.44 -23.67
CA SER E 103 -124.05 -100.83 -23.25
C SER E 103 -124.37 -99.56 -24.02
N ASN E 104 -123.34 -98.82 -24.43
CA ASN E 104 -123.54 -97.52 -25.04
C ASN E 104 -124.27 -97.65 -26.37
N SER E 105 -125.05 -96.62 -26.71
CA SER E 105 -125.69 -96.55 -28.01
C SER E 105 -124.85 -95.67 -28.95
N ALA E 106 -125.37 -95.48 -30.17
CA ALA E 106 -124.56 -94.86 -31.22
C ALA E 106 -124.23 -93.41 -30.92
N SER E 107 -125.26 -92.61 -30.60
CA SER E 107 -125.02 -91.18 -30.42
C SER E 107 -124.01 -90.93 -29.33
N ASP E 108 -123.94 -91.82 -28.34
CA ASP E 108 -122.94 -91.69 -27.30
C ASP E 108 -121.53 -91.80 -27.88
N LEU E 109 -121.33 -92.77 -28.76
CA LEU E 109 -120.02 -92.92 -29.37
C LEU E 109 -119.67 -91.71 -30.22
N GLN E 110 -120.67 -91.15 -30.90
CA GLN E 110 -120.41 -89.93 -31.67
C GLN E 110 -119.98 -88.78 -30.78
N SER E 111 -120.67 -88.61 -29.65
CA SER E 111 -120.37 -87.50 -28.75
C SER E 111 -119.03 -87.69 -28.07
N ILE E 112 -118.54 -88.93 -28.00
CA ILE E 112 -117.18 -89.15 -27.53
C ILE E 112 -116.17 -88.79 -28.63
N GLN E 113 -116.47 -89.20 -29.86
CA GLN E 113 -115.51 -89.07 -30.93
C GLN E 113 -115.20 -87.61 -31.22
N ASP E 114 -116.17 -86.73 -31.05
CA ASP E 114 -115.87 -85.32 -31.35
C ASP E 114 -114.79 -84.78 -30.44
N GLU E 115 -114.87 -85.08 -29.14
CA GLU E 115 -113.84 -84.59 -28.22
C GLU E 115 -112.50 -85.27 -28.49
N ILE E 116 -112.51 -86.55 -28.85
CA ILE E 116 -111.24 -87.16 -29.24
C ILE E 116 -110.62 -86.39 -30.40
N LYS E 117 -111.45 -86.00 -31.38
CA LYS E 117 -110.96 -85.22 -32.51
C LYS E 117 -110.29 -83.94 -32.04
N GLN E 118 -110.93 -83.21 -31.13
CA GLN E 118 -110.34 -81.94 -30.68
C GLN E 118 -108.95 -82.14 -30.11
N ARG E 119 -108.80 -83.06 -29.16
CA ARG E 119 -107.50 -83.30 -28.57
C ARG E 119 -106.47 -83.65 -29.62
N LEU E 120 -106.87 -84.42 -30.64
CA LEU E 120 -105.89 -84.82 -31.64
C LEU E 120 -105.40 -83.63 -32.46
N GLU E 121 -106.22 -82.59 -32.60
CA GLU E 121 -105.75 -81.39 -33.29
C GLU E 121 -104.83 -80.57 -32.39
N GLU E 122 -105.04 -80.66 -31.09
CA GLU E 122 -104.18 -79.88 -30.20
C GLU E 122 -102.70 -80.25 -30.35
N ILE E 123 -102.41 -81.54 -30.50
CA ILE E 123 -101.02 -81.98 -30.67
C ILE E 123 -100.41 -81.35 -31.90
N ASN E 124 -101.14 -81.37 -33.01
CA ASN E 124 -100.63 -80.79 -34.24
C ASN E 124 -100.34 -79.31 -34.05
N ARG E 125 -101.24 -78.58 -33.41
CA ARG E 125 -101.00 -77.15 -33.23
C ARG E 125 -99.77 -76.89 -32.37
N VAL E 126 -99.62 -77.64 -31.28
CA VAL E 126 -98.47 -77.45 -30.41
C VAL E 126 -97.19 -77.67 -31.17
N SER E 127 -97.13 -78.71 -32.01
CA SER E 127 -95.89 -78.97 -32.72
C SER E 127 -95.56 -77.86 -33.69
N GLU E 128 -96.57 -77.30 -34.35
CA GLU E 128 -96.31 -76.28 -35.36
C GLU E 128 -95.85 -74.98 -34.74
N GLN E 129 -96.52 -74.50 -33.69
CA GLN E 129 -96.41 -73.08 -33.38
C GLN E 129 -95.35 -72.79 -32.31
N THR E 130 -94.61 -73.80 -31.87
CA THR E 130 -93.59 -73.58 -30.86
C THR E 130 -92.23 -73.26 -31.50
N GLN E 131 -91.54 -72.25 -31.00
CA GLN E 131 -90.25 -71.90 -31.57
C GLN E 131 -89.43 -71.09 -30.58
N PHE E 132 -88.12 -71.13 -30.77
CA PHE E 132 -87.16 -70.44 -29.91
C PHE E 132 -86.10 -69.80 -30.80
N ASN E 133 -86.11 -68.48 -30.88
CA ASN E 133 -85.20 -67.73 -31.75
C ASN E 133 -85.40 -68.11 -33.21
N GLY E 134 -86.65 -68.33 -33.58
CA GLY E 134 -86.96 -68.59 -34.97
C GLY E 134 -86.58 -69.96 -35.48
N VAL E 135 -86.35 -70.93 -34.60
CA VAL E 135 -86.05 -72.30 -35.00
C VAL E 135 -87.13 -73.21 -34.48
N LYS E 136 -87.80 -73.90 -35.38
CA LYS E 136 -88.88 -74.82 -35.01
C LYS E 136 -88.23 -76.03 -34.35
N VAL E 137 -88.41 -76.16 -33.04
CA VAL E 137 -87.71 -77.21 -32.31
C VAL E 137 -88.35 -78.57 -32.55
N LEU E 138 -89.65 -78.60 -32.85
CA LEU E 138 -90.39 -79.84 -32.86
C LEU E 138 -90.98 -80.20 -34.21
N ALA E 139 -90.36 -79.81 -35.33
CA ALA E 139 -90.94 -80.14 -36.63
C ALA E 139 -89.91 -80.53 -37.68
N LYS E 140 -88.69 -80.92 -37.30
CA LYS E 140 -87.63 -81.06 -38.28
C LYS E 140 -86.90 -82.39 -38.29
N ASP E 141 -86.66 -83.00 -37.13
CA ASP E 141 -85.96 -84.29 -37.07
C ASP E 141 -84.52 -84.18 -37.55
N THR E 142 -83.74 -83.32 -36.89
CA THR E 142 -82.31 -83.21 -37.13
C THR E 142 -81.63 -82.82 -35.83
N LYS E 143 -80.30 -82.81 -35.84
CA LYS E 143 -79.52 -82.51 -34.64
C LYS E 143 -78.72 -81.23 -34.84
N MET E 144 -78.61 -80.44 -33.77
CA MET E 144 -77.86 -79.20 -33.79
C MET E 144 -76.80 -79.26 -32.71
N ASN E 145 -75.71 -78.55 -32.92
CA ASN E 145 -74.53 -78.68 -32.08
C ASN E 145 -74.10 -77.33 -31.53
N ILE E 146 -73.99 -77.25 -30.20
CA ILE E 146 -73.42 -76.09 -29.55
C ILE E 146 -71.90 -76.18 -29.63
N GLN E 147 -71.22 -75.09 -29.31
CA GLN E 147 -69.76 -75.06 -29.41
C GLN E 147 -69.18 -74.61 -28.08
N VAL E 148 -68.63 -75.57 -27.34
CA VAL E 148 -68.14 -75.36 -25.98
C VAL E 148 -66.64 -75.52 -25.96
N GLY E 149 -65.92 -74.48 -25.57
CA GLY E 149 -64.48 -74.54 -25.64
C GLY E 149 -63.91 -73.45 -26.52
N ALA E 150 -62.58 -73.34 -26.56
CA ALA E 150 -61.92 -72.22 -27.24
C ALA E 150 -61.13 -72.65 -28.46
N ASN E 151 -61.55 -73.70 -29.16
CA ASN E 151 -60.86 -74.15 -30.36
C ASN E 151 -61.88 -74.74 -31.32
N ASP E 152 -61.37 -75.41 -32.35
CA ASP E 152 -62.22 -75.95 -33.39
C ASP E 152 -62.65 -77.38 -33.04
N GLY E 153 -63.81 -77.78 -33.54
CA GLY E 153 -64.29 -79.12 -33.27
C GLY E 153 -64.58 -79.38 -31.82
N GLU E 154 -65.36 -78.51 -31.19
CA GLU E 154 -65.63 -78.58 -29.76
C GLU E 154 -67.10 -78.80 -29.45
N ILE E 155 -67.81 -79.50 -30.32
CA ILE E 155 -69.27 -79.41 -30.31
C ILE E 155 -69.89 -80.46 -29.39
N ILE E 156 -71.14 -80.21 -29.00
CA ILE E 156 -71.97 -81.14 -28.26
C ILE E 156 -73.33 -81.20 -28.95
N ALA E 157 -73.83 -82.40 -29.17
CA ALA E 157 -74.96 -82.61 -30.06
C ALA E 157 -76.25 -82.88 -29.27
N ILE E 158 -77.36 -82.43 -29.84
CA ILE E 158 -78.68 -82.64 -29.26
C ILE E 158 -79.57 -83.25 -30.34
N ASP E 159 -80.36 -84.29 -29.98
CA ASP E 159 -80.95 -85.14 -30.99
C ASP E 159 -82.14 -84.48 -31.71
N LEU E 160 -83.14 -84.00 -30.97
CA LEU E 160 -84.24 -83.23 -31.54
C LEU E 160 -85.02 -84.00 -32.60
N LYS E 161 -85.76 -85.03 -32.18
CA LYS E 161 -86.64 -85.68 -33.13
C LYS E 161 -87.90 -84.85 -33.39
N GLU E 162 -88.83 -85.44 -34.14
CA GLU E 162 -89.97 -84.71 -34.68
C GLU E 162 -91.27 -85.45 -34.40
N ILE E 163 -92.30 -84.71 -34.01
CA ILE E 163 -93.52 -85.27 -33.44
C ILE E 163 -94.73 -84.63 -34.08
N THR E 164 -95.64 -85.46 -34.59
CA THR E 164 -96.93 -85.02 -35.10
C THR E 164 -97.97 -86.08 -34.79
N ALA E 165 -99.17 -85.89 -35.33
CA ALA E 165 -100.20 -86.89 -35.16
C ALA E 165 -100.01 -88.06 -36.10
N LYS E 166 -99.24 -87.84 -37.17
CA LYS E 166 -99.00 -88.92 -38.14
C LYS E 166 -97.80 -89.75 -37.75
N THR E 167 -96.80 -89.13 -37.14
CA THR E 167 -95.59 -89.83 -36.78
C THR E 167 -95.82 -90.86 -35.69
N LEU E 168 -96.62 -90.53 -34.69
CA LEU E 168 -96.98 -91.47 -33.64
C LEU E 168 -97.84 -92.61 -34.14
N GLY E 169 -98.39 -92.50 -35.34
CA GLY E 169 -99.22 -93.55 -35.89
C GLY E 169 -100.70 -93.41 -35.58
N LEU E 170 -101.17 -92.22 -35.24
CA LEU E 170 -102.53 -92.02 -34.79
C LEU E 170 -103.45 -91.50 -35.89
N ASP E 171 -102.99 -91.45 -37.13
CA ASP E 171 -103.79 -90.88 -38.19
C ASP E 171 -105.09 -91.65 -38.38
N GLY E 172 -106.19 -90.91 -38.52
CA GLY E 172 -107.48 -91.55 -38.78
C GLY E 172 -107.89 -92.51 -37.71
N PHE E 173 -107.63 -92.18 -36.45
CA PHE E 173 -107.96 -93.04 -35.33
C PHE E 173 -109.34 -92.66 -34.80
N ASN E 174 -110.30 -93.56 -34.96
CA ASN E 174 -111.65 -93.24 -34.51
C ASN E 174 -112.26 -94.43 -33.83
N VAL E 175 -113.34 -94.15 -33.09
CA VAL E 175 -114.28 -95.15 -32.66
C VAL E 175 -115.65 -94.71 -33.16
N SER E 176 -116.56 -95.68 -33.27
CA SER E 176 -117.91 -95.58 -33.84
C SER E 176 -117.94 -95.69 -35.35
N GLY E 177 -116.81 -95.76 -36.03
CA GLY E 177 -116.80 -96.02 -37.46
C GLY E 177 -117.42 -94.92 -38.29
N PRO E 178 -117.95 -95.27 -39.45
CA PRO E 178 -118.43 -94.25 -40.40
C PRO E 178 -119.73 -93.62 -39.93
N LYS E 179 -119.99 -92.41 -40.44
CA LYS E 179 -121.25 -91.75 -40.15
C LYS E 179 -122.29 -91.92 -41.24
N GLY E 180 -121.93 -91.61 -42.50
CA GLY E 180 -122.90 -91.69 -43.57
C GLY E 180 -122.49 -92.75 -44.58
N THR E 181 -123.19 -92.75 -45.71
CA THR E 181 -122.83 -93.65 -46.78
C THR E 181 -121.55 -93.17 -47.46
N PRO E 182 -120.51 -93.98 -47.51
CA PRO E 182 -119.24 -93.53 -48.10
C PRO E 182 -119.34 -93.39 -49.62
N ALA E 183 -118.40 -92.64 -50.18
CA ALA E 183 -118.35 -92.36 -51.61
C ALA E 183 -116.91 -92.40 -52.10
N ALA E 184 -116.71 -91.91 -53.32
CA ALA E 184 -115.44 -92.11 -54.00
C ALA E 184 -114.39 -91.12 -53.52
N LEU E 185 -113.19 -91.24 -54.11
CA LEU E 185 -112.04 -90.43 -53.73
C LEU E 185 -111.81 -89.36 -54.78
N VAL E 186 -111.95 -88.09 -54.39
CA VAL E 186 -111.64 -86.98 -55.27
C VAL E 186 -110.14 -86.72 -55.25
N ALA E 187 -109.67 -85.85 -56.13
CA ALA E 187 -108.24 -85.56 -56.20
C ALA E 187 -107.75 -84.82 -54.96
N ALA E 188 -108.62 -84.05 -54.31
CA ALA E 188 -108.17 -83.19 -53.23
C ALA E 188 -107.65 -83.99 -52.04
N ASP E 189 -108.31 -85.11 -51.72
CA ASP E 189 -107.95 -85.84 -50.51
C ASP E 189 -106.55 -86.43 -50.62
N TYR E 190 -106.16 -86.83 -51.83
CA TYR E 190 -104.80 -87.34 -52.02
C TYR E 190 -103.78 -86.29 -51.61
N GLN E 191 -104.00 -85.03 -51.99
CA GLN E 191 -103.08 -83.98 -51.58
C GLN E 191 -103.09 -83.81 -50.06
N ALA E 192 -104.28 -83.79 -49.45
CA ALA E 192 -104.36 -83.55 -48.02
C ALA E 192 -103.65 -84.64 -47.24
N ALA E 193 -103.63 -85.86 -47.77
CA ALA E 193 -103.00 -86.95 -47.03
C ALA E 193 -101.52 -87.10 -47.37
N TYR E 194 -101.11 -86.68 -48.58
CA TYR E 194 -99.75 -86.95 -49.02
C TYR E 194 -99.00 -85.70 -49.49
N GLY E 195 -99.60 -84.53 -49.43
CA GLY E 195 -98.88 -83.33 -49.80
C GLY E 195 -99.43 -82.70 -51.07
N THR E 196 -99.30 -81.36 -51.14
CA THR E 196 -100.02 -80.60 -52.15
C THR E 196 -99.35 -80.71 -53.53
N THR E 197 -98.16 -81.30 -53.59
CA THR E 197 -97.53 -81.61 -54.86
C THR E 197 -97.35 -83.10 -55.07
N THR E 198 -98.22 -83.91 -54.47
CA THR E 198 -98.11 -85.36 -54.60
C THR E 198 -98.24 -85.78 -56.06
N ASN E 199 -97.83 -87.01 -56.33
CA ASN E 199 -98.01 -87.61 -57.65
C ASN E 199 -98.88 -88.86 -57.63
N VAL E 200 -99.37 -89.27 -56.46
CA VAL E 200 -100.23 -90.43 -56.40
C VAL E 200 -101.66 -90.03 -56.77
N THR E 201 -102.32 -90.88 -57.56
CA THR E 201 -103.68 -90.59 -57.99
C THR E 201 -104.63 -91.78 -57.96
N THR E 202 -104.14 -92.99 -57.73
CA THR E 202 -105.02 -94.16 -57.74
C THR E 202 -104.69 -95.06 -56.56
N THR E 203 -105.69 -95.83 -56.13
CA THR E 203 -105.58 -96.65 -54.93
C THR E 203 -106.05 -98.07 -55.23
N ALA E 204 -105.46 -99.04 -54.54
CA ALA E 204 -105.77 -100.45 -54.74
C ALA E 204 -105.52 -101.21 -53.46
N VAL E 205 -106.45 -102.09 -53.09
CA VAL E 205 -106.38 -102.85 -51.84
C VAL E 205 -106.57 -104.33 -52.12
N THR E 206 -105.65 -105.15 -51.62
CA THR E 206 -105.75 -106.59 -51.67
C THR E 206 -105.19 -107.16 -50.38
N GLU E 207 -105.74 -108.29 -49.95
CA GLU E 207 -105.31 -108.90 -48.71
C GLU E 207 -103.89 -109.44 -48.84
N SER E 208 -103.30 -109.83 -47.70
CA SER E 208 -101.90 -110.20 -47.68
C SER E 208 -101.69 -111.70 -47.82
N SER E 209 -102.25 -112.49 -46.92
CA SER E 209 -102.06 -113.94 -46.91
C SER E 209 -103.34 -114.63 -47.38
N ALA E 210 -103.22 -115.42 -48.43
CA ALA E 210 -104.37 -115.85 -49.23
C ALA E 210 -105.46 -116.49 -48.38
N ASN E 211 -106.64 -115.86 -48.38
CA ASN E 211 -107.86 -116.42 -47.81
C ASN E 211 -107.71 -116.73 -46.33
N ALA E 212 -106.89 -115.93 -45.64
CA ALA E 212 -106.71 -116.13 -44.21
C ALA E 212 -107.99 -115.88 -43.44
N LEU E 213 -108.74 -114.83 -43.82
CA LEU E 213 -109.93 -114.46 -43.07
C LEU E 213 -110.98 -115.56 -43.12
N ALA E 214 -111.15 -116.19 -44.29
CA ALA E 214 -112.13 -117.27 -44.39
C ALA E 214 -111.76 -118.43 -43.48
N GLY E 215 -110.48 -118.81 -43.46
CA GLY E 215 -110.07 -119.91 -42.60
C GLY E 215 -110.21 -119.58 -41.13
N ARG E 216 -109.81 -118.37 -40.73
CA ARG E 216 -109.97 -117.97 -39.34
C ARG E 216 -111.44 -117.83 -38.96
N LEU E 217 -112.30 -117.64 -39.95
CA LEU E 217 -113.73 -117.53 -39.68
C LEU E 217 -114.48 -118.83 -39.95
N GLY E 218 -113.86 -119.77 -40.65
CA GLY E 218 -114.37 -121.12 -40.75
C GLY E 218 -115.60 -121.34 -41.62
N VAL E 219 -115.61 -120.79 -42.83
CA VAL E 219 -116.67 -121.06 -43.80
C VAL E 219 -116.02 -121.39 -45.14
N ALA E 220 -116.87 -121.57 -46.15
CA ALA E 220 -116.40 -121.89 -47.49
C ALA E 220 -115.52 -120.77 -48.03
N ASN E 221 -114.48 -121.16 -48.77
CA ASN E 221 -113.49 -120.19 -49.22
C ASN E 221 -114.12 -119.13 -50.11
N GLY E 222 -115.18 -119.49 -50.82
CA GLY E 222 -115.84 -118.53 -51.70
C GLY E 222 -116.91 -117.70 -51.04
N SER E 223 -117.03 -117.76 -49.72
CA SER E 223 -118.15 -117.11 -49.04
C SER E 223 -118.00 -115.59 -49.03
N VAL E 224 -116.78 -115.08 -48.92
CA VAL E 224 -116.54 -113.66 -48.74
C VAL E 224 -115.62 -113.16 -49.85
N ALA E 225 -115.77 -111.89 -50.21
CA ALA E 225 -114.95 -111.25 -51.23
C ALA E 225 -114.54 -109.86 -50.76
N LEU E 226 -113.42 -109.38 -51.27
CA LEU E 226 -112.85 -108.09 -50.89
C LEU E 226 -113.03 -107.10 -52.03
N ALA E 227 -113.50 -105.90 -51.69
CA ALA E 227 -113.62 -104.85 -52.70
C ALA E 227 -112.24 -104.45 -53.20
N ALA E 228 -112.18 -103.96 -54.44
CA ALA E 228 -110.89 -103.72 -55.08
C ALA E 228 -110.24 -102.45 -54.56
N THR E 229 -111.04 -101.47 -54.12
CA THR E 229 -110.53 -100.13 -53.89
C THR E 229 -111.05 -99.58 -52.57
N ALA E 230 -110.34 -98.58 -52.06
CA ALA E 230 -110.74 -97.89 -50.85
C ALA E 230 -111.92 -96.97 -51.13
N GLU E 231 -112.42 -96.33 -50.07
CA GLU E 231 -113.58 -95.47 -50.16
C GLU E 231 -113.74 -94.70 -48.87
N LYS E 232 -114.15 -93.43 -48.99
CA LYS E 232 -114.12 -92.49 -47.87
C LYS E 232 -115.53 -92.11 -47.44
N ASP E 233 -115.66 -91.76 -46.17
CA ASP E 233 -116.91 -91.22 -45.64
C ASP E 233 -116.89 -89.69 -45.72
N ASP E 234 -117.81 -89.06 -44.99
CA ASP E 234 -117.95 -87.61 -45.05
C ASP E 234 -116.85 -86.89 -44.29
N ASN E 235 -116.36 -87.47 -43.19
CA ASN E 235 -115.37 -86.80 -42.35
C ASN E 235 -113.94 -87.06 -42.78
N GLY E 236 -113.74 -87.84 -43.84
CA GLY E 236 -112.42 -88.00 -44.42
C GLY E 236 -111.67 -89.27 -44.07
N ASN E 237 -112.28 -90.18 -43.33
CA ASN E 237 -111.65 -91.46 -43.01
C ASN E 237 -111.74 -92.38 -44.22
N TRP E 238 -110.76 -93.25 -44.38
CA TRP E 238 -110.82 -94.21 -45.46
C TRP E 238 -111.25 -95.57 -44.92
N TYR E 239 -112.00 -96.32 -45.73
CA TYR E 239 -112.54 -97.58 -45.29
C TYR E 239 -112.42 -98.60 -46.42
N ALA E 240 -112.40 -99.88 -46.06
CA ALA E 240 -112.43 -100.96 -47.02
C ALA E 240 -113.61 -101.88 -46.72
N THR E 241 -114.15 -102.51 -47.75
CA THR E 241 -115.44 -103.20 -47.65
C THR E 241 -115.25 -104.70 -47.84
N VAL E 242 -115.93 -105.48 -47.00
CA VAL E 242 -116.04 -106.92 -47.17
C VAL E 242 -117.52 -107.27 -47.17
N THR E 243 -117.90 -108.26 -47.97
CA THR E 243 -119.29 -108.71 -48.07
C THR E 243 -119.36 -110.20 -47.79
N ILE E 244 -120.36 -110.60 -47.00
CA ILE E 244 -120.51 -111.97 -46.53
C ILE E 244 -121.90 -112.47 -46.90
N THR E 245 -121.96 -113.67 -47.47
CA THR E 245 -123.23 -114.32 -47.79
C THR E 245 -123.21 -115.74 -47.23
N ALA E 246 -124.22 -116.07 -46.43
CA ALA E 246 -124.26 -117.36 -45.76
C ALA E 246 -124.67 -118.45 -46.75
N GLY E 247 -123.91 -119.55 -46.75
CA GLY E 247 -124.22 -120.63 -47.67
C GLY E 247 -125.40 -121.47 -47.22
N SER E 248 -125.25 -122.19 -46.11
CA SER E 248 -126.25 -123.14 -45.67
C SER E 248 -126.53 -122.93 -44.19
N ALA E 249 -127.57 -123.60 -43.70
CA ALA E 249 -128.04 -123.38 -42.34
C ALA E 249 -126.98 -123.79 -41.32
N THR E 250 -126.08 -124.69 -41.68
CA THR E 250 -125.06 -125.12 -40.73
C THR E 250 -124.15 -123.97 -40.34
N GLU E 251 -123.57 -123.28 -41.32
CA GLU E 251 -122.55 -122.29 -41.04
C GLU E 251 -123.11 -120.91 -40.72
N VAL E 252 -124.39 -120.65 -40.98
CA VAL E 252 -125.00 -119.43 -40.48
C VAL E 252 -124.99 -119.44 -38.96
N SER E 253 -125.12 -120.62 -38.37
CA SER E 253 -125.02 -120.74 -36.91
C SER E 253 -123.62 -120.39 -36.43
N THR E 254 -122.59 -120.87 -37.14
CA THR E 254 -121.23 -120.52 -36.76
C THR E 254 -121.00 -119.02 -36.85
N LEU E 255 -121.47 -118.39 -37.93
CA LEU E 255 -121.28 -116.95 -38.07
C LEU E 255 -122.04 -116.17 -37.01
N LYS E 256 -123.23 -116.65 -36.65
CA LYS E 256 -123.96 -116.04 -35.53
C LYS E 256 -123.19 -116.18 -34.23
N ALA E 257 -122.56 -117.35 -34.02
CA ALA E 257 -121.78 -117.56 -32.81
C ALA E 257 -120.59 -116.61 -32.74
N LYS E 258 -119.92 -116.40 -33.88
CA LYS E 258 -118.78 -115.49 -33.89
C LYS E 258 -119.21 -114.05 -33.63
N GLY E 259 -120.49 -113.76 -33.82
CA GLY E 259 -121.02 -112.44 -33.51
C GLY E 259 -121.37 -111.58 -34.71
N PHE E 260 -121.68 -112.17 -35.87
CA PHE E 260 -121.91 -111.36 -37.06
C PHE E 260 -123.39 -111.22 -37.39
N GLU E 261 -124.22 -112.16 -36.92
CA GLU E 261 -125.68 -112.09 -37.05
C GLU E 261 -126.11 -111.71 -38.48
N VAL E 262 -125.76 -112.56 -39.43
CA VAL E 262 -126.07 -112.33 -40.82
C VAL E 262 -127.24 -113.23 -41.21
N GLU E 263 -128.01 -112.78 -42.18
CA GLU E 263 -129.13 -113.56 -42.72
C GLU E 263 -128.58 -114.71 -43.56
N ASN E 264 -129.46 -115.64 -43.93
CA ASN E 264 -129.10 -116.78 -44.76
C ASN E 264 -129.39 -116.45 -46.22
N GLY E 265 -128.43 -116.74 -47.09
CA GLY E 265 -128.61 -116.51 -48.50
C GLY E 265 -128.72 -115.07 -48.92
N VAL E 266 -128.42 -114.12 -48.02
CA VAL E 266 -128.52 -112.70 -48.30
C VAL E 266 -127.17 -112.05 -48.03
N ALA E 267 -126.72 -111.24 -48.97
CA ALA E 267 -125.45 -110.55 -48.81
C ALA E 267 -125.58 -109.38 -47.83
N LYS E 268 -124.50 -109.13 -47.11
CA LYS E 268 -124.36 -107.93 -46.30
C LYS E 268 -122.88 -107.59 -46.24
N GLU E 269 -122.58 -106.36 -45.85
CA GLU E 269 -121.21 -105.87 -45.91
C GLU E 269 -120.79 -105.25 -44.59
N PHE E 270 -119.50 -105.36 -44.29
CA PHE E 270 -118.90 -104.76 -43.10
C PHE E 270 -117.63 -104.05 -43.51
N TYR E 271 -117.35 -102.93 -42.85
CA TYR E 271 -116.24 -102.06 -43.19
C TYR E 271 -115.01 -102.38 -42.36
N ILE E 272 -113.87 -101.90 -42.83
CA ILE E 272 -112.60 -102.00 -42.12
C ILE E 272 -111.90 -100.66 -42.21
N ALA E 273 -111.44 -100.14 -41.07
CA ALA E 273 -110.77 -98.85 -41.06
C ALA E 273 -109.39 -98.97 -41.69
N LEU E 274 -108.87 -97.84 -42.17
CA LEU E 274 -107.58 -97.79 -42.83
C LEU E 274 -106.74 -96.66 -42.28
N ASP E 275 -105.42 -96.81 -42.46
CA ASP E 275 -104.46 -95.76 -42.11
C ASP E 275 -103.79 -95.28 -43.37
N PRO E 276 -103.94 -94.00 -43.74
CA PRO E 276 -103.30 -93.52 -44.97
C PRO E 276 -101.79 -93.70 -44.99
N GLN E 277 -101.12 -93.55 -43.85
CA GLN E 277 -99.66 -93.52 -43.86
C GLN E 277 -99.07 -94.92 -43.98
N SER E 278 -99.90 -95.96 -43.84
CA SER E 278 -99.38 -97.32 -43.88
C SER E 278 -99.11 -97.78 -45.30
N ALA E 279 -99.57 -97.00 -46.29
CA ALA E 279 -99.41 -97.40 -47.68
C ALA E 279 -97.95 -97.39 -48.08
N ASP E 280 -97.62 -98.18 -49.11
CA ASP E 280 -96.32 -98.11 -49.76
C ASP E 280 -96.52 -97.65 -51.19
N VAL E 281 -95.84 -96.57 -51.57
CA VAL E 281 -96.05 -95.91 -52.84
C VAL E 281 -94.84 -96.00 -53.75
N THR E 282 -93.71 -96.50 -53.27
CA THR E 282 -92.51 -96.51 -54.08
C THR E 282 -92.52 -97.64 -55.11
N THR E 283 -93.12 -98.77 -54.76
CA THR E 283 -93.02 -99.95 -55.61
C THR E 283 -93.82 -99.80 -56.90
N THR E 284 -94.94 -99.09 -56.85
CA THR E 284 -95.79 -98.89 -58.01
C THR E 284 -96.07 -97.41 -58.18
N ALA E 285 -95.46 -96.80 -59.19
CA ALA E 285 -95.51 -95.35 -59.34
C ALA E 285 -96.94 -94.86 -59.47
N GLY E 286 -97.26 -93.79 -58.76
CA GLY E 286 -98.56 -93.17 -58.82
C GLY E 286 -99.70 -94.01 -58.31
N THR E 287 -99.43 -95.12 -57.62
CA THR E 287 -100.46 -96.02 -57.15
C THR E 287 -100.23 -96.36 -55.68
N ALA E 288 -101.19 -96.01 -54.83
CA ALA E 288 -101.11 -96.28 -53.41
C ALA E 288 -101.66 -97.68 -53.16
N ALA E 289 -100.79 -98.59 -52.74
CA ALA E 289 -101.15 -99.99 -52.60
C ALA E 289 -101.27 -100.36 -51.13
N PHE E 290 -102.38 -100.99 -50.77
CA PHE E 290 -102.63 -101.47 -49.42
C PHE E 290 -102.56 -102.98 -49.38
N ALA E 291 -101.59 -103.51 -48.64
CA ALA E 291 -101.48 -104.94 -48.41
C ALA E 291 -102.16 -105.22 -47.06
N LEU E 292 -103.49 -105.25 -47.08
CA LEU E 292 -104.24 -105.39 -45.84
C LEU E 292 -103.96 -106.73 -45.19
N ASP E 293 -103.83 -106.72 -43.86
CA ASP E 293 -103.42 -107.89 -43.08
C ASP E 293 -104.63 -108.44 -42.33
N THR E 294 -105.13 -109.58 -42.78
CA THR E 294 -106.23 -110.27 -42.13
C THR E 294 -105.79 -111.48 -41.34
N ALA E 295 -104.49 -111.66 -41.13
CA ALA E 295 -104.01 -112.82 -40.39
C ALA E 295 -104.43 -112.75 -38.93
N ASN E 296 -104.23 -111.61 -38.28
CA ASN E 296 -104.54 -111.44 -36.86
C ASN E 296 -105.05 -110.02 -36.64
N ILE E 297 -106.37 -109.87 -36.68
CA ILE E 297 -107.01 -108.59 -36.44
C ILE E 297 -108.11 -108.80 -35.41
N GLN E 298 -108.45 -107.75 -34.68
CA GLN E 298 -109.45 -107.87 -33.63
C GLN E 298 -110.83 -108.06 -34.25
N LEU E 299 -111.37 -109.28 -34.13
CA LEU E 299 -112.62 -109.62 -34.81
C LEU E 299 -113.77 -108.73 -34.36
N SER E 300 -113.72 -108.25 -33.12
CA SER E 300 -114.81 -107.42 -32.63
C SER E 300 -114.88 -106.10 -33.39
N SER E 301 -113.75 -105.67 -33.96
CA SER E 301 -113.73 -104.39 -34.67
C SER E 301 -114.53 -104.45 -35.96
N ILE E 302 -114.37 -105.54 -36.72
CA ILE E 302 -115.01 -105.64 -38.04
C ILE E 302 -116.50 -105.45 -37.92
N THR E 303 -117.11 -106.00 -36.86
CA THR E 303 -118.54 -105.85 -36.68
C THR E 303 -118.94 -104.38 -36.51
N SER E 304 -118.03 -103.57 -35.96
CA SER E 304 -118.31 -102.15 -35.83
C SER E 304 -117.52 -101.29 -36.81
N GLY E 305 -116.39 -101.77 -37.30
CA GLY E 305 -115.60 -101.00 -38.24
C GLY E 305 -114.96 -99.76 -37.68
N ALA E 306 -114.28 -99.87 -36.55
CA ALA E 306 -113.63 -98.73 -35.91
C ALA E 306 -112.26 -99.14 -35.35
N SER E 307 -111.22 -99.01 -36.18
CA SER E 307 -109.85 -98.92 -35.69
C SER E 307 -109.42 -100.01 -34.71
N SER E 308 -109.29 -101.24 -35.19
CA SER E 308 -108.98 -102.38 -34.33
C SER E 308 -107.77 -102.14 -33.45
N ASN E 309 -107.82 -102.69 -32.23
CA ASN E 309 -106.78 -102.69 -31.20
C ASN E 309 -106.27 -101.30 -30.87
N PRO E 310 -107.09 -100.47 -30.25
CA PRO E 310 -106.63 -99.11 -29.94
C PRO E 310 -105.68 -99.05 -28.74
N LEU E 311 -106.00 -99.79 -27.68
CA LEU E 311 -105.29 -99.60 -26.42
C LEU E 311 -103.80 -99.88 -26.57
N ALA E 312 -103.45 -100.96 -27.28
CA ALA E 312 -102.03 -101.23 -27.49
C ALA E 312 -101.44 -100.30 -28.54
N LYS E 313 -102.28 -99.75 -29.41
CA LYS E 313 -101.78 -98.83 -30.42
C LYS E 313 -101.31 -97.53 -29.79
N LEU E 314 -101.92 -97.15 -28.68
CA LEU E 314 -101.65 -95.83 -28.11
C LEU E 314 -100.48 -95.88 -27.13
N ASP E 315 -100.23 -97.05 -26.55
CA ASP E 315 -99.16 -97.19 -25.57
C ASP E 315 -97.80 -96.96 -26.20
N ALA E 316 -97.64 -97.37 -27.46
CA ALA E 316 -96.39 -97.11 -28.15
C ALA E 316 -96.15 -95.62 -28.31
N ALA E 317 -97.21 -94.84 -28.53
CA ALA E 317 -97.06 -93.40 -28.58
C ALA E 317 -96.56 -92.85 -27.26
N LEU E 318 -97.12 -93.35 -26.17
CA LEU E 318 -96.65 -92.89 -24.86
C LEU E 318 -95.18 -93.22 -24.64
N ALA E 319 -94.77 -94.43 -25.03
CA ALA E 319 -93.36 -94.80 -24.90
C ALA E 319 -92.47 -93.91 -25.75
N ASP E 320 -92.92 -93.59 -26.95
CA ASP E 320 -92.12 -92.79 -27.87
C ASP E 320 -91.85 -91.41 -27.30
N VAL E 321 -92.86 -90.77 -26.70
CA VAL E 321 -92.60 -89.46 -26.12
C VAL E 321 -91.69 -89.59 -24.89
N ASP E 322 -91.87 -90.66 -24.10
CA ASP E 322 -91.05 -90.81 -22.89
C ASP E 322 -89.57 -90.89 -23.22
N THR E 323 -89.21 -91.63 -24.28
CA THR E 323 -87.81 -91.79 -24.62
C THR E 323 -87.16 -90.43 -24.94
N LEU E 324 -87.87 -89.60 -25.71
CA LEU E 324 -87.36 -88.28 -26.03
C LEU E 324 -87.11 -87.46 -24.77
N ARG E 325 -88.07 -87.47 -23.85
CA ARG E 325 -87.88 -86.70 -22.63
C ARG E 325 -86.66 -87.18 -21.85
N SER E 326 -86.49 -88.50 -21.76
CA SER E 326 -85.36 -89.02 -20.98
C SER E 326 -84.04 -88.59 -21.61
N SER E 327 -83.93 -88.67 -22.93
CA SER E 327 -82.68 -88.28 -23.59
C SER E 327 -82.38 -86.81 -23.35
N LEU E 328 -83.41 -85.97 -23.40
CA LEU E 328 -83.17 -84.54 -23.17
C LEU E 328 -82.64 -84.28 -21.75
N GLY E 329 -83.22 -84.94 -20.75
CA GLY E 329 -82.70 -84.75 -19.40
C GLY E 329 -81.26 -85.21 -19.25
N ALA E 330 -80.94 -86.36 -19.85
CA ALA E 330 -79.57 -86.85 -19.80
C ALA E 330 -78.62 -85.80 -20.39
N VAL E 331 -78.99 -85.22 -21.53
CA VAL E 331 -78.16 -84.17 -22.11
C VAL E 331 -77.95 -83.04 -21.12
N GLN E 332 -79.03 -82.60 -20.47
CA GLN E 332 -78.95 -81.46 -19.57
C GLN E 332 -77.90 -81.66 -18.48
N ASN E 333 -77.81 -82.87 -17.93
CA ASN E 333 -76.92 -83.05 -16.78
C ASN E 333 -75.44 -82.85 -17.14
N ARG E 334 -74.94 -83.57 -18.14
CA ARG E 334 -73.59 -83.32 -18.64
C ARG E 334 -73.41 -81.86 -19.01
N PHE E 335 -74.45 -81.29 -19.60
CA PHE E 335 -74.28 -79.99 -20.22
C PHE E 335 -74.26 -78.93 -19.14
N ASP E 336 -74.65 -79.31 -17.93
CA ASP E 336 -74.43 -78.50 -16.74
C ASP E 336 -73.04 -78.69 -16.15
N SER E 337 -72.59 -79.94 -16.03
CA SER E 337 -71.27 -80.19 -15.44
C SER E 337 -70.17 -79.41 -16.15
N VAL E 338 -70.33 -79.22 -17.46
CA VAL E 338 -69.33 -78.48 -18.23
C VAL E 338 -69.10 -77.09 -17.63
N ILE E 339 -70.17 -76.42 -17.23
CA ILE E 339 -70.05 -75.05 -16.72
C ILE E 339 -69.20 -75.02 -15.47
N SER E 340 -69.45 -75.96 -14.55
CA SER E 340 -68.70 -75.99 -13.31
C SER E 340 -67.22 -76.16 -13.58
N ASN E 341 -66.86 -77.07 -14.49
CA ASN E 341 -65.44 -77.23 -14.80
C ASN E 341 -64.85 -75.94 -15.38
N LEU E 342 -65.59 -75.35 -16.32
CA LEU E 342 -65.07 -74.22 -17.08
C LEU E 342 -64.80 -73.03 -16.18
N GLY E 343 -65.68 -72.80 -15.21
CA GLY E 343 -65.49 -71.67 -14.31
C GLY E 343 -64.22 -71.77 -13.50
N THR E 344 -63.91 -72.97 -13.00
CA THR E 344 -62.70 -73.16 -12.20
C THR E 344 -61.43 -72.92 -13.01
N THR E 345 -61.40 -73.48 -14.23
CA THR E 345 -60.17 -73.35 -15.01
C THR E 345 -59.79 -71.89 -15.22
N VAL E 346 -60.79 -71.01 -15.37
CA VAL E 346 -60.52 -69.61 -15.63
C VAL E 346 -59.81 -68.96 -14.45
N THR E 347 -60.27 -69.26 -13.24
CA THR E 347 -59.60 -68.71 -12.07
C THR E 347 -58.15 -69.16 -12.01
N ASN E 348 -57.93 -70.46 -12.25
CA ASN E 348 -56.55 -70.94 -12.17
C ASN E 348 -55.66 -70.26 -13.19
N LEU E 349 -56.13 -70.14 -14.42
CA LEU E 349 -55.33 -69.49 -15.46
C LEU E 349 -55.09 -68.04 -15.12
N SER E 350 -56.08 -67.34 -14.56
CA SER E 350 -55.90 -65.94 -14.24
C SER E 350 -54.82 -65.75 -13.19
N ALA E 351 -54.81 -66.59 -12.17
CA ALA E 351 -53.73 -66.51 -11.18
C ALA E 351 -52.37 -66.75 -11.82
N SER E 352 -52.29 -67.79 -12.65
CA SER E 352 -51.02 -68.11 -13.31
C SER E 352 -50.53 -66.93 -14.14
N ARG E 353 -51.43 -66.30 -14.89
CA ARG E 353 -51.05 -65.17 -15.72
C ARG E 353 -50.60 -64.00 -14.87
N SER E 354 -51.29 -63.75 -13.77
CA SER E 354 -50.92 -62.60 -12.95
C SER E 354 -49.54 -62.76 -12.37
N ARG E 355 -49.13 -64.00 -12.07
CA ARG E 355 -47.87 -64.18 -11.37
C ARG E 355 -46.69 -63.59 -12.13
N ILE E 356 -46.81 -63.45 -13.46
CA ILE E 356 -45.63 -63.08 -14.25
C ILE E 356 -45.48 -61.56 -14.32
N GLN E 357 -46.56 -60.84 -14.60
CA GLN E 357 -46.45 -59.48 -15.11
C GLN E 357 -46.89 -58.37 -14.16
N ASP E 358 -47.04 -58.63 -12.87
CA ASP E 358 -47.55 -57.61 -11.97
C ASP E 358 -46.44 -56.94 -11.18
N ALA E 359 -46.71 -55.73 -10.72
CA ALA E 359 -45.73 -55.00 -9.93
C ALA E 359 -45.92 -55.28 -8.45
N ASP E 360 -44.87 -55.04 -7.66
CA ASP E 360 -44.87 -55.53 -6.29
C ASP E 360 -45.30 -54.46 -5.29
N TYR E 361 -44.89 -53.21 -5.53
CA TYR E 361 -45.29 -52.05 -4.75
C TYR E 361 -44.61 -51.97 -3.39
N ALA E 362 -43.86 -53.00 -3.03
CA ALA E 362 -42.98 -52.93 -1.88
C ALA E 362 -41.53 -52.74 -2.30
N THR E 363 -41.12 -53.43 -3.36
CA THR E 363 -39.79 -53.24 -3.90
C THR E 363 -39.65 -51.90 -4.60
N GLU E 364 -40.67 -51.51 -5.37
CA GLU E 364 -40.56 -50.35 -6.23
C GLU E 364 -40.39 -49.06 -5.43
N VAL E 365 -41.15 -48.92 -4.34
CA VAL E 365 -41.03 -47.72 -3.52
C VAL E 365 -39.62 -47.62 -2.97
N SER E 366 -39.05 -48.76 -2.57
CA SER E 366 -37.70 -48.78 -2.05
C SER E 366 -36.70 -48.30 -3.08
N ASN E 367 -36.80 -48.83 -4.31
CA ASN E 367 -35.85 -48.43 -5.34
C ASN E 367 -36.00 -46.96 -5.71
N MET E 368 -37.23 -46.47 -5.78
CA MET E 368 -37.45 -45.05 -6.05
C MET E 368 -36.83 -44.17 -4.98
N THR E 369 -37.06 -44.53 -3.71
CA THR E 369 -36.50 -43.75 -2.62
C THR E 369 -34.98 -43.75 -2.67
N ARG E 370 -34.39 -44.90 -2.95
CA ARG E 370 -32.93 -44.95 -3.05
C ARG E 370 -32.43 -44.03 -4.15
N ALA E 371 -33.01 -44.14 -5.34
CA ALA E 371 -32.49 -43.39 -6.48
C ALA E 371 -32.62 -41.90 -6.25
N GLN E 372 -33.70 -41.46 -5.60
CA GLN E 372 -33.84 -40.03 -5.37
C GLN E 372 -32.74 -39.48 -4.48
N ILE E 373 -32.38 -40.21 -3.42
CA ILE E 373 -31.33 -39.74 -2.54
C ILE E 373 -30.00 -39.70 -3.28
N LEU E 374 -29.72 -40.74 -4.08
CA LEU E 374 -28.47 -40.73 -4.85
C LEU E 374 -28.43 -39.53 -5.80
N GLN E 375 -29.55 -39.27 -6.46
CA GLN E 375 -29.66 -38.15 -7.39
C GLN E 375 -29.40 -36.84 -6.69
N GLN E 376 -29.95 -36.68 -5.49
CA GLN E 376 -29.79 -35.42 -4.78
C GLN E 376 -28.35 -35.28 -4.29
N ALA E 377 -27.72 -36.40 -3.91
CA ALA E 377 -26.34 -36.34 -3.43
C ALA E 377 -25.37 -35.96 -4.53
N GLY E 378 -25.63 -36.41 -5.76
CA GLY E 378 -24.71 -36.14 -6.85
C GLY E 378 -24.47 -34.66 -7.11
N THR E 379 -25.52 -33.84 -7.00
CA THR E 379 -25.41 -32.45 -7.41
C THR E 379 -24.57 -31.64 -6.44
N SER E 380 -24.63 -31.96 -5.14
CA SER E 380 -23.78 -31.26 -4.19
C SER E 380 -22.31 -31.52 -4.47
N VAL E 381 -21.96 -32.77 -4.75
CA VAL E 381 -20.59 -33.10 -5.13
C VAL E 381 -20.19 -32.37 -6.40
N LEU E 382 -21.10 -32.33 -7.38
CA LEU E 382 -20.77 -31.65 -8.62
C LEU E 382 -20.49 -30.18 -8.37
N ALA E 383 -21.30 -29.53 -7.53
CA ALA E 383 -21.08 -28.13 -7.25
C ALA E 383 -19.76 -27.92 -6.52
N GLN E 384 -19.39 -28.85 -5.65
CA GLN E 384 -18.14 -28.72 -4.92
C GLN E 384 -16.94 -28.87 -5.85
N ALA E 385 -17.05 -29.76 -6.84
CA ALA E 385 -15.89 -30.07 -7.68
C ALA E 385 -15.46 -28.87 -8.52
N ASN E 386 -16.35 -27.90 -8.73
CA ASN E 386 -16.00 -26.75 -9.55
C ASN E 386 -15.09 -25.79 -8.80
N GLN E 387 -14.94 -25.98 -7.49
CA GLN E 387 -14.20 -25.00 -6.71
C GLN E 387 -12.72 -25.32 -6.66
N THR E 388 -12.30 -26.48 -7.15
CA THR E 388 -10.88 -26.78 -7.19
C THR E 388 -10.13 -25.78 -8.04
N THR E 389 -10.81 -25.13 -8.99
CA THR E 389 -10.13 -24.22 -9.89
C THR E 389 -9.74 -22.92 -9.20
N GLN E 390 -10.54 -22.47 -8.24
CA GLN E 390 -10.37 -21.11 -7.73
C GLN E 390 -8.99 -20.86 -7.17
N ASN E 391 -8.44 -21.82 -6.41
CA ASN E 391 -7.20 -21.56 -5.68
C ASN E 391 -6.08 -21.11 -6.60
N VAL E 392 -6.04 -21.66 -7.81
CA VAL E 392 -4.95 -21.39 -8.73
C VAL E 392 -4.80 -19.89 -8.94
N LEU E 393 -5.90 -19.19 -9.15
CA LEU E 393 -5.86 -17.75 -9.37
C LEU E 393 -5.22 -17.01 -8.20
N SER E 394 -5.32 -17.57 -6.98
CA SER E 394 -4.77 -16.88 -5.82
C SER E 394 -3.25 -16.76 -5.90
N LEU E 395 -2.62 -17.54 -6.78
CA LEU E 395 -1.18 -17.40 -6.97
C LEU E 395 -0.81 -16.03 -7.51
N LEU E 396 -1.61 -15.54 -8.46
CA LEU E 396 -1.33 -14.26 -9.11
C LEU E 396 -1.49 -13.09 -8.15
N ALA F 2 46.48 -0.45 -20.24
CA ALA F 2 45.26 -1.24 -20.24
C ALA F 2 44.05 -0.37 -19.99
N GLN F 3 44.27 0.95 -19.88
CA GLN F 3 43.20 1.92 -19.77
C GLN F 3 42.84 2.41 -21.17
N VAL F 4 41.88 1.75 -21.81
CA VAL F 4 41.48 2.07 -23.17
C VAL F 4 40.12 2.77 -23.09
N ILE F 5 39.95 3.82 -23.88
CA ILE F 5 38.68 4.52 -23.87
C ILE F 5 37.93 4.29 -25.18
N ASN F 6 38.67 3.95 -26.24
CA ASN F 6 38.04 3.88 -27.56
C ASN F 6 37.13 2.67 -27.69
N THR F 7 37.17 1.76 -26.73
CA THR F 7 36.23 0.65 -26.68
C THR F 7 36.14 0.14 -25.25
N ASN F 8 35.07 -0.58 -24.95
CA ASN F 8 34.80 -1.09 -23.62
C ASN F 8 34.16 -2.46 -23.73
N SER F 9 34.93 -3.51 -23.44
CA SER F 9 34.40 -4.83 -23.73
C SER F 9 33.51 -5.36 -22.62
N LEU F 10 33.57 -4.78 -21.41
CA LEU F 10 32.65 -5.23 -20.37
C LEU F 10 31.21 -5.04 -20.80
N SER F 11 30.92 -3.91 -21.43
CA SER F 11 29.55 -3.58 -21.77
C SER F 11 28.91 -4.68 -22.59
N LEU F 12 29.68 -5.27 -23.51
CA LEU F 12 29.08 -6.24 -24.43
C LEU F 12 28.73 -7.53 -23.72
N MET F 13 29.63 -8.06 -22.90
CA MET F 13 29.27 -9.25 -22.13
C MET F 13 28.08 -8.95 -21.24
N THR F 14 28.02 -7.76 -20.68
CA THR F 14 26.84 -7.42 -19.88
C THR F 14 25.58 -7.44 -20.70
N GLN F 15 25.63 -6.91 -21.93
CA GLN F 15 24.41 -6.86 -22.75
C GLN F 15 23.90 -8.23 -23.13
N ASN F 16 24.79 -9.15 -23.55
CA ASN F 16 24.31 -10.43 -24.08
C ASN F 16 23.40 -11.16 -23.09
N ASN F 17 23.69 -11.03 -21.80
CA ASN F 17 22.91 -11.74 -20.82
C ASN F 17 21.50 -11.19 -20.71
N LEU F 18 21.33 -9.89 -20.93
CA LEU F 18 19.97 -9.35 -20.96
C LEU F 18 19.15 -10.00 -22.05
N ASN F 19 19.74 -10.17 -23.24
CA ASN F 19 19.04 -10.87 -24.30
C ASN F 19 18.69 -12.30 -23.91
N THR F 20 19.57 -12.96 -23.18
CA THR F 20 19.21 -14.32 -22.74
C THR F 20 18.01 -14.31 -21.81
N SER F 21 18.00 -13.45 -20.80
CA SER F 21 16.90 -13.40 -19.82
C SER F 21 15.57 -13.00 -20.44
N GLN F 22 15.60 -12.03 -21.35
CA GLN F 22 14.42 -11.44 -21.93
C GLN F 22 13.65 -12.43 -22.80
N SER F 23 14.21 -13.59 -23.09
CA SER F 23 13.48 -14.60 -23.85
C SER F 23 12.65 -15.50 -22.95
N ALA F 24 13.25 -15.98 -21.84
CA ALA F 24 12.51 -16.82 -20.93
C ALA F 24 11.38 -16.05 -20.27
N LEU F 25 11.58 -14.75 -20.04
CA LEU F 25 10.46 -13.96 -19.54
C LEU F 25 9.26 -14.02 -20.49
N ASN F 26 9.52 -13.84 -21.79
CA ASN F 26 8.46 -13.86 -22.78
C ASN F 26 7.78 -15.22 -22.85
N THR F 27 8.56 -16.29 -22.83
CA THR F 27 7.96 -17.62 -22.89
C THR F 27 7.01 -17.83 -21.73
N ALA F 28 7.44 -17.46 -20.53
CA ALA F 28 6.57 -17.63 -19.38
C ALA F 28 5.29 -16.82 -19.53
N ILE F 29 5.39 -15.55 -19.94
CA ILE F 29 4.20 -14.70 -20.03
C ILE F 29 3.22 -15.29 -21.02
N GLN F 30 3.71 -15.72 -22.18
CA GLN F 30 2.81 -16.24 -23.20
C GLN F 30 2.10 -17.50 -22.72
N ARG F 31 2.84 -18.43 -22.11
CA ARG F 31 2.19 -19.65 -21.64
C ARG F 31 1.18 -19.36 -20.54
N LEU F 32 1.42 -18.35 -19.71
CA LEU F 32 0.40 -17.98 -18.74
C LEU F 32 -0.85 -17.43 -19.41
N SER F 33 -0.67 -16.55 -20.38
CA SER F 33 -1.84 -15.92 -20.98
C SER F 33 -2.71 -16.93 -21.68
N SER F 34 -2.12 -17.77 -22.54
CA SER F 34 -2.94 -18.63 -23.39
C SER F 34 -3.61 -19.73 -22.59
N GLY F 35 -2.86 -20.37 -21.70
CA GLY F 35 -3.35 -21.53 -21.00
C GLY F 35 -2.86 -22.86 -21.51
N LEU F 36 -2.15 -22.89 -22.63
CA LEU F 36 -1.59 -24.12 -23.15
C LEU F 36 -0.08 -24.11 -22.93
N ARG F 37 0.56 -25.24 -23.17
CA ARG F 37 2.01 -25.27 -23.09
C ARG F 37 2.66 -25.28 -24.45
N ILE F 38 2.02 -25.90 -25.43
CA ILE F 38 2.60 -25.97 -26.77
C ILE F 38 1.77 -25.11 -27.72
N ASN F 39 2.18 -23.86 -27.87
CA ASN F 39 1.50 -22.91 -28.73
C ASN F 39 2.00 -22.94 -30.16
N SER F 40 3.06 -23.70 -30.44
CA SER F 40 3.67 -23.73 -31.76
C SER F 40 4.29 -25.10 -31.98
N ALA F 41 4.51 -25.42 -33.26
CA ALA F 41 5.08 -26.71 -33.61
C ALA F 41 6.54 -26.80 -33.24
N LYS F 42 7.18 -25.65 -32.98
CA LYS F 42 8.58 -25.65 -32.57
C LYS F 42 8.73 -26.23 -31.16
N ASP F 43 7.69 -26.09 -30.34
CA ASP F 43 7.83 -26.33 -28.92
C ASP F 43 7.77 -27.81 -28.58
N ASP F 44 7.10 -28.60 -29.41
CA ASP F 44 7.02 -30.05 -29.23
C ASP F 44 6.50 -30.63 -30.53
N ALA F 45 7.25 -31.56 -31.14
CA ALA F 45 6.93 -31.98 -32.49
C ALA F 45 5.85 -33.06 -32.52
N ALA F 46 6.13 -34.23 -31.96
CA ALA F 46 5.20 -35.35 -32.08
C ALA F 46 4.00 -35.18 -31.16
N GLY F 47 4.19 -34.47 -30.06
CA GLY F 47 3.08 -34.26 -29.15
C GLY F 47 1.94 -33.51 -29.79
N GLN F 48 2.25 -32.49 -30.58
CA GLN F 48 1.20 -31.73 -31.23
C GLN F 48 0.40 -32.61 -32.17
N ALA F 49 1.08 -33.44 -32.96
CA ALA F 49 0.40 -34.31 -33.89
C ALA F 49 -0.51 -35.28 -33.15
N ILE F 50 0.00 -35.89 -32.08
CA ILE F 50 -0.77 -36.93 -31.42
C ILE F 50 -1.95 -36.32 -30.66
N ALA F 51 -1.78 -35.12 -30.09
CA ALA F 51 -2.93 -34.44 -29.49
C ALA F 51 -3.96 -34.08 -30.54
N ASN F 52 -3.51 -33.65 -31.71
CA ASN F 52 -4.43 -33.38 -32.80
C ASN F 52 -5.24 -34.62 -33.13
N ARG F 53 -4.61 -35.79 -33.14
CA ARG F 53 -5.36 -37.00 -33.46
C ARG F 53 -6.36 -37.33 -32.37
N PHE F 54 -6.00 -37.12 -31.10
CA PHE F 54 -6.98 -37.32 -30.04
C PHE F 54 -8.20 -36.42 -30.24
N THR F 55 -7.96 -35.15 -30.56
CA THR F 55 -9.07 -34.22 -30.63
C THR F 55 -9.87 -34.44 -31.90
N ALA F 56 -9.28 -35.12 -32.87
CA ALA F 56 -10.07 -35.55 -34.03
C ALA F 56 -10.95 -36.73 -33.67
N ASN F 57 -10.48 -37.59 -32.78
CA ASN F 57 -11.23 -38.81 -32.49
C ASN F 57 -12.37 -38.57 -31.52
N ILE F 58 -12.28 -37.55 -30.69
CA ILE F 58 -13.36 -37.27 -29.71
C ILE F 58 -14.69 -36.91 -30.37
N LYS F 59 -14.65 -35.96 -31.30
CA LYS F 59 -15.83 -35.38 -31.89
C LYS F 59 -16.67 -36.40 -32.65
N GLY F 60 -15.98 -37.31 -33.33
CA GLY F 60 -16.70 -38.37 -34.01
C GLY F 60 -17.56 -39.18 -33.07
N LEU F 61 -17.02 -39.55 -31.91
CA LEU F 61 -17.78 -40.37 -30.99
C LEU F 61 -18.94 -39.58 -30.39
N THR F 62 -18.76 -38.28 -30.20
CA THR F 62 -19.90 -37.47 -29.76
C THR F 62 -21.07 -37.54 -30.75
N GLN F 63 -20.79 -37.26 -32.03
CA GLN F 63 -21.85 -37.35 -33.01
C GLN F 63 -22.44 -38.77 -33.08
N ALA F 64 -21.61 -39.79 -32.82
CA ALA F 64 -22.11 -41.16 -32.80
C ALA F 64 -23.12 -41.35 -31.68
N GLN F 65 -22.86 -40.74 -30.51
CA GLN F 65 -23.86 -40.77 -29.44
C GLN F 65 -25.20 -40.27 -29.95
N ARG F 66 -25.18 -39.15 -30.66
CA ARG F 66 -26.45 -38.63 -31.15
C ARG F 66 -27.15 -39.59 -32.09
N ASN F 67 -26.38 -40.22 -32.98
CA ASN F 67 -26.99 -41.18 -33.91
C ASN F 67 -27.67 -42.33 -33.16
N ALA F 68 -27.03 -42.81 -32.10
CA ALA F 68 -27.64 -43.90 -31.33
C ALA F 68 -28.98 -43.47 -30.74
N ASN F 69 -29.04 -42.24 -30.22
CA ASN F 69 -30.33 -41.77 -29.70
C ASN F 69 -31.41 -41.79 -30.77
N ASP F 70 -31.06 -41.40 -31.99
CA ASP F 70 -32.03 -41.48 -33.09
C ASP F 70 -32.57 -42.90 -33.25
N GLY F 71 -31.68 -43.89 -33.26
CA GLY F 71 -32.15 -45.27 -33.41
C GLY F 71 -33.14 -45.66 -32.33
N ILE F 72 -32.87 -45.23 -31.09
CA ILE F 72 -33.78 -45.55 -29.99
C ILE F 72 -35.18 -45.01 -30.26
N SER F 73 -35.26 -43.76 -30.70
CA SER F 73 -36.58 -43.17 -30.95
C SER F 73 -37.36 -43.97 -31.99
N LEU F 74 -36.66 -44.36 -33.06
CA LEU F 74 -37.34 -45.10 -34.12
C LEU F 74 -37.98 -46.38 -33.58
N ALA F 75 -37.21 -47.15 -32.80
CA ALA F 75 -37.75 -48.40 -32.28
C ALA F 75 -38.95 -48.17 -31.38
N GLN F 76 -38.89 -47.16 -30.50
CA GLN F 76 -40.02 -46.92 -29.61
C GLN F 76 -41.31 -46.68 -30.38
N THR F 77 -41.25 -45.82 -31.40
CA THR F 77 -42.47 -45.50 -32.14
C THR F 77 -43.07 -46.74 -32.78
N THR F 78 -42.23 -47.56 -33.41
CA THR F 78 -42.81 -48.73 -34.08
C THR F 78 -43.49 -49.66 -33.08
N GLU F 79 -42.89 -49.85 -31.91
CA GLU F 79 -43.50 -50.77 -30.96
C GLU F 79 -44.88 -50.28 -30.53
N GLY F 80 -45.03 -48.98 -30.29
CA GLY F 80 -46.36 -48.48 -29.92
C GLY F 80 -47.42 -48.80 -30.95
N ALA F 81 -47.11 -48.56 -32.23
CA ALA F 81 -48.09 -48.89 -33.26
C ALA F 81 -48.49 -50.37 -33.21
N LEU F 82 -47.49 -51.25 -33.04
CA LEU F 82 -47.85 -52.67 -32.99
C LEU F 82 -48.74 -52.99 -31.80
N THR F 83 -48.61 -52.24 -30.71
CA THR F 83 -49.53 -52.43 -29.59
C THR F 83 -50.97 -52.29 -30.04
N GLU F 84 -51.25 -51.20 -30.76
CA GLU F 84 -52.64 -51.00 -31.21
C GLU F 84 -53.10 -52.17 -32.08
N VAL F 85 -52.23 -52.64 -32.97
CA VAL F 85 -52.61 -53.74 -33.85
C VAL F 85 -52.98 -54.99 -33.05
N ASN F 86 -52.19 -55.31 -32.02
CA ASN F 86 -52.44 -56.52 -31.25
C ASN F 86 -53.81 -56.48 -30.60
N ASN F 87 -54.18 -55.35 -30.01
CA ASN F 87 -55.49 -55.28 -29.37
C ASN F 87 -56.62 -55.56 -30.36
N ASN F 88 -56.51 -55.00 -31.57
CA ASN F 88 -57.53 -55.28 -32.57
C ASN F 88 -57.65 -56.77 -32.86
N LEU F 89 -56.52 -57.46 -32.98
CA LEU F 89 -56.58 -58.89 -33.30
C LEU F 89 -57.26 -59.69 -32.20
N GLN F 90 -56.98 -59.35 -30.94
CA GLN F 90 -57.64 -60.06 -29.83
C GLN F 90 -59.14 -59.96 -29.93
N ARG F 91 -59.65 -58.75 -30.16
CA ARG F 91 -61.10 -58.61 -30.25
C ARG F 91 -61.66 -59.43 -31.41
N ILE F 92 -60.99 -59.44 -32.55
CA ILE F 92 -61.47 -60.21 -33.69
C ILE F 92 -61.65 -61.68 -33.30
N ARG F 93 -60.67 -62.25 -32.62
CA ARG F 93 -60.77 -63.67 -32.29
C ARG F 93 -61.92 -63.94 -31.33
N GLU F 94 -62.15 -63.02 -30.39
CA GLU F 94 -63.29 -63.19 -29.48
C GLU F 94 -64.61 -63.26 -30.26
N LEU F 95 -64.78 -62.36 -31.24
CA LEU F 95 -66.00 -62.43 -32.05
C LEU F 95 -66.10 -63.73 -32.82
N SER F 96 -64.96 -64.21 -33.34
CA SER F 96 -65.02 -65.46 -34.11
C SER F 96 -65.44 -66.63 -33.24
N VAL F 97 -65.09 -66.61 -31.95
CA VAL F 97 -65.60 -67.65 -31.05
C VAL F 97 -67.09 -67.45 -30.81
N GLN F 98 -67.53 -66.20 -30.68
CA GLN F 98 -68.97 -65.91 -30.57
C GLN F 98 -69.76 -66.56 -31.69
N ALA F 99 -69.30 -66.41 -32.93
CA ALA F 99 -70.15 -66.71 -34.09
C ALA F 99 -70.02 -68.13 -34.59
N ALA F 100 -69.75 -69.11 -33.74
CA ALA F 100 -69.70 -70.51 -34.17
C ALA F 100 -70.71 -71.39 -33.48
N THR F 101 -71.58 -70.83 -32.65
CA THR F 101 -72.66 -71.59 -32.04
C THR F 101 -73.73 -71.92 -33.07
N GLY F 102 -74.49 -72.97 -32.81
CA GLY F 102 -75.55 -73.37 -33.72
C GLY F 102 -76.94 -72.87 -33.38
N SER F 103 -77.07 -71.99 -32.39
CA SER F 103 -78.35 -71.45 -31.99
C SER F 103 -78.55 -70.01 -32.46
N ASN F 104 -77.98 -69.66 -33.60
CA ASN F 104 -78.00 -68.30 -34.09
C ASN F 104 -78.76 -68.22 -35.40
N SER F 105 -79.62 -67.22 -35.50
CA SER F 105 -80.36 -66.96 -36.73
C SER F 105 -79.45 -66.21 -37.69
N ALA F 106 -79.57 -66.56 -38.98
CA ALA F 106 -78.60 -66.07 -39.96
C ALA F 106 -78.58 -64.56 -40.03
N SER F 107 -79.64 -63.89 -39.59
CA SER F 107 -79.62 -62.44 -39.58
C SER F 107 -78.64 -61.90 -38.57
N ASP F 108 -78.30 -62.69 -37.55
CA ASP F 108 -77.39 -62.21 -36.52
C ASP F 108 -75.98 -62.06 -37.07
N LEU F 109 -75.55 -62.98 -37.93
CA LEU F 109 -74.15 -63.00 -38.34
C LEU F 109 -73.76 -61.75 -39.12
N GLN F 110 -74.73 -61.00 -39.65
CA GLN F 110 -74.39 -59.77 -40.36
C GLN F 110 -73.78 -58.72 -39.43
N SER F 111 -74.31 -58.57 -38.22
CA SER F 111 -73.76 -57.59 -37.29
C SER F 111 -72.32 -57.94 -36.93
N ILE F 112 -72.09 -59.20 -36.57
CA ILE F 112 -70.75 -59.68 -36.30
C ILE F 112 -69.85 -59.39 -37.50
N GLN F 113 -70.34 -59.69 -38.70
CA GLN F 113 -69.51 -59.53 -39.88
C GLN F 113 -69.10 -58.08 -40.06
N ASP F 114 -70.02 -57.13 -39.86
CA ASP F 114 -69.65 -55.76 -40.16
C ASP F 114 -68.69 -55.21 -39.12
N GLU F 115 -68.85 -55.59 -37.84
CA GLU F 115 -67.87 -55.11 -36.87
C GLU F 115 -66.50 -55.72 -37.13
N ILE F 116 -66.47 -56.98 -37.58
CA ILE F 116 -65.22 -57.58 -38.02
C ILE F 116 -64.62 -56.76 -39.16
N LYS F 117 -65.46 -56.35 -40.10
CA LYS F 117 -64.99 -55.59 -41.26
C LYS F 117 -64.29 -54.30 -40.81
N GLN F 118 -64.92 -53.56 -39.92
CA GLN F 118 -64.33 -52.31 -39.48
C GLN F 118 -63.00 -52.55 -38.76
N ARG F 119 -62.94 -53.57 -37.92
CA ARG F 119 -61.67 -53.86 -37.26
C ARG F 119 -60.58 -54.17 -38.26
N LEU F 120 -60.91 -54.92 -39.31
CA LEU F 120 -59.90 -55.23 -40.32
C LEU F 120 -59.42 -53.98 -41.05
N GLU F 121 -60.32 -53.05 -41.34
CA GLU F 121 -59.89 -51.82 -42.01
C GLU F 121 -58.92 -51.03 -41.13
N GLU F 122 -59.13 -51.05 -39.82
CA GLU F 122 -58.24 -50.28 -38.95
C GLU F 122 -56.79 -50.71 -39.07
N ILE F 123 -56.55 -52.02 -39.26
CA ILE F 123 -55.17 -52.50 -39.38
C ILE F 123 -54.49 -51.89 -40.59
N ASN F 124 -55.17 -51.87 -41.72
CA ASN F 124 -54.59 -51.29 -42.92
C ASN F 124 -54.33 -49.81 -42.73
N ARG F 125 -55.27 -49.09 -42.10
CA ARG F 125 -55.04 -47.66 -41.91
C ARG F 125 -53.80 -47.41 -41.07
N VAL F 126 -53.67 -48.14 -39.96
CA VAL F 126 -52.50 -47.98 -39.11
C VAL F 126 -51.24 -48.29 -39.88
N SER F 127 -51.26 -49.35 -40.69
CA SER F 127 -50.06 -49.72 -41.44
C SER F 127 -49.64 -48.62 -42.40
N GLU F 128 -50.60 -48.03 -43.10
CA GLU F 128 -50.21 -47.14 -44.19
C GLU F 128 -50.17 -45.68 -43.80
N GLN F 129 -50.44 -45.31 -42.54
CA GLN F 129 -50.35 -43.90 -42.19
C GLN F 129 -49.30 -43.57 -41.14
N THR F 130 -48.73 -44.56 -40.46
CA THR F 130 -47.73 -44.28 -39.42
C THR F 130 -46.36 -44.02 -40.02
N GLN F 131 -45.71 -42.94 -39.58
CA GLN F 131 -44.44 -42.55 -40.15
C GLN F 131 -43.58 -41.85 -39.13
N PHE F 132 -42.28 -41.82 -39.41
CA PHE F 132 -41.29 -41.13 -38.58
C PHE F 132 -40.32 -40.42 -39.49
N ASN F 133 -40.48 -39.11 -39.63
CA ASN F 133 -39.58 -38.29 -40.44
C ASN F 133 -39.54 -38.75 -41.90
N GLY F 134 -40.71 -39.07 -42.44
CA GLY F 134 -40.82 -39.34 -43.85
C GLY F 134 -40.55 -40.76 -44.28
N VAL F 135 -40.29 -41.67 -43.36
CA VAL F 135 -40.02 -43.06 -43.70
C VAL F 135 -41.22 -43.88 -43.22
N LYS F 136 -41.86 -44.61 -44.13
CA LYS F 136 -42.93 -45.50 -43.74
C LYS F 136 -42.35 -46.75 -43.09
N VAL F 137 -42.29 -46.74 -41.76
CA VAL F 137 -41.65 -47.83 -41.02
C VAL F 137 -42.36 -49.16 -41.21
N LEU F 138 -43.68 -49.17 -41.36
CA LEU F 138 -44.45 -50.41 -41.42
C LEU F 138 -44.83 -50.80 -42.84
N ALA F 139 -43.91 -50.62 -43.80
CA ALA F 139 -44.06 -51.18 -45.13
C ALA F 139 -42.68 -51.39 -45.74
N LYS F 140 -42.64 -52.24 -46.77
CA LYS F 140 -41.56 -52.41 -47.75
C LYS F 140 -40.38 -53.29 -47.31
N ASP F 141 -40.30 -53.77 -46.08
CA ASP F 141 -39.41 -54.90 -45.74
C ASP F 141 -37.95 -54.63 -46.08
N THR F 142 -37.31 -53.69 -45.39
CA THR F 142 -35.89 -53.46 -45.59
C THR F 142 -35.14 -53.60 -44.28
N LYS F 143 -33.84 -53.39 -44.35
CA LYS F 143 -32.98 -53.31 -43.18
C LYS F 143 -32.27 -51.97 -43.19
N MET F 144 -32.20 -51.33 -42.02
CA MET F 144 -31.82 -49.94 -41.92
C MET F 144 -30.52 -49.82 -41.14
N ASN F 145 -29.56 -49.07 -41.67
CA ASN F 145 -28.24 -49.00 -41.06
C ASN F 145 -28.06 -47.70 -40.30
N ILE F 146 -27.54 -47.81 -39.09
CA ILE F 146 -27.24 -46.66 -38.23
C ILE F 146 -25.74 -46.63 -38.00
N GLN F 147 -25.15 -45.45 -38.07
CA GLN F 147 -23.71 -45.28 -37.78
C GLN F 147 -23.54 -45.17 -36.28
N VAL F 148 -22.57 -45.90 -35.72
CA VAL F 148 -22.50 -45.99 -34.27
C VAL F 148 -21.06 -45.82 -33.80
N GLY F 149 -20.18 -45.38 -34.69
CA GLY F 149 -18.78 -45.26 -34.33
C GLY F 149 -18.10 -44.18 -35.13
N ALA F 150 -16.78 -44.08 -34.96
CA ALA F 150 -16.02 -42.97 -35.51
C ALA F 150 -15.16 -43.33 -36.71
N ASN F 151 -15.45 -44.45 -37.39
CA ASN F 151 -14.79 -44.78 -38.64
C ASN F 151 -15.79 -45.48 -39.55
N ASP F 152 -15.55 -45.40 -40.84
CA ASP F 152 -16.49 -45.94 -41.82
C ASP F 152 -16.53 -47.46 -41.77
N GLY F 153 -17.74 -48.02 -41.78
CA GLY F 153 -17.94 -49.45 -41.68
C GLY F 153 -18.45 -49.94 -40.34
N GLU F 154 -18.95 -49.05 -39.48
CA GLU F 154 -19.39 -49.43 -38.14
C GLU F 154 -20.88 -49.13 -38.01
N ILE F 155 -21.70 -50.12 -38.35
CA ILE F 155 -23.13 -49.92 -38.42
C ILE F 155 -23.87 -51.06 -37.73
N ILE F 156 -25.07 -50.74 -37.25
CA ILE F 156 -25.94 -51.68 -36.56
C ILE F 156 -27.26 -51.74 -37.31
N ALA F 157 -27.63 -52.93 -37.75
CA ALA F 157 -28.79 -53.11 -38.62
C ALA F 157 -30.06 -53.25 -37.81
N ILE F 158 -31.11 -52.58 -38.25
CA ILE F 158 -32.46 -52.78 -37.76
C ILE F 158 -33.29 -53.24 -38.94
N ASP F 159 -33.91 -54.41 -38.82
CA ASP F 159 -34.67 -54.99 -39.91
C ASP F 159 -36.16 -54.85 -39.67
N LEU F 160 -36.86 -54.33 -40.66
CA LEU F 160 -38.28 -54.05 -40.56
C LEU F 160 -39.04 -54.99 -41.48
N LYS F 161 -40.37 -55.01 -41.31
CA LYS F 161 -41.23 -55.86 -42.12
C LYS F 161 -42.56 -55.15 -42.37
N GLU F 162 -43.32 -55.67 -43.33
CA GLU F 162 -44.57 -55.02 -43.73
C GLU F 162 -45.76 -55.85 -43.28
N ILE F 163 -46.73 -55.18 -42.68
CA ILE F 163 -47.86 -55.83 -42.03
C ILE F 163 -49.15 -55.23 -42.55
N THR F 164 -49.99 -56.06 -43.15
CA THR F 164 -51.31 -55.68 -43.63
C THR F 164 -52.26 -56.84 -43.40
N ALA F 165 -53.53 -56.65 -43.74
CA ALA F 165 -54.49 -57.73 -43.58
C ALA F 165 -54.25 -58.85 -44.57
N LYS F 166 -53.39 -58.66 -45.56
CA LYS F 166 -53.10 -59.69 -46.53
C LYS F 166 -51.95 -60.58 -46.09
N THR F 167 -50.81 -60.00 -45.75
CA THR F 167 -49.63 -60.78 -45.43
C THR F 167 -49.78 -61.59 -44.15
N LEU F 168 -50.52 -61.09 -43.18
CA LEU F 168 -50.85 -61.90 -42.01
C LEU F 168 -51.66 -63.13 -42.38
N GLY F 169 -52.36 -63.10 -43.51
CA GLY F 169 -53.13 -64.23 -43.99
C GLY F 169 -54.63 -64.07 -43.90
N LEU F 170 -55.11 -62.87 -43.59
CA LEU F 170 -56.51 -62.66 -43.26
C LEU F 170 -57.31 -62.07 -44.41
N ASP F 171 -56.79 -62.11 -45.63
CA ASP F 171 -57.50 -61.49 -46.74
C ASP F 171 -58.81 -62.20 -47.00
N GLY F 172 -59.88 -61.42 -47.14
CA GLY F 172 -61.17 -62.01 -47.41
C GLY F 172 -61.71 -62.87 -46.30
N PHE F 173 -61.29 -62.63 -45.06
CA PHE F 173 -61.79 -63.42 -43.93
C PHE F 173 -63.26 -63.12 -43.71
N ASN F 174 -64.10 -64.16 -43.76
CA ASN F 174 -65.53 -63.96 -43.73
C ASN F 174 -66.18 -65.11 -42.98
N VAL F 175 -67.17 -64.78 -42.16
CA VAL F 175 -67.73 -65.73 -41.21
C VAL F 175 -69.20 -66.04 -41.47
N SER F 176 -69.91 -65.25 -42.28
CA SER F 176 -71.26 -65.63 -42.68
C SER F 176 -71.25 -66.09 -44.13
N GLY F 177 -72.33 -66.72 -44.58
CA GLY F 177 -72.42 -67.18 -45.93
C GLY F 177 -72.14 -68.66 -46.08
N PRO F 178 -72.17 -69.16 -47.31
CA PRO F 178 -72.14 -70.60 -47.53
C PRO F 178 -70.83 -71.23 -47.07
N LYS F 179 -70.91 -72.51 -46.76
CA LYS F 179 -69.74 -73.29 -46.36
C LYS F 179 -69.47 -74.34 -47.42
N GLY F 180 -68.26 -74.31 -47.97
CA GLY F 180 -67.92 -75.18 -49.07
C GLY F 180 -68.38 -74.60 -50.39
N THR F 181 -67.86 -75.15 -51.46
CA THR F 181 -68.31 -74.68 -52.76
C THR F 181 -69.59 -75.40 -53.15
N PRO F 182 -70.68 -74.66 -53.38
CA PRO F 182 -71.97 -75.31 -53.58
C PRO F 182 -71.97 -76.17 -54.83
N ALA F 183 -72.88 -77.15 -54.86
CA ALA F 183 -73.03 -78.07 -55.97
C ALA F 183 -74.48 -78.16 -56.39
N ALA F 184 -74.73 -78.98 -57.40
CA ALA F 184 -76.07 -79.09 -57.97
C ALA F 184 -76.99 -79.86 -57.04
N LEU F 185 -78.28 -79.78 -57.33
CA LEU F 185 -79.31 -80.45 -56.55
C LEU F 185 -79.63 -81.82 -57.16
N VAL F 186 -80.07 -82.74 -56.31
CA VAL F 186 -80.43 -84.08 -56.73
C VAL F 186 -81.81 -84.41 -56.19
N ALA F 187 -82.30 -85.61 -56.52
CA ALA F 187 -83.68 -85.97 -56.21
C ALA F 187 -83.95 -86.00 -54.71
N ALA F 188 -82.95 -86.37 -53.92
CA ALA F 188 -83.16 -86.49 -52.49
C ALA F 188 -83.56 -85.16 -51.87
N ASP F 189 -83.03 -84.05 -52.40
CA ASP F 189 -83.35 -82.74 -51.84
C ASP F 189 -84.81 -82.36 -52.11
N TYR F 190 -85.28 -82.59 -53.34
CA TYR F 190 -86.68 -82.36 -53.62
C TYR F 190 -87.55 -83.24 -52.75
N GLN F 191 -87.14 -84.50 -52.56
CA GLN F 191 -87.90 -85.41 -51.71
C GLN F 191 -87.98 -84.88 -50.28
N ALA F 192 -86.86 -84.42 -49.75
CA ALA F 192 -86.84 -83.93 -48.38
C ALA F 192 -87.71 -82.69 -48.22
N ALA F 193 -87.63 -81.76 -49.16
CA ALA F 193 -88.32 -80.49 -48.96
C ALA F 193 -89.80 -80.57 -49.32
N TYR F 194 -90.22 -81.54 -50.14
CA TYR F 194 -91.58 -81.57 -50.63
C TYR F 194 -92.29 -82.90 -50.45
N GLY F 195 -91.64 -83.90 -49.87
CA GLY F 195 -92.25 -85.19 -49.68
C GLY F 195 -91.65 -86.25 -50.59
N THR F 196 -92.01 -87.50 -50.33
CA THR F 196 -91.42 -88.60 -51.09
C THR F 196 -92.13 -88.84 -52.41
N THR F 197 -93.19 -88.09 -52.69
CA THR F 197 -94.02 -88.31 -53.87
C THR F 197 -94.18 -87.05 -54.72
N THR F 198 -93.09 -86.31 -54.90
CA THR F 198 -93.16 -84.98 -55.48
C THR F 198 -93.00 -84.99 -56.99
N ASN F 199 -93.73 -84.09 -57.65
CA ASN F 199 -93.57 -83.84 -59.08
C ASN F 199 -92.22 -83.25 -59.44
N VAL F 200 -91.71 -82.31 -58.64
CA VAL F 200 -90.71 -81.37 -59.12
C VAL F 200 -89.42 -82.10 -59.43
N THR F 201 -88.68 -81.59 -60.41
CA THR F 201 -87.37 -82.13 -60.76
C THR F 201 -86.32 -81.05 -61.04
N THR F 202 -86.72 -79.79 -61.12
CA THR F 202 -85.74 -78.72 -61.31
C THR F 202 -86.34 -77.41 -60.85
N THR F 203 -85.51 -76.37 -60.88
CA THR F 203 -85.87 -75.06 -60.38
C THR F 203 -85.54 -73.99 -61.42
N ALA F 204 -86.18 -72.84 -61.29
CA ALA F 204 -85.89 -71.72 -62.17
C ALA F 204 -85.89 -70.44 -61.34
N VAL F 205 -84.87 -69.61 -61.54
CA VAL F 205 -84.70 -68.37 -60.80
C VAL F 205 -84.70 -67.21 -61.78
N THR F 206 -85.54 -66.21 -61.52
CA THR F 206 -85.64 -65.04 -62.39
C THR F 206 -85.73 -63.79 -61.54
N GLU F 207 -85.31 -62.68 -62.13
CA GLU F 207 -85.35 -61.38 -61.47
C GLU F 207 -86.72 -60.76 -61.66
N SER F 208 -87.07 -59.83 -60.77
CA SER F 208 -88.41 -59.24 -60.82
C SER F 208 -88.55 -58.26 -61.97
N SER F 209 -87.76 -57.19 -61.95
CA SER F 209 -87.75 -56.20 -63.01
C SER F 209 -86.35 -56.13 -63.60
N ALA F 210 -86.26 -56.20 -64.92
CA ALA F 210 -84.97 -56.33 -65.58
C ALA F 210 -84.08 -55.14 -65.31
N ASN F 211 -82.81 -55.41 -65.00
CA ASN F 211 -81.78 -54.39 -64.87
C ASN F 211 -82.09 -53.38 -63.78
N ALA F 212 -82.60 -53.83 -62.64
CA ALA F 212 -82.78 -52.92 -61.51
C ALA F 212 -81.57 -52.97 -60.58
N LEU F 213 -80.97 -54.14 -60.42
CA LEU F 213 -79.80 -54.25 -59.58
C LEU F 213 -78.64 -53.45 -60.14
N ALA F 214 -78.31 -53.66 -61.41
CA ALA F 214 -77.21 -52.90 -62.03
C ALA F 214 -77.51 -51.42 -62.04
N GLY F 215 -78.78 -51.03 -62.12
CA GLY F 215 -79.13 -49.63 -61.98
C GLY F 215 -78.83 -49.10 -60.60
N ARG F 216 -79.11 -49.90 -59.57
CA ARG F 216 -78.75 -49.50 -58.22
C ARG F 216 -77.25 -49.35 -58.05
N LEU F 217 -76.48 -50.32 -58.56
CA LEU F 217 -75.03 -50.27 -58.37
C LEU F 217 -74.40 -49.12 -59.13
N GLY F 218 -75.09 -48.57 -60.11
CA GLY F 218 -74.56 -47.47 -60.89
C GLY F 218 -73.54 -47.86 -61.92
N VAL F 219 -73.61 -49.07 -62.47
CA VAL F 219 -72.71 -49.50 -63.54
C VAL F 219 -73.56 -49.95 -64.72
N ALA F 220 -72.88 -50.17 -65.84
CA ALA F 220 -73.56 -50.52 -67.08
C ALA F 220 -74.14 -51.93 -67.00
N ASN F 221 -75.31 -52.10 -67.63
CA ASN F 221 -75.91 -53.42 -67.72
C ASN F 221 -74.98 -54.35 -68.48
N GLY F 222 -74.97 -55.62 -68.09
CA GLY F 222 -74.08 -56.59 -68.69
C GLY F 222 -72.87 -56.92 -67.85
N SER F 223 -72.64 -56.19 -66.76
CA SER F 223 -71.67 -56.57 -65.76
C SER F 223 -72.30 -57.30 -64.58
N VAL F 224 -73.61 -57.55 -64.63
CA VAL F 224 -74.33 -58.24 -63.58
C VAL F 224 -75.14 -59.36 -64.22
N ALA F 225 -74.83 -60.61 -63.84
CA ALA F 225 -75.50 -61.76 -64.41
C ALA F 225 -75.88 -62.73 -63.31
N LEU F 226 -77.07 -63.34 -63.44
CA LEU F 226 -77.56 -64.32 -62.49
C LEU F 226 -77.53 -65.70 -63.12
N ALA F 227 -77.41 -66.73 -62.29
CA ALA F 227 -77.58 -68.07 -62.78
C ALA F 227 -79.06 -68.41 -62.90
N ALA F 228 -79.34 -69.54 -63.54
CA ALA F 228 -80.70 -69.97 -63.79
C ALA F 228 -81.15 -71.09 -62.86
N THR F 229 -80.25 -71.68 -62.09
CA THR F 229 -80.61 -72.77 -61.19
C THR F 229 -80.00 -72.53 -59.82
N ALA F 230 -80.63 -73.11 -58.81
CA ALA F 230 -80.17 -73.02 -57.44
C ALA F 230 -79.10 -74.06 -57.17
N GLU F 231 -78.30 -73.83 -56.13
CA GLU F 231 -77.22 -74.71 -55.74
C GLU F 231 -77.26 -74.90 -54.22
N LYS F 232 -76.73 -76.01 -53.74
CA LYS F 232 -76.72 -76.30 -52.31
C LYS F 232 -75.30 -76.49 -51.81
N ASP F 233 -75.06 -75.99 -50.60
CA ASP F 233 -73.74 -76.00 -49.98
C ASP F 233 -73.60 -77.25 -49.10
N ASP F 234 -72.61 -77.26 -48.22
CA ASP F 234 -72.34 -78.40 -47.35
C ASP F 234 -73.51 -78.75 -46.44
N ASN F 235 -74.18 -77.75 -45.87
CA ASN F 235 -75.18 -77.98 -44.82
C ASN F 235 -76.60 -78.03 -45.35
N GLY F 236 -76.79 -78.15 -46.65
CA GLY F 236 -78.14 -78.31 -47.18
C GLY F 236 -78.97 -77.06 -47.23
N ASN F 237 -78.36 -75.90 -47.44
CA ASN F 237 -79.10 -74.68 -47.69
C ASN F 237 -79.00 -74.27 -49.15
N TRP F 238 -79.99 -73.51 -49.61
CA TRP F 238 -80.15 -73.18 -51.02
C TRP F 238 -79.71 -71.76 -51.26
N TYR F 239 -79.02 -71.53 -52.39
CA TYR F 239 -78.53 -70.20 -52.75
C TYR F 239 -78.65 -69.99 -54.24
N ALA F 240 -78.56 -68.72 -54.65
CA ALA F 240 -78.54 -68.33 -56.04
C ALA F 240 -77.27 -67.53 -56.32
N THR F 241 -76.63 -67.84 -57.44
CA THR F 241 -75.31 -67.31 -57.77
C THR F 241 -75.44 -66.02 -58.57
N VAL F 242 -74.65 -65.03 -58.21
CA VAL F 242 -74.56 -63.77 -58.94
C VAL F 242 -73.11 -63.50 -59.22
N THR F 243 -72.79 -63.18 -60.47
CA THR F 243 -71.42 -62.94 -60.90
C THR F 243 -71.24 -61.48 -61.27
N ILE F 244 -70.11 -60.90 -60.90
CA ILE F 244 -69.79 -59.50 -61.17
C ILE F 244 -68.46 -59.43 -61.90
N THR F 245 -68.39 -58.63 -62.96
CA THR F 245 -67.16 -58.42 -63.71
C THR F 245 -67.02 -56.95 -64.04
N ALA F 246 -65.92 -56.33 -63.60
CA ALA F 246 -65.70 -54.91 -63.81
C ALA F 246 -65.07 -54.67 -65.17
N GLY F 247 -65.18 -53.44 -65.66
CA GLY F 247 -64.61 -53.10 -66.95
C GLY F 247 -63.58 -51.99 -66.95
N SER F 248 -63.72 -51.03 -66.04
CA SER F 248 -62.87 -49.84 -66.10
C SER F 248 -62.69 -49.28 -64.70
N ALA F 249 -61.62 -48.51 -64.54
CA ALA F 249 -61.16 -48.12 -63.21
C ALA F 249 -62.23 -47.36 -62.44
N THR F 250 -63.04 -46.57 -63.13
CA THR F 250 -64.12 -45.88 -62.42
C THR F 250 -65.12 -46.87 -61.87
N GLU F 251 -65.40 -47.95 -62.62
CA GLU F 251 -66.34 -48.95 -62.11
C GLU F 251 -65.81 -49.59 -60.84
N VAL F 252 -64.52 -49.93 -60.82
CA VAL F 252 -63.92 -50.51 -59.63
C VAL F 252 -64.02 -49.53 -58.47
N SER F 253 -63.75 -48.25 -58.73
CA SER F 253 -63.85 -47.26 -57.66
C SER F 253 -65.25 -47.17 -57.10
N THR F 254 -66.26 -47.13 -57.97
CA THR F 254 -67.64 -47.06 -57.50
C THR F 254 -68.03 -48.30 -56.71
N LEU F 255 -67.67 -49.49 -57.22
CA LEU F 255 -68.02 -50.70 -56.51
C LEU F 255 -67.38 -50.75 -55.13
N LYS F 256 -66.11 -50.38 -55.04
CA LYS F 256 -65.48 -50.33 -53.73
C LYS F 256 -66.18 -49.33 -52.83
N ALA F 257 -66.58 -48.19 -53.39
CA ALA F 257 -67.31 -47.22 -52.59
C ALA F 257 -68.61 -47.76 -52.04
N LYS F 258 -69.26 -48.68 -52.75
CA LYS F 258 -70.54 -49.21 -52.30
C LYS F 258 -70.42 -50.59 -51.64
N GLY F 259 -69.21 -51.05 -51.35
CA GLY F 259 -69.04 -52.23 -50.52
C GLY F 259 -68.68 -53.52 -51.20
N PHE F 260 -68.39 -53.50 -52.50
CA PHE F 260 -67.97 -54.70 -53.22
C PHE F 260 -66.56 -54.48 -53.76
N GLU F 261 -65.73 -55.50 -53.69
CA GLU F 261 -64.34 -55.41 -54.12
C GLU F 261 -64.06 -56.43 -55.20
N VAL F 262 -63.48 -55.96 -56.30
CA VAL F 262 -63.19 -56.82 -57.45
C VAL F 262 -62.22 -56.10 -58.36
N GLU F 263 -61.39 -56.85 -59.06
CA GLU F 263 -60.44 -56.29 -60.01
C GLU F 263 -60.92 -56.54 -61.43
N ASN F 264 -60.82 -55.51 -62.27
CA ASN F 264 -61.39 -55.59 -63.60
C ASN F 264 -60.74 -56.70 -64.42
N GLY F 265 -61.54 -57.34 -65.26
CA GLY F 265 -61.07 -58.46 -66.06
C GLY F 265 -61.09 -59.80 -65.35
N VAL F 266 -61.53 -59.85 -64.11
CA VAL F 266 -61.57 -61.08 -63.33
C VAL F 266 -62.96 -61.24 -62.73
N ALA F 267 -63.75 -62.12 -63.32
CA ALA F 267 -65.11 -62.33 -62.83
C ALA F 267 -65.08 -62.89 -61.42
N LYS F 268 -66.02 -62.44 -60.60
CA LYS F 268 -66.09 -62.88 -59.22
C LYS F 268 -67.51 -63.27 -58.89
N GLU F 269 -67.67 -64.15 -57.89
CA GLU F 269 -68.95 -64.72 -57.55
C GLU F 269 -69.45 -64.16 -56.22
N PHE F 270 -70.76 -63.96 -56.13
CA PHE F 270 -71.43 -63.54 -54.92
C PHE F 270 -72.74 -64.31 -54.81
N TYR F 271 -73.17 -64.57 -53.57
CA TYR F 271 -74.27 -65.48 -53.32
C TYR F 271 -75.40 -64.79 -52.56
N ILE F 272 -76.61 -65.27 -52.77
CA ILE F 272 -77.80 -64.78 -52.08
C ILE F 272 -78.59 -65.98 -51.59
N ALA F 273 -79.34 -65.82 -50.51
CA ALA F 273 -80.01 -66.95 -49.88
C ALA F 273 -81.42 -67.11 -50.43
N LEU F 274 -82.02 -68.27 -50.15
CA LEU F 274 -83.35 -68.60 -50.61
C LEU F 274 -84.07 -69.43 -49.56
N ASP F 275 -85.40 -69.40 -49.60
CA ASP F 275 -86.24 -70.18 -48.69
C ASP F 275 -87.03 -71.21 -49.48
N PRO F 276 -86.82 -72.50 -49.25
CA PRO F 276 -87.45 -73.52 -50.11
C PRO F 276 -88.96 -73.57 -50.02
N GLN F 277 -89.58 -72.98 -49.00
CA GLN F 277 -91.02 -73.08 -48.84
C GLN F 277 -91.81 -71.98 -49.54
N SER F 278 -91.18 -70.87 -49.89
CA SER F 278 -91.90 -69.71 -50.41
C SER F 278 -91.95 -69.68 -51.92
N ALA F 279 -91.45 -70.71 -52.58
CA ALA F 279 -91.43 -70.73 -54.04
C ALA F 279 -92.84 -70.79 -54.59
N ASP F 280 -92.94 -70.66 -55.90
CA ASP F 280 -94.21 -70.84 -56.60
C ASP F 280 -94.18 -72.15 -57.36
N VAL F 281 -95.07 -73.07 -56.99
CA VAL F 281 -95.00 -74.43 -57.50
C VAL F 281 -96.36 -74.87 -58.00
N THR F 282 -97.27 -73.93 -58.20
CA THR F 282 -98.60 -74.26 -58.69
C THR F 282 -98.84 -73.84 -60.14
N THR F 283 -98.06 -72.89 -60.67
CA THR F 283 -98.31 -72.41 -62.03
C THR F 283 -97.93 -73.46 -63.06
N THR F 284 -96.75 -74.05 -62.94
CA THR F 284 -96.22 -74.94 -63.95
C THR F 284 -95.74 -76.21 -63.27
N ALA F 285 -96.19 -77.36 -63.77
CA ALA F 285 -95.77 -78.63 -63.20
C ALA F 285 -94.28 -78.86 -63.45
N GLY F 286 -93.61 -79.39 -62.44
CA GLY F 286 -92.24 -79.86 -62.61
C GLY F 286 -91.15 -78.86 -62.29
N THR F 287 -91.49 -77.61 -61.99
CA THR F 287 -90.48 -76.62 -61.65
C THR F 287 -90.94 -75.83 -60.45
N ALA F 288 -90.00 -75.38 -59.64
CA ALA F 288 -90.26 -74.41 -58.58
C ALA F 288 -89.68 -73.08 -59.03
N ALA F 289 -90.43 -72.01 -58.81
CA ALA F 289 -90.06 -70.69 -59.32
C ALA F 289 -89.71 -69.77 -58.17
N PHE F 290 -88.60 -69.05 -58.30
CA PHE F 290 -88.20 -68.03 -57.34
C PHE F 290 -88.05 -66.70 -58.08
N ALA F 291 -88.64 -65.64 -57.53
CA ALA F 291 -88.57 -64.30 -58.10
C ALA F 291 -88.02 -63.35 -57.06
N LEU F 292 -86.78 -62.91 -57.23
CA LEU F 292 -86.10 -62.13 -56.22
C LEU F 292 -86.49 -60.67 -56.31
N ASP F 293 -86.95 -60.10 -55.20
CA ASP F 293 -87.32 -58.68 -55.15
C ASP F 293 -86.06 -57.84 -55.04
N THR F 294 -85.27 -57.87 -56.11
CA THR F 294 -83.94 -57.27 -56.09
C THR F 294 -83.96 -55.77 -56.00
N ALA F 295 -85.11 -55.12 -56.19
CA ALA F 295 -85.16 -53.67 -56.22
C ALA F 295 -85.08 -53.04 -54.84
N ASN F 296 -85.44 -53.76 -53.79
CA ASN F 296 -85.49 -53.19 -52.46
C ASN F 296 -84.76 -54.00 -51.39
N ILE F 297 -84.10 -55.09 -51.78
CA ILE F 297 -83.36 -55.89 -50.82
C ILE F 297 -82.21 -55.08 -50.24
N GLN F 298 -81.86 -55.37 -49.00
CA GLN F 298 -80.73 -54.69 -48.38
C GLN F 298 -79.41 -55.29 -48.86
N LEU F 299 -78.47 -54.41 -49.18
CA LEU F 299 -77.27 -54.82 -49.90
C LEU F 299 -76.35 -55.71 -49.08
N SER F 300 -76.44 -55.67 -47.76
CA SER F 300 -75.49 -56.43 -46.94
C SER F 300 -75.73 -57.94 -47.01
N SER F 301 -76.83 -58.37 -47.60
CA SER F 301 -77.14 -59.80 -47.68
C SER F 301 -76.54 -60.47 -48.91
N ILE F 302 -75.79 -59.73 -49.72
CA ILE F 302 -75.11 -60.30 -50.89
C ILE F 302 -73.67 -60.55 -50.46
N THR F 303 -73.36 -61.80 -50.17
CA THR F 303 -72.10 -62.16 -49.52
C THR F 303 -71.39 -63.28 -50.26
N SER F 304 -70.09 -63.39 -50.01
CA SER F 304 -69.26 -64.44 -50.61
C SER F 304 -69.19 -65.66 -49.71
N GLY F 305 -68.27 -66.58 -50.00
CA GLY F 305 -68.15 -67.80 -49.23
C GLY F 305 -67.55 -67.60 -47.84
N ALA F 306 -67.78 -68.57 -46.96
CA ALA F 306 -67.28 -68.50 -45.60
C ALA F 306 -65.99 -69.28 -45.45
N SER F 307 -65.00 -68.65 -44.81
CA SER F 307 -63.67 -69.24 -44.72
C SER F 307 -63.68 -70.48 -43.82
N SER F 308 -62.67 -71.32 -44.00
CA SER F 308 -62.55 -72.55 -43.23
C SER F 308 -61.38 -72.48 -42.27
N ASN F 309 -61.58 -73.02 -41.06
CA ASN F 309 -60.58 -73.04 -39.99
C ASN F 309 -60.15 -71.63 -39.64
N PRO F 310 -61.01 -70.83 -39.00
CA PRO F 310 -60.62 -69.46 -38.69
C PRO F 310 -59.64 -69.34 -37.55
N LEU F 311 -59.86 -70.09 -36.48
CA LEU F 311 -59.08 -69.90 -35.26
C LEU F 311 -57.59 -70.15 -35.49
N ALA F 312 -57.25 -71.15 -36.30
CA ALA F 312 -55.85 -71.37 -36.63
C ALA F 312 -55.25 -70.14 -37.33
N LYS F 313 -56.00 -69.55 -38.25
CA LYS F 313 -55.48 -68.39 -38.96
C LYS F 313 -55.19 -67.25 -37.99
N LEU F 314 -56.13 -66.98 -37.08
CA LEU F 314 -55.91 -65.88 -36.14
C LEU F 314 -54.71 -66.16 -35.25
N ASP F 315 -54.51 -67.42 -34.87
CA ASP F 315 -53.37 -67.76 -34.04
C ASP F 315 -52.05 -67.53 -34.78
N ALA F 316 -52.00 -67.89 -36.07
CA ALA F 316 -50.77 -67.64 -36.84
C ALA F 316 -50.47 -66.15 -36.94
N ALA F 317 -51.51 -65.34 -37.12
CA ALA F 317 -51.32 -63.89 -37.15
C ALA F 317 -50.69 -63.40 -35.86
N LEU F 318 -51.23 -63.83 -34.73
CA LEU F 318 -50.66 -63.43 -33.44
C LEU F 318 -49.20 -63.83 -33.33
N ALA F 319 -48.87 -65.04 -33.83
CA ALA F 319 -47.48 -65.49 -33.77
C ALA F 319 -46.55 -64.53 -34.52
N ASP F 320 -46.95 -64.13 -35.72
CA ASP F 320 -46.09 -63.24 -36.50
C ASP F 320 -45.85 -61.93 -35.78
N VAL F 321 -46.92 -61.33 -35.24
CA VAL F 321 -46.74 -60.05 -34.56
C VAL F 321 -45.80 -60.19 -33.37
N ASP F 322 -45.93 -61.30 -32.63
CA ASP F 322 -45.07 -61.50 -31.47
C ASP F 322 -43.60 -61.59 -31.87
N THR F 323 -43.30 -62.33 -32.93
CA THR F 323 -41.92 -62.42 -33.38
C THR F 323 -41.34 -61.04 -33.68
N LEU F 324 -42.13 -60.20 -34.34
CA LEU F 324 -41.64 -58.86 -34.66
C LEU F 324 -41.30 -58.08 -33.38
N ARG F 325 -42.20 -58.11 -32.40
CA ARG F 325 -41.91 -57.39 -31.16
C ARG F 325 -40.64 -57.92 -30.51
N SER F 326 -40.45 -59.24 -30.57
CA SER F 326 -39.24 -59.84 -30.01
C SER F 326 -37.99 -59.20 -30.58
N SER F 327 -37.88 -59.15 -31.91
CA SER F 327 -36.65 -58.63 -32.50
C SER F 327 -36.44 -57.17 -32.13
N LEU F 328 -37.51 -56.38 -32.10
CA LEU F 328 -37.34 -54.97 -31.77
C LEU F 328 -36.80 -54.79 -30.35
N GLY F 329 -37.36 -55.53 -29.39
CA GLY F 329 -36.86 -55.41 -28.03
C GLY F 329 -35.40 -55.78 -27.92
N ALA F 330 -35.00 -56.88 -28.58
CA ALA F 330 -33.61 -57.27 -28.52
C ALA F 330 -32.70 -56.16 -29.07
N VAL F 331 -33.14 -55.49 -30.13
CA VAL F 331 -32.31 -54.43 -30.70
C VAL F 331 -32.10 -53.30 -29.70
N GLN F 332 -33.17 -52.88 -29.02
CA GLN F 332 -33.00 -51.77 -28.07
C GLN F 332 -32.04 -52.15 -26.96
N ASN F 333 -32.17 -53.39 -26.47
CA ASN F 333 -31.25 -53.87 -25.44
C ASN F 333 -29.81 -53.85 -25.93
N ARG F 334 -29.58 -54.18 -27.20
CA ARG F 334 -28.26 -53.97 -27.78
C ARG F 334 -27.84 -52.52 -27.68
N PHE F 335 -28.74 -51.59 -28.04
CA PHE F 335 -28.30 -50.20 -28.21
C PHE F 335 -27.76 -49.59 -26.92
N ASP F 336 -28.44 -49.79 -25.79
CA ASP F 336 -28.10 -48.97 -24.61
C ASP F 336 -26.62 -49.11 -24.20
N SER F 337 -26.07 -50.32 -24.30
CA SER F 337 -24.68 -50.56 -23.93
C SER F 337 -23.74 -49.64 -24.68
N VAL F 338 -24.06 -49.35 -25.93
CA VAL F 338 -23.21 -48.51 -26.75
C VAL F 338 -23.04 -47.14 -26.12
N ILE F 339 -24.15 -46.54 -25.68
CA ILE F 339 -24.06 -45.21 -25.10
C ILE F 339 -23.20 -45.24 -23.85
N SER F 340 -23.40 -46.25 -23.00
CA SER F 340 -22.57 -46.33 -21.80
C SER F 340 -21.08 -46.36 -22.15
N ASN F 341 -20.71 -47.27 -23.06
CA ASN F 341 -19.31 -47.44 -23.43
C ASN F 341 -18.74 -46.17 -24.02
N LEU F 342 -19.50 -45.51 -24.89
CA LEU F 342 -19.01 -44.30 -25.55
C LEU F 342 -18.70 -43.21 -24.52
N GLY F 343 -19.60 -43.01 -23.56
CA GLY F 343 -19.33 -42.00 -22.54
C GLY F 343 -18.03 -42.27 -21.81
N THR F 344 -17.83 -43.51 -21.40
CA THR F 344 -16.61 -43.81 -20.65
C THR F 344 -15.35 -43.56 -21.47
N THR F 345 -15.36 -44.00 -22.73
CA THR F 345 -14.18 -43.82 -23.57
C THR F 345 -13.88 -42.36 -23.81
N VAL F 346 -14.92 -41.53 -24.00
CA VAL F 346 -14.68 -40.10 -24.19
C VAL F 346 -14.00 -39.51 -22.97
N THR F 347 -14.46 -39.90 -21.77
CA THR F 347 -13.80 -39.39 -20.57
C THR F 347 -12.32 -39.71 -20.58
N ASN F 348 -11.97 -40.98 -20.84
CA ASN F 348 -10.57 -41.37 -20.76
C ASN F 348 -9.71 -40.67 -21.80
N LEU F 349 -10.21 -40.58 -23.03
CA LEU F 349 -9.42 -39.93 -24.07
C LEU F 349 -9.19 -38.46 -23.73
N SER F 350 -10.21 -37.77 -23.23
CA SER F 350 -10.04 -36.36 -22.90
C SER F 350 -9.00 -36.19 -21.80
N ALA F 351 -9.01 -37.07 -20.81
CA ALA F 351 -7.98 -36.98 -19.78
C ALA F 351 -6.58 -37.13 -20.37
N SER F 352 -6.40 -38.08 -21.30
CA SER F 352 -5.08 -38.27 -21.89
C SER F 352 -4.63 -37.04 -22.66
N ARG F 353 -5.52 -36.47 -23.47
CA ARG F 353 -5.14 -35.28 -24.24
C ARG F 353 -4.74 -34.15 -23.31
N SER F 354 -5.50 -33.97 -22.22
CA SER F 354 -5.13 -32.95 -21.25
C SER F 354 -3.74 -33.19 -20.70
N ARG F 355 -3.43 -34.45 -20.39
CA ARG F 355 -2.09 -34.72 -19.85
C ARG F 355 -1.01 -34.30 -20.83
N ILE F 356 -1.18 -34.61 -22.11
CA ILE F 356 -0.12 -34.28 -23.07
C ILE F 356 -0.03 -32.77 -23.27
N GLN F 357 -1.13 -32.04 -23.13
CA GLN F 357 -1.22 -30.74 -23.77
C GLN F 357 -1.25 -29.53 -22.83
N ASP F 358 -1.94 -29.59 -21.69
CA ASP F 358 -2.20 -28.38 -20.93
C ASP F 358 -1.00 -27.98 -20.07
N ALA F 359 -1.12 -26.84 -19.39
CA ALA F 359 0.02 -26.17 -18.77
C ALA F 359 -0.21 -25.98 -17.28
N ASP F 360 0.80 -26.31 -16.49
CA ASP F 360 0.80 -26.03 -15.06
C ASP F 360 0.95 -24.53 -14.82
N TYR F 361 0.69 -24.10 -13.59
CA TYR F 361 0.83 -22.68 -13.24
C TYR F 361 1.92 -22.39 -12.23
N ALA F 362 2.14 -23.26 -11.25
CA ALA F 362 3.18 -23.00 -10.26
C ALA F 362 4.55 -22.88 -10.92
N THR F 363 4.86 -23.81 -11.82
CA THR F 363 6.14 -23.80 -12.53
C THR F 363 6.33 -22.48 -13.28
N GLU F 364 5.29 -22.05 -13.99
CA GLU F 364 5.43 -20.86 -14.82
C GLU F 364 5.55 -19.60 -13.97
N VAL F 365 4.81 -19.52 -12.86
CA VAL F 365 4.94 -18.36 -11.99
C VAL F 365 6.36 -18.28 -11.46
N SER F 366 6.90 -19.42 -11.04
CA SER F 366 8.26 -19.42 -10.53
C SER F 366 9.25 -18.95 -11.58
N ASN F 367 9.12 -19.46 -12.80
CA ASN F 367 10.05 -19.10 -13.85
C ASN F 367 9.96 -17.61 -14.18
N MET F 368 8.74 -17.08 -14.24
CA MET F 368 8.57 -15.65 -14.53
C MET F 368 9.23 -14.78 -13.47
N THR F 369 9.05 -15.14 -12.20
CA THR F 369 9.66 -14.36 -11.13
C THR F 369 11.18 -14.37 -11.25
N ARG F 370 11.76 -15.57 -11.37
CA ARG F 370 13.20 -15.66 -11.40
C ARG F 370 13.75 -15.00 -12.66
N ALA F 371 12.93 -14.87 -13.69
CA ALA F 371 13.38 -14.15 -14.87
C ALA F 371 13.42 -12.65 -14.62
N GLN F 372 12.37 -12.10 -14.00
CA GLN F 372 12.33 -10.65 -13.84
C GLN F 372 13.47 -10.15 -12.94
N ILE F 373 13.77 -10.89 -11.88
CA ILE F 373 14.79 -10.39 -10.96
C ILE F 373 16.13 -10.23 -11.68
N LEU F 374 16.47 -11.20 -12.52
CA LEU F 374 17.72 -11.13 -13.28
C LEU F 374 17.73 -9.92 -14.19
N GLN F 375 16.58 -9.59 -14.78
CA GLN F 375 16.50 -8.43 -15.65
C GLN F 375 16.89 -7.17 -14.90
N GLN F 376 16.31 -6.98 -13.72
CA GLN F 376 16.62 -5.78 -12.96
C GLN F 376 18.09 -5.73 -12.58
N ALA F 377 18.64 -6.86 -12.13
CA ALA F 377 20.05 -6.91 -11.77
C ALA F 377 20.92 -6.56 -12.96
N GLY F 378 20.59 -7.07 -14.13
CA GLY F 378 21.39 -6.81 -15.31
C GLY F 378 21.41 -5.34 -15.67
N THR F 379 20.26 -4.67 -15.57
CA THR F 379 20.26 -3.23 -15.87
C THR F 379 21.14 -2.46 -14.90
N SER F 380 21.06 -2.75 -13.60
CA SER F 380 21.90 -2.03 -12.66
C SER F 380 23.38 -2.27 -12.93
N VAL F 381 23.75 -3.52 -13.18
CA VAL F 381 25.15 -3.83 -13.45
C VAL F 381 25.62 -3.13 -14.72
N LEU F 382 24.75 -3.03 -15.72
CA LEU F 382 25.12 -2.33 -16.95
C LEU F 382 25.46 -0.88 -16.67
N ALA F 383 24.63 -0.21 -15.85
CA ALA F 383 24.94 1.18 -15.53
C ALA F 383 26.28 1.28 -14.81
N GLN F 384 26.50 0.37 -13.86
CA GLN F 384 27.75 0.39 -13.10
C GLN F 384 28.95 0.24 -14.02
N ALA F 385 28.89 -0.70 -14.96
CA ALA F 385 30.03 -0.95 -15.84
C ALA F 385 30.21 0.17 -16.84
N ASN F 386 29.13 0.83 -17.25
CA ASN F 386 29.30 2.00 -18.09
C ASN F 386 30.09 3.08 -17.38
N GLN F 387 29.80 3.29 -16.10
CA GLN F 387 30.46 4.38 -15.40
C GLN F 387 31.95 4.11 -15.20
N THR F 388 32.50 3.03 -15.74
CA THR F 388 33.86 2.62 -15.43
C THR F 388 34.91 3.63 -15.88
N THR F 389 34.88 4.01 -17.15
CA THR F 389 36.04 4.66 -17.74
C THR F 389 36.22 6.10 -17.32
N GLN F 390 35.44 6.61 -16.37
CA GLN F 390 35.55 8.02 -16.01
C GLN F 390 36.92 8.35 -15.45
N ASN F 391 37.54 7.42 -14.73
CA ASN F 391 38.75 7.74 -13.99
C ASN F 391 39.88 8.20 -14.90
N VAL F 392 39.92 7.66 -16.12
CA VAL F 392 41.03 7.96 -17.02
C VAL F 392 41.12 9.44 -17.31
N LEU F 393 39.96 10.09 -17.46
CA LEU F 393 39.96 11.53 -17.75
C LEU F 393 40.60 12.31 -16.62
N SER F 394 40.32 11.93 -15.37
CA SER F 394 40.91 12.62 -14.23
C SER F 394 42.42 12.53 -14.24
N LEU F 395 42.97 11.51 -14.90
CA LEU F 395 44.41 11.40 -15.02
C LEU F 395 44.98 12.55 -15.84
N LEU F 396 44.13 13.22 -16.60
CA LEU F 396 44.55 14.24 -17.54
C LEU F 396 44.11 15.62 -17.10
N ALA G 2 49.93 67.52 -5.55
CA ALA G 2 50.59 66.66 -6.52
C ALA G 2 51.00 65.36 -5.86
N GLN G 3 52.29 65.05 -5.90
CA GLN G 3 52.80 63.81 -5.32
C GLN G 3 53.27 64.07 -3.90
N VAL G 4 52.57 63.48 -2.94
CA VAL G 4 52.94 63.55 -1.54
C VAL G 4 52.96 62.14 -0.98
N ILE G 5 53.89 61.88 -0.06
CA ILE G 5 53.96 60.56 0.56
C ILE G 5 53.62 60.58 2.03
N ASN G 6 53.61 61.75 2.67
CA ASN G 6 53.46 61.77 4.12
C ASN G 6 52.02 61.52 4.52
N THR G 7 51.08 61.62 3.59
CA THR G 7 49.70 61.26 3.85
C THR G 7 49.07 60.74 2.56
N ASN G 8 48.07 59.90 2.71
CA ASN G 8 47.31 59.38 1.58
C ASN G 8 45.83 59.61 1.87
N SER G 9 45.14 60.27 0.96
CA SER G 9 43.77 60.71 1.22
C SER G 9 42.71 59.87 0.53
N LEU G 10 43.09 58.92 -0.32
CA LEU G 10 42.10 58.01 -0.87
C LEU G 10 41.83 56.84 0.07
N SER G 11 42.88 56.32 0.71
CA SER G 11 42.67 55.22 1.62
C SER G 11 41.75 55.62 2.76
N LEU G 12 41.88 56.87 3.23
CA LEU G 12 40.94 57.36 4.23
C LEU G 12 39.52 57.30 3.71
N MET G 13 39.33 57.74 2.47
CA MET G 13 37.98 57.77 1.90
C MET G 13 37.38 56.37 1.83
N THR G 14 38.16 55.40 1.36
CA THR G 14 37.62 54.07 1.20
C THR G 14 37.38 53.40 2.56
N GLN G 15 38.29 53.58 3.50
CA GLN G 15 38.06 53.08 4.85
C GLN G 15 36.77 53.65 5.40
N ASN G 16 36.61 54.95 5.31
CA ASN G 16 35.37 55.61 5.69
C ASN G 16 34.18 54.93 5.05
N ASN G 17 34.32 54.56 3.78
CA ASN G 17 33.15 54.25 2.98
C ASN G 17 32.77 52.76 3.09
N LEU G 18 33.59 51.94 3.75
CA LEU G 18 33.22 50.53 3.93
C LEU G 18 32.17 50.33 5.02
N ASN G 19 32.15 51.19 6.03
CA ASN G 19 31.33 50.92 7.21
C ASN G 19 29.85 50.97 6.87
N THR G 20 29.48 51.77 5.87
CA THR G 20 28.10 51.81 5.43
C THR G 20 27.62 50.43 5.02
N SER G 21 28.39 49.74 4.18
CA SER G 21 28.02 48.39 3.79
C SER G 21 28.01 47.46 4.99
N GLN G 22 28.98 47.63 5.89
CA GLN G 22 29.08 46.71 7.02
C GLN G 22 27.83 46.72 7.88
N SER G 23 27.28 47.90 8.15
CA SER G 23 26.08 47.96 9.00
C SER G 23 24.88 47.30 8.33
N ALA G 24 24.70 47.50 7.01
CA ALA G 24 23.61 46.87 6.31
C ALA G 24 23.73 45.35 6.37
N LEU G 25 24.94 44.85 6.21
CA LEU G 25 25.14 43.41 6.33
C LEU G 25 24.78 42.92 7.72
N ASN G 26 25.16 43.67 8.76
CA ASN G 26 24.83 43.24 10.11
C ASN G 26 23.33 43.12 10.31
N THR G 27 22.58 44.15 9.92
CA THR G 27 21.14 44.11 10.12
C THR G 27 20.50 42.97 9.35
N ALA G 28 20.90 42.79 8.08
CA ALA G 28 20.30 41.73 7.28
C ALA G 28 20.59 40.36 7.86
N ILE G 29 21.81 40.16 8.37
CA ILE G 29 22.13 38.87 8.98
C ILE G 29 21.27 38.64 10.22
N GLN G 30 21.13 39.65 11.07
CA GLN G 30 20.40 39.43 12.31
C GLN G 30 18.93 39.10 12.03
N ARG G 31 18.30 39.80 11.09
CA ARG G 31 16.88 39.57 10.84
C ARG G 31 16.62 38.14 10.39
N LEU G 32 17.59 37.51 9.74
CA LEU G 32 17.39 36.15 9.25
C LEU G 32 17.35 35.16 10.40
N SER G 33 18.31 35.26 11.31
CA SER G 33 18.41 34.26 12.38
C SER G 33 17.32 34.46 13.42
N SER G 34 17.05 35.72 13.79
CA SER G 34 16.06 35.95 14.84
C SER G 34 14.69 35.47 14.42
N GLY G 35 14.32 35.70 13.17
CA GLY G 35 13.04 35.26 12.66
C GLY G 35 11.96 36.30 12.65
N LEU G 36 12.25 37.53 13.08
CA LEU G 36 11.24 38.58 13.11
C LEU G 36 11.92 39.93 12.94
N ARG G 37 11.09 40.98 12.79
CA ARG G 37 11.61 42.24 12.27
C ARG G 37 12.00 43.21 13.37
N ILE G 38 11.21 43.29 14.43
CA ILE G 38 11.41 44.29 15.49
C ILE G 38 12.17 43.62 16.62
N ASN G 39 13.50 43.75 16.63
CA ASN G 39 14.32 43.13 17.68
C ASN G 39 14.62 44.08 18.82
N SER G 40 14.55 45.38 18.61
CA SER G 40 14.77 46.34 19.68
C SER G 40 13.97 47.59 19.38
N ALA G 41 13.72 48.38 20.42
CA ALA G 41 12.93 49.59 20.25
C ALA G 41 13.54 50.51 19.21
N LYS G 42 14.85 50.40 18.99
CA LYS G 42 15.54 51.24 18.02
C LYS G 42 14.97 51.07 16.62
N ASP G 43 14.36 49.91 16.34
CA ASP G 43 13.76 49.70 15.03
C ASP G 43 12.61 50.67 14.79
N ASP G 44 11.54 50.57 15.59
CA ASP G 44 10.49 51.58 15.59
C ASP G 44 9.76 51.50 16.92
N ALA G 45 9.88 52.56 17.71
CA ALA G 45 9.29 52.54 19.04
C ALA G 45 7.78 52.57 18.98
N ALA G 46 7.22 53.04 17.88
CA ALA G 46 5.77 53.21 17.79
C ALA G 46 5.05 51.87 17.66
N GLY G 47 5.68 50.91 16.98
CA GLY G 47 4.99 49.66 16.69
C GLY G 47 5.20 48.61 17.77
N GLN G 48 6.30 48.72 18.52
CA GLN G 48 6.59 47.72 19.54
C GLN G 48 5.54 47.72 20.65
N ALA G 49 5.10 48.92 21.07
CA ALA G 49 4.04 49.01 22.05
C ALA G 49 2.75 48.40 21.53
N ILE G 50 2.45 48.62 20.24
CA ILE G 50 1.23 48.07 19.67
C ILE G 50 1.27 46.55 19.67
N ALA G 51 2.41 45.98 19.27
CA ALA G 51 2.55 44.53 19.31
C ALA G 51 2.40 44.00 20.72
N ASN G 52 3.01 44.67 21.70
CA ASN G 52 2.92 44.23 23.08
C ASN G 52 1.47 44.23 23.58
N ARG G 53 0.74 45.31 23.26
CA ARG G 53 -0.64 45.40 23.70
C ARG G 53 -1.48 44.31 23.05
N PHE G 54 -1.18 43.95 21.81
CA PHE G 54 -1.86 42.81 21.20
C PHE G 54 -1.55 41.52 21.94
N THR G 55 -0.29 41.32 22.29
CA THR G 55 0.13 40.05 22.87
C THR G 55 -0.56 39.78 24.20
N ALA G 56 -0.67 40.82 25.03
CA ALA G 56 -1.36 40.65 26.30
C ALA G 56 -2.79 40.16 26.09
N ASN G 57 -3.48 40.75 25.10
CA ASN G 57 -4.86 40.36 24.84
C ASN G 57 -4.97 38.92 24.38
N ILE G 58 -4.10 38.50 23.48
CA ILE G 58 -4.15 37.11 23.03
C ILE G 58 -4.00 36.18 24.21
N LYS G 59 -3.02 36.45 25.07
CA LYS G 59 -2.73 35.55 26.17
C LYS G 59 -3.88 35.50 27.17
N GLY G 60 -4.57 36.63 27.36
CA GLY G 60 -5.70 36.63 28.28
C GLY G 60 -6.93 35.92 27.74
N LEU G 61 -7.23 36.14 26.46
CA LEU G 61 -8.39 35.48 25.86
C LEU G 61 -8.23 33.96 25.87
N THR G 62 -7.01 33.47 25.68
CA THR G 62 -6.84 32.03 25.68
C THR G 62 -7.19 31.40 27.03
N GLN G 63 -6.94 32.10 28.13
CA GLN G 63 -7.31 31.56 29.44
C GLN G 63 -8.82 31.71 29.70
N ALA G 64 -9.37 32.84 29.29
CA ALA G 64 -10.82 33.01 29.39
C ALA G 64 -11.53 31.86 28.67
N GLN G 65 -10.89 31.31 27.64
CA GLN G 65 -11.48 30.17 26.96
C GLN G 65 -11.60 28.96 27.89
N ARG G 66 -10.58 28.70 28.71
CA ARG G 66 -10.60 27.51 29.57
C ARG G 66 -11.64 27.65 30.67
N ASN G 67 -11.80 28.86 31.20
CA ASN G 67 -12.76 29.02 32.29
C ASN G 67 -14.19 28.71 31.82
N ALA G 68 -14.45 28.87 30.53
CA ALA G 68 -15.74 28.47 29.99
C ALA G 68 -15.95 26.96 30.08
N ASN G 69 -14.90 26.19 29.79
CA ASN G 69 -15.01 24.74 29.93
C ASN G 69 -15.25 24.36 31.38
N ASP G 70 -14.60 25.07 32.30
CA ASP G 70 -14.91 24.86 33.72
C ASP G 70 -16.40 25.03 33.99
N GLY G 71 -16.97 26.15 33.54
CA GLY G 71 -18.37 26.42 33.85
C GLY G 71 -19.31 25.39 33.26
N ILE G 72 -19.06 24.99 32.01
CA ILE G 72 -19.87 23.94 31.40
C ILE G 72 -19.77 22.67 32.22
N SER G 73 -18.59 22.34 32.74
CA SER G 73 -18.46 21.13 33.53
C SER G 73 -19.36 21.17 34.75
N LEU G 74 -19.35 22.27 35.48
CA LEU G 74 -20.19 22.35 36.69
C LEU G 74 -21.68 22.22 36.35
N ALA G 75 -22.13 22.98 35.35
CA ALA G 75 -23.54 22.92 34.99
C ALA G 75 -23.93 21.54 34.51
N GLN G 76 -23.02 20.86 33.81
CA GLN G 76 -23.28 19.49 33.41
C GLN G 76 -23.46 18.60 34.61
N THR G 77 -22.57 18.74 35.60
CA THR G 77 -22.56 17.81 36.73
C THR G 77 -23.86 17.87 37.51
N THR G 78 -24.42 19.06 37.70
CA THR G 78 -25.61 19.16 38.55
C THR G 78 -26.79 18.34 38.00
N GLU G 79 -27.03 18.38 36.69
CA GLU G 79 -28.25 17.81 36.14
C GLU G 79 -28.28 16.30 36.31
N GLY G 80 -27.14 15.64 36.16
CA GLY G 80 -27.11 14.20 36.33
C GLY G 80 -27.59 13.78 37.70
N ALA G 81 -27.23 14.54 38.73
CA ALA G 81 -27.76 14.28 40.06
C ALA G 81 -29.25 14.56 40.10
N LEU G 82 -29.69 15.65 39.47
CA LEU G 82 -31.09 16.06 39.61
C LEU G 82 -32.05 15.02 39.02
N THR G 83 -31.58 14.29 38.02
CA THR G 83 -32.43 13.29 37.37
C THR G 83 -33.00 12.29 38.37
N GLU G 84 -32.18 11.83 39.31
CA GLU G 84 -32.59 10.73 40.17
C GLU G 84 -33.64 11.19 41.19
N VAL G 85 -33.51 12.42 41.67
CA VAL G 85 -34.55 12.99 42.50
C VAL G 85 -35.86 13.02 41.73
N ASN G 86 -35.81 13.47 40.47
CA ASN G 86 -37.00 13.41 39.64
C ASN G 86 -37.60 12.01 39.63
N ASN G 87 -36.76 11.02 39.38
CA ASN G 87 -37.25 9.66 39.20
C ASN G 87 -37.91 9.13 40.47
N ASN G 88 -37.40 9.55 41.63
CA ASN G 88 -38.00 9.09 42.88
C ASN G 88 -39.37 9.72 43.10
N LEU G 89 -39.49 11.02 42.84
CA LEU G 89 -40.79 11.66 42.99
C LEU G 89 -41.82 11.00 42.10
N GLN G 90 -41.42 10.70 40.87
CA GLN G 90 -42.34 10.13 39.90
C GLN G 90 -42.95 8.84 40.45
N ARG G 91 -42.13 8.04 41.13
CA ARG G 91 -42.60 6.77 41.67
C ARG G 91 -43.48 6.95 42.89
N ILE G 92 -43.12 7.86 43.79
CA ILE G 92 -43.93 8.03 44.99
C ILE G 92 -45.34 8.46 44.63
N ARG G 93 -45.48 9.27 43.56
CA ARG G 93 -46.83 9.70 43.19
C ARG G 93 -47.73 8.51 42.85
N GLU G 94 -47.25 7.60 42.01
CA GLU G 94 -48.12 6.52 41.57
C GLU G 94 -48.19 5.42 42.61
N LEU G 95 -47.33 5.46 43.64
CA LEU G 95 -47.65 4.68 44.82
C LEU G 95 -48.80 5.29 45.58
N SER G 96 -48.81 6.61 45.74
CA SER G 96 -49.87 7.25 46.51
C SER G 96 -51.22 7.00 45.88
N VAL G 97 -51.27 6.90 44.56
CA VAL G 97 -52.56 6.62 43.91
C VAL G 97 -53.15 5.30 44.42
N GLN G 98 -52.30 4.28 44.58
CA GLN G 98 -52.80 2.95 44.92
C GLN G 98 -53.46 2.91 46.29
N ALA G 99 -53.00 3.74 47.22
CA ALA G 99 -53.48 3.68 48.59
C ALA G 99 -54.71 4.52 48.84
N ALA G 100 -55.33 5.08 47.81
CA ALA G 100 -56.57 5.83 47.97
C ALA G 100 -57.81 4.97 47.82
N THR G 101 -57.66 3.72 47.41
CA THR G 101 -58.81 2.82 47.23
C THR G 101 -59.38 2.42 48.58
N GLY G 102 -60.67 2.12 48.61
CA GLY G 102 -61.31 1.71 49.84
C GLY G 102 -61.25 0.22 50.10
N SER G 103 -60.54 -0.53 49.25
CA SER G 103 -60.47 -1.98 49.42
C SER G 103 -59.41 -2.37 50.44
N ASN G 104 -58.38 -1.55 50.61
CA ASN G 104 -57.23 -1.93 51.42
C ASN G 104 -57.57 -1.98 52.90
N SER G 105 -56.78 -2.73 53.66
CA SER G 105 -56.86 -2.76 55.11
C SER G 105 -55.65 -2.06 55.73
N ALA G 106 -55.60 -2.08 57.06
CA ALA G 106 -54.58 -1.30 57.76
C ALA G 106 -53.17 -1.80 57.46
N SER G 107 -52.99 -3.12 57.42
CA SER G 107 -51.66 -3.67 57.22
C SER G 107 -51.10 -3.25 55.87
N ASP G 108 -51.92 -3.27 54.83
CA ASP G 108 -51.44 -2.93 53.51
C ASP G 108 -51.03 -1.47 53.43
N LEU G 109 -51.80 -0.59 54.08
CA LEU G 109 -51.42 0.82 54.14
C LEU G 109 -50.08 0.99 54.83
N GLN G 110 -49.88 0.30 55.94
CA GLN G 110 -48.59 0.37 56.63
C GLN G 110 -47.46 -0.09 55.73
N SER G 111 -47.66 -1.22 55.04
CA SER G 111 -46.63 -1.77 54.18
C SER G 111 -46.26 -0.79 53.07
N ILE G 112 -47.25 -0.13 52.48
CA ILE G 112 -46.98 0.86 51.45
C ILE G 112 -46.19 2.03 52.02
N GLN G 113 -46.61 2.50 53.20
CA GLN G 113 -45.97 3.68 53.79
C GLN G 113 -44.50 3.43 54.03
N ASP G 114 -44.13 2.18 54.31
CA ASP G 114 -42.71 1.88 54.48
C ASP G 114 -41.90 2.22 53.22
N GLU G 115 -42.32 1.72 52.07
CA GLU G 115 -41.56 1.98 50.85
C GLU G 115 -41.57 3.46 50.51
N ILE G 116 -42.67 4.15 50.77
CA ILE G 116 -42.65 5.59 50.56
C ILE G 116 -41.58 6.24 51.42
N LYS G 117 -41.45 5.78 52.67
CA LYS G 117 -40.48 6.35 53.58
C LYS G 117 -39.06 6.21 53.05
N GLN G 118 -38.72 5.04 52.50
CA GLN G 118 -37.34 4.87 52.03
C GLN G 118 -36.99 5.88 50.95
N ARG G 119 -37.85 6.01 49.94
CA ARG G 119 -37.59 6.93 48.86
C ARG G 119 -37.45 8.35 49.39
N LEU G 120 -38.27 8.72 50.38
CA LEU G 120 -38.14 10.08 50.90
C LEU G 120 -36.76 10.33 51.51
N GLU G 121 -36.18 9.32 52.15
CA GLU G 121 -34.82 9.46 52.68
C GLU G 121 -33.81 9.63 51.56
N GLU G 122 -34.07 8.99 50.43
CA GLU G 122 -33.07 8.99 49.36
C GLU G 122 -32.73 10.40 48.91
N ILE G 123 -33.75 11.26 48.77
CA ILE G 123 -33.52 12.63 48.30
C ILE G 123 -32.69 13.42 49.31
N ASN G 124 -33.05 13.32 50.59
CA ASN G 124 -32.26 13.98 51.62
C ASN G 124 -30.80 13.57 51.53
N ARG G 125 -30.54 12.29 51.28
CA ARG G 125 -29.16 11.85 51.18
C ARG G 125 -28.47 12.46 49.97
N VAL G 126 -29.09 12.34 48.79
CA VAL G 126 -28.42 12.76 47.57
C VAL G 126 -28.12 14.24 47.59
N SER G 127 -29.03 15.04 48.14
CA SER G 127 -28.80 16.48 48.12
C SER G 127 -27.53 16.85 48.86
N GLU G 128 -27.17 16.06 49.86
CA GLU G 128 -26.07 16.46 50.73
C GLU G 128 -24.76 15.79 50.33
N GLN G 129 -24.82 14.59 49.73
CA GLN G 129 -23.56 13.95 49.32
C GLN G 129 -22.91 14.65 48.14
N THR G 130 -23.68 14.95 47.10
CA THR G 130 -23.13 15.39 45.82
C THR G 130 -22.32 16.67 45.97
N GLN G 131 -21.13 16.69 45.36
CA GLN G 131 -20.26 17.84 45.43
C GLN G 131 -19.39 17.90 44.18
N PHE G 132 -18.83 19.07 43.93
CA PHE G 132 -17.96 19.31 42.79
C PHE G 132 -16.83 20.22 43.25
N ASN G 133 -15.61 19.67 43.32
CA ASN G 133 -14.43 20.46 43.68
C ASN G 133 -14.61 21.12 45.05
N GLY G 134 -15.20 20.39 45.98
CA GLY G 134 -15.44 20.96 47.30
C GLY G 134 -16.56 21.96 47.36
N VAL G 135 -17.49 21.93 46.42
CA VAL G 135 -18.64 22.83 46.41
C VAL G 135 -19.90 21.99 46.53
N LYS G 136 -20.77 22.36 47.47
CA LYS G 136 -22.06 21.70 47.63
C LYS G 136 -23.07 22.41 46.74
N VAL G 137 -23.37 21.81 45.59
CA VAL G 137 -24.18 22.48 44.60
C VAL G 137 -25.64 22.58 45.05
N LEU G 138 -26.19 21.51 45.59
CA LEU G 138 -27.62 21.42 45.82
C LEU G 138 -28.02 21.72 47.25
N ALA G 139 -27.24 22.51 47.99
CA ALA G 139 -27.57 22.70 49.40
C ALA G 139 -27.30 24.13 49.88
N LYS G 140 -27.23 25.12 49.00
CA LYS G 140 -26.83 26.43 49.47
C LYS G 140 -27.74 27.58 49.05
N ASP G 141 -28.31 27.56 47.85
CA ASP G 141 -29.20 28.63 47.38
C ASP G 141 -28.47 29.97 47.28
N THR G 142 -27.46 30.02 46.41
CA THR G 142 -26.80 31.27 46.07
C THR G 142 -26.26 31.17 44.66
N LYS G 143 -25.72 32.27 44.17
CA LYS G 143 -25.21 32.34 42.80
C LYS G 143 -23.71 32.51 42.79
N MET G 144 -23.04 31.74 41.93
CA MET G 144 -21.59 31.79 41.76
C MET G 144 -21.30 32.01 40.29
N ASN G 145 -20.22 32.74 40.00
CA ASN G 145 -20.08 33.41 38.71
C ASN G 145 -18.69 33.30 38.09
N ILE G 146 -18.66 32.93 36.82
CA ILE G 146 -17.43 32.70 36.06
C ILE G 146 -16.91 34.02 35.50
N GLN G 147 -15.68 34.01 34.98
CA GLN G 147 -15.13 35.16 34.27
C GLN G 147 -14.68 34.76 32.87
N VAL G 148 -15.38 35.27 31.86
CA VAL G 148 -14.96 35.21 30.47
C VAL G 148 -14.59 36.61 30.03
N GLY G 149 -13.47 36.73 29.33
CA GLY G 149 -12.98 38.03 28.91
C GLY G 149 -11.78 38.48 29.72
N ALA G 150 -10.95 39.35 29.16
CA ALA G 150 -9.67 39.68 29.75
C ALA G 150 -9.65 41.04 30.43
N ASN G 151 -10.72 41.45 31.10
CA ASN G 151 -10.72 42.65 31.90
C ASN G 151 -11.55 42.42 33.15
N ASP G 152 -11.79 43.50 33.88
CA ASP G 152 -12.45 43.39 35.17
C ASP G 152 -13.97 43.36 35.01
N GLY G 153 -14.63 42.62 35.90
CA GLY G 153 -16.09 42.62 35.92
C GLY G 153 -16.74 42.12 34.66
N GLU G 154 -16.30 40.96 34.15
CA GLU G 154 -16.84 40.38 32.94
C GLU G 154 -17.53 39.05 33.20
N ILE G 155 -18.36 38.99 34.24
CA ILE G 155 -18.83 37.73 34.77
C ILE G 155 -20.09 37.25 34.05
N ILE G 156 -20.42 35.98 34.28
CA ILE G 156 -21.69 35.38 33.93
C ILE G 156 -22.15 34.57 35.13
N ALA G 157 -23.45 34.60 35.44
CA ALA G 157 -23.94 34.09 36.70
C ALA G 157 -24.73 32.80 36.52
N ILE G 158 -24.62 31.90 37.50
CA ILE G 158 -25.42 30.69 37.58
C ILE G 158 -26.21 30.76 38.88
N ASP G 159 -27.41 30.15 38.91
CA ASP G 159 -28.37 30.52 39.94
C ASP G 159 -28.38 29.58 41.14
N LEU G 160 -28.46 28.27 40.91
CA LEU G 160 -28.17 27.27 41.95
C LEU G 160 -29.06 27.43 43.19
N LYS G 161 -30.34 27.13 43.05
CA LYS G 161 -31.22 27.05 44.21
C LYS G 161 -30.88 25.83 45.07
N GLU G 162 -31.62 25.68 46.17
CA GLU G 162 -31.36 24.65 47.17
C GLU G 162 -32.56 23.74 47.33
N ILE G 163 -32.31 22.43 47.41
CA ILE G 163 -33.37 21.43 47.33
C ILE G 163 -33.19 20.37 48.42
N THR G 164 -34.21 20.19 49.25
CA THR G 164 -34.29 19.07 50.20
C THR G 164 -35.75 18.69 50.34
N ALA G 165 -36.02 17.76 51.25
CA ALA G 165 -37.39 17.31 51.45
C ALA G 165 -38.16 18.25 52.36
N LYS G 166 -37.50 19.24 52.94
CA LYS G 166 -38.21 20.28 53.68
C LYS G 166 -38.49 21.48 52.80
N THR G 167 -37.60 21.77 51.85
CA THR G 167 -37.84 22.85 50.92
C THR G 167 -38.97 22.52 49.96
N LEU G 168 -39.04 21.29 49.48
CA LEU G 168 -40.11 20.87 48.59
C LEU G 168 -41.47 20.83 49.27
N GLY G 169 -41.53 20.94 50.59
CA GLY G 169 -42.81 20.88 51.27
C GLY G 169 -43.35 19.49 51.47
N LEU G 170 -42.51 18.47 51.45
CA LEU G 170 -42.93 17.09 51.61
C LEU G 170 -42.63 16.53 52.99
N ASP G 171 -42.35 17.37 53.97
CA ASP G 171 -42.03 16.86 55.29
C ASP G 171 -43.22 16.18 55.93
N GLY G 172 -42.98 15.02 56.54
CA GLY G 172 -44.04 14.32 57.26
C GLY G 172 -45.17 13.83 56.38
N PHE G 173 -44.90 13.65 55.09
CA PHE G 173 -45.90 13.24 54.13
C PHE G 173 -46.13 11.74 54.27
N ASN G 174 -47.37 11.34 54.50
CA ASN G 174 -47.62 9.95 54.79
C ASN G 174 -49.04 9.57 54.41
N VAL G 175 -49.33 8.27 54.54
CA VAL G 175 -50.67 7.75 54.55
C VAL G 175 -50.76 6.82 55.76
N SER G 176 -52.00 6.45 56.11
CA SER G 176 -52.37 5.52 57.18
C SER G 176 -52.37 6.15 58.56
N GLY G 177 -51.99 7.41 58.70
CA GLY G 177 -52.16 8.10 59.96
C GLY G 177 -51.33 7.53 61.09
N PRO G 178 -51.76 7.77 62.32
CA PRO G 178 -50.94 7.40 63.49
C PRO G 178 -50.80 5.89 63.61
N LYS G 179 -49.70 5.47 64.23
CA LYS G 179 -49.48 4.05 64.47
C LYS G 179 -49.70 3.64 65.92
N GLY G 180 -49.33 4.50 66.88
CA GLY G 180 -49.60 4.24 68.27
C GLY G 180 -50.35 5.41 68.89
N THR G 181 -50.73 5.23 70.14
CA THR G 181 -51.40 6.32 70.84
C THR G 181 -50.42 7.47 71.05
N PRO G 182 -50.77 8.68 70.64
CA PRO G 182 -49.81 9.79 70.72
C PRO G 182 -49.53 10.24 72.15
N ALA G 183 -48.33 10.79 72.33
CA ALA G 183 -47.87 11.33 73.60
C ALA G 183 -47.22 12.69 73.36
N ALA G 184 -46.72 13.30 74.43
CA ALA G 184 -46.24 14.67 74.34
C ALA G 184 -44.93 14.75 73.57
N LEU G 185 -44.41 15.97 73.44
CA LEU G 185 -43.15 16.22 72.75
C LEU G 185 -42.05 16.51 73.76
N VAL G 186 -40.96 15.76 73.66
CA VAL G 186 -39.80 15.93 74.52
C VAL G 186 -38.84 16.88 73.82
N ALA G 187 -37.88 17.43 74.57
CA ALA G 187 -37.03 18.50 74.05
C ALA G 187 -36.12 18.03 72.93
N ALA G 188 -36.06 16.73 72.67
CA ALA G 188 -35.25 16.25 71.56
C ALA G 188 -35.89 16.56 70.21
N ASP G 189 -37.23 16.51 70.14
CA ASP G 189 -37.90 16.65 68.85
C ASP G 189 -37.82 18.06 68.31
N TYR G 190 -37.88 19.05 69.20
CA TYR G 190 -37.71 20.42 68.76
C TYR G 190 -36.37 20.59 68.07
N GLN G 191 -35.32 20.00 68.62
CA GLN G 191 -34.00 20.16 68.04
C GLN G 191 -33.91 19.47 66.69
N ALA G 192 -34.53 18.31 66.54
CA ALA G 192 -34.54 17.65 65.24
C ALA G 192 -35.30 18.47 64.21
N ALA G 193 -36.40 19.11 64.62
CA ALA G 193 -37.22 19.82 63.66
C ALA G 193 -36.58 21.14 63.24
N TYR G 194 -36.00 21.89 64.18
CA TYR G 194 -35.56 23.25 63.90
C TYR G 194 -34.07 23.47 64.15
N GLY G 195 -33.28 22.43 64.27
CA GLY G 195 -31.86 22.62 64.51
C GLY G 195 -31.53 22.55 65.99
N THR G 196 -30.22 22.42 66.26
CA THR G 196 -29.79 22.09 67.61
C THR G 196 -29.86 23.28 68.55
N THR G 197 -29.61 24.48 68.05
CA THR G 197 -29.61 25.67 68.89
C THR G 197 -30.97 26.35 68.92
N THR G 198 -32.05 25.60 68.71
CA THR G 198 -33.36 26.22 68.64
C THR G 198 -33.81 26.71 70.00
N ASN G 199 -34.62 27.75 70.00
CA ASN G 199 -35.08 28.35 71.24
C ASN G 199 -36.58 28.20 71.47
N VAL G 200 -37.25 27.37 70.68
CA VAL G 200 -38.68 27.14 70.87
C VAL G 200 -38.87 26.00 71.86
N THR G 201 -39.90 26.11 72.72
CA THR G 201 -40.14 25.11 73.74
C THR G 201 -41.58 24.60 73.85
N THR G 202 -42.57 25.36 73.43
CA THR G 202 -43.96 24.90 73.49
C THR G 202 -44.68 25.26 72.20
N THR G 203 -45.83 24.63 71.99
CA THR G 203 -46.58 24.81 70.76
C THR G 203 -48.02 25.20 71.08
N ALA G 204 -48.66 25.89 70.15
CA ALA G 204 -50.01 26.40 70.32
C ALA G 204 -50.77 26.28 69.02
N VAL G 205 -51.93 25.63 69.04
CA VAL G 205 -52.69 25.32 67.84
C VAL G 205 -54.11 25.88 67.97
N THR G 206 -54.53 26.64 66.96
CA THR G 206 -55.87 27.21 66.88
C THR G 206 -56.29 27.26 65.44
N GLU G 207 -57.58 27.40 65.19
CA GLU G 207 -58.06 27.47 63.81
C GLU G 207 -58.18 28.91 63.34
N SER G 208 -58.24 29.08 62.02
CA SER G 208 -58.07 30.40 61.43
C SER G 208 -59.28 31.27 61.66
N SER G 209 -60.42 30.91 61.09
CA SER G 209 -61.65 31.66 61.24
C SER G 209 -62.51 31.01 62.32
N ALA G 210 -63.44 31.77 62.87
CA ALA G 210 -64.24 31.28 63.99
C ALA G 210 -65.02 30.03 63.58
N ASN G 211 -64.66 28.91 64.20
CA ASN G 211 -65.38 27.62 64.14
C ASN G 211 -66.02 27.37 62.77
N ALA G 212 -65.17 27.35 61.74
CA ALA G 212 -65.67 27.11 60.39
C ALA G 212 -66.03 25.65 60.17
N LEU G 213 -65.37 24.74 60.90
CA LEU G 213 -65.61 23.33 60.66
C LEU G 213 -67.03 22.93 61.03
N ALA G 214 -67.54 23.47 62.14
CA ALA G 214 -68.92 23.16 62.51
C ALA G 214 -69.88 23.65 61.44
N GLY G 215 -69.60 24.81 60.86
CA GLY G 215 -70.44 25.29 59.78
C GLY G 215 -70.37 24.38 58.56
N ARG G 216 -69.17 23.90 58.24
CA ARG G 216 -69.01 23.07 57.06
C ARG G 216 -69.67 21.72 57.24
N LEU G 217 -69.67 21.19 58.45
CA LEU G 217 -70.35 19.94 58.72
C LEU G 217 -71.86 20.12 58.85
N GLY G 218 -72.33 21.35 58.99
CA GLY G 218 -73.74 21.61 59.16
C GLY G 218 -74.33 21.01 60.44
N VAL G 219 -73.65 21.18 61.56
CA VAL G 219 -74.13 20.67 62.83
C VAL G 219 -74.12 21.80 63.85
N ALA G 220 -74.47 21.44 65.08
CA ALA G 220 -74.49 22.41 66.16
C ALA G 220 -73.11 23.01 66.39
N ASN G 221 -73.09 24.27 66.80
CA ASN G 221 -71.83 24.98 66.93
C ASN G 221 -71.03 24.52 68.13
N GLY G 222 -71.69 23.87 69.09
CA GLY G 222 -71.01 23.45 70.30
C GLY G 222 -70.64 21.98 70.34
N SER G 223 -70.61 21.30 69.19
CA SER G 223 -70.35 19.87 69.21
C SER G 223 -68.89 19.54 68.99
N VAL G 224 -68.12 20.47 68.43
CA VAL G 224 -66.73 20.22 68.04
C VAL G 224 -65.80 20.94 69.00
N ALA G 225 -64.74 20.26 69.41
CA ALA G 225 -63.75 20.82 70.31
C ALA G 225 -62.35 20.53 69.78
N LEU G 226 -61.50 21.55 69.82
CA LEU G 226 -60.14 21.47 69.29
C LEU G 226 -59.15 21.51 70.44
N ALA G 227 -58.18 20.61 70.41
CA ALA G 227 -57.22 20.49 71.50
C ALA G 227 -56.34 21.72 71.60
N ALA G 228 -55.41 21.70 72.55
CA ALA G 228 -54.61 22.89 72.82
C ALA G 228 -53.21 22.77 72.24
N THR G 229 -52.61 21.59 72.30
CA THR G 229 -51.23 21.39 71.85
C THR G 229 -51.14 20.18 70.94
N ALA G 230 -50.06 20.13 70.17
CA ALA G 230 -49.83 19.02 69.26
C ALA G 230 -49.27 17.82 69.98
N GLU G 231 -49.25 16.68 69.30
CA GLU G 231 -48.71 15.45 69.83
C GLU G 231 -47.83 14.79 68.78
N LYS G 232 -47.35 13.61 69.11
CA LYS G 232 -46.58 12.82 68.16
C LYS G 232 -46.91 11.35 68.32
N ASP G 233 -46.85 10.62 67.23
CA ASP G 233 -46.95 9.17 67.29
C ASP G 233 -45.56 8.58 67.48
N ASP G 234 -45.44 7.28 67.25
CA ASP G 234 -44.15 6.62 67.46
C ASP G 234 -43.20 6.84 66.30
N ASN G 235 -43.70 7.24 65.14
CA ASN G 235 -42.85 7.44 63.98
C ASN G 235 -42.39 8.87 63.80
N GLY G 236 -42.74 9.77 64.72
CA GLY G 236 -42.30 11.14 64.64
C GLY G 236 -43.12 12.05 63.75
N ASN G 237 -44.38 11.71 63.50
CA ASN G 237 -45.29 12.58 62.76
C ASN G 237 -46.15 13.35 63.75
N TRP G 238 -46.25 14.66 63.56
CA TRP G 238 -46.99 15.48 64.51
C TRP G 238 -48.47 15.50 64.17
N TYR G 239 -49.31 15.41 65.21
CA TYR G 239 -50.74 15.26 65.01
C TYR G 239 -51.49 16.25 65.91
N ALA G 240 -52.71 16.58 65.49
CA ALA G 240 -53.63 17.38 66.29
C ALA G 240 -54.94 16.63 66.40
N THR G 241 -55.67 16.88 67.48
CA THR G 241 -56.87 16.10 67.77
C THR G 241 -58.09 16.99 67.85
N VAL G 242 -59.23 16.47 67.38
CA VAL G 242 -60.53 17.06 67.61
C VAL G 242 -61.43 15.97 68.17
N THR G 243 -62.48 16.37 68.87
CA THR G 243 -63.43 15.42 69.44
C THR G 243 -64.84 15.89 69.14
N ILE G 244 -65.72 14.95 68.84
CA ILE G 244 -67.08 15.24 68.38
C ILE G 244 -68.07 14.52 69.26
N THR G 245 -69.13 15.22 69.67
CA THR G 245 -70.22 14.65 70.43
C THR G 245 -71.52 14.95 69.72
N ALA G 246 -72.34 13.94 69.50
CA ALA G 246 -73.61 14.14 68.82
C ALA G 246 -74.67 14.61 69.80
N GLY G 247 -75.47 15.58 69.40
CA GLY G 247 -76.47 16.11 70.30
C GLY G 247 -77.77 15.33 70.27
N SER G 248 -78.32 15.11 69.07
CA SER G 248 -79.61 14.43 68.94
C SER G 248 -79.57 13.55 67.71
N ALA G 249 -80.59 12.70 67.59
CA ALA G 249 -80.58 11.69 66.54
C ALA G 249 -80.67 12.32 65.15
N THR G 250 -81.10 13.57 65.07
CA THR G 250 -81.25 14.19 63.76
C THR G 250 -79.91 14.49 63.14
N GLU G 251 -78.88 14.71 63.94
CA GLU G 251 -77.58 15.04 63.39
C GLU G 251 -76.61 13.87 63.36
N VAL G 252 -76.89 12.78 64.07
CA VAL G 252 -76.14 11.55 63.83
C VAL G 252 -76.29 11.15 62.38
N SER G 253 -77.49 11.27 61.84
CA SER G 253 -77.71 10.97 60.43
C SER G 253 -76.91 11.90 59.53
N THR G 254 -76.83 13.19 59.89
CA THR G 254 -76.05 14.13 59.10
C THR G 254 -74.58 13.74 59.08
N LEU G 255 -74.02 13.44 60.26
CA LEU G 255 -72.62 13.06 60.32
C LEU G 255 -72.35 11.77 59.55
N LYS G 256 -73.27 10.81 59.65
CA LYS G 256 -73.13 9.60 58.84
C LYS G 256 -73.13 9.92 57.36
N ALA G 257 -74.01 10.82 56.94
CA ALA G 257 -74.07 11.18 55.52
C ALA G 257 -72.76 11.82 55.06
N LYS G 258 -72.16 12.65 55.91
CA LYS G 258 -70.89 13.26 55.52
C LYS G 258 -69.78 12.22 55.46
N GLY G 259 -69.89 11.16 56.25
CA GLY G 259 -68.94 10.06 56.21
C GLY G 259 -68.18 9.80 57.49
N PHE G 260 -68.73 10.04 58.68
CA PHE G 260 -67.91 9.95 59.88
C PHE G 260 -68.20 8.73 60.73
N GLU G 261 -69.46 8.29 60.80
CA GLU G 261 -69.84 7.10 61.55
C GLU G 261 -69.58 7.26 63.06
N VAL G 262 -70.26 8.24 63.65
CA VAL G 262 -70.12 8.53 65.06
C VAL G 262 -71.34 7.95 65.78
N GLU G 263 -71.22 7.84 67.11
CA GLU G 263 -72.32 7.38 67.93
C GLU G 263 -72.95 8.57 68.67
N ASN G 264 -74.18 8.38 69.14
CA ASN G 264 -74.93 9.40 69.85
C ASN G 264 -74.55 9.40 71.31
N GLY G 265 -74.20 10.56 71.84
CA GLY G 265 -73.91 10.72 73.25
C GLY G 265 -72.54 10.26 73.69
N VAL G 266 -71.71 9.78 72.78
CA VAL G 266 -70.43 9.18 73.11
C VAL G 266 -69.32 9.97 72.42
N ALA G 267 -68.32 10.35 73.18
CA ALA G 267 -67.19 11.09 72.63
C ALA G 267 -66.32 10.17 71.78
N LYS G 268 -65.79 10.74 70.70
CA LYS G 268 -64.88 10.02 69.82
C LYS G 268 -64.00 11.04 69.11
N GLU G 269 -62.77 10.66 68.84
CA GLU G 269 -61.80 11.65 68.39
C GLU G 269 -61.12 11.19 67.10
N PHE G 270 -60.72 12.17 66.30
CA PHE G 270 -60.05 11.97 65.04
C PHE G 270 -58.86 12.90 64.98
N TYR G 271 -57.87 12.56 64.15
CA TYR G 271 -56.61 13.28 64.13
C TYR G 271 -56.34 13.92 62.77
N ILE G 272 -55.64 15.05 62.81
CA ILE G 272 -55.23 15.78 61.60
C ILE G 272 -53.71 15.89 61.62
N ALA G 273 -53.07 15.55 60.51
CA ALA G 273 -51.62 15.60 60.44
C ALA G 273 -51.14 17.03 60.31
N LEU G 274 -49.87 17.25 60.68
CA LEU G 274 -49.27 18.57 60.69
C LEU G 274 -47.90 18.54 60.02
N ASP G 275 -47.52 19.70 59.47
CA ASP G 275 -46.23 19.90 58.83
C ASP G 275 -45.43 20.90 59.62
N PRO G 276 -44.35 20.50 60.31
CA PRO G 276 -43.66 21.45 61.19
C PRO G 276 -43.15 22.69 60.51
N GLN G 277 -42.77 22.60 59.24
CA GLN G 277 -42.14 23.76 58.60
C GLN G 277 -43.17 24.84 58.30
N SER G 278 -44.45 24.53 58.41
CA SER G 278 -45.47 25.49 58.01
C SER G 278 -45.74 26.52 59.10
N ALA G 279 -45.46 26.18 60.35
CA ALA G 279 -45.81 27.06 61.46
C ALA G 279 -44.99 28.34 61.40
N ASP G 280 -45.53 29.41 62.00
CA ASP G 280 -44.78 30.64 62.15
C ASP G 280 -44.19 30.69 63.55
N VAL G 281 -42.98 31.25 63.65
CA VAL G 281 -42.21 31.21 64.89
C VAL G 281 -41.62 32.56 65.25
N THR G 282 -41.66 33.53 64.33
CA THR G 282 -41.02 34.81 64.59
C THR G 282 -41.86 35.70 65.51
N THR G 283 -43.18 35.55 65.49
CA THR G 283 -44.04 36.52 66.14
C THR G 283 -43.90 36.48 67.66
N THR G 284 -43.67 35.30 68.22
CA THR G 284 -43.59 35.12 69.67
C THR G 284 -42.54 34.08 69.98
N ALA G 285 -41.34 34.53 70.32
CA ALA G 285 -40.21 33.62 70.47
C ALA G 285 -40.48 32.62 71.57
N GLY G 286 -40.03 31.38 71.35
CA GLY G 286 -40.22 30.31 72.31
C GLY G 286 -41.47 29.49 72.11
N THR G 287 -42.36 29.89 71.20
CA THR G 287 -43.58 29.16 70.93
C THR G 287 -43.79 29.08 69.43
N ALA G 288 -44.07 27.87 68.94
CA ALA G 288 -44.39 27.64 67.53
C ALA G 288 -45.90 27.51 67.45
N ALA G 289 -46.52 28.33 66.62
CA ALA G 289 -47.98 28.39 66.52
C ALA G 289 -48.42 27.91 65.15
N PHE G 290 -49.40 27.01 65.14
CA PHE G 290 -50.02 26.54 63.90
C PHE G 290 -51.42 27.11 63.81
N ALA G 291 -51.74 27.71 62.66
CA ALA G 291 -53.05 28.30 62.42
C ALA G 291 -53.77 27.45 61.38
N LEU G 292 -54.55 26.49 61.84
CA LEU G 292 -55.19 25.54 60.94
C LEU G 292 -56.11 26.23 59.97
N ASP G 293 -56.19 25.70 58.75
CA ASP G 293 -57.04 26.25 57.70
C ASP G 293 -58.16 25.24 57.45
N THR G 294 -59.23 25.35 58.23
CA THR G 294 -60.35 24.43 58.13
C THR G 294 -61.34 24.84 57.06
N ALA G 295 -61.10 25.95 56.35
CA ALA G 295 -62.03 26.40 55.34
C ALA G 295 -62.12 25.43 54.19
N ASN G 296 -61.02 24.76 53.85
CA ASN G 296 -61.02 23.80 52.74
C ASN G 296 -59.97 22.72 53.00
N ILE G 297 -60.41 21.61 53.59
CA ILE G 297 -59.60 20.43 53.78
C ILE G 297 -60.37 19.24 53.25
N GLN G 298 -59.70 18.36 52.54
CA GLN G 298 -60.33 17.12 52.11
C GLN G 298 -60.93 16.42 53.32
N LEU G 299 -62.26 16.37 53.36
CA LEU G 299 -62.94 15.84 54.54
C LEU G 299 -62.61 14.38 54.77
N SER G 300 -62.30 13.63 53.72
CA SER G 300 -62.04 12.22 53.90
C SER G 300 -60.76 12.00 54.70
N SER G 301 -59.83 12.95 54.64
CA SER G 301 -58.57 12.77 55.36
C SER G 301 -58.80 12.73 56.86
N ILE G 302 -59.68 13.58 57.38
CA ILE G 302 -59.84 13.69 58.83
C ILE G 302 -60.27 12.35 59.40
N THR G 303 -61.07 11.58 58.67
CA THR G 303 -61.47 10.27 59.16
C THR G 303 -60.26 9.34 59.29
N SER G 304 -59.34 9.42 58.32
CA SER G 304 -58.13 8.59 58.33
C SER G 304 -56.91 9.30 58.88
N GLY G 305 -56.87 10.62 58.82
CA GLY G 305 -55.76 11.39 59.34
C GLY G 305 -54.47 11.20 58.57
N ALA G 306 -54.50 11.43 57.25
CA ALA G 306 -53.33 11.22 56.42
C ALA G 306 -53.23 12.32 55.36
N SER G 307 -52.56 13.41 55.70
CA SER G 307 -51.93 14.29 54.70
C SER G 307 -52.88 14.74 53.60
N SER G 308 -53.85 15.60 53.94
CA SER G 308 -54.91 15.96 53.00
C SER G 308 -54.36 16.42 51.66
N ASN G 309 -55.01 15.96 50.59
CA ASN G 309 -54.81 16.34 49.20
C ASN G 309 -53.40 16.02 48.71
N PRO G 310 -53.00 14.75 48.67
CA PRO G 310 -51.60 14.46 48.36
C PRO G 310 -51.25 14.64 46.90
N LEU G 311 -52.13 14.23 45.99
CA LEU G 311 -51.80 14.26 44.57
C LEU G 311 -51.53 15.68 44.10
N ALA G 312 -52.28 16.65 44.61
CA ALA G 312 -51.96 18.04 44.30
C ALA G 312 -50.68 18.47 44.99
N LYS G 313 -50.34 17.81 46.10
CA LYS G 313 -49.14 18.19 46.85
C LYS G 313 -47.88 17.74 46.13
N LEU G 314 -47.96 16.70 45.30
CA LEU G 314 -46.78 16.24 44.57
C LEU G 314 -46.48 17.13 43.36
N ASP G 315 -47.51 17.64 42.70
CA ASP G 315 -47.30 18.39 41.47
C ASP G 315 -46.49 19.64 41.72
N ALA G 316 -46.66 20.27 42.87
CA ALA G 316 -45.85 21.44 43.19
C ALA G 316 -44.37 21.11 43.17
N ALA G 317 -44.01 19.97 43.77
CA ALA G 317 -42.61 19.55 43.77
C ALA G 317 -42.11 19.27 42.37
N LEU G 318 -42.93 18.59 41.56
CA LEU G 318 -42.49 18.28 40.21
C LEU G 318 -42.23 19.55 39.42
N ALA G 319 -43.12 20.53 39.53
CA ALA G 319 -42.91 21.79 38.83
C ALA G 319 -41.68 22.50 39.37
N ASP G 320 -41.44 22.44 40.68
CA ASP G 320 -40.26 23.07 41.25
C ASP G 320 -38.98 22.55 40.63
N VAL G 321 -38.86 21.22 40.52
CA VAL G 321 -37.65 20.67 39.91
C VAL G 321 -37.55 21.06 38.44
N ASP G 322 -38.67 21.01 37.72
CA ASP G 322 -38.62 21.31 36.30
C ASP G 322 -38.14 22.72 36.04
N THR G 323 -38.54 23.67 36.89
CA THR G 323 -38.08 25.04 36.75
C THR G 323 -36.55 25.11 36.71
N LEU G 324 -35.90 24.50 37.69
CA LEU G 324 -34.46 24.60 37.78
C LEU G 324 -33.78 23.89 36.62
N ARG G 325 -34.34 22.76 36.18
CA ARG G 325 -33.75 22.10 35.02
C ARG G 325 -33.76 23.00 33.79
N SER G 326 -34.90 23.64 33.53
CA SER G 326 -34.96 24.55 32.40
C SER G 326 -33.95 25.67 32.55
N SER G 327 -33.79 26.19 33.77
CA SER G 327 -32.85 27.28 33.97
C SER G 327 -31.43 26.86 33.62
N LEU G 328 -31.01 25.69 34.08
CA LEU G 328 -29.63 25.26 33.80
C LEU G 328 -29.42 25.04 32.32
N GLY G 329 -30.41 24.47 31.62
CA GLY G 329 -30.26 24.31 30.17
C GLY G 329 -30.11 25.63 29.44
N ALA G 330 -30.92 26.62 29.83
CA ALA G 330 -30.82 27.94 29.24
C ALA G 330 -29.43 28.52 29.45
N VAL G 331 -28.87 28.35 30.64
CA VAL G 331 -27.51 28.84 30.86
C VAL G 331 -26.52 28.13 29.94
N GLN G 332 -26.65 26.81 29.81
CA GLN G 332 -25.68 26.05 29.03
C GLN G 332 -25.61 26.54 27.60
N ASN G 333 -26.76 26.85 26.99
CA ASN G 333 -26.73 27.24 25.58
C ASN G 333 -25.90 28.52 25.36
N ARG G 334 -26.20 29.57 26.11
CA ARG G 334 -25.41 30.79 26.06
C ARG G 334 -23.94 30.50 26.30
N PHE G 335 -23.68 29.68 27.31
CA PHE G 335 -22.30 29.49 27.75
C PHE G 335 -21.53 28.79 26.65
N ASP G 336 -22.26 28.11 25.76
CA ASP G 336 -21.61 27.44 24.63
C ASP G 336 -21.39 28.38 23.46
N SER G 337 -22.32 29.31 23.20
CA SER G 337 -22.07 30.27 22.14
C SER G 337 -20.84 31.10 22.41
N VAL G 338 -20.60 31.41 23.70
CA VAL G 338 -19.43 32.22 24.05
C VAL G 338 -18.16 31.62 23.51
N ILE G 339 -17.99 30.30 23.65
CA ILE G 339 -16.74 29.65 23.26
C ILE G 339 -16.49 29.84 21.78
N SER G 340 -17.51 29.62 20.96
CA SER G 340 -17.30 29.71 19.53
C SER G 340 -16.89 31.11 19.11
N ASN G 341 -17.52 32.14 19.69
CA ASN G 341 -17.07 33.48 19.34
C ASN G 341 -15.62 33.71 19.76
N LEU G 342 -15.29 33.30 20.98
CA LEU G 342 -13.99 33.61 21.55
C LEU G 342 -12.90 32.86 20.81
N GLY G 343 -13.26 31.77 20.14
CA GLY G 343 -12.28 31.07 19.32
C GLY G 343 -11.84 31.86 18.11
N THR G 344 -12.79 32.47 17.40
CA THR G 344 -12.43 33.21 16.19
C THR G 344 -11.66 34.47 16.54
N THR G 345 -12.05 35.12 17.65
CA THR G 345 -11.41 36.39 17.97
C THR G 345 -9.89 36.26 18.07
N VAL G 346 -9.42 35.17 18.68
CA VAL G 346 -7.98 35.02 18.88
C VAL G 346 -7.27 34.80 17.56
N THR G 347 -7.87 34.06 16.64
CA THR G 347 -7.27 33.88 15.33
C THR G 347 -7.09 35.20 14.62
N ASN G 348 -8.13 36.03 14.64
CA ASN G 348 -8.02 37.32 13.96
C ASN G 348 -6.95 38.19 14.62
N LEU G 349 -6.92 38.22 15.95
CA LEU G 349 -5.92 39.03 16.62
C LEU G 349 -4.52 38.53 16.31
N SER G 350 -4.35 37.21 16.22
CA SER G 350 -3.04 36.65 15.91
C SER G 350 -2.55 37.12 14.55
N ALA G 351 -3.41 37.02 13.53
CA ALA G 351 -3.00 37.46 12.21
C ALA G 351 -2.68 38.94 12.20
N SER G 352 -3.51 39.74 12.87
CA SER G 352 -3.30 41.18 12.86
C SER G 352 -1.98 41.55 13.53
N ARG G 353 -1.63 40.90 14.64
CA ARG G 353 -0.30 41.16 15.21
C ARG G 353 0.80 40.69 14.27
N SER G 354 0.65 39.52 13.68
CA SER G 354 1.72 38.98 12.84
C SER G 354 2.02 39.89 11.66
N ARG G 355 1.04 40.67 11.22
CA ARG G 355 1.29 41.55 10.09
C ARG G 355 2.27 42.66 10.44
N ILE G 356 2.62 42.79 11.73
CA ILE G 356 3.41 43.94 12.16
C ILE G 356 4.89 43.60 12.24
N GLN G 357 5.24 42.47 12.84
CA GLN G 357 6.59 42.28 13.35
C GLN G 357 7.37 41.12 12.73
N ASP G 358 6.89 40.50 11.67
CA ASP G 358 7.56 39.30 11.15
C ASP G 358 8.46 39.61 9.96
N ALA G 359 9.54 38.85 9.85
CA ALA G 359 10.50 39.04 8.77
C ALA G 359 9.97 38.47 7.47
N ASP G 360 10.68 38.73 6.37
CA ASP G 360 10.11 38.43 5.06
C ASP G 360 10.80 37.26 4.36
N TYR G 361 12.12 37.14 4.52
CA TYR G 361 12.90 36.08 3.87
C TYR G 361 12.92 36.11 2.35
N ALA G 362 12.19 37.01 1.72
CA ALA G 362 12.45 37.27 0.31
C ALA G 362 13.21 38.56 0.12
N THR G 363 12.94 39.54 0.98
CA THR G 363 13.71 40.77 0.95
C THR G 363 15.07 40.59 1.61
N GLU G 364 15.12 39.84 2.71
CA GLU G 364 16.35 39.72 3.47
C GLU G 364 17.43 39.01 2.68
N VAL G 365 17.07 37.96 1.95
CA VAL G 365 18.06 37.23 1.19
C VAL G 365 18.67 38.12 0.11
N SER G 366 17.85 38.94 -0.53
CA SER G 366 18.38 39.85 -1.53
C SER G 366 19.26 40.92 -0.90
N ASN G 367 18.86 41.47 0.24
CA ASN G 367 19.70 42.46 0.90
C ASN G 367 21.05 41.86 1.27
N MET G 368 21.04 40.64 1.77
CA MET G 368 22.29 39.97 2.12
C MET G 368 23.17 39.74 0.90
N THR G 369 22.56 39.28 -0.20
CA THR G 369 23.35 38.98 -1.39
C THR G 369 23.97 40.25 -1.96
N ARG G 370 23.27 41.37 -1.86
CA ARG G 370 23.82 42.63 -2.37
C ARG G 370 24.91 43.18 -1.46
N ALA G 371 24.70 43.12 -0.14
CA ALA G 371 25.68 43.64 0.79
C ALA G 371 26.97 42.85 0.71
N GLN G 372 26.87 41.53 0.55
CA GLN G 372 28.09 40.73 0.44
C GLN G 372 28.93 41.20 -0.73
N ILE G 373 28.31 41.44 -1.88
CA ILE G 373 29.06 41.80 -3.06
C ILE G 373 29.70 43.17 -2.89
N LEU G 374 28.96 44.13 -2.35
CA LEU G 374 29.55 45.44 -2.14
C LEU G 374 30.74 45.37 -1.19
N GLN G 375 30.57 44.63 -0.10
CA GLN G 375 31.66 44.51 0.86
C GLN G 375 32.88 43.88 0.21
N GLN G 376 32.67 42.89 -0.66
CA GLN G 376 33.79 42.22 -1.28
C GLN G 376 34.47 43.11 -2.31
N ALA G 377 33.72 43.94 -3.01
CA ALA G 377 34.31 44.76 -4.06
C ALA G 377 34.98 46.00 -3.48
N GLY G 378 34.67 46.35 -2.23
CA GLY G 378 35.33 47.49 -1.62
C GLY G 378 36.81 47.26 -1.38
N THR G 379 37.17 46.07 -0.90
CA THR G 379 38.54 45.85 -0.45
C THR G 379 39.52 45.79 -1.60
N SER G 380 39.06 45.36 -2.77
CA SER G 380 39.94 45.33 -3.93
C SER G 380 40.44 46.74 -4.25
N VAL G 381 39.52 47.70 -4.32
CA VAL G 381 39.91 49.07 -4.59
C VAL G 381 40.71 49.64 -3.42
N LEU G 382 40.38 49.21 -2.20
CA LEU G 382 41.20 49.65 -1.07
C LEU G 382 42.64 49.25 -1.24
N ALA G 383 42.88 47.99 -1.63
CA ALA G 383 44.25 47.55 -1.88
C ALA G 383 44.87 48.30 -3.04
N GLN G 384 44.07 48.66 -4.04
CA GLN G 384 44.59 49.42 -5.16
C GLN G 384 45.06 50.79 -4.70
N ALA G 385 44.31 51.43 -3.80
CA ALA G 385 44.58 52.82 -3.47
C ALA G 385 45.91 52.98 -2.75
N ASN G 386 46.25 52.05 -1.87
CA ASN G 386 47.47 52.19 -1.08
C ASN G 386 48.71 52.14 -1.96
N GLN G 387 48.58 51.63 -3.18
CA GLN G 387 49.76 51.35 -3.98
C GLN G 387 50.10 52.49 -4.93
N THR G 388 49.28 53.53 -4.98
CA THR G 388 49.56 54.64 -5.87
C THR G 388 50.73 55.47 -5.39
N THR G 389 51.18 55.26 -4.15
CA THR G 389 52.34 55.98 -3.64
C THR G 389 53.65 55.36 -4.13
N GLN G 390 53.64 54.06 -4.43
CA GLN G 390 54.87 53.38 -4.81
C GLN G 390 55.51 54.04 -6.02
N ASN G 391 54.71 54.72 -6.85
CA ASN G 391 55.26 55.36 -8.03
C ASN G 391 56.36 56.35 -7.69
N VAL G 392 56.13 57.19 -6.67
CA VAL G 392 56.97 58.36 -6.49
C VAL G 392 58.41 57.95 -6.22
N LEU G 393 58.61 56.75 -5.69
CA LEU G 393 59.95 56.35 -5.30
C LEU G 393 60.85 56.20 -6.52
N SER G 394 60.28 56.15 -7.71
CA SER G 394 61.09 55.99 -8.91
C SER G 394 62.00 57.19 -9.16
N LEU G 395 61.52 58.39 -8.85
CA LEU G 395 62.25 59.59 -9.24
C LEU G 395 63.62 59.66 -8.57
N LEU G 396 63.75 59.06 -7.40
CA LEU G 396 65.00 59.09 -6.66
C LEU G 396 66.11 58.36 -7.39
N ALA H 2 97.86 95.68 -16.78
CA ALA H 2 97.69 96.02 -15.37
C ALA H 2 97.55 94.76 -14.52
N GLN H 3 98.62 93.99 -14.43
CA GLN H 3 98.62 92.76 -13.65
C GLN H 3 99.08 93.09 -12.24
N VAL H 4 98.37 92.58 -11.25
CA VAL H 4 98.72 92.78 -9.85
C VAL H 4 99.04 91.43 -9.25
N ILE H 5 100.09 91.38 -8.44
CA ILE H 5 100.48 90.11 -7.84
C ILE H 5 100.05 90.04 -6.38
N ASN H 6 99.83 91.19 -5.75
CA ASN H 6 99.51 91.18 -4.33
C ASN H 6 98.18 90.49 -4.06
N THR H 7 97.13 90.90 -4.77
CA THR H 7 95.79 90.35 -4.52
C THR H 7 95.10 90.05 -5.84
N ASN H 8 94.17 89.10 -5.79
CA ASN H 8 93.43 88.64 -6.95
C ASN H 8 91.95 88.85 -6.68
N SER H 9 91.28 89.59 -7.56
CA SER H 9 89.92 90.01 -7.30
C SER H 9 88.87 89.03 -7.82
N LEU H 10 89.19 88.27 -8.87
CA LEU H 10 88.20 87.35 -9.41
C LEU H 10 87.90 86.22 -8.44
N SER H 11 88.89 85.76 -7.67
CA SER H 11 88.67 84.62 -6.80
C SER H 11 87.60 84.93 -5.76
N LEU H 12 87.64 86.14 -5.19
CA LEU H 12 86.61 86.53 -4.23
C LEU H 12 85.24 86.50 -4.86
N MET H 13 85.14 87.06 -6.07
CA MET H 13 83.89 87.10 -6.80
C MET H 13 83.34 85.71 -7.02
N THR H 14 84.19 84.77 -7.42
CA THR H 14 83.72 83.41 -7.61
C THR H 14 83.35 82.76 -6.28
N GLN H 15 84.10 83.05 -5.22
CA GLN H 15 83.80 82.40 -3.95
C GLN H 15 82.42 82.76 -3.45
N ASN H 16 81.97 83.99 -3.69
CA ASN H 16 80.64 84.36 -3.20
C ASN H 16 79.54 83.49 -3.80
N ASN H 17 79.62 83.23 -5.11
CA ASN H 17 78.51 82.55 -5.78
C ASN H 17 78.36 81.11 -5.31
N LEU H 18 79.47 80.46 -4.97
CA LEU H 18 79.38 79.11 -4.43
C LEU H 18 78.55 79.10 -3.16
N ASN H 19 78.77 80.08 -2.28
CA ASN H 19 77.96 80.21 -1.08
C ASN H 19 76.51 80.52 -1.42
N THR H 20 76.28 81.24 -2.52
CA THR H 20 74.91 81.46 -2.95
C THR H 20 74.19 80.15 -3.24
N SER H 21 74.82 79.26 -4.02
CA SER H 21 74.17 78.01 -4.40
C SER H 21 74.12 76.97 -3.29
N GLN H 22 75.11 76.98 -2.40
CA GLN H 22 75.27 75.94 -1.41
C GLN H 22 74.16 75.98 -0.36
N SER H 23 73.34 77.02 -0.34
CA SER H 23 72.20 77.07 0.57
C SER H 23 70.95 76.46 -0.04
N ALA H 24 70.68 76.75 -1.31
CA ALA H 24 69.58 76.10 -1.99
C ALA H 24 69.76 74.60 -1.99
N LEU H 25 71.00 74.14 -2.18
CA LEU H 25 71.25 72.71 -2.06
C LEU H 25 70.79 72.18 -0.71
N ASN H 26 71.18 72.85 0.38
CA ASN H 26 70.84 72.36 1.71
C ASN H 26 69.35 72.30 1.92
N THR H 27 68.63 73.35 1.52
CA THR H 27 67.20 73.39 1.76
C THR H 27 66.49 72.27 1.01
N ALA H 28 66.85 72.05 -0.25
CA ALA H 28 66.22 70.97 -0.99
C ALA H 28 66.52 69.63 -0.35
N ILE H 29 67.75 69.43 0.10
CA ILE H 29 68.11 68.15 0.72
C ILE H 29 67.26 67.90 1.96
N GLN H 30 67.13 68.92 2.81
CA GLN H 30 66.37 68.75 4.04
C GLN H 30 64.92 68.44 3.75
N ARG H 31 64.32 69.15 2.79
CA ARG H 31 62.91 68.88 2.47
C ARG H 31 62.72 67.46 1.97
N LEU H 32 63.65 66.98 1.14
CA LEU H 32 63.56 65.59 0.70
C LEU H 32 63.66 64.63 1.88
N SER H 33 64.56 64.93 2.82
CA SER H 33 64.79 64.04 3.94
C SER H 33 63.56 63.90 4.83
N SER H 34 62.91 65.03 5.14
CA SER H 34 61.92 65.00 6.21
C SER H 34 60.54 64.65 5.70
N GLY H 35 60.12 65.23 4.58
CA GLY H 35 58.79 65.02 4.07
C GLY H 35 57.84 66.19 4.22
N LEU H 36 58.34 67.35 4.59
CA LEU H 36 57.51 68.54 4.77
C LEU H 36 58.22 69.75 4.20
N ARG H 37 57.45 70.81 3.96
CA ARG H 37 58.03 72.07 3.55
C ARG H 37 58.03 73.13 4.63
N ILE H 38 57.55 72.81 5.83
CA ILE H 38 57.68 73.74 6.95
C ILE H 38 58.32 73.01 8.13
N ASN H 39 59.64 73.11 8.23
CA ASN H 39 60.40 72.48 9.29
C ASN H 39 60.64 73.40 10.48
N SER H 40 60.72 74.69 10.25
CA SER H 40 61.03 75.64 11.31
C SER H 40 60.23 76.90 11.09
N ALA H 41 60.13 77.73 12.13
CA ALA H 41 59.36 78.96 12.01
C ALA H 41 59.98 79.91 10.98
N LYS H 42 61.30 79.85 10.80
CA LYS H 42 61.93 80.64 9.75
C LYS H 42 61.34 80.33 8.40
N ASP H 43 60.93 79.07 8.21
CA ASP H 43 60.41 78.65 6.92
C ASP H 43 59.12 79.38 6.60
N ASP H 44 58.27 79.60 7.60
CA ASP H 44 57.01 80.32 7.43
C ASP H 44 56.45 80.64 8.80
N ALA H 45 55.77 81.79 8.92
CA ALA H 45 55.33 82.25 10.23
C ALA H 45 53.88 81.87 10.50
N ALA H 46 53.00 82.06 9.53
CA ALA H 46 51.56 81.87 9.77
C ALA H 46 51.12 80.44 9.48
N GLY H 47 51.73 79.81 8.48
CA GLY H 47 51.35 78.46 8.13
C GLY H 47 51.55 77.50 9.28
N GLN H 48 52.62 77.68 10.05
CA GLN H 48 52.87 76.78 11.16
C GLN H 48 51.78 76.90 12.22
N ALA H 49 51.39 78.13 12.56
CA ALA H 49 50.32 78.33 13.52
C ALA H 49 49.02 77.72 13.04
N ILE H 50 48.71 77.91 11.76
CA ILE H 50 47.44 77.39 11.25
C ILE H 50 47.43 75.88 11.29
N ALA H 51 48.50 75.25 10.82
CA ALA H 51 48.58 73.80 10.85
C ALA H 51 48.52 73.28 12.28
N ASN H 52 49.11 74.01 13.22
CA ASN H 52 49.05 73.62 14.62
C ASN H 52 47.62 73.62 15.14
N ARG H 53 46.84 74.64 14.76
CA ARG H 53 45.44 74.66 15.17
C ARG H 53 44.67 73.48 14.58
N PHE H 54 44.90 73.19 13.30
CA PHE H 54 44.24 72.02 12.70
C PHE H 54 44.54 70.75 13.47
N THR H 55 45.83 70.52 13.75
CA THR H 55 46.21 69.25 14.35
C THR H 55 45.74 69.16 15.79
N ALA H 56 45.56 70.31 16.44
CA ALA H 56 44.92 70.28 17.75
C ALA H 56 43.47 69.88 17.63
N ASN H 57 42.80 70.31 16.56
CA ASN H 57 41.38 69.98 16.42
C ASN H 57 41.16 68.49 16.20
N ILE H 58 42.01 67.84 15.40
CA ILE H 58 41.71 66.47 14.95
C ILE H 58 41.58 65.46 16.09
N LYS H 59 42.50 65.51 17.04
CA LYS H 59 42.58 64.51 18.11
C LYS H 59 41.33 64.52 18.98
N GLY H 60 40.80 65.70 19.24
CA GLY H 60 39.56 65.80 19.99
C GLY H 60 38.42 65.08 19.31
N LEU H 61 38.34 65.20 17.98
CA LEU H 61 37.28 64.51 17.27
C LEU H 61 37.42 63.00 17.38
N THR H 62 38.65 62.49 17.28
CA THR H 62 38.81 61.04 17.42
C THR H 62 38.38 60.56 18.81
N GLN H 63 38.81 61.28 19.84
CA GLN H 63 38.39 60.89 21.19
C GLN H 63 36.88 60.96 21.36
N ALA H 64 36.24 61.93 20.71
CA ALA H 64 34.79 62.02 20.76
C ALA H 64 34.14 60.79 20.16
N GLN H 65 34.69 60.30 19.04
CA GLN H 65 34.18 59.06 18.47
C GLN H 65 34.16 57.96 19.52
N ARG H 66 35.27 57.82 20.24
CA ARG H 66 35.33 56.73 21.22
C ARG H 66 34.26 56.88 22.31
N ASN H 67 34.08 58.11 22.81
CA ASN H 67 33.06 58.30 23.84
C ASN H 67 31.67 57.95 23.33
N ALA H 68 31.38 58.30 22.08
CA ALA H 68 30.08 57.95 21.52
C ALA H 68 29.85 56.45 21.55
N ASN H 69 30.87 55.68 21.18
CA ASN H 69 30.73 54.23 21.26
C ASN H 69 30.41 53.78 22.68
N ASP H 70 31.05 54.40 23.67
CA ASP H 70 30.76 54.01 25.06
C ASP H 70 29.28 54.23 25.40
N GLY H 71 28.74 55.38 25.02
CA GLY H 71 27.34 55.64 25.31
C GLY H 71 26.41 54.61 24.70
N ILE H 72 26.69 54.23 23.45
CA ILE H 72 25.86 53.19 22.82
C ILE H 72 25.87 51.92 23.65
N SER H 73 27.06 51.53 24.12
CA SER H 73 27.18 50.30 24.90
C SER H 73 26.24 50.32 26.11
N LEU H 74 26.29 51.43 26.87
CA LEU H 74 25.47 51.51 28.08
C LEU H 74 23.99 51.37 27.75
N ALA H 75 23.55 52.03 26.67
CA ALA H 75 22.15 51.92 26.29
C ALA H 75 21.74 50.48 26.05
N GLN H 76 22.56 49.72 25.31
CA GLN H 76 22.17 48.35 24.98
C GLN H 76 22.02 47.50 26.22
N THR H 77 22.93 47.65 27.18
CA THR H 77 22.84 46.84 28.40
C THR H 77 21.51 47.09 29.13
N THR H 78 21.18 48.36 29.34
CA THR H 78 19.94 48.64 30.06
C THR H 78 18.74 48.03 29.34
N GLU H 79 18.75 48.07 28.00
CA GLU H 79 17.60 47.54 27.27
C GLU H 79 17.42 46.04 27.52
N GLY H 80 18.52 45.29 27.55
CA GLY H 80 18.38 43.86 27.85
C GLY H 80 17.68 43.61 29.19
N ALA H 81 18.13 44.34 30.22
CA ALA H 81 17.47 44.15 31.52
C ALA H 81 15.98 44.42 31.44
N LEU H 82 15.61 45.51 30.76
CA LEU H 82 14.19 45.84 30.65
C LEU H 82 13.40 44.72 30.02
N THR H 83 13.97 44.08 28.99
CA THR H 83 13.25 42.98 28.34
C THR H 83 12.87 41.90 29.33
N GLU H 84 13.81 41.49 30.16
CA GLU H 84 13.47 40.40 31.07
C GLU H 84 12.36 40.80 32.04
N VAL H 85 12.43 42.03 32.55
CA VAL H 85 11.37 42.48 33.46
C VAL H 85 10.01 42.41 32.78
N ASN H 86 9.95 42.85 31.52
CA ASN H 86 8.70 42.82 30.78
C ASN H 86 8.12 41.41 30.72
N ASN H 87 8.96 40.43 30.43
CA ASN H 87 8.44 39.06 30.38
C ASN H 87 7.78 38.68 31.69
N ASN H 88 8.43 38.99 32.81
CA ASN H 88 7.84 38.61 34.09
C ASN H 88 6.48 39.27 34.31
N LEU H 89 6.36 40.54 33.94
CA LEU H 89 5.10 41.23 34.12
C LEU H 89 3.98 40.55 33.34
N GLN H 90 4.25 40.18 32.09
CA GLN H 90 3.23 39.52 31.29
C GLN H 90 2.74 38.24 31.96
N ARG H 91 3.69 37.45 32.47
CA ARG H 91 3.28 36.20 33.10
C ARG H 91 2.37 36.44 34.31
N ILE H 92 2.71 37.40 35.15
CA ILE H 92 1.86 37.67 36.31
C ILE H 92 0.48 38.12 35.88
N ARG H 93 0.41 38.93 34.81
CA ARG H 93 -0.87 39.33 34.25
C ARG H 93 -1.75 38.11 33.96
N GLU H 94 -1.19 37.12 33.26
CA GLU H 94 -1.98 35.94 32.92
C GLU H 94 -2.43 35.20 34.18
N LEU H 95 -1.52 35.02 35.14
CA LEU H 95 -1.91 34.28 36.35
C LEU H 95 -3.04 34.98 37.07
N SER H 96 -2.98 36.32 37.15
CA SER H 96 -4.04 37.05 37.83
C SER H 96 -5.37 36.86 37.14
N VAL H 97 -5.37 36.85 35.81
CA VAL H 97 -6.64 36.54 35.14
C VAL H 97 -7.11 35.15 35.52
N GLN H 98 -6.19 34.18 35.57
CA GLN H 98 -6.57 32.80 35.85
C GLN H 98 -7.22 32.67 37.23
N ALA H 99 -6.71 33.40 38.21
CA ALA H 99 -7.16 33.22 39.59
C ALA H 99 -8.36 34.08 39.96
N ALA H 100 -9.19 34.47 39.00
CA ALA H 100 -10.37 35.28 39.31
C ALA H 100 -11.68 34.56 39.03
N THR H 101 -11.64 33.27 38.71
CA THR H 101 -12.85 32.51 38.47
C THR H 101 -13.55 32.20 39.78
N GLY H 102 -14.85 31.98 39.70
CA GLY H 102 -15.63 31.67 40.88
C GLY H 102 -15.72 30.21 41.26
N SER H 103 -15.09 29.30 40.50
CA SER H 103 -15.13 27.88 40.82
C SER H 103 -13.80 27.37 41.34
N ASN H 104 -13.02 28.22 41.99
CA ASN H 104 -11.75 27.84 42.58
C ASN H 104 -11.88 27.73 44.09
N SER H 105 -11.06 26.85 44.66
CA SER H 105 -11.11 26.56 46.08
C SER H 105 -10.13 27.43 46.84
N ALA H 106 -10.32 27.48 48.16
CA ALA H 106 -9.45 28.32 48.98
C ALA H 106 -8.03 27.80 48.99
N SER H 107 -7.84 26.50 48.77
CA SER H 107 -6.48 25.96 48.75
C SER H 107 -5.73 26.36 47.49
N ASP H 108 -6.44 26.40 46.36
CA ASP H 108 -5.76 26.60 45.08
C ASP H 108 -5.25 28.01 44.93
N LEU H 109 -5.78 28.95 45.71
CA LEU H 109 -5.31 30.32 45.58
C LEU H 109 -3.90 30.53 46.13
N GLN H 110 -3.51 29.82 47.19
CA GLN H 110 -2.19 30.03 47.74
C GLN H 110 -1.09 29.57 46.79
N SER H 111 -1.34 28.53 45.99
CA SER H 111 -0.36 28.12 45.00
C SER H 111 -0.05 29.27 44.05
N ILE H 112 -1.09 29.84 43.48
CA ILE H 112 -0.93 30.97 42.58
C ILE H 112 -0.25 32.11 43.31
N GLN H 113 -0.60 32.32 44.58
CA GLN H 113 -0.04 33.44 45.30
C GLN H 113 1.47 33.29 45.48
N ASP H 114 1.94 32.09 45.78
CA ASP H 114 3.37 31.93 45.98
C ASP H 114 4.14 32.06 44.65
N GLU H 115 3.55 31.57 43.55
CA GLU H 115 4.23 31.79 42.27
C GLU H 115 4.32 33.27 41.95
N ILE H 116 3.24 34.02 42.23
CA ILE H 116 3.27 35.46 42.01
C ILE H 116 4.34 36.10 42.89
N LYS H 117 4.52 35.59 44.11
CA LYS H 117 5.54 36.14 45.00
C LYS H 117 6.94 35.96 44.44
N GLN H 118 7.24 34.76 43.92
CA GLN H 118 8.54 34.56 43.30
C GLN H 118 8.76 35.52 42.14
N ARG H 119 7.79 35.60 41.24
CA ARG H 119 7.94 36.49 40.11
C ARG H 119 8.16 37.93 40.56
N LEU H 120 7.48 38.34 41.64
CA LEU H 120 7.66 39.70 42.14
C LEU H 120 9.08 39.91 42.66
N GLU H 121 9.63 38.91 43.34
CA GLU H 121 10.97 39.09 43.91
C GLU H 121 12.02 39.24 42.80
N GLU H 122 11.80 38.56 41.68
CA GLU H 122 12.75 38.65 40.57
C GLU H 122 13.02 40.09 40.16
N ILE H 123 11.99 40.92 40.11
CA ILE H 123 12.12 42.28 39.60
C ILE H 123 13.08 43.08 40.47
N ASN H 124 12.91 43.00 41.78
CA ASN H 124 13.82 43.71 42.69
C ASN H 124 15.23 43.18 42.54
N ARG H 125 15.37 41.86 42.39
CA ARG H 125 16.71 41.29 42.24
C ARG H 125 17.43 41.92 41.05
N VAL H 126 16.78 41.92 39.89
CA VAL H 126 17.40 42.49 38.71
C VAL H 126 17.62 43.99 38.88
N SER H 127 16.71 44.66 39.57
CA SER H 127 16.87 46.10 39.75
C SER H 127 18.15 46.43 40.48
N GLU H 128 18.44 45.69 41.55
CA GLU H 128 19.57 46.09 42.38
C GLU H 128 20.84 45.30 42.14
N GLN H 129 20.87 44.38 41.18
CA GLN H 129 22.13 43.72 40.84
C GLN H 129 22.79 44.21 39.56
N THR H 130 22.03 44.68 38.58
CA THR H 130 22.58 45.07 37.29
C THR H 130 23.53 46.25 37.42
N GLN H 131 24.63 46.21 36.65
CA GLN H 131 25.54 47.34 36.65
C GLN H 131 26.35 47.37 35.37
N PHE H 132 27.00 48.51 35.12
CA PHE H 132 27.86 48.73 33.97
C PHE H 132 29.01 49.62 34.42
N ASN H 133 30.22 49.06 34.48
CA ASN H 133 31.41 49.82 34.86
C ASN H 133 31.24 50.48 36.22
N GLY H 134 30.58 49.79 37.13
CA GLY H 134 30.38 50.33 38.45
C GLY H 134 29.32 51.41 38.54
N VAL H 135 28.40 51.46 37.60
CA VAL H 135 27.29 52.40 37.62
C VAL H 135 26.01 51.60 37.75
N LYS H 136 25.27 51.82 38.83
CA LYS H 136 23.92 51.27 38.91
C LYS H 136 23.03 52.00 37.92
N VAL H 137 22.32 51.24 37.08
CA VAL H 137 21.55 51.84 36.00
C VAL H 137 20.07 51.91 36.30
N LEU H 138 19.50 50.91 36.97
CA LEU H 138 18.07 50.88 37.21
C LEU H 138 17.72 51.43 38.59
N ALA H 139 18.43 52.47 39.03
CA ALA H 139 18.09 53.16 40.26
C ALA H 139 18.35 54.67 40.12
N LYS H 140 17.61 55.43 40.92
CA LYS H 140 17.88 56.78 41.42
C LYS H 140 17.65 57.95 40.46
N ASP H 141 17.11 57.75 39.26
CA ASP H 141 16.56 58.85 38.45
C ASP H 141 17.57 59.98 38.22
N THR H 142 18.63 59.68 37.49
CA THR H 142 19.60 60.70 37.11
C THR H 142 19.67 60.79 35.60
N LYS H 143 20.55 61.65 35.10
CA LYS H 143 20.85 61.71 33.67
C LYS H 143 22.34 61.81 33.45
N MET H 144 22.81 61.26 32.33
CA MET H 144 24.24 61.08 32.07
C MET H 144 24.68 62.03 30.98
N ASN H 145 25.83 62.66 31.15
CA ASN H 145 26.33 63.59 30.16
C ASN H 145 27.51 62.98 29.42
N ILE H 146 27.61 63.25 28.11
CA ILE H 146 28.66 62.70 27.27
C ILE H 146 29.35 63.84 26.54
N GLN H 147 30.68 63.90 26.65
CA GLN H 147 31.48 64.84 25.85
C GLN H 147 31.59 64.29 24.45
N VAL H 148 31.07 65.01 23.47
CA VAL H 148 30.96 64.48 22.12
C VAL H 148 31.51 65.48 21.12
N GLY H 149 32.18 66.52 21.61
CA GLY H 149 32.80 67.50 20.75
C GLY H 149 34.10 67.98 21.33
N ALA H 150 34.91 68.58 20.48
CA ALA H 150 36.26 68.98 20.84
C ALA H 150 36.32 70.28 21.63
N ASN H 151 35.21 70.74 22.21
CA ASN H 151 35.18 71.95 23.01
C ASN H 151 34.25 71.75 24.20
N ASP H 152 34.46 72.58 25.21
CA ASP H 152 33.69 72.44 26.44
C ASP H 152 32.27 72.95 26.26
N GLY H 153 31.33 72.25 26.88
CA GLY H 153 29.92 72.57 26.78
C GLY H 153 29.18 71.88 25.65
N GLU H 154 29.81 70.94 24.94
CA GLU H 154 29.16 70.24 23.84
C GLU H 154 28.87 68.81 24.29
N ILE H 155 27.71 68.62 24.92
CA ILE H 155 27.37 67.35 25.53
C ILE H 155 26.04 66.84 24.99
N ILE H 156 25.72 65.62 25.36
CA ILE H 156 24.44 64.98 25.05
C ILE H 156 23.98 64.23 26.28
N ALA H 157 22.70 64.29 26.59
CA ALA H 157 22.19 63.76 27.84
C ALA H 157 21.30 62.55 27.62
N ILE H 158 21.63 61.46 28.31
CA ILE H 158 20.79 60.28 28.42
C ILE H 158 20.12 60.32 29.78
N ASP H 159 18.82 60.05 29.83
CA ASP H 159 18.12 60.04 31.10
C ASP H 159 17.75 58.64 31.52
N LEU H 160 17.71 58.42 32.84
CA LEU H 160 17.45 57.12 33.43
C LEU H 160 16.41 57.28 34.53
N LYS H 161 15.70 56.20 34.83
CA LYS H 161 14.65 56.25 35.84
C LYS H 161 14.67 55.00 36.70
N GLU H 162 14.41 55.19 37.99
CA GLU H 162 14.43 54.10 38.94
C GLU H 162 13.24 53.18 38.74
N ILE H 163 13.50 51.88 38.68
CA ILE H 163 12.45 50.89 38.48
C ILE H 163 12.61 49.81 39.54
N THR H 164 11.61 49.67 40.40
CA THR H 164 11.50 48.59 41.36
C THR H 164 10.03 48.21 41.49
N ALA H 165 9.76 47.11 42.18
CA ALA H 165 8.38 46.69 42.34
C ALA H 165 7.58 47.66 43.18
N LYS H 166 8.18 48.74 43.65
CA LYS H 166 7.48 49.75 44.42
C LYS H 166 7.06 50.93 43.57
N THR H 167 7.99 51.50 42.81
CA THR H 167 7.65 52.66 42.00
C THR H 167 6.63 52.32 40.91
N LEU H 168 6.42 51.04 40.63
CA LEU H 168 5.36 50.66 39.70
C LEU H 168 4.01 50.55 40.39
N GLY H 169 3.96 50.72 41.71
CA GLY H 169 2.70 50.66 42.44
C GLY H 169 2.23 49.28 42.78
N LEU H 170 3.10 48.27 42.77
CA LEU H 170 2.69 46.90 42.98
C LEU H 170 2.98 46.39 44.38
N ASP H 171 3.28 47.26 45.34
CA ASP H 171 3.65 46.80 46.67
C ASP H 171 2.50 46.07 47.33
N GLY H 172 2.77 44.87 47.82
CA GLY H 172 1.74 44.10 48.46
C GLY H 172 0.69 43.58 47.50
N PHE H 173 1.01 43.50 46.22
CA PHE H 173 0.07 42.93 45.27
C PHE H 173 -0.24 41.50 45.66
N ASN H 174 -1.52 41.22 45.90
CA ASN H 174 -1.90 39.94 46.47
C ASN H 174 -3.26 39.55 45.91
N VAL H 175 -3.49 38.23 45.85
CA VAL H 175 -4.72 37.70 45.26
C VAL H 175 -5.52 36.86 46.24
N SER H 176 -4.92 36.34 47.31
CA SER H 176 -5.66 35.57 48.30
C SER H 176 -5.95 36.41 49.54
N GLY H 177 -6.92 35.98 50.35
CA GLY H 177 -7.27 36.69 51.56
C GLY H 177 -8.60 37.41 51.45
N PRO H 178 -8.98 38.12 52.50
CA PRO H 178 -10.29 38.78 52.52
C PRO H 178 -10.33 39.94 51.53
N LYS H 179 -11.54 40.23 51.07
CA LYS H 179 -11.78 41.35 50.16
C LYS H 179 -12.53 42.43 50.91
N GLY H 180 -11.93 43.62 50.97
CA GLY H 180 -12.54 44.73 51.68
C GLY H 180 -12.23 44.71 53.15
N THR H 181 -12.54 45.79 53.80
CA THR H 181 -12.21 45.84 55.21
C THR H 181 -13.25 45.06 56.01
N PRO H 182 -12.83 44.11 56.84
CA PRO H 182 -13.80 43.32 57.59
C PRO H 182 -14.62 44.17 58.55
N ALA H 183 -15.84 43.73 58.80
CA ALA H 183 -16.77 44.43 59.68
C ALA H 183 -17.33 43.47 60.72
N ALA H 184 -18.19 44.01 61.57
CA ALA H 184 -18.70 43.26 62.70
C ALA H 184 -19.73 42.23 62.25
N LEU H 185 -20.27 41.50 63.22
CA LEU H 185 -21.31 40.51 62.96
C LEU H 185 -22.63 40.94 63.56
N VAL H 186 -23.70 40.72 62.81
CA VAL H 186 -25.04 41.12 63.20
C VAL H 186 -25.93 39.88 63.22
N ALA H 187 -27.19 40.08 63.59
CA ALA H 187 -28.08 38.96 63.84
C ALA H 187 -28.33 38.16 62.56
N ALA H 188 -28.44 38.84 61.42
CA ALA H 188 -28.73 38.14 60.18
C ALA H 188 -27.68 37.08 59.88
N ASP H 189 -26.41 37.36 60.22
CA ASP H 189 -25.34 36.41 59.92
C ASP H 189 -25.48 35.16 60.76
N TYR H 190 -25.74 35.32 62.05
CA TYR H 190 -25.97 34.15 62.90
C TYR H 190 -27.16 33.37 62.41
N GLN H 191 -28.23 34.06 62.03
CA GLN H 191 -29.43 33.35 61.55
C GLN H 191 -29.12 32.57 60.29
N ALA H 192 -28.37 33.16 59.37
CA ALA H 192 -28.03 32.46 58.14
C ALA H 192 -27.15 31.25 58.43
N ALA H 193 -26.24 31.37 59.39
CA ALA H 193 -25.37 30.25 59.68
C ALA H 193 -26.09 29.11 60.37
N TYR H 194 -26.98 29.39 61.32
CA TYR H 194 -27.54 28.36 62.18
C TYR H 194 -29.06 28.26 62.15
N GLY H 195 -29.75 29.04 61.33
CA GLY H 195 -31.19 28.98 61.30
C GLY H 195 -31.84 30.22 61.90
N THR H 196 -33.18 30.27 61.82
CA THR H 196 -33.89 31.48 62.20
C THR H 196 -34.11 31.57 63.71
N THR H 197 -34.05 30.45 64.42
CA THR H 197 -34.37 30.41 65.84
C THR H 197 -33.15 30.14 66.71
N THR H 198 -32.03 30.77 66.38
CA THR H 198 -30.77 30.46 67.02
C THR H 198 -30.61 31.19 68.34
N ASN H 199 -29.91 30.55 69.28
CA ASN H 199 -29.52 31.17 70.53
C ASN H 199 -28.34 32.13 70.39
N VAL H 200 -27.38 31.81 69.52
CA VAL H 200 -26.06 32.44 69.59
C VAL H 200 -26.19 33.94 69.41
N THR H 201 -25.30 34.68 70.06
CA THR H 201 -25.22 36.12 69.89
C THR H 201 -23.79 36.66 69.80
N THR H 202 -22.79 35.88 70.18
CA THR H 202 -21.43 36.39 70.27
C THR H 202 -20.43 35.28 69.97
N THR H 203 -19.16 35.66 69.91
CA THR H 203 -18.08 34.76 69.55
C THR H 203 -16.93 34.88 70.54
N ALA H 204 -15.96 33.98 70.40
CA ALA H 204 -14.77 34.00 71.26
C ALA H 204 -13.68 33.17 70.62
N VAL H 205 -12.49 33.74 70.51
CA VAL H 205 -11.37 33.11 69.81
C VAL H 205 -10.15 33.09 70.74
N THR H 206 -9.57 31.91 70.94
CA THR H 206 -8.41 31.74 71.79
C THR H 206 -7.50 30.65 71.21
N GLU H 207 -6.21 30.75 71.50
CA GLU H 207 -5.24 29.78 71.03
C GLU H 207 -5.48 28.43 71.69
N SER H 208 -4.67 27.45 71.29
CA SER H 208 -4.75 26.13 71.92
C SER H 208 -3.86 26.06 73.16
N SER H 209 -2.57 26.28 72.99
CA SER H 209 -1.61 26.33 74.09
C SER H 209 -0.91 27.68 74.04
N ALA H 210 -0.81 28.33 75.19
CA ALA H 210 -0.40 29.73 75.23
C ALA H 210 0.95 29.95 74.57
N ASN H 211 1.03 30.95 73.70
CA ASN H 211 2.29 31.44 73.16
C ASN H 211 2.97 30.42 72.26
N ALA H 212 2.20 29.64 71.51
CA ALA H 212 2.81 28.75 70.53
C ALA H 212 3.31 29.50 69.31
N LEU H 213 2.54 30.46 68.84
CA LEU H 213 2.90 31.16 67.60
C LEU H 213 4.17 31.97 67.80
N ALA H 214 4.25 32.73 68.88
CA ALA H 214 5.45 33.50 69.13
C ALA H 214 6.66 32.60 69.28
N GLY H 215 6.45 31.37 69.76
CA GLY H 215 7.55 30.43 69.83
C GLY H 215 8.02 29.98 68.47
N ARG H 216 7.10 29.59 67.60
CA ARG H 216 7.50 29.11 66.29
C ARG H 216 8.08 30.23 65.43
N LEU H 217 7.67 31.48 65.66
CA LEU H 217 8.23 32.58 64.88
C LEU H 217 9.63 32.95 65.35
N GLY H 218 9.91 32.79 66.63
CA GLY H 218 11.20 33.09 67.18
C GLY H 218 11.35 34.47 67.78
N VAL H 219 10.26 35.14 68.12
CA VAL H 219 10.31 36.46 68.74
C VAL H 219 9.73 36.38 70.14
N ALA H 220 9.92 37.46 70.89
CA ALA H 220 9.47 37.49 72.27
C ALA H 220 7.96 37.50 72.35
N ASN H 221 7.44 36.88 73.41
CA ASN H 221 6.02 36.95 73.68
C ASN H 221 5.62 38.39 73.95
N GLY H 222 4.41 38.75 73.56
CA GLY H 222 3.96 40.12 73.68
C GLY H 222 4.16 40.96 72.46
N SER H 223 4.91 40.47 71.48
CA SER H 223 4.96 41.08 70.16
C SER H 223 3.93 40.47 69.22
N VAL H 224 3.16 39.50 69.69
CA VAL H 224 2.13 38.82 68.92
C VAL H 224 0.87 38.78 69.76
N ALA H 225 -0.27 39.09 69.15
CA ALA H 225 -1.52 39.11 69.89
C ALA H 225 -2.70 38.80 68.98
N LEU H 226 -3.74 38.19 69.55
CA LEU H 226 -4.96 37.86 68.84
C LEU H 226 -6.10 38.73 69.32
N ALA H 227 -6.98 39.11 68.40
CA ALA H 227 -8.26 39.65 68.80
C ALA H 227 -9.09 38.58 69.49
N ALA H 228 -10.27 38.96 69.96
CA ALA H 228 -11.12 38.03 70.68
C ALA H 228 -12.35 37.60 69.90
N THR H 229 -12.68 38.29 68.81
CA THR H 229 -13.93 38.05 68.10
C THR H 229 -13.67 37.87 66.61
N ALA H 230 -14.65 37.29 65.93
CA ALA H 230 -14.58 37.04 64.50
C ALA H 230 -15.29 38.14 63.73
N GLU H 231 -14.81 38.39 62.52
CA GLU H 231 -15.35 39.44 61.67
C GLU H 231 -15.72 38.82 60.33
N LYS H 232 -16.23 39.63 59.41
CA LYS H 232 -16.63 39.13 58.10
C LYS H 232 -16.24 40.10 57.00
N ASP H 233 -15.93 39.56 55.83
CA ASP H 233 -15.57 40.37 54.68
C ASP H 233 -16.81 40.60 53.81
N ASP H 234 -16.59 41.07 52.58
CA ASP H 234 -17.69 41.38 51.69
C ASP H 234 -18.55 40.16 51.35
N ASN H 235 -17.97 38.97 51.29
CA ASN H 235 -18.66 37.81 50.75
C ASN H 235 -19.30 36.94 51.82
N GLY H 236 -19.24 37.35 53.08
CA GLY H 236 -19.84 36.56 54.14
C GLY H 236 -18.96 35.47 54.70
N ASN H 237 -17.64 35.60 54.58
CA ASN H 237 -16.73 34.67 55.21
C ASN H 237 -16.28 35.22 56.56
N TRP H 238 -15.82 34.33 57.43
CA TRP H 238 -15.45 34.70 58.79
C TRP H 238 -13.95 34.57 58.95
N TYR H 239 -13.34 35.57 59.58
CA TYR H 239 -11.89 35.60 59.75
C TYR H 239 -11.53 36.01 61.17
N ALA H 240 -10.31 35.67 61.58
CA ALA H 240 -9.75 36.09 62.86
C ALA H 240 -8.47 36.84 62.62
N THR H 241 -8.25 37.89 63.40
CA THR H 241 -7.21 38.88 63.15
C THR H 241 -6.03 38.69 64.10
N VAL H 242 -4.82 38.70 63.54
CA VAL H 242 -3.59 38.62 64.31
C VAL H 242 -2.79 39.88 64.04
N THR H 243 -2.36 40.56 65.10
CA THR H 243 -1.63 41.81 64.98
C THR H 243 -0.21 41.63 65.48
N ILE H 244 0.76 41.97 64.64
CA ILE H 244 2.16 41.74 64.91
C ILE H 244 2.90 43.07 64.99
N THR H 245 3.67 43.25 66.04
CA THR H 245 4.48 44.46 66.21
C THR H 245 5.95 44.05 66.36
N ALA H 246 6.84 44.79 65.73
CA ALA H 246 8.25 44.49 65.73
C ALA H 246 8.95 45.22 66.88
N GLY H 247 10.00 44.61 67.40
CA GLY H 247 10.72 45.19 68.53
C GLY H 247 12.00 45.90 68.13
N SER H 248 12.79 45.27 67.26
CA SER H 248 14.04 45.87 66.81
C SER H 248 14.48 45.19 65.54
N ALA H 249 15.63 45.64 65.01
CA ALA H 249 16.03 45.27 63.66
C ALA H 249 16.19 43.77 63.49
N THR H 250 16.79 43.10 64.47
CA THR H 250 17.01 41.66 64.34
C THR H 250 15.68 40.92 64.25
N GLU H 251 14.67 41.38 64.99
CA GLU H 251 13.36 40.76 64.87
C GLU H 251 12.79 40.96 63.48
N VAL H 252 13.01 42.13 62.89
CA VAL H 252 12.55 42.38 61.53
C VAL H 252 13.22 41.42 60.56
N SER H 253 14.53 41.22 60.70
CA SER H 253 15.23 40.30 59.81
C SER H 253 14.72 38.88 59.96
N THR H 254 14.50 38.43 61.20
CA THR H 254 13.96 37.09 61.39
C THR H 254 12.60 36.96 60.72
N LEU H 255 11.71 37.91 60.95
CA LEU H 255 10.38 37.81 60.37
C LEU H 255 10.43 37.79 58.85
N LYS H 256 11.26 38.65 58.26
CA LYS H 256 11.38 38.64 56.81
C LYS H 256 11.90 37.31 56.30
N ALA H 257 12.93 36.77 56.95
CA ALA H 257 13.41 35.46 56.56
C ALA H 257 12.33 34.41 56.65
N LYS H 258 11.36 34.59 57.53
CA LYS H 258 10.24 33.65 57.62
C LYS H 258 9.06 34.05 56.76
N GLY H 259 9.15 35.17 56.05
CA GLY H 259 8.17 35.49 55.03
C GLY H 259 7.17 36.59 55.34
N PHE H 260 7.41 37.38 56.37
CA PHE H 260 6.49 38.45 56.75
C PHE H 260 7.20 39.79 56.67
N GLU H 261 6.52 40.80 56.17
CA GLU H 261 7.10 42.12 55.97
C GLU H 261 6.51 43.09 56.97
N VAL H 262 7.38 43.72 57.77
CA VAL H 262 6.94 44.59 58.84
C VAL H 262 8.13 45.45 59.25
N GLU H 263 7.84 46.58 59.88
CA GLU H 263 8.87 47.54 60.28
C GLU H 263 8.69 47.88 61.76
N ASN H 264 9.80 48.21 62.41
CA ASN H 264 9.78 48.37 63.86
C ASN H 264 8.91 49.55 64.27
N GLY H 265 8.17 49.36 65.37
CA GLY H 265 7.30 50.38 65.89
C GLY H 265 6.00 50.57 65.14
N VAL H 266 5.63 49.65 64.25
CA VAL H 266 4.45 49.78 63.43
C VAL H 266 3.63 48.50 63.55
N ALA H 267 2.34 48.64 63.82
CA ALA H 267 1.48 47.48 63.89
C ALA H 267 0.92 47.14 62.51
N LYS H 268 0.74 45.85 62.26
CA LYS H 268 0.18 45.37 61.01
C LYS H 268 -0.63 44.12 61.28
N GLU H 269 -1.56 43.80 60.38
CA GLU H 269 -2.54 42.76 60.61
C GLU H 269 -2.49 41.68 59.53
N PHE H 270 -2.79 40.45 59.94
CA PHE H 270 -2.93 39.30 59.05
C PHE H 270 -4.17 38.53 59.47
N TYR H 271 -4.71 37.71 58.58
CA TYR H 271 -5.99 37.07 58.81
C TYR H 271 -5.92 35.56 58.63
N ILE H 272 -6.81 34.87 59.34
CA ILE H 272 -6.89 33.41 59.35
C ILE H 272 -8.33 33.01 59.10
N ALA H 273 -8.56 32.10 58.16
CA ALA H 273 -9.91 31.70 57.82
C ALA H 273 -10.53 30.89 58.94
N LEU H 274 -11.87 30.90 58.99
CA LEU H 274 -12.64 30.20 60.00
C LEU H 274 -13.80 29.48 59.35
N ASP H 275 -14.33 28.49 60.06
CA ASP H 275 -15.47 27.69 59.61
C ASP H 275 -16.59 27.79 60.62
N PRO H 276 -17.78 28.28 60.23
CA PRO H 276 -18.86 28.41 61.20
C PRO H 276 -19.42 27.10 61.70
N GLN H 277 -19.19 25.99 61.01
CA GLN H 277 -19.84 24.74 61.38
C GLN H 277 -19.04 23.89 62.35
N SER H 278 -17.81 24.27 62.69
CA SER H 278 -17.01 23.50 63.62
C SER H 278 -16.94 24.12 65.00
N ALA H 279 -17.77 25.12 65.27
CA ALA H 279 -17.67 25.85 66.52
C ALA H 279 -18.06 24.96 67.70
N ASP H 280 -17.65 25.38 68.89
CA ASP H 280 -18.06 24.72 70.12
C ASP H 280 -19.29 25.45 70.63
N VAL H 281 -20.46 24.87 70.42
CA VAL H 281 -21.71 25.62 70.48
C VAL H 281 -22.60 25.07 71.58
N THR H 282 -22.22 23.94 72.16
CA THR H 282 -23.03 23.27 73.17
C THR H 282 -22.51 23.48 74.59
N THR H 283 -21.24 23.83 74.76
CA THR H 283 -20.69 23.98 76.10
C THR H 283 -21.34 25.13 76.85
N THR H 284 -21.48 26.28 76.21
CA THR H 284 -22.02 27.47 76.84
C THR H 284 -23.11 28.04 75.96
N ALA H 285 -24.30 28.24 76.52
CA ALA H 285 -25.42 28.74 75.74
C ALA H 285 -25.17 30.17 75.30
N GLY H 286 -25.40 30.43 74.02
CA GLY H 286 -25.29 31.78 73.50
C GLY H 286 -23.89 32.23 73.13
N THR H 287 -22.98 31.32 72.85
CA THR H 287 -21.62 31.68 72.50
C THR H 287 -20.96 30.55 71.74
N ALA H 288 -20.47 30.84 70.54
CA ALA H 288 -19.74 29.88 69.74
C ALA H 288 -18.25 30.17 69.89
N ALA H 289 -17.50 29.18 70.34
CA ALA H 289 -16.09 29.36 70.70
C ALA H 289 -15.20 28.62 69.73
N PHE H 290 -14.14 29.29 69.28
CA PHE H 290 -13.16 28.71 68.37
C PHE H 290 -11.82 28.62 69.06
N ALA H 291 -11.18 27.45 68.97
CA ALA H 291 -9.87 27.22 69.55
C ALA H 291 -8.92 26.81 68.42
N LEU H 292 -8.08 27.74 67.99
CA LEU H 292 -7.20 27.51 66.86
C LEU H 292 -6.10 26.53 67.23
N ASP H 293 -5.83 25.59 66.33
CA ASP H 293 -4.68 24.70 66.48
C ASP H 293 -3.44 25.40 65.92
N THR H 294 -2.96 26.37 66.70
CA THR H 294 -1.95 27.29 66.21
C THR H 294 -0.55 26.70 66.20
N ALA H 295 -0.38 25.47 66.67
CA ALA H 295 0.96 24.90 66.71
C ALA H 295 1.28 24.07 65.48
N ASN H 296 0.32 23.87 64.56
CA ASN H 296 0.54 22.96 63.46
C ASN H 296 0.07 23.48 62.10
N ILE H 297 -0.58 24.64 62.04
CA ILE H 297 -1.02 25.15 60.76
C ILE H 297 0.19 25.51 59.91
N GLN H 298 0.03 25.41 58.60
CA GLN H 298 1.09 25.82 57.69
C GLN H 298 1.24 27.34 57.72
N LEU H 299 2.48 27.81 57.84
CA LEU H 299 2.72 29.22 57.98
C LEU H 299 2.27 30.02 56.78
N SER H 300 2.03 29.38 55.64
CA SER H 300 1.61 30.10 54.45
C SER H 300 0.13 30.44 54.46
N SER H 301 -0.64 29.89 55.39
CA SER H 301 -2.06 30.19 55.47
C SER H 301 -2.36 31.39 56.35
N ILE H 302 -1.40 32.29 56.52
CA ILE H 302 -1.60 33.51 57.32
C ILE H 302 -1.32 34.68 56.38
N THR H 303 -2.36 35.19 55.75
CA THR H 303 -2.19 36.12 54.64
C THR H 303 -2.77 37.49 54.96
N SER H 304 -2.36 38.48 54.16
CA SER H 304 -2.83 39.85 54.29
C SER H 304 -4.02 40.11 53.40
N GLY H 305 -4.38 41.37 53.22
CA GLY H 305 -5.55 41.71 52.43
C GLY H 305 -5.35 41.54 50.94
N ALA H 306 -6.47 41.46 50.22
CA ALA H 306 -6.44 41.31 48.78
C ALA H 306 -6.49 42.66 48.08
N SER H 307 -5.85 42.74 46.91
CA SER H 307 -5.79 44.00 46.19
C SER H 307 -7.13 44.36 45.60
N SER H 308 -7.19 45.53 44.99
CA SER H 308 -8.41 46.00 44.33
C SER H 308 -8.10 46.48 42.93
N ASN H 309 -8.94 46.10 41.98
CA ASN H 309 -8.81 46.44 40.57
C ASN H 309 -7.43 46.08 40.04
N PRO H 310 -7.07 44.81 40.00
CA PRO H 310 -5.66 44.47 39.72
C PRO H 310 -5.23 44.73 38.29
N LEU H 311 -6.05 44.33 37.31
CA LEU H 311 -5.60 44.36 35.93
C LEU H 311 -5.28 45.77 35.46
N ALA H 312 -6.00 46.77 35.97
CA ALA H 312 -5.65 48.14 35.65
C ALA H 312 -4.24 48.48 36.11
N LYS H 313 -3.88 48.05 37.33
CA LYS H 313 -2.54 48.32 37.84
C LYS H 313 -1.49 47.66 36.98
N LEU H 314 -1.74 46.41 36.57
CA LEU H 314 -0.77 45.74 35.73
C LEU H 314 -0.56 46.48 34.41
N ASP H 315 -1.65 46.94 33.80
CA ASP H 315 -1.50 47.65 32.54
C ASP H 315 -0.76 48.96 32.72
N ALA H 316 -0.96 49.64 33.85
CA ALA H 316 -0.19 50.86 34.11
C ALA H 316 1.30 50.55 34.18
N ALA H 317 1.67 49.47 34.85
CA ALA H 317 3.08 49.10 34.94
C ALA H 317 3.67 48.83 33.56
N LEU H 318 2.94 48.10 32.74
CA LEU H 318 3.42 47.82 31.39
C LEU H 318 3.62 49.13 30.62
N ALA H 319 2.73 50.09 30.80
CA ALA H 319 2.89 51.39 30.15
C ALA H 319 4.18 52.06 30.57
N ASP H 320 4.50 52.03 31.86
CA ASP H 320 5.74 52.67 32.32
C ASP H 320 6.98 52.04 31.69
N VAL H 321 7.02 50.71 31.65
CA VAL H 321 8.16 50.04 31.04
C VAL H 321 8.31 50.46 29.58
N ASP H 322 7.21 50.47 28.84
CA ASP H 322 7.31 50.78 27.42
C ASP H 322 7.70 52.22 27.18
N THR H 323 7.29 53.15 28.05
CA THR H 323 7.75 54.52 27.91
C THR H 323 9.26 54.60 28.01
N LEU H 324 9.83 53.92 29.02
CA LEU H 324 11.28 53.99 29.15
C LEU H 324 11.98 53.44 27.92
N ARG H 325 11.50 52.29 27.40
CA ARG H 325 12.15 51.70 26.24
C ARG H 325 12.10 52.65 25.04
N SER H 326 10.95 53.30 24.82
CA SER H 326 10.85 54.27 23.74
C SER H 326 11.93 55.33 23.83
N SER H 327 12.09 55.91 25.02
CA SER H 327 13.07 56.98 25.15
C SER H 327 14.47 56.47 24.81
N LEU H 328 14.83 55.29 25.30
CA LEU H 328 16.19 54.80 25.07
C LEU H 328 16.44 54.52 23.59
N GLY H 329 15.45 53.96 22.89
CA GLY H 329 15.64 53.72 21.47
C GLY H 329 15.87 55.01 20.68
N ALA H 330 15.06 56.02 20.95
CA ALA H 330 15.28 57.30 20.27
C ALA H 330 16.69 57.82 20.53
N VAL H 331 17.19 57.63 21.75
CA VAL H 331 18.51 58.16 22.09
C VAL H 331 19.62 57.45 21.31
N GLN H 332 19.50 56.13 21.16
CA GLN H 332 20.51 55.42 20.38
C GLN H 332 20.54 55.93 18.94
N ASN H 333 19.35 56.08 18.35
CA ASN H 333 19.33 56.65 17.00
C ASN H 333 19.99 58.01 16.97
N ARG H 334 19.78 58.80 18.01
CA ARG H 334 20.45 60.09 18.13
C ARG H 334 21.96 59.93 17.98
N PHE H 335 22.56 58.99 18.72
CA PHE H 335 24.03 58.87 18.64
C PHE H 335 24.52 58.49 17.25
N ASP H 336 23.82 57.62 16.54
CA ASP H 336 24.46 57.03 15.35
C ASP H 336 24.88 58.09 14.31
N SER H 337 24.01 59.08 14.06
CA SER H 337 24.36 60.16 13.13
C SER H 337 25.62 60.89 13.55
N VAL H 338 25.83 61.01 14.86
CA VAL H 338 27.02 61.69 15.36
C VAL H 338 28.26 61.01 14.84
N ILE H 339 28.30 59.69 14.93
CA ILE H 339 29.49 58.96 14.51
C ILE H 339 29.74 59.17 13.03
N SER H 340 28.69 59.06 12.21
CA SER H 340 28.92 59.23 10.78
C SER H 340 29.48 60.61 10.46
N ASN H 341 28.89 61.64 11.06
CA ASN H 341 29.34 62.99 10.78
C ASN H 341 30.78 63.20 11.21
N LEU H 342 31.15 62.66 12.38
CA LEU H 342 32.52 62.84 12.86
C LEU H 342 33.52 62.20 11.91
N GLY H 343 33.21 61.01 11.40
CA GLY H 343 34.13 60.40 10.46
C GLY H 343 34.38 61.28 9.25
N THR H 344 33.31 61.79 8.65
CA THR H 344 33.51 62.63 7.47
C THR H 344 34.30 63.88 7.83
N THR H 345 33.99 64.49 8.97
CA THR H 345 34.66 65.73 9.35
C THR H 345 36.16 65.52 9.49
N VAL H 346 36.55 64.42 10.13
CA VAL H 346 37.98 64.15 10.31
C VAL H 346 38.67 64.00 8.98
N THR H 347 38.04 63.28 8.04
CA THR H 347 38.66 63.13 6.73
C THR H 347 38.91 64.48 6.06
N ASN H 348 37.89 65.35 6.07
CA ASN H 348 38.04 66.63 5.40
C ASN H 348 39.13 67.49 6.03
N LEU H 349 39.14 67.56 7.36
CA LEU H 349 40.16 68.38 8.02
C LEU H 349 41.55 67.83 7.73
N SER H 350 41.70 66.52 7.71
CA SER H 350 43.00 65.91 7.43
C SER H 350 43.50 66.31 6.04
N ALA H 351 42.62 66.21 5.04
CA ALA H 351 43.05 66.57 3.69
C ALA H 351 43.42 68.03 3.59
N SER H 352 42.67 68.91 4.26
CA SER H 352 43.00 70.33 4.23
C SER H 352 44.36 70.61 4.84
N ARG H 353 44.66 70.03 6.01
CA ARG H 353 45.97 70.25 6.60
C ARG H 353 47.07 69.74 5.69
N SER H 354 46.87 68.59 5.07
CA SER H 354 47.87 68.09 4.14
C SER H 354 48.11 69.09 3.02
N ARG H 355 47.04 69.67 2.49
CA ARG H 355 47.22 70.68 1.43
C ARG H 355 48.05 71.85 1.92
N ILE H 356 47.92 72.22 3.18
CA ILE H 356 48.73 73.34 3.70
C ILE H 356 50.19 72.93 3.83
N GLN H 357 50.45 71.73 4.33
CA GLN H 357 51.70 71.46 5.03
C GLN H 357 52.70 70.58 4.29
N ASP H 358 52.26 69.56 3.56
CA ASP H 358 53.16 68.56 3.01
C ASP H 358 53.98 69.12 1.85
N ALA H 359 54.96 68.33 1.42
CA ALA H 359 55.96 68.76 0.45
C ALA H 359 55.91 67.88 -0.79
N ASP H 360 55.94 68.51 -1.96
CA ASP H 360 55.95 67.78 -3.23
C ASP H 360 57.32 67.16 -3.46
N TYR H 361 57.38 66.14 -4.33
CA TYR H 361 58.67 65.57 -4.68
C TYR H 361 59.20 65.91 -6.07
N ALA H 362 58.35 66.07 -7.07
CA ALA H 362 58.87 66.43 -8.39
C ALA H 362 59.68 67.71 -8.31
N THR H 363 59.14 68.71 -7.62
CA THR H 363 59.81 70.00 -7.53
C THR H 363 61.15 69.87 -6.82
N GLU H 364 61.18 69.13 -5.72
CA GLU H 364 62.41 69.08 -4.93
C GLU H 364 63.49 68.31 -5.64
N VAL H 365 63.13 67.22 -6.32
CA VAL H 365 64.13 66.49 -7.09
C VAL H 365 64.72 67.40 -8.18
N SER H 366 63.85 68.13 -8.88
CA SER H 366 64.36 69.02 -9.91
C SER H 366 65.27 70.08 -9.33
N ASN H 367 64.88 70.68 -8.20
CA ASN H 367 65.72 71.69 -7.55
C ASN H 367 67.07 71.11 -7.19
N MET H 368 67.09 69.89 -6.68
CA MET H 368 68.33 69.27 -6.26
C MET H 368 69.29 69.13 -7.43
N THR H 369 68.80 68.60 -8.54
CA THR H 369 69.68 68.41 -9.69
C THR H 369 70.24 69.74 -10.20
N ARG H 370 69.33 70.70 -10.39
CA ARG H 370 69.72 72.02 -10.87
C ARG H 370 70.73 72.67 -9.94
N ALA H 371 70.65 72.41 -8.63
CA ALA H 371 71.59 73.02 -7.70
C ALA H 371 72.94 72.31 -7.73
N GLN H 372 72.95 71.00 -7.93
CA GLN H 372 74.22 70.27 -7.97
C GLN H 372 75.09 70.74 -9.14
N ILE H 373 74.45 70.95 -10.29
CA ILE H 373 75.22 71.33 -11.48
C ILE H 373 75.99 72.62 -11.24
N LEU H 374 75.33 73.61 -10.63
CA LEU H 374 75.97 74.90 -10.43
C LEU H 374 77.16 74.78 -9.50
N GLN H 375 77.05 73.94 -8.47
CA GLN H 375 78.16 73.74 -7.56
C GLN H 375 79.39 73.23 -8.31
N GLN H 376 79.19 72.21 -9.17
CA GLN H 376 80.34 71.70 -9.91
C GLN H 376 80.95 72.75 -10.84
N ALA H 377 80.11 73.45 -11.59
CA ALA H 377 80.65 74.44 -12.53
C ALA H 377 81.40 75.54 -11.81
N GLY H 378 80.86 76.00 -10.68
CA GLY H 378 81.56 77.01 -9.91
C GLY H 378 82.92 76.56 -9.45
N THR H 379 83.02 75.33 -8.96
CA THR H 379 84.32 74.86 -8.50
C THR H 379 85.33 74.87 -9.65
N SER H 380 84.94 74.35 -10.81
CA SER H 380 85.90 74.29 -11.91
C SER H 380 86.36 75.67 -12.33
N VAL H 381 85.43 76.63 -12.43
CA VAL H 381 85.85 77.95 -12.86
C VAL H 381 86.68 78.63 -11.79
N LEU H 382 86.45 78.29 -10.51
CA LEU H 382 87.29 78.87 -9.47
C LEU H 382 88.73 78.41 -9.59
N ALA H 383 88.94 77.13 -9.88
CA ALA H 383 90.30 76.66 -10.12
C ALA H 383 90.93 77.36 -11.30
N GLN H 384 90.17 77.47 -12.40
CA GLN H 384 90.63 78.21 -13.57
C GLN H 384 91.05 79.62 -13.20
N ALA H 385 90.26 80.30 -12.37
CA ALA H 385 90.56 81.68 -12.01
C ALA H 385 91.82 81.76 -11.17
N ASN H 386 91.94 80.89 -10.17
CA ASN H 386 93.13 80.90 -9.33
C ASN H 386 94.39 80.73 -10.15
N GLN H 387 94.32 79.95 -11.23
CA GLN H 387 95.53 79.80 -12.03
C GLN H 387 95.79 80.95 -12.99
N THR H 388 95.18 82.11 -12.79
CA THR H 388 95.33 83.18 -13.76
C THR H 388 96.67 83.90 -13.64
N THR H 389 97.16 84.07 -12.42
CA THR H 389 98.34 84.89 -12.21
C THR H 389 99.65 84.18 -12.53
N GLN H 390 99.59 82.93 -13.02
CA GLN H 390 100.82 82.25 -13.42
C GLN H 390 101.55 83.00 -14.51
N ASN H 391 100.81 83.57 -15.46
CA ASN H 391 101.42 84.22 -16.60
C ASN H 391 102.28 85.40 -16.17
N VAL H 392 102.00 85.96 -15.00
CA VAL H 392 102.76 87.11 -14.52
C VAL H 392 104.24 86.76 -14.38
N LEU H 393 104.52 85.51 -14.05
CA LEU H 393 105.88 85.10 -13.75
C LEU H 393 106.80 85.26 -14.95
N SER H 394 106.28 85.00 -16.15
CA SER H 394 107.15 84.85 -17.31
C SER H 394 107.90 86.13 -17.65
N LEU H 395 107.43 87.27 -17.16
CA LEU H 395 108.05 88.54 -17.54
C LEU H 395 109.47 88.65 -16.99
N LEU H 396 109.81 87.86 -15.99
CA LEU H 396 111.13 87.93 -15.38
C LEU H 396 111.64 86.55 -15.01
N ALA I 2 95.76 81.98 -43.55
CA ALA I 2 96.60 81.04 -42.85
C ALA I 2 96.07 80.77 -41.46
N GLN I 3 96.95 80.85 -40.46
CA GLN I 3 96.55 80.71 -39.06
C GLN I 3 96.13 82.07 -38.52
N VAL I 4 94.89 82.17 -38.11
CA VAL I 4 94.33 83.39 -37.54
C VAL I 4 93.73 83.04 -36.20
N ILE I 5 93.92 83.91 -35.21
CA ILE I 5 93.44 83.61 -33.87
C ILE I 5 92.33 84.53 -33.41
N ASN I 6 92.21 85.72 -33.98
CA ASN I 6 91.28 86.69 -33.43
C ASN I 6 89.84 86.20 -33.53
N THR I 7 89.54 85.38 -34.53
CA THR I 7 88.22 84.78 -34.65
C THR I 7 88.34 83.41 -35.30
N ASN I 8 87.54 82.47 -34.82
CA ASN I 8 87.49 81.12 -35.36
C ASN I 8 86.10 80.87 -35.90
N SER I 9 86.04 80.51 -37.18
CA SER I 9 84.75 80.35 -37.85
C SER I 9 84.15 78.96 -37.69
N LEU I 10 84.96 77.93 -37.47
CA LEU I 10 84.40 76.59 -37.29
C LEU I 10 83.47 76.55 -36.08
N SER I 11 83.93 77.09 -34.95
CA SER I 11 83.12 77.05 -33.74
C SER I 11 81.80 77.74 -33.94
N LEU I 12 81.79 78.86 -34.66
CA LEU I 12 80.54 79.52 -34.99
C LEU I 12 79.63 78.60 -35.77
N MET I 13 80.19 77.88 -36.74
CA MET I 13 79.40 76.97 -37.55
C MET I 13 78.75 75.88 -36.70
N THR I 14 79.51 75.28 -35.79
CA THR I 14 78.94 74.17 -35.02
C THR I 14 77.91 74.66 -34.02
N GLN I 15 78.16 75.80 -33.38
CA GLN I 15 77.13 76.38 -32.53
C GLN I 15 75.87 76.63 -33.32
N ASN I 16 76.02 77.16 -34.54
CA ASN I 16 74.89 77.30 -35.45
C ASN I 16 74.19 75.98 -35.65
N ASN I 17 74.95 74.91 -35.80
CA ASN I 17 74.39 73.65 -36.28
C ASN I 17 73.73 72.83 -35.20
N LEU I 18 73.99 73.13 -33.93
CA LEU I 18 73.47 72.28 -32.86
C LEU I 18 71.98 72.50 -32.58
N ASN I 19 71.50 73.73 -32.80
CA ASN I 19 70.14 74.08 -32.39
C ASN I 19 69.11 73.29 -33.19
N THR I 20 69.44 72.93 -34.42
CA THR I 20 68.52 72.18 -35.25
C THR I 20 68.13 70.87 -34.60
N SER I 21 69.11 70.12 -34.09
CA SER I 21 68.80 68.88 -33.40
C SER I 21 68.11 69.14 -32.07
N GLN I 22 68.54 70.18 -31.35
CA GLN I 22 67.96 70.42 -30.04
C GLN I 22 66.45 70.66 -30.14
N SER I 23 66.01 71.34 -31.20
CA SER I 23 64.58 71.60 -31.37
C SER I 23 63.79 70.31 -31.57
N ALA I 24 64.30 69.41 -32.41
CA ALA I 24 63.60 68.14 -32.64
C ALA I 24 63.52 67.34 -31.35
N LEU I 25 64.59 67.37 -30.56
CA LEU I 25 64.54 66.72 -29.26
C LEU I 25 63.38 67.26 -28.43
N ASN I 26 63.26 68.60 -28.36
CA ASN I 26 62.18 69.19 -27.58
C ASN I 26 60.81 68.69 -28.05
N THR I 27 60.58 68.69 -29.36
CA THR I 27 59.26 68.32 -29.85
C THR I 27 58.92 66.86 -29.50
N ALA I 28 59.89 65.96 -29.71
CA ALA I 28 59.62 64.56 -29.39
C ALA I 28 59.35 64.38 -27.91
N ILE I 29 60.09 65.07 -27.04
CA ILE I 29 59.83 64.93 -25.61
C ILE I 29 58.41 65.40 -25.28
N GLN I 30 57.97 66.49 -25.91
CA GLN I 30 56.64 67.00 -25.61
C GLN I 30 55.56 65.98 -25.94
N ARG I 31 55.67 65.34 -27.11
CA ARG I 31 54.58 64.44 -27.53
C ARG I 31 54.45 63.24 -26.59
N LEU I 32 55.57 62.71 -26.09
CA LEU I 32 55.51 61.50 -25.28
C LEU I 32 54.75 61.71 -23.99
N SER I 33 55.01 62.82 -23.30
CA SER I 33 54.33 63.07 -22.02
C SER I 33 52.90 63.53 -22.24
N SER I 34 52.65 64.30 -23.31
CA SER I 34 51.28 64.75 -23.55
C SER I 34 50.35 63.59 -23.84
N GLY I 35 50.78 62.68 -24.71
CA GLY I 35 49.98 61.55 -25.11
C GLY I 35 49.33 61.65 -26.47
N LEU I 36 49.33 62.84 -27.09
CA LEU I 36 48.62 63.04 -28.34
C LEU I 36 49.36 64.06 -29.20
N ARG I 37 49.07 64.01 -30.50
CA ARG I 37 49.93 64.66 -31.48
C ARG I 37 49.70 66.16 -31.54
N ILE I 38 48.45 66.61 -31.59
CA ILE I 38 48.13 68.01 -31.83
C ILE I 38 48.01 68.69 -30.48
N ASN I 39 49.01 69.50 -30.12
CA ASN I 39 49.00 70.23 -28.87
C ASN I 39 48.81 71.73 -29.05
N SER I 40 49.01 72.25 -30.25
CA SER I 40 48.82 73.67 -30.50
C SER I 40 48.44 73.85 -31.96
N ALA I 41 47.86 75.01 -32.27
CA ALA I 41 47.49 75.29 -33.65
C ALA I 41 48.70 75.33 -34.54
N LYS I 42 49.89 75.43 -33.95
CA LYS I 42 51.11 75.49 -34.73
C LYS I 42 51.38 74.19 -35.45
N ASP I 43 50.91 73.06 -34.89
CA ASP I 43 51.12 71.77 -35.55
C ASP I 43 50.43 71.73 -36.90
N ASP I 44 49.10 71.79 -36.90
CA ASP I 44 48.33 71.96 -38.14
C ASP I 44 46.99 72.55 -37.77
N ALA I 45 46.66 73.69 -38.37
CA ALA I 45 45.49 74.45 -37.91
C ALA I 45 44.20 73.74 -38.27
N ALA I 46 44.10 73.20 -39.48
CA ALA I 46 42.83 72.65 -39.94
C ALA I 46 42.40 71.45 -39.11
N GLY I 47 43.34 70.57 -38.76
CA GLY I 47 42.98 69.37 -38.03
C GLY I 47 42.42 69.65 -36.65
N GLN I 48 42.92 70.70 -36.00
CA GLN I 48 42.45 71.04 -34.67
C GLN I 48 40.97 71.39 -34.69
N ALA I 49 40.53 72.19 -35.66
CA ALA I 49 39.14 72.57 -35.74
C ALA I 49 38.25 71.35 -35.98
N ILE I 50 38.70 70.44 -36.83
CA ILE I 50 37.90 69.26 -37.14
C ILE I 50 37.75 68.39 -35.90
N ALA I 51 38.84 68.16 -35.16
CA ALA I 51 38.73 67.37 -33.94
C ALA I 51 37.81 68.03 -32.93
N ASN I 52 37.87 69.37 -32.83
CA ASN I 52 36.97 70.07 -31.93
C ASN I 52 35.52 69.85 -32.32
N ARG I 53 35.23 69.91 -33.62
CA ARG I 53 33.85 69.74 -34.05
C ARG I 53 33.37 68.31 -33.87
N PHE I 54 34.30 67.35 -33.85
CA PHE I 54 33.90 66.00 -33.45
C PHE I 54 33.57 65.94 -31.96
N THR I 55 34.37 66.61 -31.15
CA THR I 55 34.16 66.60 -29.71
C THR I 55 32.78 67.12 -29.36
N ALA I 56 32.36 68.19 -30.04
CA ALA I 56 31.04 68.75 -29.76
C ALA I 56 29.94 67.70 -29.96
N ASN I 57 30.00 66.97 -31.07
CA ASN I 57 28.97 65.99 -31.35
C ASN I 57 28.98 64.86 -30.34
N ILE I 58 30.16 64.35 -29.98
CA ILE I 58 30.18 63.25 -29.02
C ILE I 58 29.59 63.68 -27.68
N LYS I 59 30.01 64.84 -27.20
CA LYS I 59 29.54 65.31 -25.90
C LYS I 59 28.04 65.55 -25.90
N GLY I 60 27.50 66.05 -27.01
CA GLY I 60 26.05 66.25 -27.07
C GLY I 60 25.27 64.96 -27.18
N LEU I 61 25.71 64.04 -28.02
CA LEU I 61 24.98 62.79 -28.21
C LEU I 61 24.95 61.98 -26.92
N THR I 62 25.98 62.09 -26.09
CA THR I 62 25.98 61.33 -24.86
C THR I 62 24.80 61.72 -23.96
N GLN I 63 24.48 63.00 -23.88
CA GLN I 63 23.33 63.44 -23.08
C GLN I 63 22.03 63.12 -23.79
N ALA I 64 22.04 63.21 -25.13
CA ALA I 64 20.87 62.82 -25.89
C ALA I 64 20.47 61.39 -25.56
N GLN I 65 21.43 60.54 -25.24
CA GLN I 65 21.10 59.16 -24.90
C GLN I 65 20.39 59.07 -23.56
N ARG I 66 20.66 59.99 -22.63
CA ARG I 66 20.01 59.95 -21.33
C ARG I 66 18.56 60.41 -21.40
N ASN I 67 18.33 61.47 -22.18
CA ASN I 67 16.96 61.96 -22.28
C ASN I 67 16.00 60.84 -22.70
N ALA I 68 16.47 59.95 -23.58
CA ALA I 68 15.63 58.88 -24.07
C ALA I 68 15.22 57.93 -22.96
N ASN I 69 16.15 57.62 -22.05
CA ASN I 69 15.78 56.75 -20.94
C ASN I 69 14.76 57.42 -20.04
N ASP I 70 14.85 58.74 -19.88
CA ASP I 70 13.79 59.43 -19.16
C ASP I 70 12.43 59.21 -19.82
N GLY I 71 12.39 59.32 -21.14
CA GLY I 71 11.13 59.07 -21.84
C GLY I 71 10.61 57.66 -21.63
N ILE I 72 11.49 56.68 -21.71
CA ILE I 72 11.06 55.30 -21.51
C ILE I 72 10.48 55.13 -20.12
N SER I 73 11.09 55.77 -19.12
CA SER I 73 10.59 55.64 -17.75
C SER I 73 9.17 56.21 -17.62
N LEU I 74 8.92 57.37 -18.22
CA LEU I 74 7.57 57.94 -18.14
C LEU I 74 6.54 57.03 -18.78
N ALA I 75 6.82 56.57 -19.99
CA ALA I 75 5.88 55.70 -20.69
C ALA I 75 5.63 54.43 -19.89
N GLN I 76 6.68 53.91 -19.23
CA GLN I 76 6.53 52.71 -18.44
C GLN I 76 5.68 52.96 -17.20
N THR I 77 5.81 54.14 -16.60
CA THR I 77 5.05 54.43 -15.39
C THR I 77 3.55 54.46 -15.66
N THR I 78 3.14 55.00 -16.81
CA THR I 78 1.70 55.18 -17.02
C THR I 78 0.93 53.86 -17.13
N GLU I 79 1.51 52.86 -17.81
CA GLU I 79 0.76 51.64 -18.10
C GLU I 79 0.34 50.90 -16.84
N GLY I 80 1.21 50.87 -15.83
CA GLY I 80 0.86 50.20 -14.59
C GLY I 80 -0.39 50.79 -13.98
N ALA I 81 -0.53 52.11 -14.03
CA ALA I 81 -1.75 52.73 -13.54
C ALA I 81 -2.95 52.32 -14.38
N LEU I 82 -2.76 52.25 -15.70
CA LEU I 82 -3.89 51.92 -16.58
C LEU I 82 -4.47 50.54 -16.29
N THR I 83 -3.61 49.59 -15.90
CA THR I 83 -4.07 48.22 -15.74
C THR I 83 -5.18 48.11 -14.68
N GLU I 84 -5.06 48.83 -13.56
CA GLU I 84 -6.04 48.68 -12.49
C GLU I 84 -7.39 49.27 -12.89
N VAL I 85 -7.38 50.37 -13.64
CA VAL I 85 -8.62 50.85 -14.22
C VAL I 85 -9.26 49.74 -15.03
N ASN I 86 -8.46 49.05 -15.84
CA ASN I 86 -9.02 47.99 -16.66
C ASN I 86 -9.63 46.90 -15.79
N ASN I 87 -8.94 46.52 -14.73
CA ASN I 87 -9.41 45.42 -13.88
C ASN I 87 -10.70 45.79 -13.18
N ASN I 88 -10.90 47.07 -12.87
CA ASN I 88 -12.15 47.47 -12.23
C ASN I 88 -13.31 47.44 -13.21
N LEU I 89 -13.10 47.96 -14.41
CA LEU I 89 -14.17 47.90 -15.41
C LEU I 89 -14.58 46.46 -15.70
N GLN I 90 -13.59 45.58 -15.78
CA GLN I 90 -13.83 44.20 -16.15
C GLN I 90 -14.73 43.51 -15.12
N ARG I 91 -14.66 43.98 -13.87
CA ARG I 91 -15.53 43.46 -12.81
C ARG I 91 -16.91 44.08 -12.86
N ILE I 92 -16.98 45.38 -13.11
CA ILE I 92 -18.27 46.06 -13.13
C ILE I 92 -19.17 45.42 -14.15
N ARG I 93 -18.61 45.04 -15.30
CA ARG I 93 -19.48 44.48 -16.34
C ARG I 93 -20.10 43.16 -15.88
N GLU I 94 -19.29 42.30 -15.26
CA GLU I 94 -19.81 41.06 -14.72
C GLU I 94 -20.90 41.30 -13.69
N LEU I 95 -20.68 42.27 -12.80
CA LEU I 95 -21.72 42.56 -11.81
C LEU I 95 -23.01 42.99 -12.49
N SER I 96 -22.91 43.84 -13.50
CA SER I 96 -24.11 44.34 -14.15
C SER I 96 -24.84 43.24 -14.89
N VAL I 97 -24.14 42.16 -15.26
CA VAL I 97 -24.86 41.01 -15.82
C VAL I 97 -25.82 40.42 -14.80
N GLN I 98 -25.41 40.39 -13.53
CA GLN I 98 -26.20 39.71 -12.50
C GLN I 98 -27.50 40.44 -12.22
N ALA I 99 -27.49 41.76 -12.30
CA ALA I 99 -28.64 42.56 -11.92
C ALA I 99 -29.65 42.72 -13.03
N ALA I 100 -29.67 41.82 -14.01
CA ALA I 100 -30.61 41.90 -15.10
C ALA I 100 -31.65 40.79 -15.09
N THR I 101 -31.46 39.75 -14.29
CA THR I 101 -32.45 38.70 -14.17
C THR I 101 -33.65 39.21 -13.36
N GLY I 102 -34.83 38.67 -13.67
CA GLY I 102 -36.05 39.20 -13.07
C GLY I 102 -36.36 38.60 -11.72
N SER I 103 -35.45 37.81 -11.16
CA SER I 103 -35.75 37.09 -9.93
C SER I 103 -35.28 37.84 -8.69
N ASN I 104 -34.50 38.90 -8.86
CA ASN I 104 -33.96 39.62 -7.72
C ASN I 104 -35.04 40.47 -7.06
N SER I 105 -34.75 40.94 -5.85
CA SER I 105 -35.62 41.89 -5.17
C SER I 105 -34.88 43.20 -4.95
N ALA I 106 -35.63 44.21 -4.49
CA ALA I 106 -35.10 45.58 -4.45
C ALA I 106 -33.89 45.71 -3.54
N SER I 107 -33.95 45.12 -2.35
CA SER I 107 -32.81 45.19 -1.44
C SER I 107 -31.55 44.64 -2.08
N ASP I 108 -31.68 43.54 -2.83
CA ASP I 108 -30.52 42.98 -3.50
C ASP I 108 -29.94 43.94 -4.52
N LEU I 109 -30.79 44.64 -5.25
CA LEU I 109 -30.30 45.63 -6.18
C LEU I 109 -29.52 46.71 -5.44
N GLN I 110 -29.97 47.09 -4.24
CA GLN I 110 -29.18 48.02 -3.44
C GLN I 110 -27.82 47.45 -3.08
N SER I 111 -27.81 46.18 -2.67
CA SER I 111 -26.57 45.54 -2.25
C SER I 111 -25.57 45.48 -3.40
N ILE I 112 -26.07 45.39 -4.63
CA ILE I 112 -25.16 45.41 -5.77
C ILE I 112 -24.71 46.83 -6.08
N GLN I 113 -25.64 47.78 -6.01
CA GLN I 113 -25.34 49.13 -6.45
C GLN I 113 -24.26 49.78 -5.60
N ASP I 114 -24.26 49.54 -4.29
CA ASP I 114 -23.23 50.19 -3.49
C ASP I 114 -21.83 49.70 -3.86
N GLU I 115 -21.68 48.41 -4.12
CA GLU I 115 -20.39 47.92 -4.59
C GLU I 115 -19.99 48.56 -5.89
N ILE I 116 -20.94 48.73 -6.81
CA ILE I 116 -20.62 49.41 -8.05
C ILE I 116 -20.13 50.82 -7.75
N LYS I 117 -20.74 51.47 -6.77
CA LYS I 117 -20.38 52.85 -6.46
C LYS I 117 -18.92 52.95 -6.04
N GLN I 118 -18.46 52.01 -5.20
CA GLN I 118 -17.07 52.10 -4.74
C GLN I 118 -16.07 51.97 -5.90
N ARG I 119 -16.29 50.99 -6.77
CA ARG I 119 -15.43 50.83 -7.94
C ARG I 119 -15.44 52.09 -8.79
N LEU I 120 -16.59 52.75 -8.90
CA LEU I 120 -16.64 53.96 -9.72
C LEU I 120 -15.74 55.05 -9.16
N GLU I 121 -15.51 55.06 -7.84
CA GLU I 121 -14.69 56.12 -7.26
C GLU I 121 -13.21 55.80 -7.34
N GLU I 122 -12.86 54.50 -7.36
CA GLU I 122 -11.43 54.18 -7.53
C GLU I 122 -10.82 54.82 -8.78
N ILE I 123 -11.56 54.84 -9.88
CA ILE I 123 -11.04 55.43 -11.11
C ILE I 123 -10.77 56.92 -10.92
N ASN I 124 -11.73 57.63 -10.34
CA ASN I 124 -11.56 59.05 -10.12
C ASN I 124 -10.40 59.34 -9.19
N ARG I 125 -10.17 58.47 -8.20
CA ARG I 125 -9.03 58.68 -7.32
C ARG I 125 -7.71 58.44 -8.05
N VAL I 126 -7.59 57.32 -8.76
CA VAL I 126 -6.33 56.99 -9.41
C VAL I 126 -5.96 58.04 -10.45
N SER I 127 -6.94 58.68 -11.07
CA SER I 127 -6.62 59.72 -12.04
C SER I 127 -5.86 60.86 -11.38
N GLU I 128 -6.25 61.24 -10.17
CA GLU I 128 -5.62 62.38 -9.51
C GLU I 128 -4.33 61.99 -8.80
N GLN I 129 -4.28 60.79 -8.22
CA GLN I 129 -3.15 60.40 -7.39
C GLN I 129 -1.87 60.30 -8.20
N THR I 130 -1.89 59.54 -9.28
CA THR I 130 -0.67 59.15 -9.97
C THR I 130 0.02 60.35 -10.59
N GLN I 131 1.33 60.46 -10.36
CA GLN I 131 2.10 61.53 -10.97
C GLN I 131 3.56 61.12 -11.06
N PHE I 132 4.27 61.74 -11.99
CA PHE I 132 5.65 61.42 -12.28
C PHE I 132 6.42 62.73 -12.34
N ASN I 133 7.28 62.97 -11.35
CA ASN I 133 8.12 64.16 -11.31
C ASN I 133 7.29 65.43 -11.37
N GLY I 134 6.14 65.41 -10.70
CA GLY I 134 5.32 66.60 -10.60
C GLY I 134 4.37 66.84 -11.74
N VAL I 135 4.20 65.89 -12.65
CA VAL I 135 3.31 66.04 -13.80
C VAL I 135 2.22 64.99 -13.71
N LYS I 136 0.97 65.42 -13.76
CA LYS I 136 -0.17 64.53 -13.73
C LYS I 136 -0.36 63.96 -15.13
N VAL I 137 -0.30 62.63 -15.25
CA VAL I 137 -0.21 62.04 -16.59
C VAL I 137 -1.58 61.71 -17.15
N LEU I 138 -2.55 61.40 -16.29
CA LEU I 138 -3.86 60.98 -16.76
C LEU I 138 -4.94 62.04 -16.59
N ALA I 139 -4.58 63.32 -16.55
CA ALA I 139 -5.59 64.32 -16.21
C ALA I 139 -5.48 65.61 -17.01
N LYS I 140 -4.76 65.64 -18.12
CA LYS I 140 -4.56 66.90 -18.80
C LYS I 140 -4.89 66.92 -20.29
N ASP I 141 -4.64 65.83 -21.01
CA ASP I 141 -4.98 65.74 -22.43
C ASP I 141 -4.16 66.70 -23.29
N THR I 142 -2.83 66.66 -23.12
CA THR I 142 -1.91 67.47 -23.92
C THR I 142 -0.72 66.61 -24.33
N LYS I 143 0.18 67.24 -25.09
CA LYS I 143 1.29 66.55 -25.73
C LYS I 143 2.63 67.07 -25.21
N MET I 144 3.47 66.19 -24.67
CA MET I 144 4.83 66.56 -24.32
C MET I 144 5.80 65.78 -25.18
N ASN I 145 6.97 66.35 -25.40
CA ASN I 145 7.91 65.84 -26.38
C ASN I 145 9.34 65.87 -25.87
N ILE I 146 10.04 64.76 -26.07
CA ILE I 146 11.42 64.61 -25.62
C ILE I 146 12.35 65.28 -26.64
N GLN I 147 13.62 65.43 -26.28
CA GLN I 147 14.64 65.78 -27.26
C GLN I 147 15.73 64.71 -27.32
N VAL I 148 15.87 64.11 -28.48
CA VAL I 148 16.93 63.15 -28.77
C VAL I 148 17.67 63.65 -30.00
N GLY I 149 18.97 63.83 -29.88
CA GLY I 149 19.73 64.43 -30.96
C GLY I 149 20.35 65.73 -30.53
N ALA I 150 21.27 66.28 -31.33
CA ALA I 150 22.13 67.35 -30.86
C ALA I 150 21.85 68.71 -31.49
N ASN I 151 20.68 68.92 -32.09
CA ASN I 151 20.37 70.22 -32.69
C ASN I 151 18.95 70.62 -32.37
N ASP I 152 18.58 71.80 -32.85
CA ASP I 152 17.26 72.34 -32.55
C ASP I 152 16.19 71.61 -33.34
N GLY I 153 15.06 71.36 -32.68
CA GLY I 153 13.97 70.67 -33.35
C GLY I 153 14.25 69.21 -33.64
N GLU I 154 14.55 68.43 -32.61
CA GLU I 154 14.76 67.00 -32.73
C GLU I 154 13.84 66.20 -31.82
N ILE I 155 12.56 66.53 -31.80
CA ILE I 155 11.69 66.02 -30.77
C ILE I 155 10.98 64.75 -31.24
N ILE I 156 10.46 64.02 -30.27
CA ILE I 156 9.51 62.92 -30.48
C ILE I 156 8.39 63.11 -29.48
N ALA I 157 7.15 63.01 -29.93
CA ALA I 157 6.01 63.40 -29.12
C ALA I 157 5.34 62.19 -28.47
N ILE I 158 4.73 62.42 -27.31
CA ILE I 158 3.85 61.44 -26.66
C ILE I 158 2.49 62.11 -26.49
N ASP I 159 1.42 61.32 -26.38
CA ASP I 159 0.10 61.89 -26.65
C ASP I 159 -0.66 62.24 -25.36
N LEU I 160 -0.75 61.32 -24.41
CA LEU I 160 -1.23 61.62 -23.06
C LEU I 160 -2.65 62.20 -23.02
N LYS I 161 -3.63 61.38 -23.35
CA LYS I 161 -5.01 61.79 -23.16
C LYS I 161 -5.42 61.68 -21.70
N GLU I 162 -6.69 61.96 -21.43
CA GLU I 162 -7.16 62.21 -20.07
C GLU I 162 -8.36 61.32 -19.74
N ILE I 163 -8.28 60.62 -18.62
CA ILE I 163 -9.21 59.55 -18.29
C ILE I 163 -9.82 59.80 -16.92
N THR I 164 -11.14 59.87 -16.85
CA THR I 164 -11.86 59.92 -15.59
C THR I 164 -13.13 59.11 -15.72
N ALA I 165 -14.07 59.33 -14.81
CA ALA I 165 -15.37 58.68 -14.93
C ALA I 165 -16.36 59.56 -15.65
N LYS I 166 -16.06 60.84 -15.80
CA LYS I 166 -16.92 61.72 -16.55
C LYS I 166 -16.57 61.68 -18.03
N THR I 167 -15.29 61.51 -18.34
CA THR I 167 -14.86 61.41 -19.72
C THR I 167 -15.31 60.10 -20.35
N LEU I 168 -15.21 59.00 -19.64
CA LEU I 168 -15.59 57.71 -20.19
C LEU I 168 -17.08 57.58 -20.43
N GLY I 169 -17.89 58.53 -19.97
CA GLY I 169 -19.32 58.48 -20.18
C GLY I 169 -20.08 57.71 -19.14
N LEU I 170 -19.43 57.25 -18.09
CA LEU I 170 -20.07 56.43 -17.07
C LEU I 170 -20.64 57.26 -15.93
N ASP I 171 -20.76 58.57 -16.10
CA ASP I 171 -21.33 59.39 -15.04
C ASP I 171 -22.80 59.07 -14.85
N GLY I 172 -23.22 58.99 -13.61
CA GLY I 172 -24.62 58.68 -13.33
C GLY I 172 -25.05 57.33 -13.84
N PHE I 173 -24.16 56.34 -13.73
CA PHE I 173 -24.45 54.98 -14.15
C PHE I 173 -24.98 54.23 -12.94
N ASN I 174 -26.12 53.58 -13.10
CA ASN I 174 -26.75 52.95 -11.95
C ASN I 174 -27.71 51.87 -12.40
N VAL I 175 -28.08 51.04 -11.45
CA VAL I 175 -29.19 50.10 -11.57
C VAL I 175 -30.06 50.28 -10.33
N SER I 176 -31.31 49.84 -10.43
CA SER I 176 -32.35 49.89 -9.40
C SER I 176 -33.08 51.22 -9.31
N GLY I 177 -32.70 52.23 -10.07
CA GLY I 177 -33.51 53.42 -10.15
C GLY I 177 -33.55 54.23 -8.87
N PRO I 178 -34.53 55.11 -8.75
CA PRO I 178 -34.51 56.12 -7.69
C PRO I 178 -34.71 55.48 -6.33
N LYS I 179 -34.48 56.27 -5.28
CA LYS I 179 -34.65 55.75 -3.93
C LYS I 179 -35.80 56.39 -3.17
N GLY I 180 -35.87 57.71 -3.11
CA GLY I 180 -36.99 58.37 -2.48
C GLY I 180 -37.71 59.25 -3.48
N THR I 181 -38.79 59.86 -3.04
CA THR I 181 -39.47 60.80 -3.92
C THR I 181 -38.54 61.95 -4.24
N PRO I 182 -38.22 62.17 -5.50
CA PRO I 182 -37.23 63.18 -5.85
C PRO I 182 -37.74 64.59 -5.58
N ALA I 183 -36.79 65.51 -5.39
CA ALA I 183 -37.07 66.90 -5.06
C ALA I 183 -36.22 67.82 -5.93
N ALA I 184 -36.59 69.10 -5.95
CA ALA I 184 -35.97 70.06 -6.85
C ALA I 184 -34.50 70.26 -6.52
N LEU I 185 -33.81 71.00 -7.40
CA LEU I 185 -32.36 71.10 -7.37
C LEU I 185 -31.95 72.41 -6.70
N VAL I 186 -30.99 72.32 -5.78
CA VAL I 186 -30.35 73.48 -5.17
C VAL I 186 -29.22 73.96 -6.06
N ALA I 187 -28.68 75.14 -5.76
CA ALA I 187 -27.58 75.68 -6.56
C ALA I 187 -26.28 74.91 -6.33
N ALA I 188 -26.21 74.11 -5.27
CA ALA I 188 -24.99 73.34 -5.03
C ALA I 188 -24.79 72.26 -6.09
N ASP I 189 -25.87 71.61 -6.50
CA ASP I 189 -25.76 70.49 -7.42
C ASP I 189 -25.18 70.94 -8.75
N TYR I 190 -25.57 72.12 -9.21
CA TYR I 190 -24.95 72.69 -10.40
C TYR I 190 -23.45 72.83 -10.23
N GLN I 191 -23.01 73.24 -9.04
CA GLN I 191 -21.58 73.37 -8.79
C GLN I 191 -20.88 72.03 -8.88
N ALA I 192 -21.48 70.99 -8.32
CA ALA I 192 -20.85 69.67 -8.37
C ALA I 192 -20.77 69.15 -9.79
N ALA I 193 -21.82 69.38 -10.58
CA ALA I 193 -21.85 68.82 -11.92
C ALA I 193 -20.95 69.60 -12.88
N TYR I 194 -20.86 70.92 -12.72
CA TYR I 194 -20.20 71.76 -13.72
C TYR I 194 -19.09 72.64 -13.16
N GLY I 195 -18.59 72.36 -11.97
CA GLY I 195 -17.52 73.18 -11.43
C GLY I 195 -18.05 74.25 -10.48
N THR I 196 -17.12 74.90 -9.78
CA THR I 196 -17.51 75.81 -8.71
C THR I 196 -17.93 77.18 -9.23
N THR I 197 -17.37 77.63 -10.34
CA THR I 197 -17.68 78.94 -10.89
C THR I 197 -18.75 78.88 -11.97
N THR I 198 -19.68 77.94 -11.87
CA THR I 198 -20.62 77.74 -12.96
C THR I 198 -21.63 78.87 -13.00
N ASN I 199 -22.40 78.91 -14.08
CA ASN I 199 -23.44 79.91 -14.25
C ASN I 199 -24.79 79.32 -14.62
N VAL I 200 -24.88 78.01 -14.85
CA VAL I 200 -26.16 77.40 -15.14
C VAL I 200 -27.01 77.38 -13.88
N THR I 201 -28.32 77.62 -14.02
CA THR I 201 -29.22 77.69 -12.88
C THR I 201 -30.51 76.91 -13.02
N THR I 202 -30.98 76.64 -14.23
CA THR I 202 -32.26 75.96 -14.40
C THR I 202 -32.20 75.05 -15.63
N THR I 203 -33.09 74.07 -15.65
CA THR I 203 -33.01 72.99 -16.63
C THR I 203 -34.34 72.82 -17.36
N ALA I 204 -34.25 72.42 -18.63
CA ALA I 204 -35.42 72.26 -19.50
C ALA I 204 -35.30 70.98 -20.31
N VAL I 205 -36.37 70.20 -20.36
CA VAL I 205 -36.34 68.87 -20.96
C VAL I 205 -37.50 68.74 -21.96
N THR I 206 -37.17 68.33 -23.19
CA THR I 206 -38.16 68.05 -24.23
C THR I 206 -37.62 66.94 -25.11
N GLU I 207 -38.50 66.02 -25.51
CA GLU I 207 -38.06 64.91 -26.32
C GLU I 207 -37.84 65.34 -27.77
N SER I 208 -36.96 64.61 -28.46
CA SER I 208 -36.37 65.12 -29.69
C SER I 208 -37.38 65.31 -30.81
N SER I 209 -38.17 64.27 -31.10
CA SER I 209 -39.15 64.33 -32.17
C SER I 209 -40.54 64.33 -31.56
N ALA I 210 -41.49 64.95 -32.26
CA ALA I 210 -42.83 65.06 -31.73
C ALA I 210 -43.42 63.69 -31.44
N ASN I 211 -43.78 63.47 -30.18
CA ASN I 211 -44.59 62.35 -29.70
C ASN I 211 -44.32 61.05 -30.47
N ALA I 212 -43.04 60.66 -30.52
CA ALA I 212 -42.70 59.37 -31.10
C ALA I 212 -42.90 58.25 -30.09
N LEU I 213 -42.84 58.58 -28.80
CA LEU I 213 -42.97 57.55 -27.77
C LEU I 213 -44.35 56.89 -27.82
N ALA I 214 -45.40 57.69 -27.97
CA ALA I 214 -46.73 57.10 -28.07
C ALA I 214 -46.81 56.14 -29.25
N GLY I 215 -46.35 56.58 -30.42
CA GLY I 215 -46.45 55.74 -31.59
C GLY I 215 -45.65 54.45 -31.47
N ARG I 216 -44.47 54.54 -30.87
CA ARG I 216 -43.69 53.33 -30.60
C ARG I 216 -44.40 52.44 -29.60
N LEU I 217 -45.20 53.03 -28.73
CA LEU I 217 -45.86 52.29 -27.66
C LEU I 217 -47.32 52.01 -27.95
N GLY I 218 -47.85 52.51 -29.05
CA GLY I 218 -49.14 52.08 -29.55
C GLY I 218 -50.35 52.43 -28.71
N VAL I 219 -50.49 53.70 -28.35
CA VAL I 219 -51.70 54.21 -27.72
C VAL I 219 -52.09 55.51 -28.40
N ALA I 220 -53.13 56.13 -27.87
CA ALA I 220 -53.58 57.42 -28.41
C ALA I 220 -52.50 58.47 -28.18
N ASN I 221 -52.58 59.54 -28.96
CA ASN I 221 -51.49 60.50 -29.00
C ASN I 221 -51.38 61.30 -27.71
N GLY I 222 -52.53 61.58 -27.07
CA GLY I 222 -52.51 62.48 -25.93
C GLY I 222 -52.52 61.80 -24.57
N SER I 223 -52.30 60.49 -24.51
CA SER I 223 -52.39 59.81 -23.22
C SER I 223 -51.15 60.04 -22.37
N VAL I 224 -49.98 60.15 -22.98
CA VAL I 224 -48.71 60.27 -22.26
C VAL I 224 -48.42 61.76 -22.07
N ALA I 225 -47.64 62.07 -21.03
CA ALA I 225 -47.30 63.44 -20.71
C ALA I 225 -45.91 63.50 -20.08
N LEU I 226 -45.10 64.45 -20.55
CA LEU I 226 -43.72 64.60 -20.13
C LEU I 226 -43.63 65.71 -19.09
N ALA I 227 -42.68 65.59 -18.17
CA ALA I 227 -42.53 66.61 -17.14
C ALA I 227 -41.90 67.86 -17.71
N ALA I 228 -41.61 68.82 -16.83
CA ALA I 228 -41.10 70.11 -17.27
C ALA I 228 -39.62 70.28 -16.98
N THR I 229 -39.19 69.92 -15.77
CA THR I 229 -37.82 70.11 -15.35
C THR I 229 -37.26 68.82 -14.77
N ALA I 230 -35.94 68.78 -14.64
CA ALA I 230 -35.27 67.66 -13.99
C ALA I 230 -35.49 67.69 -12.49
N GLU I 231 -35.01 66.65 -11.82
CA GLU I 231 -35.21 66.47 -10.40
C GLU I 231 -34.16 65.50 -9.90
N LYS I 232 -33.95 65.45 -8.58
CA LYS I 232 -32.92 64.57 -8.04
C LYS I 232 -33.47 63.74 -6.89
N ASP I 233 -32.93 62.54 -6.74
CA ASP I 233 -33.23 61.69 -5.60
C ASP I 233 -32.15 61.85 -4.55
N ASP I 234 -32.12 60.95 -3.57
CA ASP I 234 -31.25 61.14 -2.42
C ASP I 234 -29.79 60.84 -2.75
N ASN I 235 -29.53 59.87 -3.62
CA ASN I 235 -28.16 59.51 -3.98
C ASN I 235 -27.51 60.52 -4.91
N GLY I 236 -28.23 61.54 -5.35
CA GLY I 236 -27.69 62.53 -6.24
C GLY I 236 -27.77 62.21 -7.71
N ASN I 237 -28.62 61.27 -8.10
CA ASN I 237 -28.83 60.94 -9.50
C ASN I 237 -30.05 61.69 -10.03
N TRP I 238 -29.88 62.40 -11.14
CA TRP I 238 -30.96 63.20 -11.68
C TRP I 238 -32.00 62.33 -12.38
N TYR I 239 -33.18 62.87 -12.62
CA TYR I 239 -34.27 62.08 -13.18
C TYR I 239 -35.23 62.96 -13.95
N ALA I 240 -36.07 62.31 -14.75
CA ALA I 240 -37.16 62.95 -15.47
C ALA I 240 -38.41 62.11 -15.29
N THR I 241 -39.58 62.73 -15.48
CA THR I 241 -40.84 62.09 -15.14
C THR I 241 -41.79 62.06 -16.32
N VAL I 242 -42.40 60.91 -16.57
CA VAL I 242 -43.52 60.79 -17.50
C VAL I 242 -44.70 60.26 -16.73
N THR I 243 -45.91 60.54 -17.21
CA THR I 243 -47.12 60.02 -16.60
C THR I 243 -48.07 59.56 -17.68
N ILE I 244 -48.77 58.45 -17.44
CA ILE I 244 -49.56 57.76 -18.45
C ILE I 244 -50.99 57.64 -17.95
N THR I 245 -51.94 57.83 -18.84
CA THR I 245 -53.37 57.73 -18.51
C THR I 245 -54.07 56.91 -19.58
N ALA I 246 -54.61 55.75 -19.19
CA ALA I 246 -55.23 54.85 -20.15
C ALA I 246 -56.60 55.36 -20.57
N GLY I 247 -56.88 55.33 -21.87
CA GLY I 247 -58.13 55.87 -22.36
C GLY I 247 -59.28 54.88 -22.32
N SER I 248 -59.05 53.66 -22.81
CA SER I 248 -60.13 52.70 -22.93
C SER I 248 -59.61 51.31 -22.62
N ALA I 249 -60.53 50.39 -22.35
CA ALA I 249 -60.17 49.07 -21.86
C ALA I 249 -59.40 48.28 -22.91
N THR I 250 -59.41 48.73 -24.16
CA THR I 250 -58.61 48.05 -25.18
C THR I 250 -57.13 48.25 -24.93
N GLU I 251 -56.71 49.49 -24.72
CA GLU I 251 -55.29 49.80 -24.68
C GLU I 251 -54.62 49.47 -23.35
N VAL I 252 -55.39 49.21 -22.30
CA VAL I 252 -54.80 48.59 -21.12
C VAL I 252 -54.15 47.27 -21.49
N SER I 253 -54.81 46.48 -22.33
CA SER I 253 -54.25 45.22 -22.76
C SER I 253 -52.98 45.44 -23.58
N THR I 254 -52.98 46.46 -24.43
CA THR I 254 -51.78 46.78 -25.19
C THR I 254 -50.61 47.10 -24.27
N LEU I 255 -50.84 47.95 -23.29
CA LEU I 255 -49.77 48.30 -22.35
C LEU I 255 -49.32 47.06 -21.58
N LYS I 256 -50.25 46.20 -21.19
CA LYS I 256 -49.86 44.99 -20.48
C LYS I 256 -48.94 44.13 -21.34
N ALA I 257 -49.24 44.03 -22.63
CA ALA I 257 -48.36 43.29 -23.52
C ALA I 257 -47.00 43.93 -23.61
N LYS I 258 -46.96 45.26 -23.55
CA LYS I 258 -45.67 45.95 -23.58
C LYS I 258 -44.95 45.84 -22.25
N GLY I 259 -45.67 45.50 -21.18
CA GLY I 259 -45.08 45.21 -19.89
C GLY I 259 -45.27 46.27 -18.83
N PHE I 260 -46.34 47.07 -18.84
CA PHE I 260 -46.36 48.26 -18.00
C PHE I 260 -47.29 48.11 -16.80
N GLU I 261 -48.39 47.38 -16.95
CA GLU I 261 -49.29 47.08 -15.83
C GLU I 261 -49.90 48.35 -15.25
N VAL I 262 -50.71 49.02 -16.05
CA VAL I 262 -51.36 50.26 -15.65
C VAL I 262 -52.84 49.98 -15.42
N GLU I 263 -53.54 50.96 -14.87
CA GLU I 263 -54.96 50.88 -14.57
C GLU I 263 -55.76 51.64 -15.64
N ASN I 264 -57.07 51.69 -15.47
CA ASN I 264 -57.96 52.46 -16.34
C ASN I 264 -58.36 53.75 -15.64
N GLY I 265 -58.13 54.88 -16.31
CA GLY I 265 -58.60 56.16 -15.82
C GLY I 265 -57.81 56.76 -14.69
N VAL I 266 -56.70 56.13 -14.27
CA VAL I 266 -55.91 56.61 -13.15
C VAL I 266 -54.50 56.88 -13.64
N ALA I 267 -54.03 58.10 -13.43
CA ALA I 267 -52.69 58.47 -13.85
C ALA I 267 -51.64 57.75 -13.01
N LYS I 268 -50.54 57.39 -13.67
CA LYS I 268 -49.41 56.76 -13.00
C LYS I 268 -48.15 57.33 -13.64
N GLU I 269 -47.03 57.23 -12.94
CA GLU I 269 -45.81 57.85 -13.41
C GLU I 269 -44.62 56.90 -13.34
N PHE I 270 -43.72 57.04 -14.31
CA PHE I 270 -42.46 56.31 -14.32
C PHE I 270 -41.33 57.29 -14.56
N TYR I 271 -40.09 56.83 -14.37
CA TYR I 271 -38.92 57.69 -14.37
C TYR I 271 -37.90 57.29 -15.43
N ILE I 272 -37.20 58.30 -15.94
CA ILE I 272 -36.15 58.12 -16.94
C ILE I 272 -34.89 58.80 -16.42
N ALA I 273 -33.79 58.04 -16.34
CA ALA I 273 -32.55 58.60 -15.81
C ALA I 273 -31.95 59.59 -16.79
N LEU I 274 -30.93 60.32 -16.33
CA LEU I 274 -30.25 61.30 -17.16
C LEU I 274 -28.75 61.30 -16.86
N ASP I 275 -27.98 61.65 -17.88
CA ASP I 275 -26.53 61.82 -17.76
C ASP I 275 -26.19 63.30 -17.79
N PRO I 276 -25.70 63.87 -16.68
CA PRO I 276 -25.58 65.33 -16.61
C PRO I 276 -24.65 65.94 -17.64
N GLN I 277 -23.77 65.16 -18.24
CA GLN I 277 -22.82 65.75 -19.18
C GLN I 277 -23.41 65.87 -20.58
N SER I 278 -24.59 65.28 -20.80
CA SER I 278 -25.10 65.18 -22.17
C SER I 278 -25.88 66.42 -22.58
N ALA I 279 -26.09 67.35 -21.64
CA ALA I 279 -26.84 68.56 -21.96
C ALA I 279 -26.09 69.38 -22.98
N ASP I 280 -26.79 70.33 -23.60
CA ASP I 280 -26.15 71.38 -24.36
C ASP I 280 -26.33 72.70 -23.62
N VAL I 281 -25.21 73.35 -23.29
CA VAL I 281 -25.21 74.50 -22.40
C VAL I 281 -24.67 75.74 -23.07
N THR I 282 -24.42 75.70 -24.37
CA THR I 282 -23.91 76.88 -25.06
C THR I 282 -25.01 77.63 -25.79
N THR I 283 -26.05 76.91 -26.23
CA THR I 283 -27.06 77.53 -27.07
C THR I 283 -27.85 78.60 -26.33
N THR I 284 -27.89 78.52 -25.01
CA THR I 284 -28.67 79.46 -24.20
C THR I 284 -28.02 79.56 -22.84
N ALA I 285 -27.51 80.75 -22.50
CA ALA I 285 -26.81 80.92 -21.25
C ALA I 285 -27.76 80.71 -20.07
N GLY I 286 -27.26 80.07 -19.02
CA GLY I 286 -28.00 79.88 -17.80
C GLY I 286 -28.94 78.70 -17.78
N THR I 287 -29.02 77.92 -18.87
CA THR I 287 -29.97 76.83 -18.96
C THR I 287 -29.29 75.60 -19.55
N ALA I 288 -29.53 74.45 -18.93
CA ALA I 288 -29.03 73.17 -19.41
C ALA I 288 -30.20 72.41 -20.03
N ALA I 289 -30.15 72.19 -21.34
CA ALA I 289 -31.28 71.66 -22.08
C ALA I 289 -31.06 70.19 -22.42
N PHE I 290 -32.05 69.37 -22.11
CA PHE I 290 -31.99 67.93 -22.33
C PHE I 290 -32.96 67.58 -23.44
N ALA I 291 -32.49 66.83 -24.43
CA ALA I 291 -33.31 66.42 -25.56
C ALA I 291 -33.34 64.90 -25.62
N LEU I 292 -34.32 64.32 -24.93
CA LEU I 292 -34.39 62.87 -24.82
C LEU I 292 -34.54 62.24 -26.20
N ASP I 293 -33.92 61.09 -26.38
CA ASP I 293 -33.95 60.35 -27.64
C ASP I 293 -34.80 59.11 -27.43
N THR I 294 -36.12 59.27 -27.57
CA THR I 294 -37.05 58.19 -27.24
C THR I 294 -37.35 57.30 -28.42
N ALA I 295 -36.78 57.60 -29.59
CA ALA I 295 -37.01 56.72 -30.74
C ALA I 295 -36.48 55.34 -30.46
N ASN I 296 -35.28 55.24 -29.89
CA ASN I 296 -34.68 53.94 -29.58
C ASN I 296 -34.09 53.98 -28.18
N ILE I 297 -34.93 53.68 -27.19
CA ILE I 297 -34.53 53.47 -25.81
C ILE I 297 -35.10 52.14 -25.37
N GLN I 298 -34.28 51.34 -24.70
CA GLN I 298 -34.75 50.09 -24.14
C GLN I 298 -35.99 50.33 -23.27
N LEU I 299 -37.10 49.72 -23.68
CA LEU I 299 -38.35 49.96 -22.94
C LEU I 299 -38.34 49.31 -21.57
N SER I 300 -37.63 48.19 -21.44
CA SER I 300 -37.66 47.47 -20.17
C SER I 300 -37.08 48.32 -19.06
N SER I 301 -36.31 49.35 -19.40
CA SER I 301 -35.77 50.23 -18.38
C SER I 301 -36.84 51.18 -17.87
N ILE I 302 -37.72 51.66 -18.74
CA ILE I 302 -38.67 52.69 -18.32
C ILE I 302 -39.53 52.21 -17.17
N THR I 303 -39.92 50.94 -17.17
CA THR I 303 -40.66 50.41 -16.02
C THR I 303 -39.83 50.52 -14.75
N SER I 304 -38.52 50.30 -14.85
CA SER I 304 -37.64 50.33 -13.70
C SER I 304 -36.85 51.63 -13.58
N GLY I 305 -36.58 52.30 -14.68
CA GLY I 305 -35.85 53.55 -14.66
C GLY I 305 -34.41 53.38 -14.22
N ALA I 306 -33.60 52.66 -14.99
CA ALA I 306 -32.20 52.48 -14.66
C ALA I 306 -31.35 52.41 -15.91
N SER I 307 -30.87 53.57 -16.37
CA SER I 307 -29.70 53.64 -17.24
C SER I 307 -29.77 52.70 -18.44
N SER I 308 -30.63 53.02 -19.41
CA SER I 308 -30.91 52.12 -20.52
C SER I 308 -29.65 51.62 -21.20
N ASN I 309 -29.62 50.32 -21.46
CA ASN I 309 -28.56 49.63 -22.20
C ASN I 309 -27.21 49.75 -21.53
N PRO I 310 -26.98 49.12 -20.37
CA PRO I 310 -25.64 49.20 -19.77
C PRO I 310 -24.61 48.28 -20.40
N LEU I 311 -25.01 47.06 -20.77
CA LEU I 311 -24.04 46.08 -21.25
C LEU I 311 -23.42 46.52 -22.57
N ALA I 312 -24.10 47.40 -23.29
CA ALA I 312 -23.49 48.01 -24.46
C ALA I 312 -22.68 49.24 -24.06
N LYS I 313 -22.98 49.80 -22.89
CA LYS I 313 -22.37 51.05 -22.49
C LYS I 313 -20.97 50.84 -21.94
N LEU I 314 -20.68 49.65 -21.40
CA LEU I 314 -19.35 49.41 -20.84
C LEU I 314 -18.32 49.09 -21.92
N ASP I 315 -18.77 48.56 -23.05
CA ASP I 315 -17.84 48.16 -24.09
C ASP I 315 -17.13 49.36 -24.70
N ALA I 316 -17.83 50.50 -24.80
CA ALA I 316 -17.17 51.71 -25.27
C ALA I 316 -16.04 52.11 -24.34
N ALA I 317 -16.24 52.00 -23.03
CA ALA I 317 -15.19 52.36 -22.08
C ALA I 317 -13.99 51.43 -22.22
N LEU I 318 -14.24 50.13 -22.34
CA LEU I 318 -13.11 49.22 -22.55
C LEU I 318 -12.34 49.57 -23.81
N ALA I 319 -13.03 49.89 -24.90
CA ALA I 319 -12.34 50.29 -26.11
C ALA I 319 -11.53 51.56 -25.89
N ASP I 320 -12.08 52.51 -25.16
CA ASP I 320 -11.37 53.78 -24.94
C ASP I 320 -10.06 53.55 -24.21
N VAL I 321 -10.04 52.62 -23.26
CA VAL I 321 -8.78 52.32 -22.58
C VAL I 321 -7.80 51.62 -23.54
N ASP I 322 -8.29 50.66 -24.32
CA ASP I 322 -7.38 49.90 -25.17
C ASP I 322 -6.71 50.77 -26.22
N THR I 323 -7.42 51.77 -26.73
CA THR I 323 -6.81 52.67 -27.71
C THR I 323 -5.55 53.32 -27.16
N LEU I 324 -5.65 53.95 -25.99
CA LEU I 324 -4.52 54.63 -25.42
C LEU I 324 -3.40 53.65 -25.10
N ARG I 325 -3.76 52.47 -24.61
CA ARG I 325 -2.73 51.50 -24.27
C ARG I 325 -1.90 51.14 -25.49
N SER I 326 -2.58 50.92 -26.63
CA SER I 326 -1.86 50.60 -27.86
C SER I 326 -0.95 51.74 -28.27
N SER I 327 -1.41 52.98 -28.15
CA SER I 327 -0.56 54.09 -28.56
C SER I 327 0.73 54.14 -27.73
N LEU I 328 0.61 53.91 -26.42
CA LEU I 328 1.81 53.95 -25.58
C LEU I 328 2.80 52.85 -25.95
N GLY I 329 2.31 51.63 -26.16
CA GLY I 329 3.23 50.56 -26.54
C GLY I 329 3.93 50.84 -27.86
N ALA I 330 3.17 51.31 -28.85
CA ALA I 330 3.76 51.62 -30.13
C ALA I 330 4.86 52.66 -30.00
N VAL I 331 4.62 53.69 -29.18
CA VAL I 331 5.67 54.67 -28.96
C VAL I 331 6.91 54.00 -28.40
N GLN I 332 6.74 53.21 -27.34
CA GLN I 332 7.89 52.65 -26.63
C GLN I 332 8.81 51.89 -27.57
N ASN I 333 8.25 51.21 -28.55
CA ASN I 333 9.12 50.42 -29.45
C ASN I 333 10.12 51.28 -30.21
N ARG I 334 9.63 52.23 -31.02
CA ARG I 334 10.51 53.15 -31.73
C ARG I 334 11.45 53.87 -30.78
N PHE I 335 10.89 54.28 -29.64
CA PHE I 335 11.62 55.18 -28.77
C PHE I 335 12.74 54.41 -28.10
N ASP I 336 12.63 53.08 -28.14
CA ASP I 336 13.73 52.19 -27.77
C ASP I 336 14.76 52.05 -28.88
N SER I 337 14.31 51.88 -30.13
CA SER I 337 15.27 51.67 -31.22
C SER I 337 16.25 52.84 -31.34
N VAL I 338 15.77 54.04 -31.02
CA VAL I 338 16.63 55.21 -31.09
C VAL I 338 17.94 54.97 -30.34
N ILE I 339 17.88 54.31 -29.19
CA ILE I 339 19.05 54.19 -28.33
C ILE I 339 20.11 53.30 -28.95
N SER I 340 19.71 52.15 -29.50
CA SER I 340 20.72 51.26 -30.07
C SER I 340 21.33 51.87 -31.32
N ASN I 341 20.62 52.79 -31.97
CA ASN I 341 21.30 53.56 -33.02
C ASN I 341 22.33 54.52 -32.41
N LEU I 342 21.93 55.27 -31.39
CA LEU I 342 22.79 56.29 -30.83
C LEU I 342 24.04 55.68 -30.23
N GLY I 343 23.95 54.42 -29.83
CA GLY I 343 25.14 53.77 -29.29
C GLY I 343 26.22 53.62 -30.32
N THR I 344 25.87 53.13 -31.51
CA THR I 344 26.86 52.90 -32.55
C THR I 344 27.44 54.20 -33.07
N THR I 345 26.59 55.22 -33.22
CA THR I 345 27.10 56.47 -33.80
C THR I 345 28.26 57.03 -32.98
N VAL I 346 28.17 56.96 -31.66
CA VAL I 346 29.20 57.53 -30.81
C VAL I 346 30.51 56.75 -30.95
N THR I 347 30.43 55.43 -31.01
CA THR I 347 31.65 54.64 -31.18
C THR I 347 32.35 55.00 -32.45
N ASN I 348 31.61 55.08 -33.55
CA ASN I 348 32.25 55.37 -34.82
C ASN I 348 32.87 56.76 -34.83
N LEU I 349 32.17 57.74 -34.24
CA LEU I 349 32.73 59.08 -34.18
C LEU I 349 33.98 59.13 -33.31
N SER I 350 33.98 58.39 -32.21
CA SER I 350 35.15 58.37 -31.34
C SER I 350 36.37 57.85 -32.05
N ALA I 351 36.23 56.72 -32.76
CA ALA I 351 37.37 56.20 -33.49
C ALA I 351 37.84 57.16 -34.58
N SER I 352 36.89 57.74 -35.32
CA SER I 352 37.28 58.64 -36.41
C SER I 352 37.97 59.88 -35.88
N ARG I 353 37.62 60.34 -34.68
CA ARG I 353 38.39 61.42 -34.08
C ARG I 353 39.77 60.96 -33.68
N SER I 354 39.86 59.77 -33.08
CA SER I 354 41.15 59.28 -32.64
C SER I 354 42.15 59.23 -33.79
N ARG I 355 41.66 58.93 -34.99
CA ARG I 355 42.61 58.73 -36.09
C ARG I 355 43.25 60.04 -36.55
N ILE I 356 42.91 61.16 -35.93
CA ILE I 356 43.46 62.43 -36.38
C ILE I 356 44.54 62.93 -35.42
N GLN I 357 44.32 62.78 -34.11
CA GLN I 357 45.08 63.53 -33.14
C GLN I 357 45.83 62.71 -32.11
N ASP I 358 46.17 61.44 -32.37
CA ASP I 358 46.86 60.68 -31.34
C ASP I 358 48.27 60.29 -31.76
N ALA I 359 49.14 60.12 -30.76
CA ALA I 359 50.55 59.84 -30.98
C ALA I 359 50.75 58.40 -31.45
N ASP I 360 52.00 57.98 -31.56
CA ASP I 360 52.25 56.66 -32.13
C ASP I 360 53.02 55.75 -31.18
N TYR I 361 53.98 56.30 -30.44
CA TYR I 361 54.78 55.50 -29.50
C TYR I 361 55.61 54.42 -30.18
N ALA I 362 55.70 54.45 -31.50
CA ALA I 362 56.71 53.66 -32.20
C ALA I 362 57.54 54.53 -33.12
N THR I 363 57.03 55.71 -33.45
CA THR I 363 57.83 56.69 -34.15
C THR I 363 58.52 57.63 -33.16
N GLU I 364 57.79 58.03 -32.12
CA GLU I 364 58.32 59.05 -31.21
C GLU I 364 59.55 58.54 -30.48
N VAL I 365 59.51 57.28 -30.03
CA VAL I 365 60.62 56.75 -29.26
C VAL I 365 61.89 56.73 -30.12
N SER I 366 61.76 56.27 -31.36
CA SER I 366 62.92 56.23 -32.24
C SER I 366 63.43 57.63 -32.57
N ASN I 367 62.52 58.59 -32.76
CA ASN I 367 62.95 59.96 -33.06
C ASN I 367 63.71 60.57 -31.88
N MET I 368 63.21 60.37 -30.67
CA MET I 368 63.94 60.80 -29.49
C MET I 368 65.32 60.17 -29.44
N THR I 369 65.38 58.86 -29.70
CA THR I 369 66.67 58.17 -29.69
C THR I 369 67.65 58.80 -30.68
N ARG I 370 67.21 59.01 -31.92
CA ARG I 370 68.09 59.59 -32.92
C ARG I 370 68.56 60.98 -32.53
N ALA I 371 67.64 61.81 -32.04
CA ALA I 371 67.99 63.18 -31.70
C ALA I 371 69.00 63.21 -30.57
N GLN I 372 68.86 62.33 -29.58
CA GLN I 372 69.81 62.33 -28.47
C GLN I 372 71.23 62.07 -28.94
N ILE I 373 71.39 61.11 -29.84
CA ILE I 373 72.73 60.73 -30.27
C ILE I 373 73.35 61.83 -31.12
N LEU I 374 72.56 62.46 -31.98
CA LEU I 374 73.11 63.61 -32.71
C LEU I 374 73.52 64.71 -31.74
N GLN I 375 72.69 64.96 -30.73
CA GLN I 375 73.01 65.95 -29.71
C GLN I 375 74.36 65.66 -29.07
N GLN I 376 74.58 64.41 -28.70
CA GLN I 376 75.84 64.04 -28.05
C GLN I 376 77.02 64.20 -28.99
N ALA I 377 76.86 63.80 -30.26
CA ALA I 377 78.00 63.83 -31.18
C ALA I 377 78.34 65.26 -31.59
N GLY I 378 77.43 66.20 -31.36
CA GLY I 378 77.76 67.59 -31.66
C GLY I 378 78.83 68.16 -30.75
N THR I 379 78.73 67.92 -29.45
CA THR I 379 79.58 68.63 -28.50
C THR I 379 81.01 68.14 -28.52
N SER I 380 81.23 66.86 -28.84
CA SER I 380 82.60 66.37 -28.95
C SER I 380 83.36 67.09 -30.04
N VAL I 381 82.73 67.27 -31.19
CA VAL I 381 83.36 68.03 -32.26
C VAL I 381 83.47 69.49 -31.86
N LEU I 382 82.51 69.99 -31.08
CA LEU I 382 82.65 71.36 -30.59
C LEU I 382 83.94 71.53 -29.81
N ALA I 383 84.21 70.60 -28.89
CA ALA I 383 85.44 70.66 -28.11
C ALA I 383 86.66 70.48 -29.00
N GLN I 384 86.55 69.63 -30.02
CA GLN I 384 87.65 69.48 -30.97
C GLN I 384 87.97 70.78 -31.67
N ALA I 385 86.95 71.55 -32.02
CA ALA I 385 87.14 72.70 -32.90
C ALA I 385 87.96 73.80 -32.23
N ASN I 386 87.83 73.94 -30.91
CA ASN I 386 88.53 75.03 -30.23
C ASN I 386 90.02 74.74 -30.11
N GLN I 387 90.43 73.51 -30.32
CA GLN I 387 91.83 73.15 -30.11
C GLN I 387 92.69 73.48 -31.32
N THR I 388 92.08 73.91 -32.42
CA THR I 388 92.87 74.18 -33.61
C THR I 388 93.71 75.44 -33.48
N THR I 389 93.19 76.48 -32.82
CA THR I 389 93.98 77.70 -32.69
C THR I 389 95.14 77.51 -31.72
N GLN I 390 95.07 76.46 -30.91
CA GLN I 390 96.12 76.22 -29.92
C GLN I 390 97.49 76.10 -30.57
N ASN I 391 97.56 75.50 -31.76
CA ASN I 391 98.85 75.14 -32.33
C ASN I 391 99.69 76.37 -32.65
N VAL I 392 99.07 77.41 -33.21
CA VAL I 392 99.83 78.51 -33.78
C VAL I 392 100.69 79.20 -32.73
N LEU I 393 100.26 79.14 -31.47
CA LEU I 393 101.06 79.75 -30.42
C LEU I 393 102.42 79.10 -30.31
N SER I 394 102.52 77.82 -30.70
CA SER I 394 103.79 77.12 -30.60
C SER I 394 104.84 77.70 -31.54
N LEU I 395 104.44 78.52 -32.51
CA LEU I 395 105.41 79.17 -33.38
C LEU I 395 106.30 80.12 -32.60
N LEU I 396 105.80 80.66 -31.49
CA LEU I 396 106.55 81.61 -30.70
C LEU I 396 107.61 80.91 -29.85
N ALA J 2 144.48 108.63 -51.39
CA ALA J 2 143.70 109.78 -50.94
C ALA J 2 142.88 109.41 -49.71
N GLN J 3 143.51 109.47 -48.54
CA GLN J 3 142.84 109.16 -47.28
C GLN J 3 142.55 110.46 -46.54
N VAL J 4 141.33 110.62 -46.07
CA VAL J 4 140.87 111.87 -45.47
C VAL J 4 140.43 111.56 -44.05
N ILE J 5 140.80 112.43 -43.11
CA ILE J 5 140.42 112.18 -41.72
C ILE J 5 139.30 113.10 -41.25
N ASN J 6 139.26 114.33 -41.77
CA ASN J 6 138.33 115.32 -41.21
C ASN J 6 136.89 114.82 -41.27
N THR J 7 136.49 114.23 -42.40
CA THR J 7 135.16 113.66 -42.54
C THR J 7 135.24 112.34 -43.29
N ASN J 8 134.31 111.45 -43.00
CA ASN J 8 134.26 110.11 -43.57
C ASN J 8 132.86 109.85 -44.11
N SER J 9 132.78 109.39 -45.36
CA SER J 9 131.48 109.21 -46.02
C SER J 9 130.76 107.95 -45.58
N LEU J 10 131.50 106.88 -45.28
CA LEU J 10 130.86 105.57 -45.08
C LEU J 10 129.95 105.56 -43.86
N SER J 11 130.20 106.45 -42.90
CA SER J 11 129.38 106.47 -41.69
C SER J 11 127.91 106.73 -42.02
N LEU J 12 127.64 107.72 -42.86
CA LEU J 12 126.26 108.06 -43.18
C LEU J 12 125.62 106.98 -44.05
N MET J 13 126.38 106.46 -45.01
CA MET J 13 125.86 105.40 -45.87
C MET J 13 125.47 104.18 -45.05
N THR J 14 126.26 103.85 -44.02
CA THR J 14 125.90 102.73 -43.16
C THR J 14 124.78 103.09 -42.18
N GLN J 15 124.66 104.37 -41.81
CA GLN J 15 123.56 104.76 -40.93
C GLN J 15 122.22 104.68 -41.64
N ASN J 16 122.20 104.89 -42.96
CA ASN J 16 120.91 104.90 -43.66
C ASN J 16 120.16 103.58 -43.54
N ASN J 17 120.87 102.47 -43.75
CA ASN J 17 120.17 101.19 -43.87
C ASN J 17 119.66 100.70 -42.53
N LEU J 18 120.34 101.04 -41.44
CA LEU J 18 119.82 100.71 -40.11
C LEU J 18 118.47 101.38 -39.90
N ASN J 19 118.36 102.65 -40.25
CA ASN J 19 117.08 103.34 -40.20
C ASN J 19 116.06 102.67 -41.11
N THR J 20 116.49 102.18 -42.27
CA THR J 20 115.55 101.48 -43.15
C THR J 20 114.94 100.26 -42.46
N SER J 21 115.77 99.41 -41.86
CA SER J 21 115.27 98.18 -41.27
C SER J 21 114.52 98.39 -39.96
N GLN J 22 114.86 99.44 -39.22
CA GLN J 22 114.27 99.66 -37.91
C GLN J 22 112.78 99.97 -38.00
N SER J 23 112.27 100.26 -39.19
CA SER J 23 110.84 100.51 -39.39
C SER J 23 110.07 99.23 -39.73
N ALA J 24 110.65 98.39 -40.59
CA ALA J 24 110.02 97.10 -40.87
C ALA J 24 109.93 96.27 -39.60
N LEU J 25 110.96 96.32 -38.77
CA LEU J 25 110.89 95.59 -37.51
C LEU J 25 109.73 96.08 -36.64
N ASN J 26 109.55 97.41 -36.57
CA ASN J 26 108.45 97.97 -35.79
C ASN J 26 107.10 97.50 -36.32
N THR J 27 106.93 97.56 -37.64
CA THR J 27 105.67 97.13 -38.24
C THR J 27 105.35 95.68 -37.86
N ALA J 28 106.34 94.79 -38.01
CA ALA J 28 106.11 93.39 -37.72
C ALA J 28 105.75 93.18 -36.25
N ILE J 29 106.49 93.83 -35.34
CA ILE J 29 106.22 93.63 -33.92
C ILE J 29 104.81 94.08 -33.57
N GLN J 30 104.41 95.23 -34.11
CA GLN J 30 103.09 95.75 -33.81
C GLN J 30 102.01 94.80 -34.29
N ARG J 31 102.14 94.27 -35.51
CA ARG J 31 101.13 93.34 -35.99
C ARG J 31 101.10 92.07 -35.16
N LEU J 32 102.28 91.56 -34.76
CA LEU J 32 102.31 90.33 -33.98
C LEU J 32 101.61 90.48 -32.65
N SER J 33 101.76 91.64 -32.02
CA SER J 33 101.04 91.87 -30.76
C SER J 33 99.56 92.11 -30.99
N SER J 34 99.21 92.77 -32.10
CA SER J 34 97.86 93.31 -32.24
C SER J 34 96.85 92.22 -32.62
N GLY J 35 97.09 91.54 -33.73
CA GLY J 35 96.15 90.58 -34.26
C GLY J 35 95.45 91.02 -35.53
N LEU J 36 95.56 92.29 -35.91
CA LEU J 36 94.90 92.82 -37.09
C LEU J 36 95.94 93.38 -38.03
N ARG J 37 95.74 93.17 -39.32
CA ARG J 37 96.66 93.73 -40.29
C ARG J 37 96.20 95.08 -40.80
N ILE J 38 95.08 95.60 -40.29
CA ILE J 38 94.72 96.99 -40.50
C ILE J 38 94.61 97.67 -39.15
N ASN J 39 95.71 98.27 -38.68
CA ASN J 39 95.74 98.91 -37.38
C ASN J 39 95.48 100.41 -37.45
N SER J 40 95.71 101.04 -38.60
CA SER J 40 95.44 102.46 -38.77
C SER J 40 95.16 102.71 -40.24
N ALA J 41 94.53 103.84 -40.52
CA ALA J 41 94.08 104.13 -41.87
C ALA J 41 95.24 104.27 -42.84
N LYS J 42 96.44 104.53 -42.34
CA LYS J 42 97.59 104.67 -43.22
C LYS J 42 97.94 103.34 -43.87
N ASP J 43 97.41 102.23 -43.32
CA ASP J 43 97.76 100.93 -43.85
C ASP J 43 96.90 100.56 -45.06
N ASP J 44 95.59 100.81 -44.98
CA ASP J 44 94.71 100.66 -46.13
C ASP J 44 93.44 101.45 -45.84
N ALA J 45 93.16 102.46 -46.66
CA ALA J 45 92.06 103.38 -46.35
C ALA J 45 90.70 102.74 -46.61
N ALA J 46 90.55 102.04 -47.73
CA ALA J 46 89.24 101.52 -48.10
C ALA J 46 88.84 100.33 -47.24
N GLY J 47 89.80 99.45 -46.94
CA GLY J 47 89.49 98.25 -46.19
C GLY J 47 88.95 98.57 -44.81
N GLN J 48 89.52 99.57 -44.15
CA GLN J 48 89.01 99.96 -42.84
C GLN J 48 87.57 100.40 -42.93
N ALA J 49 87.25 101.19 -43.95
CA ALA J 49 85.87 101.62 -44.16
C ALA J 49 84.95 100.41 -44.29
N ILE J 50 85.32 99.47 -45.15
CA ILE J 50 84.39 98.39 -45.45
C ILE J 50 84.22 97.48 -44.25
N ALA J 51 85.30 97.21 -43.52
CA ALA J 51 85.18 96.39 -42.31
C ALA J 51 84.32 97.11 -41.27
N ASN J 52 84.47 98.42 -41.16
CA ASN J 52 83.63 99.17 -40.23
C ASN J 52 82.16 99.03 -40.61
N ARG J 53 81.86 99.05 -41.91
CA ARG J 53 80.47 98.88 -42.31
C ARG J 53 79.95 97.50 -41.92
N PHE J 54 80.76 96.45 -42.13
CA PHE J 54 80.29 95.12 -41.74
C PHE J 54 80.02 95.04 -40.24
N THR J 55 80.95 95.58 -39.43
CA THR J 55 80.80 95.44 -37.99
C THR J 55 79.69 96.33 -37.48
N ALA J 56 79.34 97.37 -38.24
CA ALA J 56 78.14 98.11 -37.93
C ALA J 56 76.90 97.27 -38.22
N ASN J 57 76.98 96.45 -39.26
CA ASN J 57 75.80 95.72 -39.71
C ASN J 57 75.44 94.58 -38.75
N ILE J 58 76.44 93.89 -38.21
CA ILE J 58 76.20 92.65 -37.45
C ILE J 58 75.32 92.82 -36.20
N LYS J 59 75.61 93.84 -35.40
CA LYS J 59 74.93 94.00 -34.11
C LYS J 59 73.43 94.16 -34.28
N GLY J 60 73.02 94.82 -35.36
CA GLY J 60 71.60 94.94 -35.63
C GLY J 60 70.92 93.61 -35.78
N LEU J 61 71.53 92.70 -36.55
CA LEU J 61 70.94 91.39 -36.73
C LEU J 61 70.85 90.64 -35.40
N THR J 62 71.87 90.78 -34.55
CA THR J 62 71.79 90.14 -33.24
C THR J 62 70.58 90.65 -32.44
N GLN J 63 70.46 91.98 -32.33
CA GLN J 63 69.29 92.51 -31.64
C GLN J 63 67.99 92.06 -32.29
N ALA J 64 68.01 91.84 -33.61
CA ALA J 64 66.80 91.36 -34.28
C ALA J 64 66.41 89.97 -33.78
N GLN J 65 67.39 89.09 -33.58
CA GLN J 65 67.07 87.78 -33.02
C GLN J 65 66.39 87.94 -31.66
N ARG J 66 66.92 88.84 -30.83
CA ARG J 66 66.30 89.02 -29.52
C ARG J 66 64.84 89.46 -29.63
N ASN J 67 64.57 90.42 -30.53
CA ASN J 67 63.21 90.90 -30.70
C ASN J 67 62.28 89.76 -31.14
N ALA J 68 62.75 88.92 -32.05
CA ALA J 68 61.93 87.81 -32.53
C ALA J 68 61.52 86.89 -31.38
N ASN J 69 62.47 86.57 -30.50
CA ASN J 69 62.12 85.72 -29.36
C ASN J 69 61.01 86.35 -28.52
N ASP J 70 61.07 87.67 -28.32
CA ASP J 70 60.00 88.31 -27.55
C ASP J 70 58.64 88.12 -28.21
N GLY J 71 58.58 88.30 -29.54
CA GLY J 71 57.31 88.10 -30.22
C GLY J 71 56.74 86.71 -30.01
N ILE J 72 57.61 85.69 -30.09
CA ILE J 72 57.14 84.32 -29.91
C ILE J 72 56.51 84.15 -28.52
N SER J 73 57.17 84.69 -27.49
CA SER J 73 56.62 84.59 -26.14
C SER J 73 55.19 85.11 -26.09
N LEU J 74 54.97 86.28 -26.70
CA LEU J 74 53.65 86.90 -26.67
C LEU J 74 52.59 85.98 -27.28
N ALA J 75 52.91 85.40 -28.44
CA ALA J 75 51.95 84.54 -29.11
C ALA J 75 51.55 83.35 -28.22
N GLN J 76 52.54 82.72 -27.58
CA GLN J 76 52.22 81.54 -26.78
C GLN J 76 51.29 81.88 -25.62
N THR J 77 51.55 83.01 -24.95
CA THR J 77 50.69 83.36 -23.81
C THR J 77 49.23 83.53 -24.24
N THR J 78 49.01 84.29 -25.31
CA THR J 78 47.62 84.50 -25.72
C THR J 78 46.96 83.17 -26.06
N GLU J 79 47.70 82.26 -26.71
CA GLU J 79 47.07 81.01 -27.12
C GLU J 79 46.60 80.20 -25.91
N GLY J 80 47.38 80.17 -24.83
CA GLY J 80 46.94 79.44 -23.65
C GLY J 80 45.62 79.97 -23.10
N ALA J 81 45.52 81.30 -22.98
CA ALA J 81 44.27 81.84 -22.47
C ALA J 81 43.08 81.42 -23.34
N LEU J 82 43.27 81.45 -24.65
CA LEU J 82 42.19 81.05 -25.55
C LEU J 82 41.74 79.61 -25.28
N THR J 83 42.70 78.73 -25.00
CA THR J 83 42.34 77.35 -24.71
C THR J 83 41.34 77.26 -23.57
N GLU J 84 41.62 77.97 -22.47
CA GLU J 84 40.68 77.89 -21.35
C GLU J 84 39.28 78.40 -21.72
N VAL J 85 39.23 79.50 -22.46
CA VAL J 85 37.91 79.99 -22.87
C VAL J 85 37.15 78.90 -23.63
N ASN J 86 37.87 78.19 -24.50
CA ASN J 86 37.23 77.15 -25.31
C ASN J 86 36.61 76.08 -24.44
N ASN J 87 37.33 75.64 -23.41
CA ASN J 87 36.79 74.58 -22.57
C ASN J 87 35.49 75.01 -21.93
N ASN J 88 35.44 76.26 -21.44
CA ASN J 88 34.20 76.74 -20.85
C ASN J 88 33.05 76.69 -21.85
N LEU J 89 33.30 77.09 -23.09
CA LEU J 89 32.23 77.13 -24.08
C LEU J 89 31.66 75.74 -24.36
N GLN J 90 32.55 74.74 -24.49
CA GLN J 90 32.06 73.39 -24.70
C GLN J 90 31.13 72.97 -23.57
N ARG J 91 31.55 73.21 -22.33
CA ARG J 91 30.71 72.85 -21.19
C ARG J 91 29.33 73.50 -21.28
N ILE J 92 29.31 74.78 -21.63
CA ILE J 92 28.03 75.49 -21.68
C ILE J 92 27.11 74.85 -22.70
N ARG J 93 27.64 74.51 -23.88
CA ARG J 93 26.78 73.93 -24.90
C ARG J 93 26.17 72.62 -24.45
N GLU J 94 26.97 71.77 -23.80
CA GLU J 94 26.40 70.49 -23.36
C GLU J 94 25.32 70.71 -22.31
N LEU J 95 25.52 71.69 -21.41
CA LEU J 95 24.45 72.04 -20.48
C LEU J 95 23.19 72.47 -21.22
N SER J 96 23.34 73.23 -22.30
CA SER J 96 22.18 73.69 -23.02
C SER J 96 21.38 72.50 -23.56
N VAL J 97 22.08 71.50 -24.08
CA VAL J 97 21.36 70.31 -24.57
C VAL J 97 20.68 69.58 -23.41
N GLN J 98 21.32 69.54 -22.24
CA GLN J 98 20.66 69.07 -21.03
C GLN J 98 19.32 69.76 -20.82
N ALA J 99 19.29 71.07 -20.95
CA ALA J 99 18.17 71.84 -20.43
C ALA J 99 16.95 71.89 -21.35
N ALA J 100 17.00 71.30 -22.53
CA ALA J 100 15.95 71.56 -23.52
C ALA J 100 14.91 70.46 -23.62
N THR J 101 15.02 69.37 -22.87
CA THR J 101 14.06 68.29 -23.01
C THR J 101 12.72 68.68 -22.40
N GLY J 102 11.75 67.78 -22.51
CA GLY J 102 10.39 68.10 -22.17
C GLY J 102 9.86 67.54 -20.88
N SER J 103 10.65 66.73 -20.17
CA SER J 103 10.21 66.13 -18.91
C SER J 103 10.95 66.69 -17.70
N ASN J 104 11.21 67.99 -17.70
CA ASN J 104 11.88 68.65 -16.59
C ASN J 104 10.86 69.29 -15.67
N SER J 105 11.36 70.03 -14.69
CA SER J 105 10.51 70.77 -13.78
C SER J 105 10.97 72.23 -13.73
N ALA J 106 10.06 73.11 -13.34
CA ALA J 106 10.38 74.53 -13.34
C ALA J 106 11.55 74.85 -12.42
N SER J 107 11.60 74.21 -11.26
CA SER J 107 12.62 74.55 -10.29
C SER J 107 14.00 74.05 -10.70
N ASP J 108 14.07 72.98 -11.49
CA ASP J 108 15.37 72.47 -11.91
C ASP J 108 16.11 73.48 -12.77
N LEU J 109 15.41 74.12 -13.70
CA LEU J 109 16.07 74.99 -14.65
C LEU J 109 16.88 76.09 -13.97
N GLN J 110 16.48 76.51 -12.77
CA GLN J 110 17.29 77.49 -12.06
C GLN J 110 18.69 76.99 -11.80
N SER J 111 18.83 75.71 -11.45
CA SER J 111 20.16 75.18 -11.13
C SER J 111 21.07 75.26 -12.35
N ILE J 112 20.60 74.76 -13.48
CA ILE J 112 21.37 74.81 -14.70
C ILE J 112 21.69 76.25 -15.05
N GLN J 113 20.73 77.15 -14.84
CA GLN J 113 20.96 78.54 -15.20
C GLN J 113 22.06 79.16 -14.36
N ASP J 114 22.10 78.86 -13.06
CA ASP J 114 23.15 79.49 -12.25
C ASP J 114 24.52 78.94 -12.60
N GLU J 115 24.61 77.64 -12.88
CA GLU J 115 25.89 77.12 -13.35
C GLU J 115 26.34 77.84 -14.61
N ILE J 116 25.41 78.03 -15.56
CA ILE J 116 25.75 78.74 -16.79
C ILE J 116 26.19 80.16 -16.48
N LYS J 117 25.58 80.78 -15.47
CA LYS J 117 25.96 82.13 -15.10
C LYS J 117 27.42 82.19 -14.70
N GLN J 118 27.84 81.24 -13.84
CA GLN J 118 29.24 81.24 -13.41
C GLN J 118 30.18 81.01 -14.57
N ARG J 119 29.84 80.05 -15.45
CA ARG J 119 30.69 79.78 -16.60
C ARG J 119 30.80 81.02 -17.50
N LEU J 120 29.72 81.77 -17.66
CA LEU J 120 29.79 83.01 -18.44
C LEU J 120 30.72 84.01 -17.79
N GLU J 121 30.65 84.13 -16.45
CA GLU J 121 31.47 85.10 -15.75
C GLU J 121 32.96 84.85 -15.98
N GLU J 122 33.34 83.57 -16.02
CA GLU J 122 34.77 83.26 -16.11
C GLU J 122 35.39 83.80 -17.39
N ILE J 123 34.63 83.85 -18.47
CA ILE J 123 35.17 84.35 -19.73
C ILE J 123 35.57 85.81 -19.62
N ASN J 124 34.68 86.63 -19.06
CA ASN J 124 35.01 88.04 -18.87
C ASN J 124 36.20 88.20 -17.96
N ARG J 125 36.25 87.43 -16.87
CA ARG J 125 37.38 87.58 -15.95
C ARG J 125 38.69 87.32 -16.66
N VAL J 126 38.80 86.17 -17.32
CA VAL J 126 40.05 85.84 -18.01
C VAL J 126 40.36 86.87 -19.07
N SER J 127 39.35 87.38 -19.75
CA SER J 127 39.61 88.35 -20.81
C SER J 127 40.26 89.60 -20.26
N GLU J 128 39.74 90.12 -19.16
CA GLU J 128 40.24 91.41 -18.71
C GLU J 128 41.26 91.32 -17.59
N GLN J 129 41.80 90.14 -17.30
CA GLN J 129 42.90 90.06 -16.34
C GLN J 129 44.24 89.66 -16.94
N THR J 130 44.25 88.84 -17.99
CA THR J 130 45.50 88.41 -18.61
C THR J 130 46.30 89.59 -19.16
N GLN J 131 47.61 89.60 -18.91
CA GLN J 131 48.47 90.61 -19.50
C GLN J 131 49.85 90.03 -19.78
N PHE J 132 50.58 90.72 -20.64
CA PHE J 132 51.95 90.38 -20.99
C PHE J 132 52.75 91.67 -20.96
N ASN J 133 53.56 91.85 -19.92
CA ASN J 133 54.34 93.08 -19.77
C ASN J 133 53.44 94.31 -19.75
N GLY J 134 52.35 94.22 -19.02
CA GLY J 134 51.49 95.37 -18.82
C GLY J 134 50.66 95.77 -20.01
N VAL J 135 50.54 94.93 -21.03
CA VAL J 135 49.70 95.21 -22.18
C VAL J 135 48.54 94.22 -22.17
N LYS J 136 47.32 94.72 -22.06
CA LYS J 136 46.16 93.86 -22.17
C LYS J 136 46.06 93.32 -23.58
N VAL J 137 46.06 91.99 -23.72
CA VAL J 137 46.20 91.38 -25.04
C VAL J 137 44.88 90.91 -25.63
N LEU J 138 43.81 90.83 -24.84
CA LEU J 138 42.52 90.40 -25.35
C LEU J 138 41.48 91.50 -25.28
N ALA J 139 41.84 92.69 -25.74
CA ALA J 139 40.88 93.78 -25.91
C ALA J 139 41.37 94.74 -26.97
N LYS J 140 40.46 95.60 -27.42
CA LYS J 140 40.65 96.85 -28.14
C LYS J 140 41.08 96.73 -29.61
N ASP J 141 41.36 95.53 -30.13
CA ASP J 141 41.48 95.30 -31.56
C ASP J 141 42.50 96.22 -32.25
N THR J 142 43.76 96.10 -31.86
CA THR J 142 44.85 96.79 -32.53
C THR J 142 45.68 95.78 -33.29
N LYS J 143 46.82 96.24 -33.81
CA LYS J 143 47.85 95.36 -34.31
C LYS J 143 49.18 95.77 -33.70
N MET J 144 50.19 94.93 -33.89
CA MET J 144 51.37 94.93 -33.03
C MET J 144 52.59 94.69 -33.91
N ASN J 145 53.50 95.66 -33.97
CA ASN J 145 54.63 95.55 -34.89
C ASN J 145 55.90 95.13 -34.17
N ILE J 146 56.73 94.35 -34.86
CA ILE J 146 57.97 93.80 -34.33
C ILE J 146 59.11 94.21 -35.24
N GLN J 147 60.25 94.61 -34.67
CA GLN J 147 61.41 95.01 -35.47
C GLN J 147 62.32 93.82 -35.67
N VAL J 148 62.64 93.52 -36.93
CA VAL J 148 63.28 92.25 -37.28
C VAL J 148 64.46 92.47 -38.23
N GLY J 149 64.91 93.70 -38.39
CA GLY J 149 65.94 93.92 -39.38
C GLY J 149 66.86 95.08 -39.04
N ALA J 150 67.86 95.28 -39.89
CA ALA J 150 68.87 96.30 -39.69
C ALA J 150 68.52 97.64 -40.33
N ASN J 151 67.37 97.75 -40.98
CA ASN J 151 66.94 99.02 -41.55
C ASN J 151 65.48 99.26 -41.22
N ASP J 152 65.16 100.51 -40.92
CA ASP J 152 63.81 100.86 -40.52
C ASP J 152 62.83 100.62 -41.67
N GLY J 153 61.59 100.32 -41.30
CA GLY J 153 60.60 99.88 -42.26
C GLY J 153 60.49 98.38 -42.40
N GLU J 154 61.26 97.60 -41.63
CA GLU J 154 61.21 96.15 -41.70
C GLU J 154 60.54 95.63 -40.44
N ILE J 155 59.25 95.30 -40.57
CA ILE J 155 58.45 94.83 -39.44
C ILE J 155 57.54 93.70 -39.91
N ILE J 156 56.99 92.99 -38.93
CA ILE J 156 56.04 91.91 -39.16
C ILE J 156 54.78 92.23 -38.38
N ALA J 157 53.63 91.94 -38.97
CA ALA J 157 52.35 92.31 -38.40
C ALA J 157 51.80 91.19 -37.52
N ILE J 158 51.29 91.58 -36.35
CA ILE J 158 50.53 90.69 -35.47
C ILE J 158 49.26 91.43 -35.10
N ASP J 159 48.11 90.80 -35.33
CA ASP J 159 46.83 91.45 -35.06
C ASP J 159 46.08 90.74 -33.96
N LEU J 160 45.37 91.52 -33.16
CA LEU J 160 44.65 91.04 -32.00
C LEU J 160 43.18 91.40 -32.17
N LYS J 161 42.31 90.73 -31.43
CA LYS J 161 40.89 91.00 -31.49
C LYS J 161 40.27 90.81 -30.13
N GLU J 162 39.23 91.57 -29.83
CA GLU J 162 38.65 91.55 -28.49
C GLU J 162 37.66 90.41 -28.35
N ILE J 163 37.79 89.67 -27.25
CA ILE J 163 36.92 88.54 -26.98
C ILE J 163 36.30 88.76 -25.60
N THR J 164 34.98 88.79 -25.54
CA THR J 164 34.25 88.95 -24.29
C THR J 164 32.97 88.15 -24.38
N ALA J 165 32.05 88.41 -23.45
CA ALA J 165 30.74 87.80 -23.51
C ALA J 165 29.78 88.57 -24.40
N LYS J 166 30.20 89.73 -24.90
CA LYS J 166 29.32 90.55 -25.72
C LYS J 166 29.72 90.49 -27.19
N THR J 167 31.02 90.60 -27.48
CA THR J 167 31.47 90.52 -28.86
C THR J 167 31.21 89.17 -29.48
N LEU J 168 30.94 88.15 -28.67
CA LEU J 168 30.57 86.83 -29.17
C LEU J 168 29.07 86.68 -29.37
N GLY J 169 28.29 87.68 -28.98
CA GLY J 169 26.85 87.61 -29.16
C GLY J 169 26.12 86.85 -28.09
N LEU J 170 26.80 86.42 -27.04
CA LEU J 170 26.17 85.66 -25.97
C LEU J 170 25.62 86.52 -24.85
N ASP J 171 25.65 87.84 -25.02
CA ASP J 171 25.18 88.73 -23.97
C ASP J 171 23.70 88.46 -23.66
N GLY J 172 23.39 88.27 -22.39
CA GLY J 172 22.03 87.99 -22.00
C GLY J 172 21.55 86.60 -22.29
N PHE J 173 22.46 85.66 -22.53
CA PHE J 173 22.08 84.28 -22.78
C PHE J 173 21.34 83.72 -21.57
N ASN J 174 20.22 83.05 -21.82
CA ASN J 174 19.39 82.56 -20.73
C ASN J 174 18.59 81.36 -21.20
N VAL J 175 18.28 80.46 -20.27
CA VAL J 175 17.57 79.22 -20.60
C VAL J 175 16.35 78.99 -19.71
N SER J 176 16.12 79.83 -18.70
CA SER J 176 14.91 79.75 -17.89
C SER J 176 14.05 80.97 -18.11
N GLY J 177 12.73 80.84 -17.92
CA GLY J 177 11.84 81.96 -18.09
C GLY J 177 10.81 81.73 -19.18
N PRO J 178 10.00 82.74 -19.48
CA PRO J 178 9.00 82.59 -20.53
C PRO J 178 9.63 82.54 -21.91
N LYS J 179 8.89 81.95 -22.84
CA LYS J 179 9.31 81.82 -24.23
C LYS J 179 8.41 82.68 -25.11
N GLY J 180 9.01 83.59 -25.84
CA GLY J 180 8.25 84.47 -26.71
C GLY J 180 7.74 85.70 -25.99
N THR J 181 6.96 86.49 -26.71
CA THR J 181 6.48 87.76 -26.18
C THR J 181 5.11 87.56 -25.53
N PRO J 182 4.97 87.90 -24.25
CA PRO J 182 3.67 87.68 -23.58
C PRO J 182 2.57 88.51 -24.22
N ALA J 183 1.36 87.97 -24.17
CA ALA J 183 0.18 88.60 -24.74
C ALA J 183 -0.91 88.66 -23.69
N ALA J 184 -2.11 89.04 -24.12
CA ALA J 184 -3.22 89.16 -23.19
C ALA J 184 -4.00 87.86 -23.10
N LEU J 185 -4.89 87.81 -22.13
CA LEU J 185 -5.74 86.64 -21.92
C LEU J 185 -7.10 86.84 -22.58
N VAL J 186 -7.61 85.77 -23.17
CA VAL J 186 -8.87 85.79 -23.90
C VAL J 186 -9.82 84.76 -23.31
N ALA J 187 -11.01 84.68 -23.90
CA ALA J 187 -12.07 83.85 -23.33
C ALA J 187 -11.67 82.38 -23.32
N ALA J 188 -11.04 81.91 -24.39
CA ALA J 188 -10.73 80.49 -24.50
C ALA J 188 -9.81 80.04 -23.38
N ASP J 189 -8.89 80.90 -22.94
CA ASP J 189 -7.97 80.54 -21.87
C ASP J 189 -8.71 80.40 -20.54
N TYR J 190 -9.62 81.33 -20.25
CA TYR J 190 -10.41 81.22 -19.04
C TYR J 190 -11.23 79.95 -19.05
N GLN J 191 -11.83 79.62 -20.19
CA GLN J 191 -12.61 78.39 -20.28
C GLN J 191 -11.74 77.16 -20.06
N ALA J 192 -10.55 77.15 -20.65
CA ALA J 192 -9.65 76.02 -20.48
C ALA J 192 -9.22 75.85 -19.03
N ALA J 193 -8.97 76.95 -18.34
CA ALA J 193 -8.49 76.83 -16.97
C ALA J 193 -9.59 76.48 -15.98
N TYR J 194 -10.82 76.98 -16.18
CA TYR J 194 -11.84 76.81 -15.15
C TYR J 194 -13.08 76.04 -15.62
N GLY J 195 -13.36 75.98 -16.91
CA GLY J 195 -14.53 75.28 -17.38
C GLY J 195 -15.28 76.04 -18.47
N THR J 196 -16.20 75.34 -19.12
CA THR J 196 -16.87 75.92 -20.28
C THR J 196 -17.99 76.87 -19.89
N THR J 197 -18.43 76.84 -18.64
CA THR J 197 -19.53 77.65 -18.16
C THR J 197 -19.08 78.62 -17.08
N THR J 198 -17.97 79.30 -17.32
CA THR J 198 -17.26 80.00 -16.28
C THR J 198 -17.68 81.46 -16.20
N ASN J 199 -17.57 82.03 -15.00
CA ASN J 199 -17.87 83.44 -14.76
C ASN J 199 -16.71 84.39 -14.99
N VAL J 200 -15.47 83.95 -14.80
CA VAL J 200 -14.36 84.87 -14.71
C VAL J 200 -14.13 85.52 -16.07
N THR J 201 -13.83 86.82 -16.05
CA THR J 201 -13.45 87.55 -17.24
C THR J 201 -12.27 88.50 -17.06
N THR J 202 -11.70 88.60 -15.86
CA THR J 202 -10.59 89.53 -15.65
C THR J 202 -9.74 89.01 -14.49
N THR J 203 -8.56 89.60 -14.35
CA THR J 203 -7.59 89.22 -13.34
C THR J 203 -7.08 90.45 -12.62
N ALA J 204 -6.59 90.27 -11.40
CA ALA J 204 -6.09 91.38 -10.61
C ALA J 204 -4.94 90.93 -9.73
N VAL J 205 -3.79 91.61 -9.85
CA VAL J 205 -2.56 91.21 -9.18
C VAL J 205 -2.13 92.30 -8.22
N THR J 206 -1.81 91.92 -6.99
CA THR J 206 -1.45 92.86 -5.93
C THR J 206 -0.25 92.34 -5.16
N GLU J 207 0.15 93.11 -4.15
CA GLU J 207 1.16 92.68 -3.20
C GLU J 207 0.53 92.42 -1.85
N SER J 208 1.20 91.56 -1.07
CA SER J 208 0.70 91.28 0.28
C SER J 208 0.96 92.47 1.21
N SER J 209 2.15 93.03 1.18
CA SER J 209 2.53 94.18 2.00
C SER J 209 3.06 95.28 1.08
N ALA J 210 2.47 96.46 1.18
CA ALA J 210 2.78 97.53 0.23
C ALA J 210 4.25 97.92 0.32
N ASN J 211 4.90 98.03 -0.84
CA ASN J 211 6.30 98.42 -0.94
C ASN J 211 7.21 97.52 -0.12
N ALA J 212 7.12 96.21 -0.33
CA ALA J 212 8.01 95.29 0.35
C ALA J 212 9.23 94.96 -0.49
N LEU J 213 9.03 94.71 -1.78
CA LEU J 213 10.13 94.26 -2.62
C LEU J 213 11.19 95.33 -2.76
N ALA J 214 10.79 96.59 -2.90
CA ALA J 214 11.77 97.66 -2.94
C ALA J 214 12.53 97.75 -1.64
N GLY J 215 11.88 97.43 -0.52
CA GLY J 215 12.60 97.36 0.73
C GLY J 215 13.65 96.27 0.72
N ARG J 216 13.30 95.11 0.18
CA ARG J 216 14.27 94.02 0.14
C ARG J 216 15.43 94.31 -0.80
N LEU J 217 15.17 94.93 -1.94
CA LEU J 217 16.25 95.21 -2.89
C LEU J 217 17.23 96.22 -2.33
N GLY J 218 16.72 97.24 -1.65
CA GLY J 218 17.57 98.27 -1.09
C GLY J 218 17.62 99.56 -1.86
N VAL J 219 16.59 99.88 -2.65
CA VAL J 219 16.52 101.14 -3.38
C VAL J 219 15.20 101.82 -3.07
N ALA J 220 15.17 103.12 -3.31
CA ALA J 220 14.03 103.93 -2.91
C ALA J 220 12.77 103.53 -3.67
N ASN J 221 11.63 103.66 -3.00
CA ASN J 221 10.35 103.42 -3.64
C ASN J 221 10.20 104.30 -4.88
N GLY J 222 9.32 103.89 -5.79
CA GLY J 222 9.18 104.57 -7.05
C GLY J 222 10.17 104.11 -8.09
N SER J 223 11.12 103.27 -7.71
CA SER J 223 12.00 102.62 -8.65
C SER J 223 11.50 101.24 -9.04
N VAL J 224 10.54 100.70 -8.30
CA VAL J 224 9.98 99.37 -8.56
C VAL J 224 8.47 99.52 -8.66
N ALA J 225 7.90 98.99 -9.73
CA ALA J 225 6.46 99.06 -9.94
C ALA J 225 5.96 97.71 -10.43
N LEU J 226 4.72 97.39 -10.07
CA LEU J 226 4.10 96.13 -10.43
C LEU J 226 3.04 96.35 -11.51
N ALA J 227 2.84 95.34 -12.34
CA ALA J 227 1.72 95.37 -13.26
C ALA J 227 0.42 95.20 -12.49
N ALA J 228 -0.69 95.13 -13.23
CA ALA J 228 -1.99 94.94 -12.61
C ALA J 228 -2.73 93.73 -13.15
N THR J 229 -2.24 93.11 -14.22
CA THR J 229 -2.92 91.98 -14.83
C THR J 229 -1.92 90.86 -15.11
N ALA J 230 -2.46 89.73 -15.55
CA ALA J 230 -1.67 88.55 -15.88
C ALA J 230 -1.48 88.44 -17.38
N GLU J 231 -0.51 87.63 -17.78
CA GLU J 231 -0.19 87.44 -19.18
C GLU J 231 0.19 85.98 -19.40
N LYS J 232 0.27 85.59 -20.67
CA LYS J 232 0.64 84.23 -21.02
C LYS J 232 1.71 84.24 -22.11
N ASP J 233 2.59 83.26 -22.06
CA ASP J 233 3.63 83.12 -23.08
C ASP J 233 3.12 82.18 -24.17
N ASP J 234 4.03 81.69 -25.01
CA ASP J 234 3.62 80.93 -26.18
C ASP J 234 3.01 79.58 -25.83
N ASN J 235 3.22 79.07 -24.63
CA ASN J 235 2.81 77.70 -24.30
C ASN J 235 1.63 77.64 -23.33
N GLY J 236 1.03 78.77 -23.00
CA GLY J 236 -0.11 78.73 -22.11
C GLY J 236 0.22 78.78 -20.64
N ASN J 237 1.40 79.27 -20.26
CA ASN J 237 1.69 79.47 -18.85
C ASN J 237 1.54 80.94 -18.49
N TRP J 238 1.09 81.19 -17.28
CA TRP J 238 0.71 82.51 -16.83
C TRP J 238 1.87 83.16 -16.10
N TYR J 239 1.97 84.49 -16.19
CA TYR J 239 3.11 85.22 -15.65
C TYR J 239 2.67 86.58 -15.14
N ALA J 240 3.47 87.16 -14.25
CA ALA J 240 3.30 88.52 -13.78
C ALA J 240 4.54 89.33 -14.09
N THR J 241 4.36 90.63 -14.32
CA THR J 241 5.42 91.48 -14.85
C THR J 241 5.84 92.53 -13.84
N VAL J 242 7.14 92.79 -13.73
CA VAL J 242 7.70 93.77 -12.83
C VAL J 242 8.63 94.67 -13.62
N THR J 243 8.66 95.96 -13.31
CA THR J 243 9.48 96.93 -14.01
C THR J 243 10.37 97.67 -13.02
N ILE J 244 11.65 97.80 -13.37
CA ILE J 244 12.65 98.40 -12.48
C ILE J 244 13.35 99.54 -13.21
N THR J 245 13.48 100.67 -12.54
CA THR J 245 14.19 101.83 -13.07
C THR J 245 15.18 102.32 -12.03
N ALA J 246 16.38 102.66 -12.46
CA ALA J 246 17.42 103.15 -11.57
C ALA J 246 17.50 104.67 -11.65
N GLY J 247 17.89 105.31 -10.54
CA GLY J 247 17.95 106.75 -10.49
C GLY J 247 19.35 107.32 -10.53
N SER J 248 20.31 106.57 -10.01
CA SER J 248 21.69 107.05 -9.96
C SER J 248 22.61 105.84 -10.03
N ALA J 249 23.90 106.11 -10.21
CA ALA J 249 24.85 105.02 -10.45
C ALA J 249 24.89 104.04 -9.29
N THR J 250 24.86 104.54 -8.05
CA THR J 250 24.93 103.64 -6.91
C THR J 250 23.77 102.67 -6.89
N GLU J 251 22.61 103.08 -7.40
CA GLU J 251 21.50 102.14 -7.52
C GLU J 251 21.85 100.99 -8.43
N VAL J 252 22.48 101.31 -9.58
CA VAL J 252 22.92 100.26 -10.48
C VAL J 252 23.90 99.34 -9.77
N SER J 253 24.81 99.92 -8.99
CA SER J 253 25.82 99.11 -8.32
C SER J 253 25.19 98.15 -7.31
N THR J 254 24.25 98.64 -6.49
CA THR J 254 23.62 97.75 -5.53
C THR J 254 22.83 96.66 -6.24
N LEU J 255 22.09 97.02 -7.28
CA LEU J 255 21.30 96.02 -7.99
C LEU J 255 22.19 94.95 -8.59
N LYS J 256 23.30 95.34 -9.22
CA LYS J 256 24.22 94.35 -9.74
C LYS J 256 24.79 93.49 -8.62
N ALA J 257 25.14 94.10 -7.49
CA ALA J 257 25.66 93.34 -6.37
C ALA J 257 24.66 92.34 -5.83
N LYS J 258 23.37 92.57 -6.05
CA LYS J 258 22.38 91.60 -5.62
C LYS J 258 21.83 90.75 -6.76
N GLY J 259 22.36 90.90 -7.97
CA GLY J 259 22.11 89.95 -9.04
C GLY J 259 21.32 90.44 -10.22
N PHE J 260 20.98 91.73 -10.30
CA PHE J 260 20.19 92.27 -11.40
C PHE J 260 21.03 93.28 -12.17
N GLU J 261 21.05 93.13 -13.49
CA GLU J 261 21.81 94.02 -14.36
C GLU J 261 20.85 94.91 -15.13
N VAL J 262 21.10 96.21 -15.10
CA VAL J 262 20.16 97.19 -15.64
C VAL J 262 20.91 98.49 -15.80
N GLU J 263 20.47 99.31 -16.75
CA GLU J 263 21.10 100.59 -17.04
C GLU J 263 20.22 101.73 -16.56
N ASN J 264 20.84 102.74 -15.95
CA ASN J 264 20.08 103.81 -15.33
C ASN J 264 19.27 104.60 -16.35
N GLY J 265 18.06 104.97 -15.97
CA GLY J 265 17.17 105.67 -16.87
C GLY J 265 16.55 104.82 -17.94
N VAL J 266 16.62 103.50 -17.82
CA VAL J 266 16.09 102.58 -18.82
C VAL J 266 15.23 101.54 -18.10
N ALA J 267 14.04 101.29 -18.63
CA ALA J 267 13.16 100.30 -18.03
C ALA J 267 13.47 98.91 -18.56
N LYS J 268 13.38 97.92 -17.67
CA LYS J 268 13.49 96.53 -18.07
C LYS J 268 12.53 95.70 -17.23
N GLU J 269 12.05 94.60 -17.82
CA GLU J 269 10.97 93.82 -17.25
C GLU J 269 11.43 92.43 -16.87
N PHE J 270 11.07 92.01 -15.66
CA PHE J 270 11.30 90.65 -15.19
C PHE J 270 9.96 90.01 -14.92
N TYR J 271 9.93 88.68 -14.92
CA TYR J 271 8.67 87.95 -14.87
C TYR J 271 8.64 87.01 -13.68
N ILE J 272 7.43 86.72 -13.21
CA ILE J 272 7.18 85.85 -12.06
C ILE J 272 6.07 84.87 -12.42
N ALA J 273 6.27 83.59 -12.09
CA ALA J 273 5.33 82.56 -12.51
C ALA J 273 4.12 82.51 -11.60
N LEU J 274 3.00 82.03 -12.15
CA LEU J 274 1.73 81.97 -11.45
C LEU J 274 1.13 80.58 -11.59
N ASP J 275 0.15 80.30 -10.74
CA ASP J 275 -0.55 79.03 -10.71
C ASP J 275 -2.05 79.30 -10.80
N PRO J 276 -2.71 78.96 -11.91
CA PRO J 276 -4.12 79.32 -12.05
C PRO J 276 -5.04 78.66 -11.03
N GLN J 277 -4.64 77.54 -10.43
CA GLN J 277 -5.52 76.85 -9.52
C GLN J 277 -5.54 77.46 -8.13
N SER J 278 -4.62 78.34 -7.79
CA SER J 278 -4.56 78.94 -6.47
C SER J 278 -5.20 80.32 -6.42
N ALA J 279 -5.84 80.75 -7.50
CA ALA J 279 -6.43 82.08 -7.52
C ALA J 279 -7.64 82.13 -6.61
N ASP J 280 -7.97 83.34 -6.17
CA ASP J 280 -9.14 83.56 -5.33
C ASP J 280 -10.30 83.97 -6.23
N VAL J 281 -11.41 83.25 -6.14
CA VAL J 281 -12.43 83.33 -7.17
C VAL J 281 -13.82 83.51 -6.56
N THR J 282 -13.90 83.57 -5.24
CA THR J 282 -15.19 83.67 -4.58
C THR J 282 -15.47 85.04 -3.98
N THR J 283 -14.45 85.88 -3.77
CA THR J 283 -14.68 87.18 -3.15
C THR J 283 -15.46 88.10 -4.06
N THR J 284 -15.04 88.23 -5.31
CA THR J 284 -15.68 89.14 -6.27
C THR J 284 -16.07 88.33 -7.49
N ALA J 285 -17.34 88.41 -7.87
CA ALA J 285 -17.81 87.68 -9.03
C ALA J 285 -17.10 88.15 -10.28
N GLY J 286 -16.64 87.20 -11.09
CA GLY J 286 -16.05 87.51 -12.37
C GLY J 286 -14.66 88.08 -12.31
N THR J 287 -13.93 87.87 -11.21
CA THR J 287 -12.58 88.38 -11.10
C THR J 287 -11.74 87.42 -10.29
N ALA J 288 -10.68 86.91 -10.91
CA ALA J 288 -9.72 86.06 -10.22
C ALA J 288 -8.61 86.95 -9.67
N ALA J 289 -8.36 86.85 -8.37
CA ALA J 289 -7.46 87.76 -7.67
C ALA J 289 -6.22 87.01 -7.20
N PHE J 290 -5.05 87.54 -7.52
CA PHE J 290 -3.79 86.99 -7.09
C PHE J 290 -3.14 87.95 -6.11
N ALA J 291 -2.57 87.42 -5.03
CA ALA J 291 -1.87 88.20 -4.03
C ALA J 291 -0.51 87.56 -3.80
N LEU J 292 0.56 88.27 -4.19
CA LEU J 292 1.90 87.73 -4.08
C LEU J 292 2.47 87.98 -2.69
N ASP J 293 3.17 86.98 -2.16
CA ASP J 293 3.92 87.14 -0.91
C ASP J 293 5.35 87.55 -1.26
N THR J 294 5.50 88.80 -1.66
CA THR J 294 6.76 89.27 -2.18
C THR J 294 7.82 89.44 -1.10
N ALA J 295 7.45 89.33 0.17
CA ALA J 295 8.44 89.54 1.23
C ALA J 295 9.38 88.36 1.42
N ASN J 296 9.03 87.19 0.88
CA ASN J 296 9.80 85.99 1.17
C ASN J 296 10.16 85.17 -0.07
N ILE J 297 9.72 85.58 -1.26
CA ILE J 297 9.99 84.81 -2.46
C ILE J 297 11.49 84.70 -2.67
N GLN J 298 11.92 83.63 -3.31
CA GLN J 298 13.35 83.38 -3.49
C GLN J 298 13.88 84.17 -4.68
N LEU J 299 14.95 84.93 -4.44
CA LEU J 299 15.42 85.92 -5.39
C LEU J 299 15.83 85.32 -6.72
N SER J 300 16.09 84.02 -6.80
CA SER J 300 16.42 83.43 -8.08
C SER J 300 15.17 83.07 -8.87
N SER J 301 13.99 83.31 -8.32
CA SER J 301 12.74 83.08 -9.04
C SER J 301 12.21 84.33 -9.72
N ILE J 302 13.06 85.32 -9.95
CA ILE J 302 12.67 86.54 -10.66
C ILE J 302 13.58 86.61 -11.89
N THR J 303 13.07 86.10 -13.01
CA THR J 303 13.88 85.85 -14.20
C THR J 303 13.46 86.73 -15.37
N SER J 304 14.37 86.89 -16.31
CA SER J 304 14.07 87.57 -17.57
C SER J 304 13.67 86.55 -18.63
N GLY J 305 13.63 86.98 -19.89
CA GLY J 305 13.16 86.11 -20.96
C GLY J 305 14.14 85.00 -21.33
N ALA J 306 13.64 84.05 -22.11
CA ALA J 306 14.48 82.97 -22.61
C ALA J 306 14.94 83.26 -24.03
N SER J 307 16.15 82.85 -24.35
CA SER J 307 16.73 83.13 -25.66
C SER J 307 16.09 82.24 -26.72
N SER J 308 16.34 82.58 -27.98
CA SER J 308 15.80 81.83 -29.10
C SER J 308 16.93 81.30 -29.98
N ASN J 309 16.84 80.02 -30.34
CA ASN J 309 17.88 79.34 -31.10
C ASN J 309 19.21 79.40 -30.38
N PRO J 310 19.37 78.73 -29.25
CA PRO J 310 20.65 78.84 -28.55
C PRO J 310 21.79 78.06 -29.20
N LEU J 311 21.52 76.85 -29.68
CA LEU J 311 22.59 75.99 -30.15
C LEU J 311 23.34 76.60 -31.34
N ALA J 312 22.62 77.25 -32.26
CA ALA J 312 23.30 77.92 -33.35
C ALA J 312 24.23 79.00 -32.84
N LYS J 313 23.79 79.74 -31.82
CA LYS J 313 24.63 80.80 -31.28
C LYS J 313 25.93 80.23 -30.72
N LEU J 314 25.83 79.14 -29.96
CA LEU J 314 27.03 78.58 -29.37
C LEU J 314 28.00 78.08 -30.45
N ASP J 315 27.45 77.50 -31.52
CA ASP J 315 28.33 77.06 -32.60
C ASP J 315 29.05 78.23 -33.26
N ALA J 316 28.35 79.35 -33.44
CA ALA J 316 29.02 80.53 -33.99
C ALA J 316 30.16 81.00 -33.09
N ALA J 317 29.94 80.99 -31.77
CA ALA J 317 30.99 81.37 -30.84
C ALA J 317 32.23 80.49 -31.01
N LEU J 318 32.01 79.18 -31.08
CA LEU J 318 33.15 78.27 -31.25
C LEU J 318 33.90 78.56 -32.55
N ALA J 319 33.16 78.89 -33.62
CA ALA J 319 33.82 79.22 -34.87
C ALA J 319 34.73 80.45 -34.72
N ASP J 320 34.26 81.48 -34.02
CA ASP J 320 35.10 82.66 -33.82
C ASP J 320 36.40 82.31 -33.13
N VAL J 321 36.30 81.55 -32.04
CA VAL J 321 37.52 81.17 -31.31
C VAL J 321 38.50 80.46 -32.23
N ASP J 322 38.02 79.49 -33.01
CA ASP J 322 38.93 78.72 -33.84
C ASP J 322 39.58 79.57 -34.90
N THR J 323 38.86 80.53 -35.47
CA THR J 323 39.49 81.42 -36.44
C THR J 323 40.67 82.16 -35.83
N LEU J 324 40.47 82.71 -34.63
CA LEU J 324 41.57 83.44 -34.00
C LEU J 324 42.78 82.53 -33.79
N ARG J 325 42.54 81.30 -33.30
CA ARG J 325 43.66 80.40 -33.06
C ARG J 325 44.41 80.09 -34.34
N SER J 326 43.69 79.94 -35.45
CA SER J 326 44.35 79.68 -36.72
C SER J 326 45.31 80.79 -37.08
N SER J 327 44.87 82.05 -36.94
CA SER J 327 45.77 83.16 -37.28
C SER J 327 47.03 83.13 -36.43
N LEU J 328 46.88 82.88 -35.13
CA LEU J 328 48.05 82.90 -34.25
C LEU J 328 49.05 81.80 -34.63
N GLY J 329 48.57 80.60 -34.91
CA GLY J 329 49.47 79.54 -35.31
C GLY J 329 50.24 79.86 -36.58
N ALA J 330 49.55 80.39 -37.58
CA ALA J 330 50.27 80.78 -38.80
C ALA J 330 51.36 81.78 -38.49
N VAL J 331 51.09 82.73 -37.60
CA VAL J 331 52.11 83.72 -37.26
C VAL J 331 53.36 83.05 -36.71
N GLN J 332 53.19 82.12 -35.77
CA GLN J 332 54.38 81.51 -35.19
C GLN J 332 55.19 80.75 -36.23
N ASN J 333 54.49 80.00 -37.11
CA ASN J 333 55.21 79.28 -38.15
C ASN J 333 56.00 80.23 -39.03
N ARG J 334 55.48 81.45 -39.26
CA ARG J 334 56.30 82.41 -39.99
C ARG J 334 57.51 82.85 -39.18
N PHE J 335 57.33 83.03 -37.86
CA PHE J 335 58.42 83.57 -37.05
C PHE J 335 59.66 82.70 -37.08
N ASP J 336 59.50 81.38 -37.02
CA ASP J 336 60.67 80.53 -36.78
C ASP J 336 61.74 80.67 -37.88
N SER J 337 61.32 80.71 -39.14
CA SER J 337 62.27 80.82 -40.24
C SER J 337 63.15 82.04 -40.08
N VAL J 338 62.62 83.10 -39.48
CA VAL J 338 63.38 84.32 -39.31
C VAL J 338 64.63 84.06 -38.49
N ILE J 339 64.48 83.40 -37.35
CA ILE J 339 65.64 83.15 -36.49
C ILE J 339 66.65 82.27 -37.21
N SER J 340 66.18 81.24 -37.92
CA SER J 340 67.15 80.39 -38.60
C SER J 340 67.97 81.18 -39.63
N ASN J 341 67.28 81.97 -40.45
CA ASN J 341 67.98 82.74 -41.48
C ASN J 341 68.92 83.77 -40.87
N LEU J 342 68.50 84.40 -39.77
CA LEU J 342 69.38 85.36 -39.12
C LEU J 342 70.66 84.72 -38.66
N GLY J 343 70.57 83.52 -38.07
CA GLY J 343 71.77 82.84 -37.64
C GLY J 343 72.74 82.61 -38.79
N THR J 344 72.23 82.08 -39.90
CA THR J 344 73.14 81.82 -41.01
C THR J 344 73.78 83.10 -41.54
N THR J 345 73.00 84.17 -41.66
CA THR J 345 73.54 85.41 -42.21
C THR J 345 74.63 85.98 -41.32
N VAL J 346 74.40 85.98 -40.00
CA VAL J 346 75.42 86.51 -39.10
C VAL J 346 76.71 85.72 -39.23
N THR J 347 76.61 84.40 -39.29
CA THR J 347 77.82 83.58 -39.43
C THR J 347 78.61 83.96 -40.67
N ASN J 348 77.94 84.00 -41.83
CA ASN J 348 78.66 84.24 -43.07
C ASN J 348 79.28 85.63 -43.10
N LEU J 349 78.54 86.63 -42.61
CA LEU J 349 79.08 87.99 -42.58
C LEU J 349 80.31 88.06 -41.68
N SER J 350 80.27 87.37 -40.55
CA SER J 350 81.42 87.39 -39.65
C SER J 350 82.64 86.79 -40.31
N ALA J 351 82.47 85.67 -41.02
CA ALA J 351 83.63 85.08 -41.69
C ALA J 351 84.20 86.02 -42.74
N SER J 352 83.33 86.70 -43.49
CA SER J 352 83.83 87.62 -44.52
C SER J 352 84.59 88.79 -43.91
N ARG J 353 84.08 89.37 -42.83
CA ARG J 353 84.82 90.45 -42.19
C ARG J 353 86.16 89.97 -41.69
N SER J 354 86.20 88.74 -41.16
CA SER J 354 87.48 88.17 -40.77
C SER J 354 88.46 88.16 -41.92
N ARG J 355 88.02 87.65 -43.08
CA ARG J 355 88.93 87.54 -44.21
C ARG J 355 89.40 88.92 -44.68
N ILE J 356 88.57 89.94 -44.54
CA ILE J 356 89.01 91.28 -44.94
C ILE J 356 90.04 91.84 -43.96
N GLN J 357 89.86 91.57 -42.67
CA GLN J 357 90.52 92.38 -41.65
C GLN J 357 91.65 91.68 -40.90
N ASP J 358 91.48 90.41 -40.53
CA ASP J 358 92.37 89.76 -39.57
C ASP J 358 93.77 89.56 -40.13
N ALA J 359 94.70 89.19 -39.23
CA ALA J 359 96.13 89.19 -39.52
C ALA J 359 96.69 87.79 -39.43
N ASP J 360 97.61 87.46 -40.33
CA ASP J 360 98.28 86.18 -40.32
C ASP J 360 99.32 86.14 -39.19
N TYR J 361 99.93 84.98 -39.00
CA TYR J 361 101.05 84.87 -38.06
C TYR J 361 102.31 84.31 -38.68
N ALA J 362 102.23 83.30 -39.54
CA ALA J 362 103.44 82.69 -40.06
C ALA J 362 104.28 83.70 -40.82
N THR J 363 103.66 84.46 -41.71
CA THR J 363 104.39 85.43 -42.51
C THR J 363 105.01 86.51 -41.63
N GLU J 364 104.27 86.98 -40.63
CA GLU J 364 104.79 88.01 -39.75
C GLU J 364 106.00 87.49 -38.97
N VAL J 365 105.94 86.25 -38.50
CA VAL J 365 107.06 85.69 -37.77
C VAL J 365 108.31 85.65 -38.66
N SER J 366 108.12 85.17 -39.89
CA SER J 366 109.27 85.10 -40.79
C SER J 366 109.85 86.47 -41.07
N ASN J 367 109.00 87.46 -41.30
CA ASN J 367 109.49 88.80 -41.61
C ASN J 367 110.19 89.43 -40.43
N MET J 368 109.69 89.18 -39.22
CA MET J 368 110.37 89.70 -38.03
C MET J 368 111.78 89.13 -37.93
N THR J 369 111.92 87.82 -38.20
CA THR J 369 113.25 87.22 -38.15
C THR J 369 114.19 87.85 -39.18
N ARG J 370 113.74 87.93 -40.43
CA ARG J 370 114.60 88.48 -41.46
C ARG J 370 114.84 89.97 -41.23
N ALA J 371 114.03 90.58 -40.36
CA ALA J 371 114.31 91.95 -39.96
C ALA J 371 115.47 91.99 -38.96
N GLN J 372 115.38 91.23 -37.88
CA GLN J 372 116.38 91.33 -36.82
C GLN J 372 117.77 90.98 -37.33
N ILE J 373 117.88 89.98 -38.20
CA ILE J 373 119.21 89.54 -38.60
C ILE J 373 119.95 90.68 -39.32
N LEU J 374 119.25 91.39 -40.20
CA LEU J 374 119.89 92.50 -40.90
C LEU J 374 120.29 93.60 -39.93
N GLN J 375 119.53 93.77 -38.85
CA GLN J 375 119.90 94.74 -37.83
C GLN J 375 121.25 94.40 -37.21
N GLN J 376 121.43 93.12 -36.85
CA GLN J 376 122.71 92.73 -36.26
C GLN J 376 123.85 92.93 -37.25
N ALA J 377 123.65 92.51 -38.50
CA ALA J 377 124.71 92.68 -39.49
C ALA J 377 125.04 94.16 -39.66
N GLY J 378 124.01 95.01 -39.64
CA GLY J 378 124.24 96.44 -39.79
C GLY J 378 125.08 97.01 -38.67
N THR J 379 124.79 96.63 -37.44
CA THR J 379 125.59 97.15 -36.33
C THR J 379 127.05 96.69 -36.42
N SER J 380 127.26 95.41 -36.74
CA SER J 380 128.63 94.93 -36.85
C SER J 380 129.40 95.68 -37.93
N VAL J 381 128.80 95.84 -39.11
CA VAL J 381 129.50 96.55 -40.17
C VAL J 381 129.66 98.02 -39.82
N LEU J 382 128.74 98.58 -39.04
CA LEU J 382 128.91 99.96 -38.61
C LEU J 382 130.18 100.12 -37.81
N ALA J 383 130.39 99.23 -36.82
CA ALA J 383 131.63 99.31 -36.05
C ALA J 383 132.85 99.13 -36.95
N GLN J 384 132.81 98.12 -37.81
CA GLN J 384 133.96 97.83 -38.67
C GLN J 384 134.31 99.02 -39.55
N ALA J 385 133.29 99.68 -40.12
CA ALA J 385 133.55 100.77 -41.05
C ALA J 385 133.96 102.05 -40.32
N ASN J 386 133.36 102.30 -39.17
CA ASN J 386 133.70 103.50 -38.41
C ASN J 386 135.15 103.43 -37.94
N GLN J 387 135.63 102.24 -37.61
CA GLN J 387 137.01 102.08 -37.16
C GLN J 387 138.03 102.32 -38.27
N THR J 388 137.60 102.38 -39.53
CA THR J 388 138.52 102.25 -40.66
C THR J 388 139.62 103.30 -40.68
N THR J 389 139.29 104.55 -40.35
CA THR J 389 140.22 105.65 -40.59
C THR J 389 141.43 105.64 -39.66
N GLN J 390 141.48 104.74 -38.68
CA GLN J 390 142.60 104.69 -37.75
C GLN J 390 143.93 104.54 -38.46
N ASN J 391 143.94 103.88 -39.62
CA ASN J 391 145.20 103.49 -40.24
C ASN J 391 146.03 104.69 -40.66
N VAL J 392 145.39 105.82 -40.95
CA VAL J 392 146.12 106.97 -41.49
C VAL J 392 147.04 107.56 -40.44
N LEU J 393 146.74 107.31 -39.16
CA LEU J 393 147.59 107.82 -38.09
C LEU J 393 148.99 107.25 -38.19
N SER J 394 149.15 106.14 -38.91
CA SER J 394 150.44 105.46 -38.95
C SER J 394 151.49 106.26 -39.71
N LEU J 395 151.09 107.01 -40.75
CA LEU J 395 152.09 107.68 -41.58
C LEU J 395 152.91 108.69 -40.79
N LEU J 396 152.26 109.47 -39.94
CA LEU J 396 152.99 110.44 -39.13
C LEU J 396 153.40 109.82 -37.80
N ALA K 2 123.87 80.33 -52.66
CA ALA K 2 124.90 80.66 -51.68
C ALA K 2 124.29 80.89 -50.31
N GLN K 3 124.77 81.90 -49.61
CA GLN K 3 124.32 82.20 -48.25
C GLN K 3 123.76 83.62 -48.23
N VAL K 4 122.49 83.75 -48.55
CA VAL K 4 121.85 85.06 -48.63
C VAL K 4 120.88 85.17 -47.47
N ILE K 5 120.88 86.33 -46.82
CA ILE K 5 119.95 86.58 -45.73
C ILE K 5 118.92 87.63 -46.08
N ASN K 6 118.82 88.03 -47.34
CA ASN K 6 117.78 88.98 -47.71
C ASN K 6 116.46 88.26 -47.96
N THR K 7 116.52 87.05 -48.52
CA THR K 7 115.33 86.24 -48.78
C THR K 7 115.63 84.78 -48.48
N ASN K 8 114.70 84.12 -47.81
CA ASN K 8 114.78 82.69 -47.54
C ASN K 8 113.62 82.00 -48.23
N SER K 9 113.93 81.11 -49.17
CA SER K 9 112.90 80.51 -50.02
C SER K 9 112.39 79.17 -49.52
N LEU K 10 112.96 78.61 -48.45
CA LEU K 10 112.42 77.39 -47.89
C LEU K 10 111.22 77.68 -46.99
N SER K 11 111.31 78.76 -46.22
CA SER K 11 110.15 79.20 -45.44
C SER K 11 108.99 79.52 -46.35
N LEU K 12 109.26 80.15 -47.50
CA LEU K 12 108.20 80.40 -48.46
C LEU K 12 107.50 79.11 -48.85
N MET K 13 108.27 78.08 -49.19
CA MET K 13 107.68 76.83 -49.62
C MET K 13 106.85 76.19 -48.53
N THR K 14 107.35 76.18 -47.30
CA THR K 14 106.59 75.55 -46.23
C THR K 14 105.31 76.32 -45.92
N GLN K 15 105.38 77.65 -45.88
CA GLN K 15 104.18 78.44 -45.64
C GLN K 15 103.15 78.20 -46.72
N ASN K 16 103.60 78.14 -47.98
CA ASN K 16 102.72 77.77 -49.07
C ASN K 16 102.07 76.42 -48.83
N ASN K 17 102.86 75.44 -48.43
CA ASN K 17 102.44 74.04 -48.41
C ASN K 17 101.53 73.73 -47.23
N LEU K 18 101.49 74.59 -46.22
CA LEU K 18 100.67 74.30 -45.04
C LEU K 18 99.17 74.39 -45.33
N ASN K 19 98.76 75.28 -46.24
CA ASN K 19 97.34 75.56 -46.42
C ASN K 19 96.61 74.36 -46.99
N THR K 20 97.30 73.56 -47.80
CA THR K 20 96.69 72.38 -48.38
C THR K 20 96.18 71.45 -47.30
N SER K 21 97.00 71.19 -46.28
CA SER K 21 96.53 70.38 -45.16
C SER K 21 95.39 71.05 -44.43
N GLN K 22 95.49 72.36 -44.21
CA GLN K 22 94.50 73.02 -43.39
C GLN K 22 93.11 72.91 -44.00
N SER K 23 93.02 72.99 -45.34
CA SER K 23 91.72 72.95 -46.00
C SER K 23 91.01 71.61 -45.79
N ALA K 24 91.72 70.50 -45.99
CA ALA K 24 91.12 69.20 -45.78
C ALA K 24 90.72 69.02 -44.33
N LEU K 25 91.51 69.57 -43.41
CA LEU K 25 91.10 69.53 -42.01
C LEU K 25 89.74 70.17 -41.84
N ASN K 26 89.55 71.35 -42.42
CA ASN K 26 88.29 72.06 -42.25
C ASN K 26 87.13 71.25 -42.78
N THR K 27 87.29 70.68 -43.97
CA THR K 27 86.18 69.91 -44.56
C THR K 27 85.81 68.71 -43.69
N ALA K 28 86.82 67.98 -43.21
CA ALA K 28 86.53 66.79 -42.41
C ALA K 28 85.84 67.17 -41.11
N ILE K 29 86.24 68.28 -40.48
CA ILE K 29 85.56 68.72 -39.27
C ILE K 29 84.10 69.05 -39.57
N GLN K 30 83.87 69.72 -40.70
CA GLN K 30 82.52 70.15 -41.04
C GLN K 30 81.57 68.97 -41.22
N ARG K 31 82.01 67.95 -41.95
CA ARG K 31 81.10 66.84 -42.26
C ARG K 31 80.66 66.11 -41.00
N LEU K 32 81.56 65.94 -40.04
CA LEU K 32 81.22 65.18 -38.84
C LEU K 32 80.12 65.89 -38.05
N SER K 33 80.20 67.21 -37.95
CA SER K 33 79.24 67.95 -37.15
C SER K 33 77.90 68.08 -37.84
N SER K 34 77.90 68.29 -39.16
CA SER K 34 76.62 68.47 -39.84
C SER K 34 75.83 67.17 -39.91
N GLY K 35 76.53 66.05 -40.07
CA GLY K 35 75.89 64.76 -40.07
C GLY K 35 75.69 64.13 -41.42
N LEU K 36 75.90 64.87 -42.52
CA LEU K 36 75.66 64.33 -43.85
C LEU K 36 76.64 64.94 -44.84
N ARG K 37 76.72 64.28 -46.00
CA ARG K 37 77.88 64.46 -46.88
C ARG K 37 77.71 65.64 -47.81
N ILE K 38 76.50 65.95 -48.22
CA ILE K 38 76.24 66.99 -49.20
C ILE K 38 75.73 68.21 -48.45
N ASN K 39 76.63 69.13 -48.14
CA ASN K 39 76.28 70.35 -47.42
C ASN K 39 76.10 71.56 -48.31
N SER K 40 76.58 71.50 -49.55
CA SER K 40 76.49 72.64 -50.45
C SER K 40 76.52 72.13 -51.88
N ALA K 41 76.09 72.99 -52.80
CA ALA K 41 76.21 72.64 -54.20
C ALA K 41 77.67 72.55 -54.61
N LYS K 42 78.57 73.05 -53.76
CA LYS K 42 79.99 72.96 -54.05
C LYS K 42 80.46 71.51 -54.00
N ASP K 43 79.75 70.65 -53.26
CA ASP K 43 80.11 69.24 -53.22
C ASP K 43 79.82 68.57 -54.56
N ASP K 44 78.57 68.58 -54.99
CA ASP K 44 78.19 68.09 -56.32
C ASP K 44 76.78 68.57 -56.63
N ALA K 45 76.58 69.09 -57.84
CA ALA K 45 75.26 69.62 -58.18
C ALA K 45 74.26 68.51 -58.43
N ALA K 46 74.68 67.44 -59.09
CA ALA K 46 73.75 66.41 -59.53
C ALA K 46 73.04 65.75 -58.36
N GLY K 47 73.78 65.44 -57.29
CA GLY K 47 73.19 64.71 -56.18
C GLY K 47 72.15 65.50 -55.42
N GLN K 48 72.38 66.80 -55.26
CA GLN K 48 71.49 67.60 -54.42
C GLN K 48 70.09 67.70 -55.02
N ALA K 49 70.00 67.94 -56.32
CA ALA K 49 68.70 68.01 -56.97
C ALA K 49 67.95 66.69 -56.82
N ILE K 50 68.64 65.58 -57.03
CA ILE K 50 68.00 64.27 -56.92
C ILE K 50 67.47 64.07 -55.52
N ALA K 51 68.27 64.39 -54.51
CA ALA K 51 67.83 64.19 -53.15
C ALA K 51 66.63 65.05 -52.83
N ASN K 52 66.61 66.29 -53.33
CA ASN K 52 65.48 67.16 -53.06
C ASN K 52 64.20 66.63 -53.67
N ARG K 53 64.31 66.09 -54.88
CA ARG K 53 63.14 65.51 -55.53
C ARG K 53 62.65 64.27 -54.78
N PHE K 54 63.57 63.49 -54.22
CA PHE K 54 63.14 62.38 -53.35
C PHE K 54 62.37 62.90 -52.14
N THR K 55 62.88 63.96 -51.52
CA THR K 55 62.26 64.49 -50.31
C THR K 55 60.84 64.96 -50.58
N ALA K 56 60.62 65.64 -51.71
CA ALA K 56 59.29 66.13 -52.02
C ALA K 56 58.29 64.99 -52.10
N ASN K 57 58.65 63.89 -52.76
CA ASN K 57 57.75 62.76 -52.87
C ASN K 57 57.49 62.12 -51.52
N ILE K 58 58.52 61.98 -50.69
CA ILE K 58 58.30 61.45 -49.35
C ILE K 58 57.25 62.27 -48.63
N LYS K 59 57.44 63.59 -48.64
CA LYS K 59 56.61 64.47 -47.84
C LYS K 59 55.18 64.51 -48.37
N GLY K 60 55.01 64.26 -49.67
CA GLY K 60 53.65 64.19 -50.20
C GLY K 60 52.97 62.88 -49.86
N LEU K 61 53.66 61.75 -50.13
CA LEU K 61 53.05 60.45 -49.91
C LEU K 61 52.64 60.27 -48.46
N THR K 62 53.37 60.88 -47.53
CA THR K 62 52.97 60.78 -46.13
C THR K 62 51.56 61.29 -45.92
N GLN K 63 51.24 62.47 -46.44
CA GLN K 63 49.92 63.05 -46.22
C GLN K 63 48.86 62.30 -47.00
N ALA K 64 49.22 61.83 -48.20
CA ALA K 64 48.27 61.05 -48.97
C ALA K 64 47.89 59.77 -48.24
N GLN K 65 48.76 59.30 -47.34
CA GLN K 65 48.41 58.15 -46.51
C GLN K 65 47.34 58.49 -45.48
N ARG K 66 47.32 59.75 -45.01
CA ARG K 66 46.32 60.18 -44.03
C ARG K 66 44.96 60.35 -44.69
N ASN K 67 44.94 60.88 -45.90
CA ASN K 67 43.67 61.08 -46.60
C ASN K 67 42.88 59.78 -46.71
N ALA K 68 43.57 58.67 -46.96
CA ALA K 68 42.88 57.40 -47.12
C ALA K 68 42.22 56.96 -45.81
N ASN K 69 42.88 57.22 -44.68
CA ASN K 69 42.29 56.87 -43.40
C ASN K 69 41.01 57.66 -43.18
N ASP K 70 41.01 58.93 -43.56
CA ASP K 70 39.78 59.70 -43.46
C ASP K 70 38.67 59.07 -44.32
N GLY K 71 39.03 58.63 -45.53
CA GLY K 71 38.04 58.00 -46.39
C GLY K 71 37.44 56.74 -45.80
N ILE K 72 38.29 55.89 -45.22
CA ILE K 72 37.77 54.69 -44.56
C ILE K 72 36.82 55.06 -43.43
N SER K 73 37.15 56.12 -42.69
CA SER K 73 36.24 56.54 -41.62
C SER K 73 34.87 56.91 -42.15
N LEU K 74 34.81 57.65 -43.25
CA LEU K 74 33.53 58.01 -43.82
C LEU K 74 32.72 56.78 -44.23
N ALA K 75 33.34 55.91 -45.02
CA ALA K 75 32.62 54.74 -45.52
C ALA K 75 32.16 53.85 -44.37
N GLN K 76 32.94 53.81 -43.29
CA GLN K 76 32.56 53.05 -42.12
C GLN K 76 31.35 53.66 -41.44
N THR K 77 31.33 54.99 -41.29
CA THR K 77 30.25 55.64 -40.56
C THR K 77 28.91 55.37 -41.22
N THR K 78 28.85 55.37 -42.55
CA THR K 78 27.54 55.27 -43.20
C THR K 78 26.80 53.96 -42.85
N GLU K 79 27.52 52.83 -42.84
CA GLU K 79 26.86 51.53 -42.69
C GLU K 79 26.12 51.41 -41.36
N GLY K 80 26.70 51.98 -40.29
CA GLY K 80 26.04 51.94 -39.01
C GLY K 80 24.71 52.63 -39.04
N ALA K 81 24.60 53.70 -39.82
CA ALA K 81 23.29 54.28 -40.04
C ALA K 81 22.38 53.30 -40.75
N LEU K 82 22.91 52.61 -41.75
CA LEU K 82 22.05 51.89 -42.67
C LEU K 82 21.44 50.63 -42.03
N THR K 83 22.11 50.09 -41.01
CA THR K 83 21.61 48.86 -40.40
C THR K 83 20.24 49.05 -39.74
N GLU K 84 20.00 50.20 -39.13
CA GLU K 84 18.72 50.39 -38.44
C GLU K 84 17.57 50.46 -39.43
N VAL K 85 17.80 51.08 -40.58
CA VAL K 85 16.81 51.05 -41.66
C VAL K 85 16.47 49.60 -42.00
N ASN K 86 17.52 48.78 -42.16
CA ASN K 86 17.25 47.36 -42.41
C ASN K 86 16.34 46.78 -41.33
N ASN K 87 16.66 47.04 -40.07
CA ASN K 87 15.96 46.38 -38.98
C ASN K 87 14.51 46.81 -38.90
N ASN K 88 14.21 48.05 -39.29
CA ASN K 88 12.82 48.49 -39.27
C ASN K 88 12.01 47.86 -40.40
N LEU K 89 12.61 47.78 -41.59
CA LEU K 89 11.88 47.14 -42.69
C LEU K 89 11.57 45.68 -42.38
N GLN K 90 12.53 44.99 -41.78
CA GLN K 90 12.35 43.57 -41.49
C GLN K 90 11.22 43.33 -40.49
N ARG K 91 10.88 44.35 -39.70
CA ARG K 91 9.79 44.23 -38.74
C ARG K 91 8.46 44.59 -39.38
N ILE K 92 8.46 45.59 -40.26
CA ILE K 92 7.23 45.94 -40.95
C ILE K 92 6.72 44.75 -41.75
N ARG K 93 7.63 44.01 -42.39
CA ARG K 93 7.19 42.87 -43.19
C ARG K 93 6.51 41.81 -42.33
N GLU K 94 7.12 41.49 -41.18
CA GLU K 94 6.53 40.49 -40.29
C GLU K 94 5.17 40.94 -39.78
N LEU K 95 5.03 42.24 -39.48
CA LEU K 95 3.74 42.73 -39.01
C LEU K 95 2.69 42.70 -40.11
N SER K 96 3.13 42.85 -41.36
CA SER K 96 2.18 42.82 -42.46
C SER K 96 1.71 41.41 -42.77
N VAL K 97 2.51 40.39 -42.46
CA VAL K 97 2.03 39.01 -42.64
C VAL K 97 0.90 38.72 -41.66
N GLN K 98 0.80 39.48 -40.57
CA GLN K 98 -0.23 39.22 -39.57
C GLN K 98 -1.60 39.70 -40.04
N ALA K 99 -1.64 40.81 -40.77
CA ALA K 99 -2.91 41.43 -41.11
C ALA K 99 -3.53 40.88 -42.38
N ALA K 100 -3.18 39.66 -42.77
CA ALA K 100 -3.77 39.06 -43.96
C ALA K 100 -4.81 38.00 -43.65
N THR K 101 -4.89 37.55 -42.40
CA THR K 101 -5.88 36.57 -42.01
C THR K 101 -7.27 37.17 -42.13
N GLY K 102 -8.26 36.33 -42.44
CA GLY K 102 -9.62 36.81 -42.52
C GLY K 102 -10.29 36.89 -41.17
N SER K 103 -9.58 36.50 -40.11
CA SER K 103 -10.18 36.44 -38.79
C SER K 103 -10.09 37.77 -38.05
N ASN K 104 -9.36 38.73 -38.61
CA ASN K 104 -9.17 40.00 -37.94
C ASN K 104 -10.42 40.86 -38.03
N SER K 105 -10.57 41.77 -37.06
CA SER K 105 -11.63 42.77 -37.06
C SER K 105 -11.15 44.05 -37.72
N ALA K 106 -11.90 45.14 -37.49
CA ALA K 106 -11.48 46.43 -38.03
C ALA K 106 -10.55 47.18 -37.07
N SER K 107 -10.90 47.21 -35.79
CA SER K 107 -10.07 47.88 -34.81
C SER K 107 -8.69 47.26 -34.73
N ASP K 108 -8.58 45.95 -34.93
CA ASP K 108 -7.27 45.31 -34.92
C ASP K 108 -6.41 45.81 -36.07
N LEU K 109 -7.00 45.96 -37.24
CA LEU K 109 -6.24 46.53 -38.34
C LEU K 109 -5.80 47.94 -38.00
N GLN K 110 -6.65 48.69 -37.31
CA GLN K 110 -6.23 50.03 -36.89
C GLN K 110 -5.04 49.97 -35.94
N SER K 111 -5.06 49.04 -34.99
CA SER K 111 -3.97 48.91 -34.03
C SER K 111 -2.66 48.59 -34.72
N ILE K 112 -2.71 47.71 -35.72
CA ILE K 112 -1.48 47.41 -36.46
C ILE K 112 -1.01 48.63 -37.25
N GLN K 113 -1.95 49.33 -37.88
CA GLN K 113 -1.58 50.45 -38.75
C GLN K 113 -0.89 51.55 -37.97
N ASP K 114 -1.29 51.75 -36.71
CA ASP K 114 -0.60 52.76 -35.91
C ASP K 114 0.88 52.45 -35.79
N GLU K 115 1.21 51.23 -35.42
CA GLU K 115 2.61 50.90 -35.22
C GLU K 115 3.36 51.05 -36.52
N ILE K 116 2.77 50.62 -37.63
CA ILE K 116 3.45 50.74 -38.92
C ILE K 116 3.73 52.21 -39.25
N LYS K 117 2.79 53.09 -38.89
CA LYS K 117 3.01 54.51 -39.08
C LYS K 117 4.24 54.99 -38.34
N GLN K 118 4.45 54.49 -37.12
CA GLN K 118 5.64 54.92 -36.36
C GLN K 118 6.94 54.54 -37.06
N ARG K 119 7.09 53.25 -37.41
CA ARG K 119 8.31 52.80 -38.06
C ARG K 119 8.57 53.56 -39.34
N LEU K 120 7.53 53.81 -40.14
CA LEU K 120 7.76 54.53 -41.39
C LEU K 120 8.36 55.90 -41.12
N GLU K 121 7.92 56.57 -40.06
CA GLU K 121 8.47 57.88 -39.74
C GLU K 121 9.95 57.78 -39.36
N GLU K 122 10.32 56.68 -38.71
CA GLU K 122 11.69 56.58 -38.20
C GLU K 122 12.73 56.64 -39.32
N ILE K 123 12.45 55.99 -40.45
CA ILE K 123 13.41 56.00 -41.56
C ILE K 123 13.60 57.41 -42.09
N ASN K 124 12.49 58.14 -42.26
CA ASN K 124 12.58 59.52 -42.72
C ASN K 124 13.44 60.34 -41.78
N ARG K 125 13.31 60.12 -40.48
CA ARG K 125 14.13 60.86 -39.54
C ARG K 125 15.61 60.51 -39.69
N VAL K 126 15.91 59.21 -39.72
CA VAL K 126 17.30 58.77 -39.77
C VAL K 126 17.99 59.34 -40.99
N SER K 127 17.30 59.42 -42.12
CA SER K 127 17.94 60.00 -43.30
C SER K 127 18.27 61.47 -43.07
N GLU K 128 17.48 62.16 -42.24
CA GLU K 128 17.67 63.60 -42.09
C GLU K 128 18.80 63.95 -41.14
N GLN K 129 18.86 63.34 -39.95
CA GLN K 129 19.91 63.79 -39.02
C GLN K 129 21.31 63.35 -39.43
N THR K 130 21.48 62.10 -39.86
CA THR K 130 22.81 61.51 -39.99
C THR K 130 23.72 62.39 -40.83
N GLN K 131 24.94 62.62 -40.35
CA GLN K 131 25.87 63.50 -41.03
C GLN K 131 27.27 63.31 -40.48
N PHE K 132 28.25 63.46 -41.37
CA PHE K 132 29.67 63.28 -41.04
C PHE K 132 30.42 64.53 -41.48
N ASN K 133 30.98 65.27 -40.53
CA ASN K 133 31.72 66.49 -40.82
C ASN K 133 30.90 67.47 -41.66
N GLY K 134 29.64 67.66 -41.27
CA GLY K 134 28.80 68.60 -41.96
C GLY K 134 28.30 68.14 -43.30
N VAL K 135 28.41 66.86 -43.62
CA VAL K 135 27.95 66.29 -44.88
C VAL K 135 26.82 65.32 -44.58
N LYS K 136 25.65 65.58 -45.15
CA LYS K 136 24.53 64.65 -45.04
C LYS K 136 24.73 63.59 -46.11
N VAL K 137 24.91 62.33 -45.68
CA VAL K 137 25.36 61.32 -46.63
C VAL K 137 24.19 60.55 -47.21
N LEU K 138 23.08 60.45 -46.49
CA LEU K 138 21.97 59.63 -46.95
C LEU K 138 20.84 60.44 -47.57
N ALA K 139 21.08 61.65 -48.07
CA ALA K 139 20.01 62.43 -48.66
C ALA K 139 20.44 63.27 -49.86
N LYS K 140 21.41 62.83 -50.66
CA LYS K 140 21.88 63.68 -51.74
C LYS K 140 21.97 63.03 -53.11
N ASP K 141 22.40 61.79 -53.22
CA ASP K 141 22.51 61.08 -54.49
C ASP K 141 23.56 61.72 -55.41
N THR K 142 24.76 61.94 -54.87
CA THR K 142 25.90 62.42 -55.63
C THR K 142 27.09 61.53 -55.31
N LYS K 143 28.28 61.93 -55.76
CA LYS K 143 29.49 61.18 -55.48
C LYS K 143 30.60 62.07 -54.94
N MET K 144 31.42 61.52 -54.06
CA MET K 144 32.39 62.25 -53.28
C MET K 144 33.74 61.55 -53.40
N ASN K 145 34.73 62.24 -53.95
CA ASN K 145 35.96 61.59 -54.38
C ASN K 145 37.16 62.03 -53.55
N ILE K 146 37.86 61.04 -52.99
CA ILE K 146 39.06 61.28 -52.20
C ILE K 146 40.26 61.41 -53.11
N GLN K 147 41.37 61.96 -52.58
CA GLN K 147 42.63 61.96 -53.30
C GLN K 147 43.66 61.11 -52.60
N VAL K 148 44.22 60.13 -53.32
CA VAL K 148 45.32 59.31 -52.85
C VAL K 148 46.43 59.37 -53.89
N GLY K 149 47.62 59.78 -53.48
CA GLY K 149 48.69 59.99 -54.42
C GLY K 149 49.14 61.43 -54.45
N ALA K 150 50.36 61.68 -54.96
CA ALA K 150 50.97 62.99 -54.88
C ALA K 150 51.07 63.69 -56.22
N ASN K 151 50.04 63.63 -57.06
CA ASN K 151 49.98 64.42 -58.28
C ASN K 151 48.54 64.81 -58.55
N ASP K 152 48.29 65.31 -59.76
CA ASP K 152 46.95 65.74 -60.11
C ASP K 152 46.14 64.59 -60.67
N GLY K 153 44.85 64.58 -60.37
CA GLY K 153 43.97 63.55 -60.92
C GLY K 153 44.29 62.14 -60.47
N GLU K 154 44.28 61.91 -59.15
CA GLU K 154 44.52 60.58 -58.59
C GLU K 154 43.32 60.07 -57.81
N ILE K 155 42.14 60.60 -58.10
CA ILE K 155 41.01 60.47 -57.20
C ILE K 155 40.43 59.06 -57.22
N ILE K 156 39.64 58.75 -56.20
CA ILE K 156 38.84 57.54 -56.11
C ILE K 156 37.44 57.94 -55.70
N ALA K 157 36.43 57.39 -56.38
CA ALA K 157 35.06 57.86 -56.21
C ALA K 157 34.31 56.97 -55.23
N ILE K 158 33.26 57.53 -54.63
CA ILE K 158 32.36 56.80 -53.73
C ILE K 158 30.93 57.09 -54.15
N ASP K 159 30.07 56.07 -54.13
CA ASP K 159 28.84 56.15 -54.91
C ASP K 159 27.77 57.02 -54.22
N LEU K 160 27.40 56.70 -52.98
CA LEU K 160 26.51 57.55 -52.17
C LEU K 160 25.16 57.84 -52.85
N LYS K 161 24.32 56.82 -52.93
CA LYS K 161 22.95 57.06 -53.36
C LYS K 161 22.13 57.65 -52.21
N GLU K 162 20.81 57.68 -52.42
CA GLU K 162 19.90 58.45 -51.58
C GLU K 162 18.70 57.59 -51.18
N ILE K 163 18.24 57.74 -49.94
CA ILE K 163 17.26 56.84 -49.33
C ILE K 163 16.30 57.63 -48.45
N THR K 164 15.00 57.47 -48.70
CA THR K 164 13.93 58.01 -47.87
C THR K 164 12.78 57.02 -47.87
N ALA K 165 11.60 57.49 -47.46
CA ALA K 165 10.42 56.65 -47.55
C ALA K 165 9.65 56.93 -48.83
N LYS K 166 10.08 57.92 -49.61
CA LYS K 166 9.46 58.15 -50.90
C LYS K 166 10.25 57.48 -52.01
N THR K 167 11.56 57.43 -51.86
CA THR K 167 12.41 56.79 -52.86
C THR K 167 12.20 55.28 -52.89
N LEU K 168 12.05 54.66 -51.73
CA LEU K 168 11.85 53.23 -51.65
C LEU K 168 10.52 52.80 -52.24
N GLY K 169 9.62 53.72 -52.52
CA GLY K 169 8.31 53.37 -53.04
C GLY K 169 7.32 52.96 -51.98
N LEU K 170 7.49 53.41 -50.75
CA LEU K 170 6.61 53.05 -49.65
C LEU K 170 5.70 54.19 -49.25
N ASP K 171 5.56 55.23 -50.06
CA ASP K 171 4.74 56.35 -49.67
C ASP K 171 3.27 55.98 -49.70
N GLY K 172 2.52 56.45 -48.72
CA GLY K 172 1.09 56.17 -48.67
C GLY K 172 0.76 54.71 -48.53
N PHE K 173 1.74 53.91 -48.11
CA PHE K 173 1.57 52.50 -47.85
C PHE K 173 0.67 52.34 -46.64
N ASN K 174 -0.36 51.52 -46.75
CA ASN K 174 -1.22 51.30 -45.60
C ASN K 174 -2.04 50.03 -45.78
N VAL K 175 -2.56 49.56 -44.67
CA VAL K 175 -3.58 48.53 -44.61
C VAL K 175 -4.83 49.18 -44.04
N SER K 176 -5.89 48.41 -43.90
CA SER K 176 -7.13 48.77 -43.21
C SER K 176 -8.03 49.69 -44.02
N GLY K 177 -7.59 50.19 -45.15
CA GLY K 177 -8.44 51.04 -45.96
C GLY K 177 -8.68 52.39 -45.33
N PRO K 178 -9.74 53.07 -45.76
CA PRO K 178 -9.95 54.45 -45.33
C PRO K 178 -10.45 54.51 -43.91
N LYS K 179 -10.45 55.71 -43.34
CA LYS K 179 -10.96 55.89 -41.98
C LYS K 179 -12.32 56.55 -41.93
N GLY K 180 -12.47 57.74 -42.51
CA GLY K 180 -13.75 58.41 -42.53
C GLY K 180 -14.23 58.60 -43.95
N THR K 181 -15.28 59.39 -44.10
CA THR K 181 -15.74 59.70 -45.44
C THR K 181 -14.77 60.69 -46.09
N PRO K 182 -14.18 60.33 -47.24
CA PRO K 182 -13.17 61.20 -47.84
C PRO K 182 -13.75 62.52 -48.32
N ALA K 183 -12.86 63.50 -48.50
CA ALA K 183 -13.21 64.85 -48.94
C ALA K 183 -12.13 65.37 -49.88
N ALA K 184 -12.46 66.44 -50.59
CA ALA K 184 -11.59 66.93 -51.64
C ALA K 184 -10.30 67.51 -51.08
N LEU K 185 -9.41 67.92 -51.98
CA LEU K 185 -8.05 68.29 -51.63
C LEU K 185 -7.92 69.81 -51.53
N VAL K 186 -7.51 70.29 -50.36
CA VAL K 186 -7.16 71.69 -50.15
C VAL K 186 -5.72 71.93 -50.56
N ALA K 187 -5.32 73.20 -50.59
CA ALA K 187 -4.02 73.57 -51.15
C ALA K 187 -2.85 72.99 -50.36
N ALA K 188 -3.04 72.72 -49.07
CA ALA K 188 -1.91 72.30 -48.25
C ALA K 188 -1.39 70.92 -48.66
N ASP K 189 -2.29 70.05 -49.11
CA ASP K 189 -1.89 68.67 -49.42
C ASP K 189 -0.90 68.63 -50.57
N TYR K 190 -1.16 69.42 -51.62
CA TYR K 190 -0.25 69.48 -52.75
C TYR K 190 1.15 69.86 -52.30
N GLN K 191 1.25 70.85 -51.41
CA GLN K 191 2.56 71.31 -50.98
C GLN K 191 3.30 70.24 -50.20
N ALA K 192 2.60 69.53 -49.32
CA ALA K 192 3.25 68.46 -48.57
C ALA K 192 3.69 67.34 -49.50
N ALA K 193 2.90 67.06 -50.54
CA ALA K 193 3.23 65.93 -51.41
C ALA K 193 4.37 66.26 -52.34
N TYR K 194 4.44 67.50 -52.85
CA TYR K 194 5.37 67.84 -53.91
C TYR K 194 6.31 69.00 -53.58
N GLY K 195 6.21 69.59 -52.40
CA GLY K 195 7.10 70.67 -52.06
C GLY K 195 6.35 71.98 -51.83
N THR K 196 7.06 72.93 -51.23
CA THR K 196 6.39 74.13 -50.72
C THR K 196 6.04 75.11 -51.83
N THR K 197 6.83 75.14 -52.91
CA THR K 197 6.59 76.06 -54.01
C THR K 197 5.96 75.39 -55.21
N THR K 198 5.19 74.33 -55.00
CA THR K 198 4.70 73.55 -56.12
C THR K 198 3.70 74.36 -56.94
N ASN K 199 3.46 73.91 -58.16
CA ASN K 199 2.57 74.60 -59.08
C ASN K 199 1.34 73.80 -59.43
N VAL K 200 1.30 72.51 -59.10
CA VAL K 200 0.17 71.67 -59.47
C VAL K 200 -1.07 72.10 -58.70
N THR K 201 -2.24 71.97 -59.33
CA THR K 201 -3.48 72.37 -58.69
C THR K 201 -4.63 71.38 -58.78
N THR K 202 -4.69 70.55 -59.82
CA THR K 202 -5.85 69.69 -60.00
C THR K 202 -5.39 68.28 -60.32
N THR K 203 -6.35 67.35 -60.34
CA THR K 203 -6.05 65.95 -60.58
C THR K 203 -7.02 65.37 -61.59
N ALA K 204 -6.59 64.29 -62.26
CA ALA K 204 -7.39 63.64 -63.29
C ALA K 204 -7.01 62.17 -63.35
N VAL K 205 -7.97 61.28 -63.07
CA VAL K 205 -7.70 59.86 -62.93
C VAL K 205 -8.46 59.07 -64.01
N THR K 206 -7.73 58.23 -64.74
CA THR K 206 -8.32 57.33 -65.74
C THR K 206 -7.46 56.08 -65.82
N GLU K 207 -8.07 54.98 -66.26
CA GLU K 207 -7.33 53.74 -66.43
C GLU K 207 -6.66 53.70 -67.80
N SER K 208 -5.79 52.69 -67.97
CA SER K 208 -4.94 52.68 -69.17
C SER K 208 -5.66 52.06 -70.36
N SER K 209 -6.01 50.78 -70.28
CA SER K 209 -6.66 50.08 -71.38
C SER K 209 -8.17 50.17 -71.21
N ALA K 210 -8.88 50.16 -72.33
CA ALA K 210 -10.32 50.40 -72.30
C ALA K 210 -11.03 49.36 -71.45
N ASN K 211 -11.86 49.84 -70.52
CA ASN K 211 -12.84 49.04 -69.77
C ASN K 211 -12.34 47.66 -69.41
N ALA K 212 -11.08 47.58 -68.98
CA ALA K 212 -10.48 46.29 -68.65
C ALA K 212 -11.09 45.71 -67.38
N LEU K 213 -11.43 46.57 -66.42
CA LEU K 213 -11.91 46.08 -65.14
C LEU K 213 -13.20 45.29 -65.29
N ALA K 214 -14.13 45.79 -66.10
CA ALA K 214 -15.39 45.08 -66.32
C ALA K 214 -15.13 43.73 -66.97
N GLY K 215 -14.24 43.68 -67.96
CA GLY K 215 -13.96 42.42 -68.62
C GLY K 215 -13.32 41.41 -67.68
N ARG K 216 -12.37 41.86 -66.87
CA ARG K 216 -11.71 40.96 -65.92
C ARG K 216 -12.69 40.45 -64.88
N LEU K 217 -13.59 41.30 -64.43
CA LEU K 217 -14.55 40.97 -63.40
C LEU K 217 -15.82 40.34 -63.97
N GLY K 218 -15.95 40.28 -65.29
CA GLY K 218 -16.94 39.46 -65.97
C GLY K 218 -18.40 39.84 -65.89
N VAL K 219 -18.73 41.12 -66.09
CA VAL K 219 -20.11 41.57 -66.10
C VAL K 219 -20.36 42.35 -67.38
N ALA K 220 -21.56 42.92 -67.49
CA ALA K 220 -21.89 43.78 -68.60
C ALA K 220 -21.04 45.04 -68.55
N ASN K 221 -20.74 45.58 -69.73
CA ASN K 221 -19.75 46.64 -69.84
C ASN K 221 -20.19 47.91 -69.10
N GLY K 222 -21.49 48.19 -69.08
CA GLY K 222 -21.95 49.46 -68.53
C GLY K 222 -22.14 49.46 -67.04
N SER K 223 -21.76 48.41 -66.32
CA SER K 223 -22.03 48.34 -64.89
C SER K 223 -20.99 49.09 -64.08
N VAL K 224 -19.74 49.12 -64.54
CA VAL K 224 -18.65 49.72 -63.80
C VAL K 224 -18.59 51.20 -64.14
N ALA K 225 -18.11 52.00 -63.20
CA ALA K 225 -17.94 53.43 -63.40
C ALA K 225 -16.70 53.90 -62.64
N LEU K 226 -16.03 54.91 -63.16
CA LEU K 226 -14.81 55.43 -62.58
C LEU K 226 -14.98 56.90 -62.27
N ALA K 227 -14.55 57.31 -61.08
CA ALA K 227 -14.71 58.69 -60.67
C ALA K 227 -13.81 59.62 -61.49
N ALA K 228 -13.93 60.92 -61.24
CA ALA K 228 -13.19 61.89 -62.05
C ALA K 228 -11.93 62.36 -61.34
N THR K 229 -12.03 62.69 -60.06
CA THR K 229 -10.93 63.27 -59.30
C THR K 229 -10.62 62.44 -58.08
N ALA K 230 -9.37 62.54 -57.64
CA ALA K 230 -8.96 61.89 -56.40
C ALA K 230 -9.64 62.54 -55.20
N GLU K 231 -9.35 62.00 -54.03
CA GLU K 231 -10.00 62.44 -52.81
C GLU K 231 -9.20 61.91 -51.63
N LYS K 232 -9.35 62.54 -50.48
CA LYS K 232 -8.50 62.21 -49.34
C LYS K 232 -9.35 61.94 -48.11
N ASP K 233 -8.86 61.06 -47.25
CA ASP K 233 -9.50 60.81 -45.97
C ASP K 233 -8.87 61.68 -44.89
N ASP K 234 -9.15 61.35 -43.63
CA ASP K 234 -8.72 62.21 -42.53
C ASP K 234 -7.22 62.07 -42.25
N ASN K 235 -6.66 60.87 -42.45
CA ASN K 235 -5.25 60.66 -42.15
C ASN K 235 -4.32 61.22 -43.22
N GLY K 236 -4.85 61.72 -44.32
CA GLY K 236 -4.03 62.27 -45.37
C GLY K 236 -3.57 61.28 -46.42
N ASN K 237 -4.38 60.29 -46.77
CA ASN K 237 -4.09 59.37 -47.85
C ASN K 237 -5.05 59.62 -49.00
N TRP K 238 -4.65 59.28 -50.21
CA TRP K 238 -5.45 59.58 -51.38
C TRP K 238 -6.20 58.35 -51.86
N TYR K 239 -7.35 58.58 -52.49
CA TYR K 239 -8.24 57.48 -52.86
C TYR K 239 -8.98 57.80 -54.14
N ALA K 240 -9.44 56.76 -54.81
CA ALA K 240 -10.29 56.86 -55.97
C ALA K 240 -11.45 55.89 -55.81
N THR K 241 -12.61 56.26 -56.34
CA THR K 241 -13.84 55.52 -56.06
C THR K 241 -14.38 54.89 -57.34
N VAL K 242 -14.75 53.61 -57.24
CA VAL K 242 -15.43 52.91 -58.32
C VAL K 242 -16.84 52.58 -57.83
N THR K 243 -17.80 52.58 -58.76
CA THR K 243 -19.19 52.33 -58.42
C THR K 243 -19.73 51.23 -59.32
N ILE K 244 -20.34 50.21 -58.71
CA ILE K 244 -20.85 49.05 -59.43
C ILE K 244 -22.36 48.99 -59.24
N THR K 245 -23.08 48.71 -60.32
CA THR K 245 -24.53 48.62 -60.31
C THR K 245 -24.94 47.33 -61.01
N ALA K 246 -25.45 46.37 -60.24
CA ALA K 246 -25.84 45.08 -60.80
C ALA K 246 -27.19 45.20 -61.47
N GLY K 247 -27.34 44.52 -62.61
CA GLY K 247 -28.56 44.70 -63.40
C GLY K 247 -29.47 43.49 -63.41
N SER K 248 -28.89 42.29 -63.38
CA SER K 248 -29.64 41.08 -63.66
C SER K 248 -29.65 40.19 -62.44
N ALA K 249 -30.24 39.01 -62.60
CA ALA K 249 -30.23 38.04 -61.52
C ALA K 249 -29.00 37.14 -61.59
N THR K 250 -28.63 36.70 -62.78
CA THR K 250 -27.47 35.83 -62.92
C THR K 250 -26.20 36.52 -62.48
N GLU K 251 -26.03 37.77 -62.88
CA GLU K 251 -24.79 38.50 -62.70
C GLU K 251 -24.45 38.74 -61.23
N VAL K 252 -25.45 38.83 -60.36
CA VAL K 252 -25.18 38.93 -58.93
C VAL K 252 -24.42 37.71 -58.44
N SER K 253 -24.77 36.53 -58.94
CA SER K 253 -24.07 35.32 -58.53
C SER K 253 -22.60 35.38 -58.94
N THR K 254 -22.32 35.84 -60.15
CA THR K 254 -20.93 35.98 -60.58
C THR K 254 -20.19 36.94 -59.69
N LEU K 255 -20.80 38.08 -59.37
CA LEU K 255 -20.12 39.04 -58.51
C LEU K 255 -19.84 38.46 -57.14
N LYS K 256 -20.80 37.71 -56.59
CA LYS K 256 -20.57 37.07 -55.30
C LYS K 256 -19.44 36.06 -55.39
N ALA K 257 -19.36 35.30 -56.47
CA ALA K 257 -18.29 34.32 -56.61
C ALA K 257 -16.93 34.99 -56.67
N LYS K 258 -16.85 36.16 -57.32
CA LYS K 258 -15.58 36.89 -57.32
C LYS K 258 -15.24 37.42 -55.94
N GLY K 259 -16.25 37.66 -55.11
CA GLY K 259 -16.04 38.06 -53.73
C GLY K 259 -16.53 39.45 -53.39
N PHE K 260 -17.52 40.02 -54.07
CA PHE K 260 -17.88 41.40 -53.80
C PHE K 260 -19.16 41.53 -52.99
N GLU K 261 -20.07 40.56 -53.08
CA GLU K 261 -21.23 40.51 -52.20
C GLU K 261 -22.10 41.76 -52.35
N VAL K 262 -22.68 41.93 -53.53
CA VAL K 262 -23.43 43.14 -53.86
C VAL K 262 -24.90 42.81 -54.04
N GLU K 263 -25.74 43.82 -53.84
CA GLU K 263 -27.18 43.70 -53.96
C GLU K 263 -27.62 44.02 -55.40
N ASN K 264 -28.90 43.79 -55.69
CA ASN K 264 -29.46 44.01 -57.01
C ASN K 264 -30.01 45.42 -57.11
N GLY K 265 -29.69 46.10 -58.20
CA GLY K 265 -30.30 47.38 -58.52
C GLY K 265 -29.88 48.54 -57.65
N VAL K 266 -28.95 48.33 -56.73
CA VAL K 266 -28.54 49.37 -55.78
C VAL K 266 -27.07 49.67 -56.01
N ALA K 267 -26.74 50.94 -56.12
CA ALA K 267 -25.36 51.35 -56.34
C ALA K 267 -24.55 51.14 -55.06
N LYS K 268 -23.23 50.99 -55.24
CA LYS K 268 -22.33 50.86 -54.11
C LYS K 268 -20.96 51.30 -54.55
N GLU K 269 -20.11 51.65 -53.58
CA GLU K 269 -18.79 52.17 -53.87
C GLU K 269 -17.71 51.31 -53.23
N PHE K 270 -16.59 51.19 -53.93
CA PHE K 270 -15.37 50.61 -53.38
C PHE K 270 -14.21 51.52 -53.72
N TYR K 271 -13.16 51.45 -52.92
CA TYR K 271 -12.05 52.39 -53.03
C TYR K 271 -10.77 51.71 -53.48
N ILE K 272 -9.85 52.53 -54.00
CA ILE K 272 -8.53 52.10 -54.41
C ILE K 272 -7.52 53.12 -53.93
N ALA K 273 -6.47 52.66 -53.24
CA ALA K 273 -5.45 53.58 -52.76
C ALA K 273 -4.56 54.02 -53.91
N LEU K 274 -3.88 55.15 -53.70
CA LEU K 274 -3.04 55.74 -54.73
C LEU K 274 -1.69 56.15 -54.13
N ASP K 275 -0.66 56.08 -54.96
CA ASP K 275 0.68 56.48 -54.59
C ASP K 275 1.00 57.82 -55.21
N PRO K 276 1.15 58.89 -54.44
CA PRO K 276 1.32 60.22 -55.05
C PRO K 276 2.52 60.35 -55.94
N GLN K 277 3.56 59.53 -55.74
CA GLN K 277 4.77 59.68 -56.54
C GLN K 277 4.59 59.10 -57.93
N SER K 278 3.70 58.12 -58.09
CA SER K 278 3.59 57.43 -59.37
C SER K 278 2.91 58.29 -60.42
N ALA K 279 2.22 59.34 -60.01
CA ALA K 279 1.57 60.22 -60.98
C ALA K 279 2.60 60.96 -61.79
N ASP K 280 2.25 61.29 -63.04
CA ASP K 280 3.12 62.08 -63.91
C ASP K 280 2.60 63.51 -64.00
N VAL K 281 3.47 64.47 -63.70
CA VAL K 281 3.08 65.87 -63.59
C VAL K 281 3.85 66.77 -64.53
N THR K 282 4.57 66.21 -65.50
CA THR K 282 5.38 67.06 -66.37
C THR K 282 4.77 67.19 -67.76
N THR K 283 3.97 66.22 -68.19
CA THR K 283 3.46 66.25 -69.55
C THR K 283 2.37 67.30 -69.72
N THR K 284 1.71 67.67 -68.64
CA THR K 284 0.63 68.66 -68.67
C THR K 284 0.69 69.48 -67.39
N ALA K 285 0.98 70.77 -67.52
CA ALA K 285 1.22 71.61 -66.36
C ALA K 285 -0.02 71.70 -65.48
N GLY K 286 0.20 71.64 -64.17
CA GLY K 286 -0.84 71.87 -63.20
C GLY K 286 -1.75 70.71 -62.91
N THR K 287 -1.65 69.62 -63.66
CA THR K 287 -2.58 68.50 -63.52
C THR K 287 -1.81 67.22 -63.25
N ALA K 288 -2.14 66.54 -62.17
CA ALA K 288 -1.52 65.27 -61.81
C ALA K 288 -2.41 64.15 -62.32
N ALA K 289 -1.95 63.45 -63.34
CA ALA K 289 -2.74 62.42 -64.02
C ALA K 289 -2.30 61.05 -63.56
N PHE K 290 -3.26 60.24 -63.14
CA PHE K 290 -3.00 58.86 -62.71
C PHE K 290 -3.50 57.91 -63.77
N ALA K 291 -2.66 56.95 -64.14
CA ALA K 291 -3.01 55.95 -65.15
C ALA K 291 -3.10 54.60 -64.46
N LEU K 292 -4.26 54.30 -63.89
CA LEU K 292 -4.45 53.04 -63.20
C LEU K 292 -4.21 51.87 -64.15
N ASP K 293 -3.55 50.84 -63.64
CA ASP K 293 -3.23 49.66 -64.41
C ASP K 293 -4.05 48.52 -63.84
N THR K 294 -5.27 48.37 -64.34
CA THR K 294 -6.21 47.40 -63.82
C THR K 294 -6.10 46.04 -64.51
N ALA K 295 -5.12 45.89 -65.40
CA ALA K 295 -4.90 44.58 -66.00
C ALA K 295 -4.50 43.56 -64.95
N ASN K 296 -3.72 43.98 -63.96
CA ASN K 296 -3.22 43.08 -62.91
C ASN K 296 -3.16 43.79 -61.56
N ILE K 297 -4.27 43.74 -60.84
CA ILE K 297 -4.38 44.25 -59.48
C ILE K 297 -5.05 43.19 -58.63
N GLN K 298 -4.57 43.02 -57.40
CA GLN K 298 -5.16 42.04 -56.50
C GLN K 298 -6.60 42.41 -56.19
N LEU K 299 -7.54 41.62 -56.70
CA LEU K 299 -8.95 41.95 -56.53
C LEU K 299 -9.35 41.97 -55.07
N SER K 300 -8.71 41.13 -54.25
CA SER K 300 -9.07 41.08 -52.84
C SER K 300 -8.76 42.39 -52.14
N SER K 301 -7.90 43.22 -52.74
CA SER K 301 -7.62 44.51 -52.12
C SER K 301 -8.73 45.51 -52.39
N ILE K 302 -9.36 45.43 -53.55
CA ILE K 302 -10.36 46.43 -53.93
C ILE K 302 -11.52 46.41 -52.96
N THR K 303 -11.93 45.22 -52.50
CA THR K 303 -13.00 45.15 -51.52
C THR K 303 -12.59 45.83 -50.22
N SER K 304 -11.36 45.63 -49.79
CA SER K 304 -10.84 46.21 -48.56
C SER K 304 -10.28 47.62 -48.76
N GLY K 305 -9.69 47.89 -49.91
CA GLY K 305 -9.10 49.19 -50.18
C GLY K 305 -7.77 49.42 -49.49
N ALA K 306 -6.87 48.45 -49.52
CA ALA K 306 -5.61 48.56 -48.80
C ALA K 306 -4.43 48.08 -49.67
N SER K 307 -3.90 48.97 -50.49
CA SER K 307 -2.54 48.88 -50.99
C SER K 307 -2.15 47.52 -51.55
N SER K 308 -2.71 47.16 -52.70
CA SER K 308 -2.53 45.84 -53.30
C SER K 308 -1.07 45.39 -53.29
N ASN K 309 -0.87 44.13 -52.94
CA ASN K 309 0.39 43.40 -53.03
C ASN K 309 1.48 44.03 -52.18
N PRO K 310 1.32 44.05 -50.85
CA PRO K 310 2.37 44.65 -50.03
C PRO K 310 3.57 43.74 -49.85
N LEU K 311 3.33 42.43 -49.71
CA LEU K 311 4.43 41.51 -49.45
C LEU K 311 5.38 41.44 -50.63
N ALA K 312 4.93 41.88 -51.80
CA ALA K 312 5.85 42.02 -52.92
C ALA K 312 6.50 43.39 -52.91
N LYS K 313 5.86 44.36 -52.28
CA LYS K 313 6.33 45.73 -52.36
C LYS K 313 7.47 45.97 -51.37
N LEU K 314 7.52 45.21 -50.28
CA LEU K 314 8.58 45.41 -49.29
C LEU K 314 9.92 44.85 -49.79
N ASP K 315 9.87 43.81 -50.62
CA ASP K 315 11.11 43.15 -51.05
C ASP K 315 11.91 44.03 -52.00
N ALA K 316 11.23 44.84 -52.81
CA ALA K 316 11.95 45.81 -53.61
C ALA K 316 12.77 46.73 -52.74
N ALA K 317 12.19 47.19 -51.63
CA ALA K 317 12.93 48.03 -50.69
C ALA K 317 14.14 47.30 -50.12
N LEU K 318 13.94 46.05 -49.72
CA LEU K 318 15.06 45.32 -49.11
C LEU K 318 16.21 45.17 -50.11
N ALA K 319 15.90 44.85 -51.36
CA ALA K 319 16.95 44.75 -52.36
C ALA K 319 17.63 46.10 -52.59
N ASP K 320 16.85 47.18 -52.57
CA ASP K 320 17.42 48.50 -52.81
C ASP K 320 18.44 48.87 -51.74
N VAL K 321 18.18 48.48 -50.50
CA VAL K 321 19.19 48.72 -49.45
C VAL K 321 20.41 47.82 -49.63
N ASP K 322 20.18 46.55 -49.95
CA ASP K 322 21.29 45.61 -50.03
C ASP K 322 22.29 46.00 -51.10
N THR K 323 21.80 46.54 -52.21
CA THR K 323 22.70 46.98 -53.28
C THR K 323 23.74 47.98 -52.78
N LEU K 324 23.26 49.06 -52.16
CA LEU K 324 24.15 50.10 -51.69
C LEU K 324 25.13 49.54 -50.67
N ARG K 325 24.63 48.70 -49.76
CA ARG K 325 25.51 48.15 -48.74
C ARG K 325 26.67 47.37 -49.36
N SER K 326 26.39 46.53 -50.34
CA SER K 326 27.46 45.75 -50.96
C SER K 326 28.47 46.65 -51.64
N SER K 327 27.99 47.70 -52.32
CA SER K 327 28.95 48.58 -53.01
C SER K 327 29.89 49.25 -52.01
N LEU K 328 29.36 49.66 -50.86
CA LEU K 328 30.25 50.28 -49.87
C LEU K 328 31.31 49.30 -49.39
N GLY K 329 30.93 48.04 -49.15
CA GLY K 329 31.95 47.06 -48.76
C GLY K 329 33.04 46.92 -49.80
N ALA K 330 32.64 46.88 -51.07
CA ALA K 330 33.63 46.78 -52.15
C ALA K 330 34.61 47.94 -52.10
N VAL K 331 34.12 49.16 -51.87
CA VAL K 331 35.04 50.30 -51.81
C VAL K 331 36.00 50.17 -50.64
N GLN K 332 35.49 49.73 -49.48
CA GLN K 332 36.34 49.66 -48.29
C GLN K 332 37.53 48.75 -48.51
N ASN K 333 37.32 47.60 -49.15
CA ASN K 333 38.45 46.71 -49.38
C ASN K 333 39.58 47.40 -50.16
N ARG K 334 39.22 48.13 -51.21
CA ARG K 334 40.22 48.79 -52.03
C ARG K 334 41.00 49.83 -51.23
N PHE K 335 40.30 50.67 -50.48
CA PHE K 335 41.04 51.60 -49.62
C PHE K 335 41.98 50.86 -48.70
N ASP K 336 41.59 49.66 -48.25
CA ASP K 336 42.47 48.96 -47.34
C ASP K 336 43.76 48.54 -48.03
N SER K 337 43.67 48.14 -49.29
CA SER K 337 44.89 47.77 -50.02
C SER K 337 45.81 48.97 -50.26
N VAL K 338 45.21 50.13 -50.54
CA VAL K 338 46.01 51.31 -50.90
C VAL K 338 47.03 51.62 -49.81
N ILE K 339 46.61 51.53 -48.55
CA ILE K 339 47.47 51.92 -47.45
C ILE K 339 48.68 51.01 -47.35
N SER K 340 48.47 49.70 -47.49
CA SER K 340 49.59 48.78 -47.32
C SER K 340 50.61 48.98 -48.43
N ASN K 341 50.16 49.35 -49.63
CA ASN K 341 51.14 49.68 -50.66
C ASN K 341 51.88 50.98 -50.34
N LEU K 342 51.13 51.99 -49.92
CA LEU K 342 51.70 53.31 -49.72
C LEU K 342 52.72 53.29 -48.60
N GLY K 343 52.53 52.38 -47.64
CA GLY K 343 53.47 52.30 -46.53
C GLY K 343 54.83 51.80 -46.95
N THR K 344 54.88 50.87 -47.90
CA THR K 344 56.15 50.27 -48.32
C THR K 344 56.91 51.20 -49.26
N THR K 345 56.19 51.90 -50.13
CA THR K 345 56.90 52.79 -51.06
C THR K 345 57.72 53.84 -50.31
N VAL K 346 57.18 54.36 -49.21
CA VAL K 346 57.89 55.37 -48.44
C VAL K 346 59.19 54.80 -47.89
N THR K 347 59.15 53.58 -47.36
CA THR K 347 60.35 52.96 -46.83
C THR K 347 61.43 52.82 -47.89
N ASN K 348 61.04 52.33 -49.07
CA ASN K 348 62.04 52.13 -50.10
C ASN K 348 62.66 53.44 -50.54
N LEU K 349 61.84 54.48 -50.70
CA LEU K 349 62.38 55.77 -51.11
C LEU K 349 63.29 56.36 -50.04
N SER K 350 62.93 56.21 -48.77
CA SER K 350 63.79 56.75 -47.70
C SER K 350 65.16 56.10 -47.68
N ALA K 351 65.21 54.77 -47.77
CA ALA K 351 66.50 54.09 -47.81
C ALA K 351 67.32 54.53 -49.00
N SER K 352 66.70 54.58 -50.17
CA SER K 352 67.42 54.97 -51.37
C SER K 352 67.93 56.40 -51.28
N ARG K 353 67.18 57.29 -50.63
CA ARG K 353 67.70 58.63 -50.43
C ARG K 353 68.91 58.61 -49.54
N SER K 354 68.84 57.89 -48.42
CA SER K 354 69.93 57.89 -47.47
C SER K 354 71.21 57.37 -48.09
N ARG K 355 71.11 56.51 -49.11
CA ARG K 355 72.33 56.02 -49.74
C ARG K 355 73.10 57.13 -50.45
N ILE K 356 72.46 58.28 -50.68
CA ILE K 356 73.06 59.28 -51.57
C ILE K 356 73.75 60.39 -50.78
N GLN K 357 73.12 60.85 -49.71
CA GLN K 357 73.52 62.11 -49.10
C GLN K 357 74.09 62.03 -47.69
N ASP K 358 74.16 60.86 -47.09
CA ASP K 358 74.52 60.79 -45.67
C ASP K 358 76.01 60.62 -45.47
N ALA K 359 76.45 60.85 -44.23
CA ALA K 359 77.87 60.79 -43.90
C ALA K 359 78.29 59.34 -43.70
N ASP K 360 79.54 59.15 -43.26
CA ASP K 360 80.05 57.79 -43.17
C ASP K 360 80.53 57.45 -41.75
N TYR K 361 81.26 58.35 -41.11
CA TYR K 361 81.73 58.20 -39.72
C TYR K 361 82.77 57.11 -39.50
N ALA K 362 83.10 56.34 -40.52
CA ALA K 362 84.26 55.48 -40.43
C ALA K 362 85.36 55.92 -41.38
N THR K 363 85.04 56.87 -42.27
CA THR K 363 86.04 57.42 -43.14
C THR K 363 86.45 58.81 -42.68
N GLU K 364 85.49 59.63 -42.29
CA GLU K 364 85.79 61.02 -41.98
C GLU K 364 86.71 61.12 -40.79
N VAL K 365 86.53 60.23 -39.80
CA VAL K 365 87.39 60.26 -38.62
C VAL K 365 88.84 60.01 -39.02
N SER K 366 89.07 59.04 -39.91
CA SER K 366 90.43 58.75 -40.35
C SER K 366 91.02 59.92 -41.13
N ASN K 367 90.23 60.54 -42.01
CA ASN K 367 90.76 61.70 -42.74
C ASN K 367 91.15 62.82 -41.80
N MET K 368 90.30 63.10 -40.80
CA MET K 368 90.61 64.14 -39.83
C MET K 368 91.88 63.82 -39.05
N THR K 369 92.02 62.55 -38.63
CA THR K 369 93.22 62.17 -37.91
C THR K 369 94.47 62.41 -38.74
N ARG K 370 94.43 62.02 -40.02
CA ARG K 370 95.60 62.25 -40.88
C ARG K 370 95.90 63.72 -41.02
N ALA K 371 94.85 64.53 -41.20
CA ALA K 371 95.07 65.96 -41.39
C ALA K 371 95.73 66.60 -40.17
N GLN K 372 95.28 66.23 -38.97
CA GLN K 372 95.85 66.82 -37.77
C GLN K 372 97.34 66.52 -37.66
N ILE K 373 97.73 65.28 -37.93
CA ILE K 373 99.13 64.89 -37.84
C ILE K 373 99.97 65.67 -38.84
N LEU K 374 99.48 65.81 -40.08
CA LEU K 374 100.23 66.60 -41.05
C LEU K 374 100.34 68.05 -40.59
N GLN K 375 99.25 68.57 -40.02
CA GLN K 375 99.26 69.95 -39.56
C GLN K 375 100.32 70.17 -38.50
N GLN K 376 100.46 69.24 -37.58
CA GLN K 376 101.46 69.39 -36.54
C GLN K 376 102.87 69.21 -37.09
N ALA K 377 103.03 68.35 -38.08
CA ALA K 377 104.38 68.13 -38.62
C ALA K 377 104.83 69.29 -39.49
N GLY K 378 103.88 70.12 -39.94
CA GLY K 378 104.27 71.28 -40.74
C GLY K 378 105.03 72.34 -39.96
N THR K 379 104.54 72.67 -38.76
CA THR K 379 105.09 73.81 -38.04
C THR K 379 106.51 73.54 -37.56
N SER K 380 106.80 72.28 -37.22
CA SER K 380 108.16 71.95 -36.80
C SER K 380 109.16 72.23 -37.90
N VAL K 381 108.86 71.79 -39.12
CA VAL K 381 109.77 72.05 -40.23
C VAL K 381 109.81 73.53 -40.54
N LEU K 382 108.68 74.21 -40.41
CA LEU K 382 108.70 75.66 -40.59
C LEU K 382 109.71 76.32 -39.68
N ALA K 383 109.65 76.01 -38.38
CA ALA K 383 110.58 76.63 -37.43
C ALA K 383 112.01 76.19 -37.70
N GLN K 384 112.21 74.94 -38.10
CA GLN K 384 113.55 74.48 -38.48
C GLN K 384 114.11 75.29 -39.64
N ALA K 385 113.23 75.78 -40.53
CA ALA K 385 113.69 76.45 -41.73
C ALA K 385 114.25 77.84 -41.43
N ASN K 386 113.64 78.55 -40.47
CA ASN K 386 114.06 79.92 -40.20
C ASN K 386 115.51 80.00 -39.73
N GLN K 387 115.99 78.94 -39.07
CA GLN K 387 117.29 79.01 -38.43
C GLN K 387 118.43 79.12 -39.43
N THR K 388 118.20 78.71 -40.67
CA THR K 388 119.33 78.47 -41.59
C THR K 388 120.06 79.75 -41.95
N THR K 389 119.51 80.91 -41.64
CA THR K 389 120.21 82.15 -41.94
C THR K 389 121.18 82.54 -40.84
N GLN K 390 121.02 81.95 -39.64
CA GLN K 390 121.89 82.31 -38.52
C GLN K 390 123.36 82.01 -38.82
N ASN K 391 123.62 80.94 -39.56
CA ASN K 391 124.98 80.43 -39.66
C ASN K 391 125.93 81.45 -40.27
N VAL K 392 125.52 82.11 -41.34
CA VAL K 392 126.42 83.04 -42.03
C VAL K 392 126.79 84.21 -41.12
N LEU K 393 125.90 84.57 -40.20
CA LEU K 393 126.19 85.66 -39.28
C LEU K 393 127.46 85.38 -38.49
N SER K 394 127.81 84.10 -38.29
CA SER K 394 129.01 83.77 -37.56
C SER K 394 130.27 84.22 -38.30
N LEU K 395 130.17 84.42 -39.61
CA LEU K 395 131.35 84.84 -40.37
C LEU K 395 131.87 86.18 -39.89
N LEU K 396 130.99 87.11 -39.59
CA LEU K 396 131.40 88.45 -39.17
C LEU K 396 131.85 88.45 -37.71
N ALA L 2 173.40 108.36 -59.02
CA ALA L 2 172.32 109.27 -59.36
C ALA L 2 171.38 109.47 -58.17
N GLN L 3 171.80 110.31 -57.24
CA GLN L 3 171.01 110.65 -56.06
C GLN L 3 170.32 111.98 -56.30
N VAL L 4 169.00 111.99 -56.18
CA VAL L 4 168.20 113.17 -56.50
C VAL L 4 167.46 113.62 -55.25
N ILE L 5 167.45 114.93 -55.00
CA ILE L 5 166.79 115.45 -53.82
C ILE L 5 165.44 116.08 -54.20
N ASN L 6 165.36 116.66 -55.39
CA ASN L 6 164.20 117.47 -55.75
C ASN L 6 162.96 116.61 -55.94
N THR L 7 163.07 115.50 -56.67
CA THR L 7 161.91 114.68 -57.03
C THR L 7 162.16 113.23 -56.67
N ASN L 8 161.16 112.60 -56.08
CA ASN L 8 161.18 111.17 -55.78
C ASN L 8 160.07 110.47 -56.55
N SER L 9 160.44 109.64 -57.50
CA SER L 9 159.45 108.89 -58.27
C SER L 9 158.85 107.75 -57.48
N LEU L 10 159.63 107.16 -56.58
CA LEU L 10 159.17 106.01 -55.82
C LEU L 10 157.98 106.36 -54.94
N SER L 11 158.01 107.53 -54.31
CA SER L 11 156.91 107.93 -53.44
C SER L 11 155.60 108.01 -54.20
N LEU L 12 155.64 108.59 -55.40
CA LEU L 12 154.42 108.77 -56.18
C LEU L 12 153.80 107.43 -56.57
N MET L 13 154.60 106.55 -57.16
CA MET L 13 154.10 105.27 -57.61
C MET L 13 153.60 104.46 -56.42
N THR L 14 154.30 104.54 -55.29
CA THR L 14 153.80 103.87 -54.09
C THR L 14 152.47 104.45 -53.64
N GLN L 15 152.28 105.77 -53.79
CA GLN L 15 150.98 106.37 -53.45
C GLN L 15 149.86 105.80 -54.31
N ASN L 16 150.12 105.58 -55.60
CA ASN L 16 149.04 105.22 -56.52
C ASN L 16 148.26 104.00 -56.04
N ASN L 17 148.95 102.96 -55.58
CA ASN L 17 148.26 101.72 -55.27
C ASN L 17 147.31 101.86 -54.09
N LEU L 18 147.59 102.80 -53.19
CA LEU L 18 146.65 103.05 -52.10
C LEU L 18 145.28 103.40 -52.63
N ASN L 19 145.21 104.39 -53.53
CA ASN L 19 143.95 104.75 -54.16
C ASN L 19 143.42 103.62 -55.03
N THR L 20 144.31 102.80 -55.59
CA THR L 20 143.85 101.66 -56.37
C THR L 20 143.00 100.72 -55.52
N SER L 21 143.43 100.45 -54.30
CA SER L 21 142.73 99.48 -53.46
C SER L 21 141.60 100.09 -52.63
N GLN L 22 141.71 101.36 -52.27
CA GLN L 22 140.77 101.96 -51.33
C GLN L 22 139.36 102.05 -51.91
N SER L 23 139.21 101.87 -53.22
CA SER L 23 137.89 101.83 -53.84
C SER L 23 137.23 100.46 -53.69
N ALA L 24 137.96 99.39 -54.02
CA ALA L 24 137.42 98.05 -53.86
C ALA L 24 137.05 97.80 -52.40
N LEU L 25 137.82 98.36 -51.47
CA LEU L 25 137.46 98.21 -50.08
C LEU L 25 136.07 98.78 -49.81
N ASN L 26 135.81 100.01 -50.27
CA ASN L 26 134.51 100.63 -50.03
C ASN L 26 133.39 99.86 -50.73
N THR L 27 133.66 99.34 -51.93
CA THR L 27 132.63 98.59 -52.62
C THR L 27 132.22 97.36 -51.83
N ALA L 28 133.20 96.62 -51.31
CA ALA L 28 132.87 95.45 -50.50
C ALA L 28 132.12 95.85 -49.23
N ILE L 29 132.55 96.94 -48.58
CA ILE L 29 131.86 97.38 -47.37
C ILE L 29 130.40 97.71 -47.67
N GLN L 30 130.15 98.42 -48.76
CA GLN L 30 128.78 98.81 -49.05
C GLN L 30 127.93 97.60 -49.41
N ARG L 31 128.50 96.62 -50.12
CA ARG L 31 127.72 95.44 -50.46
C ARG L 31 127.36 94.64 -49.22
N LEU L 32 128.28 94.52 -48.26
CA LEU L 32 127.89 93.87 -47.01
C LEU L 32 126.93 94.74 -46.21
N SER L 33 126.95 96.06 -46.45
CA SER L 33 126.08 96.96 -45.69
C SER L 33 124.63 96.85 -46.16
N SER L 34 124.41 96.82 -47.47
CA SER L 34 123.04 96.84 -47.97
C SER L 34 122.46 95.44 -48.01
N GLY L 35 123.14 94.52 -48.69
CA GLY L 35 122.65 93.17 -48.87
C GLY L 35 122.31 92.81 -50.29
N LEU L 36 122.47 93.73 -51.24
CA LEU L 36 122.15 93.49 -52.63
C LEU L 36 123.41 93.59 -53.47
N ARG L 37 123.52 92.70 -54.46
CA ARG L 37 124.61 92.80 -55.41
C ARG L 37 124.57 94.10 -56.20
N ILE L 38 123.40 94.48 -56.68
CA ILE L 38 123.30 95.69 -57.48
C ILE L 38 122.67 96.80 -56.65
N ASN L 39 123.51 97.74 -56.20
CA ASN L 39 123.02 98.88 -55.45
C ASN L 39 122.68 100.06 -56.35
N SER L 40 123.12 100.05 -57.60
CA SER L 40 122.81 101.13 -58.52
C SER L 40 123.03 100.64 -59.94
N ALA L 41 122.55 101.44 -60.90
CA ALA L 41 122.80 101.13 -62.30
C ALA L 41 124.28 101.16 -62.61
N LYS L 42 125.07 101.80 -61.74
CA LYS L 42 126.53 101.71 -61.83
C LYS L 42 127.00 100.27 -61.85
N ASP L 43 126.32 99.39 -61.09
CA ASP L 43 126.76 98.01 -60.97
C ASP L 43 126.52 97.23 -62.26
N ASP L 44 125.34 97.37 -62.84
CA ASP L 44 124.98 96.62 -64.05
C ASP L 44 123.86 97.40 -64.75
N ALA L 45 123.67 97.12 -66.05
CA ALA L 45 122.59 97.79 -66.77
C ALA L 45 121.28 97.04 -66.65
N ALA L 46 121.22 95.83 -67.19
CA ALA L 46 119.93 95.16 -67.37
C ALA L 46 119.39 94.58 -66.06
N GLY L 47 120.28 94.36 -65.09
CA GLY L 47 119.86 93.73 -63.86
C GLY L 47 118.81 94.52 -63.13
N GLN L 48 119.03 95.83 -62.97
CA GLN L 48 118.04 96.64 -62.29
C GLN L 48 116.72 96.66 -63.04
N ALA L 49 116.78 96.73 -64.37
CA ALA L 49 115.55 96.77 -65.15
C ALA L 49 114.71 95.52 -64.92
N ILE L 50 115.30 94.35 -65.09
CA ILE L 50 114.50 93.14 -64.99
C ILE L 50 114.06 92.90 -63.55
N ALA L 51 114.91 93.26 -62.58
CA ALA L 51 114.50 93.12 -61.18
C ALA L 51 113.31 94.01 -60.87
N ASN L 52 113.33 95.25 -61.36
CA ASN L 52 112.21 96.14 -61.14
C ASN L 52 110.95 95.59 -61.79
N ARG L 53 111.10 94.97 -62.95
CA ARG L 53 109.94 94.37 -63.60
C ARG L 53 109.34 93.24 -62.77
N PHE L 54 110.18 92.36 -62.22
CA PHE L 54 109.66 91.29 -61.36
C PHE L 54 108.92 91.86 -60.15
N THR L 55 109.55 92.80 -59.45
CA THR L 55 108.93 93.33 -58.25
C THR L 55 107.70 94.15 -58.57
N ALA L 56 107.61 94.64 -59.80
CA ALA L 56 106.35 95.23 -60.26
C ALA L 56 105.29 94.16 -60.41
N ASN L 57 105.68 93.00 -60.91
CA ASN L 57 104.70 91.97 -61.24
C ASN L 57 104.07 91.38 -59.99
N ILE L 58 104.83 91.23 -58.91
CA ILE L 58 104.37 90.47 -57.74
C ILE L 58 103.15 91.07 -57.01
N LYS L 59 103.16 92.38 -56.77
CA LYS L 59 102.12 92.99 -55.94
C LYS L 59 100.74 92.87 -56.57
N GLY L 60 100.70 92.93 -57.90
CA GLY L 60 99.43 92.72 -58.59
C GLY L 60 98.84 91.37 -58.27
N LEU L 61 99.65 90.32 -58.31
CA LEU L 61 99.15 88.99 -57.99
C LEU L 61 98.65 88.93 -56.56
N THR L 62 99.35 89.59 -55.64
CA THR L 62 98.85 89.62 -54.26
C THR L 62 97.43 90.19 -54.20
N GLN L 63 97.24 91.37 -54.79
CA GLN L 63 95.91 91.97 -54.71
C GLN L 63 94.87 91.13 -55.45
N ALA L 64 95.29 90.40 -56.47
CA ALA L 64 94.36 89.50 -57.16
C ALA L 64 93.87 88.41 -56.22
N GLN L 65 94.77 87.87 -55.39
CA GLN L 65 94.35 86.88 -54.40
C GLN L 65 93.28 87.46 -53.47
N ARG L 66 93.52 88.69 -53.01
CA ARG L 66 92.51 89.33 -52.16
C ARG L 66 91.15 89.39 -52.87
N ASN L 67 91.15 89.81 -54.14
CA ASN L 67 89.90 89.93 -54.87
C ASN L 67 89.17 88.60 -54.99
N ALA L 68 89.92 87.53 -55.26
CA ALA L 68 89.29 86.22 -55.36
C ALA L 68 88.58 85.86 -54.06
N ASN L 69 89.22 86.13 -52.92
CA ASN L 69 88.57 85.80 -51.65
C ASN L 69 87.26 86.56 -51.49
N ASP L 70 87.25 87.84 -51.88
CA ASP L 70 86.01 88.60 -51.81
C ASP L 70 84.89 87.94 -52.63
N GLY L 71 85.22 87.53 -53.84
CA GLY L 71 84.21 86.88 -54.67
C GLY L 71 83.62 85.64 -54.01
N ILE L 72 84.48 84.83 -53.39
CA ILE L 72 83.99 83.61 -52.75
C ILE L 72 83.00 83.95 -51.64
N SER L 73 83.30 84.99 -50.84
CA SER L 73 82.37 85.37 -49.78
C SER L 73 81.00 85.73 -50.36
N LEU L 74 81.00 86.49 -51.45
CA LEU L 74 79.75 86.86 -52.11
C LEU L 74 78.90 85.64 -52.43
N ALA L 75 79.52 84.67 -53.11
CA ALA L 75 78.77 83.49 -53.54
C ALA L 75 78.18 82.75 -52.35
N GLN L 76 78.95 82.62 -51.26
CA GLN L 76 78.45 81.88 -50.11
C GLN L 76 77.19 82.51 -49.52
N THR L 77 77.19 83.84 -49.36
CA THR L 77 76.01 84.47 -48.78
C THR L 77 74.78 84.23 -49.64
N THR L 78 74.92 84.40 -50.96
CA THR L 78 73.76 84.17 -51.82
C THR L 78 73.22 82.76 -51.67
N GLU L 79 74.10 81.77 -51.56
CA GLU L 79 73.64 80.38 -51.44
C GLU L 79 72.82 80.18 -50.18
N GLY L 80 73.24 80.77 -49.06
CA GLY L 80 72.44 80.63 -47.85
C GLY L 80 71.02 81.14 -48.01
N ALA L 81 70.88 82.32 -48.62
CA ALA L 81 69.53 82.84 -48.83
C ALA L 81 68.69 81.87 -49.65
N LEU L 82 69.28 81.30 -50.70
CA LEU L 82 68.51 80.39 -51.55
C LEU L 82 68.04 79.15 -50.77
N THR L 83 68.88 78.65 -49.86
CA THR L 83 68.44 77.51 -49.06
C THR L 83 67.14 77.81 -48.30
N GLU L 84 67.08 78.99 -47.68
CA GLU L 84 65.85 79.29 -46.95
C GLU L 84 64.64 79.33 -47.87
N VAL L 85 64.81 79.92 -49.05
CA VAL L 85 63.70 79.95 -50.01
C VAL L 85 63.21 78.53 -50.29
N ASN L 86 64.15 77.61 -50.50
CA ASN L 86 63.80 76.23 -50.79
C ASN L 86 62.90 75.64 -49.72
N ASN L 87 63.26 75.83 -48.45
CA ASN L 87 62.47 75.23 -47.38
C ASN L 87 61.03 75.73 -47.41
N ASN L 88 60.86 77.05 -47.60
CA ASN L 88 59.49 77.57 -47.64
C ASN L 88 58.67 76.92 -48.76
N LEU L 89 59.29 76.77 -49.93
CA LEU L 89 58.55 76.18 -51.06
C LEU L 89 58.09 74.76 -50.75
N GLN L 90 58.96 73.96 -50.14
CA GLN L 90 58.59 72.58 -49.82
C GLN L 90 57.36 72.54 -48.92
N ARG L 91 57.34 73.39 -47.90
CA ARG L 91 56.17 73.39 -47.01
C ARG L 91 54.89 73.75 -47.76
N ILE L 92 54.96 74.75 -48.65
CA ILE L 92 53.76 75.09 -49.44
C ILE L 92 53.26 73.88 -50.20
N ARG L 93 54.16 73.14 -50.82
CA ARG L 93 53.73 72.04 -51.68
C ARG L 93 53.03 70.95 -50.87
N GLU L 94 53.52 70.72 -49.65
CA GLU L 94 52.83 69.78 -48.76
C GLU L 94 51.41 70.24 -48.44
N LEU L 95 51.24 71.54 -48.12
CA LEU L 95 49.89 72.04 -47.82
C LEU L 95 48.97 71.90 -49.01
N SER L 96 49.51 72.08 -50.22
CA SER L 96 48.70 71.93 -51.40
C SER L 96 48.16 70.51 -51.53
N VAL L 97 48.99 69.51 -51.26
CA VAL L 97 48.44 68.14 -51.29
C VAL L 97 47.44 67.93 -50.14
N GLN L 98 47.65 68.61 -49.01
CA GLN L 98 46.65 68.62 -47.94
C GLN L 98 45.27 69.01 -48.45
N ALA L 99 45.18 70.12 -49.16
CA ALA L 99 43.88 70.78 -49.32
C ALA L 99 43.00 70.21 -50.41
N ALA L 100 43.43 69.19 -51.15
CA ALA L 100 42.69 68.77 -52.33
C ALA L 100 41.76 67.58 -52.10
N THR L 101 41.60 67.12 -50.86
CA THR L 101 40.70 66.00 -50.58
C THR L 101 39.26 66.42 -50.81
N GLY L 102 38.41 65.44 -51.11
CA GLY L 102 37.01 65.73 -51.30
C GLY L 102 36.19 65.79 -50.05
N SER L 103 36.77 65.49 -48.89
CA SER L 103 36.06 65.49 -47.62
C SER L 103 36.42 66.68 -46.75
N ASN L 104 36.86 67.76 -47.36
CA ASN L 104 37.17 68.99 -46.65
C ASN L 104 35.90 69.81 -46.51
N SER L 105 35.98 70.87 -45.71
CA SER L 105 34.86 71.75 -45.48
C SER L 105 35.19 73.15 -45.96
N ALA L 106 34.15 73.92 -46.28
CA ALA L 106 34.37 75.25 -46.82
C ALA L 106 35.08 76.15 -45.83
N SER L 107 34.67 76.15 -44.57
CA SER L 107 35.27 77.06 -43.61
C SER L 107 36.67 76.63 -43.22
N ASP L 108 37.04 75.38 -43.50
CA ASP L 108 38.38 74.93 -43.17
C ASP L 108 39.41 75.49 -44.14
N LEU L 109 39.11 75.48 -45.44
CA LEU L 109 40.11 75.83 -46.42
C LEU L 109 40.69 77.22 -46.19
N GLN L 110 39.95 78.12 -45.54
CA GLN L 110 40.49 79.45 -45.30
C GLN L 110 41.74 79.41 -44.43
N SER L 111 41.80 78.46 -43.49
CA SER L 111 42.98 78.36 -42.63
C SER L 111 44.23 78.01 -43.44
N ILE L 112 44.12 76.96 -44.26
CA ILE L 112 45.22 76.60 -45.14
C ILE L 112 45.59 77.78 -46.03
N GLN L 113 44.58 78.50 -46.53
CA GLN L 113 44.85 79.60 -47.43
C GLN L 113 45.64 80.72 -46.76
N ASP L 114 45.31 81.04 -45.51
CA ASP L 114 46.03 82.14 -44.87
C ASP L 114 47.44 81.72 -44.43
N GLU L 115 47.61 80.46 -44.03
CA GLU L 115 48.98 80.01 -43.82
C GLU L 115 49.80 80.13 -45.10
N ILE L 116 49.24 79.72 -46.22
CA ILE L 116 49.93 79.86 -47.49
C ILE L 116 50.24 81.32 -47.76
N LYS L 117 49.33 82.21 -47.37
CA LYS L 117 49.57 83.64 -47.56
C LYS L 117 50.84 84.07 -46.84
N GLN L 118 50.97 83.69 -45.58
CA GLN L 118 52.17 84.08 -44.82
C GLN L 118 53.43 83.51 -45.48
N ARG L 119 53.38 82.24 -45.87
CA ARG L 119 54.57 81.63 -46.49
C ARG L 119 54.94 82.34 -47.79
N LEU L 120 53.95 82.72 -48.59
CA LEU L 120 54.24 83.45 -49.81
C LEU L 120 54.87 84.80 -49.51
N GLU L 121 54.38 85.49 -48.48
CA GLU L 121 54.95 86.80 -48.15
C GLU L 121 56.42 86.68 -47.80
N GLU L 122 56.80 85.58 -47.16
CA GLU L 122 58.19 85.46 -46.70
C GLU L 122 59.18 85.51 -47.86
N ILE L 123 58.83 84.93 -49.00
CA ILE L 123 59.76 84.89 -50.12
C ILE L 123 60.06 86.29 -50.62
N ASN L 124 59.03 87.12 -50.79
CA ASN L 124 59.24 88.49 -51.22
C ASN L 124 60.10 89.25 -50.21
N ARG L 125 59.82 89.06 -48.92
CA ARG L 125 60.61 89.76 -47.92
C ARG L 125 62.09 89.41 -48.04
N VAL L 126 62.40 88.11 -48.04
CA VAL L 126 63.80 87.71 -48.07
C VAL L 126 64.45 88.10 -49.39
N SER L 127 63.65 88.22 -50.45
CA SER L 127 64.22 88.63 -51.72
C SER L 127 64.62 90.10 -51.71
N GLU L 128 63.83 90.94 -51.03
CA GLU L 128 64.17 92.35 -51.04
C GLU L 128 65.17 92.75 -49.98
N GLN L 129 65.34 91.97 -48.92
CA GLN L 129 66.16 92.45 -47.80
C GLN L 129 67.62 91.98 -47.82
N THR L 130 67.97 90.99 -48.62
CA THR L 130 69.34 90.48 -48.60
C THR L 130 70.29 91.46 -49.26
N GLN L 131 71.51 91.55 -48.73
CA GLN L 131 72.49 92.50 -49.24
C GLN L 131 73.90 92.01 -48.97
N PHE L 132 74.86 92.62 -49.65
CA PHE L 132 76.28 92.32 -49.47
C PHE L 132 77.05 93.55 -49.92
N ASN L 133 77.55 94.33 -48.96
CA ASN L 133 78.23 95.59 -49.26
C ASN L 133 77.32 96.52 -50.04
N GLY L 134 76.07 96.62 -49.62
CA GLY L 134 75.13 97.53 -50.24
C GLY L 134 74.59 97.06 -51.58
N VAL L 135 74.98 95.88 -52.05
CA VAL L 135 74.54 95.37 -53.33
C VAL L 135 73.46 94.34 -53.08
N LYS L 136 72.23 94.63 -53.52
CA LYS L 136 71.19 93.61 -53.51
C LYS L 136 71.51 92.58 -54.58
N VAL L 137 71.50 91.31 -54.20
CA VAL L 137 71.96 90.26 -55.11
C VAL L 137 70.83 89.39 -55.63
N LEU L 138 69.66 89.45 -55.02
CA LEU L 138 68.55 88.61 -55.46
C LEU L 138 67.54 89.40 -56.27
N ALA L 139 68.01 90.28 -57.14
CA ALA L 139 67.16 91.05 -58.04
C ALA L 139 67.99 91.56 -59.21
N LYS L 140 67.31 92.09 -60.21
CA LYS L 140 67.80 92.94 -61.29
C LYS L 140 68.57 92.23 -62.41
N ASP L 141 68.87 90.94 -62.29
CA ASP L 141 69.33 90.13 -63.42
C ASP L 141 70.54 90.73 -64.15
N THR L 142 71.68 90.79 -63.45
CA THR L 142 72.90 91.30 -64.06
C THR L 142 74.01 90.26 -63.92
N LYS L 143 75.23 90.70 -64.20
CA LYS L 143 76.42 89.90 -63.95
C LYS L 143 77.49 90.76 -63.32
N MET L 144 78.49 90.11 -62.72
CA MET L 144 79.41 90.74 -61.79
C MET L 144 80.83 90.32 -62.16
N ASN L 145 81.59 91.23 -62.74
CA ASN L 145 82.95 90.92 -63.14
C ASN L 145 83.88 91.00 -61.93
N ILE L 146 84.86 90.09 -61.87
CA ILE L 146 85.86 90.09 -60.82
C ILE L 146 87.24 90.20 -61.47
N GLN L 147 88.06 91.13 -60.99
CA GLN L 147 89.40 91.30 -61.54
C GLN L 147 90.36 90.38 -60.79
N VAL L 148 91.01 89.48 -61.53
CA VAL L 148 91.64 88.31 -60.92
C VAL L 148 93.06 88.14 -61.43
N GLY L 149 93.70 89.21 -61.89
CA GLY L 149 95.01 89.05 -62.49
C GLY L 149 95.87 90.28 -62.38
N ALA L 150 97.04 90.20 -63.02
CA ALA L 150 98.01 91.28 -63.00
C ALA L 150 97.90 92.23 -64.19
N ASN L 151 97.10 91.90 -65.21
CA ASN L 151 96.93 92.77 -66.36
C ASN L 151 95.45 92.87 -66.69
N ASP L 152 95.04 94.05 -67.11
CA ASP L 152 93.64 94.31 -67.40
C ASP L 152 93.17 93.51 -68.61
N GLY L 153 91.92 93.06 -68.55
CA GLY L 153 91.40 92.09 -69.47
C GLY L 153 91.33 90.68 -68.92
N GLU L 154 91.67 90.49 -67.64
CA GLU L 154 91.61 89.19 -66.99
C GLU L 154 90.51 89.22 -65.96
N ILE L 155 89.37 88.60 -66.29
CA ILE L 155 88.18 88.68 -65.47
C ILE L 155 87.50 87.31 -65.42
N ILE L 156 86.63 87.16 -64.46
CA ILE L 156 85.74 86.01 -64.33
C ILE L 156 84.35 86.51 -63.98
N ALA L 157 83.35 86.00 -64.67
CA ALA L 157 81.99 86.51 -64.56
C ALA L 157 81.21 85.74 -63.50
N ILE L 158 80.35 86.46 -62.79
CA ILE L 158 79.40 85.88 -61.86
C ILE L 158 78.02 86.37 -62.24
N ASP L 159 77.14 85.46 -62.64
CA ASP L 159 75.82 85.84 -63.15
C ASP L 159 74.77 85.65 -62.08
N LEU L 160 73.85 86.61 -62.00
CA LEU L 160 72.83 86.63 -60.98
C LEU L 160 71.46 86.70 -61.64
N LYS L 161 70.42 86.36 -60.87
CA LYS L 161 69.06 86.33 -61.39
C LYS L 161 68.10 86.92 -60.38
N GLU L 162 66.91 87.30 -60.86
CA GLU L 162 65.90 87.90 -60.00
C GLU L 162 64.84 86.88 -59.63
N ILE L 163 64.49 86.84 -58.35
CA ILE L 163 63.56 85.85 -57.84
C ILE L 163 62.53 86.57 -56.99
N THR L 164 61.26 86.46 -57.35
CA THR L 164 60.14 86.90 -56.55
C THR L 164 58.98 85.92 -56.75
N ALA L 165 57.88 86.17 -56.04
CA ALA L 165 56.71 85.34 -56.21
C ALA L 165 56.09 85.49 -57.59
N LYS L 166 56.51 86.49 -58.36
CA LYS L 166 55.97 86.69 -59.70
C LYS L 166 56.81 85.97 -60.75
N THR L 167 58.12 86.19 -60.74
CA THR L 167 58.98 85.56 -61.75
C THR L 167 58.97 84.05 -61.66
N LEU L 168 58.55 83.48 -60.54
CA LEU L 168 58.36 82.04 -60.46
C LEU L 168 57.03 81.60 -61.04
N GLY L 169 56.16 82.53 -61.39
CA GLY L 169 54.86 82.23 -61.96
C GLY L 169 53.76 81.96 -60.97
N LEU L 170 53.99 82.20 -59.68
CA LEU L 170 53.06 81.80 -58.64
C LEU L 170 52.16 82.94 -58.17
N ASP L 171 52.15 84.06 -58.88
CA ASP L 171 51.38 85.20 -58.41
C ASP L 171 49.89 84.88 -58.41
N GLY L 172 49.19 85.32 -57.36
CA GLY L 172 47.79 85.02 -57.26
C GLY L 172 47.46 83.58 -56.98
N PHE L 173 48.41 82.83 -56.41
CA PHE L 173 48.17 81.44 -56.06
C PHE L 173 47.08 81.37 -55.01
N ASN L 174 46.10 80.50 -55.23
CA ASN L 174 44.96 80.42 -54.34
C ASN L 174 44.37 79.03 -54.42
N VAL L 175 43.79 78.58 -53.32
CA VAL L 175 43.23 77.22 -53.25
C VAL L 175 41.78 77.21 -52.79
N SER L 176 41.30 78.25 -52.11
CA SER L 176 39.89 78.33 -51.78
C SER L 176 39.18 79.29 -52.72
N GLY L 177 37.85 79.19 -52.80
CA GLY L 177 37.09 80.02 -53.70
C GLY L 177 36.45 79.22 -54.81
N PRO L 178 35.78 79.89 -55.73
CA PRO L 178 35.16 79.19 -56.85
C PRO L 178 36.19 78.60 -57.78
N LYS L 179 35.83 77.47 -58.40
CA LYS L 179 36.69 76.77 -59.34
C LYS L 179 36.10 76.88 -60.73
N GLY L 180 36.87 77.43 -61.67
CA GLY L 180 36.37 77.68 -63.01
C GLY L 180 35.73 79.05 -63.13
N THR L 181 35.21 79.32 -64.31
CA THR L 181 34.59 80.61 -64.56
C THR L 181 33.09 80.52 -64.31
N PRO L 182 32.54 81.32 -63.42
CA PRO L 182 31.10 81.24 -63.14
C PRO L 182 30.27 81.52 -64.38
N ALA L 183 29.10 80.88 -64.44
CA ALA L 183 28.17 80.99 -65.55
C ALA L 183 26.78 81.28 -65.01
N ALA L 184 25.80 81.27 -65.90
CA ALA L 184 24.45 81.63 -65.52
C ALA L 184 23.66 80.41 -65.06
N LEU L 185 22.51 80.67 -64.46
CA LEU L 185 21.63 79.62 -63.96
C LEU L 185 20.56 79.30 -65.00
N VAL L 186 20.17 78.03 -65.06
CA VAL L 186 19.18 77.57 -66.00
C VAL L 186 18.10 76.81 -65.25
N ALA L 187 17.14 76.26 -66.01
CA ALA L 187 15.97 75.64 -65.40
C ALA L 187 16.35 74.37 -64.64
N ALA L 188 17.33 73.62 -65.15
CA ALA L 188 17.69 72.36 -64.52
C ALA L 188 18.12 72.57 -63.07
N ASP L 189 18.82 73.67 -62.79
CA ASP L 189 19.28 73.91 -61.43
C ASP L 189 18.13 74.26 -60.50
N TYR L 190 17.19 75.07 -60.99
CA TYR L 190 16.02 75.36 -60.18
C TYR L 190 15.28 74.07 -59.85
N GLN L 191 15.11 73.19 -60.83
CA GLN L 191 14.42 71.94 -60.58
C GLN L 191 15.20 71.06 -59.62
N ALA L 192 16.53 71.04 -59.74
CA ALA L 192 17.34 70.21 -58.85
C ALA L 192 17.25 70.70 -57.41
N ALA L 193 17.24 72.01 -57.20
CA ALA L 193 17.32 72.51 -55.84
C ALA L 193 15.95 72.79 -55.24
N TYR L 194 14.86 72.70 -56.01
CA TYR L 194 13.54 72.97 -55.46
C TYR L 194 12.48 71.95 -55.85
N GLY L 195 12.69 71.16 -56.90
CA GLY L 195 11.69 70.21 -57.34
C GLY L 195 11.30 70.41 -58.80
N THR L 196 10.73 69.36 -59.38
CA THR L 196 10.39 69.41 -60.80
C THR L 196 9.16 70.26 -61.07
N THR L 197 8.42 70.62 -60.04
CA THR L 197 7.20 71.40 -60.17
C THR L 197 7.38 72.81 -59.62
N THR L 198 8.52 73.42 -59.93
CA THR L 198 8.94 74.64 -59.28
C THR L 198 8.26 75.87 -59.90
N ASN L 199 8.03 76.87 -59.06
CA ASN L 199 7.55 78.17 -59.50
C ASN L 199 8.67 79.09 -59.95
N VAL L 200 9.83 79.02 -59.32
CA VAL L 200 10.82 80.09 -59.43
C VAL L 200 11.48 80.05 -60.80
N THR L 201 11.87 81.22 -61.29
CA THR L 201 12.67 81.31 -62.51
C THR L 201 13.81 82.31 -62.43
N THR L 202 13.89 83.13 -61.39
CA THR L 202 14.91 84.17 -61.35
C THR L 202 15.28 84.47 -59.91
N THR L 203 16.45 85.07 -59.74
CA THR L 203 17.01 85.37 -58.43
C THR L 203 17.17 86.87 -58.26
N ALA L 204 17.44 87.30 -57.04
CA ALA L 204 17.60 88.72 -56.74
C ALA L 204 18.40 88.90 -55.46
N VAL L 205 19.60 89.46 -55.59
CA VAL L 205 20.53 89.63 -54.49
C VAL L 205 20.57 91.10 -54.10
N THR L 206 20.36 91.37 -52.82
CA THR L 206 20.34 92.74 -52.32
C THR L 206 21.05 92.81 -50.97
N GLU L 207 21.50 94.01 -50.62
CA GLU L 207 22.11 94.23 -49.32
C GLU L 207 21.06 94.60 -48.29
N SER L 208 21.42 94.43 -47.02
CA SER L 208 20.49 94.75 -45.95
C SER L 208 20.52 96.24 -45.62
N SER L 209 21.67 96.75 -45.22
CA SER L 209 21.86 98.16 -44.92
C SER L 209 22.73 98.77 -46.02
N ALA L 210 22.25 99.88 -46.58
CA ALA L 210 22.90 100.43 -47.76
C ALA L 210 24.31 100.90 -47.46
N ASN L 211 25.25 100.47 -48.31
CA ASN L 211 26.61 101.00 -48.33
C ASN L 211 27.35 100.80 -47.02
N ALA L 212 27.09 99.69 -46.32
CA ALA L 212 27.84 99.42 -45.11
C ALA L 212 29.24 98.93 -45.41
N LEU L 213 29.38 98.12 -46.47
CA LEU L 213 30.68 97.53 -46.76
C LEU L 213 31.71 98.60 -47.12
N ALA L 214 31.31 99.58 -47.93
CA ALA L 214 32.24 100.65 -48.29
C ALA L 214 32.69 101.43 -47.08
N GLY L 215 31.79 101.60 -46.11
CA GLY L 215 32.21 102.22 -44.85
C GLY L 215 33.20 101.36 -44.10
N ARG L 216 32.97 100.04 -44.08
CA ARG L 216 33.89 99.17 -43.36
C ARG L 216 35.28 99.16 -43.97
N LEU L 217 35.39 99.09 -45.30
CA LEU L 217 36.70 99.11 -45.92
C LEU L 217 37.39 100.46 -45.74
N GLY L 218 36.63 101.54 -45.84
CA GLY L 218 37.16 102.87 -45.66
C GLY L 218 37.43 103.67 -46.90
N VAL L 219 36.76 103.36 -48.01
CA VAL L 219 36.91 104.11 -49.25
C VAL L 219 35.59 104.76 -49.60
N ALA L 220 35.65 105.72 -50.52
CA ALA L 220 34.47 106.45 -50.91
C ALA L 220 33.49 105.54 -51.63
N ASN L 221 32.21 105.87 -51.53
CA ASN L 221 31.18 105.11 -52.22
C ASN L 221 31.41 105.17 -53.72
N GLY L 222 30.82 104.22 -54.44
CA GLY L 222 31.03 104.11 -55.87
C GLY L 222 32.15 103.18 -56.26
N SER L 223 33.05 102.84 -55.34
CA SER L 223 34.10 101.88 -55.59
C SER L 223 33.67 100.45 -55.26
N VAL L 224 32.46 100.27 -54.73
CA VAL L 224 31.97 98.96 -54.33
C VAL L 224 30.57 98.79 -54.88
N ALA L 225 30.38 97.76 -55.71
CA ALA L 225 29.08 97.47 -56.29
C ALA L 225 28.92 95.96 -56.43
N LEU L 226 27.69 95.48 -56.27
CA LEU L 226 27.39 94.08 -56.43
C LEU L 226 26.21 93.88 -57.36
N ALA L 227 26.25 92.80 -58.12
CA ALA L 227 25.24 92.53 -59.14
C ALA L 227 23.94 92.07 -58.50
N ALA L 228 23.02 91.63 -59.33
CA ALA L 228 21.68 91.28 -58.88
C ALA L 228 21.37 89.79 -58.94
N THR L 229 22.15 89.01 -59.67
CA THR L 229 21.83 87.61 -59.89
C THR L 229 23.00 86.73 -59.47
N ALA L 230 22.67 85.51 -59.05
CA ALA L 230 23.64 84.56 -58.55
C ALA L 230 24.09 83.62 -59.66
N GLU L 231 25.35 83.19 -59.59
CA GLU L 231 25.96 82.37 -60.62
C GLU L 231 26.34 81.03 -60.03
N LYS L 232 26.68 80.09 -60.90
CA LYS L 232 27.09 78.76 -60.48
C LYS L 232 28.42 78.40 -61.13
N ASP L 233 29.29 77.73 -60.38
CA ASP L 233 30.61 77.34 -60.86
C ASP L 233 30.54 75.93 -61.43
N ASP L 234 31.69 75.29 -61.62
CA ASP L 234 31.76 74.00 -62.29
C ASP L 234 31.18 72.85 -61.48
N ASN L 235 30.87 73.06 -60.20
CA ASN L 235 30.38 71.99 -59.37
C ASN L 235 28.92 72.17 -58.96
N GLY L 236 28.30 73.28 -59.33
CA GLY L 236 26.94 73.51 -58.93
C GLY L 236 26.78 74.31 -57.65
N ASN L 237 27.84 74.92 -57.15
CA ASN L 237 27.74 75.81 -56.02
C ASN L 237 27.37 77.21 -56.49
N TRP L 238 26.71 77.95 -55.61
CA TRP L 238 26.13 79.25 -55.95
C TRP L 238 26.96 80.36 -55.34
N TYR L 239 27.33 81.35 -56.14
CA TYR L 239 28.20 82.43 -55.70
C TYR L 239 27.61 83.78 -56.06
N ALA L 240 27.98 84.79 -55.28
CA ALA L 240 27.62 86.18 -55.53
C ALA L 240 28.85 86.93 -56.03
N THR L 241 28.64 88.13 -56.55
CA THR L 241 29.71 88.89 -57.19
C THR L 241 29.85 90.27 -56.57
N VAL L 242 31.09 90.71 -56.40
CA VAL L 242 31.42 92.04 -55.91
C VAL L 242 32.50 92.62 -56.80
N THR L 243 32.42 93.91 -57.09
CA THR L 243 33.39 94.59 -57.94
C THR L 243 34.02 95.76 -57.20
N ILE L 244 35.32 95.93 -57.33
CA ILE L 244 36.06 96.95 -56.60
C ILE L 244 36.99 97.68 -57.56
N THR L 245 37.01 99.00 -57.47
CA THR L 245 37.88 99.83 -58.29
C THR L 245 38.37 101.01 -57.48
N ALA L 246 39.69 101.21 -57.47
CA ALA L 246 40.32 102.26 -56.67
C ALA L 246 40.36 103.56 -57.45
N GLY L 247 40.45 104.67 -56.72
CA GLY L 247 40.47 105.98 -57.34
C GLY L 247 41.75 106.78 -57.16
N SER L 248 42.59 106.38 -56.22
CA SER L 248 43.81 107.10 -55.94
C SER L 248 44.79 106.18 -55.21
N ALA L 249 45.97 106.73 -54.92
CA ALA L 249 47.01 105.93 -54.28
C ALA L 249 46.61 105.52 -52.86
N THR L 250 46.10 106.46 -52.08
CA THR L 250 45.80 106.16 -50.68
C THR L 250 44.73 105.10 -50.56
N GLU L 251 43.75 105.10 -51.47
CA GLU L 251 42.75 104.04 -51.45
C GLU L 251 43.39 102.69 -51.71
N VAL L 252 44.33 102.63 -52.65
CA VAL L 252 45.03 101.38 -52.92
C VAL L 252 45.74 100.91 -51.66
N SER L 253 46.42 101.83 -50.97
CA SER L 253 47.17 101.41 -49.79
C SER L 253 46.25 100.99 -48.65
N THR L 254 45.11 101.65 -48.48
CA THR L 254 44.19 101.22 -47.44
C THR L 254 43.66 99.83 -47.73
N LEU L 255 43.25 99.57 -48.97
CA LEU L 255 42.77 98.24 -49.31
C LEU L 255 43.88 97.21 -49.10
N LYS L 256 45.11 97.54 -49.49
CA LYS L 256 46.20 96.60 -49.30
C LYS L 256 46.45 96.32 -47.82
N ALA L 257 46.36 97.35 -46.98
CA ALA L 257 46.59 97.13 -45.56
C ALA L 257 45.41 96.47 -44.88
N LYS L 258 44.26 96.38 -45.54
CA LYS L 258 43.15 95.61 -45.00
C LYS L 258 42.93 94.29 -45.73
N GLY L 259 43.87 93.86 -46.57
CA GLY L 259 43.88 92.51 -47.05
C GLY L 259 43.55 92.28 -48.51
N PHE L 260 43.28 93.32 -49.29
CA PHE L 260 42.90 93.18 -50.69
C PHE L 260 43.98 93.73 -51.60
N GLU L 261 44.15 93.08 -52.75
CA GLU L 261 45.13 93.50 -53.74
C GLU L 261 44.41 93.95 -55.00
N VAL L 262 44.74 95.15 -55.48
CA VAL L 262 44.05 95.75 -56.62
C VAL L 262 44.90 96.89 -57.15
N GLU L 263 44.68 97.26 -58.39
CA GLU L 263 45.34 98.40 -59.02
C GLU L 263 44.30 99.43 -59.46
N ASN L 264 44.58 100.70 -59.18
CA ASN L 264 43.60 101.75 -59.45
C ASN L 264 43.30 101.85 -60.93
N GLY L 265 42.05 102.17 -61.24
CA GLY L 265 41.62 102.25 -62.62
C GLY L 265 41.41 100.91 -63.29
N VAL L 266 41.46 99.81 -62.55
CA VAL L 266 41.25 98.47 -63.09
C VAL L 266 40.18 97.79 -62.26
N ALA L 267 39.17 97.26 -62.94
CA ALA L 267 38.11 96.52 -62.24
C ALA L 267 38.61 95.13 -61.85
N LYS L 268 38.14 94.67 -60.69
CA LYS L 268 38.44 93.32 -60.22
C LYS L 268 37.23 92.78 -59.49
N GLU L 269 37.07 91.47 -59.52
CA GLU L 269 35.85 90.82 -59.05
C GLU L 269 36.18 89.82 -57.96
N PHE L 270 35.40 89.87 -56.88
CA PHE L 270 35.57 88.96 -55.75
C PHE L 270 34.24 88.30 -55.46
N TYR L 271 34.28 87.16 -54.78
CA TYR L 271 33.11 86.31 -54.67
C TYR L 271 32.77 86.01 -53.22
N ILE L 272 31.51 85.66 -52.99
CA ILE L 272 31.02 85.21 -51.69
C ILE L 272 30.07 84.06 -51.93
N ALA L 273 30.17 83.03 -51.10
CA ALA L 273 29.36 81.84 -51.30
C ALA L 273 27.93 82.05 -50.78
N LEU L 274 27.01 81.23 -51.29
CA LEU L 274 25.61 81.28 -50.89
C LEU L 274 25.10 79.86 -50.70
N ASP L 275 23.98 79.76 -49.98
CA ASP L 275 23.28 78.50 -49.75
C ASP L 275 21.83 78.56 -50.23
N PRO L 276 21.42 77.66 -51.13
CA PRO L 276 20.10 77.80 -51.74
C PRO L 276 18.93 77.68 -50.78
N GLN L 277 19.12 77.07 -49.61
CA GLN L 277 18.01 76.80 -48.73
C GLN L 277 17.71 77.92 -47.75
N SER L 278 18.48 79.00 -47.77
CA SER L 278 18.18 80.15 -46.92
C SER L 278 17.47 81.26 -47.67
N ALA L 279 17.06 81.02 -48.91
CA ALA L 279 16.46 82.05 -49.72
C ALA L 279 15.04 82.36 -49.26
N ASP L 280 14.48 83.43 -49.80
CA ASP L 280 13.08 83.77 -49.57
C ASP L 280 12.29 83.49 -50.84
N VAL L 281 11.20 82.76 -50.72
CA VAL L 281 10.49 82.26 -51.90
C VAL L 281 9.00 82.53 -51.79
N THR L 282 8.54 82.92 -50.61
CA THR L 282 7.11 83.09 -50.38
C THR L 282 6.64 84.53 -50.52
N THR L 283 7.53 85.52 -50.41
CA THR L 283 7.09 86.90 -50.47
C THR L 283 6.57 87.27 -51.86
N THR L 284 7.35 86.96 -52.89
CA THR L 284 7.00 87.32 -54.26
C THR L 284 7.03 86.06 -55.11
N ALA L 285 5.97 85.83 -55.87
CA ALA L 285 5.85 84.60 -56.64
C ALA L 285 6.96 84.51 -57.69
N GLY L 286 7.62 83.36 -57.72
CA GLY L 286 8.57 83.07 -58.76
C GLY L 286 9.92 83.73 -58.65
N THR L 287 10.30 84.20 -57.47
CA THR L 287 11.59 84.86 -57.32
C THR L 287 12.19 84.55 -55.97
N ALA L 288 13.47 84.18 -55.97
CA ALA L 288 14.22 83.93 -54.75
C ALA L 288 15.04 85.17 -54.42
N ALA L 289 14.98 85.62 -53.17
CA ALA L 289 15.67 86.82 -52.75
C ALA L 289 16.62 86.49 -51.62
N PHE L 290 17.88 86.86 -51.79
CA PHE L 290 18.92 86.69 -50.77
C PHE L 290 19.25 88.04 -50.17
N ALA L 291 19.19 88.14 -48.85
CA ALA L 291 19.45 89.39 -48.14
C ALA L 291 20.70 89.24 -47.31
N LEU L 292 21.81 89.78 -47.79
CA LEU L 292 23.09 89.63 -47.11
C LEU L 292 23.21 90.61 -45.95
N ASP L 293 23.81 90.15 -44.86
CA ASP L 293 24.21 91.05 -43.77
C ASP L 293 25.69 91.37 -43.91
N THR L 294 25.97 92.30 -44.83
CA THR L 294 27.34 92.63 -45.16
C THR L 294 28.08 93.30 -44.02
N ALA L 295 27.38 93.77 -43.00
CA ALA L 295 28.05 94.54 -41.96
C ALA L 295 28.83 93.67 -40.97
N ASN L 296 28.59 92.36 -40.97
CA ASN L 296 29.13 91.50 -39.92
C ASN L 296 29.88 90.27 -40.42
N ILE L 297 29.85 89.99 -41.72
CA ILE L 297 30.57 88.83 -42.23
C ILE L 297 32.06 89.02 -41.99
N GLN L 298 32.74 87.92 -41.72
CA GLN L 298 34.19 88.01 -41.49
C GLN L 298 34.91 88.16 -42.81
N LEU L 299 35.83 89.13 -42.85
CA LEU L 299 36.41 89.57 -44.11
C LEU L 299 37.25 88.50 -44.80
N SER L 300 37.60 87.43 -44.11
CA SER L 300 38.36 86.38 -44.78
C SER L 300 37.49 85.50 -45.65
N SER L 301 36.18 85.72 -45.64
CA SER L 301 35.26 84.93 -46.45
C SER L 301 35.00 85.55 -47.81
N ILE L 302 35.76 86.58 -48.18
CA ILE L 302 35.62 87.21 -49.49
C ILE L 302 36.89 86.87 -50.26
N THR L 303 36.79 85.87 -51.13
CA THR L 303 37.94 85.28 -51.78
C THR L 303 37.95 85.58 -53.27
N SER L 304 39.12 85.39 -53.88
CA SER L 304 39.24 85.47 -55.34
C SER L 304 39.18 84.07 -55.93
N GLY L 305 39.46 83.95 -57.22
CA GLY L 305 39.34 82.67 -57.90
C GLY L 305 40.37 81.65 -57.45
N ALA L 306 40.05 80.39 -57.71
CA ALA L 306 40.94 79.30 -57.34
C ALA L 306 41.76 78.85 -58.54
N SER L 307 43.07 78.81 -58.39
CA SER L 307 43.94 78.49 -59.50
C SER L 307 43.78 77.03 -59.90
N SER L 308 44.31 76.69 -61.06
CA SER L 308 44.25 75.33 -61.56
C SER L 308 45.64 74.78 -61.79
N ASN L 309 45.76 73.46 -61.72
CA ASN L 309 47.02 72.76 -61.89
C ASN L 309 48.09 73.30 -60.95
N PRO L 310 47.87 73.31 -59.64
CA PRO L 310 48.88 73.92 -58.76
C PRO L 310 50.16 73.13 -58.65
N LEU L 311 50.08 71.80 -58.62
CA LEU L 311 51.26 70.98 -58.37
C LEU L 311 52.31 71.16 -59.44
N ALA L 312 51.91 71.24 -60.71
CA ALA L 312 52.87 71.46 -61.78
C ALA L 312 53.60 72.79 -61.60
N LYS L 313 52.86 73.83 -61.22
CA LYS L 313 53.49 75.13 -61.03
C LYS L 313 54.53 75.08 -59.91
N LEU L 314 54.20 74.42 -58.80
CA LEU L 314 55.16 74.31 -57.71
C LEU L 314 56.42 73.57 -58.15
N ASP L 315 56.26 72.50 -58.92
CA ASP L 315 57.44 71.80 -59.41
C ASP L 315 58.30 72.68 -60.30
N ALA L 316 57.67 73.48 -61.17
CA ALA L 316 58.46 74.39 -62.00
C ALA L 316 59.25 75.38 -61.16
N ALA L 317 58.62 75.93 -60.13
CA ALA L 317 59.33 76.85 -59.24
C ALA L 317 60.56 76.18 -58.65
N LEU L 318 60.38 74.98 -58.11
CA LEU L 318 61.50 74.27 -57.50
C LEU L 318 62.64 74.07 -58.50
N ALA L 319 62.29 73.69 -59.73
CA ALA L 319 63.33 73.47 -60.73
C ALA L 319 64.14 74.74 -60.98
N ASP L 320 63.48 75.89 -61.06
CA ASP L 320 64.23 77.13 -61.29
C ASP L 320 65.21 77.40 -60.17
N VAL L 321 64.78 77.24 -58.92
CA VAL L 321 65.68 77.50 -57.81
C VAL L 321 66.90 76.58 -57.87
N ASP L 322 66.65 75.29 -58.13
CA ASP L 322 67.76 74.34 -58.17
C ASP L 322 68.76 74.68 -59.28
N THR L 323 68.26 75.12 -60.43
CA THR L 323 69.19 75.50 -61.50
C THR L 323 70.12 76.61 -61.03
N LEU L 324 69.56 77.64 -60.39
CA LEU L 324 70.40 78.74 -59.94
C LEU L 324 71.49 78.23 -58.97
N ARG L 325 71.10 77.39 -58.02
CA ARG L 325 72.09 76.91 -57.05
C ARG L 325 73.21 76.15 -57.72
N SER L 326 72.88 75.30 -58.69
CA SER L 326 73.92 74.54 -59.38
C SER L 326 74.93 75.47 -60.03
N SER L 327 74.44 76.53 -60.69
CA SER L 327 75.39 77.44 -61.33
C SER L 327 76.34 78.08 -60.31
N LEU L 328 75.80 78.51 -59.18
CA LEU L 328 76.68 79.14 -58.18
C LEU L 328 77.75 78.17 -57.69
N GLY L 329 77.38 76.93 -57.43
CA GLY L 329 78.36 75.96 -56.97
C GLY L 329 79.48 75.75 -57.97
N ALA L 330 79.12 75.64 -59.25
CA ALA L 330 80.15 75.50 -60.27
C ALA L 330 81.12 76.68 -60.24
N VAL L 331 80.61 77.89 -60.05
CA VAL L 331 81.48 79.06 -60.03
C VAL L 331 82.48 78.97 -58.89
N GLN L 332 82.02 78.59 -57.70
CA GLN L 332 82.95 78.52 -56.56
C GLN L 332 84.06 77.50 -56.80
N ASN L 333 83.67 76.32 -57.29
CA ASN L 333 84.70 75.32 -57.61
C ASN L 333 85.70 75.87 -58.61
N ARG L 334 85.27 76.68 -59.57
CA ARG L 334 86.26 77.28 -60.47
C ARG L 334 87.19 78.21 -59.70
N PHE L 335 86.66 79.04 -58.81
CA PHE L 335 87.51 80.03 -58.16
C PHE L 335 88.68 79.40 -57.42
N ASP L 336 88.46 78.26 -56.75
CA ASP L 336 89.52 77.77 -55.85
C ASP L 336 90.88 77.60 -56.54
N SER L 337 90.87 77.03 -57.75
CA SER L 337 92.13 76.77 -58.46
C SER L 337 92.90 78.05 -58.73
N VAL L 338 92.20 79.17 -58.86
CA VAL L 338 92.88 80.44 -59.12
C VAL L 338 93.78 80.79 -57.94
N ILE L 339 93.26 80.68 -56.72
CA ILE L 339 94.07 81.00 -55.55
C ILE L 339 95.28 80.07 -55.48
N SER L 340 95.06 78.78 -55.71
CA SER L 340 96.19 77.85 -55.66
C SER L 340 97.30 78.27 -56.64
N ASN L 341 96.91 78.49 -57.90
CA ASN L 341 97.88 78.80 -58.92
C ASN L 341 98.60 80.11 -58.62
N LEU L 342 97.87 81.11 -58.14
CA LEU L 342 98.48 82.39 -57.81
C LEU L 342 99.56 82.20 -56.77
N GLY L 343 99.27 81.42 -55.72
CA GLY L 343 100.28 81.23 -54.69
C GLY L 343 101.55 80.62 -55.23
N THR L 344 101.41 79.55 -56.00
CA THR L 344 102.61 78.88 -56.49
C THR L 344 103.42 79.80 -57.40
N THR L 345 102.76 80.52 -58.30
CA THR L 345 103.50 81.38 -59.22
C THR L 345 104.20 82.51 -58.49
N VAL L 346 103.55 83.09 -57.47
CA VAL L 346 104.20 84.15 -56.70
C VAL L 346 105.47 83.61 -56.04
N THR L 347 105.40 82.42 -55.45
CA THR L 347 106.59 81.85 -54.86
C THR L 347 107.72 81.71 -55.89
N ASN L 348 107.40 81.15 -57.05
CA ASN L 348 108.45 80.91 -58.03
C ASN L 348 109.07 82.22 -58.52
N LEU L 349 108.25 83.24 -58.75
CA LEU L 349 108.78 84.53 -59.19
C LEU L 349 109.71 85.13 -58.14
N SER L 350 109.31 85.05 -56.86
CA SER L 350 110.14 85.62 -55.81
C SER L 350 111.49 84.92 -55.73
N ALA L 351 111.48 83.59 -55.84
CA ALA L 351 112.74 82.85 -55.82
C ALA L 351 113.65 83.25 -56.98
N SER L 352 113.07 83.41 -58.17
CA SER L 352 113.87 83.82 -59.31
C SER L 352 114.49 85.20 -59.11
N ARG L 353 113.70 86.14 -58.60
CA ARG L 353 114.25 87.47 -58.37
C ARG L 353 115.40 87.41 -57.39
N SER L 354 115.24 86.63 -56.32
CA SER L 354 116.30 86.52 -55.33
C SER L 354 117.57 85.97 -55.96
N ARG L 355 117.45 84.99 -56.85
CA ARG L 355 118.64 84.47 -57.53
C ARG L 355 119.33 85.56 -58.35
N ILE L 356 118.56 86.38 -59.06
CA ILE L 356 119.19 87.37 -59.93
C ILE L 356 119.84 88.48 -59.11
N GLN L 357 119.19 88.90 -58.03
CA GLN L 357 119.52 90.19 -57.43
C GLN L 357 120.44 90.12 -56.22
N ASP L 358 120.22 89.21 -55.29
CA ASP L 358 120.77 89.29 -53.94
C ASP L 358 122.30 89.13 -53.93
N ALA L 359 122.88 89.37 -52.76
CA ALA L 359 124.33 89.51 -52.60
C ALA L 359 124.88 88.40 -51.72
N ASP L 360 125.96 87.78 -52.17
CA ASP L 360 126.59 86.69 -51.44
C ASP L 360 127.34 87.23 -50.23
N TYR L 361 127.79 86.33 -49.35
CA TYR L 361 128.58 86.73 -48.19
C TYR L 361 130.01 86.20 -48.18
N ALA L 362 130.20 84.92 -48.46
CA ALA L 362 131.56 84.36 -48.43
C ALA L 362 132.51 85.15 -49.31
N THR L 363 132.10 85.43 -50.54
CA THR L 363 132.95 86.14 -51.48
C THR L 363 133.30 87.53 -50.95
N GLU L 364 132.31 88.22 -50.39
CA GLU L 364 132.56 89.59 -49.97
C GLU L 364 133.46 89.65 -48.75
N VAL L 365 133.30 88.70 -47.83
CA VAL L 365 134.19 88.66 -46.68
C VAL L 365 135.63 88.43 -47.12
N SER L 366 135.82 87.49 -48.05
CA SER L 366 137.18 87.27 -48.56
C SER L 366 137.74 88.52 -49.20
N ASN L 367 136.93 89.22 -50.00
CA ASN L 367 137.42 90.43 -50.66
C ASN L 367 137.78 91.51 -49.65
N MET L 368 136.99 91.65 -48.58
CA MET L 368 137.27 92.67 -47.58
C MET L 368 138.60 92.40 -46.88
N THR L 369 138.84 91.14 -46.52
CA THR L 369 140.12 90.79 -45.89
C THR L 369 141.29 91.08 -46.83
N ARG L 370 141.15 90.64 -48.08
CA ARG L 370 142.15 90.92 -49.10
C ARG L 370 142.43 92.41 -49.20
N ALA L 371 141.39 93.23 -49.13
CA ALA L 371 141.58 94.68 -49.25
C ALA L 371 142.36 95.23 -48.07
N GLN L 372 141.99 94.83 -46.85
CA GLN L 372 142.62 95.42 -45.67
C GLN L 372 144.11 95.09 -45.61
N ILE L 373 144.48 93.87 -45.98
CA ILE L 373 145.90 93.51 -45.95
C ILE L 373 146.72 94.44 -46.84
N LEU L 374 146.25 94.67 -48.07
CA LEU L 374 146.99 95.51 -48.99
C LEU L 374 147.08 96.94 -48.49
N GLN L 375 146.03 97.43 -47.85
CA GLN L 375 146.07 98.76 -47.25
C GLN L 375 147.25 98.88 -46.30
N GLN L 376 147.35 97.94 -45.35
CA GLN L 376 148.41 98.04 -44.36
C GLN L 376 149.79 97.92 -45.01
N ALA L 377 149.95 96.99 -45.93
CA ALA L 377 151.24 96.83 -46.59
C ALA L 377 151.63 98.08 -47.35
N GLY L 378 150.65 98.71 -48.01
CA GLY L 378 150.94 99.92 -48.75
C GLY L 378 151.41 101.06 -47.85
N THR L 379 150.74 101.25 -46.71
CA THR L 379 151.18 102.31 -45.80
C THR L 379 152.60 102.05 -45.32
N SER L 380 152.91 100.81 -44.94
CA SER L 380 154.25 100.52 -44.45
C SER L 380 155.31 100.78 -45.51
N VAL L 381 155.10 100.26 -46.71
CA VAL L 381 156.09 100.47 -47.77
C VAL L 381 156.19 101.94 -48.13
N LEU L 382 155.08 102.68 -48.02
CA LEU L 382 155.13 104.10 -48.32
C LEU L 382 156.05 104.83 -47.35
N ALA L 383 155.91 104.55 -46.06
CA ALA L 383 156.81 105.19 -45.09
C ALA L 383 158.25 104.81 -45.36
N GLN L 384 158.49 103.53 -45.65
CA GLN L 384 159.85 103.08 -45.93
C GLN L 384 160.45 103.82 -47.13
N ALA L 385 159.67 103.99 -48.19
CA ALA L 385 160.19 104.67 -49.38
C ALA L 385 160.35 106.16 -49.13
N ASN L 386 159.48 106.74 -48.32
CA ASN L 386 159.59 108.16 -48.01
C ASN L 386 160.91 108.45 -47.31
N GLN L 387 161.31 107.59 -46.37
CA GLN L 387 162.52 107.84 -45.61
C GLN L 387 163.80 107.68 -46.43
N THR L 388 163.69 107.42 -47.74
CA THR L 388 164.86 107.05 -48.54
C THR L 388 165.94 108.13 -48.59
N THR L 389 165.55 109.40 -48.73
CA THR L 389 166.49 110.43 -49.17
C THR L 389 167.53 110.80 -48.12
N GLN L 390 167.38 110.38 -46.87
CA GLN L 390 168.32 110.84 -45.83
C GLN L 390 169.74 110.40 -46.11
N ASN L 391 169.92 109.35 -46.90
CA ASN L 391 171.27 108.84 -47.16
C ASN L 391 172.13 109.86 -47.90
N VAL L 392 171.51 110.63 -48.81
CA VAL L 392 172.28 111.60 -49.58
C VAL L 392 172.82 112.69 -48.68
N LEU L 393 172.03 113.10 -47.68
CA LEU L 393 172.49 114.13 -46.74
C LEU L 393 173.72 113.66 -45.98
N SER L 394 173.87 112.34 -45.82
CA SER L 394 175.01 111.80 -45.10
C SER L 394 176.33 112.06 -45.83
N LEU L 395 176.26 112.32 -47.14
CA LEU L 395 177.48 112.56 -47.89
C LEU L 395 178.22 113.78 -47.35
N LEU L 396 177.49 114.74 -46.79
CA LEU L 396 178.11 115.88 -46.13
C LEU L 396 177.77 115.87 -44.65
N ALA M 2 35.12 48.50 12.81
CA ALA M 2 36.03 48.25 11.70
C ALA M 2 36.33 46.78 11.59
N GLN M 3 37.35 46.44 10.79
CA GLN M 3 37.78 45.07 10.62
C GLN M 3 38.66 44.67 11.78
N VAL M 4 38.13 43.83 12.66
CA VAL M 4 38.89 43.22 13.74
C VAL M 4 38.75 41.72 13.60
N ILE M 5 39.81 40.99 13.96
CA ILE M 5 39.74 39.53 13.92
C ILE M 5 39.77 38.92 15.31
N ASN M 6 40.12 39.68 16.33
CA ASN M 6 40.33 39.08 17.63
C ASN M 6 39.02 38.73 18.32
N THR M 7 37.90 39.20 17.78
CA THR M 7 36.60 38.91 18.34
C THR M 7 35.53 39.06 17.27
N ASN M 8 34.72 38.02 17.10
CA ASN M 8 33.58 38.05 16.19
C ASN M 8 32.32 38.15 17.03
N SER M 9 31.50 39.15 16.74
CA SER M 9 30.36 39.46 17.59
C SER M 9 29.03 39.01 17.01
N LEU M 10 28.95 38.75 15.71
CA LEU M 10 27.70 38.23 15.15
C LEU M 10 27.46 36.80 15.61
N SER M 11 28.50 35.98 15.61
CA SER M 11 28.33 34.58 15.95
C SER M 11 27.82 34.42 17.37
N LEU M 12 28.28 35.27 18.29
CA LEU M 12 27.73 35.21 19.65
C LEU M 12 26.24 35.50 19.63
N MET M 13 25.81 36.48 18.84
CA MET M 13 24.39 36.78 18.74
C MET M 13 23.61 35.57 18.24
N THR M 14 24.10 34.93 17.20
CA THR M 14 23.36 33.80 16.64
C THR M 14 23.31 32.63 17.62
N GLN M 15 24.43 32.35 18.28
CA GLN M 15 24.45 31.26 19.26
C GLN M 15 23.44 31.51 20.35
N ASN M 16 23.47 32.69 20.95
CA ASN M 16 22.48 33.01 21.97
C ASN M 16 21.08 32.96 21.42
N ASN M 17 20.92 33.24 20.13
CA ASN M 17 19.60 33.31 19.52
C ASN M 17 19.03 31.94 19.18
N LEU M 18 19.86 30.90 19.26
CA LEU M 18 19.45 29.57 18.83
C LEU M 18 18.77 28.78 19.96
N ASN M 19 19.16 29.05 21.21
CA ASN M 19 18.65 28.25 22.32
C ASN M 19 17.15 28.45 22.50
N THR M 20 16.66 29.63 22.13
CA THR M 20 15.23 29.87 22.23
C THR M 20 14.45 28.87 21.41
N SER M 21 14.91 28.59 20.19
CA SER M 21 14.26 27.57 19.38
C SER M 21 14.44 26.19 19.99
N GLN M 22 15.64 25.90 20.51
CA GLN M 22 15.90 24.55 20.99
C GLN M 22 14.96 24.16 22.13
N SER M 23 14.72 25.06 23.08
CA SER M 23 13.89 24.70 24.23
C SER M 23 12.45 24.40 23.80
N ALA M 24 11.90 25.21 22.91
CA ALA M 24 10.54 24.96 22.43
C ALA M 24 10.48 23.64 21.70
N LEU M 25 11.51 23.33 20.92
CA LEU M 25 11.55 22.03 20.27
C LEU M 25 11.44 20.91 21.30
N ASN M 26 12.23 21.01 22.38
CA ASN M 26 12.21 19.96 23.38
C ASN M 26 10.82 19.77 23.98
N THR M 27 10.21 20.86 24.43
CA THR M 27 8.90 20.70 25.06
C THR M 27 7.87 20.12 24.10
N ALA M 28 7.87 20.60 22.86
CA ALA M 28 6.90 20.11 21.89
C ALA M 28 7.07 18.62 21.64
N ILE M 29 8.31 18.16 21.48
CA ILE M 29 8.51 16.72 21.30
C ILE M 29 8.03 15.95 22.51
N GLN M 30 8.36 16.43 23.72
CA GLN M 30 7.98 15.67 24.90
C GLN M 30 6.48 15.48 24.98
N ARG M 31 5.72 16.56 24.74
CA ARG M 31 4.29 16.50 24.97
C ARG M 31 3.61 15.42 24.13
N LEU M 32 4.11 15.17 22.93
CA LEU M 32 3.50 14.16 22.07
C LEU M 32 3.67 12.77 22.65
N SER M 33 4.91 12.41 23.01
CA SER M 33 5.16 11.05 23.49
C SER M 33 4.52 10.81 24.84
N SER M 34 4.44 11.84 25.69
CA SER M 34 3.82 11.63 26.99
C SER M 34 2.36 11.23 26.85
N GLY M 35 1.66 11.86 25.93
CA GLY M 35 0.23 11.67 25.82
C GLY M 35 -0.61 12.68 26.58
N LEU M 36 0.00 13.69 27.20
CA LEU M 36 -0.73 14.70 27.95
C LEU M 36 0.15 15.93 28.16
N ARG M 37 -0.44 16.96 28.76
CA ARG M 37 0.13 18.31 28.66
C ARG M 37 0.95 18.69 29.88
N ILE M 38 0.55 18.25 31.07
CA ILE M 38 1.17 18.68 32.32
C ILE M 38 2.07 17.55 32.81
N ASN M 39 3.38 17.69 32.64
CA ASN M 39 4.32 16.66 33.07
C ASN M 39 5.20 17.08 34.23
N SER M 40 4.94 18.23 34.85
CA SER M 40 5.64 18.63 36.06
C SER M 40 4.90 19.82 36.65
N ALA M 41 5.31 20.22 37.85
CA ALA M 41 4.73 21.42 38.44
C ALA M 41 5.14 22.67 37.65
N LYS M 42 6.23 22.58 36.91
CA LYS M 42 6.68 23.71 36.10
C LYS M 42 5.63 24.12 35.08
N ASP M 43 4.80 23.17 34.65
CA ASP M 43 3.82 23.46 33.60
C ASP M 43 2.73 24.39 34.11
N ASP M 44 2.06 24.01 35.21
CA ASP M 44 1.27 24.99 35.95
C ASP M 44 1.16 24.53 37.40
N ALA M 45 0.89 25.47 38.30
CA ALA M 45 0.76 25.11 39.70
C ALA M 45 -0.60 24.50 39.99
N ALA M 46 -1.68 25.26 39.80
CA ALA M 46 -2.97 24.88 40.34
C ALA M 46 -3.54 23.63 39.67
N GLY M 47 -3.37 23.52 38.36
CA GLY M 47 -4.06 22.45 37.64
C GLY M 47 -3.67 21.07 38.10
N GLN M 48 -2.39 20.88 38.44
CA GLN M 48 -1.93 19.56 38.84
C GLN M 48 -2.64 19.11 40.11
N ALA M 49 -2.78 19.99 41.10
CA ALA M 49 -3.50 19.63 42.31
C ALA M 49 -4.96 19.31 42.02
N ILE M 50 -5.59 20.10 41.15
CA ILE M 50 -7.00 19.86 40.86
C ILE M 50 -7.19 18.51 40.20
N ALA M 51 -6.32 18.18 39.24
CA ALA M 51 -6.39 16.88 38.60
C ALA M 51 -6.21 15.76 39.61
N ASN M 52 -5.28 15.95 40.55
CA ASN M 52 -5.03 14.92 41.55
C ASN M 52 -6.27 14.69 42.42
N ARG M 53 -6.94 15.78 42.83
CA ARG M 53 -8.12 15.62 43.67
C ARG M 53 -9.30 15.06 42.87
N PHE M 54 -9.30 15.27 41.55
CA PHE M 54 -10.26 14.54 40.72
C PHE M 54 -9.98 13.04 40.76
N THR M 55 -8.70 12.67 40.64
CA THR M 55 -8.34 11.26 40.58
C THR M 55 -8.77 10.53 41.85
N ALA M 56 -8.54 11.14 43.00
CA ALA M 56 -8.92 10.49 44.25
C ALA M 56 -10.41 10.18 44.28
N ASN M 57 -11.24 11.14 43.89
CA ASN M 57 -12.69 10.93 43.87
C ASN M 57 -13.07 9.82 42.93
N ILE M 58 -12.49 9.80 41.73
CA ILE M 58 -12.87 8.77 40.77
C ILE M 58 -12.55 7.39 41.32
N LYS M 59 -11.35 7.20 41.85
CA LYS M 59 -10.95 5.89 42.32
C LYS M 59 -11.82 5.44 43.50
N GLY M 60 -12.12 6.35 44.43
CA GLY M 60 -13.00 5.98 45.51
C GLY M 60 -14.39 5.58 45.04
N LEU M 61 -14.92 6.32 44.07
CA LEU M 61 -16.28 6.06 43.59
C LEU M 61 -16.37 4.68 42.93
N THR M 62 -15.35 4.30 42.18
CA THR M 62 -15.40 2.99 41.53
C THR M 62 -15.61 1.87 42.55
N GLN M 63 -14.84 1.88 43.63
CA GLN M 63 -14.95 0.80 44.60
C GLN M 63 -16.26 0.89 45.38
N ALA M 64 -16.68 2.11 45.70
CA ALA M 64 -17.98 2.27 46.34
C ALA M 64 -19.05 1.59 45.51
N GLN M 65 -18.90 1.61 44.19
CA GLN M 65 -19.88 0.95 43.34
C GLN M 65 -19.95 -0.54 43.61
N ARG M 66 -18.80 -1.18 43.80
CA ARG M 66 -18.79 -2.63 44.02
C ARG M 66 -19.47 -3.00 45.32
N ASN M 67 -19.29 -2.17 46.34
CA ASN M 67 -19.86 -2.51 47.64
C ASN M 67 -21.38 -2.64 47.56
N ALA M 68 -22.03 -1.79 46.75
CA ALA M 68 -23.48 -1.88 46.58
C ALA M 68 -23.89 -3.20 45.94
N ASN M 69 -23.10 -3.68 44.98
CA ASN M 69 -23.39 -4.97 44.37
C ASN M 69 -23.35 -6.07 45.40
N ASP M 70 -22.35 -6.06 46.28
CA ASP M 70 -22.31 -7.08 47.33
C ASP M 70 -23.54 -6.99 48.22
N GLY M 71 -23.98 -5.77 48.53
CA GLY M 71 -25.18 -5.63 49.33
C GLY M 71 -26.40 -6.24 48.67
N ILE M 72 -26.58 -6.00 47.38
CA ILE M 72 -27.69 -6.62 46.67
C ILE M 72 -27.60 -8.13 46.76
N SER M 73 -26.39 -8.67 46.61
CA SER M 73 -26.25 -10.13 46.67
C SER M 73 -26.73 -10.67 48.00
N LEU M 74 -26.34 -10.03 49.10
CA LEU M 74 -26.77 -10.51 50.41
C LEU M 74 -28.29 -10.45 50.56
N ALA M 75 -28.88 -9.33 50.15
CA ALA M 75 -30.33 -9.20 50.27
C ALA M 75 -31.04 -10.28 49.46
N GLN M 76 -30.53 -10.57 48.27
CA GLN M 76 -31.09 -11.65 47.47
C GLN M 76 -30.98 -12.97 48.20
N THR M 77 -29.84 -13.23 48.84
CA THR M 77 -29.63 -14.51 49.47
C THR M 77 -30.67 -14.79 50.55
N THR M 78 -31.01 -13.78 51.35
CA THR M 78 -31.92 -14.05 52.47
C THR M 78 -33.33 -14.46 52.02
N GLU M 79 -33.84 -13.84 50.96
CA GLU M 79 -35.24 -14.06 50.59
C GLU M 79 -35.50 -15.49 50.16
N GLY M 80 -34.56 -16.07 49.41
CA GLY M 80 -34.71 -17.46 49.03
C GLY M 80 -34.89 -18.38 50.22
N ALA M 81 -34.15 -18.09 51.31
CA ALA M 81 -34.34 -18.85 52.53
C ALA M 81 -35.75 -18.64 53.07
N LEU M 82 -36.19 -17.39 53.19
CA LEU M 82 -37.47 -17.13 53.85
C LEU M 82 -38.63 -17.82 53.14
N THR M 83 -38.52 -18.00 51.82
CA THR M 83 -39.62 -18.58 51.06
C THR M 83 -40.04 -19.94 51.61
N GLU M 84 -39.07 -20.77 52.00
CA GLU M 84 -39.41 -22.14 52.36
C GLU M 84 -40.08 -22.18 53.73
N VAL M 85 -39.68 -21.29 54.64
CA VAL M 85 -40.41 -21.15 55.89
C VAL M 85 -41.84 -20.78 55.62
N ASN M 86 -42.05 -19.85 54.69
CA ASN M 86 -43.41 -19.52 54.28
C ASN M 86 -44.19 -20.76 53.89
N ASN M 87 -43.60 -21.57 53.01
CA ASN M 87 -44.32 -22.75 52.53
C ASN M 87 -44.65 -23.72 53.66
N ASN M 88 -43.73 -23.91 54.60
CA ASN M 88 -43.99 -24.84 55.69
C ASN M 88 -45.16 -24.37 56.54
N LEU M 89 -45.18 -23.08 56.88
CA LEU M 89 -46.30 -22.58 57.68
C LEU M 89 -47.61 -22.73 56.94
N GLN M 90 -47.58 -22.48 55.63
CA GLN M 90 -48.81 -22.48 54.85
C GLN M 90 -49.45 -23.85 54.82
N ARG M 91 -48.64 -24.91 54.97
CA ARG M 91 -49.14 -26.28 55.01
C ARG M 91 -49.61 -26.66 56.41
N ILE M 92 -48.85 -26.25 57.43
CA ILE M 92 -49.24 -26.62 58.79
C ILE M 92 -50.60 -26.05 59.13
N ARG M 93 -50.89 -24.85 58.63
CA ARG M 93 -52.19 -24.25 58.95
C ARG M 93 -53.35 -25.14 58.47
N GLU M 94 -53.29 -25.62 57.24
CA GLU M 94 -54.43 -26.37 56.74
C GLU M 94 -54.41 -27.81 57.27
N LEU M 95 -53.24 -28.32 57.66
CA LEU M 95 -53.26 -29.56 58.42
C LEU M 95 -53.98 -29.38 59.75
N SER M 96 -53.85 -28.19 60.34
CA SER M 96 -54.56 -27.92 61.58
C SER M 96 -56.06 -27.82 61.35
N VAL M 97 -56.47 -27.28 60.20
CA VAL M 97 -57.90 -27.18 59.92
C VAL M 97 -58.55 -28.56 59.93
N GLN M 98 -57.87 -29.56 59.37
CA GLN M 98 -58.46 -30.88 59.20
C GLN M 98 -58.64 -31.61 60.53
N ALA M 99 -57.78 -31.34 61.50
CA ALA M 99 -57.80 -32.08 62.75
C ALA M 99 -58.84 -31.57 63.74
N ALA M 100 -59.59 -30.53 63.41
CA ALA M 100 -60.57 -29.98 64.31
C ALA M 100 -61.95 -30.60 64.17
N THR M 101 -62.15 -31.47 63.18
CA THR M 101 -63.42 -32.16 63.03
C THR M 101 -63.65 -33.11 64.21
N GLY M 102 -64.91 -33.28 64.58
CA GLY M 102 -65.22 -34.22 65.65
C GLY M 102 -65.22 -35.66 65.20
N SER M 103 -65.01 -35.89 63.90
CA SER M 103 -65.08 -37.26 63.37
C SER M 103 -63.89 -38.09 63.78
N ASN M 104 -62.72 -37.48 63.91
CA ASN M 104 -61.48 -38.23 64.04
C ASN M 104 -61.43 -39.03 65.34
N SER M 105 -60.60 -40.07 65.33
CA SER M 105 -60.30 -40.85 66.52
C SER M 105 -58.93 -40.45 67.07
N ALA M 106 -58.47 -41.20 68.08
CA ALA M 106 -57.21 -40.86 68.73
C ALA M 106 -56.01 -41.14 67.82
N SER M 107 -55.99 -42.31 67.20
CA SER M 107 -54.84 -42.70 66.39
C SER M 107 -54.61 -41.71 65.25
N ASP M 108 -55.70 -41.25 64.62
CA ASP M 108 -55.55 -40.29 63.53
C ASP M 108 -54.94 -38.99 64.03
N LEU M 109 -55.37 -38.53 65.20
CA LEU M 109 -54.80 -37.31 65.75
C LEU M 109 -53.30 -37.47 65.97
N GLN M 110 -52.88 -38.62 66.49
CA GLN M 110 -51.46 -38.86 66.68
C GLN M 110 -50.72 -38.87 65.35
N SER M 111 -51.33 -39.51 64.35
CA SER M 111 -50.69 -39.67 63.05
C SER M 111 -50.60 -38.34 62.31
N ILE M 112 -51.42 -37.37 62.70
CA ILE M 112 -51.24 -36.01 62.18
C ILE M 112 -50.16 -35.28 62.95
N GLN M 113 -50.16 -35.45 64.27
CA GLN M 113 -49.25 -34.67 65.10
C GLN M 113 -47.79 -34.95 64.78
N ASP M 114 -47.46 -36.20 64.44
CA ASP M 114 -46.06 -36.48 64.14
C ASP M 114 -45.59 -35.72 62.89
N GLU M 115 -46.41 -35.68 61.85
CA GLU M 115 -46.04 -34.93 60.66
C GLU M 115 -45.90 -33.45 60.97
N ILE M 116 -46.78 -32.92 61.82
CA ILE M 116 -46.61 -31.53 62.23
C ILE M 116 -45.25 -31.33 62.90
N LYS M 117 -44.87 -32.28 63.74
CA LYS M 117 -43.59 -32.20 64.45
C LYS M 117 -42.42 -32.12 63.49
N GLN M 118 -42.46 -32.86 62.39
CA GLN M 118 -41.36 -32.79 61.44
C GLN M 118 -41.19 -31.38 60.87
N ARG M 119 -42.29 -30.82 60.36
CA ARG M 119 -42.21 -29.49 59.75
C ARG M 119 -41.75 -28.46 60.76
N LEU M 120 -42.14 -28.61 62.03
CA LEU M 120 -41.67 -27.65 63.02
C LEU M 120 -40.15 -27.66 63.14
N GLU M 121 -39.54 -28.84 63.18
CA GLU M 121 -38.09 -28.89 63.34
C GLU M 121 -37.38 -28.37 62.10
N GLU M 122 -38.06 -28.44 60.95
CA GLU M 122 -37.41 -28.01 59.73
C GLU M 122 -37.03 -26.53 59.78
N ILE M 123 -37.91 -25.69 60.31
CA ILE M 123 -37.62 -24.26 60.40
C ILE M 123 -36.39 -24.01 61.26
N ASN M 124 -36.31 -24.68 62.40
CA ASN M 124 -35.16 -24.50 63.28
C ASN M 124 -33.88 -24.86 62.58
N ARG M 125 -33.89 -25.95 61.80
CA ARG M 125 -32.71 -26.28 61.03
C ARG M 125 -32.33 -25.13 60.09
N VAL M 126 -33.30 -24.68 59.29
CA VAL M 126 -33.01 -23.68 58.27
C VAL M 126 -32.44 -22.42 58.89
N SER M 127 -32.87 -22.07 60.09
CA SER M 127 -32.34 -20.85 60.70
C SER M 127 -30.86 -21.01 61.01
N GLU M 128 -30.40 -22.24 61.26
CA GLU M 128 -29.04 -22.43 61.71
C GLU M 128 -28.06 -22.58 60.55
N GLN M 129 -28.34 -23.47 59.59
CA GLN M 129 -27.31 -23.71 58.57
C GLN M 129 -27.07 -22.49 57.67
N THR M 130 -28.12 -21.78 57.27
CA THR M 130 -27.96 -20.75 56.25
C THR M 130 -26.96 -19.70 56.71
N GLN M 131 -26.10 -19.26 55.77
CA GLN M 131 -25.06 -18.31 56.11
C GLN M 131 -24.38 -17.82 54.84
N PHE M 132 -23.93 -16.57 54.88
CA PHE M 132 -23.35 -15.90 53.73
C PHE M 132 -22.01 -15.31 54.14
N ASN M 133 -20.93 -15.80 53.55
CA ASN M 133 -19.57 -15.33 53.82
C ASN M 133 -19.27 -15.32 55.31
N GLY M 134 -19.63 -16.40 55.98
CA GLY M 134 -19.38 -16.50 57.39
C GLY M 134 -20.25 -15.61 58.25
N VAL M 135 -21.40 -15.18 57.74
CA VAL M 135 -22.33 -14.36 58.50
C VAL M 135 -23.64 -15.11 58.62
N LYS M 136 -24.08 -15.34 59.85
CA LYS M 136 -25.38 -15.96 60.12
C LYS M 136 -26.44 -14.88 60.06
N VAL M 137 -27.37 -14.99 59.12
CA VAL M 137 -28.24 -13.87 58.82
C VAL M 137 -29.60 -14.02 59.49
N LEU M 138 -29.99 -15.25 59.84
CA LEU M 138 -31.31 -15.47 60.40
C LEU M 138 -31.30 -15.88 61.85
N ALA M 139 -30.25 -15.54 62.61
CA ALA M 139 -30.25 -15.92 64.02
C ALA M 139 -29.60 -14.89 64.92
N LYS M 140 -29.52 -13.62 64.52
CA LYS M 140 -28.76 -12.67 65.31
C LYS M 140 -29.53 -11.46 65.79
N ASP M 141 -30.43 -10.90 64.97
CA ASP M 141 -31.24 -9.76 65.37
C ASP M 141 -30.39 -8.51 65.61
N THR M 142 -29.66 -8.09 64.58
CA THR M 142 -28.88 -6.87 64.63
C THR M 142 -28.86 -6.25 63.23
N LYS M 143 -28.23 -5.09 63.09
CA LYS M 143 -28.26 -4.36 61.85
C LYS M 143 -26.86 -4.16 61.28
N MET M 144 -26.74 -4.31 59.96
CA MET M 144 -25.49 -4.28 59.23
C MET M 144 -25.49 -3.12 58.25
N ASN M 145 -24.41 -2.35 58.22
CA ASN M 145 -24.37 -1.11 57.45
C ASN M 145 -23.26 -1.12 56.40
N ILE M 146 -23.67 -0.95 55.14
CA ILE M 146 -22.76 -0.86 54.00
C ILE M 146 -22.16 0.54 53.96
N GLN M 147 -21.12 0.74 53.15
CA GLN M 147 -20.64 2.08 52.84
C GLN M 147 -20.63 2.31 51.35
N VAL M 148 -21.33 3.35 50.91
CA VAL M 148 -21.40 3.77 49.51
C VAL M 148 -21.11 5.25 49.43
N GLY M 149 -20.00 5.61 48.80
CA GLY M 149 -19.56 6.99 48.81
C GLY M 149 -18.16 7.13 49.37
N ALA M 150 -17.40 8.11 48.91
CA ALA M 150 -15.96 8.09 49.09
C ALA M 150 -15.46 9.01 50.18
N ASN M 151 -16.29 9.39 51.15
CA ASN M 151 -15.85 10.09 52.33
C ASN M 151 -16.22 9.28 53.56
N ASP M 152 -16.04 9.86 54.73
CA ASP M 152 -16.36 9.13 55.95
C ASP M 152 -17.85 9.20 56.28
N GLY M 153 -18.37 8.09 56.76
CA GLY M 153 -19.76 8.07 57.20
C GLY M 153 -20.76 8.21 56.08
N GLU M 154 -20.84 7.22 55.19
CA GLU M 154 -21.77 7.24 54.08
C GLU M 154 -22.68 6.01 54.09
N ILE M 155 -23.06 5.55 55.27
CA ILE M 155 -23.55 4.19 55.38
C ILE M 155 -25.01 4.09 54.96
N ILE M 156 -25.46 2.86 54.77
CA ILE M 156 -26.86 2.50 54.64
C ILE M 156 -27.08 1.22 55.44
N ALA M 157 -28.18 1.16 56.18
CA ALA M 157 -28.38 0.10 57.16
C ALA M 157 -29.33 -0.96 56.64
N ILE M 158 -29.29 -2.13 57.25
CA ILE M 158 -30.19 -3.25 56.94
C ILE M 158 -30.69 -3.84 58.25
N ASP M 159 -31.97 -4.24 58.28
CA ASP M 159 -32.61 -4.53 59.56
C ASP M 159 -32.22 -5.89 60.13
N LEU M 160 -32.43 -6.97 59.38
CA LEU M 160 -31.97 -8.31 59.74
C LEU M 160 -32.51 -8.77 61.11
N LYS M 161 -33.81 -9.03 61.16
CA LYS M 161 -34.37 -9.60 62.36
C LYS M 161 -34.05 -11.09 62.48
N GLU M 162 -34.62 -11.72 63.51
CA GLU M 162 -34.24 -13.05 63.96
C GLU M 162 -35.46 -13.94 64.09
N ILE M 163 -35.40 -15.14 63.51
CA ILE M 163 -36.55 -16.03 63.39
C ILE M 163 -36.17 -17.43 63.83
N THR M 164 -36.87 -17.95 64.82
CA THR M 164 -36.82 -19.36 65.17
C THR M 164 -38.20 -19.78 65.66
N ALA M 165 -38.39 -21.09 65.79
CA ALA M 165 -39.71 -21.61 66.16
C ALA M 165 -40.12 -21.14 67.54
N LYS M 166 -39.17 -20.67 68.35
CA LYS M 166 -39.53 -20.13 69.66
C LYS M 166 -40.00 -18.69 69.56
N THR M 167 -39.37 -17.90 68.71
CA THR M 167 -39.69 -16.49 68.66
C THR M 167 -41.11 -16.24 68.16
N LEU M 168 -41.58 -17.05 67.22
CA LEU M 168 -42.90 -16.85 66.65
C LEU M 168 -44.03 -17.23 67.60
N GLY M 169 -43.72 -17.82 68.75
CA GLY M 169 -44.75 -18.28 69.65
C GLY M 169 -45.23 -19.68 69.39
N LEU M 170 -44.52 -20.45 68.60
CA LEU M 170 -44.95 -21.77 68.20
C LEU M 170 -44.36 -22.88 69.06
N ASP M 171 -43.65 -22.55 70.13
CA ASP M 171 -43.03 -23.59 70.94
C ASP M 171 -44.08 -24.44 71.63
N GLY M 172 -43.85 -25.75 71.62
CA GLY M 172 -44.74 -26.66 72.32
C GLY M 172 -46.15 -26.66 71.78
N PHE M 173 -46.30 -26.48 70.47
CA PHE M 173 -47.59 -26.35 69.82
C PHE M 173 -48.03 -27.72 69.36
N ASN M 174 -49.24 -28.13 69.74
CA ASN M 174 -49.65 -29.49 69.42
C ASN M 174 -51.16 -29.59 69.39
N VAL M 175 -51.62 -30.72 68.86
CA VAL M 175 -53.00 -31.16 68.99
C VAL M 175 -52.96 -32.58 69.57
N SER M 176 -54.13 -33.07 69.96
CA SER M 176 -54.38 -34.41 70.51
C SER M 176 -53.99 -34.56 71.96
N GLY M 177 -53.37 -33.56 72.58
CA GLY M 177 -53.13 -33.61 74.00
C GLY M 177 -52.08 -34.62 74.40
N PRO M 178 -51.99 -34.90 75.70
CA PRO M 178 -50.91 -35.76 76.19
C PRO M 178 -51.12 -37.20 75.74
N LYS M 179 -50.01 -37.92 75.60
CA LYS M 179 -50.11 -39.34 75.25
C LYS M 179 -50.16 -40.24 76.47
N GLY M 180 -49.21 -40.10 77.40
CA GLY M 180 -49.18 -40.94 78.57
C GLY M 180 -49.42 -40.12 79.82
N THR M 181 -49.48 -40.81 80.95
CA THR M 181 -49.70 -40.12 82.21
C THR M 181 -48.53 -39.18 82.49
N PRO M 182 -48.79 -37.91 82.77
CA PRO M 182 -47.70 -36.97 83.01
C PRO M 182 -46.92 -37.29 84.28
N ALA M 183 -45.67 -36.81 84.30
CA ALA M 183 -44.73 -37.06 85.39
C ALA M 183 -43.90 -35.80 85.64
N ALA M 184 -43.23 -35.77 86.78
CA ALA M 184 -42.56 -34.56 87.24
C ALA M 184 -41.40 -34.16 86.33
N LEU M 185 -40.82 -32.99 86.61
CA LEU M 185 -39.79 -32.38 85.78
C LEU M 185 -38.43 -32.58 86.41
N VAL M 186 -37.50 -33.19 85.66
CA VAL M 186 -36.12 -33.35 86.08
C VAL M 186 -35.35 -32.07 85.80
N ALA M 187 -34.13 -31.99 86.31
CA ALA M 187 -33.34 -30.77 86.12
C ALA M 187 -32.71 -30.71 84.75
N ALA M 188 -32.90 -31.73 83.92
CA ALA M 188 -32.42 -31.65 82.54
C ALA M 188 -33.32 -30.78 81.68
N ASP M 189 -34.63 -30.87 81.89
CA ASP M 189 -35.58 -30.22 80.99
C ASP M 189 -35.53 -28.71 81.11
N TYR M 190 -35.24 -28.20 82.31
CA TYR M 190 -35.02 -26.77 82.45
C TYR M 190 -33.91 -26.30 81.51
N GLN M 191 -32.84 -27.10 81.39
CA GLN M 191 -31.74 -26.71 80.54
C GLN M 191 -32.16 -26.64 79.08
N ALA M 192 -32.98 -27.59 78.64
CA ALA M 192 -33.48 -27.54 77.26
C ALA M 192 -34.37 -26.33 77.07
N ALA M 193 -35.14 -25.96 78.08
CA ALA M 193 -36.08 -24.86 77.91
C ALA M 193 -35.38 -23.51 77.89
N TYR M 194 -34.41 -23.30 78.78
CA TYR M 194 -33.86 -21.96 78.98
C TYR M 194 -32.35 -21.87 78.79
N GLY M 195 -31.70 -22.91 78.29
CA GLY M 195 -30.28 -22.86 78.11
C GLY M 195 -29.53 -23.72 79.12
N THR M 196 -28.28 -24.04 78.79
CA THR M 196 -27.54 -25.02 79.56
C THR M 196 -27.04 -24.47 80.88
N THR M 197 -26.83 -23.15 80.96
CA THR M 197 -26.36 -22.53 82.19
C THR M 197 -27.48 -21.82 82.94
N THR M 198 -28.68 -22.37 82.92
CA THR M 198 -29.79 -21.70 83.57
C THR M 198 -29.72 -21.90 85.08
N ASN M 199 -30.53 -21.13 85.80
CA ASN M 199 -30.59 -21.20 87.24
C ASN M 199 -31.99 -21.48 87.77
N VAL M 200 -32.98 -21.55 86.90
CA VAL M 200 -34.35 -21.81 87.33
C VAL M 200 -34.50 -23.28 87.72
N THR M 201 -35.14 -23.54 88.86
CA THR M 201 -35.19 -24.89 89.40
C THR M 201 -36.58 -25.41 89.74
N THR M 202 -37.52 -24.56 90.15
CA THR M 202 -38.87 -25.01 90.44
C THR M 202 -39.85 -24.02 89.86
N THR M 203 -41.05 -24.50 89.56
CA THR M 203 -42.06 -23.70 88.88
C THR M 203 -43.31 -23.59 89.74
N ALA M 204 -44.00 -22.46 89.62
CA ALA M 204 -45.25 -22.23 90.34
C ALA M 204 -46.27 -21.66 89.37
N VAL M 205 -47.49 -22.19 89.43
CA VAL M 205 -48.52 -21.89 88.44
C VAL M 205 -49.78 -21.38 89.15
N THR M 206 -50.29 -20.25 88.67
CA THR M 206 -51.53 -19.65 89.18
C THR M 206 -52.21 -18.88 88.05
N GLU M 207 -53.48 -18.56 88.26
CA GLU M 207 -54.24 -17.84 87.24
C GLU M 207 -54.25 -16.35 87.53
N SER M 208 -54.65 -15.58 86.52
CA SER M 208 -54.51 -14.13 86.62
C SER M 208 -55.50 -13.52 87.59
N SER M 209 -56.79 -13.62 87.31
CA SER M 209 -57.82 -13.03 88.14
C SER M 209 -58.49 -14.12 88.96
N ALA M 210 -58.87 -13.78 90.18
CA ALA M 210 -59.32 -14.78 91.14
C ALA M 210 -60.56 -15.52 90.64
N ASN M 211 -60.50 -16.85 90.70
CA ASN M 211 -61.62 -17.76 90.39
C ASN M 211 -62.53 -17.23 89.28
N ALA M 212 -61.93 -16.83 88.18
CA ALA M 212 -62.74 -16.41 87.03
C ALA M 212 -63.29 -17.62 86.29
N LEU M 213 -62.57 -18.74 86.30
CA LEU M 213 -63.01 -19.91 85.55
C LEU M 213 -64.32 -20.45 86.10
N ALA M 214 -64.44 -20.55 87.42
CA ALA M 214 -65.68 -21.06 87.99
C ALA M 214 -66.85 -20.19 87.63
N GLY M 215 -66.66 -18.86 87.65
CA GLY M 215 -67.73 -17.98 87.24
C GLY M 215 -68.05 -18.12 85.76
N ARG M 216 -67.04 -18.35 84.94
CA ARG M 216 -67.28 -18.51 83.51
C ARG M 216 -68.07 -19.78 83.23
N LEU M 217 -67.84 -20.82 84.03
CA LEU M 217 -68.60 -22.05 83.90
C LEU M 217 -69.96 -22.01 84.60
N GLY M 218 -70.21 -20.97 85.40
CA GLY M 218 -71.47 -20.86 86.11
C GLY M 218 -71.72 -21.98 87.10
N VAL M 219 -70.72 -22.30 87.92
CA VAL M 219 -70.83 -23.38 88.88
C VAL M 219 -70.49 -22.85 90.26
N ALA M 220 -70.52 -23.75 91.24
CA ALA M 220 -70.12 -23.39 92.59
C ALA M 220 -68.63 -23.07 92.63
N ASN M 221 -68.26 -22.16 93.54
CA ASN M 221 -66.90 -21.68 93.57
C ASN M 221 -65.92 -22.74 94.03
N GLY M 222 -66.37 -23.64 94.90
CA GLY M 222 -65.50 -24.66 95.46
C GLY M 222 -65.46 -25.96 94.67
N SER M 223 -66.05 -25.99 93.47
CA SER M 223 -66.05 -27.23 92.70
C SER M 223 -64.70 -27.46 92.02
N VAL M 224 -64.04 -26.39 91.57
CA VAL M 224 -62.83 -26.48 90.77
C VAL M 224 -61.64 -26.20 91.67
N ALA M 225 -60.48 -26.74 91.31
CA ALA M 225 -59.24 -26.48 92.02
C ALA M 225 -58.07 -26.61 91.04
N LEU M 226 -57.02 -25.85 91.30
CA LEU M 226 -55.87 -25.74 90.41
C LEU M 226 -54.65 -26.37 91.06
N ALA M 227 -53.94 -27.20 90.31
CA ALA M 227 -52.75 -27.84 90.83
C ALA M 227 -51.68 -26.81 91.16
N ALA M 228 -50.61 -27.25 91.82
CA ALA M 228 -49.60 -26.32 92.30
C ALA M 228 -48.44 -26.18 91.32
N THR M 229 -47.99 -27.29 90.74
CA THR M 229 -46.82 -27.30 89.88
C THR M 229 -47.14 -27.94 88.55
N ALA M 230 -46.43 -27.49 87.52
CA ALA M 230 -46.58 -28.06 86.18
C ALA M 230 -46.13 -29.51 86.16
N GLU M 231 -46.23 -30.12 84.99
CA GLU M 231 -45.91 -31.53 84.82
C GLU M 231 -45.70 -31.78 83.33
N LYS M 232 -44.98 -32.86 83.01
CA LYS M 232 -44.60 -33.12 81.63
C LYS M 232 -45.01 -34.52 81.21
N ASP M 233 -45.31 -34.68 79.94
CA ASP M 233 -45.69 -35.96 79.37
C ASP M 233 -44.46 -36.67 78.82
N ASP M 234 -44.70 -37.70 78.00
CA ASP M 234 -43.60 -38.49 77.46
C ASP M 234 -42.90 -37.78 76.30
N ASN M 235 -43.64 -37.03 75.49
CA ASN M 235 -43.06 -36.40 74.31
C ASN M 235 -42.39 -35.07 74.62
N GLY M 236 -42.47 -34.59 75.84
CA GLY M 236 -41.82 -33.35 76.20
C GLY M 236 -42.66 -32.11 76.12
N ASN M 237 -43.94 -32.18 76.45
CA ASN M 237 -44.79 -31.00 76.51
C ASN M 237 -45.25 -30.80 77.95
N TRP M 238 -45.20 -29.56 78.41
CA TRP M 238 -45.58 -29.27 79.78
C TRP M 238 -47.09 -29.18 79.91
N TYR M 239 -47.60 -29.38 81.12
CA TYR M 239 -49.04 -29.41 81.31
C TYR M 239 -49.40 -28.95 82.72
N ALA M 240 -50.64 -28.51 82.87
CA ALA M 240 -51.22 -28.20 84.16
C ALA M 240 -52.44 -29.09 84.37
N THR M 241 -52.97 -29.11 85.58
CA THR M 241 -54.08 -29.99 85.89
C THR M 241 -55.19 -29.24 86.61
N VAL M 242 -56.42 -29.41 86.13
CA VAL M 242 -57.60 -28.84 86.76
C VAL M 242 -58.56 -29.97 87.06
N THR M 243 -59.06 -30.02 88.30
CA THR M 243 -59.98 -31.07 88.72
C THR M 243 -61.34 -30.47 89.00
N ILE M 244 -62.39 -31.16 88.58
CA ILE M 244 -63.77 -30.72 88.78
C ILE M 244 -64.50 -31.80 89.56
N THR M 245 -65.21 -31.40 90.61
CA THR M 245 -66.06 -32.30 91.38
C THR M 245 -67.49 -31.80 91.27
N ALA M 246 -68.39 -32.70 90.87
CA ALA M 246 -69.78 -32.31 90.70
C ALA M 246 -70.40 -31.95 92.05
N GLY M 247 -71.12 -30.83 92.08
CA GLY M 247 -71.73 -30.41 93.33
C GLY M 247 -73.01 -31.16 93.64
N SER M 248 -73.99 -31.08 92.75
CA SER M 248 -75.27 -31.73 92.96
C SER M 248 -75.90 -32.02 91.62
N ALA M 249 -77.13 -32.53 91.65
CA ALA M 249 -77.79 -32.96 90.42
C ALA M 249 -77.93 -31.80 89.44
N THR M 250 -78.13 -30.58 89.95
CA THR M 250 -78.34 -29.44 89.07
C THR M 250 -77.11 -29.15 88.24
N GLU M 251 -75.94 -29.11 88.86
CA GLU M 251 -74.73 -28.70 88.18
C GLU M 251 -74.26 -29.68 87.13
N VAL M 252 -74.64 -30.96 87.23
CA VAL M 252 -74.21 -31.92 86.23
C VAL M 252 -74.78 -31.54 84.86
N SER M 253 -76.03 -31.12 84.82
CA SER M 253 -76.63 -30.72 83.55
C SER M 253 -75.98 -29.46 83.01
N THR M 254 -75.63 -28.52 83.89
CA THR M 254 -74.91 -27.34 83.44
C THR M 254 -73.60 -27.72 82.79
N LEU M 255 -72.83 -28.60 83.43
CA LEU M 255 -71.55 -28.99 82.89
C LEU M 255 -71.72 -29.73 81.57
N LYS M 256 -72.74 -30.57 81.47
CA LYS M 256 -73.00 -31.25 80.20
C LYS M 256 -73.31 -30.25 79.10
N ALA M 257 -74.09 -29.22 79.40
CA ALA M 257 -74.39 -28.21 78.40
C ALA M 257 -73.14 -27.47 77.98
N LYS M 258 -72.22 -27.24 78.92
CA LYS M 258 -70.94 -26.63 78.57
C LYS M 258 -70.06 -27.60 77.80
N GLY M 259 -70.28 -28.90 77.99
CA GLY M 259 -69.62 -29.92 77.20
C GLY M 259 -68.65 -30.82 77.95
N PHE M 260 -68.73 -30.94 79.27
CA PHE M 260 -67.64 -31.60 79.99
C PHE M 260 -67.92 -33.07 80.28
N GLU M 261 -69.18 -33.47 80.40
CA GLU M 261 -69.53 -34.88 80.56
C GLU M 261 -68.89 -35.47 81.81
N VAL M 262 -69.29 -34.97 82.97
CA VAL M 262 -68.70 -35.37 84.23
C VAL M 262 -69.72 -36.18 85.02
N GLU M 263 -69.22 -36.96 85.98
CA GLU M 263 -70.05 -37.79 86.83
C GLU M 263 -70.23 -37.14 88.20
N ASN M 264 -71.35 -37.45 88.84
CA ASN M 264 -71.71 -36.89 90.14
C ASN M 264 -70.89 -37.55 91.24
N GLY M 265 -70.28 -36.72 92.09
CA GLY M 265 -69.64 -37.20 93.29
C GLY M 265 -68.26 -37.78 93.11
N VAL M 266 -67.74 -37.85 91.89
CA VAL M 266 -66.44 -38.45 91.61
C VAL M 266 -65.55 -37.40 90.98
N ALA M 267 -64.35 -37.24 91.53
CA ALA M 267 -63.41 -36.27 90.98
C ALA M 267 -62.92 -36.71 89.61
N LYS M 268 -62.82 -35.74 88.70
CA LYS M 268 -62.23 -35.97 87.40
C LYS M 268 -61.36 -34.76 87.09
N GLU M 269 -60.34 -34.98 86.27
CA GLU M 269 -59.34 -33.93 86.04
C GLU M 269 -59.00 -33.83 84.56
N PHE M 270 -58.61 -32.63 84.17
CA PHE M 270 -58.31 -32.30 82.78
C PHE M 270 -57.00 -31.55 82.73
N TYR M 271 -56.53 -31.24 81.52
CA TYR M 271 -55.22 -30.62 81.35
C TYR M 271 -55.29 -29.39 80.47
N ILE M 272 -54.32 -28.50 80.67
CA ILE M 272 -54.19 -27.26 79.92
C ILE M 272 -52.76 -27.16 79.42
N ALA M 273 -52.60 -27.00 78.11
CA ALA M 273 -51.25 -26.90 77.55
C ALA M 273 -50.58 -25.61 77.99
N LEU M 274 -49.26 -25.65 78.06
CA LEU M 274 -48.46 -24.54 78.56
C LEU M 274 -47.37 -24.18 77.56
N ASP M 275 -47.00 -22.91 77.55
CA ASP M 275 -45.97 -22.39 76.66
C ASP M 275 -44.74 -21.97 77.46
N PRO M 276 -43.61 -22.66 77.33
CA PRO M 276 -42.48 -22.36 78.23
C PRO M 276 -41.98 -20.94 78.14
N GLN M 277 -42.11 -20.28 76.99
CA GLN M 277 -41.49 -18.97 76.85
C GLN M 277 -42.35 -17.87 77.45
N SER M 278 -43.63 -18.15 77.72
CA SER M 278 -44.53 -17.09 78.14
C SER M 278 -44.31 -16.72 79.60
N ALA M 279 -43.66 -17.59 80.37
CA ALA M 279 -43.51 -17.35 81.79
C ALA M 279 -42.60 -16.16 82.03
N ASP M 280 -42.65 -15.63 83.25
CA ASP M 280 -41.76 -14.56 83.67
C ASP M 280 -40.72 -15.11 84.64
N VAL M 281 -39.46 -14.80 84.39
CA VAL M 281 -38.35 -15.32 85.19
C VAL M 281 -37.55 -14.21 85.85
N THR M 282 -37.97 -12.95 85.73
CA THR M 282 -37.14 -11.86 86.22
C THR M 282 -37.50 -11.44 87.63
N THR M 283 -38.77 -11.54 88.00
CA THR M 283 -39.20 -10.97 89.28
C THR M 283 -38.74 -11.81 90.46
N THR M 284 -38.61 -13.12 90.26
CA THR M 284 -38.23 -14.03 91.34
C THR M 284 -37.21 -15.02 90.81
N ALA M 285 -35.99 -14.93 91.33
CA ALA M 285 -34.91 -15.77 90.80
C ALA M 285 -35.18 -17.23 91.07
N GLY M 286 -34.87 -18.07 90.08
CA GLY M 286 -34.94 -19.50 90.24
C GLY M 286 -36.32 -20.10 90.16
N THR M 287 -37.35 -19.30 89.91
CA THR M 287 -38.71 -19.81 89.84
C THR M 287 -39.38 -19.28 88.58
N ALA M 288 -39.83 -20.20 87.73
CA ALA M 288 -40.53 -19.86 86.50
C ALA M 288 -42.02 -19.88 86.82
N ALA M 289 -42.63 -18.70 86.88
CA ALA M 289 -44.00 -18.55 87.32
C ALA M 289 -44.89 -18.26 86.12
N PHE M 290 -46.03 -18.92 86.05
CA PHE M 290 -46.98 -18.73 84.96
C PHE M 290 -48.23 -18.03 85.48
N ALA M 291 -48.84 -17.23 84.62
CA ALA M 291 -50.08 -16.52 84.95
C ALA M 291 -51.13 -16.90 83.91
N LEU M 292 -51.92 -17.94 84.21
CA LEU M 292 -52.96 -18.37 83.29
C LEU M 292 -53.96 -17.26 83.06
N ASP M 293 -54.36 -17.10 81.81
CA ASP M 293 -55.36 -16.11 81.41
C ASP M 293 -56.68 -16.83 81.25
N THR M 294 -57.32 -17.20 82.35
CA THR M 294 -58.58 -17.91 82.29
C THR M 294 -59.74 -17.02 81.87
N ALA M 295 -59.49 -15.73 81.69
CA ALA M 295 -60.57 -14.82 81.32
C ALA M 295 -61.21 -15.25 80.01
N ASN M 296 -60.40 -15.64 79.04
CA ASN M 296 -60.91 -16.03 77.72
C ASN M 296 -60.02 -17.09 77.07
N ILE M 297 -60.34 -18.35 77.36
CA ILE M 297 -59.65 -19.51 76.80
C ILE M 297 -60.68 -20.42 76.17
N GLN M 298 -60.41 -20.87 74.95
CA GLN M 298 -61.36 -21.69 74.23
C GLN M 298 -61.72 -22.93 75.06
N LEU M 299 -62.98 -23.01 75.49
CA LEU M 299 -63.37 -24.03 76.46
C LEU M 299 -63.20 -25.43 75.91
N SER M 300 -63.50 -25.65 74.63
CA SER M 300 -63.32 -26.99 74.07
C SER M 300 -61.86 -27.41 74.11
N SER M 301 -60.94 -26.44 74.10
CA SER M 301 -59.52 -26.76 74.17
C SER M 301 -59.14 -27.33 75.52
N ILE M 302 -60.03 -27.18 76.52
CA ILE M 302 -59.74 -27.75 77.83
C ILE M 302 -60.05 -29.23 77.86
N THR M 303 -61.16 -29.64 77.23
CA THR M 303 -61.54 -31.05 77.29
C THR M 303 -60.54 -31.93 76.57
N SER M 304 -60.20 -31.58 75.33
CA SER M 304 -59.20 -32.33 74.59
C SER M 304 -57.78 -32.02 75.05
N GLY M 305 -57.53 -30.79 75.48
CA GLY M 305 -56.23 -30.41 75.97
C GLY M 305 -55.20 -30.17 74.90
N ALA M 306 -55.42 -29.18 74.03
CA ALA M 306 -54.48 -28.92 72.96
C ALA M 306 -54.52 -27.44 72.54
N SER M 307 -53.62 -26.65 73.11
CA SER M 307 -53.13 -25.43 72.48
C SER M 307 -54.20 -24.52 71.93
N SER M 308 -54.99 -23.90 72.81
CA SER M 308 -56.17 -23.14 72.42
C SER M 308 -55.88 -22.16 71.29
N ASN M 309 -56.83 -22.08 70.36
CA ASN M 309 -56.91 -21.12 69.26
C ASN M 309 -55.74 -21.23 68.31
N PRO M 310 -55.52 -22.39 67.68
CA PRO M 310 -54.36 -22.50 66.79
C PRO M 310 -54.53 -21.72 65.49
N LEU M 311 -55.73 -21.73 64.93
CA LEU M 311 -55.95 -21.12 63.63
C LEU M 311 -55.73 -19.62 63.68
N ALA M 312 -56.03 -18.99 64.81
CA ALA M 312 -55.73 -17.57 64.95
C ALA M 312 -54.25 -17.36 65.25
N LYS M 313 -53.57 -18.39 65.75
CA LYS M 313 -52.17 -18.22 66.14
C LYS M 313 -51.25 -18.29 64.93
N LEU M 314 -51.56 -19.15 63.96
CA LEU M 314 -50.67 -19.31 62.81
C LEU M 314 -50.59 -18.05 61.96
N ASP M 315 -51.71 -17.34 61.84
CA ASP M 315 -51.74 -16.17 60.98
C ASP M 315 -50.79 -15.09 61.50
N ALA M 316 -50.63 -15.02 62.82
CA ALA M 316 -49.70 -14.06 63.39
C ALA M 316 -48.28 -14.32 62.91
N ALA M 317 -47.86 -15.58 62.91
CA ALA M 317 -46.53 -15.92 62.43
C ALA M 317 -46.39 -15.59 60.95
N LEU M 318 -47.43 -15.85 60.16
CA LEU M 318 -47.35 -15.51 58.74
C LEU M 318 -47.15 -14.02 58.54
N ALA M 319 -47.88 -13.20 59.30
CA ALA M 319 -47.71 -11.76 59.20
C ALA M 319 -46.30 -11.35 59.59
N ASP M 320 -45.74 -11.99 60.61
CA ASP M 320 -44.40 -11.64 61.06
C ASP M 320 -43.38 -11.90 59.98
N VAL M 321 -43.57 -12.96 59.19
CA VAL M 321 -42.65 -13.17 58.06
C VAL M 321 -42.86 -12.12 56.98
N ASP M 322 -44.12 -11.78 56.70
CA ASP M 322 -44.39 -10.86 55.60
C ASP M 322 -43.78 -9.48 55.86
N THR M 323 -43.83 -9.04 57.10
CA THR M 323 -43.20 -7.75 57.45
C THR M 323 -41.76 -7.70 56.99
N LEU M 324 -40.99 -8.72 57.34
CA LEU M 324 -39.57 -8.75 57.00
C LEU M 324 -39.37 -8.79 55.49
N ARG M 325 -40.21 -9.55 54.78
CA ARG M 325 -40.04 -9.60 53.33
C ARG M 325 -40.23 -8.23 52.70
N SER M 326 -41.26 -7.50 53.13
CA SER M 326 -41.48 -6.16 52.58
C SER M 326 -40.32 -5.23 52.90
N SER M 327 -39.80 -5.31 54.13
CA SER M 327 -38.66 -4.47 54.48
C SER M 327 -37.46 -4.73 53.57
N LEU M 328 -37.15 -6.00 53.33
CA LEU M 328 -36.00 -6.30 52.49
C LEU M 328 -36.21 -5.81 51.07
N GLY M 329 -37.41 -5.98 50.51
CA GLY M 329 -37.65 -5.46 49.17
C GLY M 329 -37.50 -3.96 49.09
N ALA M 330 -38.02 -3.25 50.08
CA ALA M 330 -37.87 -1.80 50.11
C ALA M 330 -36.41 -1.40 50.07
N VAL M 331 -35.56 -2.07 50.86
CA VAL M 331 -34.14 -1.74 50.85
C VAL M 331 -33.53 -2.04 49.49
N GLN M 332 -33.96 -3.13 48.86
CA GLN M 332 -33.37 -3.51 47.58
C GLN M 332 -33.58 -2.46 46.51
N ASN M 333 -34.78 -1.85 46.48
CA ASN M 333 -35.03 -0.83 45.46
C ASN M 333 -34.08 0.36 45.61
N ARG M 334 -33.88 0.82 46.85
CA ARG M 334 -32.96 1.92 47.11
C ARG M 334 -31.54 1.59 46.66
N PHE M 335 -31.07 0.40 47.03
CA PHE M 335 -29.74 0.01 46.59
C PHE M 335 -29.66 0.03 45.08
N ASP M 336 -30.72 -0.40 44.40
CA ASP M 336 -30.69 -0.42 42.93
C ASP M 336 -30.55 0.98 42.37
N SER M 337 -31.27 1.96 42.91
CA SER M 337 -31.14 3.33 42.41
C SER M 337 -29.73 3.87 42.60
N VAL M 338 -29.08 3.49 43.70
CA VAL M 338 -27.78 4.06 44.01
C VAL M 338 -26.78 3.77 42.89
N ILE M 339 -26.74 2.54 42.38
CA ILE M 339 -25.79 2.21 41.32
C ILE M 339 -26.00 3.10 40.12
N SER M 340 -27.25 3.29 39.72
CA SER M 340 -27.53 4.06 38.52
C SER M 340 -27.01 5.47 38.65
N ASN M 341 -27.22 6.10 39.81
CA ASN M 341 -26.66 7.44 40.00
C ASN M 341 -25.14 7.43 39.93
N LEU M 342 -24.54 6.51 40.67
CA LEU M 342 -23.10 6.53 40.87
C LEU M 342 -22.38 6.25 39.57
N GLY M 343 -23.06 5.59 38.63
CA GLY M 343 -22.45 5.34 37.34
C GLY M 343 -22.27 6.60 36.51
N THR M 344 -23.24 7.50 36.54
CA THR M 344 -23.16 8.70 35.71
C THR M 344 -22.21 9.72 36.32
N THR M 345 -22.18 9.79 37.65
CA THR M 345 -21.30 10.77 38.29
C THR M 345 -19.86 10.60 37.83
N VAL M 346 -19.40 9.36 37.72
CA VAL M 346 -18.00 9.11 37.37
C VAL M 346 -17.73 9.51 35.93
N THR M 347 -18.69 9.30 35.04
CA THR M 347 -18.51 9.75 33.66
C THR M 347 -18.28 11.25 33.60
N ASN M 348 -19.12 12.00 34.32
CA ASN M 348 -19.00 13.44 34.28
C ASN M 348 -17.66 13.89 34.84
N LEU M 349 -17.23 13.28 35.95
CA LEU M 349 -15.92 13.62 36.52
C LEU M 349 -14.79 13.29 35.55
N SER M 350 -14.89 12.15 34.86
CA SER M 350 -13.84 11.76 33.93
C SER M 350 -13.67 12.80 32.83
N ALA M 351 -14.78 13.22 32.22
CA ALA M 351 -14.67 14.22 31.17
C ALA M 351 -14.11 15.53 31.72
N SER M 352 -14.57 15.92 32.91
CA SER M 352 -14.13 17.19 33.47
C SER M 352 -12.63 17.21 33.70
N ARG M 353 -12.07 16.12 34.24
CA ARG M 353 -10.62 16.07 34.36
C ARG M 353 -9.96 16.08 33.00
N SER M 354 -10.53 15.33 32.05
CA SER M 354 -9.91 15.22 30.74
C SER M 354 -9.69 16.58 30.12
N ARG M 355 -10.59 17.53 30.39
CA ARG M 355 -10.42 18.85 29.80
C ARG M 355 -9.16 19.56 30.31
N ILE M 356 -8.68 19.19 31.51
CA ILE M 356 -7.56 19.94 32.09
C ILE M 356 -6.23 19.44 31.56
N GLN M 357 -5.92 18.16 31.75
CA GLN M 357 -4.55 17.68 31.63
C GLN M 357 -4.22 16.99 30.32
N ASP M 358 -5.10 17.00 29.33
CA ASP M 358 -4.84 16.27 28.10
C ASP M 358 -4.24 17.16 27.01
N ALA M 359 -3.38 16.58 26.19
CA ALA M 359 -2.70 17.30 25.12
C ALA M 359 -3.66 17.57 23.97
N ASP M 360 -3.14 18.09 22.85
CA ASP M 360 -4.04 18.46 21.77
C ASP M 360 -3.78 17.65 20.50
N TYR M 361 -2.52 17.41 20.16
CA TYR M 361 -2.12 16.66 18.97
C TYR M 361 -2.49 17.30 17.64
N ALA M 362 -3.22 18.41 17.67
CA ALA M 362 -3.36 19.22 16.47
C ALA M 362 -2.55 20.50 16.57
N THR M 363 -2.29 20.95 17.80
CA THR M 363 -1.44 22.11 18.01
C THR M 363 0.03 21.70 18.09
N GLU M 364 0.31 20.63 18.83
CA GLU M 364 1.69 20.25 19.11
C GLU M 364 2.42 19.90 17.84
N VAL M 365 1.72 19.30 16.88
CA VAL M 365 2.37 18.94 15.61
C VAL M 365 2.85 20.20 14.90
N SER M 366 2.01 21.24 14.86
CA SER M 366 2.42 22.50 14.25
C SER M 366 3.57 23.15 15.01
N ASN M 367 3.53 23.11 16.35
CA ASN M 367 4.63 23.69 17.11
C ASN M 367 5.94 23.01 16.77
N MET M 368 5.92 21.67 16.72
CA MET M 368 7.14 20.94 16.38
C MET M 368 7.59 21.26 14.96
N THR M 369 6.65 21.34 14.02
CA THR M 369 7.02 21.63 12.64
C THR M 369 7.67 23.00 12.53
N ARG M 370 7.11 24.00 13.21
CA ARG M 370 7.69 25.34 13.16
C ARG M 370 9.08 25.38 13.77
N ALA M 371 9.23 24.77 14.95
CA ALA M 371 10.53 24.80 15.61
C ALA M 371 11.58 24.12 14.76
N GLN M 372 11.22 23.03 14.08
CA GLN M 372 12.18 22.34 13.24
C GLN M 372 12.72 23.25 12.16
N ILE M 373 11.84 23.95 11.46
CA ILE M 373 12.28 24.82 10.36
C ILE M 373 13.15 25.95 10.90
N LEU M 374 12.73 26.54 12.02
CA LEU M 374 13.51 27.64 12.57
C LEU M 374 14.92 27.18 12.92
N GLN M 375 15.02 26.00 13.53
CA GLN M 375 16.30 25.42 13.89
C GLN M 375 17.15 25.17 12.65
N GLN M 376 16.52 24.70 11.57
CA GLN M 376 17.29 24.45 10.36
C GLN M 376 17.78 25.74 9.74
N ALA M 377 16.97 26.80 9.82
CA ALA M 377 17.38 28.07 9.23
C ALA M 377 18.54 28.69 9.99
N GLY M 378 18.53 28.59 11.32
CA GLY M 378 19.58 29.24 12.10
C GLY M 378 20.97 28.76 11.77
N THR M 379 21.14 27.45 11.54
CA THR M 379 22.46 26.88 11.36
C THR M 379 23.15 27.42 10.13
N SER M 380 22.41 27.55 9.03
CA SER M 380 23.03 28.00 7.79
C SER M 380 23.59 29.41 7.94
N VAL M 381 22.81 30.29 8.57
CA VAL M 381 23.26 31.66 8.75
C VAL M 381 24.45 31.70 9.70
N LEU M 382 24.44 30.86 10.74
CA LEU M 382 25.60 30.80 11.63
C LEU M 382 26.84 30.39 10.87
N ALA M 383 26.70 29.41 9.97
CA ALA M 383 27.83 29.05 9.13
C ALA M 383 28.26 30.23 8.28
N GLN M 384 27.30 31.01 7.79
CA GLN M 384 27.62 32.15 6.94
C GLN M 384 28.41 33.20 7.69
N ALA M 385 28.06 33.43 8.95
CA ALA M 385 28.65 34.54 9.70
C ALA M 385 30.16 34.35 9.88
N ASN M 386 30.59 33.12 10.15
CA ASN M 386 31.98 32.91 10.54
C ASN M 386 32.95 33.19 9.40
N GLN M 387 32.46 33.25 8.16
CA GLN M 387 33.38 33.48 7.04
C GLN M 387 33.73 34.94 6.87
N THR M 388 33.02 35.84 7.55
CA THR M 388 33.28 37.26 7.38
C THR M 388 34.66 37.66 7.88
N THR M 389 35.33 36.78 8.62
CA THR M 389 36.66 37.10 9.13
C THR M 389 37.72 37.02 8.04
N GLN M 390 37.66 35.98 7.20
CA GLN M 390 38.78 35.75 6.27
C GLN M 390 38.97 36.92 5.32
N ASN M 391 37.95 37.75 5.15
CA ASN M 391 38.05 38.86 4.22
C ASN M 391 39.24 39.76 4.56
N VAL M 392 39.57 39.88 5.84
CA VAL M 392 40.64 40.77 6.26
C VAL M 392 41.96 40.34 5.64
N LEU M 393 42.18 39.03 5.57
CA LEU M 393 43.49 38.54 5.15
C LEU M 393 43.86 38.99 3.75
N SER M 394 42.85 39.33 2.94
CA SER M 394 43.14 39.77 1.58
C SER M 394 44.03 41.01 1.57
N LEU M 395 43.99 41.79 2.64
CA LEU M 395 44.72 43.06 2.67
C LEU M 395 46.22 42.82 2.66
N LEU M 396 46.65 41.64 3.08
CA LEU M 396 48.06 41.33 3.14
C LEU M 396 48.48 40.52 1.92
N ALA N 2 82.91 78.20 2.56
CA ALA N 2 82.27 77.49 3.66
C ALA N 2 82.36 76.00 3.46
N GLN N 3 83.40 75.55 2.79
CA GLN N 3 83.67 74.12 2.61
C GLN N 3 84.49 73.65 3.81
N VAL N 4 83.85 72.97 4.73
CA VAL N 4 84.52 72.42 5.91
C VAL N 4 84.57 70.91 5.74
N ILE N 5 85.78 70.38 5.56
CA ILE N 5 85.92 68.94 5.48
C ILE N 5 85.89 68.33 6.87
N ASN N 6 86.27 69.12 7.88
CA ASN N 6 86.49 68.58 9.21
C ASN N 6 85.18 68.14 9.87
N THR N 7 84.06 68.74 9.48
CA THR N 7 82.78 68.44 10.12
C THR N 7 81.67 68.43 9.09
N ASN N 8 80.75 67.49 9.21
CA ASN N 8 79.58 67.38 8.35
C ASN N 8 78.33 67.65 9.18
N SER N 9 77.44 68.49 8.66
CA SER N 9 76.21 68.78 9.37
C SER N 9 75.00 68.09 8.74
N LEU N 10 74.97 67.98 7.42
CA LEU N 10 73.81 67.39 6.76
C LEU N 10 73.59 65.95 7.18
N SER N 11 74.66 65.18 7.33
CA SER N 11 74.51 63.79 7.71
C SER N 11 73.75 63.67 9.03
N LEU N 12 74.05 64.54 9.99
CA LEU N 12 73.39 64.47 11.28
C LEU N 12 71.90 64.76 11.16
N MET N 13 71.56 65.84 10.45
CA MET N 13 70.17 66.16 10.27
C MET N 13 69.42 65.00 9.66
N THR N 14 69.97 64.40 8.61
CA THR N 14 69.28 63.29 7.96
C THR N 14 69.22 62.08 8.87
N GLN N 15 70.21 61.87 9.73
CA GLN N 15 70.16 60.71 10.62
C GLN N 15 69.03 60.82 11.62
N ASN N 16 68.74 62.03 12.09
CA ASN N 16 67.66 62.15 13.09
C ASN N 16 66.31 61.75 12.53
N ASN N 17 66.02 62.16 11.29
CA ASN N 17 64.72 61.84 10.70
C ASN N 17 64.53 60.34 10.56
N LEU N 18 65.61 59.61 10.26
CA LEU N 18 65.53 58.16 10.22
C LEU N 18 65.05 57.59 11.53
N ASN N 19 65.64 58.03 12.65
CA ASN N 19 65.18 57.57 13.94
C ASN N 19 63.74 57.95 14.19
N THR N 20 63.30 59.08 13.68
CA THR N 20 61.89 59.44 13.82
C THR N 20 60.99 58.39 13.19
N SER N 21 61.30 57.98 11.96
CA SER N 21 60.46 57.00 11.26
C SER N 21 60.56 55.60 11.85
N GLN N 22 61.74 55.23 12.31
CA GLN N 22 62.02 53.85 12.66
C GLN N 22 61.22 53.39 13.87
N SER N 23 60.57 54.31 14.59
CA SER N 23 59.73 53.94 15.72
C SER N 23 58.29 53.67 15.31
N ALA N 24 57.74 54.50 14.43
CA ALA N 24 56.42 54.23 13.89
C ALA N 24 56.41 52.87 13.22
N LEU N 25 57.50 52.53 12.53
CA LEU N 25 57.58 51.21 11.94
C LEU N 25 57.36 50.12 12.97
N ASN N 26 58.09 50.18 14.09
CA ASN N 26 58.02 49.12 15.08
C ASN N 26 56.63 49.02 15.69
N THR N 27 56.04 50.16 16.03
CA THR N 27 54.73 50.11 16.66
C THR N 27 53.70 49.46 15.75
N ALA N 28 53.69 49.85 14.47
CA ALA N 28 52.72 49.26 13.56
C ALA N 28 52.95 47.76 13.39
N ILE N 29 54.22 47.36 13.27
CA ILE N 29 54.52 45.94 13.12
C ILE N 29 53.97 45.16 14.30
N GLN N 30 54.22 45.66 15.51
CA GLN N 30 53.79 44.95 16.69
C GLN N 30 52.27 44.84 16.75
N ARG N 31 51.58 45.94 16.46
CA ARG N 31 50.13 45.92 16.56
C ARG N 31 49.52 44.96 15.56
N LEU N 32 50.17 44.80 14.41
CA LEU N 32 49.69 43.79 13.47
C LEU N 32 49.99 42.38 13.94
N SER N 33 51.16 42.18 14.54
CA SER N 33 51.56 40.84 14.91
C SER N 33 50.70 40.28 16.04
N SER N 34 50.41 41.08 17.06
CA SER N 34 49.72 40.53 18.22
C SER N 34 48.22 40.46 18.01
N GLY N 35 47.60 41.56 17.61
CA GLY N 35 46.16 41.62 17.44
C GLY N 35 45.43 42.58 18.34
N LEU N 36 46.15 43.39 19.12
CA LEU N 36 45.55 44.38 20.02
C LEU N 36 46.22 45.72 19.81
N ARG N 37 45.51 46.79 20.15
CA ARG N 37 46.09 48.13 20.07
C ARG N 37 46.69 48.61 21.38
N ILE N 38 46.52 47.86 22.47
CA ILE N 38 47.06 48.28 23.76
C ILE N 38 47.89 47.15 24.36
N ASN N 39 49.21 47.29 24.31
CA ASN N 39 50.13 46.23 24.70
C ASN N 39 50.84 46.51 26.01
N SER N 40 50.87 47.75 26.46
CA SER N 40 51.54 48.10 27.71
C SER N 40 50.86 49.34 28.28
N ALA N 41 51.05 49.56 29.57
CA ALA N 41 50.46 50.74 30.19
C ALA N 41 50.95 52.03 29.54
N LYS N 42 52.14 51.97 28.92
CA LYS N 42 52.61 53.10 28.14
C LYS N 42 51.62 53.47 27.04
N ASP N 43 50.92 52.48 26.51
CA ASP N 43 50.11 52.72 25.33
C ASP N 43 48.82 53.45 25.68
N ASP N 44 48.22 53.12 26.82
CA ASP N 44 47.00 53.78 27.27
C ASP N 44 46.82 53.51 28.76
N ALA N 45 46.90 54.56 29.58
CA ALA N 45 46.97 54.37 31.02
C ALA N 45 45.69 53.79 31.59
N ALA N 46 44.53 54.31 31.19
CA ALA N 46 43.29 53.95 31.86
C ALA N 46 42.55 52.83 31.13
N GLY N 47 42.78 52.72 29.82
CA GLY N 47 42.11 51.69 29.06
C GLY N 47 42.46 50.30 29.54
N GLN N 48 43.74 50.10 29.88
CA GLN N 48 44.17 48.79 30.35
C GLN N 48 43.43 48.42 31.63
N ALA N 49 43.30 49.37 32.56
CA ALA N 49 42.58 49.12 33.79
C ALA N 49 41.11 48.81 33.53
N ILE N 50 40.47 49.60 32.67
CA ILE N 50 39.05 49.38 32.42
C ILE N 50 38.82 48.02 31.78
N ALA N 51 39.66 47.66 30.81
CA ALA N 51 39.54 46.36 30.18
C ALA N 51 39.77 45.25 31.20
N ASN N 52 40.72 45.45 32.11
CA ASN N 52 40.98 44.46 33.14
C ASN N 52 39.74 44.24 33.99
N ARG N 53 39.06 45.32 34.34
CA ARG N 53 37.85 45.19 35.14
C ARG N 53 36.75 44.46 34.36
N PHE N 54 36.65 44.73 33.07
CA PHE N 54 35.69 43.99 32.23
C PHE N 54 35.98 42.50 32.24
N THR N 55 37.24 42.13 32.01
CA THR N 55 37.55 40.70 31.91
C THR N 55 37.38 40.02 33.25
N ALA N 56 37.62 40.73 34.34
CA ALA N 56 37.28 40.19 35.65
C ALA N 56 35.79 39.97 35.79
N ASN N 57 35.00 40.83 35.13
CA ASN N 57 33.55 40.75 35.27
C ASN N 57 32.97 39.56 34.52
N ILE N 58 33.57 39.17 33.40
CA ILE N 58 32.99 38.16 32.52
C ILE N 58 32.96 36.76 33.13
N LYS N 59 34.10 36.35 33.69
CA LYS N 59 34.32 34.97 34.09
C LYS N 59 33.39 34.53 35.21
N GLY N 60 33.18 35.42 36.18
CA GLY N 60 32.22 35.11 37.23
C GLY N 60 30.83 34.83 36.68
N LEU N 61 30.42 35.59 35.66
CA LEU N 61 29.11 35.36 35.09
C LEU N 61 29.01 33.99 34.44
N THR N 62 30.05 33.58 33.72
CA THR N 62 30.02 32.24 33.14
C THR N 62 29.90 31.16 34.23
N GLN N 63 30.71 31.29 35.28
CA GLN N 63 30.63 30.32 36.37
C GLN N 63 29.24 30.31 37.00
N ALA N 64 28.62 31.47 37.11
CA ALA N 64 27.27 31.52 37.64
C ALA N 64 26.31 30.71 36.79
N GLN N 65 26.44 30.81 35.47
CA GLN N 65 25.61 29.98 34.60
C GLN N 65 25.72 28.52 34.99
N ARG N 66 26.95 28.05 35.19
CA ARG N 66 27.13 26.65 35.57
C ARG N 66 26.38 26.32 36.85
N ASN N 67 26.51 27.16 37.87
CA ASN N 67 25.86 26.87 39.15
C ASN N 67 24.34 26.80 39.00
N ALA N 68 23.77 27.69 38.19
CA ALA N 68 22.33 27.66 37.98
C ALA N 68 21.89 26.33 37.39
N ASN N 69 22.65 25.83 36.40
CA ASN N 69 22.26 24.56 35.81
C ASN N 69 22.30 23.44 36.85
N ASP N 70 23.28 23.46 37.75
CA ASP N 70 23.31 22.47 38.82
C ASP N 70 22.01 22.50 39.64
N GLY N 71 21.58 23.71 40.03
CA GLY N 71 20.38 23.82 40.83
C GLY N 71 19.16 23.24 40.13
N ILE N 72 19.04 23.50 38.82
CA ILE N 72 17.93 22.92 38.06
C ILE N 72 17.91 21.40 38.21
N SER N 73 19.08 20.78 38.01
CA SER N 73 19.13 19.32 38.06
C SER N 73 18.66 18.80 39.42
N LEU N 74 19.13 19.43 40.49
CA LEU N 74 18.76 18.97 41.82
C LEU N 74 17.25 18.98 42.03
N ALA N 75 16.62 20.08 41.60
CA ALA N 75 15.17 20.17 41.77
C ALA N 75 14.48 19.02 41.04
N GLN N 76 14.91 18.72 39.82
CA GLN N 76 14.23 17.66 39.06
C GLN N 76 14.33 16.33 39.78
N THR N 77 15.49 16.01 40.34
CA THR N 77 15.64 14.74 41.05
C THR N 77 14.61 14.60 42.16
N THR N 78 14.53 15.63 43.01
CA THR N 78 13.58 15.53 44.12
C THR N 78 12.16 15.37 43.61
N GLU N 79 11.83 16.01 42.49
CA GLU N 79 10.47 15.91 41.97
C GLU N 79 10.11 14.48 41.59
N GLY N 80 11.04 13.77 40.94
CA GLY N 80 10.75 12.38 40.61
C GLY N 80 10.45 11.53 41.84
N ALA N 81 11.29 11.68 42.88
CA ALA N 81 11.04 10.88 44.08
C ALA N 81 9.66 11.16 44.66
N LEU N 82 9.30 12.44 44.76
CA LEU N 82 8.00 12.77 45.34
C LEU N 82 6.86 12.18 44.53
N THR N 83 7.01 12.12 43.20
CA THR N 83 5.96 11.51 42.39
C THR N 83 5.68 10.07 42.83
N GLU N 84 6.74 9.31 43.06
CA GLU N 84 6.48 7.93 43.49
C GLU N 84 5.74 7.87 44.83
N VAL N 85 6.15 8.73 45.77
CA VAL N 85 5.44 8.72 47.05
C VAL N 85 3.95 9.00 46.84
N ASN N 86 3.64 9.92 45.93
CA ASN N 86 2.24 10.25 45.65
C ASN N 86 1.47 9.02 45.21
N ASN N 87 2.04 8.26 44.28
CA ASN N 87 1.30 7.09 43.78
C ASN N 87 1.01 6.10 44.91
N ASN N 88 1.98 5.88 45.79
CA ASN N 88 1.72 4.95 46.88
C ASN N 88 0.57 5.42 47.75
N LEU N 89 0.53 6.72 48.05
CA LEU N 89 -0.54 7.23 48.90
C LEU N 89 -1.91 7.03 48.26
N GLN N 90 -2.01 7.24 46.96
CA GLN N 90 -3.29 7.00 46.28
C GLN N 90 -3.75 5.56 46.47
N ARG N 91 -2.82 4.62 46.31
CA ARG N 91 -3.21 3.21 46.45
C ARG N 91 -3.73 2.91 47.86
N ILE N 92 -3.07 3.44 48.88
CA ILE N 92 -3.55 3.22 50.25
C ILE N 92 -4.95 3.79 50.41
N ARG N 93 -5.20 4.95 49.81
CA ARG N 93 -6.51 5.58 49.86
C ARG N 93 -7.59 4.62 49.36
N GLU N 94 -7.34 4.00 48.21
CA GLU N 94 -8.34 3.09 47.66
C GLU N 94 -8.56 1.89 48.58
N LEU N 95 -7.48 1.29 49.10
CA LEU N 95 -7.65 0.13 49.96
C LEU N 95 -8.48 0.47 51.20
N SER N 96 -8.26 1.64 51.78
CA SER N 96 -9.01 2.00 52.97
C SER N 96 -10.48 2.22 52.66
N VAL N 97 -10.78 2.77 51.47
CA VAL N 97 -12.20 2.84 51.10
C VAL N 97 -12.78 1.45 50.97
N GLN N 98 -12.00 0.50 50.48
CA GLN N 98 -12.47 -0.87 50.31
C GLN N 98 -12.77 -1.53 51.65
N ALA N 99 -11.92 -1.29 52.65
CA ALA N 99 -11.97 -2.08 53.88
C ALA N 99 -12.97 -1.59 54.91
N ALA N 100 -14.01 -0.86 54.52
CA ALA N 100 -14.97 -0.36 55.49
C ALA N 100 -16.38 -0.91 55.29
N THR N 101 -16.58 -1.82 54.35
CA THR N 101 -17.89 -2.42 54.15
C THR N 101 -18.22 -3.35 55.31
N GLY N 102 -19.52 -3.44 55.62
CA GLY N 102 -19.96 -4.27 56.72
C GLY N 102 -20.11 -5.74 56.41
N SER N 103 -19.93 -6.17 55.17
CA SER N 103 -20.01 -7.57 54.80
C SER N 103 -18.63 -8.18 54.57
N ASN N 104 -17.66 -7.81 55.39
CA ASN N 104 -16.34 -8.40 55.35
C ASN N 104 -16.11 -9.24 56.59
N SER N 105 -15.29 -10.28 56.42
CA SER N 105 -15.03 -11.24 57.47
C SER N 105 -13.79 -10.82 58.26
N ALA N 106 -13.69 -11.32 59.50
CA ALA N 106 -12.55 -10.96 60.33
C ALA N 106 -11.25 -11.45 59.74
N SER N 107 -11.31 -12.52 58.93
CA SER N 107 -10.09 -13.02 58.31
C SER N 107 -9.57 -12.07 57.25
N ASP N 108 -10.46 -11.51 56.43
CA ASP N 108 -10.01 -10.77 55.26
C ASP N 108 -9.15 -9.58 55.66
N LEU N 109 -9.54 -8.86 56.71
CA LEU N 109 -8.91 -7.57 56.98
C LEU N 109 -7.41 -7.67 57.13
N GLN N 110 -6.87 -8.84 57.52
CA GLN N 110 -5.42 -8.95 57.64
C GLN N 110 -4.72 -8.89 56.30
N SER N 111 -5.35 -9.41 55.24
CA SER N 111 -4.73 -9.32 53.91
C SER N 111 -4.53 -7.86 53.51
N ILE N 112 -5.60 -7.09 53.59
CA ILE N 112 -5.50 -5.66 53.32
C ILE N 112 -4.48 -5.02 54.25
N GLN N 113 -4.47 -5.42 55.53
CA GLN N 113 -3.58 -4.80 56.48
C GLN N 113 -2.12 -5.02 56.13
N ASP N 114 -1.74 -6.23 55.74
CA ASP N 114 -0.33 -6.46 55.49
C ASP N 114 0.11 -5.85 54.16
N GLU N 115 -0.78 -5.79 53.18
CA GLU N 115 -0.45 -5.01 52.00
C GLU N 115 -0.16 -3.57 52.37
N ILE N 116 -1.00 -2.99 53.23
CA ILE N 116 -0.80 -1.62 53.68
C ILE N 116 0.55 -1.49 54.38
N LYS N 117 0.92 -2.50 55.14
CA LYS N 117 2.21 -2.49 55.83
C LYS N 117 3.36 -2.37 54.84
N GLN N 118 3.34 -3.20 53.80
CA GLN N 118 4.40 -3.14 52.78
C GLN N 118 4.47 -1.75 52.17
N ARG N 119 3.31 -1.22 51.77
CA ARG N 119 3.32 0.11 51.15
C ARG N 119 3.91 1.14 52.10
N LEU N 120 3.55 1.08 53.38
CA LEU N 120 4.06 2.08 54.31
C LEU N 120 5.56 1.98 54.46
N GLU N 121 6.12 0.77 54.38
CA GLU N 121 7.57 0.65 54.51
C GLU N 121 8.28 1.27 53.30
N GLU N 122 7.66 1.18 52.14
CA GLU N 122 8.30 1.71 50.94
C GLU N 122 8.60 3.20 51.06
N ILE N 123 7.68 3.95 51.67
CA ILE N 123 7.86 5.39 51.78
C ILE N 123 9.13 5.72 52.55
N ASN N 124 9.33 5.05 53.69
CA ASN N 124 10.50 5.32 54.51
C ASN N 124 11.78 4.97 53.77
N ARG N 125 11.81 3.83 53.08
CA ARG N 125 13.06 3.52 52.40
C ARG N 125 13.38 4.55 51.32
N VAL N 126 12.37 4.97 50.56
CA VAL N 126 12.63 6.00 49.55
C VAL N 126 13.09 7.28 50.21
N SER N 127 12.55 7.60 51.38
CA SER N 127 12.98 8.80 52.07
C SER N 127 14.46 8.75 52.40
N GLU N 128 14.94 7.61 52.87
CA GLU N 128 16.31 7.60 53.38
C GLU N 128 17.35 7.08 52.37
N GLN N 129 16.95 6.68 51.17
CA GLN N 129 17.91 6.19 50.19
C GLN N 129 18.23 7.14 49.05
N THR N 130 17.45 8.21 48.87
CA THR N 130 17.67 9.11 47.75
C THR N 130 18.72 10.14 48.10
N GLN N 131 19.62 10.41 47.15
CA GLN N 131 20.66 11.40 47.38
C GLN N 131 21.12 11.99 46.06
N PHE N 132 21.65 13.21 46.13
CA PHE N 132 22.20 13.93 44.99
C PHE N 132 23.53 14.51 45.43
N ASN N 133 24.61 14.08 44.80
CA ASN N 133 25.96 14.58 45.11
C ASN N 133 26.26 14.46 46.59
N GLY N 134 25.87 13.34 47.19
CA GLY N 134 26.13 13.11 48.58
C GLY N 134 25.27 13.91 49.53
N VAL N 135 24.24 14.57 49.03
CA VAL N 135 23.33 15.36 49.86
C VAL N 135 22.01 14.62 49.93
N LYS N 136 21.60 14.21 51.12
CA LYS N 136 20.25 13.70 51.30
C LYS N 136 19.27 14.86 51.14
N VAL N 137 18.26 14.67 50.29
CA VAL N 137 17.36 15.76 49.96
C VAL N 137 16.01 15.66 50.65
N LEU N 138 15.65 14.48 51.16
CA LEU N 138 14.35 14.28 51.76
C LEU N 138 14.43 14.12 53.27
N ALA N 139 15.28 14.91 53.92
CA ALA N 139 15.37 14.95 55.38
C ALA N 139 15.90 16.31 55.80
N LYS N 140 15.99 16.50 57.11
CA LYS N 140 16.67 17.54 57.89
C LYS N 140 16.08 18.95 57.77
N ASP N 141 15.13 19.21 56.86
CA ASP N 141 14.35 20.44 56.89
C ASP N 141 15.21 21.70 56.89
N THR N 142 15.94 21.92 55.80
CA THR N 142 16.75 23.13 55.69
C THR N 142 16.52 23.77 54.34
N LYS N 143 17.36 24.75 54.02
CA LYS N 143 17.34 25.38 52.71
C LYS N 143 18.75 25.42 52.14
N MET N 144 18.84 25.61 50.83
CA MET N 144 20.01 25.25 50.04
C MET N 144 20.41 26.43 49.17
N ASN N 145 21.39 27.20 49.60
CA ASN N 145 21.74 28.43 48.89
C ASN N 145 22.47 28.12 47.59
N ILE N 146 22.36 29.04 46.64
CA ILE N 146 23.01 28.92 45.33
C ILE N 146 23.64 30.27 44.99
N GLN N 147 24.92 30.27 44.65
CA GLN N 147 25.61 31.51 44.30
C GLN N 147 25.49 31.70 42.79
N VAL N 148 24.91 32.80 42.37
CA VAL N 148 24.46 32.96 40.98
C VAL N 148 24.94 34.29 40.41
N GLY N 149 25.86 34.94 41.09
CA GLY N 149 26.34 36.23 40.64
C GLY N 149 27.83 36.33 40.84
N ALA N 150 28.40 37.44 40.38
CA ALA N 150 29.84 37.63 40.42
C ALA N 150 30.31 38.42 41.63
N ASN N 151 29.43 38.73 42.57
CA ASN N 151 29.82 39.37 43.82
C ASN N 151 29.14 38.65 44.97
N ASP N 152 29.77 38.71 46.13
CA ASP N 152 29.30 37.92 47.26
C ASP N 152 27.99 38.45 47.81
N GLY N 153 27.13 37.53 48.23
CA GLY N 153 25.81 37.88 48.71
C GLY N 153 24.73 37.92 47.66
N GLU N 154 24.94 37.33 46.50
CA GLU N 154 23.96 37.33 45.42
C GLU N 154 23.49 35.90 45.19
N ILE N 155 22.48 35.50 45.97
CA ILE N 155 22.10 34.10 46.08
C ILE N 155 20.62 33.93 45.81
N ILE N 156 20.22 32.67 45.59
CA ILE N 156 18.83 32.27 45.53
C ILE N 156 18.68 31.02 46.38
N ALA N 157 17.65 30.97 47.20
CA ALA N 157 17.49 29.90 48.17
C ALA N 157 16.48 28.86 47.70
N ILE N 158 16.80 27.60 47.93
CA ILE N 158 15.92 26.48 47.65
C ILE N 158 15.58 25.81 48.97
N ASP N 159 14.30 25.69 49.28
CA ASP N 159 13.87 25.18 50.58
C ASP N 159 13.34 23.76 50.45
N LEU N 160 13.75 22.90 51.37
CA LEU N 160 13.39 21.49 51.33
C LEU N 160 12.76 21.11 52.66
N LYS N 161 11.94 20.07 52.63
CA LYS N 161 11.22 19.61 53.81
C LYS N 161 11.44 18.13 54.03
N GLU N 162 11.31 17.70 55.28
CA GLU N 162 11.51 16.32 55.65
C GLU N 162 10.21 15.53 55.56
N ILE N 163 10.26 14.40 54.88
CA ILE N 163 9.08 13.58 54.64
C ILE N 163 9.39 12.16 55.08
N THR N 164 8.71 11.70 56.12
CA THR N 164 8.79 10.32 56.58
C THR N 164 7.38 9.84 56.88
N ALA N 165 7.26 8.56 57.23
CA ALA N 165 5.94 8.02 57.54
C ALA N 165 5.37 8.59 58.83
N LYS N 166 6.16 9.35 59.59
CA LYS N 166 5.69 9.94 60.83
C LYS N 166 5.28 11.41 60.63
N THR N 167 6.09 12.18 59.94
CA THR N 167 5.78 13.60 59.76
C THR N 167 4.53 13.83 58.93
N LEU N 168 4.06 12.82 58.21
CA LEU N 168 2.77 12.95 57.56
C LEU N 168 1.61 12.60 58.49
N GLY N 169 1.91 12.20 59.72
CA GLY N 169 0.87 11.84 60.67
C GLY N 169 0.35 10.42 60.55
N LEU N 170 0.87 9.64 59.62
CA LEU N 170 0.35 8.30 59.37
C LEU N 170 0.97 7.24 60.26
N ASP N 171 1.71 7.64 61.28
CA ASP N 171 2.35 6.65 62.14
C ASP N 171 1.32 5.76 62.81
N GLY N 172 1.62 4.46 62.89
CA GLY N 172 0.72 3.55 63.56
C GLY N 172 -0.61 3.38 62.88
N PHE N 173 -0.70 3.71 61.60
CA PHE N 173 -1.92 3.51 60.86
C PHE N 173 -2.28 2.03 60.84
N ASN N 174 -3.56 1.73 61.03
CA ASN N 174 -4.00 0.34 61.03
C ASN N 174 -5.51 0.30 60.83
N VAL N 175 -5.96 -0.69 60.07
CA VAL N 175 -7.37 -0.83 59.74
C VAL N 175 -8.02 -2.04 60.41
N SER N 176 -7.24 -2.97 60.95
CA SER N 176 -7.82 -4.11 61.66
C SER N 176 -7.56 -4.00 63.16
N GLY N 177 -8.39 -4.67 63.95
CA GLY N 177 -8.25 -4.60 65.39
C GLY N 177 -9.42 -3.90 66.04
N PRO N 178 -9.41 -3.83 67.37
CA PRO N 178 -10.56 -3.28 68.09
C PRO N 178 -10.67 -1.78 67.90
N LYS N 179 -11.88 -1.27 68.17
CA LYS N 179 -12.22 0.12 67.95
C LYS N 179 -12.37 0.81 69.30
N GLY N 180 -11.63 1.89 69.50
CA GLY N 180 -11.71 2.62 70.75
C GLY N 180 -10.95 1.95 71.87
N THR N 181 -11.22 2.40 73.08
CA THR N 181 -10.54 1.83 74.23
C THR N 181 -11.42 0.80 74.90
N PRO N 182 -11.01 -0.46 74.96
CA PRO N 182 -11.86 -1.49 75.57
C PRO N 182 -12.07 -1.22 77.05
N ALA N 183 -13.22 -1.67 77.55
CA ALA N 183 -13.63 -1.47 78.93
C ALA N 183 -14.06 -2.80 79.54
N ALA N 184 -14.60 -2.73 80.75
CA ALA N 184 -14.93 -3.94 81.48
C ALA N 184 -16.26 -4.52 81.03
N LEU N 185 -16.54 -5.72 81.52
CA LEU N 185 -17.78 -6.42 81.22
C LEU N 185 -18.81 -6.15 82.31
N VAL N 186 -20.09 -6.28 81.94
CA VAL N 186 -21.20 -6.06 82.86
C VAL N 186 -22.22 -7.18 82.67
N ALA N 187 -23.32 -7.08 83.41
CA ALA N 187 -24.32 -8.15 83.43
C ALA N 187 -25.06 -8.23 82.09
N ALA N 188 -25.25 -7.08 81.44
CA ALA N 188 -25.99 -7.09 80.18
C ALA N 188 -25.30 -7.93 79.13
N ASP N 189 -23.96 -7.87 79.07
CA ASP N 189 -23.22 -8.62 78.06
C ASP N 189 -23.27 -10.11 78.34
N TYR N 190 -23.12 -10.51 79.60
CA TYR N 190 -23.28 -11.93 79.91
C TYR N 190 -24.66 -12.41 79.51
N GLN N 191 -25.70 -11.63 79.83
CA GLN N 191 -27.05 -12.04 79.49
C GLN N 191 -27.23 -12.17 77.99
N ALA N 192 -26.72 -11.22 77.23
CA ALA N 192 -26.86 -11.29 75.77
C ALA N 192 -26.11 -12.48 75.20
N ALA N 193 -24.95 -12.80 75.77
CA ALA N 193 -24.17 -13.90 75.20
C ALA N 193 -24.71 -15.26 75.58
N TYR N 194 -25.29 -15.42 76.78
CA TYR N 194 -25.66 -16.75 77.27
C TYR N 194 -27.13 -16.89 77.62
N GLY N 195 -27.91 -15.82 77.55
CA GLY N 195 -29.31 -15.93 77.91
C GLY N 195 -29.63 -15.13 79.16
N THR N 196 -30.94 -14.92 79.38
CA THR N 196 -31.37 -14.07 80.48
C THR N 196 -31.08 -14.71 81.83
N THR N 197 -31.13 -16.02 81.92
CA THR N 197 -31.07 -16.74 83.19
C THR N 197 -29.71 -17.37 83.42
N THR N 198 -28.65 -16.66 83.06
CA THR N 198 -27.31 -17.18 83.19
C THR N 198 -26.78 -16.97 84.61
N ASN N 199 -25.92 -17.88 85.05
CA ASN N 199 -25.29 -17.74 86.35
C ASN N 199 -23.82 -17.37 86.28
N VAL N 200 -23.25 -17.22 85.09
CA VAL N 200 -21.85 -16.84 85.00
C VAL N 200 -21.71 -15.38 85.40
N THR N 201 -20.59 -15.05 86.05
CA THR N 201 -20.34 -13.67 86.45
C THR N 201 -18.93 -13.18 86.17
N THR N 202 -17.98 -14.05 85.88
CA THR N 202 -16.62 -13.59 85.65
C THR N 202 -15.89 -14.58 84.77
N THR N 203 -14.78 -14.13 84.20
CA THR N 203 -14.02 -14.89 83.22
C THR N 203 -12.56 -14.95 83.62
N ALA N 204 -11.86 -15.94 83.09
CA ALA N 204 -10.45 -16.13 83.40
C ALA N 204 -9.72 -16.70 82.19
N VAL N 205 -8.58 -16.10 81.86
CA VAL N 205 -7.81 -16.45 80.67
C VAL N 205 -6.46 -16.98 81.10
N THR N 206 -6.04 -18.11 80.52
CA THR N 206 -4.78 -18.75 80.87
C THR N 206 -4.13 -19.32 79.63
N GLU N 207 -2.80 -19.38 79.66
CA GLU N 207 -2.05 -20.02 78.59
C GLU N 207 -2.15 -21.53 78.70
N SER N 208 -2.05 -22.20 77.57
CA SER N 208 -2.08 -23.67 77.59
C SER N 208 -0.78 -24.22 78.15
N SER N 209 0.36 -23.71 77.69
CA SER N 209 1.67 -24.16 78.14
C SER N 209 2.44 -22.98 78.68
N ALA N 210 2.99 -23.12 79.89
CA ALA N 210 3.62 -22.00 80.55
C ALA N 210 4.81 -21.49 79.75
N ASN N 211 4.83 -20.19 79.49
CA ASN N 211 5.93 -19.53 78.80
C ASN N 211 6.18 -20.11 77.41
N ALA N 212 5.14 -20.22 76.59
CA ALA N 212 5.35 -20.65 75.22
C ALA N 212 5.52 -19.47 74.29
N LEU N 213 4.77 -18.39 74.53
CA LEU N 213 4.84 -17.24 73.63
C LEU N 213 6.22 -16.59 73.69
N ALA N 214 6.77 -16.41 74.89
CA ALA N 214 8.12 -15.87 74.99
C ALA N 214 9.13 -16.81 74.37
N GLY N 215 8.85 -18.11 74.38
CA GLY N 215 9.74 -19.04 73.69
C GLY N 215 9.72 -18.85 72.20
N ARG N 216 8.53 -18.63 71.62
CA ARG N 216 8.45 -18.41 70.19
C ARG N 216 9.07 -17.08 69.79
N LEU N 217 8.80 -16.02 70.55
CA LEU N 217 9.32 -14.70 70.18
C LEU N 217 10.83 -14.67 70.25
N GLY N 218 11.42 -15.27 71.27
CA GLY N 218 12.85 -15.27 71.44
C GLY N 218 13.38 -14.23 72.40
N VAL N 219 12.65 -13.88 73.44
CA VAL N 219 13.12 -12.95 74.45
C VAL N 219 13.02 -13.64 75.80
N ALA N 220 13.59 -12.99 76.82
CA ALA N 220 13.61 -13.57 78.15
C ALA N 220 12.20 -13.63 78.73
N ASN N 221 11.94 -14.71 79.47
CA ASN N 221 10.69 -14.80 80.20
C ASN N 221 10.59 -13.64 81.17
N GLY N 222 9.40 -13.09 81.31
CA GLY N 222 9.23 -11.89 82.10
C GLY N 222 9.13 -10.62 81.27
N SER N 223 9.06 -10.74 79.96
CA SER N 223 8.72 -9.64 79.09
C SER N 223 7.33 -9.78 78.50
N VAL N 224 6.58 -10.81 78.89
CA VAL N 224 5.27 -11.09 78.36
C VAL N 224 4.34 -11.41 79.53
N ALA N 225 3.13 -10.90 79.49
CA ALA N 225 2.16 -11.14 80.55
C ALA N 225 0.74 -11.02 80.03
N LEU N 226 -0.10 -12.00 80.37
CA LEU N 226 -1.50 -12.00 79.99
C LEU N 226 -2.36 -11.51 81.16
N ALA N 227 -3.27 -10.60 80.87
CA ALA N 227 -4.22 -10.17 81.88
C ALA N 227 -5.19 -11.31 82.20
N ALA N 228 -5.91 -11.15 83.31
CA ALA N 228 -6.76 -12.22 83.80
C ALA N 228 -8.22 -12.08 83.39
N THR N 229 -8.61 -11.01 82.73
CA THR N 229 -10.00 -10.77 82.40
C THR N 229 -10.13 -10.31 80.95
N ALA N 230 -11.34 -10.43 80.42
CA ALA N 230 -11.64 -10.01 79.07
C ALA N 230 -12.18 -8.58 79.07
N GLU N 231 -12.23 -7.98 77.89
CA GLU N 231 -12.72 -6.63 77.71
C GLU N 231 -13.60 -6.59 76.47
N LYS N 232 -14.17 -5.43 76.19
CA LYS N 232 -15.00 -5.26 75.00
C LYS N 232 -14.84 -3.86 74.44
N ASP N 233 -14.91 -3.76 73.11
CA ASP N 233 -14.83 -2.49 72.40
C ASP N 233 -16.24 -1.96 72.16
N ASP N 234 -16.37 -0.97 71.27
CA ASP N 234 -17.65 -0.34 71.02
C ASP N 234 -18.66 -1.27 70.37
N ASN N 235 -18.21 -2.31 69.68
CA ASN N 235 -19.11 -3.18 68.93
C ASN N 235 -19.42 -4.47 69.66
N GLY N 236 -19.08 -4.57 70.95
CA GLY N 236 -19.43 -5.75 71.70
C GLY N 236 -18.66 -7.00 71.37
N ASN N 237 -17.43 -6.85 70.89
CA ASN N 237 -16.57 -8.00 70.66
C ASN N 237 -15.56 -8.13 71.78
N TRP N 238 -15.22 -9.38 72.11
CA TRP N 238 -14.47 -9.69 73.32
C TRP N 238 -13.00 -9.89 72.96
N TYR N 239 -12.11 -9.35 73.78
CA TYR N 239 -10.69 -9.35 73.48
C TYR N 239 -9.88 -9.74 74.72
N ALA N 240 -8.65 -10.20 74.47
CA ALA N 240 -7.67 -10.50 75.50
C ALA N 240 -6.40 -9.70 75.24
N THR N 241 -5.73 -9.32 76.32
CA THR N 241 -4.65 -8.33 76.24
C THR N 241 -3.30 -8.96 76.56
N VAL N 242 -2.30 -8.59 75.77
CA VAL N 242 -0.92 -8.99 75.98
C VAL N 242 -0.08 -7.73 76.10
N THR N 243 0.83 -7.70 77.07
CA THR N 243 1.69 -6.56 77.30
C THR N 243 3.15 -6.98 77.15
N ILE N 244 3.94 -6.15 76.49
CA ILE N 244 5.32 -6.47 76.15
C ILE N 244 6.23 -5.35 76.59
N THR N 245 7.29 -5.71 77.30
CA THR N 245 8.30 -4.75 77.74
C THR N 245 9.67 -5.23 77.29
N ALA N 246 10.49 -4.32 76.79
CA ALA N 246 11.80 -4.67 76.28
C ALA N 246 12.85 -4.53 77.38
N GLY N 247 14.05 -5.02 77.10
CA GLY N 247 15.14 -4.96 78.08
C GLY N 247 16.38 -4.25 77.60
N SER N 248 16.64 -4.28 76.29
CA SER N 248 17.85 -3.69 75.75
C SER N 248 17.69 -3.51 74.25
N ALA N 249 18.76 -3.05 73.61
CA ALA N 249 18.71 -2.82 72.17
C ALA N 249 18.49 -4.12 71.41
N THR N 250 19.13 -5.20 71.86
CA THR N 250 19.00 -6.47 71.15
C THR N 250 17.57 -6.96 71.15
N GLU N 251 16.88 -6.84 72.29
CA GLU N 251 15.49 -7.27 72.34
C GLU N 251 14.63 -6.44 71.38
N VAL N 252 14.84 -5.14 71.34
CA VAL N 252 14.10 -4.30 70.42
C VAL N 252 14.34 -4.76 68.98
N SER N 253 15.59 -5.04 68.66
CA SER N 253 15.90 -5.45 67.29
C SER N 253 15.23 -6.78 66.94
N THR N 254 15.27 -7.74 67.84
CA THR N 254 14.63 -9.02 67.56
C THR N 254 13.14 -8.87 67.39
N LEU N 255 12.49 -8.11 68.28
CA LEU N 255 11.05 -7.92 68.16
C LEU N 255 10.69 -7.20 66.88
N LYS N 256 11.51 -6.25 66.45
CA LYS N 256 11.28 -5.63 65.15
C LYS N 256 11.42 -6.66 64.03
N ALA N 257 12.46 -7.50 64.10
CA ALA N 257 12.69 -8.45 63.04
C ALA N 257 11.63 -9.53 62.98
N LYS N 258 10.80 -9.66 64.01
CA LYS N 258 9.71 -10.62 63.96
C LYS N 258 8.35 -9.96 63.72
N GLY N 259 8.28 -8.64 63.67
CA GLY N 259 7.07 -7.96 63.28
C GLY N 259 6.35 -7.17 64.35
N PHE N 260 7.05 -6.72 65.39
CA PHE N 260 6.46 -5.88 66.42
C PHE N 260 7.35 -4.65 66.62
N GLU N 261 6.71 -3.52 66.92
CA GLU N 261 7.42 -2.29 67.21
C GLU N 261 7.24 -1.93 68.66
N VAL N 262 8.34 -1.57 69.34
CA VAL N 262 8.32 -1.29 70.76
C VAL N 262 9.60 -0.55 71.11
N GLU N 263 9.57 0.19 72.21
CA GLU N 263 10.76 0.87 72.72
C GLU N 263 11.05 0.42 74.14
N ASN N 264 12.34 0.35 74.47
CA ASN N 264 12.75 -0.21 75.75
C ASN N 264 12.29 0.68 76.90
N GLY N 265 11.90 0.03 78.00
CA GLY N 265 11.43 0.74 79.16
C GLY N 265 10.02 1.27 79.07
N VAL N 266 9.31 0.97 77.99
CA VAL N 266 7.95 1.45 77.79
C VAL N 266 7.06 0.26 77.49
N ALA N 267 5.96 0.14 78.23
CA ALA N 267 5.03 -0.94 78.00
C ALA N 267 4.11 -0.61 76.82
N LYS N 268 3.73 -1.65 76.08
CA LYS N 268 2.78 -1.51 74.99
C LYS N 268 1.82 -2.69 75.03
N GLU N 269 0.71 -2.56 74.32
CA GLU N 269 -0.38 -3.53 74.42
C GLU N 269 -0.79 -4.05 73.04
N PHE N 270 -1.14 -5.33 72.99
CA PHE N 270 -1.60 -6.00 71.79
C PHE N 270 -2.74 -6.92 72.16
N TYR N 271 -3.59 -7.26 71.19
CA TYR N 271 -4.85 -7.94 71.50
C TYR N 271 -5.04 -9.19 70.67
N ILE N 272 -5.83 -10.12 71.20
CA ILE N 272 -6.24 -11.35 70.52
C ILE N 272 -7.74 -11.50 70.68
N ALA N 273 -8.44 -11.75 69.56
CA ALA N 273 -9.90 -11.84 69.62
C ALA N 273 -10.34 -13.19 70.18
N LEU N 274 -11.50 -13.19 70.83
CA LEU N 274 -12.05 -14.38 71.46
C LEU N 274 -13.37 -14.75 70.82
N ASP N 275 -13.86 -15.94 71.18
CA ASP N 275 -15.14 -16.45 70.71
C ASP N 275 -15.97 -16.88 71.91
N PRO N 276 -17.08 -16.21 72.22
CA PRO N 276 -17.81 -16.54 73.45
C PRO N 276 -18.37 -17.93 73.50
N GLN N 277 -18.56 -18.61 72.37
CA GLN N 277 -19.21 -19.90 72.40
C GLN N 277 -18.25 -21.06 72.62
N SER N 278 -16.94 -20.83 72.56
CA SER N 278 -15.98 -21.90 72.77
C SER N 278 -15.49 -21.96 74.21
N ALA N 279 -16.05 -21.15 75.10
CA ALA N 279 -15.57 -21.10 76.46
C ALA N 279 -15.90 -22.39 77.19
N ASP N 280 -15.33 -22.54 78.38
CA ASP N 280 -15.65 -23.65 79.25
C ASP N 280 -16.49 -23.12 80.41
N VAL N 281 -17.66 -23.71 80.61
CA VAL N 281 -18.66 -23.10 81.48
C VAL N 281 -19.17 -24.11 82.50
N THR N 282 -18.84 -25.39 82.31
CA THR N 282 -19.36 -26.45 83.17
C THR N 282 -18.37 -26.91 84.24
N THR N 283 -17.08 -26.59 84.10
CA THR N 283 -16.11 -27.04 85.10
C THR N 283 -16.37 -26.42 86.46
N THR N 284 -16.52 -25.11 86.51
CA THR N 284 -16.75 -24.40 87.76
C THR N 284 -18.00 -23.55 87.59
N ALA N 285 -18.90 -23.63 88.56
CA ALA N 285 -20.14 -22.89 88.46
C ALA N 285 -19.88 -21.39 88.50
N GLY N 286 -20.30 -20.70 87.45
CA GLY N 286 -20.25 -19.26 87.43
C GLY N 286 -18.96 -18.64 86.94
N THR N 287 -18.19 -19.34 86.12
CA THR N 287 -16.96 -18.76 85.59
C THR N 287 -16.66 -19.39 84.23
N ALA N 288 -16.54 -18.54 83.21
CA ALA N 288 -16.19 -18.99 81.87
C ALA N 288 -14.70 -18.77 81.66
N ALA N 289 -13.98 -19.85 81.38
CA ALA N 289 -12.53 -19.81 81.31
C ALA N 289 -12.07 -20.22 79.92
N PHE N 290 -11.07 -19.51 79.41
CA PHE N 290 -10.47 -19.78 78.11
C PHE N 290 -9.05 -20.27 78.31
N ALA N 291 -8.62 -21.19 77.45
CA ALA N 291 -7.24 -21.69 77.46
C ALA N 291 -6.67 -21.51 76.06
N LEU N 292 -5.85 -20.49 75.89
CA LEU N 292 -5.33 -20.16 74.57
C LEU N 292 -4.21 -21.11 74.17
N ASP N 293 -4.27 -21.57 72.92
CA ASP N 293 -3.21 -22.41 72.36
C ASP N 293 -2.15 -21.51 71.72
N THR N 294 -1.38 -20.86 72.59
CA THR N 294 -0.46 -19.83 72.12
C THR N 294 0.71 -20.40 71.35
N ALA N 295 0.87 -21.72 71.27
CA ALA N 295 2.00 -22.29 70.57
C ALA N 295 1.73 -22.57 69.10
N ASN N 296 0.53 -22.28 68.61
CA ASN N 296 0.21 -22.56 67.20
C ASN N 296 -0.56 -21.47 66.49
N ILE N 297 -1.01 -20.44 67.18
CA ILE N 297 -1.67 -19.33 66.51
C ILE N 297 -0.67 -18.60 65.63
N GLN N 298 -1.12 -18.17 64.46
CA GLN N 298 -0.25 -17.40 63.57
C GLN N 298 0.04 -16.03 64.17
N LEU N 299 1.29 -15.60 64.06
CA LEU N 299 1.67 -14.31 64.62
C LEU N 299 1.05 -13.14 63.90
N SER N 300 0.43 -13.36 62.75
CA SER N 300 -0.24 -12.27 62.07
C SER N 300 -1.51 -11.83 62.78
N SER N 301 -2.01 -12.61 63.72
CA SER N 301 -3.29 -12.34 64.34
C SER N 301 -3.17 -11.68 65.71
N ILE N 302 -2.00 -11.17 66.06
CA ILE N 302 -1.82 -10.43 67.31
C ILE N 302 -1.60 -8.98 66.90
N THR N 303 -2.65 -8.18 67.02
CA THR N 303 -2.69 -6.85 66.44
C THR N 303 -2.77 -5.76 67.50
N SER N 304 -2.44 -4.54 67.09
CA SER N 304 -2.66 -3.38 67.94
C SER N 304 -4.02 -2.78 67.64
N GLY N 305 -4.28 -1.56 68.13
CA GLY N 305 -5.58 -0.95 67.97
C GLY N 305 -5.81 -0.34 66.60
N ALA N 306 -7.06 0.04 66.36
CA ALA N 306 -7.45 0.58 65.06
C ALA N 306 -7.34 2.09 65.06
N SER N 307 -7.11 2.66 63.87
CA SER N 307 -7.03 4.10 63.74
C SER N 307 -8.41 4.70 63.63
N SER N 308 -8.50 6.00 63.85
CA SER N 308 -9.78 6.71 63.80
C SER N 308 -9.76 7.78 62.73
N ASN N 309 -10.86 7.90 62.00
CA ASN N 309 -11.02 8.88 60.95
C ASN N 309 -9.90 8.79 59.94
N PRO N 310 -9.73 7.65 59.26
CA PRO N 310 -8.56 7.51 58.38
C PRO N 310 -8.56 8.46 57.19
N LEU N 311 -9.71 8.61 56.54
CA LEU N 311 -9.72 9.29 55.25
C LEU N 311 -9.30 10.75 55.37
N ALA N 312 -9.70 11.43 56.45
CA ALA N 312 -9.23 12.79 56.64
C ALA N 312 -7.71 12.86 56.73
N LYS N 313 -7.11 11.91 57.46
CA LYS N 313 -5.66 11.92 57.60
C LYS N 313 -4.99 11.70 56.25
N LEU N 314 -5.51 10.77 55.46
CA LEU N 314 -4.92 10.55 54.13
C LEU N 314 -5.01 11.81 53.28
N ASP N 315 -6.13 12.52 53.38
CA ASP N 315 -6.25 13.78 52.65
C ASP N 315 -5.22 14.79 53.10
N ALA N 316 -4.98 14.89 54.41
CA ALA N 316 -3.98 15.84 54.89
C ALA N 316 -2.59 15.50 54.34
N ALA N 317 -2.25 14.22 54.30
CA ALA N 317 -0.97 13.81 53.76
C ALA N 317 -0.82 14.24 52.31
N LEU N 318 -1.82 13.93 51.49
CA LEU N 318 -1.74 14.32 50.08
C LEU N 318 -1.61 15.82 49.93
N ALA N 319 -2.32 16.58 50.76
CA ALA N 319 -2.20 18.04 50.69
C ALA N 319 -0.77 18.48 50.90
N ASP N 320 -0.09 17.93 51.92
CA ASP N 320 1.28 18.36 52.20
C ASP N 320 2.21 18.06 51.04
N VAL N 321 2.09 16.86 50.46
CA VAL N 321 2.97 16.51 49.34
C VAL N 321 2.76 17.49 48.19
N ASP N 322 1.50 17.81 47.89
CA ASP N 322 1.24 18.73 46.79
C ASP N 322 1.80 20.12 47.05
N THR N 323 1.71 20.58 48.30
CA THR N 323 2.34 21.86 48.64
C THR N 323 3.80 21.86 48.24
N LEU N 324 4.53 20.81 48.64
CA LEU N 324 5.96 20.80 48.36
C LEU N 324 6.24 20.82 46.86
N ARG N 325 5.49 20.02 46.09
CA ARG N 325 5.75 19.99 44.64
C ARG N 325 5.51 21.34 44.00
N SER N 326 4.45 22.04 44.41
CA SER N 326 4.18 23.34 43.83
C SER N 326 5.29 24.33 44.12
N SER N 327 5.81 24.34 45.35
CA SER N 327 6.89 25.29 45.64
C SER N 327 8.12 24.99 44.78
N LEU N 328 8.44 23.72 44.58
CA LEU N 328 9.60 23.39 43.76
C LEU N 328 9.42 23.85 42.32
N GLY N 329 8.23 23.67 41.77
CA GLY N 329 7.98 24.17 40.42
C GLY N 329 8.17 25.67 40.31
N ALA N 330 7.66 26.42 41.29
CA ALA N 330 7.90 27.85 41.33
C ALA N 330 9.39 28.17 41.24
N VAL N 331 10.19 27.44 42.03
CA VAL N 331 11.63 27.75 42.04
C VAL N 331 12.27 27.47 40.68
N GLN N 332 11.83 26.42 40.00
CA GLN N 332 12.43 26.15 38.69
C GLN N 332 12.12 27.28 37.70
N ASN N 333 10.87 27.73 37.68
CA ASN N 333 10.55 28.90 36.87
C ASN N 333 11.44 30.08 37.24
N ARG N 334 11.67 30.26 38.54
CA ARG N 334 12.58 31.31 39.00
C ARG N 334 13.94 31.19 38.35
N PHE N 335 14.52 29.99 38.33
CA PHE N 335 15.89 29.85 37.84
C PHE N 335 16.03 30.16 36.36
N ASP N 336 15.06 29.74 35.53
CA ASP N 336 15.31 29.78 34.09
C ASP N 336 15.61 31.21 33.56
N SER N 337 14.86 32.19 34.04
CA SER N 337 15.09 33.56 33.59
C SER N 337 16.52 34.01 33.84
N VAL N 338 17.13 33.50 34.90
CA VAL N 338 18.49 33.91 35.22
C VAL N 338 19.45 33.49 34.12
N ILE N 339 19.28 32.27 33.61
CA ILE N 339 20.15 31.83 32.52
C ILE N 339 19.96 32.72 31.31
N SER N 340 18.71 33.02 30.95
CA SER N 340 18.50 33.88 29.79
C SER N 340 19.23 35.22 29.96
N ASN N 341 19.03 35.84 31.12
CA ASN N 341 19.59 37.16 31.37
C ASN N 341 21.10 37.14 31.33
N LEU N 342 21.71 36.12 31.93
CA LEU N 342 23.17 36.05 31.94
C LEU N 342 23.72 35.91 30.54
N GLY N 343 23.06 35.12 29.69
CA GLY N 343 23.54 35.00 28.33
C GLY N 343 23.59 36.35 27.63
N THR N 344 22.50 37.10 27.72
CA THR N 344 22.48 38.40 27.04
C THR N 344 23.54 39.33 27.61
N THR N 345 23.66 39.38 28.94
CA THR N 345 24.59 40.32 29.56
C THR N 345 26.02 40.02 29.15
N VAL N 346 26.40 38.75 29.14
CA VAL N 346 27.76 38.41 28.75
C VAL N 346 28.02 38.82 27.31
N THR N 347 27.06 38.60 26.42
CA THR N 347 27.26 39.05 25.05
C THR N 347 27.59 40.53 25.00
N ASN N 348 26.79 41.35 25.70
CA ASN N 348 26.95 42.80 25.59
C ASN N 348 28.27 43.26 26.19
N LEU N 349 28.64 42.71 27.35
CA LEU N 349 29.90 43.11 27.98
C LEU N 349 31.09 42.74 27.10
N SER N 350 31.07 41.54 26.52
CA SER N 350 32.16 41.15 25.65
C SER N 350 32.29 42.11 24.48
N ALA N 351 31.16 42.51 23.90
CA ALA N 351 31.21 43.45 22.78
C ALA N 351 31.84 44.76 23.22
N SER N 352 31.46 45.28 24.40
CA SER N 352 31.97 46.56 24.84
C SER N 352 33.48 46.52 25.05
N ARG N 353 33.99 45.46 25.68
CA ARG N 353 35.43 45.37 25.83
C ARG N 353 36.11 45.30 24.47
N SER N 354 35.52 44.53 23.54
CA SER N 354 36.10 44.46 22.21
C SER N 354 36.27 45.84 21.61
N ARG N 355 35.26 46.70 21.76
CA ARG N 355 35.38 48.07 21.27
C ARG N 355 36.51 48.81 21.95
N ILE N 356 36.69 48.60 23.26
CA ILE N 356 37.71 49.33 24.00
C ILE N 356 39.11 48.90 23.55
N GLN N 357 39.29 47.62 23.27
CA GLN N 357 40.61 46.99 23.34
C GLN N 357 41.21 46.61 22.00
N ASP N 358 40.43 46.09 21.06
CA ASP N 358 40.97 45.45 19.88
C ASP N 358 41.56 46.46 18.91
N ALA N 359 42.24 45.94 17.88
CA ALA N 359 43.02 46.73 16.95
C ALA N 359 42.39 46.66 15.57
N ASP N 360 42.24 47.83 14.93
CA ASP N 360 41.82 47.87 13.55
C ASP N 360 42.94 47.35 12.66
N TYR N 361 42.58 46.87 11.47
CA TYR N 361 43.61 46.39 10.54
C TYR N 361 43.92 47.35 9.41
N ALA N 362 42.91 47.95 8.77
CA ALA N 362 43.18 48.79 7.62
C ALA N 362 44.11 49.94 8.00
N THR N 363 43.87 50.55 9.15
CA THR N 363 44.71 51.65 9.59
C THR N 363 46.16 51.21 9.74
N GLU N 364 46.38 50.05 10.34
CA GLU N 364 47.73 49.62 10.61
C GLU N 364 48.45 49.23 9.33
N VAL N 365 47.73 48.65 8.38
CA VAL N 365 48.35 48.31 7.10
C VAL N 365 48.82 49.57 6.38
N SER N 366 47.97 50.60 6.36
CA SER N 366 48.39 51.83 5.72
C SER N 366 49.56 52.46 6.45
N ASN N 367 49.59 52.36 7.78
CA ASN N 367 50.72 52.90 8.53
C ASN N 367 52.01 52.15 8.21
N MET N 368 51.92 50.84 8.05
CA MET N 368 53.08 50.07 7.60
C MET N 368 53.64 50.62 6.30
N THR N 369 52.77 50.79 5.30
CA THR N 369 53.25 51.26 4.00
C THR N 369 53.90 52.65 4.11
N ARG N 370 53.22 53.54 4.83
CA ARG N 370 53.72 54.89 5.02
C ARG N 370 55.10 54.88 5.64
N ALA N 371 55.31 54.04 6.66
CA ALA N 371 56.60 54.03 7.33
C ALA N 371 57.68 53.39 6.48
N GLN N 372 57.31 52.47 5.59
CA GLN N 372 58.32 51.85 4.74
C GLN N 372 58.88 52.83 3.71
N ILE N 373 57.99 53.57 3.03
CA ILE N 373 58.45 54.45 1.96
C ILE N 373 59.45 55.48 2.50
N LEU N 374 59.15 56.07 3.65
CA LEU N 374 60.01 57.10 4.21
C LEU N 374 61.38 56.55 4.53
N GLN N 375 61.43 55.33 5.02
CA GLN N 375 62.71 54.70 5.34
C GLN N 375 63.59 54.60 4.09
N GLN N 376 62.99 54.11 2.99
CA GLN N 376 63.79 53.97 1.77
C GLN N 376 64.29 55.31 1.26
N ALA N 377 63.42 56.32 1.25
CA ALA N 377 63.85 57.64 0.79
C ALA N 377 64.96 58.18 1.67
N GLY N 378 64.84 57.96 2.99
CA GLY N 378 65.86 58.44 3.90
C GLY N 378 67.22 57.86 3.61
N THR N 379 67.28 56.54 3.37
CA THR N 379 68.57 55.94 3.06
C THR N 379 69.17 56.53 1.80
N SER N 380 68.36 56.66 0.75
CA SER N 380 68.92 57.17 -0.51
C SER N 380 69.48 58.57 -0.35
N VAL N 381 68.72 59.46 0.28
CA VAL N 381 69.20 60.83 0.40
C VAL N 381 70.37 60.90 1.36
N LEU N 382 70.44 59.99 2.34
CA LEU N 382 71.58 60.01 3.26
C LEU N 382 72.86 59.70 2.51
N ALA N 383 72.82 58.72 1.62
CA ALA N 383 74.00 58.47 0.79
C ALA N 383 74.32 59.70 -0.05
N GLN N 384 73.29 60.32 -0.62
CA GLN N 384 73.51 61.51 -1.43
C GLN N 384 74.22 62.61 -0.64
N ALA N 385 73.83 62.77 0.63
CA ALA N 385 74.39 63.84 1.45
C ALA N 385 75.81 63.52 1.88
N ASN N 386 76.09 62.26 2.23
CA ASN N 386 77.46 61.90 2.55
C ASN N 386 78.38 62.13 1.37
N GLN N 387 77.87 61.94 0.17
CA GLN N 387 78.72 62.06 -1.01
C GLN N 387 79.20 63.47 -1.29
N THR N 388 78.57 64.49 -0.69
CA THR N 388 78.67 65.85 -1.23
C THR N 388 80.10 66.39 -1.22
N THR N 389 80.85 66.17 -0.15
CA THR N 389 82.03 67.00 0.07
C THR N 389 83.23 66.56 -0.76
N GLN N 390 83.08 65.55 -1.62
CA GLN N 390 84.22 65.08 -2.41
C GLN N 390 84.80 66.18 -3.28
N ASN N 391 83.96 67.07 -3.79
CA ASN N 391 84.43 68.06 -4.75
C ASN N 391 85.48 68.98 -4.15
N VAL N 392 85.51 69.08 -2.83
CA VAL N 392 86.48 69.97 -2.18
C VAL N 392 87.89 69.58 -2.57
N LEU N 393 88.14 68.28 -2.69
CA LEU N 393 89.47 67.79 -3.01
C LEU N 393 89.93 68.29 -4.37
N SER N 394 89.00 68.45 -5.31
CA SER N 394 89.37 68.82 -6.67
C SER N 394 90.10 70.16 -6.71
N LEU N 395 89.86 71.02 -5.72
CA LEU N 395 90.49 72.32 -5.71
C LEU N 395 92.00 72.21 -5.65
N LEU N 396 92.49 71.07 -5.20
CA LEU N 396 93.87 70.95 -4.79
C LEU N 396 94.61 69.90 -5.60
N ALA O 2 23.33 23.53 25.10
CA ALA O 2 23.89 23.83 23.79
C ALA O 2 23.68 22.66 22.85
N GLN O 3 24.56 22.52 21.87
CA GLN O 3 24.54 21.39 20.96
C GLN O 3 25.78 20.54 21.19
N VAL O 4 25.57 19.32 21.67
CA VAL O 4 26.63 18.38 21.97
C VAL O 4 26.32 17.08 21.25
N ILE O 5 27.36 16.27 21.02
CA ILE O 5 27.15 15.00 20.33
C ILE O 5 27.38 13.81 21.25
N ASN O 6 27.97 14.01 22.42
CA ASN O 6 28.31 12.89 23.27
C ASN O 6 27.06 12.12 23.69
N THR O 7 26.07 12.80 24.23
CA THR O 7 24.89 12.14 24.78
C THR O 7 23.65 12.87 24.32
N ASN O 8 22.56 12.14 24.16
CA ASN O 8 21.26 12.70 23.83
C ASN O 8 20.30 12.43 24.98
N SER O 9 19.62 13.46 25.44
CA SER O 9 18.70 13.31 26.55
C SER O 9 17.24 13.24 26.12
N LEU O 10 16.92 13.47 24.86
CA LEU O 10 15.55 13.23 24.40
C LEU O 10 15.29 11.75 24.21
N SER O 11 16.22 11.06 23.56
CA SER O 11 16.02 9.63 23.27
C SER O 11 15.87 8.84 24.55
N LEU O 12 16.70 9.12 25.56
CA LEU O 12 16.57 8.42 26.82
C LEU O 12 15.21 8.69 27.44
N MET O 13 14.74 9.93 27.36
CA MET O 13 13.43 10.25 27.89
C MET O 13 12.34 9.43 27.22
N THR O 14 12.34 9.38 25.89
CA THR O 14 11.26 8.68 25.20
C THR O 14 11.34 7.18 25.43
N GLN O 15 12.55 6.62 25.42
CA GLN O 15 12.72 5.21 25.75
C GLN O 15 12.11 4.90 27.10
N ASN O 16 12.47 5.67 28.12
CA ASN O 16 11.86 5.46 29.42
C ASN O 16 10.36 5.67 29.35
N ASN O 17 9.89 6.45 28.39
CA ASN O 17 8.47 6.76 28.32
C ASN O 17 7.64 5.67 27.65
N LEU O 18 8.28 4.77 26.90
CA LEU O 18 7.53 3.75 26.16
C LEU O 18 6.97 2.65 27.07
N ASN O 19 7.67 2.37 28.17
CA ASN O 19 7.44 1.13 28.88
C ASN O 19 6.11 1.14 29.60
N THR O 20 5.66 2.32 30.05
CA THR O 20 4.38 2.38 30.74
C THR O 20 3.25 1.96 29.82
N SER O 21 3.28 2.40 28.56
CA SER O 21 2.30 1.96 27.59
C SER O 21 2.41 0.46 27.36
N GLN O 22 3.64 -0.03 27.19
CA GLN O 22 3.83 -1.45 26.95
C GLN O 22 3.16 -2.31 28.03
N SER O 23 3.36 -1.94 29.30
CA SER O 23 2.83 -2.77 30.38
C SER O 23 1.30 -2.82 30.35
N ALA O 24 0.65 -1.68 30.11
CA ALA O 24 -0.81 -1.68 30.05
C ALA O 24 -1.29 -2.54 28.90
N LEU O 25 -0.57 -2.50 27.77
CA LEU O 25 -0.93 -3.37 26.66
C LEU O 25 -0.87 -4.82 27.06
N ASN O 26 0.19 -5.22 27.77
CA ASN O 26 0.34 -6.61 28.16
C ASN O 26 -0.79 -7.04 29.10
N THR O 27 -1.10 -6.23 30.09
CA THR O 27 -2.18 -6.60 31.00
C THR O 27 -3.51 -6.75 30.26
N ALA O 28 -3.80 -5.80 29.36
CA ALA O 28 -5.06 -5.87 28.63
C ALA O 28 -5.12 -7.13 27.78
N ILE O 29 -4.03 -7.49 27.11
CA ILE O 29 -4.05 -8.69 26.28
C ILE O 29 -4.29 -9.92 27.13
N GLN O 30 -3.61 -10.02 28.28
CA GLN O 30 -3.80 -11.20 29.11
C GLN O 30 -5.25 -11.34 29.51
N ARG O 31 -5.87 -10.24 29.93
CA ARG O 31 -7.24 -10.32 30.40
C ARG O 31 -8.21 -10.69 29.28
N LEU O 32 -7.87 -10.36 28.03
CA LEU O 32 -8.77 -10.68 26.92
C LEU O 32 -8.86 -12.17 26.67
N SER O 33 -7.72 -12.88 26.70
CA SER O 33 -7.73 -14.30 26.35
C SER O 33 -8.05 -15.17 27.57
N SER O 34 -7.55 -14.80 28.75
CA SER O 34 -7.85 -15.62 29.93
C SER O 34 -9.34 -15.69 30.18
N GLY O 35 -10.01 -14.55 30.24
CA GLY O 35 -11.43 -14.51 30.40
C GLY O 35 -11.95 -14.08 31.75
N LEU O 36 -11.09 -13.68 32.67
CA LEU O 36 -11.53 -13.23 33.98
C LEU O 36 -10.52 -12.26 34.57
N ARG O 37 -10.94 -11.56 35.63
CA ARG O 37 -10.24 -10.34 36.04
C ARG O 37 -9.04 -10.63 36.93
N ILE O 38 -9.14 -11.62 37.81
CA ILE O 38 -8.14 -11.86 38.84
C ILE O 38 -7.27 -13.03 38.38
N ASN O 39 -6.11 -12.72 37.82
CA ASN O 39 -5.21 -13.77 37.37
C ASN O 39 -4.03 -13.99 38.30
N SER O 40 -4.03 -13.38 39.47
CA SER O 40 -2.98 -13.56 40.47
C SER O 40 -3.41 -12.86 41.75
N ALA O 41 -2.63 -13.06 42.81
CA ALA O 41 -2.83 -12.24 44.00
C ALA O 41 -2.30 -10.82 43.76
N LYS O 42 -1.49 -10.65 42.73
CA LYS O 42 -0.94 -9.33 42.42
C LYS O 42 -2.04 -8.36 42.01
N ASP O 43 -3.12 -8.86 41.43
CA ASP O 43 -4.21 -8.00 41.00
C ASP O 43 -4.95 -7.42 42.20
N ASP O 44 -5.43 -8.26 43.10
CA ASP O 44 -5.89 -7.80 44.41
C ASP O 44 -5.95 -9.00 45.34
N ALA O 45 -5.25 -8.91 46.48
CA ALA O 45 -5.15 -10.07 47.36
C ALA O 45 -6.49 -10.42 47.98
N ALA O 46 -7.17 -9.44 48.58
CA ALA O 46 -8.28 -9.75 49.49
C ALA O 46 -9.45 -10.42 48.76
N GLY O 47 -9.78 -9.93 47.57
CA GLY O 47 -10.88 -10.52 46.84
C GLY O 47 -10.64 -11.98 46.48
N GLN O 48 -9.37 -12.33 46.24
CA GLN O 48 -9.05 -13.68 45.81
C GLN O 48 -9.44 -14.70 46.87
N ALA O 49 -9.14 -14.42 48.13
CA ALA O 49 -9.51 -15.35 49.19
C ALA O 49 -11.02 -15.50 49.27
N ILE O 50 -11.76 -14.41 49.09
CA ILE O 50 -13.22 -14.49 49.13
C ILE O 50 -13.73 -15.35 47.99
N ALA O 51 -13.16 -15.18 46.80
CA ALA O 51 -13.55 -16.02 45.68
C ALA O 51 -13.32 -17.49 46.00
N ASN O 52 -12.16 -17.80 46.56
CA ASN O 52 -11.84 -19.18 46.87
C ASN O 52 -12.82 -19.76 47.90
N ARG O 53 -13.15 -18.97 48.92
CA ARG O 53 -14.11 -19.44 49.91
C ARG O 53 -15.48 -19.65 49.31
N PHE O 54 -15.82 -18.87 48.28
CA PHE O 54 -17.07 -19.13 47.57
C PHE O 54 -17.00 -20.45 46.81
N THR O 55 -15.87 -20.69 46.14
CA THR O 55 -15.70 -21.92 45.38
C THR O 55 -15.94 -23.15 46.25
N ALA O 56 -15.36 -23.15 47.45
CA ALA O 56 -15.51 -24.30 48.32
C ALA O 56 -16.96 -24.56 48.66
N ASN O 57 -17.72 -23.50 48.99
CA ASN O 57 -19.12 -23.68 49.33
C ASN O 57 -19.92 -24.26 48.16
N ILE O 58 -19.68 -23.74 46.95
CA ILE O 58 -20.44 -24.25 45.81
C ILE O 58 -20.17 -25.73 45.62
N LYS O 59 -18.89 -26.11 45.64
CA LYS O 59 -18.54 -27.49 45.35
C LYS O 59 -19.09 -28.43 46.42
N GLY O 60 -19.10 -28.00 47.67
CA GLY O 60 -19.72 -28.83 48.70
C GLY O 60 -21.21 -28.99 48.51
N LEU O 61 -21.91 -27.88 48.26
CA LEU O 61 -23.36 -27.93 48.18
C LEU O 61 -23.84 -28.83 47.06
N THR O 62 -23.12 -28.83 45.93
CA THR O 62 -23.53 -29.69 44.82
C THR O 62 -23.62 -31.14 45.25
N GLN O 63 -22.61 -31.65 45.94
CA GLN O 63 -22.62 -33.05 46.37
C GLN O 63 -23.66 -33.30 47.45
N ALA O 64 -23.83 -32.32 48.33
CA ALA O 64 -24.90 -32.42 49.31
C ALA O 64 -26.23 -32.64 48.61
N GLN O 65 -26.39 -32.07 47.42
CA GLN O 65 -27.65 -32.25 46.70
C GLN O 65 -27.86 -33.71 46.28
N ARG O 66 -26.79 -34.41 45.89
CA ARG O 66 -26.94 -35.80 45.47
C ARG O 66 -27.34 -36.69 46.64
N ASN O 67 -26.74 -36.43 47.81
CA ASN O 67 -27.01 -37.32 48.94
C ASN O 67 -28.49 -37.37 49.28
N ALA O 68 -29.19 -36.24 49.12
CA ALA O 68 -30.61 -36.20 49.40
C ALA O 68 -31.38 -37.13 48.48
N ASN O 69 -31.01 -37.17 47.20
CA ASN O 69 -31.64 -38.08 46.26
C ASN O 69 -31.42 -39.52 46.70
N ASP O 70 -30.21 -39.84 47.17
CA ASP O 70 -29.98 -41.19 47.66
C ASP O 70 -30.93 -41.53 48.81
N GLY O 71 -31.11 -40.61 49.75
CA GLY O 71 -32.03 -40.85 50.84
C GLY O 71 -33.45 -41.08 50.36
N ILE O 72 -33.90 -40.26 49.41
CA ILE O 72 -35.23 -40.45 48.85
C ILE O 72 -35.35 -41.83 48.22
N SER O 73 -34.31 -42.26 47.54
CA SER O 73 -34.32 -43.58 46.91
C SER O 73 -34.60 -44.66 47.93
N LEU O 74 -33.85 -44.67 49.04
CA LEU O 74 -34.04 -45.72 50.04
C LEU O 74 -35.45 -45.67 50.62
N ALA O 75 -35.92 -44.47 50.94
CA ALA O 75 -37.25 -44.35 51.52
C ALA O 75 -38.32 -44.88 50.58
N GLN O 76 -38.20 -44.57 49.29
CA GLN O 76 -39.14 -45.09 48.32
C GLN O 76 -39.08 -46.60 48.24
N THR O 77 -37.87 -47.17 48.31
CA THR O 77 -37.72 -48.61 48.13
C THR O 77 -38.45 -49.37 49.24
N THR O 78 -38.45 -48.85 50.46
CA THR O 78 -39.01 -49.63 51.56
C THR O 78 -40.53 -49.85 51.43
N GLU O 79 -41.26 -48.85 50.94
CA GLU O 79 -42.72 -48.93 50.97
C GLU O 79 -43.26 -50.08 50.14
N GLY O 80 -42.60 -50.36 49.01
CA GLY O 80 -43.03 -51.48 48.19
C GLY O 80 -43.02 -52.79 48.96
N ALA O 81 -41.99 -53.01 49.76
CA ALA O 81 -41.96 -54.19 50.61
C ALA O 81 -43.07 -54.15 51.65
N LEU O 82 -43.34 -52.98 52.22
CA LEU O 82 -44.35 -52.91 53.28
C LEU O 82 -45.75 -53.28 52.76
N THR O 83 -46.04 -52.94 51.50
CA THR O 83 -47.39 -53.13 50.99
C THR O 83 -47.82 -54.60 50.99
N GLU O 84 -46.93 -55.50 50.58
CA GLU O 84 -47.31 -56.90 50.49
C GLU O 84 -47.62 -57.49 51.86
N VAL O 85 -46.85 -57.10 52.87
CA VAL O 85 -47.15 -57.54 54.22
C VAL O 85 -48.53 -57.03 54.62
N ASN O 86 -48.81 -55.77 54.26
CA ASN O 86 -50.14 -55.24 54.53
C ASN O 86 -51.23 -56.15 53.96
N ASN O 87 -51.09 -56.51 52.70
CA ASN O 87 -52.12 -57.32 52.05
C ASN O 87 -52.26 -58.68 52.71
N ASN O 88 -51.14 -59.31 53.05
CA ASN O 88 -51.22 -60.64 53.67
C ASN O 88 -51.98 -60.58 54.98
N LEU O 89 -51.69 -59.58 55.82
CA LEU O 89 -52.44 -59.40 57.06
C LEU O 89 -53.92 -59.20 56.77
N GLN O 90 -54.20 -58.40 55.75
CA GLN O 90 -55.58 -58.04 55.42
C GLN O 90 -56.40 -59.29 55.12
N ARG O 91 -55.77 -60.28 54.50
CA ARG O 91 -56.47 -61.50 54.12
C ARG O 91 -56.56 -62.48 55.28
N ILE O 92 -55.52 -62.55 56.12
CA ILE O 92 -55.59 -63.47 57.25
C ILE O 92 -56.72 -63.08 58.18
N ARG O 93 -56.89 -61.78 58.42
CA ARG O 93 -58.03 -61.33 59.23
C ARG O 93 -59.34 -61.90 58.69
N GLU O 94 -59.56 -61.75 57.39
CA GLU O 94 -60.81 -62.18 56.77
C GLU O 94 -61.00 -63.68 56.89
N LEU O 95 -59.94 -64.46 56.67
CA LEU O 95 -60.05 -65.90 56.86
C LEU O 95 -60.45 -66.22 58.29
N SER O 96 -59.82 -65.54 59.25
CA SER O 96 -60.13 -65.83 60.64
C SER O 96 -61.58 -65.55 60.96
N VAL O 97 -62.19 -64.61 60.24
CA VAL O 97 -63.62 -64.34 60.46
C VAL O 97 -64.47 -65.55 60.06
N GLN O 98 -64.05 -66.29 59.04
CA GLN O 98 -64.86 -67.42 58.58
C GLN O 98 -64.82 -68.59 59.56
N ALA O 99 -63.63 -68.91 60.06
CA ALA O 99 -63.44 -70.11 60.86
C ALA O 99 -64.06 -70.02 62.25
N ALA O 100 -64.65 -68.89 62.60
CA ALA O 100 -65.25 -68.71 63.91
C ALA O 100 -66.68 -69.20 64.00
N THR O 101 -67.27 -69.64 62.89
CA THR O 101 -68.65 -70.12 62.90
C THR O 101 -68.73 -71.51 63.53
N GLY O 102 -69.87 -71.82 64.12
CA GLY O 102 -70.04 -73.12 64.72
C GLY O 102 -70.35 -74.22 63.73
N SER O 103 -70.62 -73.85 62.47
CA SER O 103 -71.13 -74.81 61.50
C SER O 103 -70.04 -75.73 60.95
N ASN O 104 -68.80 -75.27 60.94
CA ASN O 104 -67.74 -75.99 60.24
C ASN O 104 -67.39 -77.31 60.92
N SER O 105 -66.76 -78.20 60.16
CA SER O 105 -66.27 -79.47 60.69
C SER O 105 -64.75 -79.47 60.76
N ALA O 106 -64.19 -80.61 61.16
CA ALA O 106 -62.77 -80.66 61.51
C ALA O 106 -61.88 -80.48 60.29
N SER O 107 -62.16 -81.21 59.22
CA SER O 107 -61.31 -81.15 58.04
C SER O 107 -61.24 -79.73 57.48
N ASP O 108 -62.36 -79.01 57.56
CA ASP O 108 -62.38 -77.63 57.12
C ASP O 108 -61.44 -76.77 57.92
N LEU O 109 -61.40 -76.98 59.24
CA LEU O 109 -60.47 -76.25 60.09
C LEU O 109 -59.03 -76.56 59.71
N GLN O 110 -58.74 -77.83 59.41
CA GLN O 110 -57.39 -78.18 58.97
C GLN O 110 -57.03 -77.44 57.68
N SER O 111 -57.95 -77.46 56.72
CA SER O 111 -57.68 -76.86 55.42
C SER O 111 -57.45 -75.36 55.54
N ILE O 112 -58.28 -74.70 56.33
CA ILE O 112 -58.08 -73.27 56.56
C ILE O 112 -56.73 -73.02 57.22
N GLN O 113 -56.39 -73.83 58.22
CA GLN O 113 -55.20 -73.56 59.00
C GLN O 113 -53.95 -73.65 58.14
N ASP O 114 -53.91 -74.61 57.22
CA ASP O 114 -52.75 -74.70 56.33
C ASP O 114 -52.61 -73.44 55.48
N GLU O 115 -53.73 -72.93 54.99
CA GLU O 115 -53.69 -71.75 54.12
C GLU O 115 -53.23 -70.53 54.90
N ILE O 116 -53.57 -70.46 56.18
CA ILE O 116 -53.03 -69.40 57.02
C ILE O 116 -51.53 -69.59 57.25
N LYS O 117 -51.12 -70.85 57.39
CA LYS O 117 -49.71 -71.15 57.64
C LYS O 117 -48.83 -70.65 56.52
N GLN O 118 -49.26 -70.80 55.28
CA GLN O 118 -48.45 -70.32 54.16
C GLN O 118 -48.23 -68.81 54.24
N ARG O 119 -49.29 -68.06 54.53
CA ARG O 119 -49.14 -66.62 54.65
C ARG O 119 -48.18 -66.26 55.76
N LEU O 120 -48.25 -66.97 56.89
CA LEU O 120 -47.34 -66.65 57.98
C LEU O 120 -45.89 -66.82 57.56
N GLU O 121 -45.60 -67.88 56.80
CA GLU O 121 -44.27 -68.07 56.24
C GLU O 121 -43.86 -66.90 55.35
N GLU O 122 -44.82 -66.36 54.60
CA GLU O 122 -44.48 -65.37 53.59
C GLU O 122 -43.86 -64.12 54.21
N ILE O 123 -44.39 -63.64 55.32
CA ILE O 123 -43.89 -62.41 55.93
C ILE O 123 -42.46 -62.60 56.42
N ASN O 124 -42.21 -63.71 57.10
CA ASN O 124 -40.86 -64.00 57.56
C ASN O 124 -39.90 -64.02 56.39
N ARG O 125 -40.32 -64.61 55.27
CA ARG O 125 -39.44 -64.62 54.11
C ARG O 125 -39.14 -63.21 53.63
N VAL O 126 -40.18 -62.40 53.43
CA VAL O 126 -39.97 -61.10 52.77
C VAL O 126 -39.17 -60.17 53.66
N SER O 127 -39.18 -60.41 54.98
CA SER O 127 -38.33 -59.59 55.83
C SER O 127 -36.86 -59.85 55.53
N GLU O 128 -36.51 -61.11 55.32
CA GLU O 128 -35.11 -61.46 55.10
C GLU O 128 -34.66 -61.11 53.70
N GLN O 129 -35.55 -61.23 52.72
CA GLN O 129 -35.11 -61.12 51.33
C GLN O 129 -34.67 -59.69 50.97
N THR O 130 -35.60 -58.74 51.05
CA THR O 130 -35.40 -57.43 50.44
C THR O 130 -34.24 -56.69 51.09
N GLN O 131 -33.49 -55.96 50.28
CA GLN O 131 -32.37 -55.18 50.77
C GLN O 131 -31.95 -54.18 49.71
N PHE O 132 -31.47 -53.02 50.15
CA PHE O 132 -31.10 -51.92 49.29
C PHE O 132 -29.61 -51.67 49.43
N ASN O 133 -28.82 -52.15 48.47
CA ASN O 133 -27.40 -51.88 48.43
C ASN O 133 -26.68 -52.42 49.66
N GLY O 134 -26.81 -53.72 49.89
CA GLY O 134 -26.08 -54.36 50.96
C GLY O 134 -26.54 -54.00 52.36
N VAL O 135 -27.75 -53.48 52.51
CA VAL O 135 -28.28 -53.07 53.80
C VAL O 135 -29.62 -53.78 54.01
N LYS O 136 -29.69 -54.59 55.04
CA LYS O 136 -30.94 -55.25 55.42
C LYS O 136 -31.78 -54.23 56.18
N VAL O 137 -32.88 -53.79 55.57
CA VAL O 137 -33.59 -52.66 56.14
C VAL O 137 -34.66 -53.11 57.12
N LEU O 138 -35.36 -54.20 56.82
CA LEU O 138 -36.53 -54.57 57.60
C LEU O 138 -36.23 -55.53 58.73
N ALA O 139 -34.98 -55.61 59.20
CA ALA O 139 -34.65 -56.65 60.16
C ALA O 139 -33.70 -56.20 61.26
N LYS O 140 -33.56 -54.90 61.52
CA LYS O 140 -32.47 -54.47 62.39
C LYS O 140 -32.87 -53.60 63.57
N ASP O 141 -33.82 -52.68 63.42
CA ASP O 141 -34.22 -51.77 64.50
C ASP O 141 -33.10 -50.82 64.89
N THR O 142 -32.52 -50.16 63.91
CA THR O 142 -31.52 -49.12 64.14
C THR O 142 -31.84 -47.93 63.25
N LYS O 143 -31.30 -46.79 63.60
CA LYS O 143 -31.53 -45.55 62.86
C LYS O 143 -30.26 -45.14 62.14
N MET O 144 -30.40 -44.73 60.88
CA MET O 144 -29.29 -44.30 60.05
C MET O 144 -29.61 -42.92 59.51
N ASN O 145 -28.57 -42.13 59.26
CA ASN O 145 -28.74 -40.69 59.06
C ASN O 145 -27.92 -40.15 57.90
N ILE O 146 -28.58 -39.38 57.05
CA ILE O 146 -27.94 -38.81 55.86
C ILE O 146 -27.21 -37.54 56.24
N GLN O 147 -26.40 -37.03 55.31
CA GLN O 147 -25.59 -35.83 55.55
C GLN O 147 -25.77 -34.87 54.40
N VAL O 148 -26.47 -33.76 54.65
CA VAL O 148 -26.74 -32.73 53.67
C VAL O 148 -26.22 -31.41 54.20
N GLY O 149 -25.37 -30.75 53.42
CA GLY O 149 -24.74 -29.53 53.88
C GLY O 149 -23.23 -29.60 53.79
N ALA O 150 -22.54 -28.50 54.02
CA ALA O 150 -21.11 -28.45 53.74
C ALA O 150 -20.24 -28.38 55.00
N ASN O 151 -20.82 -28.54 56.18
CA ASN O 151 -20.05 -28.52 57.41
C ASN O 151 -20.31 -29.80 58.17
N ASP O 152 -19.74 -29.90 59.36
CA ASP O 152 -19.87 -31.13 60.14
C ASP O 152 -21.12 -31.12 61.01
N GLY O 153 -21.71 -32.30 61.17
CA GLY O 153 -22.94 -32.40 61.95
C GLY O 153 -24.13 -31.81 61.26
N GLU O 154 -24.57 -32.41 60.14
CA GLU O 154 -25.67 -31.90 59.35
C GLU O 154 -26.70 -32.98 59.04
N ILE O 155 -27.03 -33.81 60.01
CA ILE O 155 -27.68 -35.07 59.71
C ILE O 155 -29.20 -34.93 59.74
N ILE O 156 -29.87 -35.89 59.11
CA ILE O 156 -31.30 -36.10 59.22
C ILE O 156 -31.51 -37.60 59.42
N ALA O 157 -32.32 -37.96 60.40
CA ALA O 157 -32.40 -39.35 60.85
C ALA O 157 -33.60 -40.06 60.24
N ILE O 158 -33.45 -41.38 60.05
CA ILE O 158 -34.52 -42.25 59.60
C ILE O 158 -34.63 -43.42 60.58
N ASP O 159 -35.84 -43.91 60.82
CA ASP O 159 -36.05 -44.79 61.96
C ASP O 159 -35.63 -46.23 61.67
N LEU O 160 -36.30 -46.89 60.72
CA LEU O 160 -35.98 -48.29 60.36
C LEU O 160 -36.14 -49.24 61.56
N LYS O 161 -37.38 -49.49 61.95
CA LYS O 161 -37.66 -50.56 62.90
C LYS O 161 -37.46 -51.93 62.24
N GLU O 162 -37.87 -52.97 62.95
CA GLU O 162 -37.63 -54.36 62.54
C GLU O 162 -38.90 -55.19 62.65
N ILE O 163 -39.24 -55.90 61.58
CA ILE O 163 -40.53 -56.56 61.46
C ILE O 163 -40.36 -58.02 61.06
N THR O 164 -40.81 -58.93 61.91
CA THR O 164 -41.03 -60.34 61.58
C THR O 164 -42.21 -60.83 62.39
N ALA O 165 -42.70 -62.02 62.05
CA ALA O 165 -43.93 -62.51 62.65
C ALA O 165 -43.80 -62.70 64.15
N LYS O 166 -42.57 -62.81 64.65
CA LYS O 166 -42.39 -62.86 66.10
C LYS O 166 -42.53 -61.47 66.71
N THR O 167 -42.09 -60.44 65.98
CA THR O 167 -42.21 -59.09 66.51
C THR O 167 -43.66 -58.65 66.64
N LEU O 168 -44.48 -58.94 65.63
CA LEU O 168 -45.88 -58.54 65.64
C LEU O 168 -46.67 -59.24 66.74
N GLY O 169 -46.15 -60.31 67.32
CA GLY O 169 -46.88 -61.06 68.31
C GLY O 169 -47.72 -62.19 67.78
N LEU O 170 -47.51 -62.59 66.53
CA LEU O 170 -48.36 -63.56 65.88
C LEU O 170 -47.78 -64.97 65.91
N ASP O 171 -46.68 -65.20 66.59
CA ASP O 171 -46.08 -66.52 66.62
C ASP O 171 -47.03 -67.53 67.26
N GLY O 172 -47.03 -68.74 66.72
CA GLY O 172 -47.88 -69.79 67.27
C GLY O 172 -49.35 -69.48 67.15
N PHE O 173 -49.75 -68.82 66.07
CA PHE O 173 -51.14 -68.46 65.83
C PHE O 173 -51.82 -69.61 65.11
N ASN O 174 -52.98 -70.02 65.59
CA ASN O 174 -53.59 -71.21 65.03
C ASN O 174 -55.10 -71.22 65.28
N VAL O 175 -55.77 -72.10 64.56
CA VAL O 175 -57.16 -72.45 64.80
C VAL O 175 -57.24 -73.97 64.87
N SER O 176 -58.23 -74.46 65.61
CA SER O 176 -58.61 -75.87 65.76
C SER O 176 -57.73 -76.62 66.75
N GLY O 177 -56.73 -76.00 67.34
CA GLY O 177 -56.00 -76.63 68.41
C GLY O 177 -55.17 -77.82 67.97
N PRO O 178 -55.01 -78.78 68.85
CA PRO O 178 -54.08 -79.89 68.59
C PRO O 178 -54.54 -80.76 67.43
N LYS O 179 -53.58 -81.37 66.75
CA LYS O 179 -53.89 -82.38 65.75
C LYS O 179 -53.75 -83.80 66.30
N GLY O 180 -52.65 -84.11 66.96
CA GLY O 180 -52.45 -85.42 67.54
C GLY O 180 -52.36 -85.32 69.06
N THR O 181 -52.14 -86.46 69.69
CA THR O 181 -51.96 -86.46 71.13
C THR O 181 -50.58 -85.92 71.50
N PRO O 182 -50.52 -84.86 72.29
CA PRO O 182 -49.23 -84.19 72.51
C PRO O 182 -48.26 -85.05 73.31
N ALA O 183 -46.97 -84.74 73.14
CA ALA O 183 -45.89 -85.41 73.86
C ALA O 183 -44.95 -84.36 74.44
N ALA O 184 -43.87 -84.83 75.06
CA ALA O 184 -42.96 -83.94 75.75
C ALA O 184 -42.09 -83.18 74.76
N LEU O 185 -41.23 -82.32 75.31
CA LEU O 185 -40.35 -81.46 74.50
C LEU O 185 -38.93 -81.99 74.51
N VAL O 186 -38.36 -82.19 73.32
CA VAL O 186 -36.96 -82.52 73.18
C VAL O 186 -36.14 -81.26 73.23
N ALA O 187 -34.82 -81.39 73.30
CA ALA O 187 -33.95 -80.22 73.40
C ALA O 187 -33.79 -79.51 72.07
N ALA O 188 -34.30 -80.08 70.98
CA ALA O 188 -34.20 -79.42 69.69
C ALA O 188 -35.09 -78.18 69.64
N ASP O 189 -36.28 -78.26 70.25
CA ASP O 189 -37.26 -77.19 70.10
C ASP O 189 -36.78 -75.89 70.71
N TYR O 190 -35.90 -75.97 71.70
CA TYR O 190 -35.41 -74.76 72.35
C TYR O 190 -34.54 -73.96 71.41
N GLN O 191 -33.71 -74.62 70.59
CA GLN O 191 -32.99 -73.87 69.57
C GLN O 191 -33.96 -73.20 68.60
N ALA O 192 -35.06 -73.87 68.28
CA ALA O 192 -36.04 -73.27 67.39
C ALA O 192 -36.67 -72.04 68.01
N ALA O 193 -36.96 -72.08 69.30
CA ALA O 193 -37.71 -71.00 69.92
C ALA O 193 -36.81 -69.83 70.27
N TYR O 194 -35.72 -70.08 70.98
CA TYR O 194 -34.91 -69.01 71.56
C TYR O 194 -33.54 -68.86 70.94
N GLY O 195 -33.26 -69.52 69.84
CA GLY O 195 -31.96 -69.38 69.22
C GLY O 195 -31.08 -70.59 69.46
N THR O 196 -30.07 -70.73 68.60
CA THR O 196 -29.29 -71.97 68.56
C THR O 196 -28.41 -72.13 69.79
N THR O 197 -28.02 -71.02 70.42
CA THR O 197 -27.12 -71.08 71.55
C THR O 197 -27.82 -70.84 72.88
N THR O 198 -29.10 -71.19 72.97
CA THR O 198 -29.85 -70.96 74.20
C THR O 198 -29.39 -71.89 75.30
N ASN O 199 -29.71 -71.52 76.54
CA ASN O 199 -29.40 -72.34 77.70
C ASN O 199 -30.64 -72.85 78.41
N VAL O 200 -31.83 -72.62 77.86
CA VAL O 200 -33.06 -73.05 78.52
C VAL O 200 -33.25 -74.54 78.32
N THR O 201 -33.63 -75.24 79.40
CA THR O 201 -33.75 -76.69 79.37
C THR O 201 -35.13 -77.22 79.77
N THR O 202 -35.77 -76.66 80.79
CA THR O 202 -37.07 -77.15 81.22
C THR O 202 -37.99 -75.98 81.51
N THR O 203 -39.28 -76.26 81.55
CA THR O 203 -40.30 -75.24 81.61
C THR O 203 -41.25 -75.49 82.77
N ALA O 204 -41.79 -74.42 83.33
CA ALA O 204 -42.72 -74.49 84.45
C ALA O 204 -43.74 -73.38 84.33
N VAL O 205 -45.02 -73.72 84.50
CA VAL O 205 -46.12 -72.79 84.25
C VAL O 205 -47.10 -72.84 85.42
N THR O 206 -47.48 -71.67 85.92
CA THR O 206 -48.51 -71.54 86.93
C THR O 206 -49.31 -70.27 86.67
N GLU O 207 -50.58 -70.30 87.06
CA GLU O 207 -51.45 -69.15 86.81
C GLU O 207 -51.08 -67.98 87.70
N SER O 208 -51.64 -66.81 87.39
CA SER O 208 -51.20 -65.58 88.04
C SER O 208 -51.74 -65.47 89.45
N SER O 209 -53.07 -65.36 89.60
CA SER O 209 -53.69 -65.16 90.90
C SER O 209 -54.15 -66.50 91.45
N ALA O 210 -54.57 -66.50 92.70
CA ALA O 210 -55.03 -67.73 93.33
C ALA O 210 -56.32 -68.22 92.68
N ASN O 211 -56.20 -69.32 91.94
CA ASN O 211 -57.33 -70.12 91.42
C ASN O 211 -58.54 -69.27 91.03
N ALA O 212 -58.30 -68.26 90.19
CA ALA O 212 -59.40 -67.42 89.74
C ALA O 212 -60.29 -68.15 88.75
N LEU O 213 -59.72 -69.10 88.01
CA LEU O 213 -60.51 -69.83 87.02
C LEU O 213 -61.65 -70.60 87.68
N ALA O 214 -61.36 -71.30 88.77
CA ALA O 214 -62.40 -72.05 89.45
C ALA O 214 -63.50 -71.14 89.96
N GLY O 215 -63.15 -69.91 90.32
CA GLY O 215 -64.18 -68.93 90.66
C GLY O 215 -65.01 -68.53 89.46
N ARG O 216 -64.37 -68.30 88.32
CA ARG O 216 -65.11 -67.85 87.14
C ARG O 216 -66.08 -68.91 86.67
N LEU O 217 -65.67 -70.17 86.67
CA LEU O 217 -66.61 -71.24 86.32
C LEU O 217 -67.62 -71.50 87.42
N GLY O 218 -67.45 -70.91 88.60
CA GLY O 218 -68.43 -71.06 89.66
C GLY O 218 -68.62 -72.48 90.13
N VAL O 219 -67.53 -73.15 90.51
CA VAL O 219 -67.60 -74.50 91.02
C VAL O 219 -66.78 -74.60 92.30
N ALA O 220 -66.68 -75.81 92.83
CA ALA O 220 -65.83 -76.06 93.99
C ALA O 220 -64.38 -75.74 93.64
N ASN O 221 -63.68 -75.19 94.63
CA ASN O 221 -62.34 -74.64 94.36
C ASN O 221 -61.38 -75.73 93.92
N GLY O 222 -61.60 -76.97 94.34
CA GLY O 222 -60.66 -78.04 94.02
C GLY O 222 -61.05 -78.90 92.83
N SER O 223 -62.00 -78.46 92.01
CA SER O 223 -62.46 -79.30 90.92
C SER O 223 -61.51 -79.28 89.73
N VAL O 224 -60.70 -78.23 89.60
CA VAL O 224 -59.83 -78.05 88.45
C VAL O 224 -58.39 -78.26 88.89
N ALA O 225 -57.55 -78.71 87.97
CA ALA O 225 -56.13 -78.94 88.22
C ALA O 225 -55.32 -78.47 87.02
N LEU O 226 -54.12 -77.96 87.30
CA LEU O 226 -53.23 -77.43 86.28
C LEU O 226 -51.97 -78.28 86.22
N ALA O 227 -51.63 -78.75 85.02
CA ALA O 227 -50.43 -79.55 84.86
C ALA O 227 -49.19 -78.69 84.99
N ALA O 228 -48.07 -79.33 85.34
CA ALA O 228 -46.86 -78.58 85.69
C ALA O 228 -46.17 -78.01 84.46
N THR O 229 -46.07 -78.79 83.39
CA THR O 229 -45.23 -78.43 82.25
C THR O 229 -46.01 -78.53 80.94
N ALA O 230 -45.48 -77.86 79.92
CA ALA O 230 -46.13 -77.81 78.63
C ALA O 230 -45.83 -79.07 77.81
N GLU O 231 -46.56 -79.22 76.71
CA GLU O 231 -46.30 -80.27 75.73
C GLU O 231 -46.47 -79.68 74.34
N LYS O 232 -46.17 -80.49 73.34
CA LYS O 232 -46.28 -80.07 71.95
C LYS O 232 -47.08 -81.10 71.16
N ASP O 233 -47.82 -80.60 70.18
CA ASP O 233 -48.51 -81.48 69.24
C ASP O 233 -47.55 -81.84 68.11
N ASP O 234 -48.07 -82.47 67.06
CA ASP O 234 -47.20 -82.90 65.97
C ASP O 234 -46.81 -81.75 65.07
N ASN O 235 -47.56 -80.65 65.11
CA ASN O 235 -47.27 -79.50 64.26
C ASN O 235 -46.28 -78.54 64.89
N GLY O 236 -45.90 -78.75 66.14
CA GLY O 236 -44.96 -77.86 66.80
C GLY O 236 -45.57 -76.71 67.57
N ASN O 237 -46.85 -76.76 67.90
CA ASN O 237 -47.50 -75.75 68.72
C ASN O 237 -47.59 -76.25 70.15
N TRP O 238 -47.26 -75.38 71.11
CA TRP O 238 -47.15 -75.80 72.50
C TRP O 238 -48.50 -75.70 73.21
N TYR O 239 -48.67 -76.52 74.24
CA TYR O 239 -49.98 -76.61 74.91
C TYR O 239 -49.79 -76.93 76.37
N ALA O 240 -50.81 -76.55 77.17
CA ALA O 240 -50.90 -76.88 78.58
C ALA O 240 -52.24 -77.51 78.85
N THR O 241 -52.30 -78.43 79.80
CA THR O 241 -53.50 -79.22 80.01
C THR O 241 -54.20 -78.79 81.29
N VAL O 242 -55.52 -78.91 81.29
CA VAL O 242 -56.36 -78.68 82.46
C VAL O 242 -57.35 -79.82 82.55
N THR O 243 -57.49 -80.39 83.74
CA THR O 243 -58.42 -81.48 83.96
C THR O 243 -59.53 -81.00 84.90
N ILE O 244 -60.77 -81.40 84.59
CA ILE O 244 -61.93 -81.03 85.38
C ILE O 244 -62.63 -82.29 85.82
N THR O 245 -63.09 -82.32 87.07
CA THR O 245 -63.81 -83.47 87.61
C THR O 245 -65.11 -83.00 88.23
N ALA O 246 -66.21 -83.66 87.83
CA ALA O 246 -67.51 -83.29 88.36
C ALA O 246 -67.67 -83.83 89.78
N GLY O 247 -68.06 -82.96 90.70
CA GLY O 247 -68.24 -83.39 92.08
C GLY O 247 -69.67 -83.75 92.39
N SER O 248 -70.62 -83.03 91.83
CA SER O 248 -72.02 -83.22 92.19
C SER O 248 -72.87 -83.11 90.94
N ALA O 249 -74.09 -83.66 91.03
CA ALA O 249 -75.02 -83.54 89.91
C ALA O 249 -75.40 -82.10 89.65
N THR O 250 -75.29 -81.24 90.67
CA THR O 250 -75.67 -79.85 90.49
C THR O 250 -74.74 -79.14 89.53
N GLU O 251 -73.44 -79.24 89.74
CA GLU O 251 -72.49 -78.47 88.95
C GLU O 251 -72.27 -79.02 87.56
N VAL O 252 -72.71 -80.25 87.29
CA VAL O 252 -72.65 -80.74 85.91
C VAL O 252 -73.49 -79.87 85.01
N SER O 253 -74.71 -79.54 85.44
CA SER O 253 -75.55 -78.66 84.65
C SER O 253 -74.96 -77.26 84.58
N THR O 254 -74.26 -76.84 85.62
CA THR O 254 -73.59 -75.54 85.55
C THR O 254 -72.53 -75.52 84.46
N LEU O 255 -71.73 -76.58 84.40
CA LEU O 255 -70.70 -76.66 83.38
C LEU O 255 -71.31 -76.79 81.98
N LYS O 256 -72.43 -77.49 81.87
CA LYS O 256 -73.13 -77.53 80.58
C LYS O 256 -73.62 -76.15 80.19
N ALA O 257 -74.15 -75.39 81.15
CA ALA O 257 -74.59 -74.04 80.85
C ALA O 257 -73.44 -73.18 80.38
N LYS O 258 -72.27 -73.33 81.00
CA LYS O 258 -71.10 -72.59 80.54
C LYS O 258 -70.57 -73.17 79.22
N GLY O 259 -70.77 -74.45 79.00
CA GLY O 259 -70.40 -75.07 77.73
C GLY O 259 -69.32 -76.13 77.79
N PHE O 260 -69.23 -76.95 78.85
CA PHE O 260 -68.07 -77.83 78.94
C PHE O 260 -68.42 -79.31 78.80
N GLU O 261 -69.66 -79.69 79.06
CA GLU O 261 -70.17 -81.01 78.67
C GLU O 261 -69.35 -82.15 79.27
N VAL O 262 -69.39 -82.27 80.59
CA VAL O 262 -68.62 -83.29 81.27
C VAL O 262 -69.55 -84.23 82.01
N GLU O 263 -69.13 -85.48 82.13
CA GLU O 263 -69.91 -86.51 82.79
C GLU O 263 -69.85 -86.33 84.31
N ASN O 264 -70.37 -87.32 85.03
CA ASN O 264 -70.36 -87.33 86.48
C ASN O 264 -69.30 -88.30 86.97
N GLY O 265 -68.45 -87.85 87.88
CA GLY O 265 -67.43 -88.71 88.46
C GLY O 265 -66.36 -89.16 87.49
N VAL O 266 -66.23 -88.50 86.34
CA VAL O 266 -65.26 -88.88 85.33
C VAL O 266 -64.34 -87.70 85.09
N ALA O 267 -63.05 -87.98 84.94
CA ALA O 267 -62.09 -86.93 84.62
C ALA O 267 -62.06 -86.68 83.13
N LYS O 268 -61.79 -85.43 82.77
CA LYS O 268 -61.62 -85.06 81.37
C LYS O 268 -60.69 -83.86 81.32
N GLU O 269 -60.07 -83.65 80.16
CA GLU O 269 -58.99 -82.70 80.03
C GLU O 269 -59.20 -81.79 78.83
N PHE O 270 -58.68 -80.57 78.93
CA PHE O 270 -58.73 -79.58 77.86
C PHE O 270 -57.37 -78.93 77.73
N TYR O 271 -57.24 -78.03 76.76
CA TYR O 271 -55.94 -77.44 76.44
C TYR O 271 -56.04 -75.94 76.26
N ILE O 272 -54.90 -75.27 76.42
CA ILE O 272 -54.78 -73.83 76.28
C ILE O 272 -53.56 -73.54 75.42
N ALA O 273 -53.74 -72.71 74.39
CA ALA O 273 -52.61 -72.36 73.53
C ALA O 273 -51.65 -71.44 74.27
N LEU O 274 -50.39 -71.44 73.82
CA LEU O 274 -49.33 -70.71 74.48
C LEU O 274 -48.54 -69.92 73.45
N ASP O 275 -47.97 -68.80 73.90
CA ASP O 275 -47.13 -67.97 73.04
C ASP O 275 -45.69 -68.01 73.55
N PRO O 276 -44.79 -68.68 72.84
CA PRO O 276 -43.43 -68.85 73.36
C PRO O 276 -42.69 -67.55 73.62
N GLN O 277 -42.97 -66.50 72.85
CA GLN O 277 -42.20 -65.27 73.02
C GLN O 277 -42.70 -64.45 74.19
N SER O 278 -43.80 -64.88 74.82
CA SER O 278 -44.38 -64.08 75.89
C SER O 278 -43.74 -64.40 77.24
N ALA O 279 -43.40 -65.66 77.47
CA ALA O 279 -42.93 -66.06 78.79
C ALA O 279 -41.59 -65.42 79.11
N ASP O 280 -41.40 -65.04 80.37
CA ASP O 280 -40.18 -64.40 80.81
C ASP O 280 -39.13 -65.47 81.12
N VAL O 281 -37.86 -65.11 80.98
CA VAL O 281 -36.77 -66.05 81.11
C VAL O 281 -35.62 -65.49 81.95
N THR O 282 -35.63 -64.19 82.24
CA THR O 282 -34.47 -63.58 82.88
C THR O 282 -34.52 -63.71 84.40
N THR O 283 -35.68 -64.04 84.96
CA THR O 283 -35.80 -64.09 86.41
C THR O 283 -35.04 -65.27 87.00
N THR O 284 -35.05 -66.41 86.31
CA THR O 284 -34.40 -67.62 86.79
C THR O 284 -33.84 -68.36 85.58
N ALA O 285 -32.52 -68.30 85.42
CA ALA O 285 -31.90 -68.87 84.23
C ALA O 285 -32.14 -70.37 84.15
N GLY O 286 -32.37 -70.85 82.93
CA GLY O 286 -32.59 -72.26 82.70
C GLY O 286 -34.02 -72.73 82.82
N THR O 287 -34.98 -71.82 83.02
CA THR O 287 -36.39 -72.19 83.11
C THR O 287 -37.23 -71.14 82.41
N ALA O 288 -38.19 -71.60 81.61
CA ALA O 288 -39.14 -70.71 80.94
C ALA O 288 -40.39 -70.64 81.80
N ALA O 289 -40.66 -69.46 82.36
CA ALA O 289 -41.77 -69.27 83.28
C ALA O 289 -42.94 -68.64 82.54
N PHE O 290 -44.01 -69.41 82.35
CA PHE O 290 -45.23 -68.91 81.75
C PHE O 290 -46.19 -68.53 82.85
N ALA O 291 -46.58 -67.25 82.88
CA ALA O 291 -47.51 -66.74 83.88
C ALA O 291 -48.88 -66.60 83.21
N LEU O 292 -49.66 -67.67 83.22
CA LEU O 292 -50.96 -67.65 82.60
C LEU O 292 -51.88 -66.64 83.27
N ASP O 293 -52.62 -65.89 82.46
CA ASP O 293 -53.62 -64.95 82.94
C ASP O 293 -54.98 -65.58 82.70
N THR O 294 -55.63 -66.04 83.77
CA THR O 294 -56.95 -66.63 83.66
C THR O 294 -58.07 -65.64 83.94
N ALA O 295 -57.73 -64.39 84.24
CA ALA O 295 -58.76 -63.43 84.61
C ALA O 295 -59.75 -63.21 83.47
N ASN O 296 -59.23 -63.00 82.26
CA ASN O 296 -60.09 -62.69 81.11
C ASN O 296 -59.57 -63.45 79.89
N ILE O 297 -60.08 -64.66 79.71
CA ILE O 297 -59.78 -65.50 78.56
C ILE O 297 -61.10 -65.94 77.94
N GLN O 298 -61.20 -65.81 76.63
CA GLN O 298 -62.42 -66.23 75.95
C GLN O 298 -62.72 -67.69 76.25
N LEU O 299 -63.78 -67.93 77.01
CA LEU O 299 -64.07 -69.28 77.47
C LEU O 299 -64.30 -70.24 76.31
N SER O 300 -64.89 -69.76 75.22
CA SER O 300 -65.13 -70.63 74.09
C SER O 300 -63.84 -71.11 73.46
N SER O 301 -62.72 -70.45 73.77
CA SER O 301 -61.44 -70.91 73.25
C SER O 301 -60.93 -72.11 74.02
N ILE O 302 -61.24 -72.19 75.32
CA ILE O 302 -60.75 -73.30 76.11
C ILE O 302 -61.30 -74.62 75.60
N THR O 303 -62.59 -74.66 75.28
CA THR O 303 -63.16 -75.88 74.73
C THR O 303 -62.68 -76.12 73.31
N SER O 304 -62.00 -75.14 72.72
CA SER O 304 -61.49 -75.26 71.36
C SER O 304 -59.98 -75.22 71.29
N GLY O 305 -59.32 -74.53 72.20
CA GLY O 305 -57.87 -74.47 72.22
C GLY O 305 -57.25 -73.73 71.05
N ALA O 306 -57.78 -72.56 70.72
CA ALA O 306 -57.24 -71.79 69.61
C ALA O 306 -57.12 -70.30 69.98
N SER O 307 -55.99 -69.94 70.57
CA SER O 307 -55.47 -68.58 70.52
C SER O 307 -56.51 -67.51 70.80
N SER O 308 -57.01 -67.44 72.03
CA SER O 308 -58.19 -66.64 72.36
C SER O 308 -58.13 -65.23 71.79
N ASN O 309 -59.29 -64.75 71.34
CA ASN O 309 -59.55 -63.40 70.86
C ASN O 309 -58.64 -63.02 69.71
N PRO O 310 -58.73 -63.70 68.57
CA PRO O 310 -57.77 -63.41 67.49
C PRO O 310 -58.07 -62.13 66.74
N LEU O 311 -59.36 -61.84 66.52
CA LEU O 311 -59.74 -60.67 65.75
C LEU O 311 -59.27 -59.39 66.42
N ALA O 312 -59.13 -59.41 67.73
CA ALA O 312 -58.50 -58.29 68.41
C ALA O 312 -56.99 -58.32 68.25
N LYS O 313 -56.43 -59.52 68.08
CA LYS O 313 -54.97 -59.64 68.04
C LYS O 313 -54.41 -59.16 66.71
N LEU O 314 -55.22 -59.21 65.65
CA LEU O 314 -54.72 -58.79 64.33
C LEU O 314 -54.63 -57.27 64.20
N ASP O 315 -55.56 -56.56 64.83
CA ASP O 315 -55.62 -55.12 64.62
C ASP O 315 -54.38 -54.43 65.18
N ALA O 316 -53.82 -54.97 66.25
CA ALA O 316 -52.59 -54.38 66.79
C ALA O 316 -51.47 -54.44 65.76
N ALA O 317 -51.32 -55.57 65.09
CA ALA O 317 -50.30 -55.70 64.06
C ALA O 317 -50.57 -54.73 62.91
N LEU O 318 -51.83 -54.63 62.49
CA LEU O 318 -52.15 -53.72 61.40
C LEU O 318 -51.79 -52.27 61.75
N ALA O 319 -52.13 -51.84 62.96
CA ALA O 319 -51.79 -50.49 63.39
C ALA O 319 -50.27 -50.30 63.45
N ASP O 320 -49.54 -51.32 63.89
CA ASP O 320 -48.09 -51.23 63.93
C ASP O 320 -47.53 -50.97 62.54
N VAL O 321 -48.10 -51.61 61.53
CA VAL O 321 -47.63 -51.35 60.17
C VAL O 321 -47.96 -49.92 59.74
N ASP O 322 -49.17 -49.45 60.04
CA ASP O 322 -49.54 -48.10 59.62
C ASP O 322 -48.60 -47.06 60.21
N THR O 323 -48.23 -47.23 61.48
CA THR O 323 -47.36 -46.25 62.12
C THR O 323 -46.07 -46.03 61.33
N LEU O 324 -45.37 -47.11 61.03
CA LEU O 324 -44.12 -46.98 60.30
C LEU O 324 -44.35 -46.40 58.91
N ARG O 325 -45.42 -46.81 58.23
CA ARG O 325 -45.60 -46.31 56.87
C ARG O 325 -45.79 -44.79 56.88
N SER O 326 -46.60 -44.30 57.81
CA SER O 326 -46.78 -42.86 57.93
C SER O 326 -45.47 -42.16 58.27
N SER O 327 -44.68 -42.76 59.16
CA SER O 327 -43.42 -42.12 59.54
C SER O 327 -42.51 -41.93 58.33
N LEU O 328 -42.38 -42.96 57.50
CA LEU O 328 -41.55 -42.83 56.32
C LEU O 328 -42.06 -41.77 55.37
N GLY O 329 -43.38 -41.69 55.19
CA GLY O 329 -43.92 -40.62 54.34
C GLY O 329 -43.59 -39.24 54.87
N ALA O 330 -43.72 -39.07 56.19
CA ALA O 330 -43.36 -37.80 56.81
C ALA O 330 -41.93 -37.42 56.48
N VAL O 331 -41.00 -38.36 56.61
CA VAL O 331 -39.61 -38.07 56.32
C VAL O 331 -39.43 -37.69 54.86
N GLN O 332 -40.17 -38.34 53.97
CA GLN O 332 -40.02 -38.06 52.55
C GLN O 332 -40.39 -36.62 52.22
N ASN O 333 -41.46 -36.12 52.83
CA ASN O 333 -41.85 -34.74 52.54
C ASN O 333 -40.72 -33.75 52.88
N ARG O 334 -40.11 -33.94 54.05
CA ARG O 334 -39.02 -33.06 54.49
C ARG O 334 -37.82 -33.14 53.56
N PHE O 335 -37.43 -34.34 53.17
CA PHE O 335 -36.36 -34.47 52.18
C PHE O 335 -36.72 -33.73 50.92
N ASP O 336 -38.00 -33.71 50.55
CA ASP O 336 -38.39 -33.04 49.32
C ASP O 336 -38.23 -31.54 49.42
N SER O 337 -38.58 -30.96 50.57
CA SER O 337 -38.39 -29.52 50.75
C SER O 337 -36.93 -29.13 50.65
N VAL O 338 -36.05 -29.95 51.23
CA VAL O 338 -34.64 -29.59 51.32
C VAL O 338 -34.08 -29.30 49.94
N ILE O 339 -34.42 -30.12 48.95
CA ILE O 339 -33.78 -30.02 47.64
C ILE O 339 -34.19 -28.73 46.94
N SER O 340 -35.46 -28.35 47.05
CA SER O 340 -35.91 -27.12 46.44
C SER O 340 -35.16 -25.92 47.01
N ASN O 341 -34.99 -25.88 48.34
CA ASN O 341 -34.22 -24.78 48.91
C ASN O 341 -32.77 -24.77 48.42
N LEU O 342 -32.15 -25.95 48.47
CA LEU O 342 -30.75 -26.07 48.16
C LEU O 342 -30.48 -25.72 46.70
N GLY O 343 -31.50 -25.84 45.86
CA GLY O 343 -31.32 -25.49 44.46
C GLY O 343 -31.05 -24.01 44.25
N THR O 344 -31.83 -23.15 44.88
CA THR O 344 -31.69 -21.72 44.66
C THR O 344 -30.47 -21.17 45.38
N THR O 345 -30.14 -21.75 46.54
CA THR O 345 -28.96 -21.25 47.25
C THR O 345 -27.72 -21.21 46.37
N VAL O 346 -27.50 -22.28 45.60
CA VAL O 346 -26.31 -22.37 44.77
C VAL O 346 -26.34 -21.31 43.68
N THR O 347 -27.52 -21.05 43.10
CA THR O 347 -27.62 -20.04 42.05
C THR O 347 -27.21 -18.68 42.58
N ASN O 348 -27.72 -18.32 43.74
CA ASN O 348 -27.38 -17.01 44.29
C ASN O 348 -25.89 -16.91 44.59
N LEU O 349 -25.32 -17.97 45.17
CA LEU O 349 -23.89 -17.96 45.44
C LEU O 349 -23.08 -17.83 44.15
N SER O 350 -23.52 -18.51 43.10
CA SER O 350 -22.81 -18.49 41.84
C SER O 350 -22.77 -17.09 41.25
N ALA O 351 -23.92 -16.41 41.24
CA ALA O 351 -23.96 -15.05 40.72
C ALA O 351 -23.10 -14.12 41.57
N SER O 352 -23.18 -14.26 42.90
CA SER O 352 -22.43 -13.38 43.78
C SER O 352 -20.93 -13.52 43.58
N ARG O 353 -20.43 -14.76 43.45
CA ARG O 353 -19.02 -14.90 43.13
C ARG O 353 -18.72 -14.34 41.75
N SER O 354 -19.64 -14.56 40.80
CA SER O 354 -19.43 -14.12 39.43
C SER O 354 -19.12 -12.64 39.36
N ARG O 355 -19.81 -11.84 40.16
CA ARG O 355 -19.60 -10.40 40.11
C ARG O 355 -18.13 -10.04 40.40
N ILE O 356 -17.48 -10.80 41.27
CA ILE O 356 -16.21 -10.36 41.86
C ILE O 356 -15.07 -10.42 40.82
N GLN O 357 -15.05 -11.46 40.00
CA GLN O 357 -13.83 -11.85 39.31
C GLN O 357 -13.89 -11.81 37.79
N ASP O 358 -15.02 -11.47 37.20
CA ASP O 358 -15.19 -11.64 35.76
C ASP O 358 -14.78 -10.39 34.98
N ALA O 359 -14.24 -10.61 33.77
CA ALA O 359 -13.76 -9.52 32.94
C ALA O 359 -14.92 -8.79 32.27
N ASP O 360 -14.61 -7.93 31.30
CA ASP O 360 -15.62 -7.01 30.81
C ASP O 360 -15.84 -7.08 29.31
N TYR O 361 -14.77 -6.97 28.51
CA TYR O 361 -14.88 -6.82 27.05
C TYR O 361 -15.58 -5.54 26.59
N ALA O 362 -16.03 -4.72 27.53
CA ALA O 362 -16.39 -3.36 27.20
C ALA O 362 -15.26 -2.40 27.54
N THR O 363 -14.67 -2.57 28.72
CA THR O 363 -13.49 -1.79 29.11
C THR O 363 -12.24 -2.28 28.41
N GLU O 364 -12.05 -3.59 28.37
CA GLU O 364 -10.77 -4.15 27.98
C GLU O 364 -10.44 -3.84 26.53
N VAL O 365 -11.45 -3.91 25.66
CA VAL O 365 -11.22 -3.63 24.25
C VAL O 365 -10.75 -2.19 24.06
N SER O 366 -11.40 -1.25 24.75
CA SER O 366 -11.00 0.14 24.66
C SER O 366 -9.59 0.35 25.18
N ASN O 367 -9.25 -0.28 26.31
CA ASN O 367 -7.91 -0.11 26.85
C ASN O 367 -6.87 -0.64 25.89
N MET O 368 -7.13 -1.79 25.28
CA MET O 368 -6.22 -2.33 24.29
C MET O 368 -6.08 -1.38 23.11
N THR O 369 -7.19 -0.81 22.66
CA THR O 369 -7.14 0.13 21.54
C THR O 369 -6.28 1.34 21.87
N ARG O 370 -6.50 1.94 23.04
CA ARG O 370 -5.73 3.13 23.41
C ARG O 370 -4.25 2.81 23.51
N ALA O 371 -3.91 1.70 24.17
CA ALA O 371 -2.51 1.37 24.32
C ALA O 371 -1.86 1.13 22.97
N GLN O 372 -2.59 0.52 22.05
CA GLN O 372 -2.03 0.25 20.73
C GLN O 372 -1.63 1.54 20.01
N ILE O 373 -2.56 2.49 19.92
CA ILE O 373 -2.28 3.74 19.21
C ILE O 373 -1.24 4.55 19.94
N LEU O 374 -1.25 4.54 21.28
CA LEU O 374 -0.27 5.31 22.02
C LEU O 374 1.14 4.79 21.81
N GLN O 375 1.31 3.47 21.92
CA GLN O 375 2.64 2.91 21.68
C GLN O 375 3.03 3.08 20.23
N GLN O 376 2.05 3.12 19.32
CA GLN O 376 2.37 3.35 17.92
C GLN O 376 2.84 4.78 17.68
N ALA O 377 2.27 5.73 18.42
CA ALA O 377 2.71 7.11 18.29
C ALA O 377 4.10 7.30 18.85
N GLY O 378 4.39 6.67 19.99
CA GLY O 378 5.70 6.85 20.61
C GLY O 378 6.85 6.48 19.69
N THR O 379 6.65 5.42 18.89
CA THR O 379 7.72 4.97 18.02
C THR O 379 8.12 6.03 17.01
N SER O 380 7.13 6.71 16.41
CA SER O 380 7.46 7.70 15.38
C SER O 380 8.17 8.90 15.98
N VAL O 381 7.74 9.33 17.17
CA VAL O 381 8.41 10.43 17.84
C VAL O 381 9.84 10.07 18.18
N LEU O 382 10.05 8.84 18.67
CA LEU O 382 11.40 8.39 18.95
C LEU O 382 12.23 8.36 17.68
N ALA O 383 11.64 7.91 16.59
CA ALA O 383 12.31 7.99 15.30
C ALA O 383 12.73 9.42 15.01
N GLN O 384 11.86 10.38 15.33
CA GLN O 384 12.16 11.78 15.04
C GLN O 384 13.29 12.31 15.90
N ALA O 385 13.34 11.89 17.17
CA ALA O 385 14.23 12.53 18.13
C ALA O 385 15.71 12.24 17.83
N ASN O 386 15.99 11.27 16.97
CA ASN O 386 17.38 10.91 16.75
C ASN O 386 18.03 11.77 15.68
N GLN O 387 17.22 12.43 14.85
CA GLN O 387 17.81 13.15 13.73
C GLN O 387 18.29 14.53 14.12
N THR O 388 18.10 14.92 15.38
CA THR O 388 18.54 16.23 15.82
C THR O 388 20.04 16.41 15.71
N THR O 389 20.81 15.37 16.00
CA THR O 389 22.26 15.52 16.06
C THR O 389 22.84 15.90 14.71
N GLN O 390 22.32 15.33 13.63
CA GLN O 390 23.02 15.33 12.34
C GLN O 390 23.36 16.74 11.86
N ASN O 391 22.60 17.75 12.29
CA ASN O 391 22.86 19.12 11.82
C ASN O 391 24.27 19.56 12.16
N VAL O 392 24.78 19.10 13.30
CA VAL O 392 25.98 19.71 13.87
C VAL O 392 27.16 19.59 12.92
N LEU O 393 27.25 18.48 12.18
CA LEU O 393 28.43 18.25 11.37
C LEU O 393 28.53 19.26 10.23
N SER O 394 27.41 19.87 9.84
CA SER O 394 27.44 20.80 8.71
C SER O 394 28.39 21.96 8.97
N LEU O 395 28.68 22.25 10.23
CA LEU O 395 29.62 23.31 10.56
C LEU O 395 31.02 22.97 10.06
N LEU O 396 31.30 21.69 9.91
CA LEU O 396 32.56 21.24 9.34
C LEU O 396 32.37 20.93 7.87
N ALA P 2 69.93 54.65 14.09
CA ALA P 2 70.50 53.51 14.79
C ALA P 2 70.09 52.20 14.14
N GLN P 3 70.78 51.81 13.08
CA GLN P 3 70.56 50.52 12.43
C GLN P 3 71.64 49.56 12.89
N VAL P 4 71.24 48.52 13.60
CA VAL P 4 72.15 47.54 14.14
C VAL P 4 71.98 46.26 13.34
N ILE P 5 73.09 45.72 12.84
CA ILE P 5 73.01 44.51 12.05
C ILE P 5 73.20 43.28 12.91
N ASN P 6 73.83 43.44 14.07
CA ASN P 6 74.31 42.27 14.79
C ASN P 6 73.18 41.60 15.57
N THR P 7 72.02 42.25 15.66
CA THR P 7 70.87 41.69 16.36
C THR P 7 69.58 42.36 15.92
N ASN P 8 68.58 41.55 15.58
CA ASN P 8 67.25 42.04 15.27
C ASN P 8 66.34 41.71 16.44
N SER P 9 65.44 42.63 16.78
CA SER P 9 64.61 42.45 17.97
C SER P 9 63.12 42.36 17.65
N LEU P 10 62.69 42.78 16.46
CA LEU P 10 61.29 42.57 16.09
C LEU P 10 61.02 41.09 15.85
N SER P 11 62.00 40.37 15.31
CA SER P 11 61.80 38.96 15.05
C SER P 11 61.47 38.19 16.33
N LEU P 12 62.15 38.53 17.43
CA LEU P 12 61.89 37.83 18.69
C LEU P 12 60.51 38.15 19.23
N MET P 13 60.15 39.42 19.22
CA MET P 13 58.82 39.82 19.66
C MET P 13 57.76 39.07 18.88
N THR P 14 57.95 38.93 17.57
CA THR P 14 56.96 38.21 16.79
C THR P 14 56.97 36.72 17.09
N GLN P 15 58.16 36.14 17.26
CA GLN P 15 58.25 34.72 17.57
C GLN P 15 57.43 34.36 18.80
N ASN P 16 57.45 35.21 19.82
CA ASN P 16 56.68 34.89 21.01
C ASN P 16 55.19 34.77 20.71
N ASN P 17 54.67 35.66 19.86
CA ASN P 17 53.24 35.67 19.63
C ASN P 17 52.78 34.41 18.87
N LEU P 18 53.62 33.92 17.98
CA LEU P 18 53.31 32.67 17.29
C LEU P 18 53.13 31.54 18.28
N ASN P 19 54.07 31.41 19.23
CA ASN P 19 53.93 30.42 20.28
C ASN P 19 52.66 30.61 21.07
N THR P 20 52.28 31.86 21.32
CA THR P 20 51.05 32.09 22.08
C THR P 20 49.84 31.52 21.36
N SER P 21 49.72 31.76 20.06
CA SER P 21 48.57 31.25 19.31
C SER P 21 48.59 29.74 19.11
N GLN P 22 49.79 29.19 18.96
CA GLN P 22 49.97 27.79 18.58
C GLN P 22 49.44 26.83 19.64
N SER P 23 49.14 27.31 20.84
CA SER P 23 48.59 26.46 21.89
C SER P 23 47.06 26.49 21.92
N ALA P 24 46.46 27.65 21.67
CA ALA P 24 45.01 27.70 21.54
C ALA P 24 44.56 26.84 20.38
N LEU P 25 45.33 26.84 19.29
CA LEU P 25 44.97 25.95 18.19
C LEU P 25 44.95 24.50 18.66
N ASN P 26 45.97 24.08 19.41
CA ASN P 26 46.06 22.70 19.87
C ASN P 26 44.88 22.32 20.75
N THR P 27 44.53 23.18 21.70
CA THR P 27 43.43 22.83 22.60
C THR P 27 42.12 22.69 21.84
N ALA P 28 41.87 23.59 20.89
CA ALA P 28 40.64 23.47 20.12
C ALA P 28 40.63 22.18 19.30
N ILE P 29 41.76 21.85 18.67
CA ILE P 29 41.83 20.64 17.84
C ILE P 29 41.51 19.42 18.68
N GLN P 30 42.12 19.33 19.85
CA GLN P 30 41.90 18.17 20.72
C GLN P 30 40.44 18.07 21.14
N ARG P 31 39.83 19.19 21.53
CA ARG P 31 38.46 19.12 22.02
C ARG P 31 37.49 18.73 20.90
N LEU P 32 37.79 19.12 19.66
CA LEU P 32 36.93 18.67 18.56
C LEU P 32 37.14 17.19 18.23
N SER P 33 38.38 16.71 18.30
CA SER P 33 38.62 15.33 17.94
C SER P 33 38.02 14.36 18.96
N SER P 34 38.15 14.67 20.25
CA SER P 34 37.74 13.68 21.26
C SER P 34 36.25 13.70 21.51
N GLY P 35 35.70 14.87 21.83
CA GLY P 35 34.29 14.98 22.16
C GLY P 35 33.98 15.47 23.56
N LEU P 36 34.99 15.71 24.39
CA LEU P 36 34.77 16.21 25.74
C LEU P 36 35.69 17.39 25.99
N ARG P 37 35.28 18.26 26.91
CA ARG P 37 36.09 19.43 27.22
C ARG P 37 37.04 19.20 28.38
N ILE P 38 36.77 18.22 29.22
CA ILE P 38 37.65 17.94 30.36
C ILE P 38 38.43 16.66 30.10
N ASN P 39 39.58 16.80 29.47
CA ASN P 39 40.36 15.64 29.05
C ASN P 39 41.48 15.30 30.01
N SER P 40 41.70 16.11 31.04
CA SER P 40 42.81 15.89 31.97
C SER P 40 42.51 16.65 33.25
N ALA P 41 43.22 16.28 34.32
CA ALA P 41 43.14 17.06 35.54
C ALA P 41 43.78 18.43 35.36
N LYS P 42 44.54 18.59 34.28
CA LYS P 42 45.11 19.89 33.94
C LYS P 42 44.00 20.93 33.71
N ASP P 43 42.78 20.46 33.45
CA ASP P 43 41.79 21.33 32.87
C ASP P 43 40.78 21.81 33.91
N ASP P 44 40.36 20.93 34.81
CA ASP P 44 39.46 21.30 35.90
C ASP P 44 39.61 20.29 37.02
N ALA P 45 40.21 20.71 38.13
CA ALA P 45 40.62 19.77 39.16
C ALA P 45 39.44 19.08 39.81
N ALA P 46 38.37 19.81 40.12
CA ALA P 46 37.25 19.22 40.85
C ALA P 46 36.20 18.63 39.92
N GLY P 47 36.10 19.16 38.71
CA GLY P 47 35.14 18.64 37.76
C GLY P 47 35.41 17.19 37.41
N GLN P 48 36.67 16.82 37.26
CA GLN P 48 37.00 15.45 36.97
C GLN P 48 36.54 14.54 38.09
N ALA P 49 36.78 14.95 39.33
CA ALA P 49 36.36 14.15 40.47
C ALA P 49 34.85 13.97 40.48
N ILE P 50 34.11 15.06 40.25
CA ILE P 50 32.66 14.95 40.36
C ILE P 50 32.09 14.08 39.24
N ALA P 51 32.62 14.23 38.03
CA ALA P 51 32.21 13.37 36.94
C ALA P 51 32.50 11.91 37.26
N ASN P 52 33.67 11.64 37.84
CA ASN P 52 34.03 10.28 38.19
C ASN P 52 33.06 9.70 39.19
N ARG P 53 32.64 10.49 40.18
CA ARG P 53 31.74 9.95 41.18
C ARG P 53 30.36 9.70 40.58
N PHE P 54 29.90 10.59 39.70
CA PHE P 54 28.65 10.33 39.00
C PHE P 54 28.69 9.00 38.26
N THR P 55 29.74 8.79 37.47
CA THR P 55 29.79 7.59 36.65
C THR P 55 29.90 6.35 37.50
N ALA P 56 30.58 6.45 38.65
CA ALA P 56 30.58 5.32 39.57
C ALA P 56 29.18 5.04 40.10
N ASN P 57 28.39 6.08 40.30
CA ASN P 57 27.09 5.87 40.92
C ASN P 57 26.11 5.19 39.98
N ILE P 58 26.18 5.50 38.68
CA ILE P 58 25.17 5.01 37.72
C ILE P 58 25.08 3.48 37.61
N LYS P 59 26.24 2.84 37.47
CA LYS P 59 26.33 1.43 37.12
C LYS P 59 25.69 0.53 38.17
N GLY P 60 25.90 0.88 39.44
CA GLY P 60 25.26 0.13 40.50
C GLY P 60 23.75 0.09 40.35
N LEU P 61 23.14 1.24 40.05
CA LEU P 61 21.70 1.28 39.92
C LEU P 61 21.24 0.39 38.78
N THR P 62 21.99 0.38 37.68
CA THR P 62 21.64 -0.52 36.58
C THR P 62 21.64 -1.99 37.04
N GLN P 63 22.69 -2.40 37.72
CA GLN P 63 22.74 -3.77 38.20
C GLN P 63 21.60 -4.08 39.16
N ALA P 64 21.19 -3.09 39.95
CA ALA P 64 20.06 -3.29 40.85
C ALA P 64 18.79 -3.56 40.07
N GLN P 65 18.60 -2.86 38.96
CA GLN P 65 17.46 -3.17 38.09
C GLN P 65 17.45 -4.65 37.73
N ARG P 66 18.60 -5.15 37.28
CA ARG P 66 18.64 -6.57 36.92
C ARG P 66 18.22 -7.48 38.07
N ASN P 67 18.77 -7.23 39.26
CA ASN P 67 18.46 -8.11 40.37
C ASN P 67 16.99 -8.07 40.72
N ALA P 68 16.36 -6.90 40.62
CA ALA P 68 14.93 -6.81 40.90
C ALA P 68 14.13 -7.69 39.95
N ASN P 69 14.50 -7.67 38.67
CA ASN P 69 13.82 -8.56 37.73
C ASN P 69 13.93 -10.02 38.16
N ASP P 70 15.12 -10.42 38.62
CA ASP P 70 15.29 -11.80 39.07
C ASP P 70 14.32 -12.14 40.20
N GLY P 71 14.19 -11.22 41.16
CA GLY P 71 13.26 -11.47 42.25
C GLY P 71 11.83 -11.68 41.78
N ILE P 72 11.40 -10.86 40.82
CA ILE P 72 10.05 -11.03 40.27
C ILE P 72 9.88 -12.44 39.71
N SER P 73 10.87 -12.90 38.95
CA SER P 73 10.78 -14.23 38.34
C SER P 73 10.58 -15.31 39.40
N LEU P 74 11.38 -15.25 40.45
CA LEU P 74 11.28 -16.25 41.52
C LEU P 74 9.88 -16.29 42.12
N ALA P 75 9.33 -15.09 42.39
CA ALA P 75 7.98 -15.05 42.98
C ALA P 75 6.96 -15.71 42.07
N GLN P 76 7.03 -15.45 40.77
CA GLN P 76 6.06 -16.04 39.85
C GLN P 76 6.10 -17.57 39.89
N THR P 77 7.31 -18.15 39.86
CA THR P 77 7.39 -19.61 39.86
C THR P 77 6.72 -20.21 41.10
N THR P 78 7.06 -19.66 42.28
CA THR P 78 6.47 -20.20 43.50
C THR P 78 4.95 -20.08 43.47
N GLU P 79 4.44 -18.98 42.90
CA GLU P 79 3.00 -18.79 42.83
C GLU P 79 2.34 -19.91 42.03
N GLY P 80 2.94 -20.28 40.91
CA GLY P 80 2.34 -21.36 40.12
C GLY P 80 2.23 -22.65 40.89
N ALA P 81 3.31 -23.04 41.56
CA ALA P 81 3.25 -24.30 42.31
C ALA P 81 2.16 -24.26 43.37
N LEU P 82 2.04 -23.13 44.07
CA LEU P 82 0.99 -22.99 45.07
C LEU P 82 -0.40 -23.21 44.46
N THR P 83 -0.62 -22.67 43.26
CA THR P 83 -1.91 -22.87 42.62
C THR P 83 -2.24 -24.34 42.50
N GLU P 84 -1.27 -25.13 42.05
CA GLU P 84 -1.59 -26.54 41.81
C GLU P 84 -1.94 -27.25 43.13
N VAL P 85 -1.20 -26.95 44.19
CA VAL P 85 -1.55 -27.54 45.48
C VAL P 85 -2.97 -27.16 45.86
N ASN P 86 -3.36 -25.93 45.58
CA ASN P 86 -4.71 -25.48 45.90
C ASN P 86 -5.76 -26.38 45.26
N ASN P 87 -5.58 -26.68 43.97
CA ASN P 87 -6.58 -27.50 43.30
C ASN P 87 -6.69 -28.88 43.94
N ASN P 88 -5.55 -29.49 44.29
CA ASN P 88 -5.62 -30.80 44.93
C ASN P 88 -6.42 -30.73 46.23
N LEU P 89 -6.19 -29.69 47.04
CA LEU P 89 -6.90 -29.57 48.31
C LEU P 89 -8.40 -29.49 48.08
N GLN P 90 -8.81 -28.71 47.08
CA GLN P 90 -10.24 -28.60 46.79
C GLN P 90 -10.85 -29.96 46.50
N ARG P 91 -10.17 -30.75 45.66
CA ARG P 91 -10.73 -32.05 45.32
C ARG P 91 -10.87 -32.95 46.54
N ILE P 92 -9.85 -32.95 47.41
CA ILE P 92 -9.93 -33.81 48.59
C ILE P 92 -11.11 -33.41 49.47
N ARG P 93 -11.33 -32.11 49.63
CA ARG P 93 -12.45 -31.67 50.45
C ARG P 93 -13.77 -32.18 49.89
N GLU P 94 -13.92 -32.13 48.56
CA GLU P 94 -15.16 -32.64 47.98
C GLU P 94 -15.34 -34.14 48.23
N LEU P 95 -14.27 -34.92 48.06
CA LEU P 95 -14.38 -36.35 48.35
C LEU P 95 -14.77 -36.59 49.79
N SER P 96 -14.21 -35.80 50.71
CA SER P 96 -14.56 -35.97 52.10
C SER P 96 -16.05 -35.76 52.32
N VAL P 97 -16.63 -34.77 51.63
CA VAL P 97 -18.08 -34.60 51.75
C VAL P 97 -18.81 -35.79 51.14
N GLN P 98 -18.28 -36.33 50.04
CA GLN P 98 -18.86 -37.54 49.43
C GLN P 98 -19.00 -38.66 50.45
N ALA P 99 -17.97 -38.88 51.26
CA ALA P 99 -17.87 -40.11 52.04
C ALA P 99 -18.47 -40.02 53.44
N ALA P 100 -19.22 -38.99 53.76
CA ALA P 100 -19.78 -38.82 55.09
C ALA P 100 -21.21 -39.31 55.23
N THR P 101 -21.78 -39.89 54.17
CA THR P 101 -23.18 -40.30 54.20
C THR P 101 -23.31 -41.72 54.77
N GLY P 102 -24.42 -41.96 55.45
CA GLY P 102 -24.66 -43.23 56.10
C GLY P 102 -25.20 -44.34 55.23
N SER P 103 -25.41 -44.10 53.93
CA SER P 103 -25.97 -45.09 53.03
C SER P 103 -24.93 -45.66 52.07
N ASN P 104 -23.72 -45.89 52.55
CA ASN P 104 -22.65 -46.44 51.73
C ASN P 104 -22.45 -47.91 52.06
N SER P 105 -21.48 -48.52 51.38
CA SER P 105 -21.04 -49.87 51.69
C SER P 105 -19.59 -49.82 52.17
N ALA P 106 -19.31 -50.59 53.21
CA ALA P 106 -17.95 -50.61 53.75
C ALA P 106 -16.95 -51.04 52.70
N SER P 107 -17.40 -51.72 51.65
CA SER P 107 -16.53 -52.07 50.56
C SER P 107 -16.29 -50.90 49.61
N ASP P 108 -17.09 -49.84 49.71
CA ASP P 108 -16.92 -48.71 48.81
C ASP P 108 -15.93 -47.70 49.35
N LEU P 109 -15.81 -47.60 50.68
CA LEU P 109 -14.94 -46.59 51.26
C LEU P 109 -13.48 -46.79 50.87
N GLN P 110 -13.07 -48.01 50.52
CA GLN P 110 -11.69 -48.21 50.11
C GLN P 110 -11.36 -47.44 48.85
N SER P 111 -12.30 -47.34 47.91
CA SER P 111 -12.04 -46.62 46.67
C SER P 111 -11.77 -45.15 46.94
N ILE P 112 -12.67 -44.52 47.68
CA ILE P 112 -12.47 -43.13 48.07
C ILE P 112 -11.14 -42.98 48.78
N GLN P 113 -10.83 -43.92 49.68
CA GLN P 113 -9.61 -43.80 50.46
C GLN P 113 -8.37 -43.84 49.58
N ASP P 114 -8.34 -44.74 48.59
CA ASP P 114 -7.13 -44.83 47.78
C ASP P 114 -6.98 -43.60 46.89
N GLU P 115 -8.09 -43.06 46.39
CA GLU P 115 -7.96 -41.82 45.62
C GLU P 115 -7.43 -40.69 46.50
N ILE P 116 -7.91 -40.62 47.74
CA ILE P 116 -7.39 -39.65 48.69
C ILE P 116 -5.89 -39.84 48.86
N LYS P 117 -5.44 -41.09 48.93
CA LYS P 117 -4.02 -41.37 49.08
C LYS P 117 -3.23 -40.81 47.92
N GLN P 118 -3.73 -41.02 46.70
CA GLN P 118 -3.01 -40.51 45.54
C GLN P 118 -2.90 -38.99 45.60
N ARG P 119 -4.00 -38.33 45.93
CA ARG P 119 -3.94 -36.87 46.03
C ARG P 119 -2.92 -36.41 47.06
N LEU P 120 -2.91 -37.05 48.24
CA LEU P 120 -1.97 -36.64 49.26
C LEU P 120 -0.54 -36.84 48.81
N GLU P 121 -0.27 -37.96 48.12
CA GLU P 121 1.06 -38.19 47.58
C GLU P 121 1.49 -37.05 46.66
N GLU P 122 0.55 -36.58 45.83
CA GLU P 122 0.87 -35.52 44.88
C GLU P 122 1.51 -34.32 45.56
N ILE P 123 1.02 -33.96 46.76
CA ILE P 123 1.44 -32.72 47.40
C ILE P 123 2.91 -32.79 47.79
N ASN P 124 3.30 -33.88 48.45
CA ASN P 124 4.70 -34.02 48.83
C ASN P 124 5.59 -34.10 47.61
N ARG P 125 5.11 -34.73 46.54
CA ARG P 125 5.91 -34.78 45.32
C ARG P 125 6.21 -33.37 44.80
N VAL P 126 5.16 -32.57 44.63
CA VAL P 126 5.35 -31.21 44.14
C VAL P 126 6.25 -30.42 45.08
N SER P 127 6.08 -30.60 46.39
CA SER P 127 6.89 -29.87 47.35
C SER P 127 8.37 -30.18 47.20
N GLU P 128 8.69 -31.45 47.00
CA GLU P 128 10.09 -31.85 47.03
C GLU P 128 10.78 -31.69 45.69
N GLN P 129 10.05 -31.56 44.59
CA GLN P 129 10.69 -31.57 43.28
C GLN P 129 10.86 -30.19 42.63
N THR P 130 10.09 -29.18 43.01
CA THR P 130 10.15 -27.89 42.34
C THR P 130 11.37 -27.09 42.77
N GLN P 131 12.01 -26.42 41.80
CA GLN P 131 13.22 -25.66 42.08
C GLN P 131 13.40 -24.54 41.07
N PHE P 132 14.19 -23.55 41.45
CA PHE P 132 14.51 -22.39 40.61
C PHE P 132 15.97 -22.04 40.82
N ASN P 133 16.82 -22.33 39.84
CA ASN P 133 18.24 -22.03 39.91
C ASN P 133 18.88 -22.63 41.15
N GLY P 134 18.51 -23.86 41.45
CA GLY P 134 19.14 -24.62 42.51
C GLY P 134 18.65 -24.33 43.91
N VAL P 135 17.70 -23.43 44.08
CA VAL P 135 17.19 -23.07 45.40
C VAL P 135 15.76 -23.56 45.50
N LYS P 136 15.55 -24.64 46.23
CA LYS P 136 14.20 -25.14 46.44
C LYS P 136 13.42 -24.15 47.29
N VAL P 137 12.24 -23.79 46.82
CA VAL P 137 11.47 -22.70 47.44
C VAL P 137 10.48 -23.18 48.48
N LEU P 138 10.01 -24.42 48.40
CA LEU P 138 8.98 -24.90 49.31
C LEU P 138 9.57 -25.70 50.46
N ALA P 139 10.74 -25.29 50.95
CA ALA P 139 11.31 -25.90 52.14
C ALA P 139 12.21 -24.89 52.84
N LYS P 140 12.66 -25.27 54.04
CA LYS P 140 13.73 -24.66 54.82
C LYS P 140 13.35 -23.37 55.55
N ASP P 141 12.18 -22.78 55.30
CA ASP P 141 11.68 -21.64 56.07
C ASP P 141 12.72 -20.55 56.30
N THR P 142 13.23 -19.98 55.23
CA THR P 142 14.16 -18.87 55.34
C THR P 142 13.59 -17.66 54.63
N LYS P 143 14.37 -16.58 54.58
CA LYS P 143 14.03 -15.40 53.82
C LYS P 143 15.23 -14.92 53.04
N MET P 144 15.02 -14.54 51.78
CA MET P 144 16.09 -14.22 50.85
C MET P 144 16.20 -12.71 50.71
N ASN P 145 17.43 -12.21 50.68
CA ASN P 145 17.66 -10.78 50.53
C ASN P 145 17.98 -10.46 49.08
N ILE P 146 17.66 -9.24 48.67
CA ILE P 146 17.95 -8.75 47.33
C ILE P 146 18.77 -7.48 47.45
N GLN P 147 19.74 -7.30 46.55
CA GLN P 147 20.46 -6.02 46.49
C GLN P 147 19.76 -5.14 45.48
N VAL P 148 19.29 -3.98 45.93
CA VAL P 148 18.33 -3.22 45.15
C VAL P 148 18.76 -1.76 45.08
N GLY P 149 20.03 -1.51 45.35
CA GLY P 149 20.58 -0.16 45.31
C GLY P 149 22.08 -0.23 45.11
N ALA P 150 22.69 0.94 45.09
CA ALA P 150 24.11 1.05 44.77
C ALA P 150 25.01 1.04 45.99
N ASN P 151 24.47 0.81 47.19
CA ASN P 151 25.26 0.82 48.41
C ASN P 151 24.89 -0.38 49.26
N ASP P 152 25.61 -0.53 50.35
CA ASP P 152 25.46 -1.71 51.20
C ASP P 152 24.35 -1.54 52.20
N GLY P 153 23.72 -2.64 52.57
CA GLY P 153 22.64 -2.62 53.54
C GLY P 153 21.29 -2.23 53.00
N GLU P 154 21.14 -2.10 51.68
CA GLU P 154 19.86 -1.71 51.08
C GLU P 154 19.24 -2.94 50.43
N ILE P 155 18.39 -3.62 51.18
CA ILE P 155 17.85 -4.91 50.78
C ILE P 155 16.34 -4.94 50.96
N ILE P 156 15.72 -5.94 50.35
CA ILE P 156 14.30 -6.22 50.49
C ILE P 156 14.15 -7.71 50.71
N ALA P 157 13.31 -8.10 51.67
CA ALA P 157 13.24 -9.49 52.11
C ALA P 157 12.03 -10.20 51.54
N ILE P 158 12.26 -11.38 50.98
CA ILE P 158 11.21 -12.29 50.54
C ILE P 158 11.25 -13.50 51.45
N ASP P 159 10.18 -13.73 52.20
CA ASP P 159 10.16 -14.80 53.17
C ASP P 159 9.44 -16.02 52.61
N LEU P 160 9.84 -17.20 53.09
CA LEU P 160 9.39 -18.46 52.55
C LEU P 160 8.90 -19.35 53.68
N LYS P 161 8.18 -20.41 53.32
CA LYS P 161 7.67 -21.36 54.30
C LYS P 161 7.66 -22.75 53.70
N GLU P 162 7.74 -23.77 54.55
CA GLU P 162 7.62 -25.14 54.09
C GLU P 162 6.15 -25.51 53.90
N ILE P 163 5.88 -26.28 52.85
CA ILE P 163 4.54 -26.77 52.62
C ILE P 163 4.65 -28.24 52.22
N THR P 164 4.27 -29.13 53.13
CA THR P 164 4.25 -30.56 52.90
C THR P 164 3.01 -31.13 53.57
N ALA P 165 2.69 -32.38 53.25
CA ALA P 165 1.51 -33.03 53.81
C ALA P 165 1.50 -33.06 55.32
N LYS P 166 2.58 -32.67 55.97
CA LYS P 166 2.66 -32.71 57.42
C LYS P 166 2.49 -31.33 58.04
N THR P 167 3.22 -30.33 57.55
CA THR P 167 3.17 -29.01 58.16
C THR P 167 1.77 -28.42 58.13
N LEU P 168 0.91 -28.86 57.24
CA LEU P 168 -0.48 -28.41 57.25
C LEU P 168 -1.31 -29.15 58.28
N GLY P 169 -0.76 -30.18 58.91
CA GLY P 169 -1.51 -30.95 59.88
C GLY P 169 -2.34 -32.07 59.29
N LEU P 170 -2.14 -32.42 58.04
CA LEU P 170 -2.96 -33.43 57.39
C LEU P 170 -2.29 -34.80 57.34
N ASP P 171 -1.24 -35.03 58.11
CA ASP P 171 -0.57 -36.31 58.08
C ASP P 171 -1.47 -37.41 58.64
N GLY P 172 -1.46 -38.57 58.00
CA GLY P 172 -2.27 -39.68 58.47
C GLY P 172 -3.75 -39.52 58.23
N PHE P 173 -4.14 -38.72 57.24
CA PHE P 173 -5.54 -38.50 56.96
C PHE P 173 -6.19 -39.76 56.42
N ASN P 174 -7.41 -40.06 56.86
CA ASN P 174 -8.08 -41.27 56.44
C ASN P 174 -9.57 -41.14 56.70
N VAL P 175 -10.37 -41.81 55.88
CA VAL P 175 -11.82 -41.79 56.01
C VAL P 175 -12.41 -43.17 56.24
N SER P 176 -11.67 -44.25 55.97
CA SER P 176 -12.13 -45.60 56.28
C SER P 176 -11.78 -45.95 57.72
N GLY P 177 -12.08 -47.18 58.14
CA GLY P 177 -11.63 -47.66 59.42
C GLY P 177 -12.56 -47.32 60.57
N PRO P 178 -12.17 -47.72 61.78
CA PRO P 178 -13.05 -47.50 62.94
C PRO P 178 -13.02 -46.06 63.42
N LYS P 179 -14.03 -45.71 64.22
CA LYS P 179 -14.17 -44.40 64.81
C LYS P 179 -14.02 -44.51 66.31
N GLY P 180 -13.14 -43.71 66.88
CA GLY P 180 -12.88 -43.77 68.31
C GLY P 180 -11.87 -44.83 68.66
N THR P 181 -11.64 -44.98 69.95
CA THR P 181 -10.66 -45.96 70.39
C THR P 181 -11.36 -47.24 70.83
N PRO P 182 -11.02 -48.38 70.24
CA PRO P 182 -11.72 -49.62 70.59
C PRO P 182 -11.52 -49.99 72.05
N ALA P 183 -12.53 -50.64 72.62
CA ALA P 183 -12.53 -51.07 74.01
C ALA P 183 -13.00 -52.52 74.09
N ALA P 184 -13.04 -53.04 75.31
CA ALA P 184 -13.34 -54.45 75.51
C ALA P 184 -14.83 -54.72 75.33
N LEU P 185 -15.16 -56.00 75.15
CA LEU P 185 -16.54 -56.43 75.02
C LEU P 185 -17.14 -56.71 76.38
N VAL P 186 -18.46 -56.59 76.46
CA VAL P 186 -19.21 -56.82 77.69
C VAL P 186 -20.43 -57.68 77.37
N ALA P 187 -21.23 -57.94 78.39
CA ALA P 187 -22.35 -58.88 78.23
C ALA P 187 -23.39 -58.35 77.25
N ALA P 188 -23.63 -57.04 77.26
CA ALA P 188 -24.71 -56.48 76.46
C ALA P 188 -24.51 -56.77 74.98
N ASP P 189 -23.27 -56.70 74.49
CA ASP P 189 -23.03 -56.91 73.07
C ASP P 189 -23.26 -58.37 72.69
N TYR P 190 -22.81 -59.30 73.53
CA TYR P 190 -23.09 -60.71 73.27
C TYR P 190 -24.59 -60.96 73.21
N GLN P 191 -25.32 -60.40 74.17
CA GLN P 191 -26.76 -60.59 74.19
C GLN P 191 -27.43 -59.99 72.95
N ALA P 192 -26.98 -58.81 72.53
CA ALA P 192 -27.55 -58.19 71.34
C ALA P 192 -27.29 -59.03 70.10
N ALA P 193 -26.09 -59.60 70.00
CA ALA P 193 -25.75 -60.35 68.80
C ALA P 193 -26.44 -61.71 68.75
N TYR P 194 -26.48 -62.45 69.85
CA TYR P 194 -26.96 -63.83 69.81
C TYR P 194 -28.24 -64.08 70.61
N GLY P 195 -28.90 -63.05 71.10
CA GLY P 195 -30.11 -63.26 71.86
C GLY P 195 -29.91 -63.04 73.35
N THR P 196 -31.02 -63.09 74.10
CA THR P 196 -30.96 -62.75 75.51
C THR P 196 -30.58 -63.95 76.38
N THR P 197 -30.57 -65.15 75.82
CA THR P 197 -30.26 -66.36 76.56
C THR P 197 -29.00 -67.04 76.02
N THR P 198 -27.94 -66.26 75.81
CA THR P 198 -26.77 -66.75 75.11
C THR P 198 -25.75 -67.34 76.05
N ASN P 199 -25.08 -68.39 75.58
CA ASN P 199 -23.99 -69.03 76.30
C ASN P 199 -22.69 -68.26 76.26
N VAL P 200 -22.40 -67.56 75.16
CA VAL P 200 -21.05 -67.09 74.91
C VAL P 200 -20.64 -66.10 75.99
N THR P 201 -19.35 -66.07 76.30
CA THR P 201 -18.79 -65.07 77.19
C THR P 201 -17.48 -64.48 76.71
N THR P 202 -16.84 -65.06 75.70
CA THR P 202 -15.55 -64.57 75.25
C THR P 202 -15.31 -65.02 73.82
N THR P 203 -14.19 -64.57 73.26
CA THR P 203 -13.86 -64.83 71.86
C THR P 203 -12.41 -65.28 71.75
N ALA P 204 -12.12 -65.99 70.66
CA ALA P 204 -10.77 -66.43 70.37
C ALA P 204 -10.46 -66.14 68.91
N VAL P 205 -9.28 -65.60 68.64
CA VAL P 205 -8.88 -65.19 67.30
C VAL P 205 -7.57 -65.88 66.95
N THR P 206 -7.55 -66.57 65.80
CA THR P 206 -6.38 -67.31 65.36
C THR P 206 -6.25 -67.24 63.86
N GLU P 207 -5.03 -67.44 63.38
CA GLU P 207 -4.76 -67.50 61.95
C GLU P 207 -5.00 -68.91 61.43
N SER P 208 -5.34 -68.99 60.14
CA SER P 208 -5.57 -70.29 59.53
C SER P 208 -4.31 -71.14 59.52
N SER P 209 -3.21 -70.58 59.00
CA SER P 209 -1.92 -71.24 59.00
C SER P 209 -0.89 -70.30 59.60
N ALA P 210 -0.12 -70.81 60.56
CA ALA P 210 0.77 -69.94 61.34
C ALA P 210 1.79 -69.28 60.42
N ASN P 211 1.98 -67.98 60.63
CA ASN P 211 3.04 -67.22 59.97
C ASN P 211 2.91 -67.23 58.45
N ALA P 212 1.70 -66.97 57.94
CA ALA P 212 1.56 -66.75 56.51
C ALA P 212 1.60 -65.27 56.17
N LEU P 213 0.99 -64.43 57.02
CA LEU P 213 1.00 -63.00 56.78
C LEU P 213 2.41 -62.45 56.76
N ALA P 214 3.22 -62.82 57.75
CA ALA P 214 4.59 -62.34 57.78
C ALA P 214 5.36 -62.77 56.54
N GLY P 215 5.03 -63.94 55.99
CA GLY P 215 5.64 -64.33 54.73
C GLY P 215 5.21 -63.44 53.58
N ARG P 216 3.91 -63.15 53.50
CA ARG P 216 3.45 -62.30 52.42
C ARG P 216 4.06 -60.91 52.49
N LEU P 217 4.17 -60.34 53.69
CA LEU P 217 4.77 -59.01 53.81
C LEU P 217 6.23 -59.03 53.37
N GLY P 218 6.89 -60.17 53.50
CA GLY P 218 8.31 -60.26 53.20
C GLY P 218 9.22 -59.77 54.30
N VAL P 219 8.78 -59.78 55.56
CA VAL P 219 9.59 -59.32 56.66
C VAL P 219 9.88 -60.49 57.59
N ALA P 220 10.85 -60.29 58.47
CA ALA P 220 11.29 -61.34 59.37
C ALA P 220 10.17 -61.72 60.33
N ASN P 221 10.07 -63.02 60.60
CA ASN P 221 9.07 -63.51 61.53
C ASN P 221 9.30 -62.92 62.91
N GLY P 222 8.20 -62.67 63.63
CA GLY P 222 8.29 -62.07 64.94
C GLY P 222 8.00 -60.58 64.97
N SER P 223 7.80 -59.95 63.82
CA SER P 223 7.40 -58.56 63.75
C SER P 223 5.90 -58.39 63.58
N VAL P 224 5.13 -59.47 63.60
CA VAL P 224 3.69 -59.42 63.39
C VAL P 224 3.03 -60.27 64.46
N ALA P 225 2.03 -59.70 65.13
CA ALA P 225 1.33 -60.41 66.20
C ALA P 225 -0.15 -60.09 66.15
N LEU P 226 -0.96 -61.00 66.68
CA LEU P 226 -2.41 -60.83 66.74
C LEU P 226 -2.88 -60.87 68.18
N ALA P 227 -3.66 -59.86 68.57
CA ALA P 227 -4.32 -59.92 69.86
C ALA P 227 -5.36 -61.03 69.86
N ALA P 228 -5.45 -61.73 70.99
CA ALA P 228 -6.23 -62.96 71.05
C ALA P 228 -7.73 -62.73 71.19
N THR P 229 -8.17 -61.51 71.45
CA THR P 229 -9.58 -61.22 71.65
C THR P 229 -10.02 -60.10 70.72
N ALA P 230 -11.30 -60.11 70.40
CA ALA P 230 -11.89 -59.09 69.54
C ALA P 230 -12.12 -57.81 70.33
N GLU P 231 -12.44 -56.73 69.62
CA GLU P 231 -12.69 -55.44 70.22
C GLU P 231 -13.82 -54.75 69.47
N LYS P 232 -14.34 -53.68 70.05
CA LYS P 232 -15.44 -52.92 69.45
C LYS P 232 -15.18 -51.43 69.51
N ASP P 233 -15.64 -50.71 68.50
CA ASP P 233 -15.54 -49.26 68.45
C ASP P 233 -16.84 -48.64 69.00
N ASP P 234 -17.03 -47.35 68.75
CA ASP P 234 -18.18 -46.63 69.29
C ASP P 234 -19.51 -47.14 68.77
N ASN P 235 -19.60 -47.55 67.52
CA ASN P 235 -20.88 -47.88 66.90
C ASN P 235 -21.23 -49.35 67.02
N GLY P 236 -20.40 -50.13 67.72
CA GLY P 236 -20.73 -51.53 67.92
C GLY P 236 -20.25 -52.48 66.86
N ASN P 237 -19.28 -52.08 66.05
CA ASN P 237 -18.68 -53.01 65.11
C ASN P 237 -17.57 -53.80 65.80
N TRP P 238 -17.16 -54.89 65.17
CA TRP P 238 -16.19 -55.81 65.75
C TRP P 238 -14.92 -55.81 64.92
N TYR P 239 -13.76 -55.76 65.59
CA TYR P 239 -12.48 -55.67 64.92
C TYR P 239 -11.46 -56.57 65.61
N ALA P 240 -10.41 -56.90 64.86
CA ALA P 240 -9.24 -57.58 65.38
C ALA P 240 -8.02 -56.70 65.18
N THR P 241 -6.99 -56.93 65.98
CA THR P 241 -5.83 -56.05 66.02
C THR P 241 -4.60 -56.75 65.47
N VAL P 242 -3.72 -55.98 64.84
CA VAL P 242 -2.42 -56.48 64.37
C VAL P 242 -1.36 -55.46 64.78
N THR P 243 -0.22 -55.94 65.24
CA THR P 243 0.87 -55.08 65.69
C THR P 243 2.10 -55.32 64.82
N ILE P 244 2.74 -54.24 64.39
CA ILE P 244 3.92 -54.30 63.53
C ILE P 244 5.04 -53.51 64.18
N THR P 245 6.22 -54.12 64.28
CA THR P 245 7.38 -53.45 64.83
C THR P 245 8.59 -53.78 63.97
N ALA P 246 9.26 -52.76 63.46
CA ALA P 246 10.38 -52.93 62.55
C ALA P 246 11.67 -53.12 63.34
N GLY P 247 12.66 -53.74 62.71
CA GLY P 247 13.92 -54.01 63.36
C GLY P 247 15.09 -53.25 62.75
N SER P 248 14.98 -52.89 61.48
CA SER P 248 16.06 -52.19 60.81
C SER P 248 15.49 -51.43 59.62
N ALA P 249 16.31 -50.53 59.07
CA ALA P 249 15.81 -49.59 58.07
C ALA P 249 15.27 -50.30 56.83
N THR P 250 15.96 -51.34 56.37
CA THR P 250 15.53 -52.01 55.15
C THR P 250 14.13 -52.60 55.31
N GLU P 251 13.82 -53.09 56.50
CA GLU P 251 12.46 -53.55 56.77
C GLU P 251 11.46 -52.41 56.57
N VAL P 252 11.81 -51.22 57.06
CA VAL P 252 10.93 -50.07 56.89
C VAL P 252 10.73 -49.77 55.42
N SER P 253 11.82 -49.82 54.64
CA SER P 253 11.70 -49.53 53.21
C SER P 253 10.79 -50.54 52.52
N THR P 254 10.94 -51.82 52.83
CA THR P 254 10.07 -52.82 52.23
C THR P 254 8.62 -52.59 52.61
N LEU P 255 8.36 -52.37 53.90
CA LEU P 255 6.99 -52.18 54.35
C LEU P 255 6.35 -50.98 53.67
N LYS P 256 7.10 -49.88 53.55
CA LYS P 256 6.57 -48.73 52.83
C LYS P 256 6.31 -49.07 51.37
N ALA P 257 7.22 -49.82 50.76
CA ALA P 257 7.03 -50.20 49.37
C ALA P 257 5.76 -51.02 49.18
N LYS P 258 5.30 -51.72 50.21
CA LYS P 258 4.08 -52.49 50.09
C LYS P 258 2.84 -51.80 50.65
N GLY P 259 2.95 -50.53 51.01
CA GLY P 259 1.78 -49.74 51.36
C GLY P 259 1.56 -49.46 52.83
N PHE P 260 2.41 -49.97 53.71
CA PHE P 260 2.29 -49.73 55.14
C PHE P 260 3.40 -48.80 55.59
N GLU P 261 3.03 -47.70 56.23
CA GLU P 261 3.98 -46.69 56.66
C GLU P 261 4.21 -46.81 58.16
N VAL P 262 5.48 -47.00 58.56
CA VAL P 262 5.82 -47.23 59.96
C VAL P 262 7.29 -46.92 60.14
N GLU P 263 7.69 -46.62 61.38
CA GLU P 263 9.07 -46.32 61.71
C GLU P 263 9.63 -47.35 62.68
N ASN P 264 10.94 -47.57 62.59
CA ASN P 264 11.58 -48.63 63.36
C ASN P 264 11.64 -48.28 64.84
N GLY P 265 11.61 -49.32 65.68
CA GLY P 265 11.75 -49.15 67.10
C GLY P 265 10.49 -48.77 67.84
N VAL P 266 9.36 -48.64 67.16
CA VAL P 266 8.10 -48.24 67.77
C VAL P 266 7.00 -49.14 67.24
N ALA P 267 6.10 -49.56 68.11
CA ALA P 267 4.97 -50.37 67.70
C ALA P 267 3.90 -49.51 67.04
N LYS P 268 3.08 -50.13 66.22
CA LYS P 268 1.94 -49.49 65.60
C LYS P 268 0.86 -50.54 65.37
N GLU P 269 -0.39 -50.09 65.22
CA GLU P 269 -1.52 -51.01 65.20
C GLU P 269 -2.39 -50.78 63.97
N PHE P 270 -2.93 -51.88 63.44
CA PHE P 270 -3.85 -51.86 62.31
C PHE P 270 -4.97 -52.83 62.61
N TYR P 271 -6.11 -52.64 61.94
CA TYR P 271 -7.33 -53.35 62.30
C TYR P 271 -7.93 -54.10 61.12
N ILE P 272 -8.68 -55.15 61.42
CA ILE P 272 -9.35 -55.98 60.43
C ILE P 272 -10.79 -56.20 60.89
N ALA P 273 -11.73 -56.11 59.95
CA ALA P 273 -13.13 -56.22 60.31
C ALA P 273 -13.55 -57.67 60.48
N LEU P 274 -14.59 -57.88 61.30
CA LEU P 274 -15.10 -59.20 61.63
C LEU P 274 -16.60 -59.25 61.38
N ASP P 275 -17.14 -60.47 61.36
CA ASP P 275 -18.56 -60.70 61.15
C ASP P 275 -19.12 -61.53 62.28
N PRO P 276 -19.98 -60.99 63.14
CA PRO P 276 -20.43 -61.74 64.32
C PRO P 276 -21.23 -62.99 63.99
N GLN P 277 -21.81 -63.09 62.80
CA GLN P 277 -22.68 -64.21 62.49
C GLN P 277 -21.95 -65.39 61.86
N SER P 278 -20.65 -65.29 61.64
CA SER P 278 -19.91 -66.31 60.91
C SER P 278 -18.96 -67.11 61.79
N ALA P 279 -18.88 -66.80 63.07
CA ALA P 279 -17.94 -67.50 63.93
C ALA P 279 -18.39 -68.93 64.16
N ASP P 280 -17.48 -69.74 64.67
CA ASP P 280 -17.81 -71.09 65.11
C ASP P 280 -18.20 -71.03 66.58
N VAL P 281 -19.38 -71.55 66.90
CA VAL P 281 -19.96 -71.36 68.22
C VAL P 281 -20.35 -72.69 68.82
N THR P 282 -20.44 -73.72 67.99
CA THR P 282 -20.86 -75.04 68.46
C THR P 282 -19.70 -75.94 68.85
N THR P 283 -18.48 -75.64 68.41
CA THR P 283 -17.36 -76.54 68.69
C THR P 283 -17.03 -76.58 70.17
N THR P 284 -16.90 -75.41 70.80
CA THR P 284 -16.50 -75.32 72.20
C THR P 284 -17.47 -74.39 72.91
N ALA P 285 -18.33 -74.95 73.75
CA ALA P 285 -19.39 -74.18 74.39
C ALA P 285 -18.81 -73.03 75.20
N GLY P 286 -19.49 -71.89 75.15
CA GLY P 286 -19.12 -70.75 75.95
C GLY P 286 -18.04 -69.87 75.36
N THR P 287 -17.68 -70.07 74.10
CA THR P 287 -16.67 -69.23 73.47
C THR P 287 -16.83 -69.28 71.95
N ALA P 288 -16.94 -68.12 71.32
CA ALA P 288 -17.04 -68.02 69.88
C ALA P 288 -15.65 -67.94 69.30
N ALA P 289 -15.38 -68.76 68.29
CA ALA P 289 -14.06 -68.86 67.68
C ALA P 289 -14.09 -68.34 66.26
N PHE P 290 -13.09 -67.53 65.89
CA PHE P 290 -12.92 -67.03 64.54
C PHE P 290 -11.66 -67.65 63.96
N ALA P 291 -11.56 -67.65 62.63
CA ALA P 291 -10.40 -68.18 61.93
C ALA P 291 -10.16 -67.35 60.69
N LEU P 292 -9.26 -66.38 60.79
CA LEU P 292 -9.02 -65.45 59.69
C LEU P 292 -8.35 -66.17 58.53
N ASP P 293 -8.75 -65.81 57.32
CA ASP P 293 -8.11 -66.34 56.11
C ASP P 293 -7.04 -65.36 55.63
N THR P 294 -6.01 -65.25 56.46
CA THR P 294 -4.94 -64.29 56.18
C THR P 294 -4.06 -64.71 55.02
N ALA P 295 -4.21 -65.93 54.52
CA ALA P 295 -3.34 -66.41 53.45
C ALA P 295 -3.51 -65.61 52.16
N ASN P 296 -4.73 -65.19 51.83
CA ASN P 296 -4.98 -64.49 50.59
C ASN P 296 -5.96 -63.34 50.70
N ILE P 297 -6.09 -62.71 51.87
CA ILE P 297 -6.98 -61.56 52.00
C ILE P 297 -6.38 -60.37 51.24
N GLN P 298 -7.26 -59.57 50.66
CA GLN P 298 -6.81 -58.42 49.90
C GLN P 298 -6.16 -57.40 50.83
N LEU P 299 -4.98 -56.92 50.43
CA LEU P 299 -4.16 -56.12 51.34
C LEU P 299 -4.79 -54.81 51.75
N SER P 300 -5.64 -54.22 50.92
CA SER P 300 -6.12 -52.87 51.22
C SER P 300 -7.05 -52.83 52.42
N SER P 301 -7.50 -53.97 52.94
CA SER P 301 -8.43 -53.99 54.05
C SER P 301 -7.75 -54.03 55.40
N ILE P 302 -6.43 -53.96 55.46
CA ILE P 302 -5.70 -53.92 56.72
C ILE P 302 -5.47 -52.44 57.02
N THR P 303 -6.41 -51.83 57.71
CA THR P 303 -6.50 -50.38 57.79
C THR P 303 -6.09 -49.86 59.16
N SER P 304 -5.73 -48.58 59.20
CA SER P 304 -5.48 -47.84 60.43
C SER P 304 -6.73 -47.10 60.88
N GLY P 305 -6.58 -46.18 61.81
CA GLY P 305 -7.72 -45.47 62.37
C GLY P 305 -8.22 -44.32 61.49
N ALA P 306 -9.45 -43.90 61.78
CA ALA P 306 -10.06 -42.80 61.04
C ALA P 306 -9.91 -41.49 61.79
N SER P 307 -9.74 -40.40 61.07
CA SER P 307 -9.47 -39.12 61.70
C SER P 307 -10.72 -38.56 62.36
N SER P 308 -10.59 -37.35 62.90
CA SER P 308 -11.69 -36.67 63.57
C SER P 308 -11.87 -35.27 63.02
N ASN P 309 -13.12 -34.91 62.75
CA ASN P 309 -13.51 -33.59 62.28
C ASN P 309 -12.73 -33.17 61.03
N PRO P 310 -12.75 -33.97 59.95
CA PRO P 310 -11.83 -33.68 58.84
C PRO P 310 -12.03 -32.31 58.20
N LEU P 311 -13.27 -31.84 58.11
CA LEU P 311 -13.56 -30.64 57.34
C LEU P 311 -12.90 -29.40 57.93
N ALA P 312 -12.88 -29.29 59.26
CA ALA P 312 -12.18 -28.17 59.89
C ALA P 312 -10.71 -28.17 59.55
N LYS P 313 -10.08 -29.34 59.54
CA LYS P 313 -8.67 -29.43 59.20
C LYS P 313 -8.44 -28.97 57.77
N LEU P 314 -9.29 -29.40 56.84
CA LEU P 314 -9.11 -28.97 55.46
C LEU P 314 -9.23 -27.46 55.33
N ASP P 315 -10.20 -26.86 56.04
CA ASP P 315 -10.35 -25.41 55.97
C ASP P 315 -9.11 -24.69 56.52
N ALA P 316 -8.55 -25.19 57.61
CA ALA P 316 -7.35 -24.56 58.15
C ALA P 316 -6.19 -24.63 57.17
N ALA P 317 -6.03 -25.77 56.50
CA ALA P 317 -4.97 -25.88 55.50
C ALA P 317 -5.16 -24.88 54.37
N LEU P 318 -6.40 -24.75 53.90
CA LEU P 318 -6.70 -23.76 52.86
C LEU P 318 -6.30 -22.37 53.32
N ALA P 319 -6.59 -22.06 54.59
CA ALA P 319 -6.23 -20.75 55.12
C ALA P 319 -4.73 -20.53 55.02
N ASP P 320 -3.93 -21.53 55.40
CA ASP P 320 -2.48 -21.34 55.35
C ASP P 320 -2.01 -21.04 53.93
N VAL P 321 -2.51 -21.82 52.97
CA VAL P 321 -2.05 -21.64 51.59
C VAL P 321 -2.38 -20.23 51.09
N ASP P 322 -3.60 -19.79 51.36
CA ASP P 322 -3.99 -18.47 50.87
C ASP P 322 -3.16 -17.37 51.51
N THR P 323 -2.85 -17.51 52.80
CA THR P 323 -2.02 -16.50 53.47
C THR P 323 -0.67 -16.36 52.78
N LEU P 324 -0.03 -17.49 52.48
CA LEU P 324 1.25 -17.40 51.78
C LEU P 324 1.10 -16.70 50.43
N ARG P 325 0.05 -17.05 49.67
CA ARG P 325 -0.13 -16.42 48.36
C ARG P 325 -0.28 -14.91 48.50
N SER P 326 -1.04 -14.47 49.49
CA SER P 326 -1.22 -13.05 49.72
C SER P 326 0.11 -12.36 49.93
N SER P 327 0.96 -12.93 50.78
CA SER P 327 2.24 -12.25 51.04
C SER P 327 3.07 -12.14 49.77
N LEU P 328 3.11 -13.20 48.96
CA LEU P 328 3.89 -13.13 47.73
C LEU P 328 3.39 -12.04 46.80
N GLY P 329 2.06 -11.91 46.67
CA GLY P 329 1.51 -10.87 45.83
C GLY P 329 1.87 -9.47 46.31
N ALA P 330 1.77 -9.25 47.62
CA ALA P 330 2.17 -7.96 48.17
C ALA P 330 3.61 -7.64 47.81
N VAL P 331 4.48 -8.65 47.86
CA VAL P 331 5.88 -8.41 47.52
C VAL P 331 6.04 -7.97 46.07
N GLN P 332 5.32 -8.60 45.15
CA GLN P 332 5.43 -8.16 43.75
C GLN P 332 4.99 -6.70 43.59
N ASN P 333 3.86 -6.35 44.22
CA ASN P 333 3.42 -4.96 44.20
C ASN P 333 4.53 -4.04 44.67
N ARG P 334 5.17 -4.38 45.78
CA ARG P 334 6.33 -3.61 46.23
C ARG P 334 7.36 -3.46 45.12
N PHE P 335 7.71 -4.57 44.47
CA PHE P 335 8.90 -4.56 43.62
C PHE P 335 8.76 -3.63 42.42
N ASP P 336 7.57 -3.52 41.83
CA ASP P 336 7.50 -2.78 40.56
C ASP P 336 7.98 -1.32 40.69
N SER P 337 7.61 -0.65 41.78
CA SER P 337 7.96 0.74 41.97
C SER P 337 9.46 0.95 41.88
N VAL P 338 10.24 0.00 42.36
CA VAL P 338 11.68 0.15 42.36
C VAL P 338 12.22 0.33 40.96
N ILE P 339 11.76 -0.51 40.03
CA ILE P 339 12.26 -0.42 38.66
C ILE P 339 11.89 0.92 38.05
N SER P 340 10.64 1.35 38.24
CA SER P 340 10.26 2.65 37.70
C SER P 340 11.18 3.76 38.22
N ASN P 341 11.36 3.80 39.54
CA ASN P 341 12.17 4.85 40.16
C ASN P 341 13.58 4.84 39.61
N LEU P 342 14.20 3.66 39.55
CA LEU P 342 15.60 3.62 39.14
C LEU P 342 15.76 4.09 37.71
N GLY P 343 14.81 3.74 36.84
CA GLY P 343 14.90 4.25 35.47
C GLY P 343 14.96 5.76 35.44
N THR P 344 13.99 6.41 36.10
CA THR P 344 13.96 7.87 36.04
C THR P 344 15.24 8.46 36.65
N THR P 345 15.68 7.92 37.77
CA THR P 345 16.84 8.47 38.44
C THR P 345 18.07 8.42 37.55
N VAL P 346 18.28 7.29 36.88
CA VAL P 346 19.44 7.19 36.01
C VAL P 346 19.36 8.21 34.89
N THR P 347 18.16 8.42 34.35
CA THR P 347 18.03 9.44 33.30
C THR P 347 18.52 10.80 33.79
N ASN P 348 18.02 11.22 34.96
CA ASN P 348 18.37 12.54 35.47
C ASN P 348 19.85 12.66 35.75
N LEU P 349 20.44 11.63 36.36
CA LEU P 349 21.86 11.67 36.67
C LEU P 349 22.69 11.74 35.40
N SER P 350 22.31 11.00 34.38
CA SER P 350 23.05 11.03 33.13
C SER P 350 23.04 12.42 32.52
N ALA P 351 21.87 13.07 32.49
CA ALA P 351 21.82 14.42 31.95
C ALA P 351 22.70 15.37 32.74
N SER P 352 22.65 15.28 34.07
CA SER P 352 23.42 16.20 34.91
C SER P 352 24.93 16.03 34.70
N ARG P 353 25.42 14.79 34.69
CA ARG P 353 26.84 14.62 34.38
C ARG P 353 27.16 15.14 32.99
N SER P 354 26.24 14.96 32.05
CA SER P 354 26.47 15.47 30.70
C SER P 354 26.72 16.96 30.74
N ARG P 355 25.88 17.69 31.47
CA ARG P 355 26.11 19.12 31.64
C ARG P 355 27.49 19.40 32.19
N ILE P 356 27.91 18.62 33.19
CA ILE P 356 29.18 18.91 33.85
C ILE P 356 30.35 18.69 32.91
N GLN P 357 30.24 17.75 31.98
CA GLN P 357 31.42 17.20 31.33
C GLN P 357 31.57 17.53 29.86
N ASP P 358 30.49 17.60 29.09
CA ASP P 358 30.55 17.52 27.63
C ASP P 358 31.04 18.83 27.01
N ALA P 359 31.31 18.77 25.70
CA ALA P 359 31.96 19.85 24.96
C ALA P 359 31.11 20.27 23.77
N ASP P 360 31.01 21.58 23.55
CA ASP P 360 30.23 22.11 22.44
C ASP P 360 31.04 22.07 21.15
N TYR P 361 30.39 22.38 20.01
CA TYR P 361 31.13 22.63 18.77
C TYR P 361 31.06 24.05 18.23
N ALA P 362 30.00 24.81 18.47
CA ALA P 362 29.98 26.17 17.95
C ALA P 362 31.17 26.98 18.47
N THR P 363 31.38 26.95 19.78
CA THR P 363 32.49 27.68 20.39
C THR P 363 33.82 27.21 19.85
N GLU P 364 34.00 25.90 19.75
CA GLU P 364 35.30 25.36 19.37
C GLU P 364 35.61 25.63 17.91
N VAL P 365 34.60 25.57 17.05
CA VAL P 365 34.80 25.92 15.65
C VAL P 365 35.24 27.37 15.54
N SER P 366 34.56 28.25 16.29
CA SER P 366 34.95 29.65 16.26
C SER P 366 36.40 29.83 16.71
N ASN P 367 36.78 29.16 17.80
CA ASN P 367 38.14 29.32 18.32
C ASN P 367 39.16 28.78 17.34
N MET P 368 38.85 27.66 16.68
CA MET P 368 39.73 27.18 15.62
C MET P 368 39.94 28.24 14.55
N THR P 369 38.86 28.84 14.05
CA THR P 369 38.99 29.77 12.94
C THR P 369 39.81 30.98 13.35
N ARG P 370 39.53 31.51 14.54
CA ARG P 370 40.33 32.62 15.06
C ARG P 370 41.81 32.25 15.12
N ALA P 371 42.11 31.07 15.67
CA ALA P 371 43.51 30.70 15.82
C ALA P 371 44.19 30.56 14.48
N GLN P 372 43.49 30.01 13.48
CA GLN P 372 44.09 29.83 12.17
C GLN P 372 44.45 31.16 11.53
N ILE P 373 43.50 32.12 11.56
CA ILE P 373 43.73 33.39 10.88
C ILE P 373 44.95 34.08 11.47
N LEU P 374 45.02 34.15 12.81
CA LEU P 374 46.09 34.90 13.46
C LEU P 374 47.42 34.21 13.25
N GLN P 375 47.40 32.88 13.14
CA GLN P 375 48.59 32.14 12.80
C GLN P 375 49.15 32.59 11.46
N GLN P 376 48.30 32.64 10.44
CA GLN P 376 48.78 33.04 9.12
C GLN P 376 49.28 34.49 9.14
N ALA P 377 48.55 35.36 9.82
CA ALA P 377 48.96 36.76 9.88
C ALA P 377 50.34 36.88 10.51
N GLY P 378 50.57 36.18 11.61
CA GLY P 378 51.86 36.25 12.28
C GLY P 378 52.99 35.76 11.39
N THR P 379 52.74 34.68 10.64
CA THR P 379 53.79 34.20 9.75
C THR P 379 54.16 35.25 8.71
N SER P 380 53.16 35.85 8.06
CA SER P 380 53.46 36.86 7.05
C SER P 380 54.22 38.04 7.64
N VAL P 381 53.78 38.52 8.80
CA VAL P 381 54.43 39.66 9.41
C VAL P 381 55.86 39.31 9.82
N LEU P 382 56.09 38.07 10.25
CA LEU P 382 57.45 37.67 10.61
C LEU P 382 58.35 37.73 9.39
N ALA P 383 57.85 37.26 8.25
CA ALA P 383 58.63 37.40 7.02
C ALA P 383 58.98 38.86 6.78
N GLN P 384 57.98 39.74 6.92
CA GLN P 384 58.21 41.16 6.67
C GLN P 384 59.25 41.73 7.62
N ALA P 385 59.12 41.42 8.91
CA ALA P 385 60.02 41.96 9.92
C ALA P 385 61.44 41.50 9.68
N ASN P 386 61.62 40.22 9.34
CA ASN P 386 62.95 39.75 8.99
C ASN P 386 63.51 40.53 7.82
N GLN P 387 62.67 40.81 6.82
CA GLN P 387 63.16 41.48 5.62
C GLN P 387 63.62 42.92 5.88
N THR P 388 63.53 43.40 7.12
CA THR P 388 63.72 44.83 7.38
C THR P 388 65.13 45.29 7.08
N THR P 389 66.15 44.53 7.46
CA THR P 389 67.46 45.13 7.62
C THR P 389 68.31 45.09 6.36
N GLN P 390 67.80 44.57 5.24
CA GLN P 390 68.64 44.42 4.06
C GLN P 390 69.23 45.75 3.61
N ASN P 391 68.48 46.84 3.73
CA ASN P 391 68.89 48.08 3.08
C ASN P 391 70.15 48.66 3.69
N VAL P 392 70.56 48.16 4.86
CA VAL P 392 71.75 48.69 5.50
C VAL P 392 72.96 48.59 4.58
N LEU P 393 73.07 47.46 3.88
CA LEU P 393 74.21 47.26 2.98
C LEU P 393 74.21 48.28 1.85
N SER P 394 73.03 48.66 1.37
CA SER P 394 72.96 49.64 0.29
C SER P 394 73.59 50.96 0.68
N LEU P 395 73.69 51.23 1.98
CA LEU P 395 74.35 52.44 2.43
C LEU P 395 75.85 52.38 2.20
N LEU P 396 76.39 51.17 2.06
CA LEU P 396 77.81 51.00 1.84
C LEU P 396 78.06 50.76 0.36
N ALA Q 2 11.73 -4.35 27.43
CA ALA Q 2 12.11 -3.48 26.33
C ALA Q 2 11.61 -4.06 25.02
N GLN Q 3 12.22 -3.64 23.91
CA GLN Q 3 11.89 -4.17 22.60
C GLN Q 3 12.98 -5.12 22.15
N VAL Q 4 12.69 -6.41 22.22
CA VAL Q 4 13.63 -7.48 21.86
C VAL Q 4 12.93 -8.37 20.85
N ILE Q 5 13.66 -8.76 19.80
CA ILE Q 5 13.09 -9.59 18.76
C ILE Q 5 13.41 -11.05 18.92
N ASN Q 6 14.40 -11.41 19.74
CA ASN Q 6 14.91 -12.78 19.68
C ASN Q 6 13.97 -13.75 20.36
N THR Q 7 13.17 -13.28 21.31
CA THR Q 7 12.15 -14.12 21.93
C THR Q 7 10.88 -13.32 22.12
N ASN Q 8 9.75 -14.00 22.07
CA ASN Q 8 8.46 -13.45 22.44
C ASN Q 8 8.00 -14.04 23.75
N SER Q 9 7.14 -13.32 24.45
CA SER Q 9 6.63 -13.77 25.73
C SER Q 9 5.11 -13.85 25.77
N LEU Q 10 4.41 -12.99 25.04
CA LEU Q 10 2.95 -13.02 25.08
C LEU Q 10 2.41 -14.25 24.40
N SER Q 11 3.03 -14.63 23.28
CA SER Q 11 2.53 -15.74 22.50
C SER Q 11 2.54 -17.03 23.31
N LEU Q 12 3.61 -17.25 24.08
CA LEU Q 12 3.71 -18.47 24.88
C LEU Q 12 2.60 -18.53 25.93
N MET Q 13 2.32 -17.39 26.57
CA MET Q 13 1.26 -17.35 27.57
C MET Q 13 -0.11 -17.60 26.95
N THR Q 14 -0.39 -17.01 25.79
CA THR Q 14 -1.66 -17.28 25.14
C THR Q 14 -1.77 -18.73 24.68
N GLN Q 15 -0.71 -19.27 24.09
CA GLN Q 15 -0.71 -20.67 23.69
C GLN Q 15 -1.05 -21.56 24.87
N ASN Q 16 -0.32 -21.40 25.97
CA ASN Q 16 -0.64 -22.14 27.17
C ASN Q 16 -2.07 -21.95 27.58
N ASN Q 17 -2.62 -20.75 27.38
CA ASN Q 17 -3.95 -20.48 27.87
C ASN Q 17 -5.05 -21.11 27.00
N LEU Q 18 -4.71 -21.52 25.78
CA LEU Q 18 -5.73 -22.10 24.89
C LEU Q 18 -6.09 -23.54 25.28
N ASN Q 19 -5.12 -24.32 25.76
CA ASN Q 19 -5.33 -25.75 25.89
C ASN Q 19 -6.35 -26.06 26.99
N THR Q 20 -6.47 -25.17 27.97
CA THR Q 20 -7.50 -25.32 28.97
C THR Q 20 -8.88 -25.29 28.33
N SER Q 21 -9.08 -24.40 27.37
CA SER Q 21 -10.34 -24.37 26.64
C SER Q 21 -10.53 -25.63 25.83
N GLN Q 22 -9.46 -26.08 25.16
CA GLN Q 22 -9.58 -27.28 24.33
C GLN Q 22 -10.10 -28.47 25.13
N SER Q 23 -9.55 -28.70 26.31
CA SER Q 23 -9.92 -29.89 27.06
C SER Q 23 -11.39 -29.85 27.48
N ALA Q 24 -11.86 -28.70 27.96
CA ALA Q 24 -13.25 -28.59 28.34
C ALA Q 24 -14.16 -28.83 27.15
N LEU Q 25 -13.77 -28.29 25.99
CA LEU Q 25 -14.56 -28.51 24.79
C LEU Q 25 -14.65 -30.01 24.46
N ASN Q 26 -13.52 -30.71 24.54
CA ASN Q 26 -13.54 -32.13 24.22
C ASN Q 26 -14.46 -32.89 25.15
N THR Q 27 -14.38 -32.63 26.46
CA THR Q 27 -15.25 -33.34 27.38
C THR Q 27 -16.71 -33.05 27.08
N ALA Q 28 -17.02 -31.79 26.80
CA ALA Q 28 -18.41 -31.44 26.50
C ALA Q 28 -18.91 -32.20 25.28
N ILE Q 29 -18.11 -32.24 24.23
CA ILE Q 29 -18.53 -32.93 23.01
C ILE Q 29 -18.79 -34.40 23.32
N GLN Q 30 -17.86 -35.06 24.01
CA GLN Q 30 -18.01 -36.49 24.25
C GLN Q 30 -19.29 -36.77 25.03
N ARG Q 31 -19.55 -35.97 26.06
CA ARG Q 31 -20.74 -36.16 26.87
C ARG Q 31 -22.01 -36.06 26.03
N LEU Q 32 -22.03 -35.13 25.07
CA LEU Q 32 -23.24 -34.94 24.26
C LEU Q 32 -23.50 -36.13 23.37
N SER Q 33 -22.50 -36.55 22.61
CA SER Q 33 -22.71 -37.63 21.66
C SER Q 33 -23.01 -38.94 22.37
N SER Q 34 -22.19 -39.30 23.35
CA SER Q 34 -22.25 -40.65 23.87
C SER Q 34 -23.52 -40.87 24.69
N GLY Q 35 -24.02 -39.84 25.34
CA GLY Q 35 -25.30 -39.91 26.00
C GLY Q 35 -25.27 -40.27 27.47
N LEU Q 36 -24.12 -40.18 28.13
CA LEU Q 36 -24.03 -40.48 29.56
C LEU Q 36 -22.90 -39.68 30.18
N ARG Q 37 -22.82 -39.71 31.50
CA ARG Q 37 -21.90 -38.81 32.21
C ARG Q 37 -20.55 -39.45 32.46
N ILE Q 38 -20.52 -40.75 32.76
CA ILE Q 38 -19.30 -41.47 33.10
C ILE Q 38 -18.81 -42.17 31.83
N ASN Q 39 -17.84 -41.57 31.15
CA ASN Q 39 -17.24 -42.21 30.00
C ASN Q 39 -16.13 -43.17 30.38
N SER Q 40 -15.67 -43.13 31.63
CA SER Q 40 -14.56 -43.96 32.07
C SER Q 40 -14.45 -43.84 33.58
N ALA Q 41 -13.40 -44.47 34.12
CA ALA Q 41 -13.16 -44.36 35.55
C ALA Q 41 -12.51 -43.03 35.91
N LYS Q 42 -12.02 -42.29 34.91
CA LYS Q 42 -11.37 -41.01 35.18
C LYS Q 42 -12.34 -40.02 35.78
N ASP Q 43 -13.57 -39.98 35.26
CA ASP Q 43 -14.54 -38.98 35.69
C ASP Q 43 -14.97 -39.20 37.14
N ASP Q 44 -15.12 -40.46 37.54
CA ASP Q 44 -15.47 -40.76 38.93
C ASP Q 44 -15.03 -42.19 39.22
N ALA Q 45 -13.97 -42.34 40.01
CA ALA Q 45 -13.56 -43.66 40.45
C ALA Q 45 -14.55 -44.27 41.44
N ALA Q 46 -15.23 -43.43 42.21
CA ALA Q 46 -15.99 -43.93 43.35
C ALA Q 46 -17.34 -44.51 42.94
N GLY Q 47 -18.06 -43.85 42.03
CA GLY Q 47 -19.43 -44.23 41.77
C GLY Q 47 -19.56 -45.37 40.77
N GLN Q 48 -18.47 -45.68 40.06
CA GLN Q 48 -18.53 -46.68 39.01
C GLN Q 48 -18.89 -48.05 39.55
N ALA Q 49 -18.25 -48.45 40.64
CA ALA Q 49 -18.54 -49.76 41.23
C ALA Q 49 -19.95 -49.81 41.78
N ILE Q 50 -20.42 -48.71 42.35
CA ILE Q 50 -21.78 -48.66 42.87
C ILE Q 50 -22.78 -48.91 41.76
N ALA Q 51 -22.61 -48.22 40.64
CA ALA Q 51 -23.49 -48.41 39.51
C ALA Q 51 -23.41 -49.84 38.99
N ASN Q 52 -22.20 -50.39 38.92
CA ASN Q 52 -22.03 -51.77 38.44
C ASN Q 52 -22.81 -52.75 39.31
N ARG Q 53 -22.70 -52.62 40.63
CA ARG Q 53 -23.40 -53.53 41.51
C ARG Q 53 -24.90 -53.34 41.40
N PHE Q 54 -25.35 -52.11 41.10
CA PHE Q 54 -26.78 -51.94 40.81
C PHE Q 54 -27.19 -52.72 39.56
N THR Q 55 -26.36 -52.66 38.53
CA THR Q 55 -26.69 -53.32 37.27
C THR Q 55 -26.86 -54.81 37.47
N ALA Q 56 -25.94 -55.41 38.23
CA ALA Q 56 -26.02 -56.86 38.43
C ALA Q 56 -27.32 -57.26 39.13
N ASN Q 57 -27.72 -56.51 40.15
CA ASN Q 57 -28.98 -56.76 40.83
C ASN Q 57 -30.16 -56.69 39.88
N ILE Q 58 -30.22 -55.64 39.06
CA ILE Q 58 -31.33 -55.51 38.11
C ILE Q 58 -31.40 -56.73 37.21
N LYS Q 59 -30.26 -57.11 36.63
CA LYS Q 59 -30.28 -58.18 35.65
C LYS Q 59 -30.69 -59.50 36.29
N GLY Q 60 -30.20 -59.78 37.49
CA GLY Q 60 -30.60 -61.01 38.16
C GLY Q 60 -32.07 -61.05 38.52
N LEU Q 61 -32.60 -59.92 39.00
CA LEU Q 61 -34.01 -59.90 39.40
C LEU Q 61 -34.91 -60.15 38.21
N THR Q 62 -34.56 -59.63 37.04
CA THR Q 62 -35.37 -59.89 35.84
C THR Q 62 -35.58 -61.39 35.62
N GLN Q 63 -34.49 -62.17 35.64
CA GLN Q 63 -34.60 -63.60 35.41
C GLN Q 63 -35.33 -64.30 36.56
N ALA Q 64 -35.09 -63.82 37.78
CA ALA Q 64 -35.86 -64.33 38.92
C ALA Q 64 -37.34 -64.23 38.65
N GLN Q 65 -37.76 -63.18 37.95
CA GLN Q 65 -39.18 -63.03 37.62
C GLN Q 65 -39.67 -64.20 36.80
N ARG Q 66 -38.91 -64.62 35.79
CA ARG Q 66 -39.38 -65.65 34.86
C ARG Q 66 -39.51 -66.99 35.56
N ASN Q 67 -38.59 -67.31 36.45
CA ASN Q 67 -38.63 -68.64 37.05
C ASN Q 67 -39.93 -68.86 37.81
N ALA Q 68 -40.44 -67.83 38.47
CA ALA Q 68 -41.70 -67.97 39.19
C ALA Q 68 -42.84 -68.31 38.23
N ASN Q 69 -42.84 -67.69 37.05
CA ASN Q 69 -43.87 -67.99 36.07
C ASN Q 69 -43.84 -69.47 35.69
N ASP Q 70 -42.64 -70.01 35.48
CA ASP Q 70 -42.55 -71.44 35.16
C ASP Q 70 -43.16 -72.28 36.28
N GLY Q 71 -42.84 -71.95 37.53
CA GLY Q 71 -43.43 -72.67 38.63
C GLY Q 71 -44.95 -72.60 38.61
N ILE Q 72 -45.49 -71.43 38.32
CA ILE Q 72 -46.95 -71.28 38.25
C ILE Q 72 -47.51 -72.24 37.23
N SER Q 73 -46.88 -72.30 36.06
CA SER Q 73 -47.38 -73.17 35.00
C SER Q 73 -47.44 -74.61 35.46
N LEU Q 74 -46.39 -75.07 36.12
CA LEU Q 74 -46.37 -76.47 36.58
C LEU Q 74 -47.50 -76.74 37.58
N ALA Q 75 -47.66 -75.83 38.54
CA ALA Q 75 -48.71 -76.01 39.54
C ALA Q 75 -50.08 -76.04 38.90
N GLN Q 76 -50.31 -75.19 37.92
CA GLN Q 76 -51.58 -75.22 37.19
C GLN Q 76 -51.76 -76.54 36.47
N THR Q 77 -50.70 -77.04 35.85
CA THR Q 77 -50.81 -78.25 35.05
C THR Q 77 -51.33 -79.41 35.87
N THR Q 78 -50.85 -79.55 37.10
CA THR Q 78 -51.20 -80.75 37.87
C THR Q 78 -52.70 -80.83 38.18
N GLU Q 79 -53.33 -79.69 38.48
CA GLU Q 79 -54.72 -79.71 38.94
C GLU Q 79 -55.65 -80.27 37.88
N GLY Q 80 -55.42 -79.91 36.61
CA GLY Q 80 -56.26 -80.42 35.55
C GLY Q 80 -56.29 -81.93 35.52
N ALA Q 81 -55.13 -82.56 35.70
CA ALA Q 81 -55.10 -84.02 35.80
C ALA Q 81 -55.89 -84.49 37.01
N LEU Q 82 -55.72 -83.83 38.16
CA LEU Q 82 -56.41 -84.32 39.36
C LEU Q 82 -57.92 -84.31 39.20
N THR Q 83 -58.43 -83.40 38.37
CA THR Q 83 -59.88 -83.24 38.28
C THR Q 83 -60.56 -84.51 37.81
N GLU Q 84 -59.98 -85.19 36.83
CA GLU Q 84 -60.62 -86.37 36.28
C GLU Q 84 -60.63 -87.53 37.28
N VAL Q 85 -59.57 -87.65 38.08
CA VAL Q 85 -59.56 -88.66 39.13
C VAL Q 85 -60.69 -88.39 40.11
N ASN Q 86 -60.85 -87.12 40.49
CA ASN Q 86 -61.97 -86.80 41.39
C ASN Q 86 -63.30 -87.20 40.76
N ASN Q 87 -63.48 -86.92 39.48
CA ASN Q 87 -64.74 -87.26 38.83
C ASN Q 87 -64.99 -88.76 38.82
N ASN Q 88 -63.96 -89.55 38.51
CA ASN Q 88 -64.13 -91.01 38.47
C ASN Q 88 -64.51 -91.56 39.83
N LEU Q 89 -63.85 -91.08 40.89
CA LEU Q 89 -64.20 -91.55 42.22
C LEU Q 89 -65.64 -91.20 42.54
N GLN Q 90 -66.06 -89.99 42.19
CA GLN Q 90 -67.39 -89.53 42.55
C GLN Q 90 -68.47 -90.38 41.89
N ARG Q 91 -68.10 -91.13 40.84
CA ARG Q 91 -69.07 -91.97 40.15
C ARG Q 91 -69.00 -93.41 40.61
N ILE Q 92 -67.80 -93.90 40.93
CA ILE Q 92 -67.69 -95.24 41.50
C ILE Q 92 -68.46 -95.31 42.81
N ARG Q 93 -68.42 -94.23 43.58
CA ARG Q 93 -69.20 -94.21 44.82
C ARG Q 93 -70.68 -94.45 44.53
N GLU Q 94 -71.25 -93.71 43.58
CA GLU Q 94 -72.65 -93.89 43.25
C GLU Q 94 -72.93 -95.32 42.82
N LEU Q 95 -72.06 -95.87 41.99
CA LEU Q 95 -72.31 -97.23 41.52
C LEU Q 95 -72.37 -98.21 42.67
N SER Q 96 -71.44 -98.09 43.62
CA SER Q 96 -71.46 -98.97 44.78
C SER Q 96 -72.73 -98.79 45.60
N VAL Q 97 -73.25 -97.56 45.67
CA VAL Q 97 -74.44 -97.30 46.48
C VAL Q 97 -75.61 -98.16 46.01
N GLN Q 98 -75.66 -98.48 44.72
CA GLN Q 98 -76.77 -99.25 44.21
C GLN Q 98 -76.66 -100.72 44.58
N ALA Q 99 -75.46 -101.30 44.44
CA ALA Q 99 -75.29 -102.73 44.53
C ALA Q 99 -75.52 -103.28 45.93
N ALA Q 100 -75.57 -102.44 46.94
CA ALA Q 100 -75.91 -102.90 48.28
C ALA Q 100 -77.35 -103.34 48.39
N THR Q 101 -78.20 -103.01 47.42
CA THR Q 101 -79.59 -103.39 47.46
C THR Q 101 -79.73 -104.90 47.37
N GLY Q 102 -80.69 -105.44 48.12
CA GLY Q 102 -80.87 -106.87 48.13
C GLY Q 102 -81.62 -107.39 46.92
N SER Q 103 -82.29 -106.50 46.19
CA SER Q 103 -83.23 -106.96 45.17
C SER Q 103 -82.53 -107.55 43.95
N ASN Q 104 -81.27 -107.17 43.71
CA ASN Q 104 -80.59 -107.56 42.49
C ASN Q 104 -80.29 -109.06 42.46
N SER Q 105 -80.00 -109.56 41.27
CA SER Q 105 -79.56 -110.94 41.11
C SER Q 105 -78.05 -110.99 40.83
N ALA Q 106 -77.57 -112.19 40.50
CA ALA Q 106 -76.14 -112.38 40.31
C ALA Q 106 -75.65 -111.67 39.05
N SER Q 107 -76.33 -111.87 37.92
CA SER Q 107 -75.83 -111.35 36.66
C SER Q 107 -75.69 -109.84 36.70
N ASP Q 108 -76.63 -109.15 37.32
CA ASP Q 108 -76.51 -107.71 37.45
C ASP Q 108 -75.29 -107.33 38.26
N LEU Q 109 -74.98 -108.12 39.29
CA LEU Q 109 -73.79 -107.87 40.08
C LEU Q 109 -72.53 -107.97 39.21
N GLN Q 110 -72.49 -108.97 38.34
CA GLN Q 110 -71.37 -109.06 37.40
C GLN Q 110 -71.32 -107.84 36.48
N SER Q 111 -72.49 -107.42 35.99
CA SER Q 111 -72.56 -106.35 35.00
C SER Q 111 -72.33 -104.98 35.63
N ILE Q 112 -72.30 -104.92 36.95
CA ILE Q 112 -71.84 -103.70 37.61
C ILE Q 112 -70.34 -103.78 37.88
N GLN Q 113 -69.88 -104.96 38.28
CA GLN Q 113 -68.48 -105.10 38.67
C GLN Q 113 -67.55 -104.82 37.50
N ASP Q 114 -67.91 -105.27 36.31
CA ASP Q 114 -67.03 -105.02 35.16
C ASP Q 114 -66.87 -103.52 34.87
N GLU Q 115 -67.96 -102.77 34.93
CA GLU Q 115 -67.84 -101.33 34.71
C GLU Q 115 -66.98 -100.69 35.79
N ILE Q 116 -67.16 -101.11 37.05
CA ILE Q 116 -66.30 -100.57 38.11
C ILE Q 116 -64.84 -100.84 37.79
N LYS Q 117 -64.54 -102.04 37.31
CA LYS Q 117 -63.17 -102.39 36.94
C LYS Q 117 -62.61 -101.43 35.90
N GLN Q 118 -63.43 -101.05 34.92
CA GLN Q 118 -62.96 -100.09 33.91
C GLN Q 118 -62.46 -98.80 34.55
N ARG Q 119 -63.29 -98.20 35.41
CA ARG Q 119 -62.94 -96.94 36.03
C ARG Q 119 -61.69 -97.07 36.87
N LEU Q 120 -61.52 -98.20 37.57
CA LEU Q 120 -60.29 -98.38 38.33
C LEU Q 120 -59.05 -98.27 37.44
N GLU Q 121 -59.08 -98.94 36.28
CA GLU Q 121 -57.93 -98.89 35.38
C GLU Q 121 -57.65 -97.48 34.89
N GLU Q 122 -58.71 -96.67 34.76
CA GLU Q 122 -58.49 -95.33 34.22
C GLU Q 122 -57.53 -94.51 35.09
N ILE Q 123 -57.66 -94.61 36.41
CA ILE Q 123 -56.80 -93.82 37.30
C ILE Q 123 -55.34 -94.21 37.14
N ASN Q 124 -55.08 -95.52 37.09
CA ASN Q 124 -53.72 -95.98 36.88
C ASN Q 124 -53.17 -95.46 35.57
N ARG Q 125 -54.01 -95.41 34.53
CA ARG Q 125 -53.53 -94.86 33.27
C ARG Q 125 -53.10 -93.41 33.43
N VAL Q 126 -53.98 -92.58 33.97
CA VAL Q 126 -53.71 -91.15 34.04
C VAL Q 126 -52.45 -90.88 34.86
N SER Q 127 -52.27 -91.63 35.95
CA SER Q 127 -51.07 -91.43 36.76
C SER Q 127 -49.80 -91.80 35.99
N GLU Q 128 -49.95 -92.58 34.92
CA GLU Q 128 -48.78 -93.00 34.17
C GLU Q 128 -48.42 -92.03 33.06
N GLN Q 129 -49.38 -91.67 32.19
CA GLN Q 129 -49.02 -90.77 31.09
C GLN Q 129 -48.59 -89.40 31.58
N THR Q 130 -49.40 -88.74 32.41
CA THR Q 130 -49.29 -87.30 32.61
C THR Q 130 -47.87 -86.88 32.96
N GLN Q 131 -47.43 -85.74 32.39
CA GLN Q 131 -46.09 -85.24 32.66
C GLN Q 131 -45.96 -83.81 32.13
N PHE Q 132 -44.87 -83.16 32.52
CA PHE Q 132 -44.59 -81.78 32.16
C PHE Q 132 -43.09 -81.62 32.02
N ASN Q 133 -42.64 -81.33 30.80
CA ASN Q 133 -41.22 -81.08 30.54
C ASN Q 133 -40.36 -82.27 30.94
N GLY Q 134 -40.94 -83.47 30.85
CA GLY Q 134 -40.19 -84.66 31.18
C GLY Q 134 -40.14 -85.00 32.65
N VAL Q 135 -41.12 -84.58 33.44
CA VAL Q 135 -41.16 -84.87 34.86
C VAL Q 135 -42.54 -85.42 35.19
N LYS Q 136 -42.59 -86.65 35.70
CA LYS Q 136 -43.86 -87.27 36.06
C LYS Q 136 -44.33 -86.66 37.37
N VAL Q 137 -45.22 -85.68 37.28
CA VAL Q 137 -45.65 -84.95 38.47
C VAL Q 137 -46.48 -85.84 39.38
N LEU Q 138 -47.05 -86.91 38.85
CA LEU Q 138 -47.93 -87.76 39.63
C LEU Q 138 -47.39 -89.17 39.86
N ALA Q 139 -46.08 -89.35 39.98
CA ALA Q 139 -45.57 -90.70 40.16
C ALA Q 139 -44.37 -90.81 41.09
N LYS Q 140 -44.10 -89.80 41.94
CA LYS Q 140 -42.83 -89.83 42.65
C LYS Q 140 -42.90 -89.65 44.16
N ASP Q 141 -43.80 -88.82 44.68
CA ASP Q 141 -43.87 -88.56 46.12
C ASP Q 141 -42.57 -87.93 46.65
N THR Q 142 -42.26 -86.73 46.17
CA THR Q 142 -41.07 -86.02 46.60
C THR Q 142 -41.26 -84.53 46.43
N LYS Q 143 -40.23 -83.78 46.80
CA LYS Q 143 -40.26 -82.33 46.90
C LYS Q 143 -39.31 -81.71 45.90
N MET Q 144 -39.71 -80.60 45.30
CA MET Q 144 -38.88 -79.88 44.34
C MET Q 144 -38.94 -78.39 44.63
N ASN Q 145 -37.89 -77.66 44.27
CA ASN Q 145 -37.71 -76.29 44.73
C ASN Q 145 -37.44 -75.33 43.58
N ILE Q 146 -38.13 -74.20 43.59
CA ILE Q 146 -37.93 -73.15 42.60
C ILE Q 146 -37.10 -72.02 43.21
N GLN Q 147 -36.23 -71.44 42.40
CA GLN Q 147 -35.27 -70.45 42.87
C GLN Q 147 -35.76 -69.05 42.53
N VAL Q 148 -36.28 -68.34 43.52
CA VAL Q 148 -36.74 -66.97 43.36
C VAL Q 148 -35.83 -66.03 44.15
N GLY Q 149 -35.11 -65.17 43.44
CA GLY Q 149 -34.15 -64.32 44.10
C GLY Q 149 -32.76 -64.48 43.55
N ALA Q 150 -31.92 -63.48 43.71
CA ALA Q 150 -30.65 -63.40 43.01
C ALA Q 150 -29.46 -63.82 43.85
N ASN Q 151 -29.68 -64.43 45.01
CA ASN Q 151 -28.58 -64.96 45.81
C ASN Q 151 -28.88 -66.42 46.15
N ASP Q 152 -27.96 -67.03 46.88
CA ASP Q 152 -28.09 -68.46 47.17
C ASP Q 152 -29.20 -68.71 48.18
N GLY Q 153 -29.71 -69.94 48.19
CA GLY Q 153 -30.62 -70.37 49.23
C GLY Q 153 -31.93 -69.61 49.30
N GLU Q 154 -32.58 -69.39 48.17
CA GLU Q 154 -33.85 -68.68 48.11
C GLU Q 154 -34.99 -69.56 47.64
N ILE Q 155 -34.90 -70.86 47.86
CA ILE Q 155 -35.79 -71.78 47.18
C ILE Q 155 -37.19 -71.70 47.79
N ILE Q 156 -38.15 -72.23 47.05
CA ILE Q 156 -39.50 -72.46 47.54
C ILE Q 156 -39.91 -73.85 47.11
N ALA Q 157 -40.58 -74.58 47.98
CA ALA Q 157 -40.82 -76.00 47.77
C ALA Q 157 -42.28 -76.27 47.42
N ILE Q 158 -42.50 -77.29 46.60
CA ILE Q 158 -43.84 -77.78 46.28
C ILE Q 158 -43.97 -79.16 46.92
N ASP Q 159 -45.21 -79.62 47.11
CA ASP Q 159 -45.38 -80.86 47.86
C ASP Q 159 -45.24 -82.09 46.96
N LEU Q 160 -46.14 -82.25 45.99
CA LEU Q 160 -46.06 -83.33 45.00
C LEU Q 160 -46.05 -84.72 45.64
N LYS Q 161 -47.18 -85.10 46.23
CA LYS Q 161 -47.35 -86.48 46.64
C LYS Q 161 -47.73 -87.35 45.44
N GLU Q 162 -47.69 -88.65 45.64
CA GLU Q 162 -47.79 -89.62 44.55
C GLU Q 162 -49.07 -90.43 44.68
N ILE Q 163 -49.79 -90.58 43.57
CA ILE Q 163 -51.11 -91.19 43.55
C ILE Q 163 -51.10 -92.39 42.63
N THR Q 164 -51.59 -93.53 43.14
CA THR Q 164 -51.97 -94.67 42.31
C THR Q 164 -53.21 -95.29 42.94
N ALA Q 165 -53.87 -96.14 42.17
CA ALA Q 165 -55.07 -96.80 42.66
C ALA Q 165 -54.74 -97.79 43.77
N LYS Q 166 -53.46 -98.04 43.99
CA LYS Q 166 -53.04 -98.95 45.04
C LYS Q 166 -52.74 -98.21 46.34
N THR Q 167 -52.18 -97.00 46.23
CA THR Q 167 -51.88 -96.21 47.41
C THR Q 167 -53.15 -95.85 48.17
N LEU Q 168 -54.21 -95.48 47.46
CA LEU Q 168 -55.46 -95.08 48.10
C LEU Q 168 -56.14 -96.23 48.83
N GLY Q 169 -55.60 -97.45 48.76
CA GLY Q 169 -56.18 -98.56 49.46
C GLY Q 169 -57.27 -99.29 48.72
N LEU Q 170 -57.49 -98.99 47.44
CA LEU Q 170 -58.55 -99.60 46.67
C LEU Q 170 -58.12 -100.84 45.92
N ASP Q 171 -56.97 -101.42 46.27
CA ASP Q 171 -56.51 -102.61 45.56
C ASP Q 171 -57.45 -103.77 45.78
N GLY Q 172 -57.66 -104.55 44.73
CA GLY Q 172 -58.50 -105.74 44.85
C GLY Q 172 -59.92 -105.43 45.24
N PHE Q 173 -60.35 -104.19 45.06
CA PHE Q 173 -61.68 -103.75 45.46
C PHE Q 173 -62.71 -104.34 44.50
N ASN Q 174 -63.78 -104.91 45.06
CA ASN Q 174 -64.78 -105.52 44.21
C ASN Q 174 -66.06 -105.74 44.99
N VAL Q 175 -67.08 -106.17 44.26
CA VAL Q 175 -68.32 -106.68 44.82
C VAL Q 175 -68.53 -108.03 44.15
N SER Q 176 -69.64 -108.68 44.49
CA SER Q 176 -70.20 -109.87 43.86
C SER Q 176 -69.52 -111.16 44.30
N GLY Q 177 -68.47 -111.11 45.09
CA GLY Q 177 -67.83 -112.31 45.58
C GLY Q 177 -67.11 -113.07 44.49
N PRO Q 178 -66.53 -114.20 44.85
CA PRO Q 178 -65.82 -115.00 43.85
C PRO Q 178 -66.77 -115.60 42.83
N LYS Q 179 -66.24 -115.89 41.63
CA LYS Q 179 -67.07 -116.46 40.58
C LYS Q 179 -67.06 -117.99 40.57
N GLY Q 180 -65.94 -118.62 40.92
CA GLY Q 180 -65.87 -120.07 40.94
C GLY Q 180 -65.08 -120.55 42.14
N THR Q 181 -65.00 -121.87 42.27
CA THR Q 181 -64.22 -122.45 43.34
C THR Q 181 -62.74 -122.12 43.13
N PRO Q 182 -62.07 -121.58 44.14
CA PRO Q 182 -60.71 -121.09 43.93
C PRO Q 182 -59.72 -122.19 43.64
N ALA Q 183 -58.54 -121.79 43.16
CA ALA Q 183 -57.42 -122.67 42.91
C ALA Q 183 -56.22 -122.17 43.71
N ALA Q 184 -55.07 -122.78 43.46
CA ALA Q 184 -53.87 -122.40 44.18
C ALA Q 184 -53.29 -121.09 43.64
N LEU Q 185 -52.33 -120.54 44.38
CA LEU Q 185 -51.61 -119.34 43.98
C LEU Q 185 -50.27 -119.74 43.38
N VAL Q 186 -50.12 -119.55 42.07
CA VAL Q 186 -48.86 -119.83 41.41
C VAL Q 186 -47.91 -118.67 41.67
N ALA Q 187 -46.63 -118.86 41.35
CA ALA Q 187 -45.63 -117.85 41.68
C ALA Q 187 -45.80 -116.60 40.83
N ALA Q 188 -46.54 -116.69 39.73
CA ALA Q 188 -46.67 -115.55 38.83
C ALA Q 188 -47.34 -114.37 39.51
N ASP Q 189 -48.44 -114.63 40.24
CA ASP Q 189 -49.19 -113.53 40.82
C ASP Q 189 -48.40 -112.81 41.91
N TYR Q 190 -47.41 -113.48 42.49
CA TYR Q 190 -46.57 -112.81 43.47
C TYR Q 190 -45.87 -111.61 42.85
N GLN Q 191 -45.38 -111.76 41.62
CA GLN Q 191 -44.72 -110.64 40.96
C GLN Q 191 -45.68 -109.48 40.75
N ALA Q 192 -46.90 -109.77 40.28
CA ALA Q 192 -47.87 -108.71 40.08
C ALA Q 192 -48.24 -108.03 41.39
N ALA Q 193 -48.27 -108.80 42.48
CA ALA Q 193 -48.69 -108.24 43.75
C ALA Q 193 -47.61 -107.37 44.37
N TYR Q 194 -46.35 -107.81 44.33
CA TYR Q 194 -45.30 -107.12 45.06
C TYR Q 194 -44.08 -106.75 44.22
N GLY Q 195 -44.18 -106.84 42.90
CA GLY Q 195 -43.04 -106.47 42.09
C GLY Q 195 -42.35 -107.69 41.51
N THR Q 196 -41.67 -107.46 40.38
CA THR Q 196 -41.13 -108.58 39.60
C THR Q 196 -40.02 -109.30 40.34
N THR Q 197 -39.24 -108.59 41.16
CA THR Q 197 -38.12 -109.18 41.86
C THR Q 197 -38.45 -109.53 43.31
N THR Q 198 -39.70 -109.88 43.60
CA THR Q 198 -40.08 -110.22 44.95
C THR Q 198 -39.51 -111.57 45.35
N ASN Q 199 -39.39 -111.79 46.65
CA ASN Q 199 -38.90 -113.05 47.18
C ASN Q 199 -39.95 -113.80 47.99
N VAL Q 200 -41.14 -113.24 48.18
CA VAL Q 200 -42.16 -113.90 48.97
C VAL Q 200 -42.74 -115.07 48.18
N THR Q 201 -42.93 -116.20 48.86
CA THR Q 201 -43.38 -117.41 48.20
C THR Q 201 -44.65 -118.03 48.78
N THR Q 202 -44.80 -118.06 50.10
CA THR Q 202 -45.97 -118.69 50.69
C THR Q 202 -46.58 -117.76 51.71
N THR Q 203 -47.88 -117.91 51.93
CA THR Q 203 -48.63 -117.03 52.81
C THR Q 203 -49.43 -117.84 53.81
N ALA Q 204 -49.42 -117.37 55.06
CA ALA Q 204 -50.18 -118.00 56.13
C ALA Q 204 -50.99 -116.94 56.85
N VAL Q 205 -52.27 -117.23 57.08
CA VAL Q 205 -53.21 -116.26 57.61
C VAL Q 205 -53.69 -116.73 58.98
N THR Q 206 -53.62 -115.82 59.96
CA THR Q 206 -54.05 -116.11 61.32
C THR Q 206 -54.72 -114.87 61.89
N GLU Q 207 -55.79 -115.10 62.64
CA GLU Q 207 -56.58 -113.98 63.14
C GLU Q 207 -55.85 -113.26 64.27
N SER Q 208 -56.45 -112.17 64.76
CA SER Q 208 -55.76 -111.30 65.70
C SER Q 208 -55.83 -111.83 67.12
N SER Q 209 -57.03 -111.90 67.69
CA SER Q 209 -57.20 -112.24 69.09
C SER Q 209 -58.06 -113.49 69.24
N ALA Q 210 -57.65 -114.37 70.14
CA ALA Q 210 -58.15 -115.74 70.20
C ALA Q 210 -59.65 -115.82 69.95
N ASN Q 211 -60.01 -116.59 68.92
CA ASN Q 211 -61.39 -117.00 68.59
C ASN Q 211 -62.42 -115.91 68.90
N ALA Q 212 -62.12 -114.69 68.45
CA ALA Q 212 -63.07 -113.59 68.65
C ALA Q 212 -64.33 -113.80 67.82
N LEU Q 213 -64.19 -114.30 66.58
CA LEU Q 213 -65.35 -114.50 65.73
C LEU Q 213 -66.31 -115.52 66.32
N ALA Q 214 -65.78 -116.62 66.87
CA ALA Q 214 -66.64 -117.64 67.46
C ALA Q 214 -67.44 -117.06 68.63
N GLY Q 215 -66.81 -116.21 69.43
CA GLY Q 215 -67.55 -115.56 70.50
C GLY Q 215 -68.58 -114.57 69.97
N ARG Q 216 -68.22 -113.86 68.89
CA ARG Q 216 -69.14 -112.88 68.32
C ARG Q 216 -70.39 -113.55 67.78
N LEU Q 217 -70.25 -114.71 67.15
CA LEU Q 217 -71.41 -115.50 66.76
C LEU Q 217 -72.14 -116.11 67.96
N GLY Q 218 -71.54 -116.10 69.14
CA GLY Q 218 -72.19 -116.66 70.32
C GLY Q 218 -72.54 -118.12 70.16
N VAL Q 219 -71.58 -118.92 69.68
CA VAL Q 219 -71.81 -120.32 69.36
C VAL Q 219 -70.76 -121.17 70.05
N ALA Q 220 -70.80 -122.47 69.75
CA ALA Q 220 -69.80 -123.38 70.27
C ALA Q 220 -68.41 -123.00 69.75
N ASN Q 221 -67.43 -123.11 70.63
CA ASN Q 221 -66.08 -122.64 70.31
C ASN Q 221 -65.46 -123.44 69.18
N GLY Q 222 -65.67 -124.76 69.17
CA GLY Q 222 -65.03 -125.61 68.19
C GLY Q 222 -65.78 -125.77 66.89
N SER Q 223 -66.86 -125.02 66.68
CA SER Q 223 -67.67 -125.22 65.48
C SER Q 223 -67.10 -124.47 64.28
N VAL Q 224 -66.07 -123.65 64.49
CA VAL Q 224 -65.49 -122.85 63.43
C VAL Q 224 -63.98 -123.14 63.36
N ALA Q 225 -63.47 -123.20 62.14
CA ALA Q 225 -62.05 -123.40 61.89
C ALA Q 225 -61.59 -122.47 60.78
N LEU Q 226 -60.31 -122.11 60.80
CA LEU Q 226 -59.75 -121.16 59.85
C LEU Q 226 -58.75 -121.86 58.94
N ALA Q 227 -58.86 -121.60 57.64
CA ALA Q 227 -57.93 -122.19 56.69
C ALA Q 227 -56.56 -121.55 56.82
N ALA Q 228 -55.53 -122.33 56.50
CA ALA Q 228 -54.15 -121.87 56.69
C ALA Q 228 -53.73 -120.88 55.62
N THR Q 229 -54.14 -121.11 54.37
CA THR Q 229 -53.56 -120.40 53.24
C THR Q 229 -54.65 -119.77 52.39
N ALA Q 230 -54.26 -118.75 51.63
CA ALA Q 230 -55.18 -118.04 50.77
C ALA Q 230 -55.24 -118.67 49.38
N GLU Q 231 -56.28 -118.33 48.63
CA GLU Q 231 -56.46 -118.78 47.27
C GLU Q 231 -56.87 -117.62 46.39
N LYS Q 232 -57.15 -117.93 45.12
CA LYS Q 232 -57.58 -116.92 44.18
C LYS Q 232 -58.76 -117.43 43.37
N ASP Q 233 -59.66 -116.53 43.00
CA ASP Q 233 -60.73 -116.87 42.10
C ASP Q 233 -60.23 -116.74 40.67
N ASP Q 234 -61.18 -116.76 39.72
CA ASP Q 234 -60.81 -116.64 38.31
C ASP Q 234 -60.51 -115.20 37.94
N ASN Q 235 -60.90 -114.25 38.79
CA ASN Q 235 -60.67 -112.84 38.52
C ASN Q 235 -59.39 -112.31 39.16
N GLY Q 236 -58.66 -113.14 39.90
CA GLY Q 236 -57.46 -112.71 40.56
C GLY Q 236 -57.65 -112.09 41.92
N ASN Q 237 -58.87 -112.08 42.45
CA ASN Q 237 -59.13 -111.60 43.79
C ASN Q 237 -58.74 -112.66 44.80
N TRP Q 238 -58.14 -112.24 45.91
CA TRP Q 238 -57.63 -113.17 46.90
C TRP Q 238 -58.63 -113.39 48.03
N TYR Q 239 -58.69 -114.62 48.53
CA TYR Q 239 -59.77 -115.01 49.42
C TYR Q 239 -59.20 -115.83 50.58
N ALA Q 240 -60.00 -115.95 51.62
CA ALA Q 240 -59.72 -116.84 52.74
C ALA Q 240 -60.96 -117.68 53.01
N THR Q 241 -60.76 -118.90 53.47
CA THR Q 241 -61.86 -119.86 53.59
C THR Q 241 -62.19 -120.12 55.05
N VAL Q 242 -63.46 -119.96 55.39
CA VAL Q 242 -63.99 -120.25 56.72
C VAL Q 242 -65.08 -121.29 56.57
N THR Q 243 -65.01 -122.34 57.38
CA THR Q 243 -65.98 -123.43 57.34
C THR Q 243 -66.72 -123.50 58.66
N ILE Q 244 -67.98 -123.89 58.61
CA ILE Q 244 -68.86 -123.95 59.78
C ILE Q 244 -69.55 -125.29 59.81
N THR Q 245 -69.61 -125.88 61.01
CA THR Q 245 -70.28 -127.16 61.24
C THR Q 245 -71.31 -126.96 62.35
N ALA Q 246 -72.55 -127.36 62.07
CA ALA Q 246 -73.62 -127.18 63.05
C ALA Q 246 -73.34 -128.00 64.31
N GLY Q 247 -73.70 -127.46 65.46
CA GLY Q 247 -73.47 -128.18 66.70
C GLY Q 247 -74.71 -128.92 67.19
N SER Q 248 -75.84 -128.22 67.24
CA SER Q 248 -77.07 -128.81 67.75
C SER Q 248 -78.26 -128.04 67.20
N ALA Q 249 -79.46 -128.51 67.55
CA ALA Q 249 -80.66 -127.84 67.09
C ALA Q 249 -80.79 -126.44 67.69
N THR Q 250 -80.28 -126.25 68.90
CA THR Q 250 -80.36 -124.93 69.53
C THR Q 250 -79.53 -123.90 68.77
N GLU Q 251 -78.31 -124.28 68.37
CA GLU Q 251 -77.39 -123.35 67.73
C GLU Q 251 -77.72 -123.08 66.27
N VAL Q 252 -78.33 -124.04 65.58
CA VAL Q 252 -78.65 -123.82 64.17
C VAL Q 252 -79.66 -122.70 64.02
N SER Q 253 -80.59 -122.61 64.98
CA SER Q 253 -81.54 -121.49 64.94
C SER Q 253 -80.84 -120.17 65.12
N THR Q 254 -79.85 -120.11 66.02
CA THR Q 254 -79.11 -118.87 66.22
C THR Q 254 -78.36 -118.47 64.95
N LEU Q 255 -77.68 -119.43 64.32
CA LEU Q 255 -76.95 -119.12 63.09
C LEU Q 255 -77.90 -118.67 61.99
N LYS Q 256 -79.08 -119.31 61.90
CA LYS Q 256 -80.08 -118.87 60.93
C LYS Q 256 -80.53 -117.46 61.21
N ALA Q 257 -80.75 -117.13 62.49
CA ALA Q 257 -81.21 -115.78 62.84
C ALA Q 257 -80.15 -114.75 62.53
N LYS Q 258 -78.87 -115.11 62.63
CA LYS Q 258 -77.83 -114.17 62.29
C LYS Q 258 -77.74 -113.93 60.78
N GLY Q 259 -78.25 -114.88 60.00
CA GLY Q 259 -78.33 -114.71 58.55
C GLY Q 259 -77.47 -115.66 57.74
N PHE Q 260 -77.27 -116.91 58.15
CA PHE Q 260 -76.31 -117.76 57.44
C PHE Q 260 -76.99 -118.87 56.65
N GLU Q 261 -78.16 -119.34 57.09
CA GLU Q 261 -78.93 -120.34 56.36
C GLU Q 261 -78.11 -121.62 56.17
N VAL Q 262 -77.83 -122.29 57.28
CA VAL Q 262 -76.99 -123.48 57.28
C VAL Q 262 -77.82 -124.68 57.70
N GLU Q 263 -77.41 -125.85 57.21
CA GLU Q 263 -78.03 -127.11 57.61
C GLU Q 263 -77.51 -127.54 58.98
N ASN Q 264 -77.95 -128.71 59.41
CA ASN Q 264 -77.47 -129.32 60.64
C ASN Q 264 -76.71 -130.60 60.30
N GLY Q 265 -75.56 -130.78 60.95
CA GLY Q 265 -74.74 -131.95 60.68
C GLY Q 265 -73.97 -131.90 59.39
N VAL Q 266 -74.02 -130.79 58.67
CA VAL Q 266 -73.34 -130.63 57.39
C VAL Q 266 -72.39 -129.46 57.51
N ALA Q 267 -71.14 -129.67 57.13
CA ALA Q 267 -70.19 -128.58 57.05
C ALA Q 267 -70.44 -127.74 55.80
N LYS Q 268 -70.20 -126.45 55.91
CA LYS Q 268 -70.35 -125.55 54.78
C LYS Q 268 -69.26 -124.49 54.87
N GLU Q 269 -68.99 -123.83 53.75
CA GLU Q 269 -67.87 -122.93 53.67
C GLU Q 269 -68.32 -121.54 53.26
N PHE Q 270 -67.67 -120.53 53.83
CA PHE Q 270 -67.89 -119.14 53.47
C PHE Q 270 -66.54 -118.46 53.30
N TYR Q 271 -66.54 -117.32 52.62
CA TYR Q 271 -65.31 -116.66 52.24
C TYR Q 271 -65.22 -115.27 52.84
N ILE Q 272 -64.01 -114.73 52.84
CA ILE Q 272 -63.71 -113.38 53.31
C ILE Q 272 -62.67 -112.78 52.37
N ALA Q 273 -63.05 -111.75 51.64
CA ALA Q 273 -62.12 -111.15 50.70
C ALA Q 273 -60.95 -110.48 51.44
N LEU Q 274 -59.79 -110.45 50.77
CA LEU Q 274 -58.56 -110.01 51.39
C LEU Q 274 -57.90 -108.91 50.55
N ASP Q 275 -57.07 -108.11 51.22
CA ASP Q 275 -56.37 -106.99 50.62
C ASP Q 275 -54.88 -107.25 50.62
N PRO Q 276 -54.24 -107.43 49.47
CA PRO Q 276 -52.82 -107.79 49.47
C PRO Q 276 -51.91 -106.76 50.12
N GLN Q 277 -52.20 -105.47 49.96
CA GLN Q 277 -51.30 -104.45 50.47
C GLN Q 277 -51.27 -104.46 51.99
N SER Q 278 -52.40 -104.73 52.62
CA SER Q 278 -52.49 -104.64 54.08
C SER Q 278 -51.61 -105.68 54.75
N ALA Q 279 -51.35 -106.80 54.09
CA ALA Q 279 -50.54 -107.86 54.68
C ALA Q 279 -49.12 -107.36 54.92
N ASP Q 280 -48.52 -107.83 56.02
CA ASP Q 280 -47.18 -107.42 56.41
C ASP Q 280 -46.20 -108.54 56.11
N VAL Q 281 -45.00 -108.18 55.63
CA VAL Q 281 -43.98 -109.13 55.22
C VAL Q 281 -42.63 -108.84 55.83
N THR Q 282 -42.46 -107.71 56.51
CA THR Q 282 -41.13 -107.29 56.92
C THR Q 282 -40.61 -108.14 58.09
N THR Q 283 -41.50 -108.85 58.78
CA THR Q 283 -41.06 -109.58 59.97
C THR Q 283 -40.26 -110.83 59.61
N THR Q 284 -40.71 -111.59 58.61
CA THR Q 284 -40.07 -112.83 58.21
C THR Q 284 -39.94 -112.87 56.71
N ALA Q 285 -38.73 -113.16 56.22
CA ALA Q 285 -38.48 -113.11 54.79
C ALA Q 285 -39.18 -114.26 54.08
N GLY Q 286 -39.70 -113.96 52.88
CA GLY Q 286 -40.26 -114.96 52.00
C GLY Q 286 -41.67 -115.38 52.33
N THR Q 287 -42.23 -114.96 53.46
CA THR Q 287 -43.57 -115.36 53.86
C THR Q 287 -44.41 -114.13 54.13
N ALA Q 288 -45.58 -114.07 53.51
CA ALA Q 288 -46.52 -112.97 53.68
C ALA Q 288 -47.58 -113.42 54.68
N ALA Q 289 -47.67 -112.73 55.80
CA ALA Q 289 -48.59 -113.09 56.87
C ALA Q 289 -49.71 -112.07 56.94
N PHE Q 290 -50.94 -112.55 57.01
CA PHE Q 290 -52.11 -111.69 57.15
C PHE Q 290 -52.55 -111.69 58.61
N ALA Q 291 -52.55 -110.51 59.22
CA ALA Q 291 -53.02 -110.34 60.59
C ALA Q 291 -54.52 -110.10 60.53
N LEU Q 292 -55.27 -111.15 60.23
CA LEU Q 292 -56.70 -111.00 60.00
C LEU Q 292 -57.40 -110.52 61.25
N ASP Q 293 -58.41 -109.68 61.07
CA ASP Q 293 -59.16 -109.10 62.18
C ASP Q 293 -60.58 -109.63 62.13
N THR Q 294 -61.09 -110.02 63.29
CA THR Q 294 -62.48 -110.40 63.46
C THR Q 294 -63.20 -109.55 64.50
N ALA Q 295 -62.53 -108.53 65.04
CA ALA Q 295 -63.13 -107.71 66.07
C ALA Q 295 -64.36 -106.98 65.57
N ASN Q 296 -64.29 -106.46 64.34
CA ASN Q 296 -65.40 -105.70 63.75
C ASN Q 296 -65.39 -105.90 62.24
N ILE Q 297 -66.15 -106.87 61.77
CA ILE Q 297 -66.33 -107.12 60.34
C ILE Q 297 -67.82 -107.19 60.06
N GLN Q 298 -68.24 -106.53 58.98
CA GLN Q 298 -69.65 -106.52 58.60
C GLN Q 298 -70.11 -107.93 58.30
N LEU Q 299 -70.95 -108.48 59.19
CA LEU Q 299 -71.24 -109.92 59.15
C LEU Q 299 -71.94 -110.33 57.86
N SER Q 300 -72.86 -109.51 57.37
CA SER Q 300 -73.57 -109.88 56.15
C SER Q 300 -72.63 -110.03 54.98
N SER Q 301 -71.51 -109.28 55.00
CA SER Q 301 -70.55 -109.38 53.91
C SER Q 301 -69.87 -110.74 53.89
N ILE Q 302 -69.81 -111.41 55.04
CA ILE Q 302 -69.17 -112.72 55.11
C ILE Q 302 -69.92 -113.74 54.26
N THR Q 303 -71.26 -113.65 54.25
CA THR Q 303 -72.04 -114.60 53.46
C THR Q 303 -71.70 -114.50 51.98
N SER Q 304 -71.53 -113.27 51.48
CA SER Q 304 -71.27 -113.07 50.06
C SER Q 304 -69.81 -112.76 49.75
N GLY Q 305 -69.08 -112.18 50.68
CA GLY Q 305 -67.67 -111.93 50.47
C GLY Q 305 -67.39 -110.84 49.46
N ALA Q 306 -67.70 -109.60 49.78
CA ALA Q 306 -67.41 -108.48 48.89
C ALA Q 306 -66.90 -107.29 49.71
N SER Q 307 -65.59 -107.24 49.93
CA SER Q 307 -64.88 -106.03 50.35
C SER Q 307 -65.61 -105.23 51.43
N SER Q 308 -65.74 -105.79 52.62
CA SER Q 308 -66.56 -105.22 53.68
C SER Q 308 -66.31 -103.72 53.86
N ASN Q 309 -67.40 -103.00 54.10
CA ASN Q 309 -67.45 -101.56 54.37
C ASN Q 309 -66.91 -100.73 53.22
N PRO Q 310 -67.54 -100.78 52.04
CA PRO Q 310 -67.00 -100.03 50.90
C PRO Q 310 -67.29 -98.53 50.97
N LEU Q 311 -68.50 -98.17 51.34
CA LEU Q 311 -68.89 -96.77 51.35
C LEU Q 311 -68.07 -95.98 52.36
N ALA Q 312 -67.75 -96.61 53.48
CA ALA Q 312 -66.87 -95.96 54.45
C ALA Q 312 -65.43 -95.93 53.95
N LYS Q 313 -65.15 -96.61 52.85
CA LYS Q 313 -63.78 -96.68 52.36
C LYS Q 313 -63.52 -95.64 51.28
N LEU Q 314 -64.51 -95.37 50.44
CA LEU Q 314 -64.31 -94.45 49.32
C LEU Q 314 -63.96 -93.05 49.80
N ASP Q 315 -64.66 -92.57 50.83
CA ASP Q 315 -64.52 -91.20 51.29
C ASP Q 315 -63.10 -90.91 51.76
N ALA Q 316 -62.40 -91.91 52.28
CA ALA Q 316 -61.02 -91.68 52.71
C ALA Q 316 -60.16 -91.25 51.54
N ALA Q 317 -60.20 -91.99 50.43
CA ALA Q 317 -59.41 -91.63 49.26
C ALA Q 317 -59.86 -90.30 48.69
N LEU Q 318 -61.17 -90.03 48.72
CA LEU Q 318 -61.66 -88.76 48.20
C LEU Q 318 -61.08 -87.59 48.98
N ALA Q 319 -61.08 -87.69 50.31
CA ALA Q 319 -60.46 -86.65 51.12
C ALA Q 319 -58.96 -86.56 50.84
N ASP Q 320 -58.34 -87.71 50.57
CA ASP Q 320 -56.91 -87.71 50.25
C ASP Q 320 -56.62 -86.86 49.02
N VAL Q 321 -57.43 -86.99 47.98
CA VAL Q 321 -57.25 -86.14 46.80
C VAL Q 321 -57.47 -84.66 47.16
N ASP Q 322 -58.54 -84.39 47.92
CA ASP Q 322 -58.87 -83.00 48.24
C ASP Q 322 -57.71 -82.29 48.93
N THR Q 323 -57.03 -82.99 49.83
CA THR Q 323 -55.94 -82.38 50.58
C THR Q 323 -54.87 -81.82 49.65
N LEU Q 324 -54.41 -82.64 48.71
CA LEU Q 324 -53.37 -82.20 47.78
C LEU Q 324 -53.86 -81.05 46.92
N ARG Q 325 -55.12 -81.10 46.47
CA ARG Q 325 -55.62 -80.00 45.64
C ARG Q 325 -55.53 -78.67 46.40
N SER Q 326 -55.97 -78.66 47.65
CA SER Q 326 -55.90 -77.44 48.44
C SER Q 326 -54.46 -76.97 48.62
N SER Q 327 -53.54 -77.91 48.86
CA SER Q 327 -52.15 -77.53 49.01
C SER Q 327 -51.62 -76.82 47.78
N LEU Q 328 -51.92 -77.35 46.60
CA LEU Q 328 -51.41 -76.73 45.39
C LEU Q 328 -51.98 -75.33 45.20
N GLY Q 329 -53.27 -75.13 45.50
CA GLY Q 329 -53.81 -73.78 45.40
C GLY Q 329 -53.10 -72.81 46.32
N ALA Q 330 -52.87 -73.23 47.56
CA ALA Q 330 -52.13 -72.39 48.50
C ALA Q 330 -50.80 -71.95 47.90
N VAL Q 331 -50.06 -72.89 47.32
CA VAL Q 331 -48.76 -72.53 46.76
C VAL Q 331 -48.91 -71.52 45.61
N GLN Q 332 -49.92 -71.74 44.75
CA GLN Q 332 -50.14 -70.84 43.63
C GLN Q 332 -50.27 -69.40 44.11
N ASN Q 333 -51.01 -69.20 45.19
CA ASN Q 333 -51.25 -67.83 45.64
C ASN Q 333 -49.96 -67.13 46.03
N ARG Q 334 -49.06 -67.85 46.71
CA ARG Q 334 -47.81 -67.28 47.16
C ARG Q 334 -46.92 -66.88 45.97
N PHE Q 335 -46.82 -67.77 44.97
CA PHE Q 335 -46.14 -67.32 43.75
C PHE Q 335 -46.80 -66.10 43.13
N ASP Q 336 -48.13 -65.99 43.24
CA ASP Q 336 -48.78 -64.80 42.73
C ASP Q 336 -48.25 -63.53 43.41
N SER Q 337 -48.13 -63.56 44.73
CA SER Q 337 -47.64 -62.37 45.44
C SER Q 337 -46.22 -62.01 45.04
N VAL Q 338 -45.36 -63.03 44.89
CA VAL Q 338 -43.93 -62.76 44.70
C VAL Q 338 -43.70 -61.89 43.47
N ILE Q 339 -44.45 -62.15 42.40
CA ILE Q 339 -44.21 -61.46 41.14
C ILE Q 339 -44.49 -59.98 41.27
N SER Q 340 -45.60 -59.63 41.91
CA SER Q 340 -45.92 -58.22 42.09
C SER Q 340 -44.85 -57.52 42.89
N ASN Q 341 -44.31 -58.19 43.91
CA ASN Q 341 -43.22 -57.57 44.64
C ASN Q 341 -42.02 -57.28 43.73
N LEU Q 342 -41.58 -58.32 43.00
CA LEU Q 342 -40.41 -58.19 42.15
C LEU Q 342 -40.61 -57.11 41.10
N GLY Q 343 -41.85 -56.88 40.68
CA GLY Q 343 -42.09 -55.88 39.67
C GLY Q 343 -41.70 -54.49 40.13
N THR Q 344 -42.21 -54.06 41.28
CA THR Q 344 -41.93 -52.71 41.75
C THR Q 344 -40.46 -52.54 42.08
N THR Q 345 -39.84 -53.58 42.66
CA THR Q 345 -38.48 -53.41 43.14
C THR Q 345 -37.55 -53.00 42.00
N VAL Q 346 -37.70 -53.61 40.83
CA VAL Q 346 -36.78 -53.36 39.73
C VAL Q 346 -36.89 -51.93 39.23
N THR Q 347 -38.12 -51.42 39.10
CA THR Q 347 -38.30 -50.04 38.67
C THR Q 347 -37.63 -49.08 39.65
N ASN Q 348 -37.84 -49.30 40.94
CA ASN Q 348 -37.22 -48.40 41.93
C ASN Q 348 -35.71 -48.44 41.83
N LEU Q 349 -35.15 -49.64 41.72
CA LEU Q 349 -33.70 -49.79 41.66
C LEU Q 349 -33.15 -49.14 40.39
N SER Q 350 -33.86 -49.29 39.28
CA SER Q 350 -33.41 -48.72 38.01
C SER Q 350 -33.38 -47.20 38.06
N ALA Q 351 -34.43 -46.58 38.59
CA ALA Q 351 -34.41 -45.13 38.74
C ALA Q 351 -33.24 -44.70 39.60
N SER Q 352 -33.02 -45.42 40.70
CA SER Q 352 -31.93 -45.05 41.61
C SER Q 352 -30.59 -45.10 40.91
N ARG Q 353 -30.34 -46.12 40.09
CA ARG Q 353 -29.10 -46.10 39.32
C ARG Q 353 -29.06 -44.91 38.38
N SER Q 354 -30.14 -44.70 37.62
CA SER Q 354 -30.10 -43.70 36.56
C SER Q 354 -29.85 -42.32 37.12
N ARG Q 355 -30.08 -42.15 38.42
CA ARG Q 355 -29.79 -40.85 39.04
C ARG Q 355 -28.29 -40.52 39.02
N ILE Q 356 -27.44 -41.50 38.72
CA ILE Q 356 -26.02 -41.32 39.00
C ILE Q 356 -25.22 -40.99 37.75
N GLN Q 357 -25.32 -41.79 36.69
CA GLN Q 357 -24.25 -41.85 35.69
C GLN Q 357 -24.55 -41.20 34.34
N ASP Q 358 -25.64 -40.47 34.19
CA ASP Q 358 -26.06 -40.05 32.85
C ASP Q 358 -26.19 -38.53 32.75
N ALA Q 359 -25.91 -38.01 31.55
CA ALA Q 359 -25.77 -36.57 31.35
C ALA Q 359 -27.12 -35.86 31.41
N ASP Q 360 -27.07 -34.53 31.41
CA ASP Q 360 -28.27 -33.74 31.68
C ASP Q 360 -28.78 -33.03 30.43
N TYR Q 361 -27.89 -32.72 29.49
CA TYR Q 361 -28.23 -32.17 28.18
C TYR Q 361 -28.65 -30.71 28.24
N ALA Q 362 -28.84 -30.19 29.43
CA ALA Q 362 -29.13 -28.77 29.60
C ALA Q 362 -27.89 -27.96 29.85
N THR Q 363 -26.91 -28.54 30.56
CA THR Q 363 -25.70 -27.81 30.90
C THR Q 363 -24.69 -27.85 29.76
N GLU Q 364 -24.60 -29.00 29.09
CA GLU Q 364 -23.49 -29.25 28.18
C GLU Q 364 -23.57 -28.36 26.94
N VAL Q 365 -24.78 -28.00 26.53
CA VAL Q 365 -24.93 -27.04 25.45
C VAL Q 365 -24.35 -25.69 25.86
N SER Q 366 -24.58 -25.28 27.10
CA SER Q 366 -23.97 -24.06 27.61
C SER Q 366 -22.46 -24.17 27.60
N ASN Q 367 -21.94 -25.31 28.04
CA ASN Q 367 -20.50 -25.50 28.07
C ASN Q 367 -19.90 -25.43 26.67
N MET Q 368 -20.53 -26.10 25.70
CA MET Q 368 -19.98 -26.09 24.35
C MET Q 368 -20.01 -24.70 23.75
N THR Q 369 -21.14 -24.00 23.90
CA THR Q 369 -21.23 -22.62 23.44
C THR Q 369 -20.10 -21.79 24.01
N ARG Q 370 -19.95 -21.82 25.33
CA ARG Q 370 -18.97 -20.97 26.01
C ARG Q 370 -17.55 -21.31 25.55
N ALA Q 371 -17.22 -22.60 25.52
CA ALA Q 371 -15.88 -23.00 25.14
C ALA Q 371 -15.57 -22.60 23.71
N GLN Q 372 -16.54 -22.72 22.81
CA GLN Q 372 -16.26 -22.43 21.40
C GLN Q 372 -15.91 -20.96 21.20
N ILE Q 373 -16.73 -20.06 21.73
CA ILE Q 373 -16.48 -18.64 21.54
C ILE Q 373 -15.17 -18.25 22.21
N LEU Q 374 -14.89 -18.80 23.37
CA LEU Q 374 -13.65 -18.43 24.05
C LEU Q 374 -12.44 -18.93 23.26
N GLN Q 375 -12.54 -20.16 22.74
CA GLN Q 375 -11.48 -20.73 21.93
C GLN Q 375 -11.23 -19.91 20.68
N GLN Q 376 -12.30 -19.40 20.07
CA GLN Q 376 -12.13 -18.60 18.86
C GLN Q 376 -11.52 -17.24 19.20
N ALA Q 377 -12.03 -16.59 20.24
CA ALA Q 377 -11.54 -15.28 20.62
C ALA Q 377 -10.06 -15.31 20.94
N GLY Q 378 -9.60 -16.37 21.60
CA GLY Q 378 -8.17 -16.49 21.86
C GLY Q 378 -7.34 -16.46 20.60
N THR Q 379 -7.85 -17.06 19.52
CA THR Q 379 -7.09 -17.13 18.28
C THR Q 379 -6.85 -15.75 17.69
N SER Q 380 -7.87 -14.89 17.70
CA SER Q 380 -7.68 -13.54 17.18
C SER Q 380 -6.66 -12.77 17.99
N VAL Q 381 -6.72 -12.91 19.32
CA VAL Q 381 -5.76 -12.22 20.18
C VAL Q 381 -4.34 -12.69 19.89
N LEU Q 382 -4.16 -14.01 19.72
CA LEU Q 382 -2.84 -14.51 19.36
C LEU Q 382 -2.41 -13.93 18.02
N ALA Q 383 -3.32 -13.83 17.07
CA ALA Q 383 -2.98 -13.23 15.79
C ALA Q 383 -2.47 -11.81 15.99
N GLN Q 384 -3.13 -11.07 16.86
CA GLN Q 384 -2.70 -9.70 17.15
C GLN Q 384 -1.30 -9.68 17.76
N ALA Q 385 -1.04 -10.61 18.68
CA ALA Q 385 0.18 -10.54 19.48
C ALA Q 385 1.43 -10.64 18.62
N ASN Q 386 1.37 -11.43 17.55
CA ASN Q 386 2.53 -11.55 16.68
C ASN Q 386 2.84 -10.23 15.98
N GLN Q 387 1.88 -9.31 15.98
CA GLN Q 387 2.05 -8.08 15.22
C GLN Q 387 2.90 -7.06 15.98
N THR Q 388 3.10 -7.26 17.27
CA THR Q 388 3.80 -6.28 18.09
C THR Q 388 5.25 -6.09 17.66
N THR Q 389 5.94 -7.16 17.30
CA THR Q 389 7.38 -7.07 17.10
C THR Q 389 7.74 -6.20 15.91
N GLN Q 390 6.99 -6.30 14.82
CA GLN Q 390 7.48 -5.85 13.52
C GLN Q 390 7.87 -4.37 13.52
N ASN Q 391 7.13 -3.54 14.25
CA ASN Q 391 7.33 -2.09 14.15
C ASN Q 391 8.73 -1.69 14.55
N VAL Q 392 9.43 -2.55 15.29
CA VAL Q 392 10.79 -2.26 15.70
C VAL Q 392 11.67 -1.96 14.50
N LEU Q 393 11.49 -2.73 13.42
CA LEU Q 393 12.42 -2.66 12.29
C LEU Q 393 12.46 -1.27 11.68
N SER Q 394 11.43 -0.46 11.90
CA SER Q 394 11.40 0.87 11.30
C SER Q 394 12.45 1.79 11.87
N LEU Q 395 12.96 1.48 13.06
CA LEU Q 395 13.89 2.40 13.72
C LEU Q 395 15.21 2.51 12.96
N LEU Q 396 15.47 1.55 12.07
CA LEU Q 396 16.72 1.53 11.32
C LEU Q 396 16.92 2.80 10.51
N ALA R 2 58.03 27.04 18.05
CA ALA R 2 58.12 25.60 17.81
C ALA R 2 57.63 25.25 16.42
N GLN R 3 58.44 25.55 15.41
CA GLN R 3 58.15 25.22 14.03
C GLN R 3 59.01 24.04 13.61
N VAL R 4 58.54 22.83 13.90
CA VAL R 4 59.28 21.62 13.68
C VAL R 4 58.60 20.84 12.57
N ILE R 5 59.37 20.40 11.57
CA ILE R 5 58.78 19.61 10.50
C ILE R 5 59.07 18.14 10.71
N ASN R 6 60.21 17.82 11.33
CA ASN R 6 60.68 16.44 11.31
C ASN R 6 59.86 15.55 12.22
N THR R 7 58.92 16.14 12.96
CA THR R 7 58.05 15.38 13.83
C THR R 7 56.70 16.08 13.91
N ASN R 8 55.63 15.31 13.75
CA ASN R 8 54.28 15.83 13.92
C ASN R 8 53.65 15.20 15.14
N SER R 9 53.13 16.02 16.04
CA SER R 9 52.53 15.49 17.25
C SER R 9 51.02 15.39 17.13
N LEU R 10 50.36 16.42 16.63
CA LEU R 10 48.89 16.45 16.66
C LEU R 10 48.30 15.23 15.99
N SER R 11 48.96 14.72 14.96
CA SER R 11 48.48 13.55 14.26
C SER R 11 48.21 12.41 15.22
N LEU R 12 49.20 12.06 16.05
CA LEU R 12 49.10 10.85 16.87
C LEU R 12 47.99 10.96 17.89
N MET R 13 47.87 12.12 18.57
CA MET R 13 46.76 12.29 19.49
C MET R 13 45.43 12.16 18.76
N THR R 14 45.36 12.67 17.54
CA THR R 14 44.13 12.48 16.79
C THR R 14 43.88 11.01 16.48
N GLN R 15 44.93 10.28 16.08
CA GLN R 15 44.76 8.89 15.67
C GLN R 15 44.22 8.03 16.79
N ASN R 16 44.71 8.22 18.01
CA ASN R 16 44.31 7.33 19.09
C ASN R 16 42.80 7.32 19.29
N ASN R 17 42.15 8.46 19.11
CA ASN R 17 40.72 8.53 19.35
C ASN R 17 39.94 7.75 18.29
N LEU R 18 40.48 7.65 17.09
CA LEU R 18 39.83 6.83 16.07
C LEU R 18 39.74 5.37 16.51
N ASN R 19 40.86 4.83 17.01
CA ASN R 19 40.83 3.48 17.57
C ASN R 19 39.90 3.40 18.76
N THR R 20 39.79 4.48 19.53
CA THR R 20 38.88 4.46 20.68
C THR R 20 37.43 4.30 20.22
N SER R 21 37.10 4.87 19.07
CA SER R 21 35.71 4.88 18.61
C SER R 21 35.31 3.65 17.80
N GLN R 22 36.19 3.19 16.91
CA GLN R 22 35.74 2.14 16.01
C GLN R 22 35.37 0.87 16.76
N SER R 23 35.85 0.68 17.97
CA SER R 23 35.47 -0.48 18.76
C SER R 23 34.01 -0.44 19.16
N ALA R 24 33.54 0.70 19.65
CA ALA R 24 32.11 0.82 19.95
C ALA R 24 31.29 0.60 18.70
N LEU R 25 31.80 1.09 17.56
CA LEU R 25 31.09 0.85 16.31
C LEU R 25 30.93 -0.64 16.04
N ASN R 26 32.03 -1.39 16.12
CA ASN R 26 31.99 -2.83 15.86
C ASN R 26 31.05 -3.55 16.81
N THR R 27 31.13 -3.25 18.10
CA THR R 27 30.27 -3.93 19.06
C THR R 27 28.81 -3.66 18.75
N ALA R 28 28.48 -2.42 18.38
CA ALA R 28 27.10 -2.09 18.10
C ALA R 28 26.58 -2.87 16.91
N ILE R 29 27.32 -2.87 15.79
CA ILE R 29 26.81 -3.56 14.61
C ILE R 29 26.69 -5.05 14.88
N GLN R 30 27.61 -5.61 15.67
CA GLN R 30 27.51 -7.02 16.00
C GLN R 30 26.26 -7.34 16.78
N ARG R 31 25.97 -6.55 17.82
CA ARG R 31 24.78 -6.83 18.60
C ARG R 31 23.52 -6.66 17.76
N LEU R 32 23.58 -5.77 16.76
CA LEU R 32 22.46 -5.64 15.84
C LEU R 32 22.30 -6.87 14.98
N SER R 33 23.38 -7.33 14.38
CA SER R 33 23.31 -8.46 13.45
C SER R 33 22.88 -9.74 14.15
N SER R 34 23.56 -10.09 15.26
CA SER R 34 23.34 -11.39 15.85
C SER R 34 22.02 -11.48 16.61
N GLY R 35 21.47 -10.34 17.02
CA GLY R 35 20.28 -10.37 17.83
C GLY R 35 20.51 -10.73 19.28
N LEU R 36 21.75 -10.74 19.74
CA LEU R 36 22.12 -11.06 21.11
C LEU R 36 22.96 -9.94 21.69
N ARG R 37 23.25 -10.03 22.98
CA ARG R 37 24.16 -9.08 23.58
C ARG R 37 25.41 -9.72 24.18
N ILE R 38 25.33 -10.97 24.63
CA ILE R 38 26.51 -11.67 25.11
C ILE R 38 26.94 -12.70 24.08
N ASN R 39 27.77 -12.28 23.14
CA ASN R 39 28.24 -13.14 22.07
C ASN R 39 29.55 -13.83 22.41
N SER R 40 29.99 -13.73 23.65
CA SER R 40 31.27 -14.30 24.06
C SER R 40 31.28 -14.40 25.57
N ALA R 41 32.40 -14.91 26.10
CA ALA R 41 32.67 -14.74 27.52
C ALA R 41 33.44 -13.44 27.76
N LYS R 42 33.80 -12.75 26.68
CA LYS R 42 34.46 -11.46 26.82
C LYS R 42 33.56 -10.46 27.51
N ASP R 43 32.25 -10.57 27.29
CA ASP R 43 31.31 -9.57 27.79
C ASP R 43 30.65 -10.01 29.09
N ASP R 44 30.98 -11.20 29.58
CA ASP R 44 30.28 -11.75 30.74
C ASP R 44 31.10 -12.88 31.34
N ALA R 45 30.89 -13.15 32.63
CA ALA R 45 31.52 -14.29 33.26
C ALA R 45 30.49 -15.22 33.89
N ALA R 46 29.54 -14.67 34.64
CA ALA R 46 28.62 -15.51 35.41
C ALA R 46 27.28 -15.69 34.70
N GLY R 47 26.79 -14.62 34.07
CA GLY R 47 25.50 -14.71 33.40
C GLY R 47 25.51 -15.71 32.27
N GLN R 48 26.65 -15.84 31.59
CA GLN R 48 26.75 -16.85 30.54
C GLN R 48 26.49 -18.24 31.10
N ALA R 49 27.16 -18.58 32.18
CA ALA R 49 26.97 -19.89 32.79
C ALA R 49 25.54 -20.06 33.26
N ILE R 50 24.96 -19.01 33.86
CA ILE R 50 23.62 -19.14 34.40
C ILE R 50 22.60 -19.38 33.28
N ALA R 51 22.73 -18.65 32.18
CA ALA R 51 21.86 -18.88 31.04
C ALA R 51 22.05 -20.28 30.47
N ASN R 52 23.30 -20.73 30.40
CA ASN R 52 23.57 -22.07 29.91
C ASN R 52 22.83 -23.11 30.75
N ARG R 53 22.90 -22.98 32.07
CA ARG R 53 22.22 -23.93 32.94
C ARG R 53 20.71 -23.85 32.75
N PHE R 54 20.18 -22.63 32.57
CA PHE R 54 18.76 -22.49 32.28
C PHE R 54 18.37 -23.29 31.04
N THR R 55 19.14 -23.13 29.97
CA THR R 55 18.83 -23.87 28.74
C THR R 55 18.84 -25.35 29.01
N ALA R 56 19.86 -25.83 29.72
CA ALA R 56 19.95 -27.26 30.00
C ALA R 56 18.76 -27.74 30.82
N ASN R 57 18.11 -26.84 31.55
CA ASN R 57 16.96 -27.25 32.37
C ASN R 57 15.67 -27.27 31.56
N ILE R 58 15.57 -26.47 30.50
CA ILE R 58 14.30 -26.40 29.77
C ILE R 58 13.96 -27.69 29.02
N LYS R 59 14.96 -28.23 28.32
CA LYS R 59 14.76 -29.35 27.42
C LYS R 59 14.22 -30.58 28.13
N GLY R 60 14.80 -30.87 29.30
CA GLY R 60 14.35 -32.02 30.06
C GLY R 60 12.88 -31.94 30.42
N LEU R 61 12.41 -30.77 30.80
CA LEU R 61 11.01 -30.62 31.15
C LEU R 61 10.12 -30.88 29.94
N THR R 62 10.51 -30.38 28.78
CA THR R 62 9.73 -30.70 27.58
C THR R 62 9.63 -32.22 27.37
N GLN R 63 10.77 -32.90 27.44
CA GLN R 63 10.77 -34.35 27.27
C GLN R 63 9.86 -35.04 28.29
N ALA R 64 9.87 -34.54 29.53
CA ALA R 64 9.00 -35.12 30.54
C ALA R 64 7.55 -34.99 30.16
N GLN R 65 7.17 -33.86 29.56
CA GLN R 65 5.82 -33.74 29.03
C GLN R 65 5.49 -34.91 28.12
N ARG R 66 6.38 -35.19 27.18
CA ARG R 66 6.09 -36.28 26.24
C ARG R 66 5.87 -37.60 26.96
N ASN R 67 6.74 -37.91 27.93
CA ASN R 67 6.65 -39.20 28.61
C ASN R 67 5.34 -39.33 29.39
N ALA R 68 4.91 -38.24 30.04
CA ALA R 68 3.63 -38.29 30.73
C ALA R 68 2.49 -38.62 29.77
N ASN R 69 2.52 -38.01 28.58
CA ASN R 69 1.49 -38.34 27.60
C ASN R 69 1.48 -39.84 27.30
N ASP R 70 2.66 -40.43 27.10
CA ASP R 70 2.72 -41.85 26.79
C ASP R 70 2.06 -42.69 27.89
N GLY R 71 2.36 -42.35 29.15
CA GLY R 71 1.74 -43.07 30.24
C GLY R 71 0.22 -43.01 30.19
N ILE R 72 -0.32 -41.81 29.88
CA ILE R 72 -1.77 -41.68 29.78
C ILE R 72 -2.32 -42.68 28.76
N SER R 73 -1.66 -42.76 27.60
CA SER R 73 -2.15 -43.64 26.55
C SER R 73 -2.21 -45.09 27.04
N LEU R 74 -1.15 -45.52 27.73
CA LEU R 74 -1.10 -46.91 28.19
C LEU R 74 -2.26 -47.22 29.13
N ALA R 75 -2.54 -46.30 30.05
CA ALA R 75 -3.66 -46.50 30.97
C ALA R 75 -4.99 -46.64 30.22
N GLN R 76 -5.20 -45.79 29.21
CA GLN R 76 -6.44 -45.89 28.44
C GLN R 76 -6.63 -47.26 27.84
N THR R 77 -5.58 -47.79 27.20
CA THR R 77 -5.70 -49.08 26.54
C THR R 77 -6.12 -50.17 27.52
N THR R 78 -5.42 -50.21 28.66
CA THR R 78 -5.72 -51.27 29.62
C THR R 78 -7.18 -51.16 30.09
N GLU R 79 -7.65 -49.94 30.32
CA GLU R 79 -9.01 -49.79 30.80
C GLU R 79 -10.03 -50.36 29.81
N GLY R 80 -9.81 -50.11 28.51
CA GLY R 80 -10.75 -50.67 27.54
C GLY R 80 -10.83 -52.18 27.59
N ALA R 81 -9.67 -52.84 27.63
CA ALA R 81 -9.72 -54.30 27.68
C ALA R 81 -10.49 -54.78 28.91
N LEU R 82 -10.24 -54.14 30.05
CA LEU R 82 -10.96 -54.54 31.26
C LEU R 82 -12.46 -54.37 31.09
N THR R 83 -12.88 -53.37 30.32
CA THR R 83 -14.31 -53.20 30.06
C THR R 83 -14.90 -54.47 29.44
N GLU R 84 -14.21 -54.99 28.42
CA GLU R 84 -14.75 -56.19 27.77
C GLU R 84 -14.87 -57.36 28.74
N VAL R 85 -13.83 -57.55 29.57
CA VAL R 85 -13.88 -58.65 30.52
C VAL R 85 -15.07 -58.51 31.46
N ASN R 86 -15.33 -57.28 31.91
CA ASN R 86 -16.45 -57.07 32.83
C ASN R 86 -17.78 -57.47 32.20
N ASN R 87 -17.99 -57.09 30.94
CA ASN R 87 -19.23 -57.47 30.27
C ASN R 87 -19.43 -58.99 30.28
N ASN R 88 -18.38 -59.73 29.93
CA ASN R 88 -18.52 -61.19 29.89
C ASN R 88 -18.84 -61.74 31.27
N LEU R 89 -18.22 -61.19 32.31
CA LEU R 89 -18.50 -61.67 33.66
C LEU R 89 -19.97 -61.50 34.01
N GLN R 90 -20.54 -60.33 33.67
CA GLN R 90 -21.95 -60.11 33.97
C GLN R 90 -22.81 -61.17 33.28
N ARG R 91 -22.50 -61.49 32.04
CA ARG R 91 -23.33 -62.47 31.33
C ARG R 91 -23.27 -63.84 31.99
N ILE R 92 -22.06 -64.28 32.38
CA ILE R 92 -21.95 -65.58 33.05
C ILE R 92 -22.77 -65.59 34.33
N ARG R 93 -22.72 -64.49 35.07
CA ARG R 93 -23.53 -64.33 36.28
C ARG R 93 -25.00 -64.63 35.98
N GLU R 94 -25.52 -63.99 34.94
CA GLU R 94 -26.94 -64.16 34.61
C GLU R 94 -27.27 -65.61 34.28
N LEU R 95 -26.44 -66.26 33.46
CA LEU R 95 -26.77 -67.62 33.08
C LEU R 95 -26.75 -68.56 34.28
N SER R 96 -25.76 -68.38 35.17
CA SER R 96 -25.71 -69.24 36.34
C SER R 96 -26.93 -69.06 37.21
N VAL R 97 -27.41 -67.82 37.34
CA VAL R 97 -28.69 -67.63 38.02
C VAL R 97 -29.78 -68.42 37.33
N GLN R 98 -29.78 -68.41 36.00
CA GLN R 98 -30.85 -69.07 35.25
C GLN R 98 -30.87 -70.56 35.50
N ALA R 99 -29.70 -71.18 35.62
CA ALA R 99 -29.63 -72.64 35.62
C ALA R 99 -29.91 -73.30 36.95
N ALA R 100 -30.21 -72.55 38.01
CA ALA R 100 -30.42 -73.13 39.34
C ALA R 100 -31.86 -73.54 39.61
N THR R 101 -32.75 -73.40 38.64
CA THR R 101 -34.15 -73.70 38.84
C THR R 101 -34.39 -75.21 38.85
N GLY R 102 -35.31 -75.63 39.71
CA GLY R 102 -35.62 -77.03 39.86
C GLY R 102 -36.61 -77.60 38.89
N SER R 103 -37.09 -76.81 37.92
CA SER R 103 -38.03 -77.27 36.92
C SER R 103 -37.35 -77.53 35.58
N ASN R 104 -36.04 -77.76 35.58
CA ASN R 104 -35.30 -78.00 34.36
C ASN R 104 -35.02 -79.49 34.18
N SER R 105 -34.66 -79.86 32.97
CA SER R 105 -34.41 -81.24 32.61
C SER R 105 -32.91 -81.47 32.46
N ALA R 106 -32.51 -82.74 32.61
CA ALA R 106 -31.09 -83.06 32.61
C ALA R 106 -30.43 -82.71 31.28
N SER R 107 -31.20 -82.67 30.20
CA SER R 107 -30.61 -82.42 28.89
C SER R 107 -30.29 -80.94 28.70
N ASP R 108 -31.10 -80.05 29.26
CA ASP R 108 -30.97 -78.64 28.92
C ASP R 108 -29.69 -78.05 29.49
N LEU R 109 -29.22 -78.56 30.63
CA LEU R 109 -28.09 -77.93 31.29
C LEU R 109 -26.82 -77.98 30.45
N GLN R 110 -26.72 -78.92 29.51
CA GLN R 110 -25.56 -78.94 28.62
C GLN R 110 -25.46 -77.68 27.76
N SER R 111 -26.59 -77.16 27.28
CA SER R 111 -26.55 -75.97 26.45
C SER R 111 -25.97 -74.80 27.24
N ILE R 112 -26.51 -74.57 28.42
CA ILE R 112 -25.99 -73.51 29.29
C ILE R 112 -24.51 -73.74 29.53
N GLN R 113 -24.14 -75.00 29.76
CA GLN R 113 -22.75 -75.31 30.08
C GLN R 113 -21.82 -74.95 28.93
N ASP R 114 -22.21 -75.27 27.70
CA ASP R 114 -21.27 -75.03 26.60
C ASP R 114 -21.16 -73.54 26.30
N GLU R 115 -22.26 -72.80 26.41
CA GLU R 115 -22.12 -71.35 26.25
C GLU R 115 -21.21 -70.78 27.31
N ILE R 116 -21.35 -71.25 28.56
CA ILE R 116 -20.48 -70.78 29.63
C ILE R 116 -19.03 -71.08 29.30
N LYS R 117 -18.77 -72.27 28.76
CA LYS R 117 -17.41 -72.63 28.36
C LYS R 117 -16.86 -71.64 27.34
N GLN R 118 -17.66 -71.32 26.33
CA GLN R 118 -17.21 -70.38 25.30
C GLN R 118 -16.85 -69.04 25.91
N ARG R 119 -17.74 -68.50 26.73
CA ARG R 119 -17.47 -67.21 27.34
C ARG R 119 -16.20 -67.24 28.17
N LEU R 120 -16.00 -68.31 28.95
CA LEU R 120 -14.80 -68.39 29.78
C LEU R 120 -13.55 -68.44 28.92
N GLU R 121 -13.62 -69.09 27.77
CA GLU R 121 -12.47 -69.09 26.86
C GLU R 121 -12.14 -67.68 26.41
N GLU R 122 -13.16 -66.87 26.19
CA GLU R 122 -12.93 -65.52 25.69
C GLU R 122 -12.07 -64.70 26.64
N ILE R 123 -12.30 -64.84 27.96
CA ILE R 123 -11.52 -64.07 28.94
C ILE R 123 -10.04 -64.37 28.79
N ASN R 124 -9.69 -65.65 28.73
CA ASN R 124 -8.29 -66.03 28.61
C ASN R 124 -7.68 -65.49 27.33
N ARG R 125 -8.41 -65.58 26.22
CA ARG R 125 -7.81 -65.12 24.97
C ARG R 125 -7.54 -63.64 25.02
N VAL R 126 -8.48 -62.86 25.55
CA VAL R 126 -8.28 -61.42 25.67
C VAL R 126 -7.07 -61.14 26.55
N SER R 127 -6.95 -61.86 27.65
CA SER R 127 -5.84 -61.64 28.56
C SER R 127 -4.51 -61.91 27.87
N GLU R 128 -4.43 -62.94 27.07
CA GLU R 128 -3.14 -63.38 26.56
C GLU R 128 -2.77 -62.78 25.21
N GLN R 129 -3.66 -62.06 24.53
CA GLN R 129 -3.28 -61.49 23.23
C GLN R 129 -3.05 -59.99 23.24
N THR R 130 -3.59 -59.26 24.21
CA THR R 130 -3.48 -57.81 24.24
C THR R 130 -2.03 -57.36 24.45
N GLN R 131 -1.64 -56.28 23.78
CA GLN R 131 -0.36 -55.67 24.09
C GLN R 131 -0.33 -54.22 23.63
N PHE R 132 0.71 -53.52 24.07
CA PHE R 132 1.00 -52.14 23.67
C PHE R 132 2.51 -52.01 23.56
N ASN R 133 2.98 -51.76 22.34
CA ASN R 133 4.41 -51.58 22.10
C ASN R 133 5.23 -52.76 22.62
N GLY R 134 4.71 -53.96 22.44
CA GLY R 134 5.44 -55.14 22.84
C GLY R 134 5.47 -55.41 24.32
N VAL R 135 4.52 -54.89 25.09
CA VAL R 135 4.44 -55.14 26.52
C VAL R 135 3.10 -55.80 26.81
N LYS R 136 3.13 -57.03 27.29
CA LYS R 136 1.90 -57.71 27.66
C LYS R 136 1.32 -57.07 28.91
N VAL R 137 0.40 -56.12 28.73
CA VAL R 137 -0.10 -55.35 29.85
C VAL R 137 -1.05 -56.14 30.73
N LEU R 138 -1.42 -57.36 30.34
CA LEU R 138 -2.32 -58.18 31.13
C LEU R 138 -1.66 -59.45 31.64
N ALA R 139 -0.43 -59.37 32.14
CA ALA R 139 0.25 -60.52 32.70
C ALA R 139 1.36 -60.07 33.64
N LYS R 140 1.84 -61.03 34.43
CA LYS R 140 3.10 -61.02 35.18
C LYS R 140 3.07 -60.21 36.48
N ASP R 141 2.01 -59.46 36.78
CA ASP R 141 1.87 -58.80 38.08
C ASP R 141 3.10 -57.97 38.45
N THR R 142 3.37 -56.93 37.65
CA THR R 142 4.53 -56.09 37.88
C THR R 142 4.05 -54.65 37.87
N LYS R 143 4.92 -53.72 38.25
CA LYS R 143 4.60 -52.30 38.25
C LYS R 143 5.56 -51.54 37.34
N MET R 144 5.19 -50.31 37.02
CA MET R 144 5.71 -49.58 35.87
C MET R 144 6.21 -48.22 36.34
N ASN R 145 7.35 -47.77 35.80
CA ASN R 145 7.91 -46.49 36.24
C ASN R 145 8.17 -45.55 35.07
N ILE R 146 7.72 -44.30 35.21
CA ILE R 146 7.76 -43.31 34.14
C ILE R 146 8.62 -42.14 34.59
N GLN R 147 9.66 -41.84 33.82
CA GLN R 147 10.47 -40.65 34.05
C GLN R 147 9.58 -39.43 33.91
N VAL R 148 9.64 -38.50 34.85
CA VAL R 148 8.74 -37.35 34.77
C VAL R 148 9.48 -36.06 35.12
N GLY R 149 10.80 -36.10 35.19
CA GLY R 149 11.56 -34.94 35.58
C GLY R 149 12.96 -34.98 35.01
N ALA R 150 13.70 -33.89 35.22
CA ALA R 150 15.00 -33.71 34.61
C ALA R 150 16.16 -34.09 35.52
N ASN R 151 15.90 -34.77 36.63
CA ASN R 151 16.95 -35.27 37.50
C ASN R 151 16.58 -36.67 37.97
N ASP R 152 17.52 -37.60 37.80
CA ASP R 152 17.21 -39.02 37.93
C ASP R 152 16.75 -39.35 39.34
N GLY R 153 15.70 -40.17 39.41
CA GLY R 153 15.01 -40.45 40.64
C GLY R 153 13.67 -39.76 40.79
N GLU R 154 13.20 -39.08 39.75
CA GLU R 154 11.90 -38.40 39.78
C GLU R 154 10.93 -39.18 38.88
N ILE R 155 10.30 -40.19 39.47
CA ILE R 155 9.49 -41.13 38.69
C ILE R 155 8.07 -41.15 39.23
N ILE R 156 7.21 -41.87 38.51
CA ILE R 156 5.85 -42.18 38.96
C ILE R 156 5.64 -43.66 38.72
N ALA R 157 4.92 -44.31 39.61
CA ALA R 157 4.75 -45.76 39.56
C ALA R 157 3.32 -46.14 39.23
N ILE R 158 3.14 -46.88 38.14
CA ILE R 158 1.86 -47.44 37.76
C ILE R 158 1.90 -48.93 38.03
N ASP R 159 0.94 -49.42 38.79
CA ASP R 159 0.88 -50.84 39.11
C ASP R 159 0.02 -51.56 38.08
N LEU R 160 0.40 -52.79 37.77
CA LEU R 160 -0.36 -53.64 36.86
C LEU R 160 -0.55 -55.00 37.52
N LYS R 161 -1.61 -55.70 37.12
CA LYS R 161 -1.91 -56.99 37.70
C LYS R 161 -2.35 -57.98 36.63
N GLU R 162 -1.91 -59.22 36.79
CA GLU R 162 -2.24 -60.28 35.86
C GLU R 162 -3.61 -60.85 36.14
N ILE R 163 -4.44 -60.96 35.11
CA ILE R 163 -5.78 -61.48 35.26
C ILE R 163 -6.02 -62.56 34.21
N THR R 164 -6.39 -63.75 34.66
CA THR R 164 -6.82 -64.86 33.81
C THR R 164 -8.01 -65.53 34.47
N ALA R 165 -8.55 -66.54 33.81
CA ALA R 165 -9.70 -67.23 34.38
C ALA R 165 -9.33 -68.07 35.59
N LYS R 166 -8.04 -68.22 35.89
CA LYS R 166 -7.59 -69.04 37.00
C LYS R 166 -7.35 -68.21 38.25
N THR R 167 -6.69 -67.07 38.12
CA THR R 167 -6.38 -66.25 39.28
C THR R 167 -7.63 -65.67 39.93
N LEU R 168 -8.74 -65.58 39.21
CA LEU R 168 -9.98 -65.13 39.84
C LEU R 168 -10.62 -66.23 40.66
N GLY R 169 -10.17 -67.47 40.54
CA GLY R 169 -10.80 -68.57 41.24
C GLY R 169 -11.90 -69.24 40.48
N LEU R 170 -11.89 -69.19 39.15
CA LEU R 170 -12.96 -69.71 38.32
C LEU R 170 -12.57 -70.98 37.57
N ASP R 171 -11.38 -71.51 37.79
CA ASP R 171 -10.94 -72.66 37.02
C ASP R 171 -11.83 -73.86 37.26
N GLY R 172 -12.17 -74.56 36.18
CA GLY R 172 -12.98 -75.76 36.30
C GLY R 172 -14.44 -75.51 36.55
N PHE R 173 -14.88 -74.25 36.48
CA PHE R 173 -16.25 -73.90 36.83
C PHE R 173 -17.23 -74.68 35.97
N ASN R 174 -18.26 -75.23 36.60
CA ASN R 174 -19.22 -76.06 35.89
C ASN R 174 -20.56 -76.02 36.62
N VAL R 175 -21.64 -76.14 35.86
CA VAL R 175 -22.98 -76.05 36.42
C VAL R 175 -23.73 -77.38 36.38
N SER R 176 -23.41 -78.29 35.46
CA SER R 176 -24.07 -79.59 35.43
C SER R 176 -23.14 -80.67 35.99
N GLY R 177 -23.71 -81.81 36.37
CA GLY R 177 -22.96 -82.86 37.01
C GLY R 177 -23.46 -83.12 38.42
N PRO R 178 -22.93 -84.16 39.06
CA PRO R 178 -23.41 -84.51 40.39
C PRO R 178 -23.00 -83.47 41.42
N LYS R 179 -23.78 -83.43 42.50
CA LYS R 179 -23.58 -82.48 43.58
C LYS R 179 -22.99 -83.20 44.77
N GLY R 180 -21.86 -82.71 45.27
CA GLY R 180 -21.16 -83.38 46.34
C GLY R 180 -20.25 -84.50 45.83
N THR R 181 -19.77 -85.27 46.76
CA THR R 181 -18.89 -86.38 46.42
C THR R 181 -19.66 -87.69 46.51
N PRO R 182 -19.82 -88.41 45.40
CA PRO R 182 -20.60 -89.65 45.45
C PRO R 182 -19.96 -90.71 46.33
N ALA R 183 -20.79 -91.57 46.90
CA ALA R 183 -20.36 -92.66 47.75
C ALA R 183 -21.10 -93.94 47.37
N ALA R 184 -20.89 -94.99 48.16
CA ALA R 184 -21.40 -96.31 47.80
C ALA R 184 -22.87 -96.46 48.17
N LEU R 185 -23.48 -97.50 47.61
CA LEU R 185 -24.90 -97.78 47.79
C LEU R 185 -25.14 -98.67 48.99
N VAL R 186 -26.33 -98.55 49.57
CA VAL R 186 -26.78 -99.36 50.69
C VAL R 186 -28.12 -99.97 50.34
N ALA R 187 -28.55 -100.93 51.17
CA ALA R 187 -29.75 -101.70 50.85
C ALA R 187 -31.00 -100.82 50.84
N ALA R 188 -30.96 -99.70 51.55
CA ALA R 188 -32.11 -98.80 51.55
C ALA R 188 -32.38 -98.25 50.16
N ASP R 189 -31.32 -97.90 49.43
CA ASP R 189 -31.50 -97.37 48.09
C ASP R 189 -32.08 -98.41 47.14
N TYR R 190 -31.61 -99.66 47.27
CA TYR R 190 -32.21 -100.72 46.47
C TYR R 190 -33.68 -100.90 46.80
N GLN R 191 -34.04 -100.84 48.08
CA GLN R 191 -35.45 -100.95 48.45
C GLN R 191 -36.26 -99.82 47.83
N ALA R 192 -35.74 -98.60 47.91
CA ALA R 192 -36.47 -97.46 47.34
C ALA R 192 -36.62 -97.59 45.84
N ALA R 193 -35.60 -98.12 45.16
CA ALA R 193 -35.65 -98.22 43.71
C ALA R 193 -36.55 -99.35 43.24
N TYR R 194 -36.65 -100.44 43.98
CA TYR R 194 -37.33 -101.63 43.47
C TYR R 194 -38.41 -102.18 44.41
N GLY R 195 -38.58 -101.61 45.59
CA GLY R 195 -39.56 -102.14 46.53
C GLY R 195 -38.89 -102.76 47.75
N THR R 196 -39.72 -103.06 48.75
CA THR R 196 -39.18 -103.48 50.05
C THR R 196 -38.66 -104.90 50.03
N THR R 197 -39.21 -105.76 49.19
CA THR R 197 -38.93 -107.20 49.20
C THR R 197 -38.05 -107.60 48.02
N THR R 198 -37.07 -106.78 47.70
CA THR R 198 -36.27 -106.96 46.50
C THR R 198 -35.07 -107.85 46.76
N ASN R 199 -34.71 -108.63 45.74
CA ASN R 199 -33.54 -109.51 45.78
C ASN R 199 -32.23 -108.78 45.63
N VAL R 200 -32.17 -107.74 44.80
CA VAL R 200 -30.90 -107.23 44.31
C VAL R 200 -30.08 -106.68 45.47
N THR R 201 -28.77 -106.89 45.40
CA THR R 201 -27.87 -106.35 46.40
C THR R 201 -26.62 -105.72 45.82
N THR R 202 -26.34 -105.92 44.54
CA THR R 202 -25.13 -105.37 43.93
C THR R 202 -25.36 -105.25 42.43
N THR R 203 -24.49 -104.48 41.79
CA THR R 203 -24.64 -104.19 40.36
C THR R 203 -23.28 -104.22 39.68
N ALA R 204 -23.31 -104.38 38.36
CA ALA R 204 -22.09 -104.46 37.56
C ALA R 204 -22.23 -103.58 36.32
N VAL R 205 -21.15 -102.91 35.96
CA VAL R 205 -21.13 -101.99 34.83
C VAL R 205 -20.05 -102.43 33.86
N THR R 206 -20.42 -102.59 32.59
CA THR R 206 -19.48 -102.96 31.54
C THR R 206 -19.83 -102.24 30.25
N GLU R 207 -18.84 -102.10 29.38
CA GLU R 207 -19.03 -101.52 28.07
C GLU R 207 -19.73 -102.52 27.15
N SER R 208 -20.34 -102.00 26.09
CA SER R 208 -20.92 -102.88 25.08
C SER R 208 -19.84 -103.58 24.26
N SER R 209 -18.85 -102.83 23.80
CA SER R 209 -17.74 -103.36 23.04
C SER R 209 -16.44 -102.94 23.71
N ALA R 210 -15.47 -103.85 23.73
CA ALA R 210 -14.23 -103.58 24.45
C ALA R 210 -13.44 -102.46 23.77
N ASN R 211 -12.99 -101.50 24.56
CA ASN R 211 -12.03 -100.49 24.14
C ASN R 211 -12.52 -99.62 22.99
N ALA R 212 -13.84 -99.48 22.85
CA ALA R 212 -14.34 -98.56 21.83
C ALA R 212 -14.19 -97.12 22.26
N LEU R 213 -14.29 -96.86 23.57
CA LEU R 213 -14.21 -95.49 24.07
C LEU R 213 -12.84 -94.88 23.81
N ALA R 214 -11.78 -95.60 24.15
CA ALA R 214 -10.43 -95.10 23.86
C ALA R 214 -10.21 -94.94 22.38
N GLY R 215 -10.81 -95.81 21.57
CA GLY R 215 -10.70 -95.66 20.13
C GLY R 215 -11.32 -94.37 19.64
N ARG R 216 -12.51 -94.04 20.14
CA ARG R 216 -13.12 -92.77 19.78
C ARG R 216 -12.31 -91.59 20.28
N LEU R 217 -11.77 -91.67 21.50
CA LEU R 217 -10.95 -90.58 22.01
C LEU R 217 -9.68 -90.43 21.19
N GLY R 218 -9.08 -91.53 20.76
CA GLY R 218 -7.88 -91.49 19.96
C GLY R 218 -6.59 -91.60 20.71
N VAL R 219 -6.55 -92.37 21.79
CA VAL R 219 -5.32 -92.62 22.53
C VAL R 219 -5.20 -94.12 22.76
N ALA R 220 -4.01 -94.54 23.19
CA ALA R 220 -3.75 -95.95 23.41
C ALA R 220 -4.56 -96.46 24.60
N ASN R 221 -4.88 -97.76 24.55
CA ASN R 221 -5.66 -98.37 25.61
C ASN R 221 -4.88 -98.34 26.93
N GLY R 222 -5.59 -98.54 28.03
CA GLY R 222 -4.98 -98.51 29.34
C GLY R 222 -4.95 -97.14 29.96
N SER R 223 -5.31 -96.10 29.21
CA SER R 223 -5.49 -94.77 29.76
C SER R 223 -6.94 -94.51 30.16
N VAL R 224 -7.83 -95.47 29.95
CA VAL R 224 -9.25 -95.33 30.24
C VAL R 224 -9.69 -96.55 31.04
N ALA R 225 -10.40 -96.32 32.13
CA ALA R 225 -10.87 -97.40 32.98
C ALA R 225 -12.27 -97.11 33.48
N LEU R 226 -13.12 -98.13 33.49
CA LEU R 226 -14.45 -98.05 34.06
C LEU R 226 -14.50 -98.79 35.39
N ALA R 227 -15.02 -98.13 36.41
CA ALA R 227 -15.30 -98.83 37.65
C ALA R 227 -16.39 -99.86 37.41
N ALA R 228 -16.38 -100.90 38.23
CA ALA R 228 -17.28 -102.04 38.02
C ALA R 228 -18.60 -101.91 38.77
N THR R 229 -18.80 -100.83 39.52
CA THR R 229 -19.99 -100.68 40.35
C THR R 229 -20.69 -99.37 40.03
N ALA R 230 -21.67 -99.04 40.87
CA ALA R 230 -22.37 -97.76 40.79
C ALA R 230 -22.29 -97.04 42.12
N GLU R 231 -22.26 -95.72 42.06
CA GLU R 231 -22.07 -94.88 43.23
C GLU R 231 -23.12 -93.77 43.21
N LYS R 232 -23.47 -93.25 44.38
CA LYS R 232 -24.57 -92.30 44.49
C LYS R 232 -24.12 -91.01 45.15
N ASP R 233 -24.71 -89.91 44.71
CA ASP R 233 -24.42 -88.58 45.24
C ASP R 233 -25.44 -88.25 46.34
N ASP R 234 -25.52 -86.97 46.72
CA ASP R 234 -26.36 -86.53 47.83
C ASP R 234 -27.84 -86.51 47.49
N ASN R 235 -28.19 -86.33 46.21
CA ASN R 235 -29.59 -86.17 45.82
C ASN R 235 -30.28 -87.51 45.59
N GLY R 236 -29.58 -88.61 45.77
CA GLY R 236 -30.19 -89.91 45.56
C GLY R 236 -30.11 -90.42 44.14
N ASN R 237 -29.40 -89.73 43.26
CA ASN R 237 -29.24 -90.24 41.91
C ASN R 237 -28.01 -91.12 41.81
N TRP R 238 -27.88 -91.80 40.68
CA TRP R 238 -26.86 -92.82 40.47
C TRP R 238 -25.91 -92.37 39.38
N TYR R 239 -24.66 -92.81 39.47
CA TYR R 239 -23.66 -92.48 38.47
C TYR R 239 -22.65 -93.61 38.34
N ALA R 240 -21.91 -93.59 37.24
CA ALA R 240 -20.78 -94.46 37.01
C ALA R 240 -19.56 -93.62 36.70
N THR R 241 -18.42 -94.01 37.26
CA THR R 241 -17.22 -93.20 37.22
C THR R 241 -16.25 -93.70 36.16
N VAL R 242 -15.66 -92.76 35.43
CA VAL R 242 -14.65 -93.04 34.41
C VAL R 242 -13.39 -92.30 34.80
N THR R 243 -12.26 -92.99 34.77
CA THR R 243 -10.98 -92.44 35.21
C THR R 243 -10.02 -92.36 34.04
N ILE R 244 -9.27 -91.26 33.95
CA ILE R 244 -8.33 -91.02 32.87
C ILE R 244 -7.00 -90.61 33.48
N THR R 245 -5.90 -90.97 32.82
CA THR R 245 -4.59 -90.50 33.18
C THR R 245 -3.77 -90.27 31.92
N ALA R 246 -3.00 -89.19 31.90
CA ALA R 246 -2.18 -88.83 30.75
C ALA R 246 -0.71 -89.08 31.04
N GLY R 247 0.03 -89.48 30.02
CA GLY R 247 1.44 -89.77 30.19
C GLY R 247 2.38 -89.03 29.25
N SER R 248 1.87 -88.55 28.11
CA SER R 248 2.71 -87.90 27.13
C SER R 248 2.03 -86.62 26.66
N ALA R 249 2.85 -85.66 26.25
CA ALA R 249 2.32 -84.33 25.92
C ALA R 249 1.33 -84.39 24.77
N THR R 250 1.63 -85.19 23.74
CA THR R 250 0.73 -85.29 22.60
C THR R 250 -0.63 -85.80 23.01
N GLU R 251 -0.67 -86.73 23.97
CA GLU R 251 -1.95 -87.19 24.49
C GLU R 251 -2.74 -86.05 25.12
N VAL R 252 -2.05 -85.20 25.88
CA VAL R 252 -2.70 -84.05 26.50
C VAL R 252 -3.28 -83.14 25.43
N SER R 253 -2.50 -82.88 24.37
CA SER R 253 -3.00 -82.01 23.31
C SER R 253 -4.21 -82.62 22.63
N THR R 254 -4.19 -83.93 22.37
CA THR R 254 -5.33 -84.57 21.73
C THR R 254 -6.57 -84.47 22.60
N LEU R 255 -6.44 -84.77 23.89
CA LEU R 255 -7.59 -84.68 24.77
C LEU R 255 -8.12 -83.25 24.83
N LYS R 256 -7.22 -82.26 24.89
CA LYS R 256 -7.66 -80.87 24.90
C LYS R 256 -8.44 -80.53 23.64
N ALA R 257 -7.92 -80.94 22.48
CA ALA R 257 -8.63 -80.67 21.23
C ALA R 257 -9.96 -81.40 21.16
N LYS R 258 -10.14 -82.46 21.94
CA LYS R 258 -11.41 -83.17 21.98
C LYS R 258 -12.27 -82.80 23.18
N GLY R 259 -11.87 -81.81 23.96
CA GLY R 259 -12.73 -81.24 24.98
C GLY R 259 -12.50 -81.68 26.40
N PHE R 260 -11.49 -82.51 26.66
CA PHE R 260 -11.15 -82.90 28.02
C PHE R 260 -9.77 -82.37 28.38
N GLU R 261 -9.61 -81.93 29.62
CA GLU R 261 -8.39 -81.30 30.07
C GLU R 261 -7.74 -82.17 31.14
N VAL R 262 -6.43 -82.40 31.00
CA VAL R 262 -5.69 -83.22 31.95
C VAL R 262 -4.22 -82.94 31.76
N GLU R 263 -3.45 -83.10 32.83
CA GLU R 263 -2.00 -82.94 32.78
C GLU R 263 -1.33 -84.28 33.04
N ASN R 264 -0.25 -84.55 32.30
CA ASN R 264 0.35 -85.87 32.28
C ASN R 264 0.82 -86.28 33.66
N GLY R 265 0.67 -87.57 33.96
CA GLY R 265 1.10 -88.11 35.23
C GLY R 265 0.14 -87.94 36.38
N VAL R 266 -1.01 -87.30 36.16
CA VAL R 266 -2.01 -87.08 37.19
C VAL R 266 -3.35 -87.59 36.67
N ALA R 267 -3.93 -88.54 37.40
CA ALA R 267 -5.21 -89.10 37.00
C ALA R 267 -6.33 -88.08 37.20
N LYS R 268 -7.46 -88.35 36.55
CA LYS R 268 -8.65 -87.53 36.73
C LYS R 268 -9.87 -88.41 36.57
N GLU R 269 -11.03 -87.90 37.02
CA GLU R 269 -12.26 -88.66 37.08
C GLU R 269 -13.38 -87.91 36.39
N PHE R 270 -14.40 -88.65 35.95
CA PHE R 270 -15.59 -88.08 35.33
C PHE R 270 -16.78 -88.95 35.66
N TYR R 271 -17.96 -88.56 35.19
CA TYR R 271 -19.18 -89.24 35.58
C TYR R 271 -20.16 -89.37 34.41
N ILE R 272 -21.04 -90.35 34.51
CA ILE R 272 -22.06 -90.64 33.50
C ILE R 272 -23.38 -90.92 34.21
N ALA R 273 -24.48 -90.43 33.65
CA ALA R 273 -25.78 -90.67 34.23
C ALA R 273 -26.23 -92.11 34.01
N LEU R 274 -27.13 -92.57 34.87
CA LEU R 274 -27.69 -93.92 34.81
C LEU R 274 -29.17 -93.88 35.15
N ASP R 275 -29.88 -94.90 34.67
CA ASP R 275 -31.32 -95.05 34.92
C ASP R 275 -31.56 -96.37 35.63
N PRO R 276 -32.06 -96.36 36.87
CA PRO R 276 -32.27 -97.64 37.57
C PRO R 276 -33.32 -98.54 36.94
N GLN R 277 -34.20 -98.01 36.10
CA GLN R 277 -35.32 -98.80 35.62
C GLN R 277 -34.99 -99.63 34.38
N SER R 278 -33.93 -99.30 33.64
CA SER R 278 -33.63 -99.96 32.38
C SER R 278 -32.54 -101.02 32.50
N ALA R 279 -32.16 -101.39 33.72
CA ALA R 279 -31.13 -102.38 33.90
C ALA R 279 -31.63 -103.78 33.54
N ASP R 280 -30.70 -104.71 33.44
CA ASP R 280 -31.03 -106.13 33.29
C ASP R 280 -31.04 -106.77 34.67
N VAL R 281 -32.16 -107.36 35.05
CA VAL R 281 -32.36 -107.74 36.44
C VAL R 281 -32.81 -109.20 36.56
N THR R 282 -33.26 -109.78 35.45
CA THR R 282 -33.77 -111.14 35.48
C THR R 282 -32.80 -112.17 34.91
N THR R 283 -31.69 -111.74 34.34
CA THR R 283 -30.71 -112.70 33.82
C THR R 283 -30.14 -113.56 34.94
N THR R 284 -29.82 -112.95 36.07
CA THR R 284 -29.33 -113.67 37.24
C THR R 284 -29.74 -112.92 38.50
N ALA R 285 -30.07 -113.67 39.55
CA ALA R 285 -30.63 -113.05 40.75
C ALA R 285 -29.56 -112.26 41.50
N GLY R 286 -30.00 -111.16 42.12
CA GLY R 286 -29.14 -110.40 43.01
C GLY R 286 -28.30 -109.33 42.37
N THR R 287 -28.26 -109.26 41.04
CA THR R 287 -27.45 -108.26 40.35
C THR R 287 -28.25 -107.61 39.23
N ALA R 288 -28.18 -106.29 39.15
CA ALA R 288 -28.71 -105.56 38.02
C ALA R 288 -27.53 -105.11 37.15
N ALA R 289 -27.57 -105.46 35.88
CA ALA R 289 -26.44 -105.27 34.98
C ALA R 289 -26.72 -104.13 34.03
N PHE R 290 -25.74 -103.24 33.88
CA PHE R 290 -25.81 -102.13 32.94
C PHE R 290 -24.80 -102.36 31.83
N ALA R 291 -25.23 -102.15 30.58
CA ALA R 291 -24.37 -102.29 29.42
C ALA R 291 -24.38 -100.98 28.66
N LEU R 292 -23.35 -100.16 28.87
CA LEU R 292 -23.31 -98.83 28.28
C LEU R 292 -22.99 -98.92 26.79
N ASP R 293 -23.75 -98.20 25.98
CA ASP R 293 -23.48 -98.09 24.55
C ASP R 293 -22.51 -96.94 24.30
N THR R 294 -21.26 -97.18 24.70
CA THR R 294 -20.24 -96.14 24.63
C THR R 294 -19.89 -95.75 23.20
N ALA R 295 -20.27 -96.56 22.20
CA ALA R 295 -19.90 -96.27 20.83
C ALA R 295 -20.63 -95.07 20.26
N ASN R 296 -21.83 -94.76 20.75
CA ASN R 296 -22.68 -93.77 20.10
C ASN R 296 -23.24 -92.71 21.03
N ILE R 297 -22.79 -92.64 22.28
CA ILE R 297 -23.23 -91.56 23.16
C ILE R 297 -22.53 -90.27 22.76
N GLN R 298 -23.23 -89.15 22.92
CA GLN R 298 -22.62 -87.86 22.66
C GLN R 298 -21.59 -87.54 23.72
N LEU R 299 -20.41 -87.08 23.29
CA LEU R 299 -19.28 -86.92 24.19
C LEU R 299 -19.51 -85.89 25.28
N SER R 300 -20.53 -85.05 25.16
CA SER R 300 -20.75 -84.03 26.17
C SER R 300 -21.36 -84.57 27.44
N SER R 301 -21.88 -85.79 27.43
CA SER R 301 -22.55 -86.34 28.59
C SER R 301 -21.58 -86.79 29.68
N ILE R 302 -20.28 -86.75 29.41
CA ILE R 302 -19.27 -87.11 30.40
C ILE R 302 -18.89 -85.81 31.11
N THR R 303 -19.43 -85.61 32.30
CA THR R 303 -19.25 -84.37 33.04
C THR R 303 -18.27 -84.54 34.19
N SER R 304 -17.78 -83.40 34.68
CA SER R 304 -16.99 -83.38 35.90
C SER R 304 -17.89 -83.09 37.10
N GLY R 305 -17.31 -82.79 38.25
CA GLY R 305 -18.10 -82.47 39.42
C GLY R 305 -18.60 -81.04 39.44
N ALA R 306 -19.79 -80.86 40.01
CA ALA R 306 -20.43 -79.56 40.00
C ALA R 306 -19.82 -78.63 41.03
N SER R 307 -19.53 -77.40 40.62
CA SER R 307 -19.00 -76.40 41.52
C SER R 307 -20.05 -76.00 42.54
N SER R 308 -19.59 -75.58 43.71
CA SER R 308 -20.49 -75.26 44.81
C SER R 308 -20.43 -73.78 45.14
N ASN R 309 -21.61 -73.19 45.38
CA ASN R 309 -21.77 -71.78 45.72
C ASN R 309 -21.23 -70.89 44.62
N PRO R 310 -21.86 -70.88 43.44
CA PRO R 310 -21.24 -70.17 42.31
C PRO R 310 -21.34 -68.66 42.39
N LEU R 311 -22.49 -68.16 42.85
CA LEU R 311 -22.73 -66.72 42.82
C LEU R 311 -21.71 -65.96 43.65
N ALA R 312 -21.32 -66.50 44.81
CA ALA R 312 -20.33 -65.83 45.64
C ALA R 312 -19.00 -65.68 44.91
N LYS R 313 -18.57 -66.73 44.22
CA LYS R 313 -17.33 -66.65 43.47
C LYS R 313 -17.41 -65.58 42.39
N LEU R 314 -18.55 -65.52 41.69
CA LEU R 314 -18.68 -64.54 40.64
C LEU R 314 -18.60 -63.12 41.20
N ASP R 315 -19.23 -62.89 42.35
CA ASP R 315 -19.18 -61.57 42.97
C ASP R 315 -17.76 -61.20 43.35
N ALA R 316 -17.00 -62.15 43.89
CA ALA R 316 -15.61 -61.88 44.24
C ALA R 316 -14.81 -61.46 43.02
N ALA R 317 -15.01 -62.15 41.91
CA ALA R 317 -14.27 -61.80 40.69
C ALA R 317 -14.60 -60.39 40.23
N LEU R 318 -15.90 -60.04 40.24
CA LEU R 318 -16.30 -58.69 39.86
C LEU R 318 -15.61 -57.65 40.75
N ALA R 319 -15.55 -57.92 42.05
CA ALA R 319 -14.90 -56.98 42.97
C ALA R 319 -13.44 -56.75 42.60
N ASP R 320 -12.72 -57.84 42.29
CA ASP R 320 -11.31 -57.69 41.94
C ASP R 320 -11.13 -56.81 40.71
N VAL R 321 -11.93 -57.07 39.67
CA VAL R 321 -11.78 -56.30 38.44
C VAL R 321 -12.03 -54.83 38.70
N ASP R 322 -13.10 -54.53 39.45
CA ASP R 322 -13.42 -53.13 39.71
C ASP R 322 -12.30 -52.43 40.45
N THR R 323 -11.69 -53.11 41.42
CA THR R 323 -10.58 -52.50 42.15
C THR R 323 -9.46 -52.09 41.20
N LEU R 324 -9.10 -52.99 40.28
CA LEU R 324 -8.04 -52.65 39.34
C LEU R 324 -8.40 -51.40 38.51
N ARG R 325 -9.64 -51.37 38.00
CA ARG R 325 -10.03 -50.22 37.17
C ARG R 325 -9.92 -48.91 37.94
N SER R 326 -10.39 -48.91 39.19
CA SER R 326 -10.35 -47.70 40.00
C SER R 326 -8.93 -47.19 40.15
N SER R 327 -7.98 -48.10 40.45
CA SER R 327 -6.61 -47.65 40.61
C SER R 327 -6.08 -47.00 39.34
N LEU R 328 -6.36 -47.61 38.18
CA LEU R 328 -5.83 -47.03 36.95
C LEU R 328 -6.39 -45.64 36.68
N GLY R 329 -7.69 -45.46 36.88
CA GLY R 329 -8.27 -44.14 36.65
C GLY R 329 -7.67 -43.08 37.55
N ALA R 330 -7.50 -43.40 38.83
CA ALA R 330 -6.85 -42.46 39.73
C ALA R 330 -5.49 -42.04 39.19
N VAL R 331 -4.73 -43.00 38.65
CA VAL R 331 -3.39 -42.68 38.19
C VAL R 331 -3.44 -41.71 37.00
N GLN R 332 -4.38 -41.94 36.08
CA GLN R 332 -4.51 -41.00 34.95
C GLN R 332 -4.73 -39.58 35.45
N ASN R 333 -5.72 -39.43 36.32
CA ASN R 333 -6.06 -38.11 36.81
C ASN R 333 -4.89 -37.47 37.51
N ARG R 334 -4.06 -38.29 38.16
CA ARG R 334 -2.86 -37.75 38.77
C ARG R 334 -1.87 -37.22 37.74
N PHE R 335 -1.69 -37.96 36.63
CA PHE R 335 -0.78 -37.46 35.59
C PHE R 335 -1.12 -36.06 35.13
N ASP R 336 -2.39 -35.77 34.85
CA ASP R 336 -2.69 -34.53 34.11
C ASP R 336 -2.10 -33.28 34.79
N SER R 337 -2.13 -33.24 36.12
CA SER R 337 -1.59 -32.10 36.86
C SER R 337 -0.14 -31.85 36.53
N VAL R 338 0.63 -32.93 36.33
CA VAL R 338 2.04 -32.78 36.01
C VAL R 338 2.21 -32.01 34.72
N ILE R 339 1.40 -32.33 33.71
CA ILE R 339 1.51 -31.64 32.43
C ILE R 339 1.26 -30.15 32.62
N SER R 340 0.19 -29.81 33.34
CA SER R 340 -0.12 -28.40 33.53
C SER R 340 1.06 -27.68 34.21
N ASN R 341 1.57 -28.27 35.27
CA ASN R 341 2.64 -27.65 36.04
C ASN R 341 3.88 -27.45 35.19
N LEU R 342 4.23 -28.47 34.40
CA LEU R 342 5.42 -28.39 33.56
C LEU R 342 5.29 -27.27 32.55
N GLY R 343 4.12 -27.12 31.94
CA GLY R 343 3.95 -26.04 30.98
C GLY R 343 4.18 -24.67 31.59
N THR R 344 3.56 -24.44 32.76
CA THR R 344 3.72 -23.14 33.39
C THR R 344 5.19 -22.87 33.72
N THR R 345 5.86 -23.86 34.29
CA THR R 345 7.25 -23.68 34.69
C THR R 345 8.13 -23.37 33.51
N VAL R 346 7.93 -24.07 32.39
CA VAL R 346 8.77 -23.84 31.22
C VAL R 346 8.61 -22.41 30.72
N THR R 347 7.37 -21.91 30.66
CA THR R 347 7.18 -20.54 30.22
C THR R 347 7.95 -19.57 31.12
N ASN R 348 7.84 -19.75 32.44
CA ASN R 348 8.52 -18.83 33.36
C ASN R 348 10.02 -18.84 33.16
N LEU R 349 10.60 -20.04 33.04
CA LEU R 349 12.04 -20.13 32.86
C LEU R 349 12.48 -19.46 31.58
N SER R 350 11.69 -19.61 30.51
CA SER R 350 12.04 -18.96 29.26
C SER R 350 12.07 -17.45 29.43
N ALA R 351 11.07 -16.90 30.12
CA ALA R 351 11.05 -15.45 30.33
C ALA R 351 12.29 -14.99 31.08
N SER R 352 12.66 -15.70 32.14
CA SER R 352 13.79 -15.27 32.95
C SER R 352 15.11 -15.34 32.18
N ARG R 353 15.32 -16.43 31.43
CA ARG R 353 16.54 -16.48 30.62
C ARG R 353 16.55 -15.37 29.58
N SER R 354 15.38 -15.06 29.02
CA SER R 354 15.28 -13.95 28.08
C SER R 354 15.73 -12.65 28.72
N ARG R 355 15.26 -12.41 29.95
CA ARG R 355 15.71 -11.22 30.69
C ARG R 355 17.22 -11.20 30.84
N ILE R 356 17.83 -12.38 31.04
CA ILE R 356 19.29 -12.40 31.19
C ILE R 356 19.98 -12.05 29.88
N GLN R 357 19.58 -12.67 28.78
CA GLN R 357 20.47 -12.77 27.63
C GLN R 357 20.15 -11.85 26.46
N ASP R 358 18.94 -11.30 26.38
CA ASP R 358 18.51 -10.61 25.17
C ASP R 358 19.20 -9.27 24.99
N ALA R 359 19.21 -8.80 23.74
CA ALA R 359 19.80 -7.53 23.36
C ALA R 359 18.70 -6.57 22.99
N ASP R 360 18.76 -5.36 23.55
CA ASP R 360 17.82 -4.33 23.16
C ASP R 360 18.23 -3.75 21.82
N TYR R 361 17.33 -3.01 21.18
CA TYR R 361 17.66 -2.48 19.87
C TYR R 361 17.73 -0.97 19.83
N ALA R 362 16.87 -0.29 20.58
CA ALA R 362 16.92 1.16 20.63
C ALA R 362 18.30 1.64 21.04
N THR R 363 18.84 1.07 22.13
CA THR R 363 20.13 1.51 22.63
C THR R 363 21.21 1.30 21.58
N GLU R 364 21.13 0.19 20.85
CA GLU R 364 22.16 -0.12 19.88
C GLU R 364 22.12 0.81 18.68
N VAL R 365 20.91 1.17 18.22
CA VAL R 365 20.80 2.15 17.15
C VAL R 365 21.41 3.47 17.60
N SER R 366 21.08 3.88 18.83
CA SER R 366 21.63 5.14 19.33
C SER R 366 23.16 5.10 19.37
N ASN R 367 23.72 3.99 19.84
CA ASN R 367 25.17 3.87 19.91
C ASN R 367 25.79 3.89 18.53
N MET R 368 25.15 3.24 17.55
CA MET R 368 25.69 3.20 16.20
C MET R 368 25.73 4.60 15.60
N THR R 369 24.66 5.38 15.80
CA THR R 369 24.64 6.74 15.28
C THR R 369 25.72 7.60 15.94
N ARG R 370 25.80 7.53 17.27
CA ARG R 370 26.82 8.25 18.01
C ARG R 370 28.20 7.92 17.50
N ALA R 371 28.45 6.64 17.22
CA ALA R 371 29.79 6.24 16.80
C ALA R 371 30.09 6.71 15.38
N GLN R 372 29.09 6.70 14.49
CA GLN R 372 29.35 7.15 13.12
C GLN R 372 29.68 8.63 13.08
N ILE R 373 28.91 9.46 13.78
CA ILE R 373 29.14 10.90 13.71
C ILE R 373 30.55 11.23 14.15
N LEU R 374 30.97 10.64 15.27
CA LEU R 374 32.25 10.97 15.87
C LEU R 374 33.40 10.50 14.97
N GLN R 375 33.24 9.36 14.34
CA GLN R 375 34.23 8.89 13.38
C GLN R 375 34.38 9.87 12.23
N GLN R 376 33.26 10.37 11.72
CA GLN R 376 33.32 11.32 10.60
C GLN R 376 34.03 12.62 11.02
N ALA R 377 33.66 13.15 12.18
CA ALA R 377 34.30 14.37 12.64
C ALA R 377 35.79 14.18 12.84
N GLY R 378 36.18 13.04 13.42
CA GLY R 378 37.60 12.79 13.61
C GLY R 378 38.35 12.76 12.31
N THR R 379 37.78 12.11 11.30
CA THR R 379 38.44 12.07 10.00
C THR R 379 38.66 13.48 9.44
N SER R 380 37.61 14.32 9.49
CA SER R 380 37.75 15.68 8.97
C SER R 380 38.83 16.45 9.71
N VAL R 381 38.80 16.41 11.03
CA VAL R 381 39.72 17.24 11.81
C VAL R 381 41.15 16.71 11.69
N LEU R 382 41.31 15.40 11.49
CA LEU R 382 42.65 14.87 11.24
C LEU R 382 43.21 15.40 9.94
N ALA R 383 42.38 15.44 8.89
CA ALA R 383 42.86 16.07 7.66
C ALA R 383 43.28 17.51 7.93
N GLN R 384 42.45 18.23 8.67
CA GLN R 384 42.73 19.63 8.96
C GLN R 384 44.05 19.80 9.67
N ALA R 385 44.30 18.96 10.69
CA ALA R 385 45.51 19.07 11.50
C ALA R 385 46.74 18.67 10.73
N ASN R 386 46.65 17.61 9.93
CA ASN R 386 47.76 17.27 9.04
C ASN R 386 48.08 18.44 8.13
N GLN R 387 47.08 19.26 7.82
CA GLN R 387 47.32 20.37 6.90
C GLN R 387 47.99 21.57 7.59
N THR R 388 48.59 21.41 8.78
CA THR R 388 48.98 22.59 9.54
C THR R 388 50.40 23.07 9.23
N THR R 389 51.28 22.17 8.81
CA THR R 389 52.70 22.51 8.87
C THR R 389 53.26 23.08 7.57
N GLN R 390 52.43 23.34 6.56
CA GLN R 390 52.98 23.71 5.27
C GLN R 390 53.53 25.13 5.28
N ASN R 391 52.93 26.00 6.10
CA ASN R 391 53.24 27.42 6.04
C ASN R 391 54.68 27.70 6.40
N VAL R 392 55.35 26.73 7.02
CA VAL R 392 56.77 26.90 7.31
C VAL R 392 57.54 27.17 6.04
N LEU R 393 57.21 26.48 4.97
CA LEU R 393 58.02 26.54 3.75
C LEU R 393 58.06 27.96 3.18
N SER R 394 56.92 28.64 3.17
CA SER R 394 56.88 30.00 2.66
C SER R 394 57.84 30.91 3.41
N LEU R 395 58.10 30.59 4.68
CA LEU R 395 58.91 31.48 5.51
C LEU R 395 60.33 31.57 4.99
N LEU R 396 60.76 30.57 4.22
CA LEU R 396 62.14 30.52 3.77
C LEU R 396 62.37 31.56 2.69
N ALA S 2 -3.40 -29.51 21.43
CA ALA S 2 -2.70 -28.60 20.54
C ALA S 2 -3.51 -28.41 19.26
N GLN S 3 -2.91 -27.74 18.28
CA GLN S 3 -3.56 -27.52 16.99
C GLN S 3 -2.87 -28.38 15.95
N VAL S 4 -3.56 -29.42 15.50
CA VAL S 4 -3.05 -30.33 14.48
C VAL S 4 -4.12 -30.52 13.42
N ILE S 5 -3.70 -30.51 12.16
CA ILE S 5 -4.62 -30.75 11.06
C ILE S 5 -4.42 -32.12 10.44
N ASN S 6 -3.27 -32.75 10.64
CA ASN S 6 -2.96 -33.96 9.90
C ASN S 6 -3.83 -35.13 10.33
N THR S 7 -4.16 -35.21 11.62
CA THR S 7 -5.09 -36.22 12.11
C THR S 7 -6.07 -35.56 13.05
N ASN S 8 -7.34 -35.94 12.93
CA ASN S 8 -8.38 -35.47 13.80
C ASN S 8 -8.78 -36.61 14.72
N SER S 9 -9.04 -36.29 15.99
CA SER S 9 -9.27 -37.32 16.99
C SER S 9 -10.70 -37.43 17.46
N LEU S 10 -11.43 -36.30 17.58
CA LEU S 10 -12.79 -36.38 18.07
C LEU S 10 -13.67 -37.17 17.10
N SER S 11 -13.46 -36.98 15.80
CA SER S 11 -14.25 -37.70 14.81
C SER S 11 -14.08 -39.21 14.96
N LEU S 12 -12.86 -39.68 15.20
CA LEU S 12 -12.65 -41.11 15.35
C LEU S 12 -13.46 -41.66 16.52
N MET S 13 -13.44 -40.95 17.65
CA MET S 13 -14.20 -41.44 18.79
C MET S 13 -15.69 -41.44 18.46
N THR S 14 -16.19 -40.35 17.88
CA THR S 14 -17.63 -40.26 17.64
C THR S 14 -18.08 -41.34 16.66
N GLN S 15 -17.25 -41.61 15.65
CA GLN S 15 -17.56 -42.68 14.72
C GLN S 15 -17.66 -44.01 15.45
N ASN S 16 -16.65 -44.36 16.24
CA ASN S 16 -16.73 -45.63 16.97
C ASN S 16 -17.84 -45.60 18.01
N ASN S 17 -18.38 -44.43 18.31
CA ASN S 17 -19.38 -44.27 19.33
C ASN S 17 -20.80 -44.45 18.80
N LEU S 18 -21.01 -44.18 17.52
CA LEU S 18 -22.37 -44.20 16.97
C LEU S 18 -22.89 -45.63 16.73
N ASN S 19 -21.98 -46.58 16.50
CA ASN S 19 -22.39 -47.92 16.11
C ASN S 19 -23.25 -48.57 17.18
N THR S 20 -23.00 -48.24 18.44
CA THR S 20 -23.77 -48.85 19.52
C THR S 20 -25.24 -48.50 19.37
N SER S 21 -25.54 -47.24 19.10
CA SER S 21 -26.94 -46.87 18.88
C SER S 21 -27.49 -47.56 17.65
N GLN S 22 -26.68 -47.64 16.60
CA GLN S 22 -27.16 -48.26 15.36
C GLN S 22 -27.64 -49.69 15.60
N SER S 23 -26.85 -50.50 16.31
CA SER S 23 -27.20 -51.91 16.45
C SER S 23 -28.47 -52.09 17.28
N ALA S 24 -28.62 -51.29 18.33
CA ALA S 24 -29.84 -51.37 19.13
C ALA S 24 -31.05 -51.00 18.28
N LEU S 25 -30.90 -50.00 17.42
CA LEU S 25 -31.99 -49.67 16.50
C LEU S 25 -32.35 -50.87 15.63
N ASN S 26 -31.33 -51.55 15.10
CA ASN S 26 -31.60 -52.70 14.23
C ASN S 26 -32.42 -53.75 14.94
N THR S 27 -31.97 -54.17 16.13
CA THR S 27 -32.69 -55.22 16.84
C THR S 27 -34.09 -54.77 17.19
N ALA S 28 -34.24 -53.52 17.62
CA ALA S 28 -35.56 -53.04 18.02
C ALA S 28 -36.54 -53.09 16.86
N ILE S 29 -36.13 -52.58 15.70
CA ILE S 29 -37.02 -52.62 14.54
C ILE S 29 -37.38 -54.05 14.20
N GLN S 30 -36.39 -54.93 14.12
CA GLN S 30 -36.67 -56.32 13.72
C GLN S 30 -37.72 -56.96 14.63
N ARG S 31 -37.60 -56.76 15.94
CA ARG S 31 -38.53 -57.42 16.85
C ARG S 31 -39.96 -56.95 16.62
N LEU S 32 -40.15 -55.73 16.15
CA LEU S 32 -41.51 -55.27 15.87
C LEU S 32 -42.08 -56.02 14.67
N SER S 33 -41.30 -56.13 13.59
CA SER S 33 -41.83 -56.70 12.36
C SER S 33 -42.14 -58.17 12.53
N SER S 34 -41.21 -58.95 13.10
CA SER S 34 -41.45 -60.39 13.18
C SER S 34 -42.52 -60.73 14.22
N GLY S 35 -42.57 -60.00 15.31
CA GLY S 35 -43.58 -60.23 16.32
C GLY S 35 -43.27 -61.31 17.32
N LEU S 36 -42.01 -61.69 17.49
CA LEU S 36 -41.62 -62.63 18.53
C LEU S 36 -40.18 -62.36 18.93
N ARG S 37 -39.85 -62.73 20.17
CA ARG S 37 -38.60 -62.27 20.77
C ARG S 37 -37.37 -63.00 20.22
N ILE S 38 -37.48 -64.30 19.98
CA ILE S 38 -36.34 -65.12 19.60
C ILE S 38 -36.34 -65.23 18.08
N ASN S 39 -35.71 -64.27 17.40
CA ASN S 39 -35.60 -64.30 15.95
C ASN S 39 -34.49 -65.20 15.43
N SER S 40 -33.61 -65.68 16.29
CA SER S 40 -32.47 -66.47 15.84
C SER S 40 -32.07 -67.40 16.98
N ALA S 41 -30.85 -67.92 16.88
CA ALA S 41 -30.33 -68.72 17.98
C ALA S 41 -29.58 -67.86 18.98
N LYS S 42 -28.99 -66.75 18.54
CA LYS S 42 -28.02 -66.07 19.39
C LYS S 42 -28.70 -65.32 20.53
N ASP S 43 -30.02 -65.22 20.50
CA ASP S 43 -30.72 -64.55 21.59
C ASP S 43 -30.59 -65.33 22.88
N ASP S 44 -30.67 -66.66 22.81
CA ASP S 44 -30.33 -67.51 23.95
C ASP S 44 -30.10 -68.93 23.46
N ALA S 45 -29.44 -69.75 24.26
CA ALA S 45 -29.25 -71.13 23.87
C ALA S 45 -30.34 -72.02 24.44
N ALA S 46 -30.81 -71.72 25.64
CA ALA S 46 -31.67 -72.67 26.35
C ALA S 46 -33.11 -72.59 25.87
N GLY S 47 -33.69 -71.40 25.87
CA GLY S 47 -35.13 -71.28 25.68
C GLY S 47 -35.60 -71.81 24.35
N GLN S 48 -34.77 -71.69 23.32
CA GLN S 48 -35.16 -72.14 21.99
C GLN S 48 -35.46 -73.63 21.98
N ALA S 49 -34.56 -74.45 22.54
CA ALA S 49 -34.78 -75.89 22.56
C ALA S 49 -36.00 -76.25 23.39
N ILE S 50 -36.20 -75.55 24.51
CA ILE S 50 -37.35 -75.85 25.36
C ILE S 50 -38.64 -75.55 24.63
N ALA S 51 -38.70 -74.41 23.94
CA ALA S 51 -39.87 -74.10 23.14
C ALA S 51 -40.10 -75.17 22.09
N ASN S 52 -39.01 -75.66 21.49
CA ASN S 52 -39.16 -76.70 20.48
C ASN S 52 -39.77 -77.97 21.06
N ARG S 53 -39.32 -78.35 22.26
CA ARG S 53 -39.85 -79.55 22.90
C ARG S 53 -41.29 -79.35 23.31
N PHE S 54 -41.69 -78.11 23.60
CA PHE S 54 -43.11 -77.84 23.83
C PHE S 54 -43.92 -78.01 22.56
N THR S 55 -43.41 -77.46 21.46
CA THR S 55 -44.15 -77.47 20.21
C THR S 55 -44.42 -78.89 19.75
N ALA S 56 -43.41 -79.77 19.83
CA ALA S 56 -43.61 -81.14 19.39
C ALA S 56 -44.75 -81.80 20.16
N ASN S 57 -44.80 -81.58 21.47
CA ASN S 57 -45.86 -82.17 22.28
C ASN S 57 -47.22 -81.63 21.88
N ILE S 58 -47.33 -80.33 21.62
CA ILE S 58 -48.62 -79.79 21.23
C ILE S 58 -49.10 -80.44 19.94
N LYS S 59 -48.20 -80.53 18.97
CA LYS S 59 -48.58 -81.09 17.67
C LYS S 59 -49.08 -82.52 17.85
N GLY S 60 -48.39 -83.31 18.69
CA GLY S 60 -48.83 -84.67 18.92
C GLY S 60 -50.17 -84.77 19.66
N LEU S 61 -50.35 -83.96 20.68
CA LEU S 61 -51.56 -84.05 21.50
C LEU S 61 -52.80 -83.74 20.66
N THR S 62 -52.69 -82.75 19.77
CA THR S 62 -53.81 -82.45 18.89
C THR S 62 -54.28 -83.70 18.16
N GLN S 63 -53.37 -84.44 17.55
CA GLN S 63 -53.78 -85.55 16.70
C GLN S 63 -54.26 -86.73 17.54
N ALA S 64 -53.64 -86.94 18.69
CA ALA S 64 -54.14 -87.96 19.59
C ALA S 64 -55.58 -87.65 19.97
N GLN S 65 -55.95 -86.37 19.98
CA GLN S 65 -57.33 -86.02 20.29
C GLN S 65 -58.30 -86.50 19.21
N ARG S 66 -57.86 -86.52 17.95
CA ARG S 66 -58.75 -86.97 16.87
C ARG S 66 -58.92 -88.48 16.89
N ASN S 67 -57.83 -89.20 17.16
CA ASN S 67 -57.95 -90.67 17.11
C ASN S 67 -59.02 -91.15 18.07
N ALA S 68 -59.23 -90.43 19.17
CA ALA S 68 -60.29 -90.80 20.09
C ALA S 68 -61.66 -90.66 19.44
N ASN S 69 -61.88 -89.59 18.68
CA ASN S 69 -63.15 -89.46 18.00
C ASN S 69 -63.36 -90.65 17.07
N ASP S 70 -62.30 -91.09 16.41
CA ASP S 70 -62.42 -92.27 15.55
C ASP S 70 -62.90 -93.49 16.33
N GLY S 71 -62.27 -93.74 17.49
CA GLY S 71 -62.68 -94.88 18.29
C GLY S 71 -64.13 -94.79 18.73
N ILE S 72 -64.56 -93.58 19.09
CA ILE S 72 -65.95 -93.38 19.46
C ILE S 72 -66.87 -93.77 18.33
N SER S 73 -66.54 -93.35 17.12
CA SER S 73 -67.38 -93.66 15.97
C SER S 73 -67.49 -95.17 15.77
N LEU S 74 -66.37 -95.88 15.86
CA LEU S 74 -66.41 -97.33 15.67
C LEU S 74 -67.31 -98.01 16.69
N ALA S 75 -67.06 -97.72 17.97
CA ALA S 75 -67.86 -98.38 19.01
C ALA S 75 -69.32 -98.02 18.87
N GLN S 76 -69.61 -96.77 18.53
CA GLN S 76 -70.99 -96.35 18.37
C GLN S 76 -71.68 -97.15 17.27
N THR S 77 -71.00 -97.32 16.14
CA THR S 77 -71.64 -97.99 15.01
C THR S 77 -71.93 -99.45 15.30
N THR S 78 -71.07 -100.12 16.07
CA THR S 78 -71.30 -101.54 16.32
C THR S 78 -72.62 -101.79 17.05
N GLU S 79 -72.90 -101.02 18.10
CA GLU S 79 -74.05 -101.32 18.95
C GLU S 79 -75.37 -101.16 18.22
N GLY S 80 -75.45 -100.16 17.34
CA GLY S 80 -76.66 -99.98 16.57
C GLY S 80 -76.99 -101.21 15.76
N ALA S 81 -75.98 -101.84 15.17
CA ALA S 81 -76.22 -103.11 14.48
C ALA S 81 -76.68 -104.18 15.45
N LEU S 82 -76.07 -104.23 16.63
CA LEU S 82 -76.38 -105.31 17.57
C LEU S 82 -77.84 -105.26 18.02
N THR S 83 -78.40 -104.05 18.04
CA THR S 83 -79.78 -103.87 18.50
C THR S 83 -80.75 -104.81 17.79
N GLU S 84 -80.60 -104.96 16.48
CA GLU S 84 -81.60 -105.68 15.73
C GLU S 84 -81.55 -107.17 16.02
N VAL S 85 -80.35 -107.70 16.27
CA VAL S 85 -80.24 -109.08 16.71
C VAL S 85 -80.99 -109.26 18.02
N ASN S 86 -80.81 -108.31 18.94
CA ASN S 86 -81.60 -108.34 20.17
C ASN S 86 -83.09 -108.47 19.85
N ASN S 87 -83.58 -107.61 18.97
CA ASN S 87 -85.02 -107.54 18.73
C ASN S 87 -85.53 -108.82 18.10
N ASN S 88 -84.73 -109.45 17.23
CA ASN S 88 -85.18 -110.69 16.60
C ASN S 88 -85.27 -111.83 17.61
N LEU S 89 -84.25 -111.97 18.46
CA LEU S 89 -84.31 -113.01 19.50
C LEU S 89 -85.53 -112.81 20.38
N GLN S 90 -85.83 -111.55 20.68
CA GLN S 90 -86.93 -111.24 21.58
C GLN S 90 -88.25 -111.76 21.03
N ARG S 91 -88.43 -111.72 19.71
CA ARG S 91 -89.63 -112.24 19.09
C ARG S 91 -89.59 -113.77 19.00
N ILE S 92 -88.41 -114.34 18.76
CA ILE S 92 -88.34 -115.78 18.61
C ILE S 92 -88.77 -116.47 19.89
N ARG S 93 -88.37 -115.93 21.04
CA ARG S 93 -88.77 -116.54 22.29
C ARG S 93 -90.29 -116.58 22.43
N GLU S 94 -90.95 -115.46 22.10
CA GLU S 94 -92.40 -115.40 22.19
C GLU S 94 -93.05 -116.41 21.26
N LEU S 95 -92.51 -116.55 20.05
CA LEU S 95 -93.05 -117.55 19.13
C LEU S 95 -92.93 -118.94 19.73
N SER S 96 -91.79 -119.25 20.34
CA SER S 96 -91.61 -120.58 20.90
C SER S 96 -92.58 -120.85 22.04
N VAL S 97 -92.89 -119.83 22.84
CA VAL S 97 -93.82 -120.03 23.95
C VAL S 97 -95.19 -120.50 23.44
N GLN S 98 -95.62 -119.97 22.30
CA GLN S 98 -96.94 -120.34 21.77
C GLN S 98 -96.99 -121.81 21.41
N ALA S 99 -95.97 -122.32 20.73
CA ALA S 99 -96.03 -123.64 20.13
C ALA S 99 -96.00 -124.78 21.14
N ALA S 100 -95.66 -124.51 22.38
CA ALA S 100 -95.58 -125.55 23.39
C ALA S 100 -96.94 -126.15 23.72
N THR S 101 -98.03 -125.44 23.46
CA THR S 101 -99.35 -125.95 23.77
C THR S 101 -99.67 -127.15 22.88
N GLY S 102 -100.37 -128.12 23.46
CA GLY S 102 -100.71 -129.32 22.69
C GLY S 102 -101.98 -129.16 21.89
N SER S 103 -102.68 -128.04 22.04
CA SER S 103 -103.95 -127.86 21.36
C SER S 103 -103.78 -127.76 19.86
N ASN S 104 -102.59 -127.44 19.39
CA ASN S 104 -102.38 -127.13 17.98
C ASN S 104 -102.45 -128.37 17.13
N SER S 105 -102.47 -128.18 15.80
CA SER S 105 -102.34 -129.26 14.86
C SER S 105 -100.98 -129.20 14.16
N ALA S 106 -100.73 -130.19 13.30
CA ALA S 106 -99.42 -130.28 12.65
C ALA S 106 -99.17 -129.11 11.70
N SER S 107 -100.16 -128.81 10.85
CA SER S 107 -100.01 -127.70 9.92
C SER S 107 -99.69 -126.40 10.65
N ASP S 108 -100.28 -126.23 11.83
CA ASP S 108 -100.00 -125.05 12.65
C ASP S 108 -98.52 -124.97 12.97
N LEU S 109 -97.96 -126.10 13.40
CA LEU S 109 -96.55 -126.14 13.76
C LEU S 109 -95.67 -125.87 12.54
N GLN S 110 -96.07 -126.38 11.39
CA GLN S 110 -95.32 -126.12 10.16
C GLN S 110 -95.26 -124.63 9.85
N SER S 111 -96.42 -123.97 9.93
CA SER S 111 -96.47 -122.55 9.60
C SER S 111 -95.71 -121.71 10.62
N ILE S 112 -95.69 -122.14 11.89
CA ILE S 112 -94.86 -121.46 12.88
C ILE S 112 -93.38 -121.62 12.55
N GLN S 113 -92.97 -122.85 12.22
CA GLN S 113 -91.57 -123.15 11.99
C GLN S 113 -91.01 -122.34 10.83
N ASP S 114 -91.81 -122.15 9.78
CA ASP S 114 -91.31 -121.36 8.65
C ASP S 114 -90.93 -119.96 9.11
N GLU S 115 -91.80 -119.32 9.88
CA GLU S 115 -91.52 -117.96 10.32
C GLU S 115 -90.27 -117.94 11.20
N ILE S 116 -90.09 -118.96 12.03
CA ILE S 116 -88.87 -119.02 12.84
C ILE S 116 -87.64 -119.10 11.94
N LYS S 117 -87.73 -119.90 10.88
CA LYS S 117 -86.60 -120.08 9.98
C LYS S 117 -86.17 -118.77 9.37
N GLN S 118 -87.12 -117.91 9.00
CA GLN S 118 -86.75 -116.62 8.43
C GLN S 118 -85.89 -115.80 9.38
N ARG S 119 -86.35 -115.66 10.63
CA ARG S 119 -85.61 -114.84 11.59
C ARG S 119 -84.23 -115.41 11.84
N LEU S 120 -84.12 -116.73 11.98
CA LEU S 120 -82.82 -117.32 12.26
C LEU S 120 -81.83 -117.01 11.14
N GLU S 121 -82.32 -116.80 9.93
CA GLU S 121 -81.44 -116.43 8.82
C GLU S 121 -81.03 -114.97 8.91
N GLU S 122 -81.92 -114.12 9.43
CA GLU S 122 -81.60 -112.69 9.54
C GLU S 122 -80.29 -112.45 10.28
N ILE S 123 -80.07 -113.16 11.39
CA ILE S 123 -78.89 -112.93 12.20
C ILE S 123 -77.62 -113.23 11.41
N ASN S 124 -77.63 -114.36 10.70
CA ASN S 124 -76.48 -114.73 9.90
C ASN S 124 -76.20 -113.68 8.84
N ARG S 125 -77.25 -113.14 8.24
CA ARG S 125 -77.03 -112.08 7.26
C ARG S 125 -76.38 -110.86 7.89
N VAL S 126 -76.94 -110.39 9.01
CA VAL S 126 -76.50 -109.12 9.57
C VAL S 126 -75.08 -109.24 10.11
N SER S 127 -74.65 -110.46 10.45
CA SER S 127 -73.25 -110.62 10.82
C SER S 127 -72.34 -110.46 9.60
N GLU S 128 -72.88 -110.70 8.41
CA GLU S 128 -72.05 -110.69 7.22
C GLU S 128 -71.91 -109.29 6.62
N GLN S 129 -73.01 -108.57 6.41
CA GLN S 129 -72.88 -107.30 5.67
C GLN S 129 -72.33 -106.15 6.52
N THR S 130 -72.61 -106.11 7.82
CA THR S 130 -72.24 -104.95 8.62
C THR S 130 -70.73 -104.73 8.61
N GLN S 131 -70.30 -103.48 8.38
CA GLN S 131 -68.87 -103.18 8.35
C GLN S 131 -68.62 -101.68 8.49
N PHE S 132 -67.46 -101.34 9.04
CA PHE S 132 -67.01 -99.97 9.23
C PHE S 132 -65.62 -99.83 8.62
N ASN S 133 -65.54 -99.13 7.49
CA ASN S 133 -64.25 -98.77 6.89
C ASN S 133 -63.37 -99.98 6.60
N GLY S 134 -63.93 -100.96 5.93
CA GLY S 134 -63.16 -102.14 5.60
C GLY S 134 -62.86 -103.06 6.76
N VAL S 135 -63.63 -102.98 7.83
CA VAL S 135 -63.47 -103.84 8.99
C VAL S 135 -64.78 -104.60 9.20
N LYS S 136 -64.68 -105.90 9.45
CA LYS S 136 -65.84 -106.69 9.84
C LYS S 136 -65.85 -106.80 11.36
N VAL S 137 -66.75 -106.07 12.00
CA VAL S 137 -66.70 -105.95 13.46
C VAL S 137 -67.31 -107.18 14.14
N LEU S 138 -68.30 -107.80 13.53
CA LEU S 138 -69.08 -108.82 14.22
C LEU S 138 -68.70 -110.26 13.85
N ALA S 139 -67.57 -110.49 13.20
CA ALA S 139 -67.26 -111.85 12.78
C ALA S 139 -65.79 -112.22 12.94
N LYS S 140 -65.09 -111.65 13.93
CA LYS S 140 -63.66 -111.88 14.03
C LYS S 140 -63.17 -112.40 15.37
N ASP S 141 -63.74 -111.95 16.49
CA ASP S 141 -63.34 -112.41 17.82
C ASP S 141 -61.89 -112.05 18.11
N THR S 142 -61.57 -110.77 18.04
CA THR S 142 -60.21 -110.29 18.27
C THR S 142 -60.26 -109.01 19.08
N LYS S 143 -59.09 -108.45 19.35
CA LYS S 143 -58.97 -107.26 20.17
C LYS S 143 -58.29 -106.16 19.38
N MET S 144 -58.88 -104.96 19.41
CA MET S 144 -58.41 -103.82 18.63
C MET S 144 -57.91 -102.73 19.56
N ASN S 145 -56.85 -102.03 19.16
CA ASN S 145 -56.13 -101.13 20.04
C ASN S 145 -55.93 -99.76 19.39
N ILE S 146 -56.78 -98.81 19.76
CA ILE S 146 -56.60 -97.42 19.37
C ILE S 146 -55.39 -96.85 20.10
N GLN S 147 -54.95 -95.66 19.70
CA GLN S 147 -53.87 -94.98 20.39
C GLN S 147 -54.34 -93.63 20.90
N VAL S 148 -53.92 -93.29 22.12
CA VAL S 148 -54.03 -91.95 22.68
C VAL S 148 -52.63 -91.57 23.14
N GLY S 149 -52.39 -90.29 23.36
CA GLY S 149 -51.09 -89.92 23.88
C GLY S 149 -50.01 -89.94 22.82
N ALA S 150 -48.84 -89.39 23.11
CA ALA S 150 -47.85 -89.10 22.08
C ALA S 150 -46.53 -89.84 22.25
N ASN S 151 -46.56 -91.12 22.60
CA ASN S 151 -45.36 -91.93 22.70
C ASN S 151 -45.68 -93.38 22.37
N ASP S 152 -44.75 -94.26 22.72
CA ASP S 152 -44.90 -95.67 22.40
C ASP S 152 -45.79 -96.37 23.42
N GLY S 153 -46.47 -97.41 22.97
CA GLY S 153 -47.21 -98.27 23.88
C GLY S 153 -48.27 -97.57 24.69
N GLU S 154 -49.11 -96.76 24.03
CA GLU S 154 -50.18 -96.03 24.68
C GLU S 154 -51.55 -96.48 24.22
N ILE S 155 -51.77 -97.79 24.11
CA ILE S 155 -52.98 -98.27 23.49
C ILE S 155 -54.13 -98.25 24.49
N ILE S 156 -55.34 -98.44 23.97
CA ILE S 156 -56.53 -98.69 24.75
C ILE S 156 -57.37 -99.69 23.97
N ALA S 157 -57.50 -100.90 24.49
CA ALA S 157 -57.98 -102.04 23.71
C ALA S 157 -59.48 -102.22 23.88
N ILE S 158 -60.10 -102.83 22.87
CA ILE S 158 -61.53 -103.07 22.85
C ILE S 158 -61.76 -104.55 22.57
N ASP S 159 -62.86 -105.11 23.08
CA ASP S 159 -62.95 -106.56 23.21
C ASP S 159 -63.49 -107.25 21.96
N LEU S 160 -64.66 -106.85 21.47
CA LEU S 160 -65.18 -107.30 20.17
C LEU S 160 -65.29 -108.82 20.04
N LYS S 161 -66.24 -109.40 20.76
CA LYS S 161 -66.48 -110.82 20.50
C LYS S 161 -67.22 -111.03 19.18
N GLU S 162 -67.54 -112.30 18.90
CA GLU S 162 -67.95 -112.75 17.57
C GLU S 162 -69.28 -113.49 17.62
N ILE S 163 -70.25 -113.03 16.82
CA ILE S 163 -71.64 -113.43 16.95
C ILE S 163 -72.14 -113.98 15.64
N THR S 164 -72.62 -115.22 15.66
CA THR S 164 -73.35 -115.81 14.55
C THR S 164 -74.46 -116.66 15.13
N ALA S 165 -75.28 -117.23 14.25
CA ALA S 165 -76.31 -118.16 14.70
C ALA S 165 -75.69 -119.43 15.24
N LYS S 166 -74.48 -119.76 14.79
CA LYS S 166 -73.79 -120.95 15.28
C LYS S 166 -73.23 -120.74 16.68
N THR S 167 -72.61 -119.58 16.92
CA THR S 167 -71.95 -119.35 18.19
C THR S 167 -72.93 -119.36 19.35
N LEU S 168 -74.06 -118.68 19.22
CA LEU S 168 -75.07 -118.64 20.27
C LEU S 168 -75.56 -120.02 20.67
N GLY S 169 -75.24 -121.05 19.90
CA GLY S 169 -75.73 -122.39 20.15
C GLY S 169 -77.09 -122.70 19.57
N LEU S 170 -77.51 -121.96 18.56
CA LEU S 170 -78.86 -122.07 18.04
C LEU S 170 -78.93 -122.89 16.76
N ASP S 171 -77.86 -123.59 16.40
CA ASP S 171 -77.86 -124.34 15.16
C ASP S 171 -78.92 -125.45 15.19
N GLY S 172 -79.54 -125.68 14.03
CA GLY S 172 -80.49 -126.77 13.93
C GLY S 172 -81.67 -126.65 14.87
N PHE S 173 -81.97 -125.43 15.30
CA PHE S 173 -83.10 -125.17 16.19
C PHE S 173 -84.38 -125.40 15.40
N ASN S 174 -85.35 -126.08 16.02
CA ASN S 174 -86.57 -126.37 15.30
C ASN S 174 -87.67 -126.75 16.27
N VAL S 175 -88.89 -126.83 15.73
CA VAL S 175 -90.04 -127.40 16.40
C VAL S 175 -90.82 -128.18 15.35
N SER S 176 -91.82 -128.93 15.81
CA SER S 176 -92.71 -129.80 15.03
C SER S 176 -92.10 -131.15 14.72
N GLY S 177 -90.88 -131.43 15.15
CA GLY S 177 -90.31 -132.75 14.99
C GLY S 177 -89.98 -133.07 13.55
N PRO S 178 -89.70 -134.35 13.27
CA PRO S 178 -89.32 -134.75 11.91
C PRO S 178 -90.53 -134.84 11.00
N LYS S 179 -90.35 -134.43 9.74
CA LYS S 179 -91.45 -134.40 8.79
C LYS S 179 -91.87 -135.80 8.32
N GLY S 180 -90.92 -136.65 7.95
CA GLY S 180 -91.25 -137.98 7.47
C GLY S 180 -90.11 -138.93 7.71
N THR S 181 -90.28 -140.15 7.23
CA THR S 181 -89.21 -141.13 7.37
C THR S 181 -88.01 -140.69 6.53
N PRO S 182 -86.87 -140.46 7.16
CA PRO S 182 -85.77 -139.81 6.45
C PRO S 182 -85.05 -140.75 5.51
N ALA S 183 -84.11 -140.18 4.77
CA ALA S 183 -83.27 -140.92 3.83
C ALA S 183 -81.81 -140.71 4.20
N ALA S 184 -80.95 -141.55 3.62
CA ALA S 184 -79.55 -141.59 4.04
C ALA S 184 -78.81 -140.31 3.67
N LEU S 185 -77.63 -140.16 4.25
CA LEU S 185 -76.76 -139.01 4.03
C LEU S 185 -76.00 -139.20 2.72
N VAL S 186 -76.03 -138.20 1.85
CA VAL S 186 -75.03 -138.11 0.80
C VAL S 186 -73.83 -137.41 1.43
N ALA S 187 -72.70 -137.41 0.74
CA ALA S 187 -71.50 -136.84 1.35
C ALA S 187 -71.57 -135.32 1.44
N ALA S 188 -72.47 -134.70 0.67
CA ALA S 188 -72.47 -133.24 0.55
C ALA S 188 -72.75 -132.55 1.88
N ASP S 189 -73.74 -133.04 2.63
CA ASP S 189 -74.16 -132.33 3.83
C ASP S 189 -73.08 -132.32 4.89
N TYR S 190 -72.13 -133.26 4.82
CA TYR S 190 -71.02 -133.24 5.76
C TYR S 190 -70.25 -131.93 5.67
N GLN S 191 -69.83 -131.55 4.46
CA GLN S 191 -69.11 -130.30 4.31
C GLN S 191 -70.06 -129.12 4.38
N ALA S 192 -71.34 -129.35 4.17
CA ALA S 192 -72.31 -128.28 4.39
C ALA S 192 -72.33 -127.87 5.86
N ALA S 193 -72.26 -128.84 6.76
CA ALA S 193 -72.31 -128.53 8.19
C ALA S 193 -70.93 -128.16 8.73
N TYR S 194 -69.87 -128.74 8.19
CA TYR S 194 -68.54 -128.59 8.77
C TYR S 194 -67.55 -127.84 7.89
N GLY S 195 -67.97 -127.34 6.74
CA GLY S 195 -67.05 -126.62 5.88
C GLY S 195 -66.55 -127.48 4.74
N THR S 196 -66.24 -126.81 3.62
CA THR S 196 -66.04 -127.51 2.36
C THR S 196 -64.82 -128.44 2.40
N THR S 197 -63.88 -128.18 3.30
CA THR S 197 -62.67 -128.98 3.38
C THR S 197 -62.65 -129.89 4.59
N THR S 198 -63.79 -130.46 4.97
CA THR S 198 -63.84 -131.31 6.14
C THR S 198 -63.19 -132.66 5.87
N ASN S 199 -62.65 -133.26 6.93
CA ASN S 199 -62.12 -134.61 6.88
C ASN S 199 -63.04 -135.64 7.49
N VAL S 200 -64.13 -135.21 8.12
CA VAL S 200 -65.07 -136.14 8.71
C VAL S 200 -65.91 -136.78 7.61
N THR S 201 -66.03 -138.10 7.66
CA THR S 201 -66.82 -138.82 6.66
C THR S 201 -67.76 -139.87 7.24
N THR S 202 -67.62 -140.22 8.51
CA THR S 202 -68.52 -141.18 9.12
C THR S 202 -68.86 -140.71 10.53
N THR S 203 -69.98 -141.19 11.04
CA THR S 203 -70.48 -140.79 12.34
C THR S 203 -71.20 -141.94 13.02
N ALA S 204 -71.10 -141.98 14.35
CA ALA S 204 -71.74 -143.03 15.15
C ALA S 204 -72.41 -142.38 16.36
N VAL S 205 -73.54 -142.94 16.77
CA VAL S 205 -74.34 -142.39 17.86
C VAL S 205 -74.31 -143.35 19.04
N THR S 206 -73.93 -142.83 20.21
CA THR S 206 -73.85 -143.63 21.43
C THR S 206 -74.39 -142.81 22.58
N GLU S 207 -74.87 -143.50 23.61
CA GLU S 207 -75.36 -142.81 24.80
C GLU S 207 -74.24 -142.68 25.83
N SER S 208 -74.56 -142.03 26.96
CA SER S 208 -73.51 -141.65 27.90
C SER S 208 -73.16 -142.79 28.85
N SER S 209 -74.10 -143.24 29.68
CA SER S 209 -73.82 -144.22 30.72
C SER S 209 -74.79 -145.38 30.62
N ALA S 210 -74.29 -146.57 30.94
CA ALA S 210 -74.98 -147.81 30.61
C ALA S 210 -76.41 -147.84 31.13
N ASN S 211 -77.36 -147.98 30.20
CA ASN S 211 -78.77 -148.21 30.52
C ASN S 211 -79.35 -147.14 31.43
N ALA S 212 -78.97 -145.88 31.18
CA ALA S 212 -79.59 -144.78 31.91
C ALA S 212 -81.03 -144.57 31.49
N LEU S 213 -81.30 -144.63 30.18
CA LEU S 213 -82.64 -144.35 29.68
C LEU S 213 -83.65 -145.39 30.15
N ALA S 214 -83.34 -146.67 29.95
CA ALA S 214 -84.26 -147.71 30.35
C ALA S 214 -84.46 -147.73 31.86
N GLY S 215 -83.37 -147.55 32.62
CA GLY S 215 -83.48 -147.54 34.06
C GLY S 215 -84.33 -146.39 34.57
N ARG S 216 -84.13 -145.19 34.01
CA ARG S 216 -84.94 -144.05 34.40
C ARG S 216 -86.40 -144.26 34.01
N LEU S 217 -86.64 -144.88 32.85
CA LEU S 217 -87.99 -145.15 32.40
C LEU S 217 -88.59 -146.37 33.08
N GLY S 218 -87.78 -147.17 33.76
CA GLY S 218 -88.27 -148.27 34.57
C GLY S 218 -88.96 -149.39 33.80
N VAL S 219 -88.35 -149.83 32.70
CA VAL S 219 -88.91 -150.85 31.84
C VAL S 219 -87.88 -151.96 31.65
N ALA S 220 -88.25 -152.93 30.80
CA ALA S 220 -87.34 -154.02 30.49
C ALA S 220 -86.09 -153.49 29.78
N ASN S 221 -84.94 -154.03 30.17
CA ASN S 221 -83.67 -153.53 29.64
C ASN S 221 -83.53 -153.80 28.15
N GLY S 222 -84.09 -154.92 27.69
CA GLY S 222 -83.96 -155.28 26.29
C GLY S 222 -84.95 -154.62 25.36
N SER S 223 -85.95 -153.91 25.90
CA SER S 223 -86.99 -153.36 25.04
C SER S 223 -86.53 -152.09 24.32
N VAL S 224 -85.42 -151.50 24.76
CA VAL S 224 -84.88 -150.28 24.18
C VAL S 224 -83.93 -150.67 23.05
N ALA S 225 -84.03 -149.95 21.94
CA ALA S 225 -83.16 -150.17 20.78
C ALA S 225 -82.63 -148.84 20.28
N LEU S 226 -81.33 -148.79 20.02
CA LEU S 226 -80.65 -147.57 19.60
C LEU S 226 -80.13 -147.74 18.19
N ALA S 227 -80.42 -146.77 17.33
CA ALA S 227 -80.02 -146.86 15.93
C ALA S 227 -78.51 -146.75 15.79
N ALA S 228 -78.00 -147.19 14.63
CA ALA S 228 -76.56 -147.20 14.42
C ALA S 228 -75.99 -145.79 14.30
N THR S 229 -76.60 -144.95 13.48
CA THR S 229 -76.04 -143.63 13.18
C THR S 229 -77.14 -142.67 12.76
N ALA S 230 -76.74 -141.42 12.57
CA ALA S 230 -77.69 -140.35 12.27
C ALA S 230 -78.25 -140.48 10.87
N GLU S 231 -79.43 -139.87 10.67
CA GLU S 231 -80.07 -139.79 9.37
C GLU S 231 -80.69 -138.41 9.22
N LYS S 232 -80.82 -137.95 7.99
CA LYS S 232 -81.34 -136.61 7.73
C LYS S 232 -82.67 -136.69 7.02
N ASP S 233 -83.63 -135.90 7.49
CA ASP S 233 -84.93 -135.77 6.87
C ASP S 233 -84.86 -134.75 5.73
N ASP S 234 -86.01 -134.45 5.14
CA ASP S 234 -86.02 -133.63 3.93
C ASP S 234 -85.73 -132.16 4.25
N ASN S 235 -85.72 -131.80 5.53
CA ASN S 235 -85.25 -130.50 5.96
C ASN S 235 -83.81 -130.52 6.45
N GLY S 236 -83.09 -131.62 6.23
CA GLY S 236 -81.73 -131.73 6.67
C GLY S 236 -81.53 -131.76 8.16
N ASN S 237 -82.58 -132.06 8.93
CA ASN S 237 -82.48 -132.17 10.38
C ASN S 237 -81.96 -133.54 10.74
N TRP S 238 -80.86 -133.58 11.47
CA TRP S 238 -80.25 -134.85 11.83
C TRP S 238 -80.96 -135.45 13.04
N TYR S 239 -81.35 -136.71 12.91
CA TYR S 239 -82.14 -137.35 13.96
C TYR S 239 -81.51 -138.68 14.35
N ALA S 240 -81.65 -139.01 15.63
CA ALA S 240 -81.25 -140.31 16.16
C ALA S 240 -82.50 -141.09 16.51
N THR S 241 -82.63 -142.28 15.92
CA THR S 241 -83.87 -143.04 15.97
C THR S 241 -83.81 -144.08 17.07
N VAL S 242 -84.90 -144.21 17.82
CA VAL S 242 -85.07 -145.26 18.81
C VAL S 242 -86.33 -146.04 18.47
N THR S 243 -86.25 -147.36 18.54
CA THR S 243 -87.37 -148.24 18.25
C THR S 243 -87.69 -149.06 19.49
N ILE S 244 -88.97 -149.13 19.84
CA ILE S 244 -89.43 -149.79 21.05
C ILE S 244 -90.45 -150.84 20.68
N THR S 245 -90.33 -152.03 21.27
CA THR S 245 -91.32 -153.09 21.17
C THR S 245 -91.81 -153.40 22.59
N ALA S 246 -93.12 -153.56 22.74
CA ALA S 246 -93.70 -153.73 24.06
C ALA S 246 -93.26 -155.05 24.68
N GLY S 247 -92.77 -154.99 25.91
CA GLY S 247 -92.36 -156.20 26.59
C GLY S 247 -93.51 -157.15 26.90
N SER S 248 -94.61 -156.60 27.43
CA SER S 248 -95.75 -157.42 27.84
C SER S 248 -96.90 -156.50 28.18
N ALA S 249 -97.98 -157.11 28.68
CA ALA S 249 -99.16 -156.35 29.05
C ALA S 249 -98.91 -155.47 30.28
N THR S 250 -98.08 -155.95 31.21
CA THR S 250 -97.78 -155.15 32.39
C THR S 250 -97.01 -153.90 32.03
N GLU S 251 -96.07 -154.02 31.09
CA GLU S 251 -95.19 -152.90 30.74
C GLU S 251 -95.87 -151.83 29.91
N VAL S 252 -96.85 -152.19 29.08
CA VAL S 252 -97.55 -151.17 28.29
C VAL S 252 -98.31 -150.24 29.22
N SER S 253 -98.72 -150.74 30.39
CA SER S 253 -99.37 -149.87 31.37
C SER S 253 -98.42 -148.78 31.85
N THR S 254 -97.19 -149.15 32.22
CA THR S 254 -96.22 -148.15 32.65
C THR S 254 -95.86 -147.20 31.51
N LEU S 255 -95.74 -147.74 30.29
CA LEU S 255 -95.43 -146.89 29.15
C LEU S 255 -96.52 -145.87 28.90
N LYS S 256 -97.79 -146.29 28.97
CA LYS S 256 -98.89 -145.35 28.80
C LYS S 256 -98.99 -144.37 29.96
N ALA S 257 -98.59 -144.80 31.15
CA ALA S 257 -98.50 -143.88 32.27
C ALA S 257 -97.51 -142.78 31.96
N LYS S 258 -96.38 -143.14 31.35
CA LYS S 258 -95.49 -142.12 30.80
C LYS S 258 -96.02 -141.60 29.47
N GLY S 259 -96.80 -142.41 28.76
CA GLY S 259 -97.55 -141.95 27.60
C GLY S 259 -96.89 -142.18 26.26
N PHE S 260 -96.28 -143.33 25.99
CA PHE S 260 -95.59 -143.49 24.72
C PHE S 260 -96.46 -144.13 23.65
N GLU S 261 -97.73 -144.40 23.97
CA GLU S 261 -98.75 -144.84 22.99
C GLU S 261 -98.23 -145.93 22.06
N VAL S 262 -97.77 -147.03 22.64
CA VAL S 262 -97.21 -148.13 21.86
C VAL S 262 -98.18 -149.31 21.88
N GLU S 263 -98.29 -149.98 20.74
CA GLU S 263 -99.05 -151.21 20.65
C GLU S 263 -98.31 -152.33 21.37
N ASN S 264 -99.02 -153.43 21.62
CA ASN S 264 -98.49 -154.56 22.36
C ASN S 264 -97.67 -155.44 21.43
N GLY S 265 -96.43 -155.72 21.82
CA GLY S 265 -95.59 -156.65 21.09
C GLY S 265 -95.18 -156.20 19.71
N VAL S 266 -95.32 -154.93 19.39
CA VAL S 266 -95.00 -154.41 18.07
C VAL S 266 -93.90 -153.38 18.21
N ALA S 267 -92.92 -153.43 17.31
CA ALA S 267 -91.87 -152.42 17.31
C ALA S 267 -92.40 -151.09 16.81
N LYS S 268 -91.98 -150.02 17.48
CA LYS S 268 -92.30 -148.68 17.03
C LYS S 268 -91.08 -147.81 17.19
N GLU S 269 -90.86 -146.93 16.23
CA GLU S 269 -89.67 -146.10 16.18
C GLU S 269 -90.03 -144.68 16.59
N PHE S 270 -89.06 -144.00 17.21
CA PHE S 270 -89.18 -142.60 17.56
C PHE S 270 -87.85 -141.91 17.34
N TYR S 271 -87.90 -140.59 17.14
CA TYR S 271 -86.75 -139.78 16.81
C TYR S 271 -86.27 -139.02 18.05
N ILE S 272 -85.07 -138.47 17.94
CA ILE S 272 -84.47 -137.62 18.96
C ILE S 272 -83.70 -136.52 18.27
N ALA S 273 -83.80 -135.30 18.79
CA ALA S 273 -83.11 -134.18 18.18
C ALA S 273 -81.59 -134.32 18.30
N LEU S 274 -80.88 -133.81 17.31
CA LEU S 274 -79.43 -133.83 17.29
C LEU S 274 -78.89 -132.47 16.87
N ASP S 275 -77.79 -132.08 17.51
CA ASP S 275 -77.14 -130.79 17.28
C ASP S 275 -75.77 -131.04 16.66
N PRO S 276 -75.53 -130.60 15.42
CA PRO S 276 -74.24 -130.91 14.78
C PRO S 276 -73.04 -130.42 15.56
N GLN S 277 -73.12 -129.27 16.21
CA GLN S 277 -71.92 -128.70 16.83
C GLN S 277 -71.58 -129.42 18.12
N SER S 278 -72.51 -130.20 18.67
CA SER S 278 -72.24 -130.93 19.90
C SER S 278 -71.27 -132.07 19.66
N ALA S 279 -71.06 -132.44 18.40
CA ALA S 279 -70.18 -133.54 18.07
C ALA S 279 -68.74 -133.24 18.44
N ASP S 280 -67.97 -134.28 18.73
CA ASP S 280 -66.54 -134.16 18.96
C ASP S 280 -65.79 -134.76 17.77
N VAL S 281 -64.71 -134.09 17.37
CA VAL S 281 -63.94 -134.48 16.19
C VAL S 281 -62.46 -134.63 16.49
N THR S 282 -61.99 -134.17 17.65
CA THR S 282 -60.56 -134.20 17.92
C THR S 282 -60.07 -135.60 18.28
N THR S 283 -60.94 -136.42 18.88
CA THR S 283 -60.48 -137.70 19.41
C THR S 283 -60.10 -138.68 18.31
N THR S 284 -60.89 -138.76 17.25
CA THR S 284 -60.66 -139.69 16.15
C THR S 284 -60.92 -138.97 14.84
N ALA S 285 -59.92 -138.95 13.96
CA ALA S 285 -60.07 -138.27 12.69
C ALA S 285 -61.13 -138.97 11.83
N GLY S 286 -61.94 -138.16 11.15
CA GLY S 286 -62.94 -138.68 10.26
C GLY S 286 -64.14 -139.31 10.94
N THR S 287 -64.19 -139.32 12.27
CA THR S 287 -65.28 -139.94 13.00
C THR S 287 -65.86 -138.94 13.98
N ALA S 288 -67.12 -138.58 13.77
CA ALA S 288 -67.83 -137.63 14.63
C ALA S 288 -68.88 -138.39 15.41
N ALA S 289 -68.73 -138.44 16.73
CA ALA S 289 -69.61 -139.21 17.59
C ALA S 289 -70.39 -138.27 18.49
N PHE S 290 -71.72 -138.41 18.49
CA PHE S 290 -72.56 -137.69 19.42
C PHE S 290 -72.62 -138.45 20.74
N ALA S 291 -71.96 -137.92 21.76
CA ALA S 291 -71.96 -138.53 23.09
C ALA S 291 -73.26 -138.15 23.77
N LEU S 292 -74.35 -138.79 23.34
CA LEU S 292 -75.68 -138.39 23.79
C LEU S 292 -75.85 -138.61 25.29
N ASP S 293 -76.50 -137.65 25.95
CA ASP S 293 -76.85 -137.74 27.35
C ASP S 293 -78.36 -137.88 27.44
N THR S 294 -78.82 -138.90 28.16
CA THR S 294 -80.24 -139.15 28.32
C THR S 294 -80.69 -139.01 29.77
N ALA S 295 -79.75 -138.78 30.69
CA ALA S 295 -80.11 -138.67 32.10
C ALA S 295 -81.04 -137.49 32.35
N ASN S 296 -80.78 -136.36 31.71
CA ASN S 296 -81.57 -135.14 31.91
C ASN S 296 -82.05 -134.63 30.56
N ILE S 297 -83.18 -135.17 30.10
CA ILE S 297 -83.79 -134.76 28.84
C ILE S 297 -85.29 -134.69 29.04
N GLN S 298 -85.96 -133.90 28.20
CA GLN S 298 -87.40 -133.71 28.35
C GLN S 298 -88.16 -134.90 27.78
N LEU S 299 -88.95 -135.55 28.63
CA LEU S 299 -89.59 -136.80 28.22
C LEU S 299 -90.54 -136.60 27.04
N SER S 300 -91.34 -135.54 27.08
CA SER S 300 -92.29 -135.32 25.98
C SER S 300 -91.57 -134.97 24.69
N SER S 301 -90.32 -134.51 24.79
CA SER S 301 -89.58 -134.18 23.57
C SER S 301 -89.26 -135.43 22.78
N ILE S 302 -89.08 -136.57 23.46
CA ILE S 302 -88.74 -137.80 22.75
C ILE S 302 -89.88 -138.22 21.83
N THR S 303 -91.12 -138.16 22.31
CA THR S 303 -92.25 -138.55 21.47
C THR S 303 -92.38 -137.63 20.27
N SER S 304 -91.94 -136.38 20.39
CA SER S 304 -92.06 -135.41 19.32
C SER S 304 -90.74 -135.08 18.64
N GLY S 305 -89.64 -135.03 19.40
CA GLY S 305 -88.34 -134.80 18.80
C GLY S 305 -88.15 -133.44 18.17
N ALA S 306 -88.13 -132.38 18.97
CA ALA S 306 -87.80 -131.05 18.50
C ALA S 306 -87.05 -130.27 19.58
N SER S 307 -85.72 -130.37 19.56
CA SER S 307 -84.85 -129.51 20.34
C SER S 307 -85.28 -129.37 21.78
N SER S 308 -85.16 -130.45 22.56
CA SER S 308 -85.61 -130.47 23.94
C SER S 308 -85.14 -129.25 24.72
N ASN S 309 -86.08 -128.67 25.48
CA ASN S 309 -85.89 -127.53 26.38
C ASN S 309 -85.37 -126.30 25.63
N PRO S 310 -86.19 -125.67 24.79
CA PRO S 310 -85.72 -124.47 24.09
C PRO S 310 -85.76 -123.21 24.94
N LEU S 311 -86.79 -123.09 25.78
CA LEU S 311 -87.00 -121.84 26.51
C LEU S 311 -85.82 -121.53 27.41
N ALA S 312 -85.19 -122.56 27.97
CA ALA S 312 -83.96 -122.34 28.71
C ALA S 312 -82.83 -121.94 27.78
N LYS S 313 -82.90 -122.36 26.52
CA LYS S 313 -81.77 -122.19 25.61
C LYS S 313 -81.69 -120.76 25.09
N LEU S 314 -82.83 -120.13 24.83
CA LEU S 314 -82.80 -118.75 24.32
C LEU S 314 -82.12 -117.80 25.30
N ASP S 315 -82.23 -118.10 26.60
CA ASP S 315 -81.76 -117.20 27.64
C ASP S 315 -80.25 -117.05 27.62
N ALA S 316 -79.54 -118.13 27.30
CA ALA S 316 -78.09 -118.04 27.21
C ALA S 316 -77.68 -117.05 26.12
N ALA S 317 -78.35 -117.10 24.97
CA ALA S 317 -78.04 -116.18 23.90
C ALA S 317 -78.32 -114.74 24.31
N LEU S 318 -79.47 -114.51 24.94
CA LEU S 318 -79.78 -113.16 25.38
C LEU S 318 -78.72 -112.62 26.33
N ALA S 319 -78.33 -113.42 27.32
CA ALA S 319 -77.31 -112.97 28.26
C ALA S 319 -76.00 -112.69 27.54
N ASP S 320 -75.66 -113.54 26.57
CA ASP S 320 -74.40 -113.38 25.86
C ASP S 320 -74.33 -112.05 25.12
N VAL S 321 -75.41 -111.70 24.41
CA VAL S 321 -75.37 -110.43 23.69
C VAL S 321 -75.38 -109.24 24.67
N ASP S 322 -76.11 -109.38 25.79
CA ASP S 322 -76.13 -108.31 26.78
C ASP S 322 -74.74 -108.01 27.31
N THR S 323 -73.95 -109.07 27.54
CA THR S 323 -72.59 -108.87 28.03
C THR S 323 -71.79 -107.97 27.11
N LEU S 324 -71.84 -108.24 25.82
CA LEU S 324 -71.08 -107.45 24.86
C LEU S 324 -71.55 -106.01 24.85
N ARG S 325 -72.87 -105.78 24.89
CA ARG S 325 -73.37 -104.41 24.89
C ARG S 325 -72.84 -103.65 26.11
N SER S 326 -72.89 -104.29 27.29
CA SER S 326 -72.40 -103.65 28.49
C SER S 326 -70.93 -103.28 28.38
N SER S 327 -70.12 -104.21 27.86
CA SER S 327 -68.69 -103.93 27.72
C SER S 327 -68.45 -102.74 26.79
N LEU S 328 -69.18 -102.69 25.68
CA LEU S 328 -68.96 -101.60 24.73
C LEU S 328 -69.30 -100.25 25.35
N GLY S 329 -70.44 -100.17 26.06
CA GLY S 329 -70.78 -98.91 26.69
C GLY S 329 -69.76 -98.49 27.73
N ALA S 330 -69.30 -99.43 28.54
CA ALA S 330 -68.30 -99.12 29.54
C ALA S 330 -67.06 -98.52 28.88
N VAL S 331 -66.60 -99.12 27.79
CA VAL S 331 -65.44 -98.57 27.10
C VAL S 331 -65.72 -97.16 26.60
N GLN S 332 -66.94 -96.94 26.08
CA GLN S 332 -67.30 -95.61 25.58
C GLN S 332 -67.10 -94.54 26.63
N ASN S 333 -67.53 -94.80 27.87
CA ASN S 333 -67.43 -93.78 28.91
C ASN S 333 -65.99 -93.30 29.10
N ARG S 334 -65.14 -94.20 29.57
CA ARG S 334 -63.70 -93.97 29.70
C ARG S 334 -63.15 -93.23 28.50
N PHE S 335 -63.50 -93.71 27.32
CA PHE S 335 -62.77 -93.31 26.15
C PHE S 335 -63.20 -91.91 25.75
N ASP S 336 -64.37 -91.50 26.25
CA ASP S 336 -64.76 -90.09 26.19
C ASP S 336 -63.95 -89.24 27.15
N SER S 337 -63.83 -89.68 28.41
CA SER S 337 -63.18 -88.84 29.43
C SER S 337 -61.77 -88.44 29.01
N VAL S 338 -61.09 -89.33 28.28
CA VAL S 338 -59.75 -89.01 27.81
C VAL S 338 -59.74 -87.68 27.05
N ILE S 339 -60.78 -87.44 26.26
CA ILE S 339 -60.82 -86.27 25.38
C ILE S 339 -60.82 -85.00 26.18
N SER S 340 -61.70 -84.91 27.17
CA SER S 340 -61.78 -83.71 27.99
C SER S 340 -60.45 -83.45 28.66
N ASN S 341 -59.78 -84.49 29.13
CA ASN S 341 -58.47 -84.24 29.75
C ASN S 341 -57.48 -83.63 28.76
N LEU S 342 -57.37 -84.26 27.58
CA LEU S 342 -56.37 -83.82 26.62
C LEU S 342 -56.64 -82.40 26.16
N GLY S 343 -57.92 -81.99 26.16
CA GLY S 343 -58.25 -80.63 25.76
C GLY S 343 -57.64 -79.57 26.66
N THR S 344 -57.70 -79.79 27.97
CA THR S 344 -57.14 -78.82 28.90
C THR S 344 -55.61 -78.80 28.83
N THR S 345 -55.00 -79.98 28.67
CA THR S 345 -53.54 -80.01 28.62
C THR S 345 -53.00 -79.12 27.52
N VAL S 346 -53.68 -79.09 26.37
CA VAL S 346 -53.21 -78.30 25.24
C VAL S 346 -53.15 -76.82 25.59
N THR S 347 -54.21 -76.30 26.20
CA THR S 347 -54.24 -74.90 26.57
C THR S 347 -53.10 -74.57 27.52
N ASN S 348 -52.90 -75.43 28.52
CA ASN S 348 -51.86 -75.15 29.50
C ASN S 348 -50.49 -75.07 28.85
N LEU S 349 -50.19 -76.04 27.98
CA LEU S 349 -48.89 -76.03 27.31
C LEU S 349 -48.75 -74.84 26.37
N SER S 350 -49.83 -74.46 25.69
CA SER S 350 -49.76 -73.33 24.78
C SER S 350 -49.38 -72.05 25.50
N ALA S 351 -50.10 -71.75 26.59
CA ALA S 351 -49.79 -70.54 27.33
C ALA S 351 -48.36 -70.59 27.88
N SER S 352 -47.97 -71.76 28.40
CA SER S 352 -46.65 -71.87 28.99
C SER S 352 -45.55 -71.70 27.96
N ARG S 353 -45.80 -72.08 26.71
CA ARG S 353 -44.83 -71.79 25.66
C ARG S 353 -44.78 -70.30 25.36
N SER S 354 -45.95 -69.66 25.30
CA SER S 354 -45.99 -68.26 24.93
C SER S 354 -45.31 -67.38 25.97
N ARG S 355 -45.23 -67.86 27.21
CA ARG S 355 -44.59 -67.05 28.25
C ARG S 355 -43.11 -66.80 27.95
N ILE S 356 -42.56 -67.45 26.92
CA ILE S 356 -41.11 -67.40 26.74
C ILE S 356 -40.72 -66.46 25.61
N GLN S 357 -41.32 -66.62 24.42
CA GLN S 357 -40.73 -66.13 23.18
C GLN S 357 -41.42 -64.93 22.55
N ASP S 358 -42.43 -64.35 23.16
CA ASP S 358 -43.19 -63.29 22.51
C ASP S 358 -42.70 -61.91 22.93
N ALA S 359 -42.66 -60.99 21.98
CA ALA S 359 -42.29 -59.61 22.27
C ALA S 359 -43.37 -58.95 23.10
N ASP S 360 -43.20 -57.64 23.37
CA ASP S 360 -44.10 -56.98 24.30
C ASP S 360 -44.87 -55.83 23.64
N TYR S 361 -44.27 -55.15 22.68
CA TYR S 361 -44.84 -53.99 21.98
C TYR S 361 -45.05 -52.78 22.88
N ALA S 362 -44.56 -52.84 24.10
CA ALA S 362 -44.41 -51.64 24.91
C ALA S 362 -42.95 -51.34 25.19
N THR S 363 -42.15 -52.38 25.38
CA THR S 363 -40.73 -52.20 25.61
C THR S 363 -40.01 -51.78 24.34
N GLU S 364 -40.30 -52.47 23.23
CA GLU S 364 -39.50 -52.30 22.03
C GLU S 364 -39.75 -50.95 21.38
N VAL S 365 -40.99 -50.45 21.45
CA VAL S 365 -41.28 -49.11 20.96
C VAL S 365 -40.44 -48.08 21.71
N SER S 366 -40.36 -48.22 23.03
CA SER S 366 -39.58 -47.29 23.83
C SER S 366 -38.10 -47.35 23.45
N ASN S 367 -37.57 -48.57 23.31
CA ASN S 367 -36.17 -48.70 22.93
C ASN S 367 -35.91 -48.08 21.57
N MET S 368 -36.83 -48.30 20.63
CA MET S 368 -36.69 -47.71 19.31
C MET S 368 -36.68 -46.20 19.37
N THR S 369 -37.60 -45.62 20.13
CA THR S 369 -37.67 -44.17 20.23
C THR S 369 -36.38 -43.60 20.79
N ARG S 370 -35.87 -44.22 21.86
CA ARG S 370 -34.63 -43.73 22.45
C ARG S 370 -33.46 -43.84 21.50
N ALA S 371 -33.34 -44.98 20.81
CA ALA S 371 -32.22 -45.21 19.92
C ALA S 371 -32.24 -44.24 18.75
N GLN S 372 -33.43 -43.96 18.21
CA GLN S 372 -33.51 -43.01 17.11
C GLN S 372 -33.06 -41.63 17.54
N ILE S 373 -33.47 -41.19 18.73
CA ILE S 373 -33.08 -39.87 19.21
C ILE S 373 -31.57 -39.78 19.31
N LEU S 374 -30.95 -40.80 19.90
CA LEU S 374 -29.49 -40.76 20.02
C LEU S 374 -28.84 -40.75 18.65
N GLN S 375 -29.36 -41.57 17.73
CA GLN S 375 -28.78 -41.67 16.40
C GLN S 375 -28.80 -40.32 15.70
N GLN S 376 -29.91 -39.61 15.80
CA GLN S 376 -30.01 -38.32 15.15
C GLN S 376 -29.12 -37.28 15.83
N ALA S 377 -29.12 -37.26 17.17
CA ALA S 377 -28.34 -36.25 17.88
C ALA S 377 -26.85 -36.40 17.62
N GLY S 378 -26.40 -37.62 17.33
CA GLY S 378 -24.97 -37.82 17.10
C GLY S 378 -24.43 -37.06 15.91
N THR S 379 -25.20 -37.03 14.82
CA THR S 379 -24.67 -36.50 13.56
C THR S 379 -24.45 -35.00 13.63
N SER S 380 -25.31 -34.29 14.36
CA SER S 380 -25.08 -32.86 14.55
C SER S 380 -23.74 -32.60 15.18
N VAL S 381 -23.43 -33.32 16.26
CA VAL S 381 -22.16 -33.14 16.96
C VAL S 381 -21.00 -33.49 16.04
N LEU S 382 -21.13 -34.59 15.30
CA LEU S 382 -20.07 -34.95 14.36
C LEU S 382 -19.86 -33.86 13.32
N ALA S 383 -20.94 -33.22 12.88
CA ALA S 383 -20.80 -32.09 11.96
C ALA S 383 -20.09 -30.92 12.62
N GLN S 384 -20.36 -30.71 13.91
CA GLN S 384 -19.66 -29.67 14.65
C GLN S 384 -18.16 -29.95 14.68
N ALA S 385 -17.80 -31.22 14.90
CA ALA S 385 -16.41 -31.57 15.18
C ALA S 385 -15.50 -31.19 14.03
N ASN S 386 -15.93 -31.44 12.80
CA ASN S 386 -15.08 -31.19 11.65
C ASN S 386 -14.75 -29.72 11.50
N GLN S 387 -15.52 -28.85 12.15
CA GLN S 387 -15.36 -27.42 11.92
C GLN S 387 -14.23 -26.83 12.75
N THR S 388 -13.75 -27.56 13.76
CA THR S 388 -12.70 -27.01 14.63
C THR S 388 -11.42 -26.73 13.87
N THR S 389 -11.03 -27.62 12.95
CA THR S 389 -9.79 -27.43 12.22
C THR S 389 -9.84 -26.19 11.32
N GLN S 390 -11.02 -25.63 11.11
CA GLN S 390 -11.12 -24.42 10.31
C GLN S 390 -10.49 -23.22 11.02
N ASN S 391 -10.35 -23.31 12.35
CA ASN S 391 -9.81 -22.19 13.11
C ASN S 391 -8.38 -21.88 12.69
N VAL S 392 -7.59 -22.91 12.41
CA VAL S 392 -6.16 -22.75 12.22
C VAL S 392 -5.86 -21.75 11.13
N LEU S 393 -6.61 -21.81 10.03
CA LEU S 393 -6.21 -21.15 8.79
C LEU S 393 -6.01 -19.65 8.97
N SER S 394 -6.76 -19.02 9.88
CA SER S 394 -6.68 -17.57 10.01
C SER S 394 -5.30 -17.13 10.46
N LEU S 395 -4.56 -18.01 11.14
CA LEU S 395 -3.25 -17.63 11.66
C LEU S 395 -2.29 -17.28 10.52
N LEU S 396 -2.37 -18.02 9.42
CA LEU S 396 -1.59 -17.70 8.24
C LEU S 396 -2.02 -16.36 7.65
N ALA T 2 43.19 2.10 12.93
CA ALA T 2 43.27 0.89 12.12
C ALA T 2 42.35 1.00 10.93
N GLN T 3 42.82 1.66 9.88
CA GLN T 3 42.10 1.73 8.62
C GLN T 3 42.77 0.80 7.63
N VAL T 4 42.09 -0.28 7.29
CA VAL T 4 42.61 -1.27 6.35
C VAL T 4 41.65 -1.33 5.17
N ILE T 5 42.21 -1.24 3.97
CA ILE T 5 41.37 -1.33 2.79
C ILE T 5 41.43 -2.73 2.20
N ASN T 6 42.54 -3.44 2.41
CA ASN T 6 42.80 -4.67 1.67
C ASN T 6 41.85 -5.78 2.10
N THR T 7 41.38 -5.76 3.34
CA THR T 7 40.38 -6.71 3.78
C THR T 7 39.47 -6.08 4.82
N ASN T 8 38.21 -6.49 4.82
CA ASN T 8 37.19 -5.88 5.65
C ASN T 8 36.50 -6.95 6.49
N SER T 9 36.93 -7.09 7.75
CA SER T 9 36.58 -8.26 8.54
C SER T 9 35.28 -8.12 9.31
N LEU T 10 34.68 -6.93 9.32
CA LEU T 10 33.33 -6.83 9.87
C LEU T 10 32.35 -7.61 9.02
N SER T 11 32.53 -7.55 7.71
CA SER T 11 31.58 -8.14 6.77
C SER T 11 31.45 -9.64 6.97
N LEU T 12 32.57 -10.35 7.12
CA LEU T 12 32.53 -11.81 7.25
C LEU T 12 31.78 -12.22 8.52
N MET T 13 32.14 -11.57 9.62
CA MET T 13 31.47 -11.81 10.88
C MET T 13 29.98 -11.55 10.76
N THR T 14 29.59 -10.57 9.92
CA THR T 14 28.17 -10.44 9.61
C THR T 14 27.65 -11.63 8.82
N GLN T 15 28.36 -12.00 7.76
CA GLN T 15 27.83 -12.95 6.78
C GLN T 15 27.47 -14.27 7.42
N ASN T 16 28.24 -14.70 8.41
CA ASN T 16 27.94 -16.00 9.02
C ASN T 16 26.56 -16.02 9.68
N ASN T 17 26.13 -14.89 10.23
CA ASN T 17 24.87 -14.84 10.96
C ASN T 17 23.68 -15.04 10.04
N LEU T 18 23.78 -14.55 8.80
CA LEU T 18 22.74 -14.80 7.81
C LEU T 18 22.57 -16.29 7.56
N ASN T 19 23.69 -17.01 7.41
CA ASN T 19 23.64 -18.45 7.29
C ASN T 19 23.00 -19.10 8.50
N THR T 20 23.22 -18.54 9.68
CA THR T 20 22.57 -19.09 10.86
C THR T 20 21.06 -18.99 10.76
N SER T 21 20.55 -17.81 10.40
CA SER T 21 19.10 -17.60 10.36
C SER T 21 18.40 -18.36 9.24
N GLN T 22 19.06 -18.46 8.09
CA GLN T 22 18.47 -19.05 6.90
C GLN T 22 17.99 -20.48 7.12
N SER T 23 18.68 -21.27 7.94
CA SER T 23 18.29 -22.67 8.11
C SER T 23 17.03 -22.84 8.95
N ALA T 24 16.89 -22.03 10.01
CA ALA T 24 15.64 -22.06 10.76
C ALA T 24 14.48 -21.65 9.87
N LEU T 25 14.71 -20.65 9.00
CA LEU T 25 13.66 -20.29 8.05
C LEU T 25 13.25 -21.48 7.20
N ASN T 26 14.24 -22.21 6.66
CA ASN T 26 13.93 -23.34 5.80
C ASN T 26 13.11 -24.39 6.53
N THR T 27 13.54 -24.75 7.74
CA THR T 27 12.85 -25.82 8.44
C THR T 27 11.40 -25.44 8.72
N ALA T 28 11.17 -24.20 9.18
CA ALA T 28 9.80 -23.81 9.50
C ALA T 28 8.93 -23.82 8.26
N ILE T 29 9.44 -23.28 7.15
CA ILE T 29 8.67 -23.28 5.91
C ILE T 29 8.29 -24.70 5.53
N GLN T 30 9.26 -25.61 5.55
CA GLN T 30 8.99 -26.97 5.11
C GLN T 30 7.98 -27.66 6.02
N ARG T 31 8.07 -27.43 7.33
CA ARG T 31 7.11 -28.05 8.23
C ARG T 31 5.70 -27.53 7.99
N LEU T 32 5.57 -26.23 7.68
CA LEU T 32 4.24 -25.75 7.30
C LEU T 32 3.77 -26.41 6.02
N SER T 33 4.68 -26.60 5.07
CA SER T 33 4.32 -27.23 3.81
C SER T 33 3.75 -28.63 4.02
N SER T 34 4.47 -29.47 4.75
CA SER T 34 4.16 -30.90 4.75
C SER T 34 3.11 -31.27 5.78
N GLY T 35 3.10 -30.58 6.92
CA GLY T 35 2.17 -30.93 7.97
C GLY T 35 2.66 -31.95 8.95
N LEU T 36 3.92 -32.36 8.87
CA LEU T 36 4.56 -33.21 9.86
C LEU T 36 5.64 -32.41 10.56
N ARG T 37 6.16 -32.96 11.65
CA ARG T 37 7.33 -32.38 12.28
C ARG T 37 8.60 -33.16 11.95
N ILE T 38 8.47 -34.38 11.44
CA ILE T 38 9.63 -35.15 11.01
C ILE T 38 9.50 -35.49 9.53
N ASN T 39 10.10 -34.65 8.69
CA ASN T 39 10.15 -34.88 7.25
C ASN T 39 11.20 -35.91 6.86
N SER T 40 12.09 -36.27 7.77
CA SER T 40 13.23 -37.11 7.42
C SER T 40 13.67 -37.89 8.64
N ALA T 41 14.78 -38.61 8.49
CA ALA T 41 15.40 -39.24 9.64
C ALA T 41 16.28 -38.27 10.39
N LYS T 42 16.64 -37.15 9.78
CA LYS T 42 17.59 -36.23 10.40
C LYS T 42 17.02 -35.64 11.69
N ASP T 43 15.70 -35.69 11.86
CA ASP T 43 15.07 -35.01 12.98
C ASP T 43 14.99 -35.90 14.22
N ASP T 44 15.14 -37.21 14.05
CA ASP T 44 14.89 -38.12 15.16
C ASP T 44 15.61 -39.45 14.91
N ALA T 45 15.75 -40.26 15.95
CA ALA T 45 16.39 -41.55 15.80
C ALA T 45 15.42 -42.68 16.06
N ALA T 46 14.70 -42.64 17.18
CA ALA T 46 13.85 -43.76 17.57
C ALA T 46 12.36 -43.44 17.42
N GLY T 47 12.03 -42.15 17.40
CA GLY T 47 10.65 -41.78 17.18
C GLY T 47 10.15 -42.26 15.85
N GLN T 48 10.98 -42.15 14.82
CA GLN T 48 10.58 -42.64 13.50
C GLN T 48 10.28 -44.13 13.55
N ALA T 49 11.15 -44.90 14.20
CA ALA T 49 10.95 -46.35 14.26
C ALA T 49 9.67 -46.70 15.01
N ILE T 50 9.44 -46.05 16.15
CA ILE T 50 8.26 -46.40 16.94
C ILE T 50 6.98 -45.99 16.22
N ALA T 51 6.99 -44.86 15.54
CA ALA T 51 5.84 -44.48 14.72
C ALA T 51 5.63 -45.51 13.61
N ASN T 52 6.72 -45.92 12.97
CA ASN T 52 6.64 -46.95 11.94
C ASN T 52 5.95 -48.19 12.48
N ARG T 53 6.30 -48.58 13.70
CA ARG T 53 5.75 -49.81 14.25
C ARG T 53 4.28 -49.64 14.59
N PHE T 54 3.88 -48.45 15.05
CA PHE T 54 2.46 -48.18 15.24
C PHE T 54 1.68 -48.35 13.94
N THR T 55 2.19 -47.75 12.87
CA THR T 55 1.51 -47.87 11.59
C THR T 55 1.41 -49.32 11.16
N ALA T 56 2.50 -50.08 11.30
CA ALA T 56 2.47 -51.49 10.94
C ALA T 56 1.45 -52.25 11.77
N ASN T 57 1.18 -51.77 12.98
CA ASN T 57 0.22 -52.47 13.83
C ASN T 57 -1.22 -52.21 13.41
N ILE T 58 -1.52 -50.99 12.97
CA ILE T 58 -2.92 -50.58 12.75
C ILE T 58 -3.67 -51.39 11.69
N LYS T 59 -3.02 -51.59 10.55
CA LYS T 59 -3.67 -52.16 9.38
C LYS T 59 -4.11 -53.60 9.63
N GLY T 60 -3.30 -54.34 10.37
CA GLY T 60 -3.68 -55.71 10.71
C GLY T 60 -4.97 -55.77 11.49
N LEU T 61 -5.15 -54.84 12.43
CA LEU T 61 -6.38 -54.80 13.21
C LEU T 61 -7.57 -54.52 12.30
N THR T 62 -7.42 -53.57 11.38
CA THR T 62 -8.51 -53.29 10.44
C THR T 62 -8.91 -54.55 9.67
N GLN T 63 -7.93 -55.19 9.05
CA GLN T 63 -8.23 -56.36 8.23
C GLN T 63 -8.83 -57.49 9.07
N ALA T 64 -8.42 -57.57 10.33
CA ALA T 64 -9.01 -58.55 11.23
C ALA T 64 -10.50 -58.28 11.44
N GLN T 65 -10.86 -57.01 11.58
CA GLN T 65 -12.28 -56.68 11.69
C GLN T 65 -13.05 -57.20 10.48
N ARG T 66 -12.51 -56.99 9.30
CA ARG T 66 -13.20 -57.47 8.10
C ARG T 66 -13.39 -59.00 8.15
N ASN T 67 -12.34 -59.73 8.52
CA ASN T 67 -12.45 -61.19 8.54
C ASN T 67 -13.49 -61.67 9.55
N ALA T 68 -13.58 -60.98 10.69
CA ALA T 68 -14.64 -61.31 11.65
C ALA T 68 -16.02 -61.15 11.00
N ASN T 69 -16.20 -60.09 10.21
CA ASN T 69 -17.47 -59.93 9.52
C ASN T 69 -17.76 -61.14 8.63
N ASP T 70 -16.74 -61.61 7.92
CA ASP T 70 -16.94 -62.78 7.06
C ASP T 70 -17.44 -63.98 7.87
N GLY T 71 -16.82 -64.22 9.02
CA GLY T 71 -17.25 -65.34 9.85
C GLY T 71 -18.71 -65.23 10.26
N ILE T 72 -19.14 -64.00 10.58
CA ILE T 72 -20.54 -63.79 10.95
C ILE T 72 -21.46 -64.25 9.83
N SER T 73 -21.15 -63.85 8.60
CA SER T 73 -22.03 -64.19 7.48
C SER T 73 -22.15 -65.69 7.31
N LEU T 74 -21.02 -66.40 7.38
CA LEU T 74 -21.04 -67.85 7.22
C LEU T 74 -21.95 -68.51 8.25
N ALA T 75 -21.82 -68.09 9.51
CA ALA T 75 -22.68 -68.66 10.55
C ALA T 75 -24.16 -68.46 10.24
N GLN T 76 -24.52 -67.24 9.80
CA GLN T 76 -25.94 -66.96 9.54
C GLN T 76 -26.50 -67.93 8.50
N THR T 77 -25.77 -68.11 7.40
CA THR T 77 -26.28 -68.96 6.33
C THR T 77 -26.56 -70.38 6.83
N THR T 78 -25.58 -70.94 7.54
CA THR T 78 -25.77 -72.32 8.00
C THR T 78 -26.99 -72.43 8.92
N GLU T 79 -27.21 -71.42 9.76
CA GLU T 79 -28.36 -71.46 10.64
C GLU T 79 -29.67 -71.53 9.86
N GLY T 80 -29.78 -70.75 8.78
CA GLY T 80 -31.02 -70.82 7.99
C GLY T 80 -31.30 -72.20 7.45
N ALA T 81 -30.28 -72.82 6.85
CA ALA T 81 -30.51 -74.16 6.29
C ALA T 81 -31.00 -75.14 7.37
N LEU T 82 -30.38 -75.07 8.55
CA LEU T 82 -30.82 -75.96 9.62
C LEU T 82 -32.27 -75.71 9.99
N THR T 83 -32.70 -74.45 9.89
CA THR T 83 -34.11 -74.16 10.19
C THR T 83 -35.04 -75.00 9.33
N GLU T 84 -34.75 -75.03 8.03
CA GLU T 84 -35.64 -75.79 7.14
C GLU T 84 -35.66 -77.27 7.50
N VAL T 85 -34.47 -77.84 7.77
CA VAL T 85 -34.44 -79.25 8.15
C VAL T 85 -35.32 -79.51 9.36
N ASN T 86 -35.27 -78.61 10.36
CA ASN T 86 -36.08 -78.78 11.55
C ASN T 86 -37.57 -78.88 11.19
N ASN T 87 -38.05 -77.97 10.35
CA ASN T 87 -39.49 -77.99 10.06
C ASN T 87 -39.90 -79.31 9.43
N ASN T 88 -39.07 -79.81 8.50
CA ASN T 88 -39.44 -81.07 7.86
C ASN T 88 -39.54 -82.20 8.89
N LEU T 89 -38.62 -82.24 9.84
CA LEU T 89 -38.66 -83.31 10.84
C LEU T 89 -39.92 -83.25 11.68
N GLN T 90 -40.34 -82.03 12.04
CA GLN T 90 -41.59 -81.87 12.80
C GLN T 90 -42.78 -82.47 12.06
N ARG T 91 -42.88 -82.17 10.76
CA ARG T 91 -43.99 -82.73 10.00
C ARG T 91 -43.95 -84.25 9.99
N ILE T 92 -42.75 -84.83 9.82
CA ILE T 92 -42.65 -86.29 9.84
C ILE T 92 -43.16 -86.84 11.16
N ARG T 93 -42.85 -86.16 12.26
CA ARG T 93 -43.31 -86.62 13.56
C ARG T 93 -44.83 -86.69 13.63
N GLU T 94 -45.51 -85.64 13.16
CA GLU T 94 -46.97 -85.70 13.20
C GLU T 94 -47.50 -86.86 12.37
N LEU T 95 -46.96 -87.05 11.17
CA LEU T 95 -47.47 -88.15 10.34
C LEU T 95 -47.25 -89.49 11.04
N SER T 96 -46.14 -89.64 11.75
CA SER T 96 -45.88 -90.90 12.42
C SER T 96 -46.86 -91.15 13.56
N VAL T 97 -47.27 -90.08 14.26
CA VAL T 97 -48.33 -90.28 15.25
C VAL T 97 -49.64 -90.63 14.58
N GLN T 98 -49.91 -90.02 13.42
CA GLN T 98 -51.08 -90.39 12.62
C GLN T 98 -51.13 -91.88 12.34
N ALA T 99 -50.05 -92.44 11.83
CA ALA T 99 -50.12 -93.74 11.20
C ALA T 99 -50.33 -94.89 12.17
N ALA T 100 -50.21 -94.66 13.48
CA ALA T 100 -50.04 -95.76 14.41
C ALA T 100 -51.35 -96.29 14.99
N THR T 101 -52.49 -95.78 14.57
CA THR T 101 -53.75 -96.31 15.06
C THR T 101 -54.03 -97.66 14.43
N GLY T 102 -54.91 -98.43 15.08
CA GLY T 102 -55.34 -99.70 14.56
C GLY T 102 -56.65 -99.67 13.80
N SER T 103 -57.23 -98.50 13.60
CA SER T 103 -58.49 -98.34 12.88
C SER T 103 -58.27 -97.98 11.42
N ASN T 104 -57.03 -97.96 10.97
CA ASN T 104 -56.70 -97.60 9.60
C ASN T 104 -56.71 -98.84 8.71
N SER T 105 -57.12 -98.64 7.47
CA SER T 105 -57.18 -99.71 6.49
C SER T 105 -55.89 -99.73 5.68
N ALA T 106 -55.65 -100.87 5.03
CA ALA T 106 -54.36 -101.09 4.38
C ALA T 106 -54.09 -100.06 3.29
N SER T 107 -55.10 -99.71 2.50
CA SER T 107 -54.87 -98.80 1.39
C SER T 107 -54.52 -97.40 1.87
N ASP T 108 -54.74 -97.11 3.16
CA ASP T 108 -54.46 -95.77 3.66
C ASP T 108 -52.97 -95.56 3.85
N LEU T 109 -52.26 -96.59 4.31
CA LEU T 109 -50.89 -96.42 4.79
C LEU T 109 -49.95 -95.93 3.71
N GLN T 110 -50.19 -96.29 2.45
CA GLN T 110 -49.26 -95.91 1.40
C GLN T 110 -49.25 -94.40 1.19
N SER T 111 -50.38 -93.73 1.39
CA SER T 111 -50.42 -92.28 1.24
C SER T 111 -49.45 -91.64 2.22
N ILE T 112 -49.59 -91.99 3.50
CA ILE T 112 -48.68 -91.48 4.51
C ILE T 112 -47.25 -91.84 4.16
N GLN T 113 -47.04 -93.06 3.69
CA GLN T 113 -45.68 -93.51 3.41
C GLN T 113 -45.04 -92.68 2.30
N ASP T 114 -45.77 -92.35 1.26
CA ASP T 114 -45.14 -91.60 0.18
C ASP T 114 -44.94 -90.15 0.58
N GLU T 115 -45.88 -89.56 1.31
CA GLU T 115 -45.63 -88.24 1.88
C GLU T 115 -44.33 -88.23 2.65
N ILE T 116 -44.12 -89.26 3.46
CA ILE T 116 -42.90 -89.38 4.25
C ILE T 116 -41.68 -89.48 3.33
N LYS T 117 -41.80 -90.23 2.25
CA LYS T 117 -40.65 -90.38 1.36
C LYS T 117 -40.25 -89.05 0.75
N GLN T 118 -41.23 -88.26 0.34
CA GLN T 118 -40.94 -86.94 -0.21
C GLN T 118 -40.23 -86.06 0.80
N ARG T 119 -40.73 -86.06 2.04
CA ARG T 119 -40.10 -85.23 3.06
C ARG T 119 -38.68 -85.70 3.34
N LEU T 120 -38.43 -87.00 3.26
CA LEU T 120 -37.07 -87.49 3.52
C LEU T 120 -36.12 -87.09 2.40
N GLU T 121 -36.58 -87.14 1.15
CA GLU T 121 -35.68 -86.78 0.04
C GLU T 121 -35.31 -85.29 0.08
N GLU T 122 -36.24 -84.45 0.53
CA GLU T 122 -35.94 -83.02 0.61
C GLU T 122 -34.68 -82.76 1.45
N ILE T 123 -34.50 -83.53 2.51
CA ILE T 123 -33.37 -83.29 3.42
C ILE T 123 -32.05 -83.56 2.71
N ASN T 124 -31.99 -84.63 1.92
CA ASN T 124 -30.77 -84.90 1.18
C ASN T 124 -30.45 -83.80 0.19
N ARG T 125 -31.47 -83.31 -0.54
CA ARG T 125 -31.13 -82.25 -1.49
C ARG T 125 -30.63 -81.01 -0.77
N VAL T 126 -31.27 -80.66 0.35
CA VAL T 126 -30.81 -79.51 1.12
C VAL T 126 -29.37 -79.71 1.55
N SER T 127 -29.03 -80.92 1.96
CA SER T 127 -27.66 -81.20 2.40
C SER T 127 -26.67 -80.98 1.27
N GLU T 128 -27.00 -81.44 0.08
CA GLU T 128 -25.97 -81.45 -0.95
C GLU T 128 -26.01 -80.26 -1.90
N GLN T 129 -26.87 -79.27 -1.70
CA GLN T 129 -26.83 -78.11 -2.57
C GLN T 129 -26.40 -76.82 -1.89
N THR T 130 -26.56 -76.68 -0.59
CA THR T 130 -26.20 -75.44 0.10
C THR T 130 -24.73 -75.13 -0.04
N GLN T 131 -24.38 -73.85 -0.22
CA GLN T 131 -22.98 -73.49 -0.38
C GLN T 131 -22.77 -72.02 -0.07
N PHE T 132 -21.52 -71.69 0.23
CA PHE T 132 -21.07 -70.32 0.46
C PHE T 132 -19.67 -70.19 -0.11
N ASN T 133 -19.51 -69.33 -1.12
CA ASN T 133 -18.22 -69.11 -1.78
C ASN T 133 -17.60 -70.44 -2.23
N GLY T 134 -18.43 -71.28 -2.84
CA GLY T 134 -17.94 -72.55 -3.30
C GLY T 134 -17.50 -73.50 -2.22
N VAL T 135 -18.03 -73.35 -1.01
CA VAL T 135 -17.73 -74.26 0.09
C VAL T 135 -19.03 -74.92 0.51
N LYS T 136 -19.03 -76.25 0.58
CA LYS T 136 -20.13 -76.95 1.21
C LYS T 136 -19.99 -76.86 2.72
N VAL T 137 -21.09 -76.55 3.40
CA VAL T 137 -21.05 -76.39 4.85
C VAL T 137 -21.80 -77.48 5.58
N LEU T 138 -22.38 -78.45 4.86
CA LEU T 138 -23.11 -79.53 5.49
C LEU T 138 -22.57 -80.89 5.10
N ALA T 139 -21.25 -81.03 5.01
CA ALA T 139 -20.61 -82.31 4.82
C ALA T 139 -19.22 -82.27 5.44
N LYS T 140 -18.66 -83.45 5.65
CA LYS T 140 -17.26 -83.74 5.95
C LYS T 140 -16.85 -83.50 7.40
N ASP T 141 -17.69 -82.90 8.25
CA ASP T 141 -17.45 -82.88 9.70
C ASP T 141 -16.07 -82.33 10.07
N THR T 142 -15.86 -81.05 9.82
CA THR T 142 -14.58 -80.42 10.09
C THR T 142 -14.78 -79.21 10.98
N LYS T 143 -13.72 -78.43 11.11
CA LYS T 143 -13.80 -77.10 11.71
C LYS T 143 -12.87 -76.17 10.95
N MET T 144 -13.12 -74.87 11.07
CA MET T 144 -12.54 -73.87 10.18
C MET T 144 -11.73 -72.87 10.99
N ASN T 145 -10.69 -72.33 10.37
CA ASN T 145 -9.84 -71.34 11.04
C ASN T 145 -10.08 -69.95 10.48
N ILE T 146 -10.19 -68.97 11.36
CA ILE T 146 -10.37 -67.58 10.97
C ILE T 146 -9.34 -66.73 11.70
N GLN T 147 -8.44 -66.12 10.95
CA GLN T 147 -7.41 -65.25 11.51
C GLN T 147 -8.10 -64.02 12.09
N VAL T 148 -7.78 -63.66 13.33
CA VAL T 148 -8.48 -62.58 13.99
C VAL T 148 -7.50 -61.66 14.70
N GLY T 149 -6.21 -61.82 14.39
CA GLY T 149 -5.20 -61.00 15.02
C GLY T 149 -4.05 -60.69 14.07
N ALA T 150 -3.24 -59.71 14.46
CA ALA T 150 -2.18 -59.20 13.62
C ALA T 150 -0.87 -59.97 13.73
N ASN T 151 -0.86 -61.05 14.50
CA ASN T 151 0.30 -61.91 14.65
C ASN T 151 -0.10 -63.32 14.26
N ASP T 152 0.87 -64.11 13.80
CA ASP T 152 0.55 -65.45 13.35
C ASP T 152 0.16 -66.35 14.50
N GLY T 153 -0.45 -67.49 14.16
CA GLY T 153 -0.93 -68.44 15.15
C GLY T 153 -2.10 -67.96 15.97
N GLU T 154 -2.86 -66.98 15.49
CA GLU T 154 -3.84 -66.26 16.31
C GLU T 154 -5.21 -66.40 15.67
N ILE T 155 -5.92 -67.48 16.05
CA ILE T 155 -7.07 -67.97 15.31
C ILE T 155 -8.25 -68.18 16.24
N ILE T 156 -9.40 -68.48 15.64
CA ILE T 156 -10.61 -68.92 16.33
C ILE T 156 -11.26 -69.99 15.47
N ALA T 157 -11.80 -71.03 16.10
CA ALA T 157 -12.28 -72.18 15.36
C ALA T 157 -13.79 -72.32 15.43
N ILE T 158 -14.40 -72.61 14.27
CA ILE T 158 -15.83 -72.86 14.13
C ILE T 158 -16.02 -74.31 13.73
N ASP T 159 -16.83 -75.05 14.49
CA ASP T 159 -17.06 -76.46 14.20
C ASP T 159 -18.25 -76.61 13.26
N LEU T 160 -18.31 -77.74 12.57
CA LEU T 160 -19.37 -78.05 11.64
C LEU T 160 -19.63 -79.55 11.65
N LYS T 161 -20.84 -79.94 11.28
CA LYS T 161 -21.20 -81.35 11.22
C LYS T 161 -21.99 -81.61 9.95
N GLU T 162 -21.80 -82.79 9.37
CA GLU T 162 -22.60 -83.17 8.23
C GLU T 162 -23.93 -83.75 8.69
N ILE T 163 -24.95 -83.64 7.84
CA ILE T 163 -26.28 -84.08 8.18
C ILE T 163 -26.95 -84.63 6.93
N THR T 164 -27.19 -85.94 6.91
CA THR T 164 -27.93 -86.59 5.83
C THR T 164 -29.13 -87.27 6.43
N ALA T 165 -29.95 -87.86 5.58
CA ALA T 165 -31.02 -88.70 6.08
C ALA T 165 -30.50 -89.98 6.69
N LYS T 166 -29.22 -90.28 6.55
CA LYS T 166 -28.65 -91.50 7.12
C LYS T 166 -28.06 -91.27 8.52
N THR T 167 -27.10 -90.35 8.65
CA THR T 167 -26.46 -90.19 9.93
C THR T 167 -27.36 -89.56 10.97
N LEU T 168 -28.52 -89.08 10.59
CA LEU T 168 -29.53 -88.81 11.59
C LEU T 168 -30.10 -90.10 12.17
N GLY T 169 -29.80 -91.24 11.57
CA GLY T 169 -30.36 -92.49 12.02
C GLY T 169 -31.68 -92.85 11.41
N LEU T 170 -32.11 -92.14 10.37
CA LEU T 170 -33.42 -92.33 9.78
C LEU T 170 -33.37 -93.18 8.53
N ASP T 171 -32.20 -93.67 8.15
CA ASP T 171 -32.09 -94.40 6.89
C ASP T 171 -32.98 -95.64 6.90
N GLY T 172 -33.73 -95.83 5.81
CA GLY T 172 -34.62 -96.96 5.74
C GLY T 172 -35.85 -96.85 6.60
N PHE T 173 -36.19 -95.65 7.04
CA PHE T 173 -37.37 -95.46 7.87
C PHE T 173 -38.61 -95.88 7.09
N ASN T 174 -39.54 -96.53 7.78
CA ASN T 174 -40.70 -97.09 7.11
C ASN T 174 -41.82 -97.31 8.11
N VAL T 175 -43.05 -97.11 7.66
CA VAL T 175 -44.22 -97.22 8.54
C VAL T 175 -45.21 -98.27 8.09
N SER T 176 -45.16 -98.71 6.83
CA SER T 176 -46.06 -99.77 6.38
C SER T 176 -45.29 -101.05 6.08
N GLY T 177 -45.97 -102.19 6.15
CA GLY T 177 -45.31 -103.47 6.03
C GLY T 177 -45.51 -104.33 7.25
N PRO T 178 -44.91 -105.51 7.27
CA PRO T 178 -45.13 -106.46 8.36
C PRO T 178 -44.64 -105.95 9.71
N LYS T 179 -44.90 -106.77 10.73
CA LYS T 179 -44.53 -106.47 12.11
C LYS T 179 -43.65 -107.59 12.65
N GLY T 180 -42.37 -107.30 12.83
CA GLY T 180 -41.40 -108.32 13.14
C GLY T 180 -40.82 -108.97 11.89
N THR T 181 -39.97 -109.97 12.10
CA THR T 181 -39.40 -110.72 10.99
C THR T 181 -40.05 -112.10 10.92
N PRO T 182 -40.82 -112.40 9.86
CA PRO T 182 -41.68 -113.58 9.89
C PRO T 182 -40.90 -114.88 9.89
N ALA T 183 -41.64 -115.98 10.07
CA ALA T 183 -41.12 -117.33 10.05
C ALA T 183 -42.12 -118.23 9.33
N ALA T 184 -41.95 -119.54 9.49
CA ALA T 184 -42.76 -120.49 8.78
C ALA T 184 -44.15 -120.63 9.42
N LEU T 185 -45.02 -121.38 8.74
CA LEU T 185 -46.37 -121.61 9.20
C LEU T 185 -46.49 -122.99 9.84
N VAL T 186 -47.48 -123.13 10.74
CA VAL T 186 -47.69 -124.35 11.49
C VAL T 186 -49.16 -124.76 11.36
N ALA T 187 -49.54 -125.82 12.09
CA ALA T 187 -50.87 -126.40 11.95
C ALA T 187 -51.93 -125.57 12.64
N ALA T 188 -51.59 -124.96 13.78
CA ALA T 188 -52.60 -124.25 14.56
C ALA T 188 -53.21 -123.11 13.75
N ASP T 189 -52.38 -122.35 13.06
CA ASP T 189 -52.91 -121.24 12.26
C ASP T 189 -53.71 -121.75 11.08
N TYR T 190 -53.31 -122.89 10.50
CA TYR T 190 -54.11 -123.50 9.44
C TYR T 190 -55.52 -123.79 9.94
N GLN T 191 -55.63 -124.41 11.10
CA GLN T 191 -56.95 -124.69 11.67
C GLN T 191 -57.70 -123.40 11.97
N ALA T 192 -57.01 -122.41 12.51
CA ALA T 192 -57.67 -121.16 12.86
C ALA T 192 -58.26 -120.49 11.62
N ALA T 193 -57.55 -120.53 10.50
CA ALA T 193 -58.05 -119.90 9.29
C ALA T 193 -59.12 -120.73 8.60
N TYR T 194 -59.10 -122.06 8.73
CA TYR T 194 -59.99 -122.89 7.94
C TYR T 194 -60.88 -123.82 8.75
N GLY T 195 -60.76 -123.85 10.06
CA GLY T 195 -61.60 -124.71 10.86
C GLY T 195 -60.84 -125.86 11.50
N THR T 196 -61.54 -126.62 12.35
CA THR T 196 -60.88 -127.67 13.10
C THR T 196 -60.62 -128.92 12.25
N THR T 197 -61.45 -129.18 11.25
CA THR T 197 -61.38 -130.42 10.47
C THR T 197 -60.84 -130.18 9.07
N THR T 198 -59.84 -129.32 8.95
CA THR T 198 -59.31 -128.93 7.66
C THR T 198 -58.36 -129.99 7.12
N ASN T 199 -58.10 -129.91 5.81
CA ASN T 199 -57.18 -130.81 5.13
C ASN T 199 -55.88 -130.14 4.70
N VAL T 200 -55.86 -128.81 4.63
CA VAL T 200 -54.71 -128.10 4.08
C VAL T 200 -53.48 -128.33 4.95
N THR T 201 -52.34 -128.53 4.31
CA THR T 201 -51.09 -128.74 5.01
C THR T 201 -49.96 -127.80 4.60
N THR T 202 -50.07 -127.15 3.45
CA THR T 202 -49.02 -126.24 2.99
C THR T 202 -49.58 -125.33 1.91
N THR T 203 -48.69 -124.54 1.30
CA THR T 203 -49.07 -123.53 0.34
C THR T 203 -48.23 -123.67 -0.93
N ALA T 204 -48.75 -123.11 -2.01
CA ALA T 204 -48.05 -123.11 -3.30
C ALA T 204 -48.30 -121.78 -3.99
N VAL T 205 -47.25 -120.95 -4.09
CA VAL T 205 -47.35 -119.61 -4.63
C VAL T 205 -46.67 -119.58 -5.99
N THR T 206 -47.40 -119.10 -7.00
CA THR T 206 -46.90 -119.06 -8.37
C THR T 206 -47.30 -117.75 -9.01
N GLU T 207 -46.52 -117.34 -10.00
CA GLU T 207 -46.87 -116.18 -10.81
C GLU T 207 -47.80 -116.59 -11.94
N SER T 208 -48.60 -115.63 -12.42
CA SER T 208 -49.50 -115.90 -13.53
C SER T 208 -48.74 -116.19 -14.81
N SER T 209 -47.75 -115.37 -15.12
CA SER T 209 -46.90 -115.55 -16.29
C SER T 209 -45.44 -115.41 -15.88
N ALA T 210 -44.58 -116.24 -16.45
CA ALA T 210 -43.18 -116.27 -16.05
C ALA T 210 -42.49 -114.96 -16.37
N ASN T 211 -41.74 -114.44 -15.39
CA ASN T 211 -40.89 -113.27 -15.56
C ASN T 211 -41.67 -112.04 -16.01
N ALA T 212 -42.92 -111.91 -15.56
CA ALA T 212 -43.68 -110.71 -15.85
C ALA T 212 -43.18 -109.53 -15.04
N LEU T 213 -42.93 -109.74 -13.74
CA LEU T 213 -42.48 -108.66 -12.88
C LEU T 213 -41.12 -108.13 -13.32
N ALA T 214 -40.14 -109.02 -13.48
CA ALA T 214 -38.82 -108.60 -13.93
C ALA T 214 -38.88 -108.04 -15.34
N GLY T 215 -39.86 -108.48 -16.14
CA GLY T 215 -40.04 -107.89 -17.46
C GLY T 215 -40.47 -106.44 -17.37
N ARG T 216 -41.42 -106.15 -16.49
CA ARG T 216 -41.92 -104.78 -16.38
C ARG T 216 -40.90 -103.86 -15.74
N LEU T 217 -40.20 -104.32 -14.71
CA LEU T 217 -39.27 -103.44 -13.99
C LEU T 217 -38.20 -102.89 -14.91
N GLY T 218 -37.87 -103.61 -15.98
CA GLY T 218 -36.87 -103.16 -16.92
C GLY T 218 -35.48 -103.69 -16.69
N VAL T 219 -35.35 -104.91 -16.18
CA VAL T 219 -34.05 -105.53 -15.95
C VAL T 219 -34.08 -106.93 -16.54
N ALA T 220 -32.89 -107.47 -16.77
CA ALA T 220 -32.78 -108.82 -17.31
C ALA T 220 -33.32 -109.84 -16.30
N ASN T 221 -33.82 -110.96 -16.84
CA ASN T 221 -34.38 -112.00 -15.99
C ASN T 221 -33.29 -112.61 -15.11
N GLY T 222 -33.69 -113.13 -13.97
CA GLY T 222 -32.76 -113.72 -13.03
C GLY T 222 -32.43 -112.85 -11.83
N SER T 223 -32.92 -111.62 -11.78
CA SER T 223 -32.72 -110.74 -10.65
C SER T 223 -33.89 -110.77 -9.67
N VAL T 224 -34.89 -111.62 -9.90
CA VAL T 224 -36.07 -111.71 -9.05
C VAL T 224 -36.22 -113.14 -8.57
N ALA T 225 -36.49 -113.30 -7.28
CA ALA T 225 -36.64 -114.62 -6.67
C ALA T 225 -37.85 -114.63 -5.75
N LEU T 226 -38.65 -115.67 -5.85
CA LEU T 226 -39.91 -115.78 -5.12
C LEU T 226 -39.82 -116.90 -4.09
N ALA T 227 -40.43 -116.66 -2.93
CA ALA T 227 -40.48 -117.69 -1.91
C ALA T 227 -41.40 -118.82 -2.34
N ALA T 228 -41.43 -119.88 -1.53
CA ALA T 228 -42.24 -121.06 -1.84
C ALA T 228 -43.43 -121.21 -0.90
N THR T 229 -43.38 -120.64 0.30
CA THR T 229 -44.45 -120.78 1.27
C THR T 229 -44.78 -119.41 1.87
N ALA T 230 -45.97 -119.32 2.44
CA ALA T 230 -46.41 -118.12 3.13
C ALA T 230 -45.73 -118.03 4.49
N GLU T 231 -45.68 -116.82 5.03
CA GLU T 231 -45.07 -116.57 6.32
C GLU T 231 -46.01 -115.71 7.14
N LYS T 232 -45.88 -115.81 8.46
CA LYS T 232 -46.67 -115.01 9.37
C LYS T 232 -45.75 -114.18 10.26
N ASP T 233 -46.12 -112.93 10.44
CA ASP T 233 -45.35 -112.03 11.30
C ASP T 233 -45.92 -112.10 12.71
N ASP T 234 -45.58 -111.14 13.56
CA ASP T 234 -46.05 -111.14 14.93
C ASP T 234 -47.57 -111.09 15.02
N ASN T 235 -48.26 -110.65 13.98
CA ASN T 235 -49.71 -110.49 14.00
C ASN T 235 -50.44 -111.58 13.23
N GLY T 236 -49.73 -112.44 12.51
CA GLY T 236 -50.38 -113.52 11.80
C GLY T 236 -50.90 -113.18 10.42
N ASN T 237 -50.49 -112.06 9.85
CA ASN T 237 -50.82 -111.76 8.47
C ASN T 237 -49.89 -112.51 7.53
N TRP T 238 -50.40 -112.84 6.34
CA TRP T 238 -49.75 -113.77 5.44
C TRP T 238 -49.13 -113.02 4.26
N TYR T 239 -47.87 -113.34 3.95
CA TYR T 239 -47.07 -112.60 2.99
C TYR T 239 -46.38 -113.54 2.03
N ALA T 240 -46.02 -113.01 0.86
CA ALA T 240 -45.22 -113.70 -0.15
C ALA T 240 -43.96 -112.89 -0.43
N THR T 241 -42.80 -113.55 -0.38
CA THR T 241 -41.52 -112.87 -0.39
C THR T 241 -40.94 -112.79 -1.78
N VAL T 242 -40.46 -111.61 -2.15
CA VAL T 242 -39.77 -111.38 -3.41
C VAL T 242 -38.35 -110.91 -3.10
N THR T 243 -37.37 -111.53 -3.73
CA THR T 243 -35.96 -111.28 -3.45
C THR T 243 -35.33 -110.59 -4.64
N ILE T 244 -34.45 -109.63 -4.37
CA ILE T 244 -33.74 -108.91 -5.42
C ILE T 244 -32.26 -108.81 -5.04
N THR T 245 -31.40 -109.06 -6.03
CA THR T 245 -29.96 -108.91 -5.87
C THR T 245 -29.43 -108.06 -7.02
N ALA T 246 -28.63 -107.06 -6.68
CA ALA T 246 -28.08 -106.15 -7.67
C ALA T 246 -26.62 -106.49 -7.96
N GLY T 247 -26.21 -106.26 -9.21
CA GLY T 247 -24.84 -106.52 -9.58
C GLY T 247 -24.16 -105.46 -10.45
N SER T 248 -24.92 -104.51 -10.98
CA SER T 248 -24.37 -103.58 -11.95
C SER T 248 -24.91 -102.18 -11.68
N ALA T 249 -24.26 -101.19 -12.30
CA ALA T 249 -24.65 -99.80 -12.08
C ALA T 249 -26.02 -99.50 -12.67
N THR T 250 -26.25 -99.91 -13.92
CA THR T 250 -27.52 -99.60 -14.56
C THR T 250 -28.68 -100.29 -13.84
N GLU T 251 -28.45 -101.50 -13.35
CA GLU T 251 -29.47 -102.20 -12.57
C GLU T 251 -29.89 -101.38 -11.36
N VAL T 252 -28.93 -100.93 -10.57
CA VAL T 252 -29.24 -100.16 -9.37
C VAL T 252 -29.92 -98.85 -9.73
N SER T 253 -29.44 -98.16 -10.77
CA SER T 253 -30.02 -96.87 -11.12
C SER T 253 -31.47 -97.03 -11.60
N THR T 254 -31.74 -98.02 -12.43
CA THR T 254 -33.12 -98.22 -12.89
C THR T 254 -34.03 -98.62 -11.73
N LEU T 255 -33.52 -99.48 -10.83
CA LEU T 255 -34.30 -99.85 -9.66
C LEU T 255 -34.61 -98.64 -8.78
N LYS T 256 -33.65 -97.72 -8.66
CA LYS T 256 -33.92 -96.47 -7.96
C LYS T 256 -34.99 -95.66 -8.67
N ALA T 257 -34.92 -95.60 -10.00
CA ALA T 257 -35.90 -94.83 -10.75
C ALA T 257 -37.31 -95.39 -10.63
N LYS T 258 -37.44 -96.70 -10.40
CA LYS T 258 -38.76 -97.31 -10.29
C LYS T 258 -39.26 -97.43 -8.85
N GLY T 259 -38.46 -97.00 -7.87
CA GLY T 259 -38.94 -96.90 -6.51
C GLY T 259 -38.44 -97.93 -5.53
N PHE T 260 -37.30 -98.56 -5.78
CA PHE T 260 -36.69 -99.47 -4.82
C PHE T 260 -35.21 -99.16 -4.70
N GLU T 261 -34.63 -99.52 -3.56
CA GLU T 261 -33.22 -99.29 -3.29
C GLU T 261 -32.49 -100.62 -3.21
N VAL T 262 -31.29 -100.67 -3.79
CA VAL T 262 -30.46 -101.87 -3.74
C VAL T 262 -29.06 -101.48 -4.19
N GLU T 263 -28.05 -102.16 -3.64
CA GLU T 263 -26.68 -101.95 -4.06
C GLU T 263 -26.13 -103.23 -4.68
N ASN T 264 -25.23 -103.04 -5.65
CA ASN T 264 -24.68 -104.16 -6.40
C ASN T 264 -23.96 -105.13 -5.47
N GLY T 265 -24.14 -106.42 -5.73
CA GLY T 265 -23.47 -107.45 -4.98
C GLY T 265 -24.07 -107.79 -3.64
N VAL T 266 -25.17 -107.15 -3.26
CA VAL T 266 -25.85 -107.42 -2.00
C VAL T 266 -27.32 -107.66 -2.30
N ALA T 267 -27.83 -108.81 -1.87
CA ALA T 267 -29.23 -109.13 -2.09
C ALA T 267 -30.11 -108.44 -1.06
N LYS T 268 -31.38 -108.27 -1.41
CA LYS T 268 -32.40 -107.82 -0.46
C LYS T 268 -33.74 -108.36 -0.91
N GLU T 269 -34.63 -108.58 0.05
CA GLU T 269 -35.92 -109.18 -0.22
C GLU T 269 -37.02 -108.14 -0.05
N PHE T 270 -38.25 -108.55 -0.35
CA PHE T 270 -39.42 -107.69 -0.28
C PHE T 270 -40.64 -108.53 -0.01
N TYR T 271 -41.76 -107.88 0.29
CA TYR T 271 -42.97 -108.56 0.71
C TYR T 271 -44.17 -108.12 -0.12
N ILE T 272 -45.20 -108.96 -0.11
CA ILE T 272 -46.51 -108.67 -0.68
C ILE T 272 -47.57 -109.28 0.23
N ALA T 273 -48.68 -108.58 0.41
CA ALA T 273 -49.74 -109.09 1.27
C ALA T 273 -50.51 -110.21 0.56
N LEU T 274 -51.09 -111.11 1.35
CA LEU T 274 -51.84 -112.24 0.85
C LEU T 274 -53.15 -112.38 1.60
N ASP T 275 -54.13 -112.98 0.92
CA ASP T 275 -55.50 -113.10 1.42
C ASP T 275 -55.83 -114.56 1.66
N PRO T 276 -55.99 -115.00 2.91
CA PRO T 276 -56.25 -116.43 3.15
C PRO T 276 -57.52 -116.95 2.50
N GLN T 277 -58.58 -116.15 2.40
CA GLN T 277 -59.87 -116.64 1.95
C GLN T 277 -60.01 -116.72 0.44
N SER T 278 -59.05 -116.21 -0.31
CA SER T 278 -59.15 -116.16 -1.77
C SER T 278 -58.39 -117.27 -2.45
N ALA T 279 -57.95 -118.28 -1.71
CA ALA T 279 -57.14 -119.35 -2.30
C ALA T 279 -58.02 -120.47 -2.83
N ASP T 280 -57.46 -121.26 -3.74
CA ASP T 280 -58.12 -122.44 -4.27
C ASP T 280 -57.74 -123.64 -3.42
N VAL T 281 -58.73 -124.46 -3.07
CA VAL T 281 -58.51 -125.56 -2.15
C VAL T 281 -59.11 -126.85 -2.70
N THR T 282 -59.77 -126.76 -3.86
CA THR T 282 -60.46 -127.92 -4.41
C THR T 282 -59.62 -128.73 -5.37
N THR T 283 -58.67 -128.11 -6.09
CA THR T 283 -57.91 -128.83 -7.11
C THR T 283 -57.00 -129.88 -6.49
N THR T 284 -56.21 -129.49 -5.49
CA THR T 284 -55.23 -130.37 -4.88
C THR T 284 -55.44 -130.39 -3.37
N ALA T 285 -55.75 -131.56 -2.83
CA ALA T 285 -55.99 -131.67 -1.41
C ALA T 285 -54.72 -131.38 -0.61
N GLY T 286 -54.89 -130.72 0.53
CA GLY T 286 -53.81 -130.47 1.45
C GLY T 286 -52.92 -129.30 1.12
N THR T 287 -53.16 -128.61 0.01
CA THR T 287 -52.29 -127.52 -0.43
C THR T 287 -53.15 -126.35 -0.87
N ALA T 288 -52.75 -125.14 -0.48
CA ALA T 288 -53.43 -123.92 -0.91
C ALA T 288 -52.59 -123.26 -1.99
N ALA T 289 -53.16 -123.13 -3.20
CA ALA T 289 -52.45 -122.60 -4.35
C ALA T 289 -53.01 -121.23 -4.70
N PHE T 290 -52.12 -120.22 -4.70
CA PHE T 290 -52.50 -118.85 -4.99
C PHE T 290 -52.14 -118.52 -6.43
N ALA T 291 -52.76 -117.49 -6.98
CA ALA T 291 -52.49 -117.01 -8.32
C ALA T 291 -52.27 -115.50 -8.26
N LEU T 292 -51.01 -115.08 -8.32
CA LEU T 292 -50.69 -113.66 -8.31
C LEU T 292 -50.71 -113.10 -9.72
N ASP T 293 -51.44 -112.00 -9.91
CA ASP T 293 -51.45 -111.29 -11.19
C ASP T 293 -50.55 -110.06 -11.09
N THR T 294 -49.24 -110.32 -11.16
CA THR T 294 -48.28 -109.23 -11.15
C THR T 294 -48.33 -108.39 -12.41
N ALA T 295 -49.06 -108.85 -13.43
CA ALA T 295 -49.17 -108.09 -14.67
C ALA T 295 -50.00 -106.81 -14.51
N ASN T 296 -50.68 -106.65 -13.38
CA ASN T 296 -51.53 -105.49 -13.18
C ASN T 296 -51.40 -104.84 -11.81
N ILE T 297 -50.66 -105.44 -10.88
CA ILE T 297 -50.62 -104.95 -9.50
C ILE T 297 -49.87 -103.63 -9.44
N GLN T 298 -50.29 -102.77 -8.52
CA GLN T 298 -49.62 -101.50 -8.32
C GLN T 298 -48.32 -101.71 -7.54
N LEU T 299 -47.25 -101.06 -8.00
CA LEU T 299 -45.92 -101.28 -7.46
C LEU T 299 -45.77 -100.86 -6.00
N SER T 300 -46.71 -100.08 -5.47
CA SER T 300 -46.50 -99.51 -4.15
C SER T 300 -46.86 -100.46 -3.02
N SER T 301 -47.36 -101.65 -3.33
CA SER T 301 -47.69 -102.62 -2.30
C SER T 301 -46.50 -103.45 -1.85
N ILE T 302 -45.33 -103.24 -2.45
CA ILE T 302 -44.14 -104.03 -2.13
C ILE T 302 -43.51 -103.33 -0.93
N THR T 303 -43.64 -103.94 0.24
CA THR T 303 -43.21 -103.31 1.48
C THR T 303 -42.10 -104.11 2.15
N SER T 304 -41.12 -103.39 2.68
CA SER T 304 -40.15 -103.99 3.58
C SER T 304 -40.73 -103.98 4.98
N GLY T 305 -39.91 -104.25 5.99
CA GLY T 305 -40.40 -104.31 7.35
C GLY T 305 -40.81 -102.95 7.89
N ALA T 306 -41.54 -102.99 9.01
CA ALA T 306 -41.87 -101.76 9.72
C ALA T 306 -40.80 -101.47 10.76
N SER T 307 -40.67 -100.21 11.14
CA SER T 307 -39.64 -99.84 12.09
C SER T 307 -40.05 -100.21 13.51
N SER T 308 -39.11 -100.03 14.43
CA SER T 308 -39.37 -100.27 15.84
C SER T 308 -39.17 -98.99 16.64
N ASN T 309 -40.23 -98.57 17.33
CA ASN T 309 -40.25 -97.38 18.15
C ASN T 309 -39.76 -96.17 17.36
N PRO T 310 -40.50 -95.76 16.33
CA PRO T 310 -40.03 -94.64 15.51
C PRO T 310 -39.85 -93.34 16.27
N LEU T 311 -40.71 -93.10 17.26
CA LEU T 311 -40.73 -91.81 17.92
C LEU T 311 -39.40 -91.51 18.60
N ALA T 312 -38.77 -92.53 19.19
CA ALA T 312 -37.47 -92.32 19.82
C ALA T 312 -36.43 -91.84 18.82
N LYS T 313 -36.42 -92.44 17.63
CA LYS T 313 -35.45 -92.05 16.62
C LYS T 313 -35.68 -90.61 16.18
N LEU T 314 -36.94 -90.21 16.02
CA LEU T 314 -37.23 -88.83 15.66
C LEU T 314 -36.73 -87.87 16.73
N ASP T 315 -36.94 -88.22 18.00
CA ASP T 315 -36.44 -87.37 19.09
C ASP T 315 -34.93 -87.25 19.04
N ALA T 316 -34.24 -88.35 18.81
CA ALA T 316 -32.78 -88.30 18.74
C ALA T 316 -32.31 -87.36 17.63
N ALA T 317 -32.97 -87.44 16.47
CA ALA T 317 -32.59 -86.58 15.36
C ALA T 317 -32.76 -85.11 15.73
N LEU T 318 -33.92 -84.78 16.29
CA LEU T 318 -34.16 -83.40 16.70
C LEU T 318 -33.11 -82.92 17.68
N ALA T 319 -32.68 -83.81 18.58
CA ALA T 319 -31.63 -83.46 19.54
C ALA T 319 -30.31 -83.12 18.84
N ASP T 320 -29.92 -83.92 17.85
CA ASP T 320 -28.67 -83.58 17.18
C ASP T 320 -28.76 -82.20 16.54
N VAL T 321 -29.89 -81.91 15.89
CA VAL T 321 -30.02 -80.63 15.19
C VAL T 321 -29.92 -79.47 16.16
N ASP T 322 -30.66 -79.52 17.28
CA ASP T 322 -30.68 -78.34 18.12
C ASP T 322 -29.33 -78.15 18.79
N THR T 323 -28.63 -79.26 19.08
CA THR T 323 -27.27 -79.14 19.58
C THR T 323 -26.42 -78.29 18.65
N LEU T 324 -26.43 -78.63 17.36
CA LEU T 324 -25.57 -77.89 16.44
C LEU T 324 -25.96 -76.41 16.40
N ARG T 325 -27.27 -76.12 16.35
CA ARG T 325 -27.69 -74.72 16.27
C ARG T 325 -27.21 -73.94 17.50
N SER T 326 -27.29 -74.58 18.67
CA SER T 326 -26.82 -73.93 19.89
C SER T 326 -25.34 -73.55 19.77
N SER T 327 -24.52 -74.48 19.29
CA SER T 327 -23.09 -74.17 19.18
C SER T 327 -22.86 -72.99 18.24
N LEU T 328 -23.61 -72.94 17.14
CA LEU T 328 -23.43 -71.82 16.22
C LEU T 328 -23.76 -70.49 16.88
N GLY T 329 -24.85 -70.44 17.63
CA GLY T 329 -25.18 -69.21 18.34
C GLY T 329 -24.07 -68.78 19.29
N ALA T 330 -23.49 -69.75 19.99
CA ALA T 330 -22.37 -69.43 20.88
C ALA T 330 -21.23 -68.76 20.12
N VAL T 331 -20.88 -69.29 18.96
CA VAL T 331 -19.73 -68.74 18.24
C VAL T 331 -20.03 -67.31 17.78
N GLN T 332 -21.26 -67.04 17.38
CA GLN T 332 -21.60 -65.65 17.01
C GLN T 332 -21.40 -64.71 18.19
N ASN T 333 -21.92 -65.10 19.36
CA ASN T 333 -21.70 -64.27 20.54
C ASN T 333 -20.22 -64.02 20.79
N ARG T 334 -19.37 -65.03 20.59
CA ARG T 334 -17.95 -64.73 20.68
C ARG T 334 -17.56 -63.62 19.71
N PHE T 335 -17.96 -63.77 18.45
CA PHE T 335 -17.31 -62.98 17.41
C PHE T 335 -17.57 -61.50 17.58
N ASP T 336 -18.74 -61.11 18.09
CA ASP T 336 -19.07 -59.67 18.12
C ASP T 336 -18.09 -58.84 18.99
N SER T 337 -17.72 -59.39 20.14
CA SER T 337 -16.86 -58.67 21.07
C SER T 337 -15.56 -58.25 20.42
N VAL T 338 -15.06 -59.05 19.47
CA VAL T 338 -13.79 -58.75 18.85
C VAL T 338 -13.90 -57.50 17.98
N ILE T 339 -15.02 -57.34 17.28
CA ILE T 339 -15.23 -56.10 16.54
C ILE T 339 -15.14 -54.91 17.48
N SER T 340 -15.88 -54.99 18.58
CA SER T 340 -15.86 -53.84 19.50
C SER T 340 -14.45 -53.56 19.99
N ASN T 341 -13.75 -54.61 20.41
CA ASN T 341 -12.41 -54.46 20.99
C ASN T 341 -11.46 -53.83 20.00
N LEU T 342 -11.45 -54.34 18.77
CA LEU T 342 -10.52 -53.85 17.77
C LEU T 342 -10.79 -52.39 17.44
N GLY T 343 -12.07 -52.00 17.36
CA GLY T 343 -12.37 -50.60 17.13
C GLY T 343 -11.76 -49.70 18.18
N THR T 344 -11.95 -50.07 19.45
CA THR T 344 -11.40 -49.24 20.52
C THR T 344 -9.88 -49.16 20.44
N THR T 345 -9.23 -50.31 20.24
CA THR T 345 -7.77 -50.34 20.21
C THR T 345 -7.24 -49.51 19.06
N VAL T 346 -7.89 -49.57 17.90
CA VAL T 346 -7.46 -48.77 16.76
C VAL T 346 -7.53 -47.29 17.08
N THR T 347 -8.62 -46.86 17.70
CA THR T 347 -8.72 -45.45 18.08
C THR T 347 -7.53 -45.04 18.92
N ASN T 348 -7.22 -45.84 19.96
CA ASN T 348 -6.19 -45.43 20.91
C ASN T 348 -4.81 -45.40 20.26
N LEU T 349 -4.51 -46.40 19.42
CA LEU T 349 -3.24 -46.42 18.72
C LEU T 349 -3.10 -45.22 17.79
N SER T 350 -4.18 -44.86 17.09
CA SER T 350 -4.12 -43.70 16.22
C SER T 350 -3.81 -42.44 17.00
N ALA T 351 -4.49 -42.26 18.14
CA ALA T 351 -4.21 -41.08 18.95
C ALA T 351 -2.75 -41.02 19.34
N SER T 352 -2.18 -42.15 19.78
CA SER T 352 -0.80 -42.13 20.25
C SER T 352 0.18 -41.81 19.12
N ARG T 353 -0.01 -42.39 17.95
CA ARG T 353 0.88 -42.05 16.84
C ARG T 353 0.79 -40.57 16.52
N SER T 354 -0.41 -40.01 16.55
CA SER T 354 -0.56 -38.59 16.30
C SER T 354 0.24 -37.78 17.31
N ARG T 355 0.17 -38.17 18.59
CA ARG T 355 0.94 -37.47 19.61
C ARG T 355 2.43 -37.49 19.28
N ILE T 356 2.92 -38.62 18.77
CA ILE T 356 4.35 -38.68 18.48
C ILE T 356 4.72 -37.81 17.29
N GLN T 357 3.92 -37.86 16.21
CA GLN T 357 4.45 -37.55 14.89
C GLN T 357 4.06 -36.19 14.31
N ASP T 358 2.93 -35.63 14.70
CA ASP T 358 2.37 -34.45 14.04
C ASP T 358 3.19 -33.21 14.34
N ALA T 359 2.87 -32.11 13.67
CA ALA T 359 3.52 -30.83 13.87
C ALA T 359 2.49 -29.78 14.27
N ASP T 360 2.86 -28.89 15.17
CA ASP T 360 1.93 -27.87 15.63
C ASP T 360 2.12 -26.59 14.85
N TYR T 361 1.07 -25.75 14.80
CA TYR T 361 1.09 -24.59 13.92
C TYR T 361 1.48 -23.27 14.58
N ALA T 362 1.03 -23.02 15.80
CA ALA T 362 1.37 -21.75 16.43
C ALA T 362 2.89 -21.59 16.53
N THR T 363 3.57 -22.65 16.94
CA THR T 363 5.01 -22.60 17.10
C THR T 363 5.70 -22.30 15.79
N GLU T 364 5.29 -22.96 14.70
CA GLU T 364 5.97 -22.78 13.43
C GLU T 364 5.71 -21.41 12.84
N VAL T 365 4.49 -20.91 12.95
CA VAL T 365 4.22 -19.56 12.44
C VAL T 365 5.08 -18.55 13.19
N SER T 366 5.15 -18.67 14.52
CA SER T 366 5.96 -17.73 15.27
C SER T 366 7.43 -17.83 14.87
N ASN T 367 7.94 -19.04 14.71
CA ASN T 367 9.32 -19.21 14.30
C ASN T 367 9.57 -18.57 12.94
N MET T 368 8.63 -18.72 12.01
CA MET T 368 8.78 -18.15 10.69
C MET T 368 8.90 -16.63 10.75
N THR T 369 8.00 -16.00 11.50
CA THR T 369 8.04 -14.54 11.62
C THR T 369 9.38 -14.09 12.19
N ARG T 370 9.78 -14.71 13.30
CA ARG T 370 10.98 -14.29 13.99
C ARG T 370 12.22 -14.56 13.14
N ALA T 371 12.12 -15.49 12.20
CA ALA T 371 13.25 -15.73 11.31
C ALA T 371 13.30 -14.72 10.17
N GLN T 372 12.14 -14.28 9.66
CA GLN T 372 12.18 -13.32 8.55
C GLN T 372 12.72 -11.97 9.00
N ILE T 373 12.25 -11.48 10.16
CA ILE T 373 12.65 -10.13 10.54
C ILE T 373 14.16 -10.08 10.76
N LEU T 374 14.73 -11.16 11.29
CA LEU T 374 16.17 -11.20 11.49
C LEU T 374 16.90 -11.12 10.16
N GLN T 375 16.38 -11.78 9.14
CA GLN T 375 17.04 -11.75 7.83
C GLN T 375 17.06 -10.33 7.28
N GLN T 376 15.94 -9.63 7.38
CA GLN T 376 15.93 -8.24 6.88
C GLN T 376 16.94 -7.38 7.63
N ALA T 377 16.96 -7.49 8.96
CA ALA T 377 17.91 -6.71 9.74
C ALA T 377 19.33 -7.00 9.32
N GLY T 378 19.66 -8.29 9.13
CA GLY T 378 21.00 -8.65 8.75
C GLY T 378 21.40 -8.04 7.43
N THR T 379 20.49 -8.06 6.45
CA THR T 379 20.82 -7.50 5.14
C THR T 379 21.10 -6.00 5.23
N SER T 380 20.24 -5.27 5.94
CA SER T 380 20.46 -3.83 6.05
C SER T 380 21.79 -3.52 6.71
N VAL T 381 22.11 -4.24 7.79
CA VAL T 381 23.35 -3.97 8.51
C VAL T 381 24.56 -4.34 7.65
N LEU T 382 24.46 -5.40 6.84
CA LEU T 382 25.57 -5.74 5.96
C LEU T 382 25.83 -4.63 4.95
N ALA T 383 24.76 -4.05 4.40
CA ALA T 383 24.97 -2.92 3.49
C ALA T 383 25.64 -1.76 4.21
N GLN T 384 25.21 -1.50 5.44
CA GLN T 384 25.79 -0.41 6.22
C GLN T 384 27.28 -0.65 6.46
N ALA T 385 27.65 -1.90 6.73
CA ALA T 385 29.05 -2.22 6.98
C ALA T 385 29.88 -2.08 5.72
N ASN T 386 29.37 -2.55 4.59
CA ASN T 386 30.14 -2.46 3.35
C ASN T 386 30.42 -1.01 2.99
N GLN T 387 29.42 -0.14 3.12
CA GLN T 387 29.64 1.23 2.66
C GLN T 387 30.40 2.08 3.67
N THR T 388 31.13 1.46 4.60
CA THR T 388 31.77 2.22 5.67
C THR T 388 33.14 2.75 5.27
N THR T 389 33.87 2.02 4.44
CA THR T 389 35.29 2.32 4.26
C THR T 389 35.56 3.43 3.26
N GLN T 390 34.53 3.99 2.62
CA GLN T 390 34.75 5.06 1.66
C GLN T 390 35.46 6.24 2.29
N ASN T 391 35.15 6.55 3.55
CA ASN T 391 35.67 7.77 4.18
C ASN T 391 37.19 7.77 4.20
N VAL T 392 37.81 6.60 4.13
CA VAL T 392 39.27 6.54 4.07
C VAL T 392 39.77 7.25 2.82
N LEU T 393 39.03 7.13 1.72
CA LEU T 393 39.45 7.74 0.47
C LEU T 393 39.52 9.26 0.59
N SER T 394 38.73 9.83 1.50
CA SER T 394 38.70 11.28 1.65
C SER T 394 40.04 11.84 2.06
N LEU T 395 40.85 11.04 2.74
CA LEU T 395 41.98 11.62 3.47
C LEU T 395 43.12 11.97 2.54
N LEU T 396 43.14 11.38 1.34
CA LEU T 396 44.16 11.70 0.36
C LEU T 396 44.11 13.18 -0.02
N ALA U 2 155.75 80.67 -52.47
CA ALA U 2 155.95 80.45 -51.04
C ALA U 2 154.85 81.12 -50.24
N GLN U 3 154.99 82.42 -50.01
CA GLN U 3 153.95 83.23 -49.39
C GLN U 3 153.48 84.26 -50.40
N VAL U 4 152.17 84.31 -50.65
CA VAL U 4 151.57 85.23 -51.59
C VAL U 4 150.35 85.85 -50.91
N ILE U 5 149.97 87.06 -51.32
CA ILE U 5 148.79 87.70 -50.76
C ILE U 5 147.77 88.12 -51.82
N ASN U 6 148.09 88.00 -53.10
CA ASN U 6 147.10 88.34 -54.12
C ASN U 6 145.89 87.42 -54.05
N THR U 7 146.11 86.11 -54.09
CA THR U 7 145.03 85.14 -54.18
C THR U 7 145.08 84.21 -52.98
N ASN U 8 143.99 84.15 -52.23
CA ASN U 8 143.85 83.21 -51.13
C ASN U 8 143.22 81.94 -51.68
N SER U 9 144.05 80.96 -51.99
CA SER U 9 143.64 79.81 -52.78
C SER U 9 142.96 78.71 -51.97
N LEU U 10 142.86 78.84 -50.65
CA LEU U 10 142.12 77.84 -49.89
C LEU U 10 140.67 78.27 -49.70
N SER U 11 140.43 79.57 -49.54
CA SER U 11 139.05 80.04 -49.35
C SER U 11 138.21 79.72 -50.58
N LEU U 12 138.81 79.75 -51.76
CA LEU U 12 138.07 79.38 -52.97
C LEU U 12 137.59 77.94 -52.88
N MET U 13 138.49 77.03 -52.55
CA MET U 13 138.11 75.62 -52.46
C MET U 13 137.07 75.40 -51.38
N THR U 14 137.22 76.06 -50.24
CA THR U 14 136.24 75.91 -49.17
C THR U 14 134.87 76.40 -49.61
N GLN U 15 134.82 77.55 -50.29
CA GLN U 15 133.55 78.07 -50.78
C GLN U 15 132.90 77.09 -51.72
N ASN U 16 133.67 76.56 -52.66
CA ASN U 16 133.10 75.62 -53.63
C ASN U 16 132.73 74.30 -52.98
N ASN U 17 133.30 73.99 -51.83
CA ASN U 17 132.96 72.76 -51.14
C ASN U 17 131.71 72.89 -50.29
N LEU U 18 131.37 74.09 -49.85
CA LEU U 18 130.21 74.24 -48.95
C LEU U 18 128.89 74.07 -49.70
N ASN U 19 128.85 74.44 -50.98
CA ASN U 19 127.60 74.49 -51.73
C ASN U 19 126.97 73.11 -51.86
N THR U 20 127.80 72.08 -52.04
CA THR U 20 127.28 70.74 -52.21
C THR U 20 126.47 70.32 -50.99
N SER U 21 127.00 70.54 -49.80
CA SER U 21 126.25 70.25 -48.58
C SER U 21 124.98 71.10 -48.51
N GLN U 22 125.07 72.35 -48.96
CA GLN U 22 123.90 73.21 -48.89
C GLN U 22 122.74 72.63 -49.69
N SER U 23 123.03 72.07 -50.87
CA SER U 23 121.97 71.50 -51.69
C SER U 23 121.29 70.33 -50.99
N ALA U 24 122.08 69.45 -50.36
CA ALA U 24 121.51 68.30 -49.67
C ALA U 24 120.61 68.75 -48.53
N LEU U 25 121.05 69.77 -47.79
CA LEU U 25 120.18 70.31 -46.74
C LEU U 25 118.87 70.80 -47.34
N ASN U 26 118.94 71.50 -48.48
CA ASN U 26 117.73 71.98 -49.12
C ASN U 26 116.76 70.85 -49.40
N THR U 27 117.24 69.80 -50.06
CA THR U 27 116.36 68.70 -50.45
C THR U 27 115.74 68.04 -49.22
N ALA U 28 116.55 67.79 -48.20
CA ALA U 28 116.04 67.10 -47.02
C ALA U 28 114.97 67.92 -46.33
N ILE U 29 115.18 69.23 -46.20
CA ILE U 29 114.16 70.05 -45.55
C ILE U 29 112.87 70.02 -46.37
N GLN U 30 112.98 70.06 -47.69
CA GLN U 30 111.78 70.10 -48.52
C GLN U 30 110.95 68.82 -48.35
N ARG U 31 111.60 67.66 -48.37
CA ARG U 31 110.85 66.42 -48.36
C ARG U 31 109.99 66.28 -47.11
N LEU U 32 110.53 66.64 -45.95
CA LEU U 32 109.79 66.45 -44.71
C LEU U 32 108.51 67.27 -44.70
N SER U 33 108.59 68.52 -45.15
CA SER U 33 107.42 69.39 -45.15
C SER U 33 106.38 68.94 -46.15
N SER U 34 106.83 68.58 -47.36
CA SER U 34 105.86 68.18 -48.39
C SER U 34 105.18 66.87 -48.03
N GLY U 35 105.95 65.91 -47.54
CA GLY U 35 105.40 64.65 -47.11
C GLY U 35 105.56 63.50 -48.06
N LEU U 36 106.03 63.74 -49.26
CA LEU U 36 106.11 62.70 -50.28
C LEU U 36 107.38 62.84 -51.08
N ARG U 37 107.79 61.73 -51.71
CA ARG U 37 109.13 61.62 -52.25
C ARG U 37 109.31 62.45 -53.53
N ILE U 38 108.30 62.48 -54.39
CA ILE U 38 108.45 63.02 -55.73
C ILE U 38 107.67 64.33 -55.81
N ASN U 39 108.37 65.45 -55.68
CA ASN U 39 107.73 66.77 -55.75
C ASN U 39 107.76 67.37 -57.14
N SER U 40 108.59 66.87 -58.04
CA SER U 40 108.62 67.35 -59.42
C SER U 40 109.24 66.27 -60.28
N ALA U 41 109.10 66.43 -61.59
CA ALA U 41 109.60 65.41 -62.51
C ALA U 41 111.10 65.27 -62.43
N LYS U 42 111.78 66.24 -61.82
CA LYS U 42 113.23 66.18 -61.72
C LYS U 42 113.67 64.98 -60.89
N ASP U 43 112.92 64.65 -59.84
CA ASP U 43 113.29 63.54 -58.98
C ASP U 43 113.34 62.23 -59.75
N ASP U 44 112.28 61.90 -60.47
CA ASP U 44 112.24 60.70 -61.30
C ASP U 44 111.09 60.83 -62.27
N ALA U 45 111.39 60.84 -63.57
CA ALA U 45 110.35 61.07 -64.56
C ALA U 45 109.38 59.89 -64.65
N ALA U 46 109.91 58.67 -64.71
CA ALA U 46 109.06 57.52 -65.01
C ALA U 46 108.06 57.25 -63.89
N GLY U 47 108.47 57.36 -62.64
CA GLY U 47 107.59 57.01 -61.54
C GLY U 47 106.39 57.93 -61.42
N GLN U 48 106.58 59.22 -61.72
CA GLN U 48 105.50 60.18 -61.57
C GLN U 48 104.32 59.82 -62.47
N ALA U 49 104.60 59.39 -63.71
CA ALA U 49 103.54 59.01 -64.63
C ALA U 49 102.78 57.79 -64.13
N ILE U 50 103.50 56.80 -63.61
CA ILE U 50 102.82 55.60 -63.11
C ILE U 50 101.90 55.96 -61.96
N ALA U 51 102.37 56.83 -61.06
CA ALA U 51 101.50 57.27 -59.98
C ALA U 51 100.25 57.96 -60.53
N ASN U 52 100.43 58.82 -61.54
CA ASN U 52 99.29 59.53 -62.10
C ASN U 52 98.27 58.57 -62.69
N ARG U 53 98.76 57.56 -63.41
CA ARG U 53 97.86 56.61 -64.03
C ARG U 53 97.11 55.79 -62.98
N PHE U 54 97.77 55.45 -61.87
CA PHE U 54 97.04 54.76 -60.80
C PHE U 54 95.98 55.67 -60.18
N THR U 55 96.30 56.95 -60.01
CA THR U 55 95.35 57.86 -59.38
C THR U 55 94.09 58.00 -60.20
N ALA U 56 94.24 58.05 -61.53
CA ALA U 56 93.05 58.11 -62.39
C ALA U 56 92.14 56.92 -62.13
N ASN U 57 92.70 55.71 -62.04
CA ASN U 57 91.88 54.53 -61.82
C ASN U 57 91.19 54.58 -60.47
N ILE U 58 91.90 54.97 -59.42
CA ILE U 58 91.26 55.00 -58.10
C ILE U 58 90.09 55.96 -58.09
N LYS U 59 90.30 57.16 -58.64
CA LYS U 59 89.24 58.15 -58.66
C LYS U 59 88.02 57.62 -59.42
N GLY U 60 88.26 56.95 -60.55
CA GLY U 60 87.14 56.42 -61.32
C GLY U 60 86.38 55.32 -60.61
N LEU U 61 87.10 54.38 -60.02
CA LEU U 61 86.42 53.21 -59.45
C LEU U 61 85.63 53.59 -58.21
N THR U 62 86.09 54.62 -57.47
CA THR U 62 85.33 55.06 -56.31
C THR U 62 83.93 55.53 -56.71
N GLN U 63 83.76 55.96 -57.96
CA GLN U 63 82.43 56.37 -58.42
C GLN U 63 81.69 55.21 -59.08
N ALA U 64 82.46 54.32 -59.70
CA ALA U 64 81.86 53.11 -60.23
C ALA U 64 81.16 52.33 -59.12
N GLN U 65 81.62 52.48 -57.88
CA GLN U 65 80.88 51.83 -56.79
C GLN U 65 79.52 52.49 -56.56
N ARG U 66 79.43 53.79 -56.76
CA ARG U 66 78.20 54.51 -56.43
C ARG U 66 77.11 54.23 -57.46
N ASN U 67 77.51 54.09 -58.71
CA ASN U 67 76.52 53.77 -59.74
C ASN U 67 75.79 52.48 -59.41
N ALA U 68 76.51 51.46 -58.95
CA ALA U 68 75.87 50.19 -58.64
C ALA U 68 74.90 50.31 -57.47
N ASN U 69 75.22 51.16 -56.50
CA ASN U 69 74.27 51.42 -55.43
C ASN U 69 72.96 51.95 -55.98
N ASP U 70 73.03 52.89 -56.91
CA ASP U 70 71.79 53.42 -57.47
C ASP U 70 71.01 52.34 -58.21
N GLY U 71 71.71 51.48 -58.95
CA GLY U 71 71.04 50.39 -59.61
C GLY U 71 70.33 49.45 -58.65
N ILE U 72 71.00 49.11 -57.54
CA ILE U 72 70.39 48.26 -56.54
C ILE U 72 69.13 48.90 -55.97
N SER U 73 69.18 50.20 -55.73
CA SER U 73 68.01 50.87 -55.18
C SER U 73 66.81 50.77 -56.11
N LEU U 74 67.03 50.98 -57.41
CA LEU U 74 65.92 50.84 -58.37
C LEU U 74 65.36 49.42 -58.38
N ALA U 75 66.24 48.42 -58.51
CA ALA U 75 65.79 47.04 -58.58
C ALA U 75 65.02 46.66 -57.33
N GLN U 76 65.40 47.22 -56.19
CA GLN U 76 64.63 47.00 -54.98
C GLN U 76 63.27 47.66 -55.07
N THR U 77 63.21 48.89 -55.58
CA THR U 77 61.97 49.64 -55.52
C THR U 77 60.86 48.93 -56.28
N THR U 78 61.19 48.30 -57.40
CA THR U 78 60.13 47.72 -58.23
C THR U 78 59.34 46.62 -57.52
N GLU U 79 60.03 45.71 -56.82
CA GLU U 79 59.36 44.53 -56.30
C GLU U 79 58.30 44.86 -55.26
N GLY U 80 58.55 45.90 -54.46
CA GLY U 80 57.56 46.30 -53.48
C GLY U 80 56.24 46.62 -54.13
N ALA U 81 56.27 47.31 -55.27
CA ALA U 81 55.04 47.51 -56.01
C ALA U 81 54.48 46.19 -56.50
N LEU U 82 55.33 45.32 -57.04
CA LEU U 82 54.84 44.13 -57.71
C LEU U 82 54.08 43.21 -56.75
N THR U 83 54.42 43.29 -55.47
CA THR U 83 53.78 42.44 -54.47
C THR U 83 52.27 42.61 -54.45
N GLU U 84 51.80 43.86 -54.40
CA GLU U 84 50.36 44.10 -54.27
C GLU U 84 49.60 43.57 -55.48
N VAL U 85 50.22 43.65 -56.66
CA VAL U 85 49.60 43.08 -57.85
C VAL U 85 49.38 41.60 -57.67
N ASN U 86 50.42 40.88 -57.25
CA ASN U 86 50.24 39.45 -57.03
C ASN U 86 49.14 39.20 -56.01
N ASN U 87 49.13 40.02 -54.95
CA ASN U 87 48.19 39.83 -53.86
C ASN U 87 46.75 40.03 -54.31
N ASN U 88 46.53 40.90 -55.28
CA ASN U 88 45.18 41.11 -55.79
C ASN U 88 44.75 39.95 -56.67
N LEU U 89 45.66 39.48 -57.53
CA LEU U 89 45.28 38.36 -58.40
C LEU U 89 44.87 37.14 -57.59
N GLN U 90 45.61 36.89 -56.51
CA GLN U 90 45.36 35.71 -55.70
C GLN U 90 43.94 35.71 -55.14
N ARG U 91 43.46 36.89 -54.76
CA ARG U 91 42.11 37.02 -54.21
C ARG U 91 41.05 36.90 -55.30
N ILE U 92 41.33 37.45 -56.48
CA ILE U 92 40.34 37.38 -57.55
C ILE U 92 40.06 35.92 -57.91
N ARG U 93 41.09 35.09 -57.91
CA ARG U 93 40.88 33.68 -58.29
C ARG U 93 39.92 32.99 -57.32
N GLU U 94 40.07 33.22 -56.02
CA GLU U 94 39.26 32.49 -55.07
C GLU U 94 37.89 33.10 -54.91
N LEU U 95 37.70 34.36 -55.32
CA LEU U 95 36.32 34.81 -55.56
C LEU U 95 35.71 34.08 -56.73
N SER U 96 36.49 33.88 -57.79
CA SER U 96 35.93 33.25 -58.98
C SER U 96 35.50 31.82 -58.71
N VAL U 97 36.20 31.11 -57.83
CA VAL U 97 35.80 29.75 -57.50
C VAL U 97 34.41 29.73 -56.88
N GLN U 98 34.10 30.71 -56.03
CA GLN U 98 32.81 30.70 -55.33
C GLN U 98 31.66 30.91 -56.29
N ALA U 99 31.88 31.65 -57.37
CA ALA U 99 30.81 32.05 -58.25
C ALA U 99 30.44 30.98 -59.27
N ALA U 100 31.03 29.80 -59.22
CA ALA U 100 30.74 28.74 -60.17
C ALA U 100 29.75 27.70 -59.65
N THR U 101 29.31 27.81 -58.41
CA THR U 101 28.32 26.87 -57.89
C THR U 101 27.01 27.06 -58.61
N GLY U 102 26.24 25.98 -58.72
CA GLY U 102 24.94 26.10 -59.37
C GLY U 102 23.87 26.69 -58.47
N SER U 103 24.21 26.96 -57.20
CA SER U 103 23.19 27.35 -56.25
C SER U 103 23.03 28.86 -56.13
N ASN U 104 23.88 29.63 -56.80
CA ASN U 104 23.75 31.08 -56.76
C ASN U 104 22.62 31.56 -57.67
N SER U 105 22.01 32.69 -57.30
CA SER U 105 21.05 33.36 -58.16
C SER U 105 21.68 34.60 -58.77
N ALA U 106 20.93 35.27 -59.66
CA ALA U 106 21.52 36.30 -60.50
C ALA U 106 22.09 37.45 -59.69
N SER U 107 21.35 37.91 -58.68
CA SER U 107 21.80 39.05 -57.90
C SER U 107 23.13 38.77 -57.20
N ASP U 108 23.31 37.54 -56.74
CA ASP U 108 24.53 37.19 -56.03
C ASP U 108 25.73 37.23 -56.96
N LEU U 109 25.55 36.74 -58.19
CA LEU U 109 26.61 36.84 -59.18
C LEU U 109 26.94 38.28 -59.50
N GLN U 110 25.93 39.14 -59.58
CA GLN U 110 26.19 40.55 -59.80
C GLN U 110 27.01 41.14 -58.67
N SER U 111 26.66 40.80 -57.43
CA SER U 111 27.38 41.31 -56.28
C SER U 111 28.84 40.88 -56.29
N ILE U 112 29.10 39.63 -56.68
CA ILE U 112 30.49 39.19 -56.81
C ILE U 112 31.21 40.01 -57.88
N GLN U 113 30.55 40.17 -59.03
CA GLN U 113 31.23 40.80 -60.17
C GLN U 113 31.65 42.22 -59.85
N ASP U 114 30.90 42.90 -58.99
CA ASP U 114 31.32 44.25 -58.64
C ASP U 114 32.70 44.27 -57.98
N GLU U 115 32.88 43.44 -56.95
CA GLU U 115 34.15 43.47 -56.24
C GLU U 115 35.28 43.00 -57.13
N ILE U 116 35.00 42.10 -58.07
CA ILE U 116 36.04 41.76 -59.02
C ILE U 116 36.40 42.96 -59.88
N LYS U 117 35.41 43.77 -60.23
CA LYS U 117 35.69 44.95 -61.04
C LYS U 117 36.64 45.90 -60.33
N GLN U 118 36.42 46.14 -59.04
CA GLN U 118 37.30 47.08 -58.34
C GLN U 118 38.74 46.58 -58.33
N ARG U 119 38.94 45.31 -58.00
CA ARG U 119 40.27 44.75 -57.96
C ARG U 119 40.95 44.86 -59.31
N LEU U 120 40.18 44.71 -60.39
CA LEU U 120 40.79 44.83 -61.71
C LEU U 120 41.30 46.24 -61.96
N GLU U 121 40.59 47.27 -61.48
CA GLU U 121 41.05 48.64 -61.69
C GLU U 121 42.34 48.92 -60.94
N GLU U 122 42.49 48.31 -59.76
CA GLU U 122 43.66 48.65 -58.95
C GLU U 122 44.97 48.32 -59.66
N ILE U 123 45.03 47.20 -60.37
CA ILE U 123 46.27 46.84 -61.08
C ILE U 123 46.62 47.88 -62.13
N ASN U 124 45.63 48.27 -62.94
CA ASN U 124 45.85 49.31 -63.93
C ASN U 124 46.38 50.57 -63.29
N ARG U 125 45.80 50.97 -62.16
CA ARG U 125 46.23 52.19 -61.50
C ARG U 125 47.67 52.10 -61.05
N VAL U 126 48.02 51.02 -60.34
CA VAL U 126 49.38 50.86 -59.84
C VAL U 126 50.38 50.92 -60.99
N SER U 127 50.04 50.33 -62.12
CA SER U 127 50.98 50.39 -63.24
C SER U 127 51.21 51.82 -63.71
N GLU U 128 50.26 52.71 -63.42
CA GLU U 128 50.34 54.07 -63.98
C GLU U 128 51.07 55.03 -63.04
N GLN U 129 50.81 54.99 -61.74
CA GLN U 129 51.46 56.00 -60.91
C GLN U 129 52.92 55.68 -60.61
N THR U 130 53.23 54.48 -60.13
CA THR U 130 54.52 54.24 -59.50
C THR U 130 55.68 54.56 -60.44
N GLN U 131 56.65 55.31 -59.94
CA GLN U 131 57.80 55.68 -60.75
C GLN U 131 59.00 55.99 -59.87
N PHE U 132 60.18 55.77 -60.42
CA PHE U 132 61.45 55.97 -59.72
C PHE U 132 62.23 57.03 -60.47
N ASN U 133 62.46 58.18 -59.83
CA ASN U 133 63.25 59.26 -60.41
C ASN U 133 62.67 59.72 -61.74
N GLY U 134 61.35 59.73 -61.83
CA GLY U 134 60.69 60.15 -63.05
C GLY U 134 60.64 59.10 -64.14
N VAL U 135 60.94 57.85 -63.83
CA VAL U 135 60.98 56.77 -64.80
C VAL U 135 59.88 55.77 -64.47
N LYS U 136 59.00 55.51 -65.43
CA LYS U 136 57.93 54.54 -65.24
C LYS U 136 58.49 53.14 -65.45
N VAL U 137 58.44 52.31 -64.41
CA VAL U 137 59.10 51.01 -64.47
C VAL U 137 58.19 49.95 -65.05
N LEU U 138 56.90 49.99 -64.71
CA LEU U 138 56.01 48.89 -65.04
C LEU U 138 55.09 49.19 -66.21
N ALA U 139 55.51 50.02 -67.17
CA ALA U 139 54.59 50.43 -68.23
C ALA U 139 55.24 50.54 -69.61
N LYS U 140 56.47 50.06 -69.80
CA LYS U 140 57.16 50.40 -71.04
C LYS U 140 57.80 49.26 -71.80
N ASP U 141 58.30 48.23 -71.14
CA ASP U 141 58.99 47.12 -71.84
C ASP U 141 60.20 47.61 -72.62
N THR U 142 61.19 48.14 -71.90
CA THR U 142 62.45 48.57 -72.49
C THR U 142 63.60 48.05 -71.63
N LYS U 143 64.80 48.51 -71.93
CA LYS U 143 66.00 48.07 -71.23
C LYS U 143 66.88 49.27 -70.89
N MET U 144 67.27 49.40 -69.61
CA MET U 144 68.26 50.38 -69.21
C MET U 144 69.48 49.66 -68.67
N ASN U 145 70.63 50.33 -68.72
CA ASN U 145 71.90 49.70 -68.41
C ASN U 145 72.79 50.66 -67.65
N ILE U 146 73.45 50.15 -66.61
CA ILE U 146 74.30 50.96 -65.75
C ILE U 146 75.77 50.68 -66.11
N GLN U 147 76.64 51.64 -65.81
CA GLN U 147 78.07 51.47 -66.10
C GLN U 147 78.84 51.26 -64.81
N VAL U 148 79.50 50.11 -64.71
CA VAL U 148 80.43 49.82 -63.63
C VAL U 148 81.80 49.53 -64.25
N GLY U 149 82.81 50.28 -63.82
CA GLY U 149 84.10 50.22 -64.48
C GLY U 149 84.44 51.54 -65.12
N ALA U 150 85.72 51.78 -65.41
CA ALA U 150 86.18 53.10 -65.81
C ALA U 150 86.58 53.18 -67.28
N ASN U 151 85.96 52.40 -68.16
CA ASN U 151 86.18 52.50 -69.59
C ASN U 151 84.84 52.53 -70.29
N ASP U 152 84.87 52.34 -71.60
CA ASP U 152 83.64 52.24 -72.37
C ASP U 152 83.14 50.80 -72.40
N GLY U 153 81.85 50.65 -72.66
CA GLY U 153 81.29 49.31 -72.79
C GLY U 153 81.40 48.47 -71.53
N GLU U 154 81.01 49.02 -70.39
CA GLU U 154 81.08 48.31 -69.12
C GLU U 154 79.70 48.16 -68.49
N ILE U 155 78.73 47.67 -69.24
CA ILE U 155 77.34 47.80 -68.84
C ILE U 155 76.79 46.50 -68.29
N ILE U 156 75.76 46.62 -67.47
CA ILE U 156 74.90 45.51 -67.05
C ILE U 156 73.46 46.00 -67.15
N ALA U 157 72.57 45.18 -67.70
CA ALA U 157 71.26 45.64 -68.09
C ALA U 157 70.16 44.99 -67.28
N ILE U 158 69.05 45.71 -67.12
CA ILE U 158 67.83 45.21 -66.49
C ILE U 158 66.75 45.14 -67.54
N ASP U 159 65.69 44.35 -67.30
CA ASP U 159 64.83 43.94 -68.40
C ASP U 159 63.50 44.69 -68.43
N LEU U 160 62.86 44.89 -67.29
CA LEU U 160 61.73 45.81 -67.17
C LEU U 160 60.62 45.52 -68.16
N LYS U 161 59.96 44.37 -67.99
CA LYS U 161 58.80 44.10 -68.82
C LYS U 161 57.63 45.02 -68.47
N GLU U 162 56.55 44.87 -69.24
CA GLU U 162 55.39 45.75 -69.17
C GLU U 162 54.17 44.98 -68.69
N ILE U 163 53.47 45.52 -67.71
CA ILE U 163 52.38 44.82 -67.04
C ILE U 163 51.17 45.74 -66.92
N THR U 164 50.05 45.32 -67.51
CA THR U 164 48.75 45.97 -67.35
C THR U 164 47.68 44.90 -67.45
N ALA U 165 46.44 45.31 -67.25
CA ALA U 165 45.35 44.34 -67.30
C ALA U 165 45.19 43.75 -68.69
N LYS U 166 45.42 44.56 -69.72
CA LYS U 166 45.26 44.07 -71.09
C LYS U 166 46.38 43.11 -71.46
N THR U 167 47.60 43.39 -71.02
CA THR U 167 48.73 42.54 -71.35
C THR U 167 48.58 41.15 -70.74
N LEU U 168 48.05 41.06 -69.53
CA LEU U 168 47.85 39.78 -68.87
C LEU U 168 46.76 38.94 -69.52
N GLY U 169 45.98 39.50 -70.43
CA GLY U 169 44.89 38.75 -71.00
C GLY U 169 43.64 38.71 -70.18
N LEU U 170 43.44 39.66 -69.28
CA LEU U 170 42.25 39.74 -68.46
C LEU U 170 41.29 40.83 -68.90
N ASP U 171 41.38 41.29 -70.14
CA ASP U 171 40.46 42.33 -70.59
C ASP U 171 39.07 41.75 -70.79
N GLY U 172 38.06 42.47 -70.32
CA GLY U 172 36.69 41.98 -70.47
C GLY U 172 36.43 40.66 -69.79
N PHE U 173 36.97 40.49 -68.59
CA PHE U 173 36.82 39.26 -67.81
C PHE U 173 35.64 39.41 -66.88
N ASN U 174 34.71 38.46 -66.93
CA ASN U 174 33.51 38.63 -66.13
C ASN U 174 32.82 37.30 -65.89
N VAL U 175 31.90 37.32 -64.94
CA VAL U 175 30.90 36.28 -64.74
C VAL U 175 29.54 36.96 -64.71
N SER U 176 28.48 36.16 -64.75
CA SER U 176 27.07 36.55 -64.71
C SER U 176 26.53 37.02 -66.06
N GLY U 177 27.34 37.08 -67.10
CA GLY U 177 26.84 37.34 -68.42
C GLY U 177 26.38 38.76 -68.62
N PRO U 178 25.67 39.01 -69.73
CA PRO U 178 25.23 40.38 -70.02
C PRO U 178 24.21 40.85 -69.02
N LYS U 179 24.20 42.16 -68.76
CA LYS U 179 23.20 42.69 -67.84
C LYS U 179 21.88 43.01 -68.53
N GLY U 180 21.89 43.85 -69.57
CA GLY U 180 20.65 44.23 -70.23
C GLY U 180 20.67 43.77 -71.68
N THR U 181 19.64 44.17 -72.42
CA THR U 181 19.59 43.85 -73.83
C THR U 181 20.67 44.64 -74.57
N PRO U 182 21.60 43.97 -75.23
CA PRO U 182 22.74 44.67 -75.81
C PRO U 182 22.35 45.53 -77.01
N ALA U 183 23.28 46.40 -77.41
CA ALA U 183 23.06 47.36 -78.48
C ALA U 183 24.30 47.46 -79.35
N ALA U 184 24.18 48.23 -80.44
CA ALA U 184 25.26 48.33 -81.40
C ALA U 184 26.38 49.22 -80.88
N LEU U 185 27.53 49.13 -81.55
CA LEU U 185 28.75 49.80 -81.10
C LEU U 185 28.78 51.24 -81.59
N VAL U 186 28.90 52.18 -80.66
CA VAL U 186 29.04 53.60 -80.96
C VAL U 186 30.50 53.87 -81.27
N ALA U 187 30.80 55.04 -81.85
CA ALA U 187 32.16 55.37 -82.24
C ALA U 187 33.08 55.55 -81.04
N ALA U 188 32.53 55.83 -79.87
CA ALA U 188 33.37 56.10 -78.71
C ALA U 188 34.15 54.87 -78.27
N ASP U 189 33.51 53.69 -78.32
CA ASP U 189 34.12 52.49 -77.74
C ASP U 189 35.36 52.06 -78.52
N TYR U 190 35.38 52.33 -79.82
CA TYR U 190 36.55 51.97 -80.61
C TYR U 190 37.79 52.67 -80.08
N GLN U 191 37.65 53.95 -79.74
CA GLN U 191 38.79 54.68 -79.17
C GLN U 191 39.20 54.09 -77.84
N ALA U 192 38.23 53.74 -77.00
CA ALA U 192 38.56 53.24 -75.67
C ALA U 192 39.29 51.91 -75.75
N ALA U 193 38.92 51.07 -76.70
CA ALA U 193 39.54 49.75 -76.79
C ALA U 193 40.87 49.80 -77.53
N TYR U 194 41.04 50.74 -78.47
CA TYR U 194 42.21 50.72 -79.32
C TYR U 194 43.02 52.02 -79.34
N GLY U 195 42.60 53.04 -78.60
CA GLY U 195 43.37 54.26 -78.56
C GLY U 195 42.65 55.41 -79.24
N THR U 196 43.09 56.63 -78.91
CA THR U 196 42.36 57.82 -79.33
C THR U 196 42.46 58.06 -80.82
N THR U 197 43.56 57.64 -81.45
CA THR U 197 43.74 57.81 -82.87
C THR U 197 43.44 56.54 -83.65
N THR U 198 42.45 55.78 -83.22
CA THR U 198 42.15 54.52 -83.88
C THR U 198 41.52 54.75 -85.23
N ASN U 199 41.66 53.75 -86.11
CA ASN U 199 41.12 53.83 -87.46
C ASN U 199 40.04 52.79 -87.72
N VAL U 200 39.86 51.81 -86.83
CA VAL U 200 38.88 50.76 -87.05
C VAL U 200 37.49 51.37 -86.99
N THR U 201 36.57 50.84 -87.81
CA THR U 201 35.20 51.35 -87.85
C THR U 201 34.12 50.28 -87.82
N THR U 202 34.44 49.02 -88.10
CA THR U 202 33.42 47.99 -88.15
C THR U 202 34.00 46.67 -87.67
N THR U 203 33.11 45.78 -87.26
CA THR U 203 33.48 44.50 -86.68
C THR U 203 32.80 43.36 -87.43
N ALA U 204 33.51 42.25 -87.61
CA ALA U 204 33.01 41.10 -88.33
C ALA U 204 33.44 39.83 -87.64
N VAL U 205 32.49 38.94 -87.35
CA VAL U 205 32.75 37.74 -86.57
C VAL U 205 32.30 36.51 -87.34
N THR U 206 33.20 35.54 -87.48
CA THR U 206 32.96 34.31 -88.21
C THR U 206 33.75 33.18 -87.57
N GLU U 207 33.11 32.04 -87.35
CA GLU U 207 33.82 30.94 -86.73
C GLU U 207 34.81 30.33 -87.73
N SER U 208 35.81 29.63 -87.19
CA SER U 208 36.93 29.21 -88.00
C SER U 208 36.56 28.08 -88.94
N SER U 209 36.20 26.92 -88.39
CA SER U 209 35.90 25.75 -89.20
C SER U 209 34.40 25.64 -89.37
N ALA U 210 33.98 25.10 -90.51
CA ALA U 210 32.57 25.05 -90.86
C ALA U 210 31.79 24.26 -89.82
N ASN U 211 30.69 24.87 -89.35
CA ASN U 211 29.65 24.23 -88.52
C ASN U 211 30.22 23.23 -87.53
N ALA U 212 31.34 23.58 -86.90
CA ALA U 212 31.93 22.71 -85.90
C ALA U 212 31.05 22.60 -84.67
N LEU U 213 30.46 23.72 -84.25
CA LEU U 213 29.60 23.70 -83.07
C LEU U 213 28.42 22.78 -83.26
N ALA U 214 27.77 22.85 -84.42
CA ALA U 214 26.58 22.03 -84.64
C ALA U 214 26.91 20.56 -84.63
N GLY U 215 28.03 20.17 -85.21
CA GLY U 215 28.44 18.77 -85.15
C GLY U 215 28.80 18.34 -83.76
N ARG U 216 29.59 19.16 -83.04
CA ARG U 216 30.02 18.80 -81.70
C ARG U 216 28.83 18.66 -80.77
N LEU U 217 27.78 19.43 -81.01
CA LEU U 217 26.59 19.41 -80.20
C LEU U 217 25.58 18.36 -80.67
N GLY U 218 25.89 17.66 -81.75
CA GLY U 218 25.10 16.51 -82.18
C GLY U 218 23.67 16.77 -82.62
N VAL U 219 23.42 17.76 -83.46
CA VAL U 219 22.08 18.05 -83.97
C VAL U 219 22.16 18.31 -85.47
N ALA U 220 21.00 18.69 -86.01
CA ALA U 220 20.89 18.97 -87.43
C ALA U 220 21.79 20.12 -87.82
N ASN U 221 22.30 20.06 -89.06
CA ASN U 221 23.34 20.99 -89.48
C ASN U 221 22.84 22.43 -89.48
N GLY U 222 21.60 22.66 -89.88
CA GLY U 222 21.11 24.01 -90.04
C GLY U 222 20.40 24.59 -88.83
N SER U 223 20.49 23.93 -87.67
CA SER U 223 19.74 24.41 -86.51
C SER U 223 20.42 25.58 -85.83
N VAL U 224 21.71 25.78 -86.10
CA VAL U 224 22.49 26.84 -85.48
C VAL U 224 22.68 27.96 -86.49
N ALA U 225 22.78 29.19 -86.01
CA ALA U 225 22.97 30.34 -86.87
C ALA U 225 23.79 31.40 -86.14
N LEU U 226 24.87 31.84 -86.77
CA LEU U 226 25.83 32.75 -86.15
C LEU U 226 25.62 34.16 -86.68
N ALA U 227 25.55 35.13 -85.76
CA ALA U 227 25.38 36.52 -86.15
C ALA U 227 26.60 37.02 -86.88
N ALA U 228 26.49 38.23 -87.46
CA ALA U 228 27.56 38.73 -88.31
C ALA U 228 28.38 39.80 -87.61
N THR U 229 27.76 40.58 -86.73
CA THR U 229 28.42 41.72 -86.11
C THR U 229 28.35 41.63 -84.60
N ALA U 230 29.39 42.11 -83.95
CA ALA U 230 29.43 42.14 -82.49
C ALA U 230 28.41 43.13 -81.94
N GLU U 231 28.35 43.23 -80.62
CA GLU U 231 27.33 44.01 -79.96
C GLU U 231 27.68 44.10 -78.48
N LYS U 232 27.28 45.19 -77.83
CA LYS U 232 27.74 45.47 -76.48
C LYS U 232 26.57 45.67 -75.54
N ASP U 233 26.79 45.34 -74.27
CA ASP U 233 25.84 45.61 -73.20
C ASP U 233 26.15 46.96 -72.56
N ASP U 234 25.57 47.19 -71.38
CA ASP U 234 25.60 48.54 -70.81
C ASP U 234 26.84 48.76 -69.95
N ASN U 235 27.56 47.71 -69.59
CA ASN U 235 28.79 47.85 -68.82
C ASN U 235 30.02 48.03 -69.70
N GLY U 236 29.92 47.74 -70.99
CA GLY U 236 31.06 47.80 -71.86
C GLY U 236 31.70 46.46 -72.20
N ASN U 237 30.94 45.37 -72.12
CA ASN U 237 31.46 44.05 -72.45
C ASN U 237 30.84 43.58 -73.75
N TRP U 238 31.68 43.08 -74.66
CA TRP U 238 31.25 42.81 -76.02
C TRP U 238 30.78 41.37 -76.15
N TYR U 239 29.65 41.18 -76.82
CA TYR U 239 29.01 39.86 -76.88
C TYR U 239 28.71 39.47 -78.32
N ALA U 240 28.74 38.16 -78.56
CA ALA U 240 28.43 37.58 -79.87
C ALA U 240 27.24 36.64 -79.74
N THR U 241 26.39 36.64 -80.75
CA THR U 241 25.07 36.03 -80.65
C THR U 241 24.98 34.77 -81.51
N VAL U 242 24.40 33.71 -80.95
CA VAL U 242 23.97 32.56 -81.72
C VAL U 242 22.53 32.27 -81.38
N THR U 243 21.77 31.76 -82.35
CA THR U 243 20.39 31.36 -82.15
C THR U 243 20.23 29.90 -82.51
N ILE U 244 19.38 29.19 -81.78
CA ILE U 244 19.19 27.76 -81.95
C ILE U 244 17.70 27.49 -82.10
N THR U 245 17.35 26.62 -83.04
CA THR U 245 15.96 26.23 -83.29
C THR U 245 15.89 24.73 -83.54
N ALA U 246 15.22 24.02 -82.64
CA ALA U 246 15.10 22.57 -82.77
C ALA U 246 14.22 22.22 -83.96
N GLY U 247 14.53 21.10 -84.61
CA GLY U 247 13.71 20.68 -85.73
C GLY U 247 12.70 19.61 -85.37
N SER U 248 13.14 18.57 -84.68
CA SER U 248 12.30 17.38 -84.48
C SER U 248 12.02 17.20 -83.01
N ALA U 249 11.30 16.12 -82.70
CA ALA U 249 10.99 15.81 -81.31
C ALA U 249 12.14 15.06 -80.64
N THR U 250 12.92 14.31 -81.42
CA THR U 250 14.03 13.57 -80.84
C THR U 250 15.13 14.50 -80.33
N GLU U 251 15.56 15.43 -81.18
CA GLU U 251 16.79 16.16 -80.89
C GLU U 251 16.62 17.20 -79.80
N VAL U 252 15.39 17.56 -79.42
CA VAL U 252 15.23 18.39 -78.23
C VAL U 252 15.71 17.64 -77.01
N SER U 253 15.58 16.30 -77.02
CA SER U 253 16.08 15.51 -75.90
C SER U 253 17.59 15.56 -75.81
N THR U 254 18.28 15.45 -76.95
CA THR U 254 19.73 15.59 -76.94
C THR U 254 20.14 16.99 -76.49
N LEU U 255 19.43 18.01 -76.95
CA LEU U 255 19.72 19.37 -76.49
C LEU U 255 19.57 19.46 -74.99
N LYS U 256 18.53 18.84 -74.43
CA LYS U 256 18.36 18.85 -72.98
C LYS U 256 19.51 18.15 -72.29
N ALA U 257 19.95 17.02 -72.84
CA ALA U 257 21.04 16.27 -72.21
C ALA U 257 22.34 17.06 -72.20
N LYS U 258 22.62 17.77 -73.30
CA LYS U 258 23.82 18.60 -73.32
C LYS U 258 23.68 19.80 -72.40
N GLY U 259 22.44 20.18 -72.09
CA GLY U 259 22.18 21.20 -71.10
C GLY U 259 21.57 22.49 -71.62
N PHE U 260 20.79 22.49 -72.69
CA PHE U 260 20.34 23.78 -73.23
C PHE U 260 18.90 24.10 -72.87
N GLU U 261 18.01 23.12 -72.90
CA GLU U 261 16.61 23.33 -72.49
C GLU U 261 15.93 24.38 -73.36
N VAL U 262 15.72 24.04 -74.63
CA VAL U 262 15.04 24.92 -75.56
C VAL U 262 13.67 24.34 -75.87
N GLU U 263 12.72 25.22 -76.16
CA GLU U 263 11.39 24.81 -76.59
C GLU U 263 11.46 24.24 -78.00
N ASN U 264 10.44 23.48 -78.38
CA ASN U 264 10.37 22.84 -79.69
C ASN U 264 9.80 23.81 -80.70
N GLY U 265 10.50 23.96 -81.82
CA GLY U 265 9.99 24.75 -82.92
C GLY U 265 10.03 26.25 -82.72
N VAL U 266 10.65 26.73 -81.64
CA VAL U 266 10.69 28.14 -81.31
C VAL U 266 12.14 28.60 -81.26
N ALA U 267 12.43 29.70 -81.93
CA ALA U 267 13.80 30.22 -81.93
C ALA U 267 14.16 30.76 -80.55
N LYS U 268 15.42 30.57 -80.19
CA LYS U 268 15.97 31.12 -78.95
C LYS U 268 17.46 31.32 -79.16
N GLU U 269 18.01 32.31 -78.48
CA GLU U 269 19.39 32.72 -78.73
C GLU U 269 20.16 32.82 -77.43
N PHE U 270 21.45 32.57 -77.52
CA PHE U 270 22.35 32.71 -76.39
C PHE U 270 23.48 33.65 -76.77
N TYR U 271 24.46 33.79 -75.89
CA TYR U 271 25.54 34.74 -76.08
C TYR U 271 26.89 34.12 -75.77
N ILE U 272 27.93 34.71 -76.35
CA ILE U 272 29.31 34.32 -76.10
C ILE U 272 30.13 35.59 -75.92
N ALA U 273 30.96 35.63 -74.89
CA ALA U 273 31.72 36.83 -74.61
C ALA U 273 32.98 36.90 -75.46
N LEU U 274 33.51 38.12 -75.61
CA LEU U 274 34.63 38.40 -76.50
C LEU U 274 35.73 39.14 -75.77
N ASP U 275 36.97 38.93 -76.23
CA ASP U 275 38.15 39.58 -75.69
C ASP U 275 38.70 40.57 -76.70
N PRO U 276 38.58 41.88 -76.47
CA PRO U 276 38.92 42.86 -77.51
C PRO U 276 40.33 42.70 -78.07
N GLN U 277 41.31 42.39 -77.24
CA GLN U 277 42.68 42.34 -77.70
C GLN U 277 42.94 41.11 -78.55
N SER U 278 42.05 40.12 -78.48
CA SER U 278 42.32 38.86 -79.15
C SER U 278 42.10 38.97 -80.66
N ALA U 279 41.32 39.95 -81.09
CA ALA U 279 41.00 40.07 -82.51
C ALA U 279 42.17 40.64 -83.29
N ASP U 280 42.30 40.21 -84.54
CA ASP U 280 43.35 40.71 -85.42
C ASP U 280 42.82 41.87 -86.25
N VAL U 281 43.65 42.88 -86.42
CA VAL U 281 43.24 44.13 -87.06
C VAL U 281 44.07 44.46 -88.29
N THR U 282 45.21 43.79 -88.49
CA THR U 282 46.16 44.25 -89.50
C THR U 282 45.81 43.71 -90.88
N THR U 283 45.01 42.66 -90.96
CA THR U 283 44.74 42.03 -92.26
C THR U 283 43.97 42.96 -93.18
N THR U 284 43.00 43.70 -92.65
CA THR U 284 42.13 44.55 -93.44
C THR U 284 41.97 45.88 -92.72
N ALA U 285 42.09 46.97 -93.46
CA ALA U 285 42.04 48.29 -92.83
C ALA U 285 40.65 48.57 -92.27
N GLY U 286 40.63 49.07 -91.04
CA GLY U 286 39.40 49.57 -90.45
C GLY U 286 38.41 48.53 -89.98
N THR U 287 38.77 47.25 -90.02
CA THR U 287 37.86 46.18 -89.64
C THR U 287 38.52 45.30 -88.59
N ALA U 288 37.78 45.01 -87.53
CA ALA U 288 38.24 44.10 -86.47
C ALA U 288 37.58 42.75 -86.71
N ALA U 289 38.39 41.73 -86.96
CA ALA U 289 37.90 40.41 -87.32
C ALA U 289 38.22 39.42 -86.21
N PHE U 290 37.21 38.73 -85.72
CA PHE U 290 37.38 37.70 -84.70
C PHE U 290 37.26 36.34 -85.37
N ALA U 291 38.31 35.52 -85.23
CA ALA U 291 38.33 34.18 -85.78
C ALA U 291 37.85 33.22 -84.70
N LEU U 292 36.56 33.31 -84.37
CA LEU U 292 36.00 32.62 -83.21
C LEU U 292 36.20 31.12 -83.34
N ASP U 293 36.41 30.47 -82.20
CA ASP U 293 36.83 29.07 -82.16
C ASP U 293 35.87 28.27 -81.29
N THR U 294 34.91 27.59 -81.92
CA THR U 294 34.00 26.71 -81.21
C THR U 294 34.47 25.28 -81.18
N ALA U 295 35.69 24.99 -81.65
CA ALA U 295 36.17 23.62 -81.62
C ALA U 295 36.28 23.11 -80.19
N ASN U 296 36.64 23.98 -79.25
CA ASN U 296 36.73 23.60 -77.84
C ASN U 296 36.46 24.82 -76.97
N ILE U 297 35.21 24.95 -76.53
CA ILE U 297 34.79 25.98 -75.59
C ILE U 297 34.04 25.31 -74.45
N GLN U 298 34.25 25.79 -73.23
CA GLN U 298 33.47 25.30 -72.11
C GLN U 298 31.99 25.45 -72.43
N LEU U 299 31.30 24.31 -72.57
CA LEU U 299 29.91 24.35 -73.02
C LEU U 299 29.00 24.98 -71.99
N SER U 300 29.46 25.12 -70.75
CA SER U 300 28.64 25.79 -69.75
C SER U 300 28.74 27.30 -69.90
N SER U 301 29.75 27.79 -70.61
CA SER U 301 29.84 29.23 -70.82
C SER U 301 28.72 29.71 -71.73
N ILE U 302 28.43 28.96 -72.79
CA ILE U 302 27.43 29.41 -73.75
C ILE U 302 26.07 29.55 -73.08
N THR U 303 25.67 28.57 -72.27
CA THR U 303 24.36 28.66 -71.65
C THR U 303 24.30 29.78 -70.63
N SER U 304 25.45 30.34 -70.29
CA SER U 304 25.50 31.44 -69.34
C SER U 304 26.16 32.69 -69.90
N GLY U 305 27.04 32.56 -70.88
CA GLY U 305 27.67 33.70 -71.51
C GLY U 305 28.68 34.43 -70.64
N ALA U 306 29.68 33.73 -70.11
CA ALA U 306 30.67 34.34 -69.24
C ALA U 306 32.01 33.60 -69.33
N SER U 307 32.90 34.08 -70.21
CA SER U 307 34.34 33.94 -70.04
C SER U 307 34.81 32.52 -69.77
N SER U 308 34.73 31.65 -70.77
CA SER U 308 35.05 30.24 -70.59
C SER U 308 36.41 30.04 -69.92
N ASN U 309 36.44 29.10 -68.98
CA ASN U 309 37.60 28.55 -68.28
C ASN U 309 38.35 29.58 -67.46
N PRO U 310 37.68 30.33 -66.58
CA PRO U 310 38.39 31.40 -65.88
C PRO U 310 39.55 30.93 -65.03
N LEU U 311 39.39 29.78 -64.37
CA LEU U 311 40.39 29.35 -63.40
C LEU U 311 41.72 29.09 -64.09
N ALA U 312 41.70 28.45 -65.25
CA ALA U 312 42.94 28.23 -65.97
C ALA U 312 43.39 29.50 -66.66
N LYS U 313 42.53 30.51 -66.71
CA LYS U 313 42.90 31.77 -67.33
C LYS U 313 43.64 32.68 -66.37
N LEU U 314 43.51 32.44 -65.07
CA LEU U 314 44.22 33.26 -64.09
C LEU U 314 45.62 32.72 -63.81
N ASP U 315 45.82 31.41 -63.99
CA ASP U 315 47.12 30.81 -63.69
C ASP U 315 48.19 31.31 -64.63
N ALA U 316 47.83 31.57 -65.89
CA ALA U 316 48.79 32.17 -66.80
C ALA U 316 49.25 33.53 -66.26
N ALA U 317 48.33 34.32 -65.72
CA ALA U 317 48.70 35.61 -65.17
C ALA U 317 49.65 35.47 -64.00
N LEU U 318 49.36 34.51 -63.12
CA LEU U 318 50.23 34.32 -61.97
C LEU U 318 51.65 33.94 -62.42
N ALA U 319 51.76 33.05 -63.40
CA ALA U 319 53.08 32.70 -63.92
C ALA U 319 53.78 33.90 -64.56
N ASP U 320 53.02 34.74 -65.26
CA ASP U 320 53.61 35.91 -65.90
C ASP U 320 54.22 36.87 -64.89
N VAL U 321 53.56 37.05 -63.75
CA VAL U 321 54.17 37.85 -62.69
C VAL U 321 55.43 37.18 -62.15
N ASP U 322 55.34 35.87 -61.89
CA ASP U 322 56.43 35.20 -61.20
C ASP U 322 57.72 35.23 -62.01
N THR U 323 57.62 35.10 -63.33
CA THR U 323 58.83 35.08 -64.15
C THR U 323 59.64 36.37 -63.98
N LEU U 324 58.98 37.52 -64.09
CA LEU U 324 59.67 38.78 -63.94
C LEU U 324 60.25 38.93 -62.56
N ARG U 325 59.51 38.51 -61.52
CA ARG U 325 60.06 38.62 -60.17
C ARG U 325 61.36 37.84 -60.03
N SER U 326 61.40 36.63 -60.59
CA SER U 326 62.62 35.84 -60.50
C SER U 326 63.77 36.52 -61.22
N SER U 327 63.51 37.10 -62.39
CA SER U 327 64.60 37.77 -63.11
C SER U 327 65.18 38.91 -62.29
N LEU U 328 64.31 39.69 -61.63
CA LEU U 328 64.82 40.80 -60.83
C LEU U 328 65.70 40.31 -59.68
N GLY U 329 65.27 39.26 -58.99
CA GLY U 329 66.12 38.73 -57.92
C GLY U 329 67.47 38.28 -58.41
N ALA U 330 67.48 37.55 -59.53
CA ALA U 330 68.74 37.08 -60.08
C ALA U 330 69.65 38.24 -60.45
N VAL U 331 69.08 39.35 -60.90
CA VAL U 331 69.91 40.53 -61.13
C VAL U 331 70.53 41.01 -59.83
N GLN U 332 69.72 41.12 -58.78
CA GLN U 332 70.20 41.68 -57.52
C GLN U 332 71.43 40.95 -57.00
N ASN U 333 71.44 39.62 -57.14
CA ASN U 333 72.56 38.85 -56.57
C ASN U 333 73.91 39.27 -57.17
N ARG U 334 74.07 39.07 -58.47
CA ARG U 334 75.29 39.50 -59.16
C ARG U 334 75.59 40.96 -58.92
N PHE U 335 74.55 41.77 -58.88
CA PHE U 335 74.74 43.20 -58.88
C PHE U 335 75.21 43.63 -57.50
N ASP U 336 75.08 42.72 -56.53
CA ASP U 336 75.76 42.87 -55.24
C ASP U 336 77.22 42.44 -55.33
N SER U 337 77.48 41.27 -55.90
CA SER U 337 78.86 40.74 -55.88
C SER U 337 79.85 41.72 -56.52
N VAL U 338 79.37 42.50 -57.50
CA VAL U 338 80.23 43.50 -58.12
C VAL U 338 80.84 44.43 -57.08
N ILE U 339 80.02 44.89 -56.13
CA ILE U 339 80.50 45.85 -55.14
C ILE U 339 81.65 45.26 -54.33
N SER U 340 81.51 44.01 -53.90
CA SER U 340 82.56 43.43 -53.08
C SER U 340 83.87 43.36 -53.84
N ASN U 341 83.84 42.88 -55.07
CA ASN U 341 85.11 42.83 -55.81
C ASN U 341 85.70 44.22 -55.98
N LEU U 342 84.84 45.17 -56.27
CA LEU U 342 85.30 46.51 -56.61
C LEU U 342 85.87 47.20 -55.37
N GLY U 343 85.49 46.71 -54.19
CA GLY U 343 86.07 47.24 -52.96
C GLY U 343 87.52 46.83 -52.75
N THR U 344 87.83 45.56 -52.97
CA THR U 344 89.20 45.07 -52.75
C THR U 344 90.15 45.66 -53.78
N THR U 345 89.70 45.82 -55.02
CA THR U 345 90.60 46.38 -56.03
C THR U 345 91.17 47.73 -55.59
N VAL U 346 90.32 48.57 -55.01
CA VAL U 346 90.74 49.93 -54.64
C VAL U 346 91.81 49.88 -53.57
N THR U 347 91.64 49.03 -52.56
CA THR U 347 92.65 48.91 -51.52
C THR U 347 94.00 48.54 -52.11
N ASN U 348 94.02 47.51 -52.96
CA ASN U 348 95.32 47.06 -53.47
C ASN U 348 95.97 48.16 -54.31
N LEU U 349 95.19 48.87 -55.11
CA LEU U 349 95.79 49.94 -55.91
C LEU U 349 96.32 51.06 -55.01
N SER U 350 95.60 51.39 -53.94
CA SER U 350 96.07 52.43 -53.03
C SER U 350 97.43 52.07 -52.47
N ALA U 351 97.57 50.84 -51.98
CA ALA U 351 98.84 50.43 -51.41
C ALA U 351 99.95 50.50 -52.44
N SER U 352 99.71 49.96 -53.63
CA SER U 352 100.79 49.86 -54.60
C SER U 352 101.12 51.21 -55.20
N ARG U 353 100.23 52.19 -55.06
CA ARG U 353 100.61 53.56 -55.42
C ARG U 353 101.45 54.21 -54.33
N SER U 354 101.07 54.00 -53.07
CA SER U 354 101.81 54.65 -51.99
C SER U 354 103.20 54.06 -51.84
N ARG U 355 103.45 52.88 -52.41
CA ARG U 355 104.80 52.34 -52.36
C ARG U 355 105.76 53.11 -53.26
N ILE U 356 105.25 53.94 -54.17
CA ILE U 356 106.11 54.52 -55.19
C ILE U 356 106.45 55.97 -54.86
N GLN U 357 105.49 56.74 -54.37
CA GLN U 357 105.67 58.18 -54.23
C GLN U 357 105.72 58.69 -52.80
N ASP U 358 106.05 57.87 -51.81
CA ASP U 358 105.96 58.32 -50.43
C ASP U 358 107.34 58.46 -49.79
N ALA U 359 107.37 59.16 -48.66
CA ALA U 359 108.63 59.42 -47.96
C ALA U 359 108.88 58.35 -46.91
N ASP U 360 110.07 58.40 -46.30
CA ASP U 360 110.39 57.40 -45.30
C ASP U 360 110.39 57.98 -43.89
N TYR U 361 110.70 59.27 -43.76
CA TYR U 361 110.67 59.96 -42.47
C TYR U 361 111.66 59.38 -41.48
N ALA U 362 112.44 58.39 -41.88
CA ALA U 362 113.51 57.87 -41.07
C ALA U 362 114.87 58.13 -41.68
N THR U 363 114.97 58.03 -43.01
CA THR U 363 116.22 58.41 -43.66
C THR U 363 116.33 59.93 -43.76
N GLU U 364 115.20 60.62 -43.88
CA GLU U 364 115.24 62.05 -44.11
C GLU U 364 115.78 62.79 -42.88
N VAL U 365 115.31 62.44 -41.70
CA VAL U 365 115.78 63.11 -40.49
C VAL U 365 117.28 62.91 -40.33
N SER U 366 117.75 61.69 -40.53
CA SER U 366 119.17 61.41 -40.39
C SER U 366 119.99 62.20 -41.40
N ASN U 367 119.57 62.23 -42.66
CA ASN U 367 120.30 62.98 -43.66
C ASN U 367 120.32 64.47 -43.35
N MET U 368 119.20 65.00 -42.88
CA MET U 368 119.15 66.40 -42.50
C MET U 368 120.13 66.69 -41.39
N THR U 369 120.17 65.82 -40.38
CA THR U 369 121.07 66.04 -39.26
C THR U 369 122.52 66.03 -39.72
N ARG U 370 122.89 65.07 -40.56
CA ARG U 370 124.26 64.98 -41.04
C ARG U 370 124.65 66.21 -41.86
N ALA U 371 123.74 66.68 -42.71
CA ALA U 371 124.05 67.85 -43.52
C ALA U 371 124.22 69.10 -42.66
N GLN U 372 123.42 69.24 -41.61
CA GLN U 372 123.57 70.40 -40.74
C GLN U 372 124.95 70.45 -40.09
N ILE U 373 125.43 69.30 -39.63
CA ILE U 373 126.77 69.24 -39.05
C ILE U 373 127.82 69.63 -40.08
N LEU U 374 127.69 69.11 -41.29
CA LEU U 374 128.68 69.45 -42.32
C LEU U 374 128.69 70.95 -42.61
N GLN U 375 127.50 71.55 -42.71
CA GLN U 375 127.41 72.99 -42.92
C GLN U 375 128.12 73.75 -41.82
N GLN U 376 127.80 73.43 -40.56
CA GLN U 376 128.35 74.22 -39.48
C GLN U 376 129.84 73.97 -39.30
N ALA U 377 130.33 72.81 -39.76
CA ALA U 377 131.75 72.52 -39.65
C ALA U 377 132.55 73.17 -40.77
N GLY U 378 131.89 73.49 -41.87
CA GLY U 378 132.60 74.17 -42.96
C GLY U 378 133.04 75.58 -42.59
N THR U 379 132.16 76.35 -41.93
CA THR U 379 132.42 77.78 -41.75
C THR U 379 133.61 78.03 -40.85
N SER U 380 133.80 77.18 -39.84
CA SER U 380 134.93 77.36 -38.93
C SER U 380 136.24 77.23 -39.68
N VAL U 381 136.35 76.20 -40.51
CA VAL U 381 137.55 76.03 -41.32
C VAL U 381 137.70 77.20 -42.28
N LEU U 382 136.58 77.71 -42.79
CA LEU U 382 136.65 78.87 -43.68
C LEU U 382 137.26 80.06 -42.97
N ALA U 383 136.78 80.35 -41.76
CA ALA U 383 137.30 81.50 -41.01
C ALA U 383 138.75 81.30 -40.65
N GLN U 384 139.16 80.05 -40.44
CA GLN U 384 140.57 79.77 -40.23
C GLN U 384 141.39 80.07 -41.49
N ALA U 385 140.83 79.77 -42.66
CA ALA U 385 141.60 79.87 -43.89
C ALA U 385 142.00 81.30 -44.20
N ASN U 386 141.18 82.27 -43.78
CA ASN U 386 141.48 83.66 -44.12
C ASN U 386 142.76 84.14 -43.44
N GLN U 387 143.03 83.67 -42.23
CA GLN U 387 144.06 84.29 -41.42
C GLN U 387 145.45 83.82 -41.78
N THR U 388 145.57 82.90 -42.75
CA THR U 388 146.88 82.36 -43.07
C THR U 388 147.82 83.41 -43.66
N THR U 389 147.31 84.57 -44.05
CA THR U 389 148.17 85.59 -44.64
C THR U 389 148.61 86.63 -43.60
N GLN U 390 147.95 86.66 -42.44
CA GLN U 390 148.35 87.61 -41.40
C GLN U 390 149.81 87.43 -41.01
N ASN U 391 150.30 86.20 -41.07
CA ASN U 391 151.68 85.92 -40.67
C ASN U 391 152.67 86.61 -41.61
N VAL U 392 152.32 86.71 -42.89
CA VAL U 392 153.22 87.32 -43.86
C VAL U 392 153.44 88.79 -43.53
N LEU U 393 152.37 89.49 -43.14
CA LEU U 393 152.49 90.90 -42.78
C LEU U 393 153.49 91.10 -41.64
N SER U 394 153.62 90.12 -40.75
CA SER U 394 154.50 90.27 -39.60
C SER U 394 155.95 90.43 -40.02
N LEU U 395 156.30 90.02 -41.24
CA LEU U 395 157.67 90.16 -41.70
C LEU U 395 158.10 91.61 -41.72
N LEU U 396 157.21 92.49 -42.16
CA LEU U 396 157.50 93.93 -42.19
C LEU U 396 157.25 94.55 -40.82
N ALA V 2 203.61 109.43 -58.10
CA ALA V 2 202.59 109.47 -59.13
C ALA V 2 201.31 110.10 -58.59
N GLN V 3 201.45 110.85 -57.50
CA GLN V 3 200.33 111.53 -56.86
C GLN V 3 199.93 112.72 -57.73
N VAL V 4 198.78 112.62 -58.37
CA VAL V 4 198.29 113.65 -59.29
C VAL V 4 197.10 114.33 -58.65
N ILE V 5 197.10 115.66 -58.65
CA ILE V 5 196.11 116.41 -57.90
C ILE V 5 194.77 116.44 -58.63
N ASN V 6 194.79 116.69 -59.94
CA ASN V 6 193.56 117.05 -60.64
C ASN V 6 192.54 115.92 -60.69
N THR V 7 192.97 114.73 -61.12
CA THR V 7 192.03 113.65 -61.43
C THR V 7 191.97 112.65 -60.28
N ASN V 8 190.76 112.41 -59.78
CA ASN V 8 190.50 111.39 -58.77
C ASN V 8 189.77 110.23 -59.43
N SER V 9 190.55 109.25 -59.89
CA SER V 9 190.01 108.17 -60.70
C SER V 9 189.14 107.21 -59.89
N LEU V 10 189.49 106.98 -58.63
CA LEU V 10 188.73 106.05 -57.81
C LEU V 10 187.29 106.54 -57.60
N SER V 11 187.10 107.86 -57.55
CA SER V 11 185.79 108.42 -57.22
C SER V 11 184.75 108.01 -58.27
N LEU V 12 185.15 107.99 -59.55
CA LEU V 12 184.22 107.57 -60.60
C LEU V 12 183.81 106.11 -60.43
N MET V 13 184.79 105.24 -60.21
CA MET V 13 184.50 103.82 -60.04
C MET V 13 183.58 103.59 -58.85
N THR V 14 183.82 104.31 -57.76
CA THR V 14 182.94 104.18 -56.60
C THR V 14 181.55 104.69 -56.90
N GLN V 15 181.43 105.82 -57.61
CA GLN V 15 180.11 106.37 -57.90
C GLN V 15 179.29 105.43 -58.79
N ASN V 16 179.97 104.71 -59.69
CA ASN V 16 179.24 103.83 -60.60
C ASN V 16 178.49 102.72 -59.85
N ASN V 17 179.12 102.17 -58.80
CA ASN V 17 178.50 101.07 -58.08
C ASN V 17 177.29 101.52 -57.29
N LEU V 18 177.28 102.78 -56.83
CA LEU V 18 176.07 103.32 -56.21
C LEU V 18 174.90 103.30 -57.19
N ASN V 19 175.16 103.71 -58.44
CA ASN V 19 174.15 103.64 -59.49
C ASN V 19 173.71 102.21 -59.73
N THR V 20 174.64 101.26 -59.73
CA THR V 20 174.26 99.86 -59.93
C THR V 20 173.33 99.39 -58.81
N SER V 21 173.66 99.71 -57.57
CA SER V 21 172.83 99.31 -56.44
C SER V 21 171.45 99.95 -56.45
N GLN V 22 171.34 101.18 -56.97
CA GLN V 22 170.04 101.82 -57.10
C GLN V 22 169.04 100.95 -57.87
N SER V 23 169.46 100.27 -58.93
CA SER V 23 168.55 99.44 -59.72
C SER V 23 167.94 98.32 -58.89
N ALA V 24 168.76 97.59 -58.13
CA ALA V 24 168.24 96.52 -57.30
C ALA V 24 167.29 97.06 -56.23
N LEU V 25 167.68 98.17 -55.58
CA LEU V 25 166.81 98.75 -54.57
C LEU V 25 165.48 99.17 -55.19
N ASN V 26 165.54 99.78 -56.38
CA ASN V 26 164.32 100.24 -57.04
C ASN V 26 163.42 99.08 -57.41
N THR V 27 163.99 98.01 -57.95
CA THR V 27 163.16 96.86 -58.34
C THR V 27 162.48 96.26 -57.11
N ALA V 28 163.24 96.10 -56.02
CA ALA V 28 162.65 95.51 -54.82
C ALA V 28 161.52 96.37 -54.28
N ILE V 29 161.73 97.68 -54.21
CA ILE V 29 160.71 98.55 -53.65
C ILE V 29 159.48 98.56 -54.54
N GLN V 30 159.68 98.49 -55.86
CA GLN V 30 158.54 98.41 -56.78
C GLN V 30 157.73 97.14 -56.54
N ARG V 31 158.40 96.00 -56.49
CA ARG V 31 157.68 94.74 -56.34
C ARG V 31 156.91 94.70 -55.02
N LEU V 32 157.54 95.15 -53.93
CA LEU V 32 156.81 95.17 -52.67
C LEU V 32 155.70 96.20 -52.68
N SER V 33 155.82 97.24 -53.51
CA SER V 33 154.78 98.25 -53.59
C SER V 33 153.53 97.70 -54.26
N SER V 34 153.71 97.02 -55.40
CA SER V 34 152.53 96.61 -56.17
C SER V 34 151.91 95.34 -55.61
N GLY V 35 152.72 94.32 -55.37
CA GLY V 35 152.23 92.99 -55.06
C GLY V 35 152.32 92.01 -56.21
N LEU V 36 152.66 92.48 -57.41
CA LEU V 36 152.80 91.65 -58.58
C LEU V 36 154.26 91.59 -58.98
N ARG V 37 154.70 90.45 -59.48
CA ARG V 37 156.07 90.36 -59.95
C ARG V 37 156.23 90.87 -61.37
N ILE V 38 155.13 91.06 -62.09
CA ILE V 38 155.18 91.63 -63.44
C ILE V 38 154.34 92.89 -63.48
N ASN V 39 154.99 94.04 -63.22
CA ASN V 39 154.31 95.32 -63.33
C ASN V 39 154.43 95.95 -64.70
N SER V 40 155.31 95.43 -65.55
CA SER V 40 155.48 95.96 -66.90
C SER V 40 156.08 94.87 -67.77
N ALA V 41 156.03 95.09 -69.08
CA ALA V 41 156.60 94.12 -70.01
C ALA V 41 158.11 94.07 -69.90
N LYS V 42 158.72 95.00 -69.16
CA LYS V 42 160.15 94.97 -68.91
C LYS V 42 160.59 93.60 -68.39
N ASP V 43 159.90 93.11 -67.36
CA ASP V 43 160.37 91.92 -66.67
C ASP V 43 160.19 90.67 -67.53
N ASP V 44 159.09 90.59 -68.26
CA ASP V 44 158.82 89.45 -69.14
C ASP V 44 157.78 89.88 -70.16
N ALA V 45 157.69 89.13 -71.25
CA ALA V 45 156.65 89.41 -72.23
C ALA V 45 155.57 88.33 -72.22
N ALA V 46 155.97 87.07 -72.40
CA ALA V 46 155.00 86.00 -72.61
C ALA V 46 154.11 85.80 -71.39
N GLY V 47 154.67 85.95 -70.20
CA GLY V 47 153.87 85.80 -69.00
C GLY V 47 152.75 86.82 -68.92
N GLN V 48 153.03 88.06 -69.30
CA GLN V 48 152.00 89.08 -69.28
C GLN V 48 150.87 88.74 -70.24
N ALA V 49 151.24 88.26 -71.43
CA ALA V 49 150.23 87.87 -72.41
C ALA V 49 149.34 86.76 -71.89
N ILE V 50 149.96 85.70 -71.35
CA ILE V 50 149.16 84.55 -70.92
C ILE V 50 148.32 84.90 -69.70
N ALA V 51 148.84 85.75 -68.81
CA ALA V 51 148.04 86.21 -67.68
C ALA V 51 146.83 87.00 -68.15
N ASN V 52 147.02 87.88 -69.14
CA ASN V 52 145.90 88.62 -69.68
C ASN V 52 144.88 87.68 -70.31
N ARG V 53 145.37 86.63 -70.98
CA ARG V 53 144.46 85.66 -71.60
C ARG V 53 143.61 84.95 -70.55
N PHE V 54 144.24 84.49 -69.46
CA PHE V 54 143.46 83.84 -68.40
C PHE V 54 142.45 84.80 -67.78
N THR V 55 142.88 86.04 -67.55
CA THR V 55 141.98 87.03 -66.98
C THR V 55 140.78 87.24 -67.88
N ALA V 56 141.00 87.24 -69.18
CA ALA V 56 139.89 87.31 -70.13
C ALA V 56 139.00 86.08 -69.99
N ASN V 57 139.60 84.90 -69.86
CA ASN V 57 138.84 83.66 -69.96
C ASN V 57 137.89 83.48 -68.79
N ILE V 58 138.28 83.93 -67.60
CA ILE V 58 137.50 83.64 -66.38
C ILE V 58 136.10 84.26 -66.35
N LYS V 59 136.00 85.53 -66.73
CA LYS V 59 134.76 86.26 -66.55
C LYS V 59 133.64 85.69 -67.42
N GLY V 60 134.02 85.14 -68.58
CA GLY V 60 133.04 84.44 -69.39
C GLY V 60 132.41 83.28 -68.66
N LEU V 61 133.21 82.50 -67.94
CA LEU V 61 132.67 81.37 -67.19
C LEU V 61 131.73 81.86 -66.11
N THR V 62 132.09 82.96 -65.44
CA THR V 62 131.16 83.54 -64.46
C THR V 62 129.80 83.85 -65.10
N GLN V 63 129.84 84.52 -66.24
CA GLN V 63 128.58 84.86 -66.91
C GLN V 63 127.83 83.61 -67.34
N ALA V 64 128.54 82.57 -67.72
CA ALA V 64 127.87 81.33 -68.11
C ALA V 64 127.11 80.74 -66.93
N GLN V 65 127.69 80.79 -65.74
CA GLN V 65 126.98 80.31 -64.55
C GLN V 65 125.69 81.10 -64.35
N ARG V 66 125.76 82.43 -64.49
CA ARG V 66 124.55 83.23 -64.36
C ARG V 66 123.48 82.79 -65.35
N ASN V 67 123.88 82.58 -66.60
CA ASN V 67 122.91 82.21 -67.63
C ASN V 67 122.23 80.90 -67.29
N ALA V 68 122.99 79.92 -66.81
CA ALA V 68 122.41 78.64 -66.43
C ALA V 68 121.35 78.84 -65.34
N ASN V 69 121.65 79.69 -64.36
CA ASN V 69 120.64 79.98 -63.35
C ASN V 69 119.33 80.44 -63.99
N ASP V 70 119.43 81.35 -64.96
CA ASP V 70 118.21 81.86 -65.59
C ASP V 70 117.41 80.75 -66.26
N GLY V 71 118.09 79.88 -67.01
CA GLY V 71 117.39 78.79 -67.66
C GLY V 71 116.65 77.90 -66.67
N ILE V 72 117.29 77.60 -65.54
CA ILE V 72 116.65 76.76 -64.54
C ILE V 72 115.38 77.43 -64.02
N SER V 73 115.43 78.73 -63.75
CA SER V 73 114.24 79.42 -63.22
C SER V 73 113.07 79.31 -64.19
N LEU V 74 113.34 79.53 -65.48
CA LEU V 74 112.28 79.43 -66.49
C LEU V 74 111.62 78.04 -66.46
N ALA V 75 112.45 76.99 -66.42
CA ALA V 75 111.90 75.64 -66.41
C ALA V 75 110.98 75.44 -65.22
N GLN V 76 111.40 75.92 -64.04
CA GLN V 76 110.57 75.74 -62.86
C GLN V 76 109.18 76.32 -63.05
N THR V 77 109.11 77.57 -63.52
CA THR V 77 107.79 78.21 -63.61
C THR V 77 106.87 77.44 -64.54
N THR V 78 107.39 77.05 -65.71
CA THR V 78 106.53 76.33 -66.66
C THR V 78 106.01 75.04 -66.06
N GLU V 79 106.86 74.31 -65.33
CA GLU V 79 106.40 73.02 -64.82
C GLU V 79 105.32 73.19 -63.76
N GLY V 80 105.40 74.24 -62.95
CA GLY V 80 104.30 74.49 -62.01
C GLY V 80 102.97 74.68 -62.71
N ALA V 81 102.96 75.49 -63.77
CA ALA V 81 101.72 75.68 -64.51
C ALA V 81 101.18 74.35 -65.01
N LEU V 82 102.07 73.52 -65.56
CA LEU V 82 101.63 72.22 -66.06
C LEU V 82 100.94 71.41 -64.97
N THR V 83 101.48 71.43 -63.75
CA THR V 83 100.87 70.67 -62.67
C THR V 83 99.41 71.05 -62.49
N GLU V 84 99.13 72.35 -62.44
CA GLU V 84 97.74 72.73 -62.21
C GLU V 84 96.83 72.24 -63.33
N VAL V 85 97.30 72.36 -64.58
CA VAL V 85 96.50 71.89 -65.70
C VAL V 85 96.15 70.41 -65.53
N ASN V 86 97.12 69.62 -65.09
CA ASN V 86 96.89 68.19 -64.88
C ASN V 86 95.78 67.95 -63.88
N ASN V 87 95.78 68.71 -62.78
CA ASN V 87 94.70 68.55 -61.81
C ASN V 87 93.33 68.74 -62.44
N ASN V 88 93.19 69.80 -63.24
CA ASN V 88 91.88 70.04 -63.84
C ASN V 88 91.45 68.87 -64.73
N LEU V 89 92.40 68.32 -65.50
CA LEU V 89 92.05 67.21 -66.39
C LEU V 89 91.56 66.00 -65.60
N GLN V 90 92.19 65.70 -64.47
CA GLN V 90 91.72 64.58 -63.64
C GLN V 90 90.27 64.79 -63.22
N ARG V 91 89.95 66.00 -62.77
CA ARG V 91 88.58 66.26 -62.34
C ARG V 91 87.59 66.06 -63.49
N ILE V 92 87.97 66.48 -64.70
CA ILE V 92 87.07 66.30 -65.84
C ILE V 92 86.80 64.83 -66.08
N ARG V 93 87.85 64.00 -66.05
CA ARG V 93 87.67 62.56 -66.22
C ARG V 93 86.66 62.01 -65.21
N GLU V 94 86.78 62.45 -63.95
CA GLU V 94 85.88 61.95 -62.92
C GLU V 94 84.42 62.31 -63.23
N LEU V 95 84.17 63.57 -63.59
CA LEU V 95 82.79 63.94 -63.93
C LEU V 95 82.29 63.16 -65.13
N SER V 96 83.17 62.86 -66.08
CA SER V 96 82.74 62.12 -67.25
C SER V 96 82.24 60.75 -66.87
N VAL V 97 82.93 60.08 -65.94
CA VAL V 97 82.40 58.79 -65.49
C VAL V 97 81.09 58.96 -64.73
N GLN V 98 80.96 60.05 -63.95
CA GLN V 98 79.67 60.38 -63.35
C GLN V 98 78.54 60.39 -64.37
N ALA V 99 78.76 61.04 -65.51
CA ALA V 99 77.66 61.41 -66.40
C ALA V 99 77.27 60.32 -67.39
N ALA V 100 77.87 59.14 -67.33
CA ALA V 100 77.63 58.11 -68.33
C ALA V 100 76.65 57.05 -67.86
N THR V 101 75.93 57.28 -66.78
CA THR V 101 75.09 56.24 -66.19
C THR V 101 73.82 56.09 -67.02
N GLY V 102 73.03 55.08 -66.69
CA GLY V 102 71.78 54.85 -67.40
C GLY V 102 70.52 55.28 -66.67
N SER V 103 70.61 55.65 -65.40
CA SER V 103 69.46 56.07 -64.62
C SER V 103 69.47 57.56 -64.33
N ASN V 104 69.96 58.35 -65.27
CA ASN V 104 70.05 59.79 -65.10
C ASN V 104 68.90 60.49 -65.83
N SER V 105 68.47 61.61 -65.26
CA SER V 105 67.39 62.39 -65.82
C SER V 105 67.94 63.43 -66.79
N ALA V 106 67.12 63.78 -67.78
CA ALA V 106 67.55 64.74 -68.79
C ALA V 106 67.95 66.07 -68.17
N SER V 107 67.31 66.45 -67.07
CA SER V 107 67.64 67.72 -66.45
C SER V 107 68.91 67.64 -65.61
N ASP V 108 69.42 66.42 -65.39
CA ASP V 108 70.66 66.28 -64.63
C ASP V 108 71.88 66.65 -65.46
N LEU V 109 71.98 66.11 -66.67
CA LEU V 109 73.21 66.22 -67.42
C LEU V 109 73.59 67.65 -67.74
N GLN V 110 72.63 68.59 -67.70
CA GLN V 110 72.99 69.99 -67.89
C GLN V 110 73.93 70.49 -66.81
N SER V 111 73.71 70.07 -65.56
CA SER V 111 74.56 70.52 -64.47
C SER V 111 76.01 70.09 -64.70
N ILE V 112 76.19 68.80 -65.00
CA ILE V 112 77.52 68.28 -65.30
C ILE V 112 78.10 69.02 -66.50
N GLN V 113 77.27 69.33 -67.48
CA GLN V 113 77.79 70.00 -68.67
C GLN V 113 78.31 71.38 -68.33
N ASP V 114 77.59 72.14 -67.50
CA ASP V 114 78.07 73.48 -67.20
C ASP V 114 79.35 73.43 -66.39
N GLU V 115 79.45 72.47 -65.47
CA GLU V 115 80.68 72.32 -64.71
C GLU V 115 81.86 72.02 -65.64
N ILE V 116 81.64 71.12 -66.61
CA ILE V 116 82.69 70.81 -67.55
C ILE V 116 83.05 72.03 -68.36
N LYS V 117 82.07 72.87 -68.68
CA LYS V 117 82.34 74.07 -69.46
C LYS V 117 83.27 75.01 -68.71
N GLN V 118 82.95 75.28 -67.44
CA GLN V 118 83.81 76.14 -66.64
C GLN V 118 85.23 75.59 -66.55
N ARG V 119 85.35 74.31 -66.21
CA ARG V 119 86.68 73.72 -66.09
C ARG V 119 87.43 73.82 -67.40
N LEU V 120 86.74 73.63 -68.52
CA LEU V 120 87.42 73.70 -69.81
C LEU V 120 87.97 75.08 -70.07
N GLU V 121 87.17 76.13 -69.82
CA GLU V 121 87.69 77.45 -70.16
C GLU V 121 88.82 77.85 -69.23
N GLU V 122 88.88 77.24 -68.04
CA GLU V 122 90.01 77.53 -67.15
C GLU V 122 91.35 77.17 -67.77
N ILE V 123 91.42 76.04 -68.48
CA ILE V 123 92.67 75.62 -69.08
C ILE V 123 93.14 76.65 -70.10
N ASN V 124 92.23 77.14 -70.94
CA ASN V 124 92.58 78.17 -71.92
C ASN V 124 93.08 79.43 -71.23
N ARG V 125 92.39 79.85 -70.16
CA ARG V 125 92.82 81.06 -69.47
C ARG V 125 94.24 80.92 -68.95
N VAL V 126 94.53 79.81 -68.28
CA VAL V 126 95.89 79.64 -67.77
C VAL V 126 96.89 79.58 -68.91
N SER V 127 96.54 78.89 -69.99
CA SER V 127 97.48 78.71 -71.09
C SER V 127 97.87 80.05 -71.70
N GLU V 128 96.91 80.95 -71.85
CA GLU V 128 97.20 82.21 -72.51
C GLU V 128 97.52 83.35 -71.54
N GLN V 129 97.60 83.10 -70.24
CA GLN V 129 97.95 84.16 -69.32
C GLN V 129 99.26 83.96 -68.58
N THR V 130 100.02 82.91 -68.88
CA THR V 130 101.32 82.72 -68.25
C THR V 130 102.37 83.58 -68.93
N GLN V 131 103.14 84.32 -68.13
CA GLN V 131 104.19 85.16 -68.71
C GLN V 131 105.42 85.12 -67.82
N PHE V 132 106.58 85.14 -68.46
CA PHE V 132 107.86 85.12 -67.76
C PHE V 132 108.76 86.15 -68.43
N ASN V 133 108.95 87.30 -67.79
CA ASN V 133 109.76 88.38 -68.32
C ASN V 133 109.27 88.79 -69.72
N GLY V 134 107.97 88.93 -69.85
CA GLY V 134 107.38 89.33 -71.12
C GLY V 134 107.29 88.23 -72.16
N VAL V 135 107.56 86.99 -71.80
CA VAL V 135 107.57 85.88 -72.75
C VAL V 135 106.40 84.96 -72.40
N LYS V 136 105.66 84.54 -73.41
CA LYS V 136 104.62 83.53 -73.22
C LYS V 136 105.18 82.17 -73.60
N VAL V 137 105.00 81.19 -72.70
CA VAL V 137 105.72 79.92 -72.83
C VAL V 137 104.80 78.71 -72.99
N LEU V 138 103.50 78.91 -73.23
CA LEU V 138 102.60 77.80 -73.47
C LEU V 138 101.91 77.90 -74.82
N ALA V 139 102.64 78.29 -75.87
CA ALA V 139 102.14 78.34 -77.22
C ALA V 139 103.30 78.36 -78.20
N LYS V 140 102.97 78.27 -79.48
CA LYS V 140 103.77 78.59 -80.67
C LYS V 140 104.95 77.65 -80.93
N ASP V 141 105.24 76.69 -80.07
CA ASP V 141 106.13 75.57 -80.40
C ASP V 141 107.50 76.03 -80.90
N THR V 142 108.24 76.69 -80.02
CA THR V 142 109.59 77.14 -80.34
C THR V 142 110.60 76.35 -79.51
N LYS V 143 111.88 76.63 -79.75
CA LYS V 143 112.94 76.18 -78.87
C LYS V 143 113.86 77.36 -78.57
N MET V 144 114.41 77.37 -77.37
CA MET V 144 115.06 78.55 -76.81
C MET V 144 116.53 78.23 -76.56
N ASN V 145 117.40 78.76 -77.41
CA ASN V 145 118.82 78.45 -77.33
C ASN V 145 119.49 79.25 -76.22
N ILE V 146 120.38 78.60 -75.48
CA ILE V 146 121.11 79.23 -74.40
C ILE V 146 122.60 78.96 -74.57
N GLN V 147 123.40 80.01 -74.48
CA GLN V 147 124.85 79.91 -74.61
C GLN V 147 125.46 79.63 -73.24
N VAL V 148 126.14 78.51 -73.10
CA VAL V 148 126.58 78.03 -71.79
C VAL V 148 128.09 77.85 -71.80
N GLY V 149 128.78 78.50 -72.73
CA GLY V 149 130.21 78.40 -72.81
C GLY V 149 130.84 79.77 -72.91
N ALA V 150 132.16 79.81 -72.80
CA ALA V 150 132.91 81.05 -72.92
C ALA V 150 133.34 81.32 -74.35
N ASN V 151 132.91 80.50 -75.31
CA ASN V 151 133.20 80.71 -76.72
C ASN V 151 131.91 80.61 -77.50
N ASP V 152 131.88 81.27 -78.66
CA ASP V 152 130.69 81.21 -79.49
C ASP V 152 130.52 79.82 -80.08
N GLY V 153 129.29 79.33 -80.06
CA GLY V 153 128.97 78.05 -80.65
C GLY V 153 128.57 76.95 -79.69
N GLU V 154 128.57 77.20 -78.38
CA GLU V 154 128.13 76.21 -77.40
C GLU V 154 126.76 76.61 -76.85
N ILE V 155 125.75 75.83 -77.23
CA ILE V 155 124.37 76.08 -76.84
C ILE V 155 123.71 74.80 -76.36
N ILE V 156 122.69 74.96 -75.54
CA ILE V 156 121.86 73.85 -75.07
C ILE V 156 120.41 74.20 -75.36
N ALA V 157 119.75 73.38 -76.19
CA ALA V 157 118.44 73.72 -76.71
C ALA V 157 117.34 73.27 -75.76
N ILE V 158 116.45 74.20 -75.43
CA ILE V 158 115.28 73.93 -74.61
C ILE V 158 114.04 74.10 -75.48
N ASP V 159 113.26 73.05 -75.64
CA ASP V 159 112.13 73.06 -76.55
C ASP V 159 110.81 73.08 -75.79
N LEU V 160 109.84 73.81 -76.32
CA LEU V 160 108.52 73.93 -75.73
C LEU V 160 107.49 73.39 -76.70
N LYS V 161 106.24 73.31 -76.23
CA LYS V 161 105.13 72.88 -77.08
C LYS V 161 103.88 73.66 -76.70
N GLU V 162 102.94 73.73 -77.63
CA GLU V 162 101.72 74.50 -77.42
C GLU V 162 100.62 73.62 -76.86
N ILE V 163 99.90 74.12 -75.85
CA ILE V 163 98.90 73.35 -75.14
C ILE V 163 97.67 74.23 -74.94
N THR V 164 96.57 73.87 -75.61
CA THR V 164 95.29 74.56 -75.50
C THR V 164 94.18 73.53 -75.50
N ALA V 165 92.96 73.97 -75.20
CA ALA V 165 91.81 73.09 -75.21
C ALA V 165 91.50 72.56 -76.59
N LYS V 166 92.04 73.15 -77.65
CA LYS V 166 91.84 72.63 -78.99
C LYS V 166 92.98 71.72 -79.42
N THR V 167 94.21 72.08 -79.07
CA THR V 167 95.36 71.27 -79.42
C THR V 167 95.34 69.88 -78.80
N LEU V 168 94.58 69.69 -77.73
CA LEU V 168 94.47 68.38 -77.10
C LEU V 168 93.39 67.52 -77.74
N GLY V 169 92.64 68.04 -78.70
CA GLY V 169 91.54 67.30 -79.30
C GLY V 169 90.23 67.43 -78.56
N LEU V 170 90.18 68.21 -77.50
CA LEU V 170 88.98 68.35 -76.69
C LEU V 170 88.01 69.38 -77.23
N ASP V 171 88.30 69.97 -78.38
CA ASP V 171 87.42 71.01 -78.90
C ASP V 171 86.04 70.45 -79.16
N GLY V 172 85.01 71.16 -78.68
CA GLY V 172 83.66 70.67 -78.86
C GLY V 172 83.31 69.45 -78.03
N PHE V 173 84.03 69.22 -76.94
CA PHE V 173 83.74 68.08 -76.07
C PHE V 173 82.42 68.30 -75.35
N ASN V 174 81.49 67.35 -75.50
CA ASN V 174 80.16 67.52 -74.95
C ASN V 174 79.60 66.17 -74.59
N VAL V 175 78.65 66.17 -73.64
CA VAL V 175 78.11 64.93 -73.11
C VAL V 175 76.58 64.91 -73.08
N SER V 176 75.92 66.05 -73.17
CA SER V 176 74.46 66.07 -73.23
C SER V 176 73.98 66.14 -74.68
N GLY V 177 72.69 66.35 -74.87
CA GLY V 177 72.14 66.50 -76.20
C GLY V 177 71.91 65.17 -76.88
N PRO V 178 71.57 65.23 -78.17
CA PRO V 178 71.32 63.99 -78.91
C PRO V 178 72.59 63.18 -79.14
N LYS V 179 72.41 61.88 -79.30
CA LYS V 179 73.51 60.96 -79.55
C LYS V 179 73.36 60.36 -80.94
N GLY V 180 74.39 60.50 -81.75
CA GLY V 180 74.33 60.03 -83.13
C GLY V 180 73.82 61.11 -84.07
N THR V 181 73.57 60.71 -85.30
CA THR V 181 73.07 61.64 -86.29
C THR V 181 71.57 61.51 -86.41
N PRO V 182 70.80 62.58 -86.17
CA PRO V 182 69.35 62.48 -86.25
C PRO V 182 68.89 62.05 -87.62
N ALA V 183 67.82 61.25 -87.64
CA ALA V 183 67.31 60.66 -88.87
C ALA V 183 65.81 60.90 -88.98
N ALA V 184 65.27 60.57 -90.15
CA ALA V 184 63.88 60.84 -90.44
C ALA V 184 62.98 59.74 -89.86
N LEU V 185 61.80 60.15 -89.43
CA LEU V 185 60.85 59.26 -88.79
C LEU V 185 60.25 58.29 -89.79
N VAL V 186 59.94 57.08 -89.33
CA VAL V 186 59.33 56.05 -90.15
C VAL V 186 58.02 55.63 -89.50
N ALA V 187 57.35 54.65 -90.10
CA ALA V 187 56.05 54.22 -89.59
C ALA V 187 56.19 53.59 -88.22
N ALA V 188 57.27 52.84 -87.98
CA ALA V 188 57.40 52.08 -86.74
C ALA V 188 57.41 53.00 -85.53
N ASP V 189 58.06 54.16 -85.62
CA ASP V 189 58.09 55.09 -84.49
C ASP V 189 56.68 55.58 -84.17
N TYR V 190 55.92 55.96 -85.20
CA TYR V 190 54.55 56.38 -84.98
C TYR V 190 53.74 55.29 -84.29
N GLN V 191 53.83 54.07 -84.81
CA GLN V 191 53.05 52.98 -84.25
C GLN V 191 53.45 52.70 -82.81
N ALA V 192 54.75 52.71 -82.51
CA ALA V 192 55.19 52.41 -81.17
C ALA V 192 54.79 53.50 -80.19
N ALA V 193 54.73 54.75 -80.66
CA ALA V 193 54.39 55.83 -79.74
C ALA V 193 52.89 56.06 -79.64
N TYR V 194 52.09 55.46 -80.52
CA TYR V 194 50.65 55.73 -80.50
C TYR V 194 49.76 54.49 -80.63
N GLY V 195 50.32 53.34 -80.99
CA GLY V 195 49.49 52.16 -81.15
C GLY V 195 49.64 51.55 -82.54
N THR V 196 49.03 50.37 -82.71
CA THR V 196 49.21 49.66 -83.97
C THR V 196 48.13 49.99 -85.00
N THR V 197 47.14 50.80 -84.62
CA THR V 197 46.08 51.23 -85.52
C THR V 197 45.98 52.75 -85.55
N THR V 198 47.09 53.42 -85.77
CA THR V 198 47.15 54.87 -85.62
C THR V 198 46.81 55.57 -86.93
N ASN V 199 46.37 56.82 -86.82
CA ASN V 199 46.09 57.67 -87.98
C ASN V 199 47.25 58.57 -88.37
N VAL V 200 48.16 58.90 -87.46
CA VAL V 200 49.16 59.92 -87.76
C VAL V 200 50.18 59.36 -88.74
N THR V 201 50.63 60.20 -89.66
CA THR V 201 51.73 59.85 -90.54
C THR V 201 52.73 60.97 -90.75
N THR V 202 52.49 62.18 -90.24
CA THR V 202 53.41 63.28 -90.45
C THR V 202 53.29 64.26 -89.30
N THR V 203 54.27 65.16 -89.21
CA THR V 203 54.42 66.08 -88.09
C THR V 203 54.44 67.51 -88.60
N ALA V 204 54.54 68.46 -87.67
CA ALA V 204 54.60 69.88 -88.01
C ALA V 204 55.10 70.66 -86.81
N VAL V 205 56.16 71.44 -87.00
CA VAL V 205 56.84 72.15 -85.92
C VAL V 205 56.66 73.65 -86.12
N THR V 206 56.15 74.33 -85.11
CA THR V 206 55.89 75.76 -85.18
C THR V 206 56.26 76.43 -83.88
N GLU V 207 56.47 77.74 -83.95
CA GLU V 207 56.78 78.53 -82.77
C GLU V 207 55.52 79.13 -82.17
N SER V 208 55.62 79.55 -80.91
CA SER V 208 54.48 80.17 -80.25
C SER V 208 54.22 81.56 -80.79
N SER V 209 55.27 82.38 -80.93
CA SER V 209 55.16 83.72 -81.46
C SER V 209 56.25 83.93 -82.50
N ALA V 210 55.87 84.45 -83.66
CA ALA V 210 56.80 84.60 -84.76
C ALA V 210 57.92 85.55 -84.39
N ASN V 211 59.16 85.18 -84.76
CA ASN V 211 60.34 86.02 -84.57
C ASN V 211 60.50 86.45 -83.11
N ALA V 212 60.34 85.53 -82.17
CA ALA V 212 60.59 85.86 -80.78
C ALA V 212 62.00 85.45 -80.35
N LEU V 213 62.47 84.29 -80.83
CA LEU V 213 63.77 83.79 -80.40
C LEU V 213 64.89 84.74 -80.79
N ALA V 214 64.96 85.13 -82.07
CA ALA V 214 66.00 86.04 -82.49
C ALA V 214 65.85 87.39 -81.79
N GLY V 215 64.63 87.74 -81.37
CA GLY V 215 64.46 88.93 -80.57
C GLY V 215 65.14 88.80 -79.22
N ARG V 216 64.96 87.65 -78.57
CA ARG V 216 65.63 87.43 -77.29
C ARG V 216 67.14 87.39 -77.42
N LEU V 217 67.65 86.69 -78.45
CA LEU V 217 69.10 86.57 -78.61
C LEU V 217 69.74 87.93 -78.82
N GLY V 218 69.04 88.85 -79.45
CA GLY V 218 69.58 90.16 -79.73
C GLY V 218 70.22 90.33 -81.08
N VAL V 219 69.68 89.68 -82.11
CA VAL V 219 70.22 89.79 -83.46
C VAL V 219 69.08 90.01 -84.44
N ALA V 220 69.43 90.29 -85.69
CA ALA V 220 68.45 90.53 -86.73
C ALA V 220 67.69 89.26 -87.07
N ASN V 221 66.41 89.41 -87.36
CA ASN V 221 65.60 88.28 -87.77
C ASN V 221 66.14 87.69 -89.06
N GLY V 222 65.77 86.44 -89.33
CA GLY V 222 66.23 85.75 -90.51
C GLY V 222 67.50 84.95 -90.31
N SER V 223 68.24 85.20 -89.24
CA SER V 223 69.39 84.39 -88.88
C SER V 223 69.00 83.14 -88.11
N VAL V 224 67.71 82.99 -87.78
CA VAL V 224 67.22 81.89 -86.96
C VAL V 224 66.13 81.17 -87.74
N ALA V 225 66.28 79.86 -87.90
CA ALA V 225 65.33 79.09 -88.68
C ALA V 225 65.02 77.76 -87.99
N LEU V 226 63.79 77.29 -88.14
CA LEU V 226 63.35 76.02 -87.59
C LEU V 226 63.05 75.04 -88.72
N ALA V 227 63.46 73.80 -88.54
CA ALA V 227 63.07 72.75 -89.47
C ALA V 227 61.56 72.55 -89.41
N ALA V 228 61.05 71.73 -90.33
CA ALA V 228 59.62 71.49 -90.42
C ALA V 228 59.15 70.35 -89.54
N THR V 229 59.98 69.34 -89.32
CA THR V 229 59.55 68.12 -88.65
C THR V 229 60.44 67.85 -87.45
N ALA V 230 60.31 66.65 -86.90
CA ALA V 230 61.14 66.18 -85.82
C ALA V 230 62.00 65.01 -86.28
N GLU V 231 63.14 64.83 -85.64
CA GLU V 231 64.08 63.79 -86.01
C GLU V 231 64.44 62.96 -84.79
N LYS V 232 64.79 61.71 -85.03
CA LYS V 232 65.09 60.76 -83.98
C LYS V 232 66.57 60.41 -83.99
N ASP V 233 67.15 60.27 -82.81
CA ASP V 233 68.54 59.85 -82.67
C ASP V 233 68.56 58.33 -82.50
N ASP V 234 69.70 57.78 -82.05
CA ASP V 234 69.85 56.34 -81.95
C ASP V 234 68.94 55.71 -80.90
N ASN V 235 68.47 56.47 -79.93
CA ASN V 235 67.69 55.91 -78.83
C ASN V 235 66.19 56.06 -79.02
N GLY V 236 65.75 56.56 -80.17
CA GLY V 236 64.33 56.74 -80.39
C GLY V 236 63.75 58.01 -79.84
N ASN V 237 64.56 58.88 -79.26
CA ASN V 237 64.05 60.15 -78.79
C ASN V 237 63.73 61.06 -79.97
N TRP V 238 63.04 62.16 -79.69
CA TRP V 238 62.57 63.07 -80.72
C TRP V 238 63.15 64.45 -80.50
N TYR V 239 63.68 65.06 -81.57
CA TYR V 239 64.35 66.35 -81.47
C TYR V 239 63.88 67.30 -82.55
N ALA V 240 63.90 68.60 -82.21
CA ALA V 240 63.59 69.68 -83.13
C ALA V 240 64.83 70.51 -83.41
N THR V 241 65.21 70.59 -84.69
CA THR V 241 66.50 71.12 -85.10
C THR V 241 66.42 72.62 -85.36
N VAL V 242 67.41 73.35 -84.87
CA VAL V 242 67.53 74.79 -85.08
C VAL V 242 68.83 75.06 -85.82
N THR V 243 68.83 76.06 -86.70
CA THR V 243 70.00 76.45 -87.49
C THR V 243 70.25 77.94 -87.36
N ILE V 244 71.49 78.32 -87.10
CA ILE V 244 71.87 79.70 -86.82
C ILE V 244 73.03 80.11 -87.72
N THR V 245 72.90 81.28 -88.35
CA THR V 245 73.93 81.84 -89.21
C THR V 245 74.22 83.27 -88.79
N ALA V 246 75.49 83.58 -88.58
CA ALA V 246 75.91 84.92 -88.17
C ALA V 246 76.24 85.77 -89.39
N GLY V 247 76.22 87.09 -89.22
CA GLY V 247 76.47 87.98 -90.32
C GLY V 247 77.51 89.07 -90.10
N SER V 248 77.81 89.38 -88.83
CA SER V 248 78.69 90.50 -88.55
C SER V 248 79.46 90.23 -87.27
N ALA V 249 80.50 91.03 -87.04
CA ALA V 249 81.36 90.82 -85.88
C ALA V 249 80.60 90.97 -84.58
N THR V 250 79.82 92.04 -84.44
CA THR V 250 79.09 92.25 -83.20
C THR V 250 78.09 91.13 -82.96
N GLU V 251 77.60 90.51 -84.03
CA GLU V 251 76.73 89.34 -83.86
C GLU V 251 77.47 88.21 -83.17
N VAL V 252 78.69 87.91 -83.63
CA VAL V 252 79.46 86.85 -83.01
C VAL V 252 79.79 87.20 -81.56
N SER V 253 80.11 88.47 -81.30
CA SER V 253 80.42 88.87 -79.94
C SER V 253 79.22 88.68 -79.03
N THR V 254 78.03 89.08 -79.48
CA THR V 254 76.83 88.91 -78.66
C THR V 254 76.54 87.43 -78.43
N LEU V 255 76.69 86.61 -79.47
CA LEU V 255 76.42 85.18 -79.31
C LEU V 255 77.38 84.54 -78.32
N LYS V 256 78.66 84.93 -78.35
CA LYS V 256 79.58 84.44 -77.33
C LYS V 256 79.20 84.94 -75.94
N ALA V 257 78.83 86.21 -75.83
CA ALA V 257 78.47 86.75 -74.53
C ALA V 257 77.19 86.18 -74.00
N LYS V 258 76.41 85.48 -74.82
CA LYS V 258 75.21 84.80 -74.37
C LYS V 258 75.32 83.29 -74.46
N GLY V 259 76.52 82.74 -74.49
CA GLY V 259 76.72 81.32 -74.30
C GLY V 259 76.75 80.46 -75.54
N PHE V 260 76.91 81.04 -76.72
CA PHE V 260 76.96 80.28 -77.96
C PHE V 260 78.24 80.59 -78.72
N GLU V 261 78.81 79.58 -79.36
CA GLU V 261 80.00 79.75 -80.18
C GLU V 261 79.69 79.39 -81.62
N VAL V 262 80.03 80.30 -82.54
CA VAL V 262 79.75 80.11 -83.96
C VAL V 262 80.55 81.15 -84.72
N GLU V 263 80.89 80.84 -85.97
CA GLU V 263 81.66 81.74 -86.83
C GLU V 263 80.78 82.27 -87.95
N ASN V 264 80.96 83.55 -88.26
CA ASN V 264 80.12 84.21 -89.24
C ASN V 264 80.31 83.60 -90.62
N GLY V 265 79.24 83.57 -91.40
CA GLY V 265 79.27 82.98 -92.71
C GLY V 265 79.26 81.47 -92.72
N VAL V 266 79.02 80.82 -91.60
CA VAL V 266 78.98 79.37 -91.50
C VAL V 266 77.70 78.97 -90.77
N ALA V 267 77.03 77.95 -91.28
CA ALA V 267 75.82 77.46 -90.64
C ALA V 267 76.14 76.32 -89.67
N LYS V 268 75.54 76.40 -88.49
CA LYS V 268 75.69 75.38 -87.46
C LYS V 268 74.33 75.10 -86.84
N GLU V 269 74.17 73.90 -86.31
CA GLU V 269 72.87 73.39 -85.93
C GLU V 269 72.79 73.17 -84.43
N PHE V 270 71.59 73.35 -83.88
CA PHE V 270 71.31 73.16 -82.47
C PHE V 270 70.04 72.33 -82.33
N TYR V 271 69.89 71.68 -81.18
CA TYR V 271 68.81 70.73 -80.98
C TYR V 271 68.03 71.05 -79.71
N ILE V 272 66.76 70.65 -79.71
CA ILE V 272 65.86 70.81 -78.57
C ILE V 272 65.03 69.53 -78.46
N ALA V 273 64.85 69.06 -77.23
CA ALA V 273 64.12 67.82 -77.02
C ALA V 273 62.61 68.07 -77.02
N LEU V 274 61.86 67.06 -77.45
CA LEU V 274 60.42 67.12 -77.56
C LEU V 274 59.77 66.06 -76.69
N ASP V 275 58.46 65.93 -76.81
CA ASP V 275 57.67 64.99 -76.03
C ASP V 275 56.56 64.41 -76.88
N PRO V 276 56.60 63.12 -77.23
CA PRO V 276 55.55 62.57 -78.10
C PRO V 276 54.16 62.65 -77.53
N GLN V 277 53.99 62.53 -76.22
CA GLN V 277 52.64 62.47 -75.65
C GLN V 277 52.00 63.84 -75.49
N SER V 278 52.75 64.92 -75.64
CA SER V 278 52.22 66.26 -75.49
C SER V 278 51.79 66.88 -76.82
N ALA V 279 51.91 66.13 -77.91
CA ALA V 279 51.55 66.64 -79.22
C ALA V 279 50.05 66.88 -79.31
N ASP V 280 49.66 67.68 -80.30
CA ASP V 280 48.25 67.90 -80.59
C ASP V 280 47.87 67.05 -81.79
N VAL V 281 46.84 66.21 -81.62
CA VAL V 281 46.57 65.16 -82.59
C VAL V 281 45.12 65.18 -83.04
N THR V 282 44.24 65.80 -82.24
CA THR V 282 42.82 65.81 -82.56
C THR V 282 42.38 67.04 -83.34
N THR V 283 43.20 68.09 -83.37
CA THR V 283 42.84 69.30 -84.11
C THR V 283 42.75 69.02 -85.61
N THR V 284 43.72 68.29 -86.15
CA THR V 284 43.77 68.00 -87.58
C THR V 284 44.22 66.55 -87.75
N ALA V 285 43.45 65.79 -88.54
CA ALA V 285 43.74 64.38 -88.73
C ALA V 285 45.06 64.19 -89.45
N GLY V 286 45.83 63.19 -89.01
CA GLY V 286 47.04 62.81 -89.67
C GLY V 286 48.26 63.65 -89.37
N THR V 287 48.17 64.59 -88.44
CA THR V 287 49.30 65.48 -88.19
C THR V 287 49.42 65.75 -86.70
N ALA V 288 50.62 65.48 -86.16
CA ALA V 288 50.95 65.78 -84.77
C ALA V 288 51.72 67.09 -84.73
N ALA V 289 51.11 68.12 -84.17
CA ALA V 289 51.64 69.47 -84.23
C ALA V 289 52.16 69.91 -82.86
N PHE V 290 53.38 70.44 -82.83
CA PHE V 290 54.00 70.96 -81.63
C PHE V 290 54.04 72.48 -81.72
N ALA V 291 53.96 73.15 -80.57
CA ALA V 291 54.02 74.60 -80.49
C ALA V 291 54.93 74.98 -79.34
N LEU V 292 56.22 75.15 -79.62
CA LEU V 292 57.20 75.45 -78.59
C LEU V 292 57.02 76.87 -78.08
N ASP V 293 57.12 77.05 -76.76
CA ASP V 293 57.05 78.38 -76.16
C ASP V 293 58.46 78.93 -75.97
N THR V 294 59.03 79.39 -77.09
CA THR V 294 60.39 79.90 -77.06
C THR V 294 60.53 81.21 -76.31
N ALA V 295 59.43 81.86 -75.96
CA ALA V 295 59.53 83.11 -75.23
C ALA V 295 59.94 82.92 -73.77
N ASN V 296 59.92 81.67 -73.27
CA ASN V 296 60.15 81.43 -71.85
C ASN V 296 61.07 80.27 -71.55
N ILE V 297 61.47 79.49 -72.55
CA ILE V 297 62.36 78.36 -72.29
C ILE V 297 63.74 78.86 -71.90
N GLN V 298 64.39 78.13 -71.00
CA GLN V 298 65.72 78.51 -70.56
C GLN V 298 66.74 78.21 -71.64
N LEU V 299 67.59 79.21 -71.92
CA LEU V 299 68.55 79.12 -73.01
C LEU V 299 69.50 77.95 -72.86
N SER V 300 69.72 77.47 -71.64
CA SER V 300 70.60 76.33 -71.44
C SER V 300 70.05 75.06 -72.04
N SER V 301 68.77 75.00 -72.35
CA SER V 301 68.16 73.80 -72.91
C SER V 301 68.39 73.64 -74.40
N ILE V 302 69.11 74.59 -75.02
CA ILE V 302 69.49 74.46 -76.42
C ILE V 302 70.89 73.85 -76.41
N THR V 303 70.98 72.60 -76.85
CA THR V 303 72.20 71.82 -76.72
C THR V 303 72.68 71.32 -78.09
N SER V 304 73.99 71.20 -78.22
CA SER V 304 74.58 70.67 -79.43
C SER V 304 74.79 69.17 -79.31
N GLY V 305 75.56 68.59 -80.23
CA GLY V 305 75.71 67.16 -80.29
C GLY V 305 76.51 66.58 -79.13
N ALA V 306 76.48 65.25 -79.05
CA ALA V 306 77.22 64.55 -78.01
C ALA V 306 78.49 63.94 -78.59
N SER V 307 79.53 63.87 -77.76
CA SER V 307 80.81 63.35 -78.21
C SER V 307 80.77 61.83 -78.33
N SER V 308 81.86 61.26 -78.81
CA SER V 308 81.97 59.81 -78.94
C SER V 308 83.29 59.32 -78.38
N ASN V 309 83.21 58.35 -77.48
CA ASN V 309 84.36 57.74 -76.82
C ASN V 309 85.16 58.78 -76.05
N PRO V 310 84.56 59.42 -75.04
CA PRO V 310 85.28 60.54 -74.38
C PRO V 310 86.51 60.10 -73.61
N LEU V 311 86.46 58.92 -72.99
CA LEU V 311 87.53 58.50 -72.09
C LEU V 311 88.85 58.36 -72.82
N ALA V 312 88.84 57.83 -74.05
CA ALA V 312 90.07 57.69 -74.81
C ALA V 312 90.69 59.05 -75.10
N LYS V 313 89.87 60.04 -75.45
CA LYS V 313 90.38 61.37 -75.71
C LYS V 313 91.03 61.96 -74.48
N LEU V 314 90.39 61.79 -73.31
CA LEU V 314 90.98 62.28 -72.08
C LEU V 314 92.32 61.60 -71.81
N ASP V 315 92.41 60.30 -72.05
CA ASP V 315 93.68 59.59 -71.86
C ASP V 315 94.77 60.17 -72.74
N ALA V 316 94.46 60.42 -74.02
CA ALA V 316 95.47 60.97 -74.92
C ALA V 316 95.96 62.32 -74.43
N ALA V 317 95.05 63.16 -73.97
CA ALA V 317 95.46 64.46 -73.43
C ALA V 317 96.42 64.29 -72.27
N LEU V 318 96.09 63.37 -71.35
CA LEU V 318 96.95 63.17 -70.19
C LEU V 318 98.35 62.72 -70.60
N ALA V 319 98.43 61.84 -71.59
CA ALA V 319 99.73 61.38 -72.07
C ALA V 319 100.56 62.53 -72.64
N ASP V 320 99.92 63.43 -73.40
CA ASP V 320 100.66 64.57 -73.93
C ASP V 320 101.27 65.41 -72.82
N VAL V 321 100.46 65.76 -71.82
CA VAL V 321 100.98 66.58 -70.71
C VAL V 321 102.14 65.85 -70.04
N ASP V 322 101.99 64.54 -69.84
CA ASP V 322 103.08 63.73 -69.28
C ASP V 322 104.37 63.93 -70.04
N THR V 323 104.32 63.79 -71.37
CA THR V 323 105.55 63.86 -72.14
C THR V 323 106.23 65.20 -71.98
N LEU V 324 105.45 66.29 -71.99
CA LEU V 324 106.06 67.59 -71.82
C LEU V 324 106.78 67.68 -70.48
N ARG V 325 106.14 67.22 -69.41
CA ARG V 325 106.76 67.34 -68.09
C ARG V 325 108.06 66.55 -68.01
N SER V 326 108.07 65.34 -68.58
CA SER V 326 109.30 64.55 -68.56
C SER V 326 110.44 65.27 -69.25
N SER V 327 110.15 65.87 -70.41
CA SER V 327 111.19 66.61 -71.11
C SER V 327 111.79 67.70 -70.23
N LEU V 328 110.93 68.48 -69.58
CA LEU V 328 111.44 69.58 -68.76
C LEU V 328 112.34 69.07 -67.64
N GLY V 329 111.93 68.00 -66.96
CA GLY V 329 112.74 67.50 -65.86
C GLY V 329 114.12 67.05 -66.28
N ALA V 330 114.19 66.26 -67.36
CA ALA V 330 115.50 65.82 -67.84
C ALA V 330 116.35 67.02 -68.22
N VAL V 331 115.72 68.08 -68.72
CA VAL V 331 116.48 69.29 -69.05
C VAL V 331 117.14 69.87 -67.81
N GLN V 332 116.40 69.96 -66.71
CA GLN V 332 117.00 70.54 -65.50
C GLN V 332 118.20 69.72 -65.05
N ASN V 333 118.06 68.39 -65.10
CA ASN V 333 119.19 67.54 -64.76
C ASN V 333 120.38 67.81 -65.68
N ARG V 334 120.15 67.96 -66.99
CA ARG V 334 121.26 68.20 -67.90
C ARG V 334 121.97 69.52 -67.57
N PHE V 335 121.24 70.50 -67.05
CA PHE V 335 121.95 71.71 -66.59
C PHE V 335 122.88 71.44 -65.41
N ASP V 336 122.36 71.04 -64.25
CA ASP V 336 123.06 71.36 -62.99
C ASP V 336 124.57 71.01 -63.03
N SER V 337 124.92 69.91 -63.70
CA SER V 337 126.33 69.53 -63.79
C SER V 337 127.18 70.64 -64.40
N VAL V 338 126.57 71.46 -65.25
CA VAL V 338 127.31 72.56 -65.86
C VAL V 338 127.78 73.54 -64.80
N ILE V 339 126.90 73.92 -63.87
CA ILE V 339 127.29 74.82 -62.80
C ILE V 339 128.44 74.21 -62.01
N SER V 340 128.32 72.92 -61.67
CA SER V 340 129.40 72.30 -60.90
C SER V 340 130.73 72.39 -61.64
N ASN V 341 130.74 71.97 -62.91
CA ASN V 341 131.98 71.92 -63.67
C ASN V 341 132.58 73.31 -63.83
N LEU V 342 131.75 74.32 -64.05
CA LEU V 342 132.26 75.67 -64.23
C LEU V 342 132.92 76.17 -62.95
N GLY V 343 132.33 75.87 -61.79
CA GLY V 343 132.97 76.26 -60.54
C GLY V 343 134.35 75.64 -60.40
N THR V 344 134.46 74.33 -60.65
CA THR V 344 135.77 73.70 -60.57
C THR V 344 136.78 74.36 -61.51
N THR V 345 136.37 74.59 -62.76
CA THR V 345 137.29 75.11 -63.76
C THR V 345 137.77 76.51 -63.40
N VAL V 346 136.86 77.37 -62.90
CA VAL V 346 137.31 78.70 -62.53
C VAL V 346 138.32 78.62 -61.40
N THR V 347 138.12 77.70 -60.44
CA THR V 347 139.12 77.56 -59.38
C THR V 347 140.49 77.23 -59.94
N ASN V 348 140.56 76.22 -60.79
CA ASN V 348 141.86 75.78 -61.29
C ASN V 348 142.54 76.88 -62.09
N LEU V 349 141.80 77.58 -62.95
CA LEU V 349 142.42 78.63 -63.74
C LEU V 349 142.92 79.78 -62.87
N SER V 350 142.15 80.14 -61.84
CA SER V 350 142.60 81.20 -60.95
C SER V 350 143.90 80.80 -60.27
N ALA V 351 144.00 79.55 -59.81
CA ALA V 351 145.21 79.10 -59.17
C ALA V 351 146.41 79.16 -60.12
N SER V 352 146.21 78.73 -61.37
CA SER V 352 147.33 78.74 -62.31
C SER V 352 147.81 80.15 -62.61
N ARG V 353 146.86 81.08 -62.79
CA ARG V 353 147.26 82.47 -63.02
C ARG V 353 148.05 83.01 -61.84
N SER V 354 147.61 82.71 -60.61
CA SER V 354 148.32 83.19 -59.45
C SER V 354 149.73 82.61 -59.39
N ARG V 355 149.88 81.32 -59.73
CA ARG V 355 151.23 80.77 -59.80
C ARG V 355 152.10 81.51 -60.79
N ILE V 356 151.54 81.88 -61.94
CA ILE V 356 152.36 82.51 -62.97
C ILE V 356 152.82 83.91 -62.54
N GLN V 357 151.88 84.74 -62.07
CA GLN V 357 152.17 86.17 -62.05
C GLN V 357 152.42 86.76 -60.67
N ASP V 358 152.56 85.96 -59.62
CA ASP V 358 152.61 86.51 -58.27
C ASP V 358 154.04 86.62 -57.75
N ALA V 359 154.22 87.45 -56.73
CA ALA V 359 155.53 87.82 -56.23
C ALA V 359 155.64 87.48 -54.75
N ASP V 360 156.75 86.84 -54.37
CA ASP V 360 156.97 86.46 -52.99
C ASP V 360 157.32 87.68 -52.15
N TYR V 361 157.48 87.47 -50.84
CA TYR V 361 157.86 88.56 -49.95
C TYR V 361 159.24 88.37 -49.34
N ALA V 362 159.57 87.16 -48.90
CA ALA V 362 160.85 86.93 -48.22
C ALA V 362 162.02 87.27 -49.13
N THR V 363 161.95 86.86 -50.40
CA THR V 363 163.01 87.16 -51.34
C THR V 363 163.18 88.66 -51.51
N GLU V 364 162.06 89.38 -51.61
CA GLU V 364 162.14 90.83 -51.78
C GLU V 364 162.77 91.49 -50.57
N VAL V 365 162.41 91.05 -49.36
CA VAL V 365 162.99 91.65 -48.16
C VAL V 365 164.49 91.42 -48.11
N SER V 366 164.92 90.18 -48.41
CA SER V 366 166.34 89.88 -48.40
C SER V 366 167.11 90.72 -49.43
N ASN V 367 166.56 90.83 -50.64
CA ASN V 367 167.19 91.63 -51.67
C ASN V 367 167.27 93.09 -51.24
N MET V 368 166.21 93.59 -50.64
CA MET V 368 166.20 94.95 -50.11
C MET V 368 167.38 95.16 -49.16
N THR V 369 167.54 94.24 -48.21
CA THR V 369 168.57 94.42 -47.19
C THR V 369 169.97 94.41 -47.81
N ARG V 370 170.24 93.41 -48.66
CA ARG V 370 171.58 93.31 -49.22
C ARG V 370 171.88 94.49 -50.14
N ALA V 371 170.87 94.98 -50.85
CA ALA V 371 171.09 96.18 -51.67
C ALA V 371 171.40 97.39 -50.80
N GLN V 372 170.68 97.54 -49.68
CA GLN V 372 170.89 98.72 -48.84
C GLN V 372 172.29 98.76 -48.25
N ILE V 373 172.79 97.61 -47.78
CA ILE V 373 174.11 97.63 -47.15
C ILE V 373 175.18 98.02 -48.16
N LEU V 374 175.03 97.57 -49.40
CA LEU V 374 175.98 97.96 -50.44
C LEU V 374 175.96 99.45 -50.66
N GLN V 375 174.77 100.06 -50.68
CA GLN V 375 174.69 101.51 -50.87
C GLN V 375 175.45 102.24 -49.78
N GLN V 376 175.22 101.87 -48.52
CA GLN V 376 175.88 102.59 -47.43
C GLN V 376 177.40 102.39 -47.48
N ALA V 377 177.85 101.16 -47.73
CA ALA V 377 179.29 100.90 -47.79
C ALA V 377 179.92 101.67 -48.94
N GLY V 378 179.27 101.69 -50.10
CA GLY V 378 179.81 102.44 -51.22
C GLY V 378 179.92 103.93 -50.92
N THR V 379 178.91 104.50 -50.26
CA THR V 379 178.98 105.91 -49.92
C THR V 379 180.17 106.20 -49.00
N SER V 380 180.37 105.37 -47.99
CA SER V 380 181.51 105.60 -47.10
C SER V 380 182.83 105.48 -47.83
N VAL V 381 182.96 104.47 -48.70
CA VAL V 381 184.19 104.30 -49.46
C VAL V 381 184.42 105.51 -50.37
N LEU V 382 183.36 106.05 -50.94
CA LEU V 382 183.51 107.23 -51.81
C LEU V 382 184.00 108.43 -51.03
N ALA V 383 183.47 108.64 -49.83
CA ALA V 383 183.96 109.74 -49.00
C ALA V 383 185.44 109.56 -48.69
N GLN V 384 185.83 108.33 -48.35
CA GLN V 384 187.22 108.04 -48.04
C GLN V 384 188.11 108.32 -49.25
N ALA V 385 187.67 107.90 -50.45
CA ALA V 385 188.46 108.14 -51.64
C ALA V 385 188.56 109.63 -51.96
N ASN V 386 187.48 110.37 -51.78
CA ASN V 386 187.49 111.79 -52.13
C ASN V 386 188.38 112.58 -51.19
N GLN V 387 188.50 112.15 -49.93
CA GLN V 387 189.35 112.91 -49.02
C GLN V 387 190.82 112.53 -49.12
N THR V 388 191.18 111.61 -50.01
CA THR V 388 192.54 111.05 -49.99
C THR V 388 193.61 112.04 -50.42
N THR V 389 193.40 112.72 -51.56
CA THR V 389 194.49 113.47 -52.18
C THR V 389 194.90 114.69 -51.37
N GLN V 390 194.14 115.07 -50.35
CA GLN V 390 194.52 116.21 -49.52
C GLN V 390 195.86 115.99 -48.85
N ASN V 391 196.28 114.73 -48.70
CA ASN V 391 197.55 114.43 -48.07
C ASN V 391 198.72 115.02 -48.86
N VAL V 392 198.59 115.10 -50.19
CA VAL V 392 199.66 115.67 -51.01
C VAL V 392 199.85 117.15 -50.68
N LEU V 393 198.79 117.83 -50.27
CA LEU V 393 198.90 119.23 -49.89
C LEU V 393 199.82 119.40 -48.68
N SER V 394 199.93 118.37 -47.84
CA SER V 394 200.80 118.45 -46.66
C SER V 394 202.26 118.61 -47.06
N LEU V 395 202.60 118.35 -48.32
CA LEU V 395 203.98 118.50 -48.77
C LEU V 395 204.45 119.94 -48.63
N LEU V 396 203.57 120.89 -48.89
CA LEU V 396 203.90 122.31 -48.74
C LEU V 396 203.01 122.96 -47.70
#